data_1N6F
#
_entry.id   1N6F
#
_cell.length_a   95.67
_cell.length_b   244.55
_cell.length_c   158.32
_cell.angle_alpha   90
_cell.angle_beta   104.59
_cell.angle_gamma   90
#
_symmetry.space_group_name_H-M   'P 1 21 1'
#
loop_
_entity.id
_entity.type
_entity.pdbx_description
1 polymer 'tricorn protease'
2 non-polymer '4-[2-(3-BENZYLOXYCARBONYLAMINO-4-CYCLOHEXYL-1-HYDROXY-2-OXO-BUTYLAMINO)-5-GUANIDINO-PENTANOYLAMINO]-4-(1-CARBOXY-2-CYCLOHEXYL-ETHYLCARBAMOYL)-BUTYRIC ACID'
3 water water
#
_entity_poly.entity_id   1
_entity_poly.type   'polypeptide(L)'
_entity_poly.pdbx_seq_one_letter_code
;MPSLMSFGSCQWIDQGRFSRSLYRNFKTFKLHEMHGLCMPNLLLNPDIHGDRIIFVCCDDLWEHDLKSGSTRKIVSNLGV
INNARFFPDGRKIAIRVMRGSSLNTADLYFYNGENGEIKRITYFSGKSTGRRMFTDVAGFDPDGNLIISTDAMQPFSSMT
CLYRVENDGINFVPLNLGPATHILFADGRRVIGRNTFELPHWKGYRGGTRGKIWIEVNSGAFKKIVDMSTHVSSPVIVGH
RIYFITDIDGFGQIYSTDLDGKDLRKHTSFTDYYPRHLNTDGRRILFSKGGSIYIFNPDTEKIEKIEIGDLESPEDRIIS
IPSKFAEDFSPLDGDLIAFVSRGQAFIQDVSGTYVLKVPEPLRIRYVRRGGDTKVAFIHGTREGDFLGIYDYRTGKAEKF
EENLGNVFAMGVDRNGKFAVVANDRFEIMTVDLETGKPTVIERSREAMITDFTISDNSRFIAYGFPLKHGETDGYVMQAI
HVYDMEGRKIFAATTENSHDYAPAFDADSKNLYYLSYRSLDPSPDRVVLNFSFEVVSKPFVIPLIPGSPNPTKLVPRSMT
SEAGEYDLNDMYKRSSPINVDPGDYRMIIPLESSILIYSVPVHGEFAAYYQGAPEKGVLLKYDVKTRKVTEVKNNLTDLR
LSADRKTVMVRKDDGKIYTFPLEKPEDERTVETDKRPLVSSIHEEFLQMYDEAWKLARDNYWNEAVAKEISERIYEKYRN
LVPLCKTRYDLSNVIVEMQGEYRTSHSYEMGGTFTDKDPFRSGRIACDFKLDGDHYVVAKAYAGDYSNEGEKSPIFEYGI
DPTGYLIEDIDGETVGAGSNIYRVLSEKAGTSARIRLSGKGGDKRDLMIDILDDDRFIRYRSWVEANRRYVHERSKGTIG
YIHIPDMGMMGLNEFYRLFINESSYQGLIVDVRFNGGGFVSQLIIEKLMNKRIGYDNPRRGTLSPYPTNSVRGKIIAITN
EYAGSDGDIFSFSFKKLGLGKLIGTRTWGGVVGITPKRRLIDGTVLTQPEFAFWFRDAGFGVENYGVDPDVEIEYAPHDY
LSGKDPQIDYAIDALIEELRNWNEELPQRPS
;
_entity_poly.pdbx_strand_id   A,B,C,D,E,F
#
loop_
_chem_comp.id
_chem_comp.type
_chem_comp.name
_chem_comp.formula
DKT non-polymer '4-[2-(3-BENZYLOXYCARBONYLAMINO-4-CYCLOHEXYL-1-HYDROXY-2-OXO-BUTYLAMINO)-5-GUANIDINO-PENTANOYLAMINO]-4-(1-CARBOXY-2-CYCLOHEXYL-ETHYLCARBAMOYL)-BUTYRIC ACID' 'C38 H57 N7 O10'
#
# COMPACT_ATOMS: atom_id res chain seq x y z
N MET A 39 56.15 -43.12 9.06
CA MET A 39 55.45 -43.23 10.38
C MET A 39 54.37 -44.34 10.49
N PRO A 40 54.25 -44.94 11.69
CA PRO A 40 53.27 -46.01 11.94
C PRO A 40 51.89 -45.46 12.32
N ASN A 41 50.97 -46.36 12.61
CA ASN A 41 49.61 -45.98 12.99
C ASN A 41 49.37 -46.17 14.49
N LEU A 42 48.16 -45.83 14.91
CA LEU A 42 47.78 -45.98 16.31
C LEU A 42 46.80 -47.15 16.31
N LEU A 43 47.23 -48.30 16.82
CA LEU A 43 46.35 -49.46 16.86
C LEU A 43 45.68 -49.57 18.22
N LEU A 44 44.48 -50.11 18.25
CA LEU A 44 43.82 -50.24 19.54
C LEU A 44 42.64 -51.16 19.53
N ASN A 45 42.17 -51.49 20.74
CA ASN A 45 41.00 -52.33 20.99
C ASN A 45 40.97 -53.62 20.22
N PRO A 46 41.92 -54.52 20.51
CA PRO A 46 42.00 -55.81 19.81
C PRO A 46 41.18 -56.96 20.37
N ASP A 47 41.11 -58.02 19.57
CA ASP A 47 40.43 -59.24 19.95
C ASP A 47 41.19 -60.38 19.29
N ILE A 48 41.18 -61.52 19.95
CA ILE A 48 41.90 -62.67 19.43
C ILE A 48 41.06 -63.92 19.33
N HIS A 49 41.48 -64.76 18.41
CA HIS A 49 40.86 -66.02 18.16
C HIS A 49 41.87 -66.91 17.46
N GLY A 50 42.64 -67.64 18.25
CA GLY A 50 43.64 -68.52 17.70
C GLY A 50 44.84 -67.71 17.29
N ASP A 51 45.13 -67.71 15.99
CA ASP A 51 46.25 -66.93 15.46
C ASP A 51 45.81 -65.66 14.77
N ARG A 52 44.50 -65.50 14.62
CA ARG A 52 43.96 -64.32 13.98
C ARG A 52 43.73 -63.26 15.06
N ILE A 53 44.01 -62.00 14.71
CA ILE A 53 43.85 -60.89 15.64
C ILE A 53 43.21 -59.69 14.95
N ILE A 54 42.02 -59.31 15.37
CA ILE A 54 41.36 -58.15 14.79
C ILE A 54 41.56 -56.95 15.69
N PHE A 55 41.70 -55.76 15.10
CA PHE A 55 41.89 -54.54 15.90
C PHE A 55 41.46 -53.32 15.09
N VAL A 56 41.45 -52.17 15.73
CA VAL A 56 41.05 -50.94 15.05
C VAL A 56 42.23 -50.06 14.63
N CYS A 57 42.16 -49.53 13.42
CA CYS A 57 43.19 -48.64 12.87
C CYS A 57 42.50 -47.66 11.94
N CYS A 58 42.71 -46.37 12.18
CA CYS A 58 42.07 -45.34 11.35
C CYS A 58 40.54 -45.56 11.35
N ASP A 59 39.97 -45.80 12.53
CA ASP A 59 38.54 -45.99 12.67
C ASP A 59 37.97 -47.20 11.95
N ASP A 60 38.79 -47.93 11.21
CA ASP A 60 38.31 -49.11 10.50
C ASP A 60 38.76 -50.41 11.19
N LEU A 61 38.17 -51.52 10.79
CA LEU A 61 38.49 -52.84 11.37
C LEU A 61 39.51 -53.63 10.57
N TRP A 62 40.59 -54.04 11.21
CA TRP A 62 41.61 -54.79 10.51
C TRP A 62 41.79 -56.17 11.13
N GLU A 63 42.41 -57.07 10.38
CA GLU A 63 42.70 -58.43 10.82
C GLU A 63 44.15 -58.75 10.53
N HIS A 64 44.80 -59.38 11.49
CA HIS A 64 46.19 -59.75 11.33
C HIS A 64 46.40 -61.21 11.69
N ASP A 65 47.16 -61.91 10.85
CA ASP A 65 47.46 -63.33 11.04
C ASP A 65 48.84 -63.49 11.68
N LEU A 66 48.87 -63.98 12.91
CA LEU A 66 50.12 -64.18 13.62
C LEU A 66 51.05 -65.10 12.86
N LYS A 67 50.47 -66.11 12.21
CA LYS A 67 51.26 -67.06 11.46
C LYS A 67 51.95 -66.38 10.27
N SER A 68 51.19 -66.04 9.22
CA SER A 68 51.75 -65.39 8.04
C SER A 68 52.33 -64.00 8.28
N GLY A 69 51.72 -63.24 9.16
CA GLY A 69 52.21 -61.90 9.44
C GLY A 69 51.58 -60.85 8.53
N SER A 70 50.51 -61.23 7.85
CA SER A 70 49.81 -60.32 6.95
C SER A 70 48.63 -59.61 7.63
N THR A 71 48.44 -58.34 7.27
CA THR A 71 47.38 -57.55 7.86
C THR A 71 46.49 -57.02 6.73
N ARG A 72 45.20 -56.93 6.99
CA ARG A 72 44.28 -56.44 6.00
C ARG A 72 43.05 -55.80 6.61
N LYS A 73 42.48 -54.80 5.92
CA LYS A 73 41.28 -54.14 6.43
C LYS A 73 40.07 -55.01 6.02
N ILE A 74 39.29 -55.47 6.99
CA ILE A 74 38.12 -56.32 6.70
C ILE A 74 36.78 -55.60 6.65
N VAL A 75 36.74 -54.37 7.14
CA VAL A 75 35.51 -53.58 7.08
C VAL A 75 35.79 -52.07 7.24
N SER A 76 35.20 -51.30 6.36
CA SER A 76 35.41 -49.87 6.40
C SER A 76 34.20 -49.06 5.91
N ASN A 77 34.31 -47.74 6.04
CA ASN A 77 33.29 -46.83 5.60
C ASN A 77 31.94 -47.09 6.26
N LEU A 78 31.99 -47.51 7.51
CA LEU A 78 30.79 -47.79 8.28
C LEU A 78 30.61 -46.70 9.31
N GLY A 79 31.70 -45.96 9.51
CA GLY A 79 31.71 -44.89 10.49
C GLY A 79 32.89 -45.13 11.41
N VAL A 80 32.75 -44.80 12.69
CA VAL A 80 33.86 -45.01 13.58
C VAL A 80 33.65 -46.25 14.44
N ILE A 81 34.51 -47.24 14.23
CA ILE A 81 34.49 -48.51 14.94
C ILE A 81 35.47 -48.43 16.12
N ASN A 82 34.98 -48.80 17.29
CA ASN A 82 35.78 -48.78 18.51
C ASN A 82 35.83 -50.14 19.21
N ASN A 83 34.99 -51.06 18.77
CA ASN A 83 34.95 -52.37 19.39
C ASN A 83 34.55 -53.43 18.39
N ALA A 84 35.30 -54.52 18.38
CA ALA A 84 35.01 -55.65 17.51
C ALA A 84 35.24 -56.90 18.34
N ARG A 85 34.25 -57.78 18.32
CA ARG A 85 34.34 -59.00 19.07
C ARG A 85 34.07 -60.23 18.26
N PHE A 86 35.02 -61.16 18.35
CA PHE A 86 34.96 -62.47 17.69
C PHE A 86 33.89 -63.32 18.34
N PHE A 87 33.12 -64.03 17.53
CA PHE A 87 32.10 -64.92 18.04
C PHE A 87 32.84 -66.18 18.44
N PRO A 88 32.15 -67.16 19.02
CA PRO A 88 32.80 -68.40 19.43
C PRO A 88 33.46 -69.10 18.26
N ASP A 89 32.70 -69.41 17.22
CA ASP A 89 33.26 -70.09 16.06
C ASP A 89 34.35 -69.28 15.35
N GLY A 90 34.62 -68.06 15.82
CA GLY A 90 35.65 -67.24 15.19
C GLY A 90 35.34 -66.85 13.76
N ARG A 91 34.11 -67.10 13.34
CA ARG A 91 33.66 -66.77 11.99
C ARG A 91 33.05 -65.36 11.91
N LYS A 92 31.92 -65.14 12.56
CA LYS A 92 31.27 -63.83 12.55
C LYS A 92 31.95 -62.90 13.53
N ILE A 93 31.62 -61.62 13.41
CA ILE A 93 32.17 -60.61 14.29
C ILE A 93 31.11 -59.54 14.58
N ALA A 94 30.91 -59.28 15.87
CA ALA A 94 29.98 -58.25 16.32
C ALA A 94 30.83 -56.98 16.35
N ILE A 95 30.29 -55.92 15.76
CA ILE A 95 30.99 -54.66 15.67
C ILE A 95 30.16 -53.49 16.19
N ARG A 96 30.81 -52.56 16.88
CA ARG A 96 30.15 -51.38 17.38
C ARG A 96 30.66 -50.22 16.53
N VAL A 97 29.73 -49.45 15.98
CA VAL A 97 30.12 -48.31 15.18
C VAL A 97 29.36 -47.09 15.64
N MET A 98 30.06 -45.95 15.64
CA MET A 98 29.51 -44.66 16.04
C MET A 98 29.27 -43.79 14.80
N ARG A 99 28.19 -43.01 14.82
CA ARG A 99 27.83 -42.09 13.72
C ARG A 99 27.39 -40.73 14.26
N GLY A 100 27.23 -39.75 13.37
CA GLY A 100 26.86 -38.41 13.81
C GLY A 100 28.17 -37.65 13.95
N SER A 101 28.17 -36.37 13.61
CA SER A 101 29.38 -35.55 13.68
C SER A 101 30.23 -35.71 14.93
N SER A 102 29.59 -35.80 16.09
CA SER A 102 30.32 -35.96 17.36
C SER A 102 30.22 -37.35 17.95
N LEU A 103 29.83 -38.31 17.12
CA LEU A 103 29.71 -39.68 17.56
C LEU A 103 28.74 -39.78 18.73
N ASN A 104 27.59 -39.14 18.57
CA ASN A 104 26.55 -39.14 19.61
C ASN A 104 25.64 -40.38 19.47
N THR A 105 25.73 -41.07 18.34
CA THR A 105 24.90 -42.24 18.14
C THR A 105 25.71 -43.48 17.86
N ALA A 106 25.16 -44.64 18.18
CA ALA A 106 25.86 -45.88 17.92
C ALA A 106 24.89 -47.03 17.66
N ASP A 107 25.37 -48.06 16.98
CA ASP A 107 24.58 -49.23 16.73
C ASP A 107 25.54 -50.39 16.39
N LEU A 108 25.01 -51.62 16.39
CA LEU A 108 25.83 -52.79 16.14
C LEU A 108 25.64 -53.47 14.79
N TYR A 109 26.74 -53.98 14.24
CA TYR A 109 26.77 -54.67 12.94
C TYR A 109 27.46 -56.03 13.03
N PHE A 110 27.09 -56.95 12.15
CA PHE A 110 27.68 -58.27 12.07
C PHE A 110 28.53 -58.38 10.84
N TYR A 111 29.72 -58.95 10.98
CA TYR A 111 30.60 -59.16 9.85
C TYR A 111 30.82 -60.65 9.70
N ASN A 112 30.75 -61.17 8.49
CA ASN A 112 30.97 -62.58 8.28
C ASN A 112 32.16 -62.74 7.35
N GLY A 113 33.27 -63.17 7.94
CA GLY A 113 34.48 -63.35 7.14
C GLY A 113 34.38 -64.45 6.11
N GLU A 114 33.27 -65.18 6.11
CA GLU A 114 33.08 -66.26 5.16
C GLU A 114 32.72 -65.74 3.77
N ASN A 115 31.80 -64.80 3.71
CA ASN A 115 31.34 -64.23 2.44
C ASN A 115 31.54 -62.72 2.37
N GLY A 116 32.17 -62.15 3.40
CA GLY A 116 32.42 -60.72 3.43
C GLY A 116 31.14 -59.91 3.62
N GLU A 117 30.11 -60.58 4.10
CA GLU A 117 28.81 -59.97 4.32
C GLU A 117 28.80 -59.06 5.52
N ILE A 118 28.16 -57.91 5.39
CA ILE A 118 28.06 -56.97 6.51
C ILE A 118 26.58 -56.71 6.72
N LYS A 119 26.17 -56.55 7.98
CA LYS A 119 24.77 -56.34 8.27
C LYS A 119 24.52 -55.64 9.59
N ARG A 120 23.61 -54.67 9.60
CA ARG A 120 23.26 -53.93 10.80
C ARG A 120 22.30 -54.79 11.65
N ILE A 121 22.57 -54.88 12.95
CA ILE A 121 21.78 -55.72 13.85
C ILE A 121 20.81 -54.95 14.77
N THR A 122 21.26 -53.79 15.24
CA THR A 122 20.43 -52.96 16.11
C THR A 122 20.08 -51.62 15.43
N TYR A 123 18.88 -51.13 15.73
CA TYR A 123 18.41 -49.85 15.21
C TYR A 123 17.89 -49.09 16.43
N PHE A 124 18.68 -49.12 17.48
CA PHE A 124 18.33 -48.50 18.73
C PHE A 124 18.79 -47.07 18.72
N SER A 125 19.83 -46.81 17.95
CA SER A 125 20.43 -45.48 17.87
C SER A 125 20.82 -45.08 19.29
N GLY A 126 21.50 -46.02 19.97
CA GLY A 126 21.95 -45.79 21.33
C GLY A 126 22.75 -44.51 21.47
N LYS A 127 22.49 -43.76 22.52
CA LYS A 127 23.20 -42.52 22.71
C LYS A 127 24.56 -42.86 23.34
N SER A 128 25.61 -42.14 22.92
CA SER A 128 26.93 -42.36 23.47
C SER A 128 27.77 -41.11 23.55
N THR A 129 28.75 -41.13 24.43
CA THR A 129 29.68 -40.01 24.61
C THR A 129 31.07 -40.64 24.72
N GLY A 130 32.10 -39.81 24.83
CA GLY A 130 33.45 -40.31 24.93
C GLY A 130 33.67 -41.28 26.08
N ARG A 131 33.20 -40.92 27.27
CA ARG A 131 33.42 -41.79 28.41
C ARG A 131 32.33 -42.84 28.67
N ARG A 132 31.21 -42.74 27.97
CA ARG A 132 30.13 -43.72 28.10
C ARG A 132 29.69 -44.21 26.75
N MET A 133 30.55 -44.98 26.10
CA MET A 133 30.26 -45.53 24.77
C MET A 133 29.35 -46.75 24.95
N PHE A 134 28.12 -46.48 25.36
CA PHE A 134 27.15 -47.52 25.60
C PHE A 134 26.61 -48.21 24.33
N THR A 135 25.81 -49.24 24.54
CA THR A 135 25.24 -50.02 23.44
C THR A 135 26.42 -50.66 22.73
N ASP A 136 26.88 -51.74 23.34
CA ASP A 136 28.04 -52.48 22.89
C ASP A 136 27.86 -53.99 23.13
N VAL A 137 28.88 -54.77 22.76
CA VAL A 137 28.85 -56.20 22.98
C VAL A 137 29.15 -56.46 24.46
N ALA A 138 28.36 -57.31 25.10
CA ALA A 138 28.60 -57.62 26.52
C ALA A 138 29.36 -58.94 26.66
N GLY A 139 29.02 -59.91 25.82
CA GLY A 139 29.68 -61.20 25.85
C GLY A 139 28.88 -62.23 25.06
N PHE A 140 29.21 -63.52 25.23
CA PHE A 140 28.49 -64.58 24.52
C PHE A 140 28.05 -65.70 25.44
N ASP A 141 26.78 -66.09 25.32
CA ASP A 141 26.27 -67.15 26.18
C ASP A 141 26.86 -68.50 25.75
N PRO A 142 26.66 -69.53 26.56
CA PRO A 142 27.17 -70.87 26.24
C PRO A 142 26.73 -71.40 24.85
N ASP A 143 25.51 -71.04 24.41
CA ASP A 143 25.03 -71.49 23.10
C ASP A 143 25.71 -70.74 21.96
N GLY A 144 26.58 -69.78 22.29
CA GLY A 144 27.26 -69.00 21.26
C GLY A 144 26.48 -67.78 20.78
N ASN A 145 25.47 -67.38 21.55
CA ASN A 145 24.68 -66.24 21.18
C ASN A 145 25.26 -64.95 21.74
N LEU A 146 25.15 -63.90 20.96
CA LEU A 146 25.63 -62.61 21.35
C LEU A 146 24.74 -62.03 22.44
N ILE A 147 25.37 -61.46 23.46
CA ILE A 147 24.65 -60.80 24.53
C ILE A 147 25.12 -59.35 24.48
N ILE A 148 24.20 -58.43 24.24
CA ILE A 148 24.57 -57.02 24.20
C ILE A 148 24.17 -56.27 25.45
N SER A 149 24.76 -55.09 25.60
CA SER A 149 24.49 -54.20 26.71
C SER A 149 24.07 -52.86 26.14
N THR A 150 22.81 -52.48 26.37
CA THR A 150 22.31 -51.19 25.87
C THR A 150 21.27 -50.61 26.79
N ASP A 151 21.15 -49.29 26.72
CA ASP A 151 20.23 -48.53 27.53
C ASP A 151 19.15 -47.94 26.63
N ALA A 152 19.17 -48.35 25.37
CA ALA A 152 18.22 -47.85 24.38
C ALA A 152 16.78 -47.87 24.87
N MET A 153 16.37 -48.94 25.54
CA MET A 153 15.00 -48.99 26.02
C MET A 153 14.88 -48.74 27.50
N GLN A 154 15.77 -47.92 28.03
CA GLN A 154 15.74 -47.62 29.44
C GLN A 154 15.60 -46.14 29.73
N PRO A 155 15.12 -45.82 30.94
CA PRO A 155 14.93 -44.43 31.33
C PRO A 155 16.26 -43.72 31.55
N PHE A 156 17.26 -44.42 32.07
CA PHE A 156 18.54 -43.78 32.31
C PHE A 156 19.66 -44.38 31.47
N SER A 157 20.58 -43.53 31.00
CA SER A 157 21.67 -44.03 30.18
C SER A 157 22.52 -45.04 30.95
N SER A 158 22.78 -44.78 32.24
CA SER A 158 23.57 -45.71 33.05
C SER A 158 22.96 -47.11 33.13
N MET A 159 21.67 -47.23 32.83
CA MET A 159 21.01 -48.53 32.87
C MET A 159 21.32 -49.35 31.62
N THR A 160 22.58 -49.66 31.40
CA THR A 160 22.95 -50.46 30.24
C THR A 160 22.61 -51.92 30.51
N CYS A 161 21.35 -52.26 30.34
CA CYS A 161 20.86 -53.61 30.60
C CYS A 161 21.26 -54.67 29.57
N LEU A 162 21.36 -55.92 30.02
CA LEU A 162 21.78 -57.03 29.14
C LEU A 162 20.66 -57.68 28.36
N TYR A 163 20.94 -57.91 27.08
CA TYR A 163 19.97 -58.53 26.19
C TYR A 163 20.61 -59.60 25.30
N ARG A 164 19.87 -60.65 25.00
CA ARG A 164 20.36 -61.69 24.12
C ARG A 164 19.81 -61.44 22.69
N VAL A 165 20.71 -61.25 21.74
CA VAL A 165 20.35 -60.97 20.35
C VAL A 165 19.80 -62.21 19.68
N GLU A 166 18.68 -62.09 18.99
CA GLU A 166 18.08 -63.24 18.28
C GLU A 166 17.74 -62.92 16.84
N ASN A 167 17.98 -63.88 15.93
CA ASN A 167 17.65 -63.69 14.53
C ASN A 167 18.25 -62.45 13.92
N ASP A 168 19.51 -62.21 14.21
CA ASP A 168 20.21 -61.04 13.69
C ASP A 168 19.58 -59.69 14.08
N GLY A 169 18.86 -59.66 15.19
CA GLY A 169 18.26 -58.41 15.60
C GLY A 169 16.75 -58.28 15.47
N ILE A 170 16.09 -59.41 15.17
CA ILE A 170 14.64 -59.47 15.01
C ILE A 170 13.96 -59.28 16.34
N ASN A 171 14.48 -60.00 17.34
CA ASN A 171 13.96 -59.93 18.70
C ASN A 171 15.12 -59.84 19.71
N PHE A 172 14.84 -59.27 20.88
CA PHE A 172 15.82 -59.14 21.94
C PHE A 172 15.21 -59.63 23.22
N VAL A 173 15.85 -60.62 23.83
CA VAL A 173 15.36 -61.18 25.09
C VAL A 173 16.18 -60.65 26.26
N PRO A 174 15.50 -59.98 27.21
CA PRO A 174 16.19 -59.43 28.38
C PRO A 174 16.67 -60.47 29.39
N LEU A 175 17.88 -60.30 29.88
CA LEU A 175 18.46 -61.23 30.86
C LEU A 175 18.12 -60.84 32.28
N ASN A 176 17.46 -59.68 32.43
CA ASN A 176 17.08 -59.18 33.75
C ASN A 176 18.12 -59.39 34.82
N LEU A 177 19.35 -59.02 34.52
CA LEU A 177 20.41 -59.17 35.48
C LEU A 177 20.85 -57.79 36.00
N GLY A 178 20.21 -56.75 35.51
CA GLY A 178 20.54 -55.39 35.92
C GLY A 178 21.59 -54.80 35.00
N PRO A 179 21.99 -53.54 35.24
CA PRO A 179 23.01 -52.91 34.39
C PRO A 179 24.31 -53.69 34.43
N ALA A 180 24.94 -53.85 33.28
CA ALA A 180 26.21 -54.59 33.18
C ALA A 180 27.03 -54.14 31.98
N THR A 181 28.33 -54.27 32.06
CA THR A 181 29.19 -53.87 30.95
C THR A 181 29.78 -55.12 30.33
N HIS A 182 30.06 -56.15 31.15
CA HIS A 182 30.61 -57.43 30.67
C HIS A 182 29.83 -58.59 31.25
N ILE A 183 29.70 -59.67 30.49
CA ILE A 183 29.01 -60.86 30.99
C ILE A 183 29.86 -62.06 30.53
N LEU A 184 30.33 -62.87 31.48
CA LEU A 184 31.16 -64.02 31.12
C LEU A 184 30.56 -65.27 31.72
N PHE A 185 30.85 -66.43 31.11
CA PHE A 185 30.29 -67.67 31.62
C PHE A 185 31.38 -68.67 32.05
N ALA A 186 31.34 -69.09 33.31
CA ALA A 186 32.34 -70.05 33.79
C ALA A 186 31.65 -71.21 34.47
N ASP A 187 31.85 -72.41 33.93
CA ASP A 187 31.27 -73.62 34.50
C ASP A 187 29.77 -73.47 34.72
N GLY A 188 29.08 -72.89 33.74
CA GLY A 188 27.64 -72.72 33.86
C GLY A 188 27.24 -71.59 34.80
N ARG A 189 28.25 -70.90 35.33
CA ARG A 189 28.02 -69.80 36.27
C ARG A 189 28.10 -68.49 35.51
N ARG A 190 27.31 -67.50 35.93
CA ARG A 190 27.31 -66.22 35.25
C ARG A 190 28.21 -65.23 35.98
N VAL A 191 29.15 -64.63 35.26
CA VAL A 191 30.05 -63.65 35.85
C VAL A 191 29.60 -62.31 35.34
N ILE A 192 29.43 -61.33 36.22
CA ILE A 192 28.96 -60.02 35.78
C ILE A 192 29.88 -58.84 36.08
N GLY A 193 30.21 -58.08 35.03
CA GLY A 193 31.06 -56.92 35.17
C GLY A 193 30.24 -55.64 35.16
N ARG A 194 30.24 -54.93 36.28
CA ARG A 194 29.51 -53.68 36.41
C ARG A 194 30.38 -52.46 36.18
N ASN A 195 30.05 -51.65 35.19
CA ASN A 195 30.82 -50.44 34.92
C ASN A 195 32.30 -50.79 34.70
N THR A 196 32.53 -51.91 34.05
CA THR A 196 33.85 -52.38 33.81
C THR A 196 34.49 -51.94 32.49
N PHE A 197 34.12 -50.75 32.00
CA PHE A 197 34.70 -50.20 30.77
C PHE A 197 35.93 -49.37 31.15
N GLU A 198 36.81 -49.10 30.19
CA GLU A 198 37.98 -48.31 30.51
C GLU A 198 37.62 -46.87 30.93
N LEU A 199 38.46 -46.28 31.80
CA LEU A 199 38.28 -44.91 32.28
C LEU A 199 39.58 -44.14 32.08
N PRO A 200 40.01 -44.03 30.83
CA PRO A 200 41.25 -43.32 30.51
C PRO A 200 41.27 -41.87 31.00
N HIS A 201 40.12 -41.22 30.96
CA HIS A 201 40.03 -39.83 31.36
C HIS A 201 40.20 -39.65 32.84
N TRP A 202 40.18 -40.73 33.62
CA TRP A 202 40.31 -40.56 35.07
C TRP A 202 41.15 -41.63 35.69
N LYS A 203 42.46 -41.49 35.58
CA LYS A 203 43.31 -42.50 36.16
C LYS A 203 43.24 -42.44 37.68
N GLY A 204 43.35 -43.59 38.32
CA GLY A 204 43.30 -43.65 39.77
C GLY A 204 41.92 -43.46 40.37
N TYR A 205 40.87 -43.60 39.56
CA TYR A 205 39.50 -43.44 40.05
C TYR A 205 39.19 -44.42 41.20
N ARG A 206 38.62 -43.90 42.28
CA ARG A 206 38.27 -44.73 43.44
C ARG A 206 36.86 -44.45 43.94
N GLY A 207 36.04 -43.83 43.08
CA GLY A 207 34.68 -43.49 43.46
C GLY A 207 33.71 -44.66 43.44
N GLY A 208 32.47 -44.37 43.80
CA GLY A 208 31.45 -45.41 43.85
C GLY A 208 31.02 -46.11 42.58
N THR A 209 31.36 -45.55 41.41
CA THR A 209 30.99 -46.16 40.12
C THR A 209 32.11 -47.02 39.55
N ARG A 210 33.13 -47.29 40.37
CA ARG A 210 34.28 -48.08 39.94
C ARG A 210 33.84 -49.48 39.53
N GLY A 211 34.60 -50.07 38.62
CA GLY A 211 34.30 -51.40 38.16
C GLY A 211 34.32 -52.47 39.23
N LYS A 212 33.30 -53.33 39.21
CA LYS A 212 33.17 -54.43 40.16
C LYS A 212 32.67 -55.70 39.44
N ILE A 213 33.04 -56.87 39.97
CA ILE A 213 32.63 -58.13 39.38
C ILE A 213 31.86 -59.03 40.35
N TRP A 214 30.67 -59.46 39.91
CA TRP A 214 29.83 -60.36 40.68
C TRP A 214 29.88 -61.72 39.98
N ILE A 215 29.48 -62.76 40.71
CA ILE A 215 29.46 -64.11 40.17
C ILE A 215 28.30 -64.89 40.78
N GLU A 216 27.78 -65.83 39.99
CA GLU A 216 26.65 -66.66 40.41
C GLU A 216 27.22 -67.80 41.24
N VAL A 217 26.44 -68.26 42.22
CA VAL A 217 26.86 -69.36 43.10
C VAL A 217 25.74 -70.31 43.46
N ASN A 218 24.62 -69.78 43.92
CA ASN A 218 23.52 -70.61 44.35
C ASN A 218 22.63 -71.05 43.18
N SER A 219 23.23 -71.15 42.00
CA SER A 219 22.51 -71.55 40.80
C SER A 219 21.41 -70.54 40.47
N GLY A 220 21.48 -69.36 41.10
CA GLY A 220 20.50 -68.33 40.86
C GLY A 220 20.82 -67.08 41.66
N ALA A 221 21.73 -67.21 42.62
CA ALA A 221 22.10 -66.07 43.44
C ALA A 221 23.47 -65.57 43.06
N PHE A 222 23.71 -64.28 43.31
CA PHE A 222 25.01 -63.68 42.97
C PHE A 222 25.74 -63.13 44.16
N LYS A 223 27.06 -63.15 44.06
CA LYS A 223 27.89 -62.65 45.14
C LYS A 223 28.97 -61.74 44.57
N LYS A 224 29.18 -60.61 45.22
CA LYS A 224 30.20 -59.68 44.76
C LYS A 224 31.57 -60.31 45.05
N ILE A 225 32.44 -60.40 44.06
CA ILE A 225 33.75 -61.02 44.30
C ILE A 225 34.96 -60.16 44.00
N VAL A 226 34.77 -59.04 43.32
CA VAL A 226 35.92 -58.20 43.06
C VAL A 226 35.46 -56.78 43.26
N ASP A 227 35.86 -56.19 44.37
CA ASP A 227 35.49 -54.82 44.73
C ASP A 227 36.72 -54.14 45.33
N MET A 228 37.72 -53.84 44.51
CA MET A 228 38.93 -53.19 45.03
C MET A 228 38.70 -51.73 45.29
N SER A 229 39.70 -51.07 45.84
CA SER A 229 39.55 -49.66 46.13
C SER A 229 39.56 -48.84 44.85
N THR A 230 40.28 -49.33 43.84
CA THR A 230 40.33 -48.63 42.55
C THR A 230 39.47 -49.31 41.50
N HIS A 231 39.44 -48.68 40.33
CA HIS A 231 38.66 -49.14 39.18
C HIS A 231 39.17 -50.42 38.51
N VAL A 232 38.23 -51.31 38.21
CA VAL A 232 38.55 -52.56 37.55
C VAL A 232 37.90 -52.54 36.16
N SER A 233 38.66 -52.89 35.12
CA SER A 233 38.16 -52.89 33.74
C SER A 233 38.53 -54.10 32.88
N SER A 234 37.86 -54.22 31.73
CA SER A 234 38.12 -55.27 30.75
C SER A 234 38.37 -56.69 31.30
N PRO A 235 37.38 -57.24 32.01
CA PRO A 235 37.53 -58.59 32.56
C PRO A 235 37.44 -59.69 31.50
N VAL A 236 38.18 -60.77 31.75
CA VAL A 236 38.20 -61.95 30.88
C VAL A 236 38.53 -63.15 31.76
N ILE A 237 38.25 -64.33 31.26
CA ILE A 237 38.54 -65.56 32.00
C ILE A 237 39.40 -66.51 31.16
N VAL A 238 40.48 -67.00 31.75
CA VAL A 238 41.38 -67.96 31.11
C VAL A 238 41.53 -69.09 32.10
N GLY A 239 40.96 -70.24 31.74
CA GLY A 239 41.00 -71.38 32.63
C GLY A 239 39.97 -71.11 33.72
N HIS A 240 40.44 -70.98 34.96
CA HIS A 240 39.51 -70.72 36.03
C HIS A 240 39.92 -69.49 36.80
N ARG A 241 40.47 -68.53 36.07
CA ARG A 241 40.87 -67.26 36.64
C ARG A 241 40.32 -66.09 35.83
N ILE A 242 40.05 -64.98 36.51
CA ILE A 242 39.51 -63.79 35.89
C ILE A 242 40.60 -62.76 35.81
N TYR A 243 40.93 -62.36 34.61
CA TYR A 243 41.96 -61.38 34.39
C TYR A 243 41.31 -60.05 34.12
N PHE A 244 41.90 -59.00 34.65
CA PHE A 244 41.36 -57.66 34.48
C PHE A 244 42.45 -56.62 34.68
N ILE A 245 42.10 -55.36 34.51
CA ILE A 245 43.07 -54.30 34.66
C ILE A 245 42.67 -53.35 35.79
N THR A 246 43.66 -52.75 36.45
CA THR A 246 43.39 -51.80 37.51
C THR A 246 44.70 -51.06 37.84
N ASP A 247 44.61 -49.89 38.45
CA ASP A 247 45.82 -49.16 38.78
C ASP A 247 45.96 -48.97 40.27
N ILE A 248 45.48 -49.96 41.02
CA ILE A 248 45.55 -49.97 42.48
C ILE A 248 46.97 -49.59 42.97
N ASP A 249 47.98 -49.88 42.16
CA ASP A 249 49.37 -49.59 42.53
C ASP A 249 49.95 -48.30 41.95
N GLY A 250 49.11 -47.54 41.27
CA GLY A 250 49.57 -46.29 40.69
C GLY A 250 49.72 -46.31 39.18
N PHE A 251 49.49 -47.47 38.57
CA PHE A 251 49.60 -47.55 37.13
C PHE A 251 48.81 -48.75 36.66
N GLY A 252 48.37 -48.70 35.40
CA GLY A 252 47.59 -49.78 34.86
C GLY A 252 48.39 -51.04 34.64
N GLN A 253 47.91 -52.13 35.25
CA GLN A 253 48.57 -53.43 35.11
C GLN A 253 47.50 -54.50 34.97
N ILE A 254 47.89 -55.68 34.50
CA ILE A 254 46.93 -56.76 34.36
C ILE A 254 46.99 -57.61 35.63
N TYR A 255 45.84 -57.90 36.23
CA TYR A 255 45.79 -58.74 37.42
C TYR A 255 44.84 -59.88 37.12
N SER A 256 44.67 -60.76 38.10
CA SER A 256 43.75 -61.88 37.96
C SER A 256 43.49 -62.45 39.34
N THR A 257 42.39 -63.18 39.46
CA THR A 257 42.01 -63.84 40.71
C THR A 257 41.22 -65.09 40.33
N ASP A 258 40.84 -65.89 41.32
CA ASP A 258 40.05 -67.08 41.03
C ASP A 258 38.57 -66.70 40.96
N LEU A 259 37.71 -67.66 40.68
CA LEU A 259 36.29 -67.36 40.59
C LEU A 259 35.69 -66.98 41.95
N ASP A 260 36.54 -66.55 42.87
CA ASP A 260 36.10 -66.12 44.19
C ASP A 260 36.67 -64.76 44.57
N GLY A 261 37.40 -64.17 43.62
CA GLY A 261 37.98 -62.87 43.85
C GLY A 261 39.12 -62.97 44.82
N LYS A 262 39.60 -64.19 45.00
CA LYS A 262 40.70 -64.51 45.91
C LYS A 262 41.98 -64.78 45.13
N ASP A 263 43.09 -64.89 45.85
CA ASP A 263 44.40 -65.17 45.25
C ASP A 263 44.82 -64.09 44.25
N LEU A 264 44.76 -62.83 44.67
CA LEU A 264 45.12 -61.72 43.80
C LEU A 264 46.56 -61.81 43.31
N ARG A 265 46.76 -61.66 42.00
CA ARG A 265 48.09 -61.70 41.39
C ARG A 265 48.31 -60.58 40.40
N LYS A 266 49.53 -60.07 40.38
CA LYS A 266 49.92 -59.00 39.48
C LYS A 266 50.80 -59.61 38.38
N HIS A 267 50.38 -59.50 37.13
CA HIS A 267 51.11 -60.09 36.02
C HIS A 267 51.95 -59.17 35.17
N THR A 268 51.68 -57.88 35.18
CA THR A 268 52.46 -56.98 34.34
C THR A 268 53.07 -55.87 35.18
N SER A 269 54.02 -55.15 34.58
CA SER A 269 54.70 -54.06 35.26
C SER A 269 54.97 -52.91 34.31
N PHE A 270 53.98 -52.60 33.47
CA PHE A 270 54.11 -51.52 32.50
C PHE A 270 54.42 -50.16 33.15
N THR A 271 54.98 -49.26 32.36
CA THR A 271 55.31 -47.92 32.85
C THR A 271 55.10 -46.84 31.78
N ASP A 272 55.08 -47.25 30.52
CA ASP A 272 54.91 -46.33 29.39
C ASP A 272 53.48 -45.81 29.20
N TYR A 273 52.52 -46.74 29.06
CA TYR A 273 51.13 -46.36 28.90
C TYR A 273 50.25 -47.39 29.51
N TYR A 274 49.03 -47.00 29.84
CA TYR A 274 48.07 -47.92 30.43
C TYR A 274 47.59 -48.94 29.41
N PRO A 275 47.54 -50.22 29.81
CA PRO A 275 47.06 -51.22 28.87
C PRO A 275 45.53 -51.14 28.85
N ARG A 276 44.89 -51.44 27.73
CA ARG A 276 43.44 -51.39 27.69
C ARG A 276 42.84 -52.53 26.86
N HIS A 277 41.51 -52.54 26.82
CA HIS A 277 40.70 -53.46 26.03
C HIS A 277 41.06 -54.93 26.12
N LEU A 278 41.12 -55.51 27.32
CA LEU A 278 41.45 -56.94 27.37
C LEU A 278 40.39 -57.81 26.68
N ASN A 279 40.87 -58.82 25.99
CA ASN A 279 40.03 -59.77 25.29
C ASN A 279 40.82 -61.06 25.17
N THR A 280 40.11 -62.17 25.00
CA THR A 280 40.78 -63.46 24.87
C THR A 280 39.95 -64.45 24.05
N ASP A 281 40.51 -65.64 23.85
CA ASP A 281 39.88 -66.74 23.11
C ASP A 281 39.86 -68.01 23.96
N GLY A 282 40.34 -67.89 25.19
CA GLY A 282 40.37 -69.02 26.09
C GLY A 282 41.78 -69.53 26.35
N ARG A 283 42.71 -69.14 25.49
CA ARG A 283 44.09 -69.56 25.63
C ARG A 283 45.04 -68.36 25.92
N ARG A 284 44.95 -67.31 25.11
CA ARG A 284 45.81 -66.14 25.29
C ARG A 284 44.99 -64.84 25.42
N ILE A 285 45.57 -63.86 26.12
CA ILE A 285 44.93 -62.58 26.33
C ILE A 285 45.52 -61.56 25.38
N LEU A 286 44.67 -60.68 24.85
CA LEU A 286 45.11 -59.67 23.90
C LEU A 286 44.77 -58.28 24.43
N PHE A 287 45.55 -57.28 24.05
CA PHE A 287 45.26 -55.93 24.53
C PHE A 287 46.07 -54.89 23.77
N SER A 288 45.79 -53.61 23.99
CA SER A 288 46.55 -52.58 23.29
C SER A 288 47.13 -51.62 24.30
N LYS A 289 48.18 -50.91 23.90
CA LYS A 289 48.85 -49.98 24.80
C LYS A 289 49.74 -49.02 24.00
N GLY A 290 49.64 -47.73 24.29
CA GLY A 290 50.44 -46.75 23.57
C GLY A 290 50.40 -46.87 22.05
N GLY A 291 49.27 -47.36 21.53
CA GLY A 291 49.13 -47.51 20.08
C GLY A 291 49.62 -48.81 19.45
N SER A 292 50.02 -49.78 20.28
CA SER A 292 50.50 -51.08 19.76
C SER A 292 49.68 -52.20 20.36
N ILE A 293 49.67 -53.36 19.70
CA ILE A 293 48.93 -54.50 20.22
C ILE A 293 49.88 -55.54 20.80
N TYR A 294 49.53 -56.03 21.99
CA TYR A 294 50.33 -57.01 22.72
C TYR A 294 49.56 -58.28 22.99
N ILE A 295 50.31 -59.35 23.29
CA ILE A 295 49.72 -60.64 23.65
C ILE A 295 50.27 -61.07 24.99
N PHE A 296 49.41 -61.68 25.79
CA PHE A 296 49.77 -62.16 27.09
C PHE A 296 49.43 -63.63 27.17
N ASN A 297 50.42 -64.45 27.48
CA ASN A 297 50.17 -65.88 27.60
C ASN A 297 50.13 -66.20 29.09
N PRO A 298 48.93 -66.51 29.63
CA PRO A 298 48.76 -66.83 31.04
C PRO A 298 49.67 -67.94 31.53
N ASP A 299 49.87 -68.97 30.71
CA ASP A 299 50.71 -70.09 31.08
C ASP A 299 52.17 -69.73 31.19
N THR A 300 52.62 -68.88 30.28
CA THR A 300 54.01 -68.47 30.26
C THR A 300 54.24 -67.19 31.06
N GLU A 301 53.17 -66.40 31.20
CA GLU A 301 53.22 -65.12 31.90
C GLU A 301 54.13 -64.15 31.13
N LYS A 302 54.38 -64.47 29.86
CA LYS A 302 55.23 -63.63 28.99
C LYS A 302 54.39 -62.75 28.05
N ILE A 303 54.84 -61.52 27.88
CA ILE A 303 54.14 -60.57 27.03
C ILE A 303 54.98 -60.15 25.84
N GLU A 304 54.36 -60.14 24.66
CA GLU A 304 55.06 -59.73 23.47
C GLU A 304 54.25 -58.77 22.62
N LYS A 305 54.97 -57.90 21.94
CA LYS A 305 54.38 -56.91 21.06
C LYS A 305 54.23 -57.51 19.67
N ILE A 306 53.07 -57.36 19.07
CA ILE A 306 52.86 -57.89 17.74
C ILE A 306 53.41 -56.89 16.73
N GLU A 307 54.11 -57.38 15.71
CA GLU A 307 54.68 -56.48 14.70
C GLU A 307 53.70 -56.32 13.57
N ILE A 308 53.16 -55.11 13.42
CA ILE A 308 52.22 -54.86 12.36
C ILE A 308 52.73 -53.83 11.36
N GLY A 309 53.45 -52.83 11.87
CA GLY A 309 54.02 -51.82 10.99
C GLY A 309 53.00 -50.90 10.34
N ASP A 310 53.47 -50.10 9.39
CA ASP A 310 52.60 -49.14 8.69
C ASP A 310 51.42 -49.83 8.02
N LEU A 311 50.24 -49.24 8.15
CA LEU A 311 49.03 -49.82 7.60
C LEU A 311 48.26 -48.88 6.69
N GLU A 312 48.17 -47.61 7.07
CA GLU A 312 47.43 -46.66 6.28
C GLU A 312 47.80 -45.24 6.61
N SER A 313 47.94 -44.44 5.56
CA SER A 313 48.31 -43.05 5.71
C SER A 313 47.52 -42.26 4.67
N PRO A 314 46.31 -41.81 5.04
CA PRO A 314 45.46 -41.04 4.13
C PRO A 314 46.00 -39.66 3.82
N GLU A 315 45.41 -39.03 2.82
CA GLU A 315 45.78 -37.70 2.36
C GLU A 315 45.81 -36.74 3.56
N ASP A 316 46.91 -36.03 3.71
CA ASP A 316 47.04 -35.12 4.83
C ASP A 316 46.36 -33.77 4.64
N ARG A 317 46.47 -33.21 3.43
CA ARG A 317 45.87 -31.92 3.08
C ARG A 317 44.36 -32.13 2.90
N ILE A 318 43.57 -31.57 3.82
CA ILE A 318 42.11 -31.72 3.81
C ILE A 318 41.28 -30.45 3.55
N ILE A 319 40.10 -30.68 3.02
CA ILE A 319 39.14 -29.65 2.68
C ILE A 319 38.01 -29.59 3.72
N SER A 320 37.63 -28.39 4.14
CA SER A 320 36.56 -28.21 5.11
C SER A 320 35.62 -27.08 4.71
N ILE A 321 34.42 -27.11 5.28
CA ILE A 321 33.43 -26.09 5.01
C ILE A 321 33.59 -24.96 6.01
N PRO A 322 34.08 -23.81 5.57
CA PRO A 322 34.27 -22.68 6.47
C PRO A 322 33.16 -22.39 7.46
N SER A 323 31.91 -22.42 7.02
CA SER A 323 30.81 -22.09 7.93
C SER A 323 30.74 -23.01 9.17
N LYS A 324 30.96 -24.31 8.95
CA LYS A 324 30.94 -25.30 10.03
C LYS A 324 31.82 -24.91 11.22
N PHE A 325 32.97 -24.29 10.97
CA PHE A 325 33.87 -23.92 12.05
C PHE A 325 34.09 -22.44 12.18
N ALA A 326 33.23 -21.66 11.55
CA ALA A 326 33.36 -20.22 11.57
C ALA A 326 32.96 -19.57 12.89
N GLU A 327 33.51 -18.39 13.13
CA GLU A 327 33.22 -17.62 14.34
C GLU A 327 33.86 -16.26 14.25
N ASP A 328 33.47 -15.38 15.16
CA ASP A 328 34.02 -14.05 15.19
C ASP A 328 33.77 -13.22 13.94
N PHE A 329 32.59 -13.41 13.33
CA PHE A 329 32.20 -12.66 12.13
C PHE A 329 32.17 -11.16 12.52
N SER A 330 32.79 -10.30 11.72
CA SER A 330 32.83 -8.87 12.00
C SER A 330 32.81 -8.01 10.73
N PRO A 331 32.16 -6.84 10.77
CA PRO A 331 32.06 -5.89 9.65
C PRO A 331 33.29 -4.98 9.53
N LEU A 332 33.83 -4.84 8.33
CA LEU A 332 34.99 -3.99 8.10
C LEU A 332 34.60 -2.79 7.26
N ASP A 333 35.58 -1.96 6.91
CA ASP A 333 35.31 -0.79 6.09
C ASP A 333 34.99 -1.24 4.66
N GLY A 334 34.46 -0.32 3.88
CA GLY A 334 34.12 -0.62 2.51
C GLY A 334 33.19 -1.81 2.33
N ASP A 335 32.26 -1.97 3.26
CA ASP A 335 31.31 -3.07 3.18
C ASP A 335 32.01 -4.43 3.03
N LEU A 336 33.05 -4.64 3.79
CA LEU A 336 33.77 -5.90 3.76
C LEU A 336 33.48 -6.67 5.03
N ILE A 337 33.81 -7.96 5.01
CA ILE A 337 33.57 -8.85 6.13
C ILE A 337 34.88 -9.53 6.54
N ALA A 338 35.01 -9.80 7.83
CA ALA A 338 36.17 -10.52 8.34
C ALA A 338 35.61 -11.61 9.23
N PHE A 339 36.33 -12.72 9.35
CA PHE A 339 35.90 -13.79 10.26
C PHE A 339 36.99 -14.82 10.47
N VAL A 340 36.76 -15.69 11.44
CA VAL A 340 37.69 -16.72 11.77
C VAL A 340 37.05 -18.08 11.66
N SER A 341 37.82 -19.06 11.19
CA SER A 341 37.32 -20.41 11.10
C SER A 341 38.48 -21.40 11.12
N ARG A 342 38.32 -22.43 11.93
CA ARG A 342 39.32 -23.45 12.07
C ARG A 342 40.74 -22.86 12.28
N GLY A 343 40.86 -21.78 13.06
CA GLY A 343 42.14 -21.18 13.31
C GLY A 343 42.63 -20.25 12.22
N GLN A 344 41.90 -20.17 11.12
CA GLN A 344 42.29 -19.28 10.01
C GLN A 344 41.44 -18.02 10.01
N ALA A 345 41.91 -16.99 9.32
CA ALA A 345 41.16 -15.73 9.25
C ALA A 345 41.01 -15.29 7.79
N PHE A 346 39.92 -14.59 7.48
CA PHE A 346 39.69 -14.16 6.10
C PHE A 346 39.07 -12.77 5.96
N ILE A 347 39.37 -12.11 4.84
CA ILE A 347 38.79 -10.81 4.56
C ILE A 347 38.04 -11.07 3.25
N GLN A 348 36.72 -10.92 3.28
CA GLN A 348 35.92 -11.16 2.11
C GLN A 348 34.76 -10.20 1.95
N ASP A 349 34.15 -10.19 0.77
CA ASP A 349 32.99 -9.34 0.49
C ASP A 349 31.84 -10.19 0.98
N VAL A 350 30.71 -9.57 1.28
CA VAL A 350 29.58 -10.34 1.79
C VAL A 350 29.31 -11.61 0.98
N SER A 351 29.37 -11.47 -0.34
CA SER A 351 29.15 -12.57 -1.27
C SER A 351 30.07 -13.76 -1.10
N GLY A 352 31.25 -13.54 -0.51
CA GLY A 352 32.21 -14.61 -0.34
C GLY A 352 32.86 -14.95 -1.67
N THR A 353 32.74 -14.06 -2.65
CA THR A 353 33.32 -14.29 -3.97
C THR A 353 34.79 -13.85 -3.98
N TYR A 354 35.09 -12.71 -3.37
CA TYR A 354 36.46 -12.23 -3.27
C TYR A 354 36.93 -12.48 -1.85
N VAL A 355 37.66 -13.58 -1.66
CA VAL A 355 38.15 -13.99 -0.34
C VAL A 355 39.67 -13.93 -0.16
N LEU A 356 40.12 -13.25 0.89
CA LEU A 356 41.54 -13.18 1.20
C LEU A 356 41.81 -13.88 2.52
N LYS A 357 42.84 -14.73 2.52
CA LYS A 357 43.20 -15.44 3.74
C LYS A 357 44.34 -14.68 4.40
N VAL A 358 44.22 -14.43 5.69
CA VAL A 358 45.27 -13.71 6.39
C VAL A 358 46.47 -14.63 6.42
N PRO A 359 47.65 -14.12 6.05
CA PRO A 359 48.90 -14.90 6.03
C PRO A 359 49.53 -15.05 7.42
N GLU A 360 49.01 -15.99 8.21
CA GLU A 360 49.50 -16.22 9.56
C GLU A 360 49.27 -17.66 9.97
N PRO A 361 50.25 -18.26 10.67
CA PRO A 361 50.21 -19.65 11.13
C PRO A 361 48.98 -19.94 11.99
N LEU A 362 48.83 -21.20 12.37
CA LEU A 362 47.68 -21.60 13.17
C LEU A 362 47.40 -20.82 14.42
N ARG A 363 46.10 -20.76 14.66
CA ARG A 363 45.41 -20.11 15.74
C ARG A 363 45.31 -18.61 15.78
N ILE A 364 44.34 -18.11 15.03
CA ILE A 364 44.08 -16.67 14.99
C ILE A 364 42.77 -16.56 15.77
N ARG A 365 42.84 -16.28 17.04
CA ARG A 365 41.64 -16.20 17.84
C ARG A 365 40.67 -15.10 17.42
N TYR A 366 41.16 -13.86 17.26
CA TYR A 366 40.28 -12.75 16.88
C TYR A 366 40.77 -11.86 15.75
N VAL A 367 39.83 -11.20 15.07
CA VAL A 367 40.16 -10.28 13.98
C VAL A 367 39.28 -9.04 14.20
N ARG A 368 39.91 -7.87 14.13
CA ARG A 368 39.21 -6.61 14.36
C ARG A 368 39.62 -5.52 13.40
N ARG A 369 38.65 -4.73 12.96
CA ARG A 369 38.92 -3.61 12.05
C ARG A 369 39.90 -2.66 12.75
N GLY A 370 40.95 -2.29 12.02
CA GLY A 370 41.99 -1.41 12.54
C GLY A 370 42.31 -0.28 11.60
N GLY A 371 41.64 -0.24 10.45
CA GLY A 371 41.91 0.83 9.50
C GLY A 371 41.21 0.63 8.17
N ASP A 372 41.38 1.58 7.25
CA ASP A 372 40.78 1.49 5.92
C ASP A 372 41.02 0.14 5.29
N THR A 373 42.28 -0.31 5.35
CA THR A 373 42.65 -1.59 4.77
C THR A 373 43.43 -2.45 5.75
N LYS A 374 43.55 -1.99 7.00
CA LYS A 374 44.28 -2.72 8.03
C LYS A 374 43.35 -3.43 9.02
N VAL A 375 43.80 -4.54 9.58
CA VAL A 375 42.99 -5.27 10.53
C VAL A 375 43.86 -5.80 11.66
N ALA A 376 43.40 -5.74 12.89
CA ALA A 376 44.21 -6.25 13.99
C ALA A 376 43.74 -7.66 14.32
N PHE A 377 44.63 -8.50 14.82
CA PHE A 377 44.22 -9.85 15.15
C PHE A 377 44.97 -10.39 16.36
N ILE A 378 44.42 -11.42 16.98
CA ILE A 378 45.05 -12.07 18.12
C ILE A 378 45.50 -13.44 17.66
N HIS A 379 46.82 -13.65 17.61
CA HIS A 379 47.42 -14.92 17.18
C HIS A 379 47.78 -15.75 18.41
N GLY A 380 47.27 -16.96 18.48
CA GLY A 380 47.55 -17.80 19.61
C GLY A 380 48.60 -18.86 19.35
N THR A 381 49.44 -19.12 20.34
CA THR A 381 50.50 -20.13 20.25
C THR A 381 50.51 -20.86 21.56
N ARG A 382 51.42 -21.81 21.68
CA ARG A 382 51.56 -22.61 22.89
C ARG A 382 51.93 -21.75 24.10
N GLU A 383 52.66 -20.68 23.84
CA GLU A 383 53.10 -19.80 24.91
C GLU A 383 52.03 -18.84 25.38
N GLY A 384 51.18 -18.43 24.44
CA GLY A 384 50.10 -17.52 24.78
C GLY A 384 49.54 -16.84 23.56
N ASP A 385 48.89 -15.70 23.80
CA ASP A 385 48.27 -14.93 22.74
C ASP A 385 49.01 -13.63 22.54
N PHE A 386 49.11 -13.24 21.29
CA PHE A 386 49.81 -12.02 20.88
C PHE A 386 48.99 -11.20 19.87
N LEU A 387 49.15 -9.88 19.91
CA LEU A 387 48.44 -8.99 19.02
C LEU A 387 49.19 -8.87 17.73
N GLY A 388 48.47 -8.91 16.61
CA GLY A 388 49.10 -8.80 15.31
C GLY A 388 48.29 -7.87 14.41
N ILE A 389 48.95 -7.28 13.41
CA ILE A 389 48.29 -6.37 12.50
C ILE A 389 48.53 -6.85 11.09
N TYR A 390 47.55 -6.60 10.22
CA TYR A 390 47.63 -7.02 8.84
C TYR A 390 46.93 -6.01 7.95
N ASP A 391 47.44 -5.86 6.74
CA ASP A 391 46.89 -4.92 5.77
C ASP A 391 46.58 -5.69 4.50
N TYR A 392 45.30 -5.91 4.23
CA TYR A 392 44.92 -6.68 3.05
C TYR A 392 45.06 -5.96 1.70
N ARG A 393 45.67 -4.78 1.71
CA ARG A 393 45.90 -4.04 0.49
C ARG A 393 47.37 -4.11 0.09
N THR A 394 48.27 -3.74 1.00
CA THR A 394 49.70 -3.75 0.74
C THR A 394 50.25 -5.15 0.91
N GLY A 395 49.75 -5.87 1.91
CA GLY A 395 50.21 -7.22 2.19
C GLY A 395 50.99 -7.33 3.49
N LYS A 396 51.61 -6.23 3.95
CA LYS A 396 52.40 -6.22 5.17
C LYS A 396 51.61 -6.82 6.33
N ALA A 397 52.30 -7.53 7.22
CA ALA A 397 51.66 -8.16 8.36
C ALA A 397 52.64 -8.39 9.52
N GLU A 398 52.93 -7.35 10.29
CA GLU A 398 53.83 -7.48 11.42
C GLU A 398 53.13 -8.34 12.47
N LYS A 399 53.90 -8.86 13.43
CA LYS A 399 53.33 -9.69 14.50
C LYS A 399 54.12 -9.49 15.79
N PHE A 400 53.58 -8.68 16.70
CA PHE A 400 54.26 -8.40 17.95
C PHE A 400 54.64 -9.63 18.78
N GLU A 401 55.57 -9.42 19.70
CA GLU A 401 56.08 -10.46 20.57
C GLU A 401 55.57 -10.36 22.01
N GLU A 402 55.12 -9.17 22.40
CA GLU A 402 54.62 -8.97 23.74
C GLU A 402 53.48 -9.94 24.07
N ASN A 403 53.70 -10.82 25.04
CA ASN A 403 52.70 -11.80 25.42
C ASN A 403 51.56 -11.14 26.20
N LEU A 404 50.32 -11.38 25.80
CA LEU A 404 49.21 -10.76 26.48
C LEU A 404 48.46 -11.70 27.42
N GLY A 405 48.87 -12.96 27.40
CA GLY A 405 48.20 -13.94 28.24
C GLY A 405 47.15 -14.61 27.40
N ASN A 406 46.03 -14.99 28.00
CA ASN A 406 44.96 -15.62 27.22
C ASN A 406 43.87 -14.62 26.93
N VAL A 407 43.91 -14.08 25.73
CA VAL A 407 42.96 -13.06 25.33
C VAL A 407 41.56 -13.58 25.10
N PHE A 408 40.58 -12.85 25.59
CA PHE A 408 39.22 -13.26 25.37
C PHE A 408 38.36 -12.15 24.81
N ALA A 409 38.92 -10.97 24.68
CA ALA A 409 38.20 -9.86 24.12
C ALA A 409 39.23 -8.92 23.56
N MET A 410 38.91 -8.32 22.41
CA MET A 410 39.85 -7.43 21.74
C MET A 410 39.14 -6.38 20.90
N GLY A 411 39.49 -5.11 21.12
CA GLY A 411 38.90 -4.04 20.34
C GLY A 411 39.94 -3.06 19.87
N VAL A 412 39.61 -2.24 18.87
CA VAL A 412 40.57 -1.25 18.38
C VAL A 412 39.90 0.10 18.33
N ASP A 413 40.63 1.17 18.67
CA ASP A 413 40.00 2.47 18.63
C ASP A 413 39.64 2.86 17.21
N ARG A 414 38.78 3.84 17.08
CA ARG A 414 38.36 4.25 15.77
C ARG A 414 39.46 4.96 15.02
N ASN A 415 40.43 5.48 15.74
CA ASN A 415 41.52 6.19 15.10
C ASN A 415 42.70 5.26 14.76
N GLY A 416 42.56 3.98 15.08
CA GLY A 416 43.58 2.99 14.78
C GLY A 416 44.97 3.12 15.39
N LYS A 417 45.09 3.73 16.57
CA LYS A 417 46.39 3.88 17.20
C LYS A 417 46.62 2.85 18.29
N PHE A 418 45.58 2.47 19.02
CA PHE A 418 45.75 1.48 20.06
C PHE A 418 44.61 0.47 20.07
N ALA A 419 44.74 -0.56 20.89
CA ALA A 419 43.73 -1.60 21.01
C ALA A 419 43.52 -1.91 22.47
N VAL A 420 42.34 -2.36 22.84
CA VAL A 420 42.05 -2.73 24.21
C VAL A 420 41.91 -4.25 24.26
N VAL A 421 42.57 -4.87 25.25
CA VAL A 421 42.53 -6.33 25.40
C VAL A 421 42.23 -6.84 26.83
N ALA A 422 41.49 -7.94 26.89
CA ALA A 422 41.13 -8.57 28.15
C ALA A 422 41.66 -10.01 28.13
N ASN A 423 42.16 -10.45 29.28
CA ASN A 423 42.70 -11.80 29.44
C ASN A 423 42.14 -12.53 30.64
N ASP A 424 42.57 -13.77 30.77
CA ASP A 424 42.13 -14.65 31.85
C ASP A 424 42.81 -14.29 33.17
N ARG A 425 43.62 -13.24 33.15
CA ARG A 425 44.28 -12.79 34.36
C ARG A 425 43.39 -11.71 34.98
N PHE A 426 42.26 -11.43 34.31
CA PHE A 426 41.29 -10.42 34.74
C PHE A 426 41.83 -9.01 34.53
N GLU A 427 42.72 -8.86 33.55
CA GLU A 427 43.29 -7.54 33.28
C GLU A 427 42.66 -6.90 32.05
N ILE A 428 42.66 -5.58 32.04
CA ILE A 428 42.20 -4.86 30.87
C ILE A 428 43.38 -3.93 30.58
N MET A 429 43.79 -3.90 29.32
CA MET A 429 44.95 -3.12 28.91
C MET A 429 44.85 -2.50 27.52
N THR A 430 45.76 -1.59 27.22
CA THR A 430 45.82 -0.91 25.92
C THR A 430 47.14 -1.26 25.24
N VAL A 431 47.09 -1.96 24.11
CA VAL A 431 48.30 -2.33 23.38
C VAL A 431 48.56 -1.33 22.25
N ASP A 432 49.74 -0.72 22.25
CA ASP A 432 50.12 0.25 21.23
C ASP A 432 50.17 -0.47 19.87
N LEU A 433 49.39 -0.03 18.90
CA LEU A 433 49.39 -0.69 17.59
C LEU A 433 50.64 -0.41 16.77
N GLU A 434 51.48 0.49 17.25
CA GLU A 434 52.70 0.84 16.55
C GLU A 434 53.89 0.09 17.17
N THR A 435 54.13 0.33 18.46
CA THR A 435 55.24 -0.30 19.19
C THR A 435 54.93 -1.76 19.56
N GLY A 436 53.77 -1.98 20.17
CA GLY A 436 53.40 -3.33 20.56
C GLY A 436 53.36 -3.47 22.07
N LYS A 437 53.86 -2.44 22.76
CA LYS A 437 53.90 -2.44 24.22
C LYS A 437 52.52 -2.38 24.88
N PRO A 438 52.21 -3.38 25.72
CA PRO A 438 50.92 -3.39 26.42
C PRO A 438 51.01 -2.47 27.66
N THR A 439 49.84 -2.07 28.17
CA THR A 439 49.76 -1.19 29.35
C THR A 439 48.48 -1.52 30.09
N VAL A 440 48.62 -2.25 31.19
CA VAL A 440 47.49 -2.64 32.00
C VAL A 440 46.83 -1.44 32.65
N ILE A 441 45.51 -1.38 32.54
CA ILE A 441 44.78 -0.28 33.11
C ILE A 441 44.30 -0.67 34.48
N GLU A 442 43.59 -1.77 34.57
CA GLU A 442 43.07 -2.19 35.84
C GLU A 442 42.90 -3.69 35.82
N ARG A 443 42.87 -4.28 37.02
CA ARG A 443 42.74 -5.72 37.15
C ARG A 443 41.68 -6.10 38.16
N SER A 444 40.78 -6.96 37.73
CA SER A 444 39.70 -7.41 38.58
C SER A 444 40.20 -8.63 39.28
N ARG A 445 39.59 -8.97 40.41
CA ARG A 445 40.01 -10.16 41.10
C ARG A 445 38.90 -11.19 41.11
N GLU A 446 37.84 -10.92 40.36
CA GLU A 446 36.71 -11.85 40.34
C GLU A 446 36.47 -12.55 39.00
N ALA A 447 36.51 -11.79 37.91
CA ALA A 447 36.23 -12.35 36.56
C ALA A 447 36.88 -11.50 35.50
N MET A 448 36.68 -11.84 34.24
CA MET A 448 37.31 -11.08 33.15
C MET A 448 36.61 -9.75 32.81
N ILE A 449 37.39 -8.80 32.28
CA ILE A 449 36.85 -7.51 31.91
C ILE A 449 36.69 -7.54 30.39
N THR A 450 35.69 -8.31 29.93
CA THR A 450 35.43 -8.46 28.52
C THR A 450 34.41 -7.51 27.92
N ASP A 451 33.67 -6.80 28.77
CA ASP A 451 32.67 -5.87 28.26
C ASP A 451 33.17 -4.42 28.30
N PHE A 452 33.69 -3.95 27.17
CA PHE A 452 34.22 -2.60 27.11
C PHE A 452 34.03 -1.90 25.77
N THR A 453 34.22 -0.58 25.80
CA THR A 453 34.09 0.23 24.61
C THR A 453 34.97 1.48 24.70
N ILE A 454 35.37 1.97 23.53
CA ILE A 454 36.22 3.15 23.42
C ILE A 454 35.46 4.32 22.81
N SER A 455 35.54 5.50 23.43
CA SER A 455 34.87 6.67 22.90
C SER A 455 35.38 6.99 21.48
N ASP A 456 34.55 7.58 20.64
CA ASP A 456 34.96 7.89 19.27
C ASP A 456 36.17 8.83 19.19
N ASN A 457 36.38 9.66 20.21
CA ASN A 457 37.51 10.53 20.17
C ASN A 457 38.74 9.85 20.81
N SER A 458 38.66 8.53 20.99
CA SER A 458 39.74 7.74 21.57
C SER A 458 40.30 8.22 22.91
N ARG A 459 39.52 8.96 23.68
CA ARG A 459 40.00 9.46 24.96
C ARG A 459 39.54 8.68 26.17
N PHE A 460 38.36 8.07 26.07
CA PHE A 460 37.83 7.32 27.21
C PHE A 460 37.63 5.86 26.92
N ILE A 461 37.76 5.04 27.95
CA ILE A 461 37.53 3.59 27.82
C ILE A 461 36.59 3.17 28.94
N ALA A 462 35.34 2.82 28.60
CA ALA A 462 34.37 2.39 29.60
C ALA A 462 34.29 0.87 29.60
N TYR A 463 34.14 0.28 30.78
CA TYR A 463 34.06 -1.16 30.86
C TYR A 463 33.42 -1.68 32.15
N GLY A 464 32.88 -2.89 32.09
CA GLY A 464 32.26 -3.47 33.27
C GLY A 464 33.36 -4.05 34.13
N PHE A 465 33.36 -3.66 35.40
CA PHE A 465 34.40 -4.13 36.31
C PHE A 465 33.86 -5.04 37.40
N PRO A 466 34.09 -6.36 37.27
CA PRO A 466 33.57 -7.26 38.28
C PRO A 466 34.23 -7.05 39.64
N LEU A 467 33.43 -7.06 40.70
CA LEU A 467 33.93 -6.82 42.04
C LEU A 467 33.07 -7.51 43.10
N LYS A 468 33.62 -7.65 44.30
CA LYS A 468 32.90 -8.23 45.44
C LYS A 468 33.17 -7.44 46.69
N HIS A 469 32.14 -7.28 47.52
CA HIS A 469 32.31 -6.54 48.75
C HIS A 469 33.18 -7.35 49.69
N GLY A 470 32.93 -8.65 49.76
CA GLY A 470 33.72 -9.51 50.62
C GLY A 470 34.43 -10.65 49.91
N GLU A 471 35.48 -11.16 50.53
CA GLU A 471 36.24 -12.27 49.96
C GLU A 471 35.36 -13.51 49.75
N THR A 472 34.50 -13.81 50.72
CA THR A 472 33.62 -14.98 50.61
C THR A 472 32.20 -14.64 50.24
N ASP A 473 32.06 -13.58 49.45
CA ASP A 473 30.75 -13.10 49.01
C ASP A 473 30.09 -14.06 48.03
N GLY A 474 28.78 -14.18 48.14
CA GLY A 474 28.07 -15.09 47.28
C GLY A 474 27.77 -14.57 45.89
N TYR A 475 27.72 -13.26 45.73
CA TYR A 475 27.44 -12.68 44.43
C TYR A 475 28.56 -11.77 43.94
N VAL A 476 28.70 -11.65 42.63
CA VAL A 476 29.71 -10.79 42.05
C VAL A 476 29.03 -9.54 41.43
N MET A 477 29.35 -8.38 41.94
CA MET A 477 28.77 -7.20 41.39
C MET A 477 29.57 -6.73 40.19
N GLN A 478 29.04 -5.74 39.47
CA GLN A 478 29.76 -5.17 38.34
C GLN A 478 29.45 -3.68 38.25
N ALA A 479 30.51 -2.88 38.19
CA ALA A 479 30.42 -1.43 38.10
C ALA A 479 31.10 -0.93 36.87
N ILE A 480 30.53 0.03 36.18
CA ILE A 480 31.18 0.54 34.98
C ILE A 480 32.32 1.47 35.38
N HIS A 481 33.47 1.35 34.74
CA HIS A 481 34.60 2.21 35.03
C HIS A 481 34.95 2.95 33.76
N VAL A 482 35.47 4.16 33.91
CA VAL A 482 35.87 4.94 32.75
C VAL A 482 37.30 5.42 32.94
N TYR A 483 38.14 4.96 32.03
CA TYR A 483 39.56 5.31 32.01
C TYR A 483 39.76 6.46 31.05
N ASP A 484 40.48 7.49 31.51
CA ASP A 484 40.78 8.66 30.70
C ASP A 484 42.22 8.60 30.20
N MET A 485 42.41 8.53 28.88
CA MET A 485 43.78 8.47 28.32
C MET A 485 44.63 9.67 28.77
N GLU A 486 44.01 10.82 28.96
CA GLU A 486 44.74 11.97 29.41
C GLU A 486 44.52 12.00 30.90
N GLY A 487 45.61 12.08 31.64
CA GLY A 487 45.49 12.10 33.09
C GLY A 487 45.69 10.68 33.57
N ARG A 488 45.35 9.75 32.69
CA ARG A 488 45.51 8.34 32.99
C ARG A 488 44.91 7.96 34.36
N LYS A 489 43.65 8.30 34.58
CA LYS A 489 42.99 7.98 35.85
C LYS A 489 41.66 7.27 35.61
N ILE A 490 41.32 6.35 36.51
CA ILE A 490 40.07 5.59 36.39
C ILE A 490 38.95 6.22 37.20
N PHE A 491 37.81 6.45 36.57
CA PHE A 491 36.70 7.03 37.31
C PHE A 491 35.57 6.03 37.43
N ALA A 492 34.73 6.20 38.45
CA ALA A 492 33.58 5.31 38.65
C ALA A 492 32.32 5.84 37.97
N ALA A 493 31.82 5.13 36.97
CA ALA A 493 30.61 5.57 36.27
C ALA A 493 29.35 5.20 37.05
N THR A 494 29.40 4.09 37.77
CA THR A 494 28.25 3.65 38.55
C THR A 494 28.71 3.11 39.89
N THR A 495 27.75 2.95 40.80
CA THR A 495 27.99 2.44 42.13
C THR A 495 28.18 0.92 42.03
N GLU A 496 28.54 0.27 43.12
CA GLU A 496 28.76 -1.18 43.06
C GLU A 496 27.76 -2.03 43.79
N ASN A 497 26.48 -1.83 43.51
CA ASN A 497 25.47 -2.59 44.19
C ASN A 497 24.69 -3.57 43.33
N SER A 498 24.94 -3.56 42.02
CA SER A 498 24.26 -4.52 41.16
C SER A 498 25.11 -4.90 39.96
N HIS A 499 24.50 -4.95 38.79
CA HIS A 499 25.19 -5.35 37.58
C HIS A 499 24.97 -4.31 36.47
N ASP A 500 26.01 -3.56 36.15
CA ASP A 500 25.93 -2.55 35.11
C ASP A 500 26.83 -3.04 33.96
N TYR A 501 26.30 -3.00 32.73
CA TYR A 501 27.01 -3.55 31.58
C TYR A 501 26.62 -2.89 30.27
N ALA A 502 27.18 -3.44 29.19
CA ALA A 502 26.93 -2.95 27.83
C ALA A 502 27.16 -1.43 27.69
N PRO A 503 28.27 -0.93 28.20
CA PRO A 503 28.51 0.51 28.08
C PRO A 503 28.64 0.93 26.62
N ALA A 504 28.29 2.16 26.29
CA ALA A 504 28.40 2.66 24.93
C ALA A 504 28.44 4.18 24.87
N PHE A 505 29.36 4.74 24.09
CA PHE A 505 29.45 6.21 23.97
C PHE A 505 28.67 6.71 22.75
N ASP A 506 28.29 7.97 22.75
CA ASP A 506 27.57 8.51 21.59
C ASP A 506 28.60 9.10 20.66
N ALA A 507 28.22 9.30 19.41
CA ALA A 507 29.14 9.83 18.42
C ALA A 507 29.97 11.02 18.90
N ASP A 508 29.33 12.07 19.42
CA ASP A 508 30.04 13.24 19.90
C ASP A 508 30.90 12.99 21.11
N SER A 509 30.74 11.82 21.71
CA SER A 509 31.49 11.48 22.91
C SER A 509 31.13 12.43 24.10
N LYS A 510 29.85 12.73 24.25
CA LYS A 510 29.40 13.62 25.32
C LYS A 510 28.60 12.88 26.40
N ASN A 511 28.14 11.67 26.09
CA ASN A 511 27.36 10.90 27.05
C ASN A 511 27.75 9.46 27.01
N LEU A 512 27.63 8.77 28.14
CA LEU A 512 27.95 7.36 28.21
C LEU A 512 26.68 6.64 28.58
N TYR A 513 26.15 5.85 27.65
CA TYR A 513 24.94 5.09 27.90
C TYR A 513 25.33 3.68 28.33
N TYR A 514 24.45 3.00 29.05
CA TYR A 514 24.74 1.63 29.47
C TYR A 514 23.46 0.95 29.96
N LEU A 515 23.56 -0.31 30.37
CA LEU A 515 22.39 -1.03 30.86
C LEU A 515 22.66 -1.53 32.26
N SER A 516 21.62 -1.88 32.99
CA SER A 516 21.78 -2.45 34.31
C SER A 516 20.51 -3.16 34.81
N TYR A 517 20.74 -4.19 35.63
CA TYR A 517 19.67 -4.98 36.20
C TYR A 517 19.33 -4.39 37.53
N ARG A 518 18.93 -3.13 37.55
CA ARG A 518 18.60 -2.50 38.82
C ARG A 518 17.12 -2.25 39.02
N SER A 519 16.35 -2.19 37.95
CA SER A 519 14.92 -1.96 38.09
C SER A 519 14.20 -3.20 38.65
N LEU A 520 14.37 -3.42 39.94
CA LEU A 520 13.76 -4.57 40.57
C LEU A 520 12.22 -4.61 40.61
N ASP A 521 11.68 -5.74 40.17
CA ASP A 521 10.23 -5.95 40.15
C ASP A 521 10.07 -7.48 40.02
N PRO A 522 9.39 -8.09 40.98
CA PRO A 522 9.22 -9.54 40.90
C PRO A 522 8.14 -10.02 39.90
N SER A 523 8.37 -11.15 39.27
CA SER A 523 7.38 -11.71 38.35
C SER A 523 6.95 -12.97 39.04
N PRO A 524 5.64 -13.22 39.08
CA PRO A 524 5.10 -14.42 39.73
C PRO A 524 5.36 -15.74 39.00
N ASP A 525 5.60 -16.80 39.76
CA ASP A 525 5.82 -18.14 39.19
C ASP A 525 4.44 -18.76 39.01
N ARG A 526 4.15 -19.33 37.83
CA ARG A 526 2.81 -19.87 37.62
C ARG A 526 2.54 -21.23 38.21
N VAL A 527 3.55 -21.88 38.74
CA VAL A 527 3.32 -23.21 39.29
C VAL A 527 3.61 -23.32 40.78
N VAL A 528 4.80 -22.87 41.16
CA VAL A 528 5.26 -22.93 42.56
C VAL A 528 5.18 -21.57 43.25
N LEU A 529 4.88 -21.52 44.54
CA LEU A 529 4.87 -20.22 45.22
C LEU A 529 6.30 -19.67 45.14
N ASN A 530 6.53 -18.71 44.25
CA ASN A 530 7.87 -18.16 44.05
C ASN A 530 7.80 -16.90 43.18
N PHE A 531 8.85 -16.10 43.20
CA PHE A 531 8.92 -14.92 42.36
C PHE A 531 10.37 -14.76 41.96
N SER A 532 10.62 -14.16 40.79
CA SER A 532 12.02 -13.95 40.38
C SER A 532 12.10 -12.69 39.55
N PHE A 533 13.31 -12.17 39.35
CA PHE A 533 13.47 -10.96 38.54
C PHE A 533 13.66 -11.26 37.06
N GLU A 534 12.58 -11.19 36.30
CA GLU A 534 12.58 -11.50 34.90
C GLU A 534 12.82 -10.26 34.05
N VAL A 535 12.05 -9.21 34.30
CA VAL A 535 12.21 -8.00 33.49
C VAL A 535 12.65 -6.79 34.28
N VAL A 536 13.92 -6.81 34.68
CA VAL A 536 14.47 -5.74 35.51
C VAL A 536 15.66 -5.02 34.88
N SER A 537 15.76 -5.10 33.56
CA SER A 537 16.83 -4.46 32.82
C SER A 537 16.37 -3.09 32.29
N LYS A 538 17.18 -2.06 32.52
CA LYS A 538 16.81 -0.72 32.07
C LYS A 538 18.03 0.09 31.68
N PRO A 539 17.92 0.91 30.61
CA PRO A 539 19.03 1.75 30.13
C PRO A 539 19.24 3.03 30.94
N PHE A 540 20.47 3.50 31.01
CA PHE A 540 20.81 4.72 31.78
C PHE A 540 21.84 5.49 30.99
N VAL A 541 22.02 6.75 31.35
CA VAL A 541 22.99 7.55 30.64
C VAL A 541 23.66 8.45 31.61
N ILE A 542 24.88 8.84 31.27
CA ILE A 542 25.66 9.73 32.12
C ILE A 542 26.32 10.77 31.25
N PRO A 543 25.96 12.05 31.44
CA PRO A 543 26.58 13.11 30.63
C PRO A 543 28.00 13.38 31.14
N LEU A 544 28.95 13.37 30.22
CA LEU A 544 30.34 13.56 30.55
C LEU A 544 30.63 15.00 30.95
N ILE A 545 29.70 15.90 30.66
CA ILE A 545 29.89 17.29 31.06
C ILE A 545 28.85 17.68 32.11
N PRO A 546 29.30 17.87 33.36
CA PRO A 546 28.40 18.25 34.45
C PRO A 546 27.50 19.39 34.04
N GLY A 547 26.22 19.32 34.43
CA GLY A 547 25.29 20.40 34.13
C GLY A 547 24.52 20.16 32.87
N SER A 548 25.03 19.23 32.08
CA SER A 548 24.38 18.88 30.83
C SER A 548 23.34 17.84 31.23
N PRO A 549 22.11 18.01 30.76
CA PRO A 549 21.06 17.06 31.11
C PRO A 549 21.03 15.82 30.22
N ASN A 550 20.21 14.85 30.65
CA ASN A 550 20.01 13.62 29.92
C ASN A 550 19.32 13.96 28.60
N PRO A 551 20.02 13.77 27.49
CA PRO A 551 19.39 14.10 26.22
C PRO A 551 18.03 13.48 25.97
N THR A 552 17.84 12.19 26.21
CA THR A 552 16.50 11.65 25.95
C THR A 552 15.36 12.41 26.66
N LYS A 553 15.72 13.22 27.66
CA LYS A 553 14.71 13.99 28.38
C LYS A 553 14.08 15.11 27.56
N LEU A 554 14.73 15.47 26.45
CA LEU A 554 14.23 16.53 25.57
C LEU A 554 14.10 17.89 26.25
N VAL A 555 15.08 18.22 27.09
CA VAL A 555 15.08 19.51 27.78
C VAL A 555 15.48 20.61 26.79
N PRO A 556 14.55 21.53 26.47
CA PRO A 556 14.80 22.63 25.54
C PRO A 556 16.21 23.19 25.70
N ARG A 557 16.95 23.26 24.60
CA ARG A 557 18.31 23.79 24.62
C ARG A 557 18.35 25.21 25.16
N SER A 558 17.40 26.02 24.75
CA SER A 558 17.34 27.42 25.19
C SER A 558 17.12 27.53 26.69
N MET A 559 16.68 26.45 27.32
CA MET A 559 16.42 26.44 28.73
C MET A 559 17.52 25.77 29.55
N THR A 560 18.65 25.49 28.90
CA THR A 560 19.78 24.86 29.57
C THR A 560 21.06 25.65 29.26
N SER A 561 22.08 25.46 30.08
CA SER A 561 23.34 26.16 29.89
C SER A 561 24.51 25.18 29.93
N GLU A 562 24.71 24.44 28.83
CA GLU A 562 25.80 23.48 28.79
C GLU A 562 27.14 24.16 28.53
N ALA A 563 27.77 23.78 27.41
CA ALA A 563 29.05 24.35 27.01
C ALA A 563 30.12 24.13 28.07
N GLY A 564 29.78 23.46 29.17
CA GLY A 564 30.76 23.19 30.21
C GLY A 564 31.93 22.41 29.64
N GLU A 565 32.81 21.93 30.50
CA GLU A 565 33.97 21.15 30.06
C GLU A 565 33.92 19.74 30.70
N TYR A 566 34.64 18.77 30.13
CA TYR A 566 34.64 17.40 30.67
C TYR A 566 34.96 17.35 32.16
N ASP A 567 34.30 16.45 32.87
CA ASP A 567 34.56 16.29 34.31
C ASP A 567 33.96 14.94 34.67
N LEU A 568 34.80 13.94 34.88
CA LEU A 568 34.30 12.62 35.18
C LEU A 568 34.13 12.35 36.66
N ASN A 569 34.40 13.34 37.52
CA ASN A 569 34.24 13.13 38.96
C ASN A 569 32.79 13.02 39.40
N ASP A 570 32.54 12.11 40.33
CA ASP A 570 31.19 11.91 40.85
C ASP A 570 30.17 11.93 39.75
N MET A 571 30.46 11.15 38.70
CA MET A 571 29.55 11.11 37.59
C MET A 571 28.39 10.11 37.84
N TYR A 572 28.61 9.13 38.71
CA TYR A 572 27.55 8.19 39.04
C TYR A 572 26.39 8.91 39.71
N LYS A 573 26.61 10.15 40.16
CA LYS A 573 25.55 10.90 40.81
C LYS A 573 24.65 11.58 39.80
N ARG A 574 25.19 11.83 38.59
CA ARG A 574 24.45 12.50 37.53
C ARG A 574 23.70 11.49 36.67
N SER A 575 23.86 10.21 36.99
CA SER A 575 23.21 9.16 36.24
C SER A 575 21.72 9.47 36.10
N SER A 576 21.17 8.99 34.99
CA SER A 576 19.76 9.23 34.71
C SER A 576 19.23 8.11 33.83
N PRO A 577 18.02 7.65 34.13
CA PRO A 577 17.42 6.58 33.33
C PRO A 577 16.83 7.10 32.02
N ILE A 578 16.70 6.21 31.05
CA ILE A 578 16.07 6.60 29.81
C ILE A 578 14.70 5.91 29.85
N ASN A 579 13.65 6.72 29.70
CA ASN A 579 12.25 6.29 29.75
C ASN A 579 11.87 5.16 28.78
N VAL A 580 12.39 3.97 29.04
CA VAL A 580 12.09 2.82 28.21
C VAL A 580 11.61 1.74 29.17
N ASP A 581 10.51 1.07 28.87
CA ASP A 581 10.00 0.04 29.78
C ASP A 581 11.04 -1.05 30.11
N PRO A 582 11.06 -1.53 31.35
CA PRO A 582 12.03 -2.57 31.73
C PRO A 582 11.93 -3.81 30.86
N GLY A 583 12.86 -4.73 31.04
CA GLY A 583 12.87 -5.95 30.25
C GLY A 583 14.17 -6.70 30.42
N ASP A 584 14.70 -7.23 29.34
CA ASP A 584 15.96 -7.98 29.35
C ASP A 584 16.81 -7.57 28.13
N TYR A 585 17.51 -6.43 28.29
CA TYR A 585 18.36 -5.81 27.26
C TYR A 585 19.82 -6.25 27.33
N ARG A 586 20.41 -6.53 26.17
CA ARG A 586 21.80 -6.96 26.12
C ARG A 586 22.71 -5.94 25.44
N MET A 587 22.12 -4.97 24.76
CA MET A 587 22.91 -3.98 24.06
C MET A 587 22.14 -2.69 23.86
N ILE A 588 22.83 -1.56 24.00
CA ILE A 588 22.19 -0.25 23.82
C ILE A 588 23.06 0.55 22.83
N ILE A 589 22.47 1.01 21.72
CA ILE A 589 23.22 1.77 20.73
C ILE A 589 22.62 3.15 20.52
N PRO A 590 23.28 4.19 21.03
CA PRO A 590 22.82 5.57 20.89
C PRO A 590 23.04 6.12 19.49
N LEU A 591 22.00 6.69 18.91
CA LEU A 591 22.10 7.31 17.61
C LEU A 591 21.62 8.75 17.71
N GLU A 592 21.57 9.42 16.56
CA GLU A 592 21.19 10.83 16.48
C GLU A 592 19.86 11.15 17.15
N SER A 593 18.78 10.53 16.70
CA SER A 593 17.48 10.82 17.29
C SER A 593 16.74 9.56 17.72
N SER A 594 17.49 8.48 17.90
CA SER A 594 16.93 7.21 18.34
C SER A 594 17.95 6.37 19.08
N ILE A 595 17.47 5.33 19.75
CA ILE A 595 18.33 4.41 20.47
C ILE A 595 17.98 3.00 19.99
N LEU A 596 18.99 2.19 19.72
CA LEU A 596 18.75 0.83 19.32
C LEU A 596 18.94 0.00 20.55
N ILE A 597 18.03 -0.94 20.78
CA ILE A 597 18.16 -1.80 21.96
C ILE A 597 17.91 -3.25 21.60
N TYR A 598 18.82 -4.12 22.04
CA TYR A 598 18.73 -5.54 21.78
C TYR A 598 17.98 -6.15 22.96
N SER A 599 16.80 -6.71 22.69
CA SER A 599 15.97 -7.29 23.74
C SER A 599 15.85 -8.78 23.62
N VAL A 600 15.73 -9.43 24.76
CA VAL A 600 15.55 -10.88 24.76
C VAL A 600 14.33 -11.21 25.56
N PRO A 601 13.28 -11.71 24.89
CA PRO A 601 12.03 -12.07 25.56
C PRO A 601 12.23 -13.24 26.54
N VAL A 602 11.51 -13.22 27.66
CA VAL A 602 11.61 -14.27 28.66
C VAL A 602 11.25 -15.60 28.05
N HIS A 603 12.09 -16.60 28.31
CA HIS A 603 11.94 -17.92 27.74
C HIS A 603 12.44 -19.00 28.69
N GLY A 604 12.18 -20.25 28.33
CA GLY A 604 12.63 -21.36 29.14
C GLY A 604 14.10 -21.60 28.87
N GLU A 605 14.77 -22.32 29.77
CA GLU A 605 16.19 -22.57 29.61
C GLU A 605 16.51 -23.98 29.25
N PHE A 606 15.48 -24.81 29.15
CA PHE A 606 15.74 -26.22 28.87
C PHE A 606 16.56 -26.52 27.63
N ALA A 607 16.12 -25.99 26.48
CA ALA A 607 16.83 -26.24 25.24
C ALA A 607 18.23 -25.65 25.27
N ALA A 608 18.38 -24.51 25.93
CA ALA A 608 19.68 -23.87 25.99
C ALA A 608 20.66 -24.64 26.88
N TYR A 609 20.15 -25.20 27.98
CA TYR A 609 20.97 -25.93 28.94
C TYR A 609 21.45 -27.29 28.44
N TYR A 610 20.63 -27.97 27.64
CA TYR A 610 21.00 -29.28 27.14
C TYR A 610 21.36 -29.22 25.67
N GLN A 611 20.34 -29.02 24.83
CA GLN A 611 20.51 -28.96 23.38
C GLN A 611 21.44 -27.81 22.96
N GLY A 612 21.71 -26.88 23.87
CA GLY A 612 22.60 -25.79 23.52
C GLY A 612 21.98 -24.74 22.62
N ALA A 613 20.65 -24.77 22.44
CA ALA A 613 19.93 -23.81 21.60
C ALA A 613 20.28 -22.37 21.96
N PRO A 614 20.49 -21.52 20.94
CA PRO A 614 20.83 -20.10 21.09
C PRO A 614 19.64 -19.29 21.59
N GLU A 615 19.96 -18.18 22.23
CA GLU A 615 18.96 -17.28 22.79
C GLU A 615 18.37 -16.39 21.71
N LYS A 616 17.03 -16.34 21.63
CA LYS A 616 16.37 -15.50 20.64
C LYS A 616 16.14 -14.05 21.12
N GLY A 617 16.67 -13.09 20.35
CA GLY A 617 16.53 -11.70 20.69
C GLY A 617 15.84 -10.95 19.57
N VAL A 618 15.76 -9.63 19.69
CA VAL A 618 15.15 -8.83 18.66
C VAL A 618 15.74 -7.41 18.80
N LEU A 619 15.89 -6.71 17.68
CA LEU A 619 16.46 -5.37 17.68
C LEU A 619 15.39 -4.32 17.77
N LEU A 620 15.32 -3.62 18.90
CA LEU A 620 14.33 -2.60 19.11
C LEU A 620 14.85 -1.18 18.88
N LYS A 621 13.95 -0.31 18.46
CA LYS A 621 14.28 1.09 18.20
C LYS A 621 13.43 2.02 19.04
N TYR A 622 14.09 2.94 19.72
CA TYR A 622 13.41 3.91 20.54
C TYR A 622 13.64 5.28 19.94
N ASP A 623 12.56 5.92 19.52
CA ASP A 623 12.64 7.26 18.93
C ASP A 623 12.68 8.24 20.10
N VAL A 624 13.76 9.02 20.20
CA VAL A 624 13.89 9.95 21.31
C VAL A 624 12.76 10.97 21.33
N LYS A 625 12.37 11.42 20.14
CA LYS A 625 11.29 12.39 19.99
C LYS A 625 9.91 11.84 20.37
N THR A 626 9.46 10.85 19.61
CA THR A 626 8.15 10.24 19.81
C THR A 626 8.08 9.34 21.04
N ARG A 627 9.24 8.92 21.54
CA ARG A 627 9.34 8.03 22.69
C ARG A 627 8.66 6.69 22.42
N LYS A 628 8.37 6.46 21.15
CA LYS A 628 7.70 5.25 20.71
C LYS A 628 8.74 4.16 20.45
N VAL A 629 8.33 2.91 20.65
CA VAL A 629 9.22 1.77 20.43
C VAL A 629 8.73 0.88 19.29
N THR A 630 9.66 0.39 18.48
CA THR A 630 9.29 -0.46 17.36
C THR A 630 10.30 -1.56 17.16
N GLU A 631 9.94 -2.51 16.32
CA GLU A 631 10.80 -3.64 16.05
C GLU A 631 11.52 -3.49 14.71
N VAL A 632 12.83 -3.42 14.76
CA VAL A 632 13.64 -3.28 13.56
C VAL A 632 13.98 -4.63 12.92
N LYS A 633 14.14 -5.68 13.73
CA LYS A 633 14.52 -6.96 13.18
C LYS A 633 14.30 -8.00 14.25
N ASN A 634 13.85 -9.19 13.87
CA ASN A 634 13.67 -10.24 14.88
C ASN A 634 14.40 -11.51 14.51
N ASN A 635 14.18 -12.55 15.30
CA ASN A 635 14.84 -13.83 15.09
C ASN A 635 16.34 -13.71 15.12
N LEU A 636 16.84 -12.88 16.01
CA LEU A 636 18.27 -12.68 16.11
C LEU A 636 18.87 -13.52 17.22
N THR A 637 20.10 -13.97 17.03
CA THR A 637 20.77 -14.77 18.06
C THR A 637 22.12 -14.19 18.36
N ASP A 638 22.46 -13.10 17.67
CA ASP A 638 23.73 -12.40 17.88
C ASP A 638 23.74 -11.15 16.98
N LEU A 639 24.43 -10.11 17.41
CA LEU A 639 24.50 -8.88 16.66
C LEU A 639 25.83 -8.18 16.87
N ARG A 640 26.30 -7.50 15.84
CA ARG A 640 27.57 -6.76 15.90
C ARG A 640 27.38 -5.47 15.11
N LEU A 641 27.97 -4.39 15.59
CA LEU A 641 27.83 -3.15 14.88
C LEU A 641 29.19 -2.67 14.38
N SER A 642 29.21 -2.05 13.20
CA SER A 642 30.46 -1.56 12.61
C SER A 642 31.00 -0.40 13.42
N ALA A 643 32.13 0.13 12.99
CA ALA A 643 32.77 1.26 13.66
C ALA A 643 31.97 2.54 13.45
N ASP A 644 31.65 2.81 12.18
CA ASP A 644 30.88 3.98 11.78
C ASP A 644 29.39 3.90 12.15
N ARG A 645 29.02 2.92 12.97
CA ARG A 645 27.64 2.75 13.40
C ARG A 645 26.66 2.68 12.23
N LYS A 646 27.14 2.49 11.02
CA LYS A 646 26.24 2.44 9.88
C LYS A 646 25.89 1.03 9.40
N THR A 647 26.83 0.10 9.60
CA THR A 647 26.65 -1.28 9.17
C THR A 647 26.25 -2.22 10.29
N VAL A 648 25.28 -3.09 10.03
CA VAL A 648 24.87 -4.05 11.03
C VAL A 648 25.08 -5.47 10.52
N MET A 649 25.67 -6.32 11.36
CA MET A 649 25.93 -7.71 11.03
C MET A 649 25.24 -8.51 12.12
N VAL A 650 24.34 -9.41 11.74
CA VAL A 650 23.65 -10.22 12.74
C VAL A 650 23.65 -11.70 12.39
N ARG A 651 23.20 -12.50 13.34
CA ARG A 651 23.09 -13.93 13.15
C ARG A 651 21.65 -14.21 13.51
N LYS A 652 20.96 -14.95 12.66
CA LYS A 652 19.56 -15.26 12.96
C LYS A 652 19.45 -16.68 13.46
N ASP A 653 18.25 -17.04 13.88
CA ASP A 653 17.98 -18.38 14.41
C ASP A 653 18.20 -19.49 13.39
N ASP A 654 18.13 -19.18 12.10
CA ASP A 654 18.38 -20.20 11.07
C ASP A 654 19.88 -20.50 11.00
N GLY A 655 20.66 -19.76 11.78
CA GLY A 655 22.08 -19.97 11.81
C GLY A 655 22.88 -19.17 10.79
N LYS A 656 22.20 -18.48 9.88
CA LYS A 656 22.89 -17.70 8.86
C LYS A 656 23.30 -16.29 9.30
N ILE A 657 24.35 -15.76 8.70
CA ILE A 657 24.81 -14.42 9.05
C ILE A 657 24.28 -13.41 8.04
N TYR A 658 23.79 -12.28 8.53
CA TYR A 658 23.28 -11.25 7.62
C TYR A 658 23.86 -9.88 7.90
N THR A 659 23.73 -9.00 6.92
CA THR A 659 24.26 -7.66 7.04
C THR A 659 23.33 -6.65 6.39
N PHE A 660 22.92 -5.65 7.16
CA PHE A 660 22.04 -4.59 6.66
C PHE A 660 22.45 -3.24 7.21
N PRO A 661 22.28 -2.17 6.41
CA PRO A 661 22.65 -0.82 6.84
C PRO A 661 21.67 -0.37 7.91
N LEU A 662 22.20 0.25 8.96
CA LEU A 662 21.37 0.71 10.06
C LEU A 662 20.29 1.67 9.59
N GLU A 663 20.61 2.45 8.56
CA GLU A 663 19.67 3.42 7.99
C GLU A 663 18.49 2.73 7.28
N LYS A 664 18.78 1.71 6.47
CA LYS A 664 17.74 1.00 5.75
C LYS A 664 17.81 -0.52 6.03
N PRO A 665 17.36 -0.94 7.23
CA PRO A 665 17.37 -2.35 7.62
C PRO A 665 16.53 -3.24 6.73
N GLU A 666 15.86 -2.63 5.76
CA GLU A 666 15.04 -3.40 4.85
C GLU A 666 15.92 -4.10 3.83
N ASP A 667 17.10 -3.55 3.58
CA ASP A 667 18.04 -4.10 2.59
C ASP A 667 19.19 -4.95 3.17
N GLU A 668 18.84 -6.12 3.71
CA GLU A 668 19.84 -7.02 4.26
C GLU A 668 20.29 -8.03 3.22
N ARG A 669 21.54 -8.47 3.32
CA ARG A 669 22.09 -9.45 2.41
C ARG A 669 22.62 -10.62 3.23
N THR A 670 22.69 -11.79 2.60
CA THR A 670 23.15 -12.97 3.29
C THR A 670 24.67 -13.11 3.12
N VAL A 671 25.38 -13.38 4.21
CA VAL A 671 26.83 -13.54 4.08
C VAL A 671 27.17 -14.96 3.69
N GLU A 672 27.83 -15.14 2.56
CA GLU A 672 28.23 -16.47 2.13
C GLU A 672 29.73 -16.63 2.31
N THR A 673 30.13 -17.78 2.83
CA THR A 673 31.52 -18.06 3.09
C THR A 673 31.95 -19.43 2.60
N ASP A 674 30.97 -20.24 2.17
CA ASP A 674 31.24 -21.58 1.69
C ASP A 674 31.55 -21.67 0.20
N LYS A 675 31.88 -20.53 -0.40
CA LYS A 675 32.24 -20.50 -1.80
C LYS A 675 33.65 -21.06 -1.93
N ARG A 676 34.55 -20.61 -1.06
CA ARG A 676 35.95 -21.04 -1.10
C ARG A 676 36.17 -22.10 -0.01
N PRO A 677 36.67 -23.28 -0.37
CA PRO A 677 36.92 -24.36 0.60
C PRO A 677 37.98 -23.98 1.63
N LEU A 678 37.90 -24.63 2.79
CA LEU A 678 38.86 -24.39 3.86
C LEU A 678 39.99 -25.41 3.69
N VAL A 679 41.24 -24.96 3.61
CA VAL A 679 42.35 -25.87 3.42
C VAL A 679 43.26 -25.98 4.62
N SER A 680 43.51 -27.21 5.05
CA SER A 680 44.40 -27.44 6.19
C SER A 680 45.13 -28.78 6.15
N SER A 681 46.07 -28.95 7.06
CA SER A 681 46.88 -30.18 7.18
C SER A 681 46.53 -30.90 8.48
N ILE A 682 46.10 -32.15 8.36
CA ILE A 682 45.73 -32.93 9.53
C ILE A 682 46.82 -32.91 10.61
N HIS A 683 48.04 -33.33 10.28
CA HIS A 683 49.07 -33.38 11.30
C HIS A 683 49.40 -32.04 11.94
N GLU A 684 49.40 -30.95 11.17
CA GLU A 684 49.72 -29.68 11.80
C GLU A 684 48.58 -29.24 12.72
N GLU A 685 47.35 -29.54 12.35
CA GLU A 685 46.22 -29.18 13.19
C GLU A 685 46.25 -30.05 14.45
N PHE A 686 46.49 -31.34 14.25
CA PHE A 686 46.57 -32.27 15.37
C PHE A 686 47.62 -31.84 16.41
N LEU A 687 48.80 -31.43 15.95
CA LEU A 687 49.82 -30.99 16.88
C LEU A 687 49.31 -29.75 17.57
N GLN A 688 48.68 -28.88 16.80
CA GLN A 688 48.13 -27.63 17.35
C GLN A 688 47.08 -27.93 18.41
N MET A 689 46.11 -28.78 18.05
CA MET A 689 45.03 -29.15 18.97
C MET A 689 45.55 -29.84 20.24
N TYR A 690 46.53 -30.71 20.09
CA TYR A 690 47.08 -31.40 21.24
C TYR A 690 47.65 -30.38 22.22
N ASP A 691 48.56 -29.53 21.72
CA ASP A 691 49.21 -28.54 22.56
C ASP A 691 48.21 -27.66 23.32
N GLU A 692 47.10 -27.31 22.65
CA GLU A 692 46.10 -26.49 23.30
C GLU A 692 45.37 -27.27 24.39
N ALA A 693 44.94 -28.50 24.08
CA ALA A 693 44.26 -29.34 25.07
C ALA A 693 45.16 -29.50 26.29
N TRP A 694 46.44 -29.75 26.03
CA TRP A 694 47.40 -29.89 27.08
C TRP A 694 47.56 -28.58 27.83
N LYS A 695 47.63 -27.46 27.12
CA LYS A 695 47.78 -26.16 27.77
C LYS A 695 46.59 -25.76 28.62
N LEU A 696 45.39 -26.09 28.15
CA LEU A 696 44.17 -25.80 28.90
C LEU A 696 44.09 -26.64 30.18
N ALA A 697 44.45 -27.90 30.07
CA ALA A 697 44.40 -28.81 31.20
C ALA A 697 45.28 -28.29 32.32
N ARG A 698 46.40 -27.67 31.96
CA ARG A 698 47.31 -27.15 32.95
C ARG A 698 46.86 -25.79 33.47
N ASP A 699 46.46 -24.92 32.55
CA ASP A 699 46.03 -23.59 32.93
C ASP A 699 44.70 -23.54 33.69
N ASN A 700 43.89 -24.57 33.58
CA ASN A 700 42.61 -24.53 34.27
C ASN A 700 42.44 -25.50 35.44
N TYR A 701 43.41 -26.37 35.68
CA TYR A 701 43.33 -27.31 36.79
C TYR A 701 43.12 -26.53 38.09
N TRP A 702 42.21 -27.00 38.93
CA TRP A 702 41.92 -26.30 40.16
C TRP A 702 43.15 -26.04 41.03
N ASN A 703 44.04 -27.01 41.13
CA ASN A 703 45.23 -26.84 41.95
C ASN A 703 46.44 -26.44 41.11
N GLU A 704 46.75 -25.14 41.13
CA GLU A 704 47.87 -24.56 40.39
C GLU A 704 49.20 -25.24 40.62
N ALA A 705 49.48 -25.56 41.88
CA ALA A 705 50.72 -26.22 42.24
C ALA A 705 50.91 -27.53 41.46
N VAL A 706 49.98 -28.46 41.64
CA VAL A 706 50.04 -29.76 40.98
C VAL A 706 50.16 -29.67 39.47
N ALA A 707 49.53 -28.65 38.89
CA ALA A 707 49.54 -28.46 37.44
C ALA A 707 50.94 -28.41 36.84
N LYS A 708 51.78 -27.52 37.38
CA LYS A 708 53.16 -27.35 36.91
C LYS A 708 53.88 -28.70 36.80
N GLU A 709 53.71 -29.57 37.79
CA GLU A 709 54.34 -30.88 37.80
C GLU A 709 53.67 -31.86 36.86
N ILE A 710 52.35 -32.01 36.98
CA ILE A 710 51.58 -32.93 36.13
C ILE A 710 51.74 -32.63 34.63
N SER A 711 51.58 -31.36 34.27
CA SER A 711 51.69 -30.97 32.88
C SER A 711 53.04 -31.33 32.29
N GLU A 712 54.11 -30.79 32.89
CA GLU A 712 55.45 -31.04 32.40
C GLU A 712 55.88 -32.50 32.38
N ARG A 713 55.23 -33.30 33.21
CA ARG A 713 55.55 -34.72 33.26
C ARG A 713 54.86 -35.59 32.20
N ILE A 714 53.73 -35.14 31.69
CA ILE A 714 53.00 -35.93 30.72
C ILE A 714 53.08 -35.40 29.30
N TYR A 715 53.46 -34.14 29.13
CA TYR A 715 53.52 -33.55 27.81
C TYR A 715 54.20 -34.36 26.71
N GLU A 716 55.50 -34.57 26.86
CA GLU A 716 56.27 -35.30 25.86
C GLU A 716 55.73 -36.69 25.58
N LYS A 717 55.49 -37.48 26.63
CA LYS A 717 54.97 -38.83 26.48
C LYS A 717 53.79 -38.96 25.51
N TYR A 718 52.79 -38.09 25.66
CA TYR A 718 51.62 -38.16 24.83
C TYR A 718 51.75 -37.41 23.52
N ARG A 719 52.67 -36.46 23.45
CA ARG A 719 52.88 -35.71 22.22
C ARG A 719 53.48 -36.62 21.14
N ASN A 720 54.27 -37.61 21.57
CA ASN A 720 54.91 -38.52 20.63
C ASN A 720 53.93 -39.45 19.96
N LEU A 721 52.68 -39.46 20.40
CA LEU A 721 51.68 -40.34 19.79
C LEU A 721 50.85 -39.57 18.76
N VAL A 722 50.87 -38.25 18.86
CA VAL A 722 50.10 -37.44 17.95
C VAL A 722 50.34 -37.80 16.49
N PRO A 723 51.61 -37.88 16.07
CA PRO A 723 51.96 -38.24 14.68
C PRO A 723 51.47 -39.63 14.22
N LEU A 724 51.01 -40.45 15.17
CA LEU A 724 50.49 -41.76 14.81
C LEU A 724 49.02 -41.62 14.56
N CYS A 725 48.45 -40.46 14.93
CA CYS A 725 47.02 -40.19 14.74
C CYS A 725 46.72 -39.75 13.33
N LYS A 726 45.85 -40.49 12.66
CA LYS A 726 45.48 -40.12 11.29
C LYS A 726 44.02 -39.62 11.23
N THR A 727 43.22 -40.01 12.21
CA THR A 727 41.83 -39.59 12.29
C THR A 727 41.55 -38.80 13.55
N ARG A 728 40.39 -38.16 13.59
CA ARG A 728 40.01 -37.35 14.74
C ARG A 728 39.92 -38.19 15.98
N TYR A 729 39.29 -39.35 15.82
CA TYR A 729 39.11 -40.31 16.89
C TYR A 729 40.51 -40.71 17.40
N ASP A 730 41.46 -40.93 16.52
CA ASP A 730 42.80 -41.28 16.99
C ASP A 730 43.26 -40.21 17.98
N LEU A 731 43.25 -38.96 17.52
CA LEU A 731 43.70 -37.82 18.32
C LEU A 731 43.00 -37.80 19.66
N SER A 732 41.70 -38.13 19.62
CA SER A 732 40.90 -38.17 20.82
C SER A 732 41.49 -39.17 21.81
N ASN A 733 41.82 -40.38 21.33
CA ASN A 733 42.40 -41.41 22.19
C ASN A 733 43.63 -40.91 22.91
N VAL A 734 44.47 -40.17 22.19
CA VAL A 734 45.66 -39.64 22.81
C VAL A 734 45.31 -38.54 23.81
N ILE A 735 44.54 -37.55 23.38
CA ILE A 735 44.17 -36.45 24.28
C ILE A 735 43.48 -36.88 25.59
N VAL A 736 42.52 -37.77 25.48
CA VAL A 736 41.81 -38.22 26.67
C VAL A 736 42.78 -38.91 27.65
N GLU A 737 43.68 -39.74 27.13
CA GLU A 737 44.65 -40.43 28.00
C GLU A 737 45.52 -39.42 28.76
N MET A 738 45.88 -38.31 28.11
CA MET A 738 46.70 -37.30 28.77
C MET A 738 45.85 -36.52 29.76
N GLN A 739 44.55 -36.41 29.50
CA GLN A 739 43.68 -35.71 30.47
C GLN A 739 43.56 -36.59 31.74
N GLY A 740 43.50 -37.90 31.56
CA GLY A 740 43.38 -38.79 32.69
C GLY A 740 44.53 -38.67 33.66
N GLU A 741 45.66 -38.17 33.16
CA GLU A 741 46.87 -37.98 33.97
C GLU A 741 46.64 -37.04 35.15
N TYR A 742 45.62 -36.19 35.09
CA TYR A 742 45.36 -35.30 36.21
C TYR A 742 44.63 -36.04 37.32
N ARG A 743 44.38 -37.33 37.12
CA ARG A 743 43.72 -38.15 38.13
C ARG A 743 42.59 -37.43 38.83
N THR A 744 41.74 -36.75 38.07
CA THR A 744 40.63 -36.01 38.65
C THR A 744 39.37 -36.19 37.82
N SER A 745 38.23 -35.83 38.40
CA SER A 745 36.99 -35.93 37.71
C SER A 745 36.85 -34.78 36.70
N HIS A 746 35.71 -34.76 36.01
CA HIS A 746 35.38 -33.71 35.06
C HIS A 746 36.36 -33.30 33.96
N SER A 747 37.16 -34.25 33.46
CA SER A 747 38.08 -33.94 32.35
C SER A 747 37.44 -34.58 31.15
N TYR A 748 36.50 -33.86 30.55
CA TYR A 748 35.77 -34.40 29.40
C TYR A 748 36.17 -33.81 28.05
N GLU A 749 35.64 -34.44 27.00
CA GLU A 749 35.88 -34.00 25.63
C GLU A 749 34.54 -34.17 24.91
N MET A 750 33.98 -33.06 24.46
CA MET A 750 32.68 -33.05 23.79
C MET A 750 32.77 -32.25 22.49
N GLY A 751 31.90 -32.55 21.54
CA GLY A 751 31.91 -31.81 20.28
C GLY A 751 33.02 -32.24 19.34
N GLY A 752 33.22 -31.46 18.28
CA GLY A 752 34.23 -31.80 17.30
C GLY A 752 33.64 -32.66 16.20
N THR A 753 34.38 -32.77 15.09
CA THR A 753 33.95 -33.56 13.95
C THR A 753 34.77 -34.84 13.81
N PHE A 754 34.14 -35.99 14.05
CA PHE A 754 34.83 -37.26 13.95
C PHE A 754 34.48 -38.01 12.67
N THR A 755 33.31 -37.73 12.12
CA THR A 755 32.88 -38.43 10.91
C THR A 755 31.88 -37.64 10.08
N ASP A 756 31.80 -37.95 8.79
CA ASP A 756 30.88 -37.25 7.94
C ASP A 756 29.63 -38.11 7.80
N LYS A 757 29.53 -39.15 8.62
CA LYS A 757 28.37 -40.03 8.56
C LYS A 757 27.19 -39.45 9.33
N ASP A 758 25.99 -39.61 8.80
CA ASP A 758 24.81 -39.11 9.49
C ASP A 758 24.50 -39.99 10.70
N PRO A 759 24.01 -39.39 11.78
CA PRO A 759 23.69 -40.14 12.99
C PRO A 759 22.67 -41.26 12.76
N PHE A 760 22.87 -42.38 13.45
CA PHE A 760 21.96 -43.50 13.37
C PHE A 760 20.57 -43.04 13.80
N ARG A 761 19.53 -43.55 13.15
CA ARG A 761 18.16 -43.17 13.48
C ARG A 761 17.44 -44.34 14.12
N SER A 762 16.44 -44.05 14.94
CA SER A 762 15.68 -45.09 15.59
C SER A 762 14.20 -44.71 15.66
N GLY A 763 13.31 -45.61 15.22
CA GLY A 763 11.90 -45.32 15.24
C GLY A 763 11.27 -45.76 16.54
N ARG A 764 10.69 -44.84 17.29
CA ARG A 764 10.07 -45.20 18.57
C ARG A 764 8.61 -44.77 18.76
N ILE A 765 7.80 -45.64 19.37
CA ILE A 765 6.42 -45.29 19.67
C ILE A 765 6.13 -45.64 21.12
N ALA A 766 7.17 -45.57 21.94
CA ALA A 766 7.03 -45.82 23.37
C ALA A 766 6.40 -47.18 23.67
N CYS A 767 6.92 -48.22 23.06
CA CYS A 767 6.39 -49.57 23.29
C CYS A 767 7.52 -50.60 23.32
N ASP A 768 7.24 -51.71 24.00
CA ASP A 768 8.21 -52.81 24.05
C ASP A 768 7.64 -53.94 23.22
N PHE A 769 8.45 -54.46 22.30
CA PHE A 769 8.00 -55.53 21.44
C PHE A 769 8.59 -56.86 21.81
N LYS A 770 7.74 -57.89 21.70
CA LYS A 770 8.13 -59.26 22.00
C LYS A 770 7.72 -60.14 20.83
N LEU A 771 8.70 -60.81 20.21
CA LEU A 771 8.41 -61.67 19.09
C LEU A 771 7.79 -62.97 19.59
N ASP A 772 6.50 -63.11 19.38
CA ASP A 772 5.84 -64.33 19.81
C ASP A 772 5.31 -65.07 18.59
N GLY A 773 5.91 -66.20 18.27
CA GLY A 773 5.47 -66.93 17.11
C GLY A 773 5.97 -66.22 15.88
N ASP A 774 5.05 -65.78 15.01
CA ASP A 774 5.44 -65.08 13.78
C ASP A 774 4.88 -63.67 13.74
N HIS A 775 4.50 -63.18 14.92
CA HIS A 775 3.94 -61.85 15.04
C HIS A 775 4.59 -61.13 16.23
N TYR A 776 4.78 -59.82 16.09
CA TYR A 776 5.33 -59.04 17.18
C TYR A 776 4.15 -58.63 18.04
N VAL A 777 4.30 -58.74 19.36
CA VAL A 777 3.22 -58.31 20.24
C VAL A 777 3.72 -57.14 21.08
N VAL A 778 2.79 -56.30 21.50
CA VAL A 778 3.12 -55.16 22.34
C VAL A 778 3.20 -55.66 23.77
N ALA A 779 4.42 -55.83 24.25
CA ALA A 779 4.69 -56.33 25.59
C ALA A 779 4.42 -55.26 26.65
N LYS A 780 4.75 -54.00 26.34
CA LYS A 780 4.55 -52.90 27.27
C LYS A 780 4.28 -51.58 26.56
N ALA A 781 3.37 -50.79 27.10
CA ALA A 781 3.00 -49.48 26.54
C ALA A 781 3.28 -48.38 27.55
N TYR A 782 4.35 -47.61 27.37
CA TYR A 782 4.70 -46.57 28.34
C TYR A 782 3.84 -45.31 28.40
N ALA A 783 3.61 -44.84 29.62
CA ALA A 783 2.83 -43.64 29.89
C ALA A 783 3.08 -43.17 31.34
N GLY A 784 3.22 -41.87 31.49
CA GLY A 784 3.43 -41.26 32.79
C GLY A 784 2.17 -40.49 33.08
N ASP A 785 2.20 -39.16 32.99
CA ASP A 785 0.99 -38.38 33.22
C ASP A 785 0.30 -38.18 31.88
N TYR A 786 -0.78 -38.93 31.64
CA TYR A 786 -1.51 -38.83 30.37
C TYR A 786 -1.83 -37.38 29.89
N SER A 787 -2.08 -36.49 30.84
CA SER A 787 -2.43 -35.12 30.52
C SER A 787 -1.24 -34.23 30.20
N ASN A 788 -0.05 -34.72 30.48
CA ASN A 788 1.14 -33.96 30.18
C ASN A 788 1.47 -34.15 28.73
N GLU A 789 2.45 -33.40 28.25
CA GLU A 789 2.88 -33.53 26.87
C GLU A 789 4.07 -34.47 26.76
N GLY A 790 4.13 -35.19 25.63
CA GLY A 790 5.22 -36.12 25.40
C GLY A 790 5.50 -37.09 26.53
N GLU A 791 4.46 -37.69 27.10
CA GLU A 791 4.65 -38.64 28.19
C GLU A 791 3.90 -39.96 27.97
N LYS A 792 3.69 -40.36 26.72
CA LYS A 792 2.98 -41.61 26.50
C LYS A 792 3.09 -42.05 25.06
N SER A 793 2.90 -43.35 24.83
CA SER A 793 2.99 -43.84 23.46
C SER A 793 2.02 -43.08 22.60
N PRO A 794 2.50 -42.54 21.47
CA PRO A 794 1.61 -41.80 20.57
C PRO A 794 0.35 -42.57 20.19
N ILE A 795 0.34 -43.88 20.39
CA ILE A 795 -0.86 -44.63 20.05
C ILE A 795 -2.04 -44.22 20.95
N PHE A 796 -1.77 -43.98 22.25
CA PHE A 796 -2.84 -43.60 23.18
C PHE A 796 -3.79 -42.48 22.69
N GLU A 797 -3.30 -41.56 21.86
CA GLU A 797 -4.13 -40.48 21.36
C GLU A 797 -5.35 -40.95 20.58
N TYR A 798 -5.35 -42.22 20.20
CA TYR A 798 -6.49 -42.78 19.47
C TYR A 798 -7.46 -43.51 20.39
N GLY A 799 -7.29 -43.28 21.68
CA GLY A 799 -8.18 -43.89 22.66
C GLY A 799 -8.12 -45.39 22.84
N ILE A 800 -6.91 -45.93 22.95
CA ILE A 800 -6.74 -47.36 23.16
C ILE A 800 -5.35 -47.63 23.69
N ASP A 801 -5.24 -48.61 24.59
CA ASP A 801 -3.95 -48.99 25.14
C ASP A 801 -3.46 -50.14 24.26
N PRO A 802 -2.39 -49.92 23.49
CA PRO A 802 -1.81 -50.94 22.60
C PRO A 802 -1.29 -52.19 23.29
N THR A 803 -1.15 -52.17 24.61
CA THR A 803 -0.67 -53.33 25.32
C THR A 803 -1.41 -54.60 24.93
N GLY A 804 -0.66 -55.68 24.78
CA GLY A 804 -1.24 -56.95 24.41
C GLY A 804 -1.59 -57.09 22.95
N TYR A 805 -1.72 -55.98 22.24
CA TYR A 805 -2.07 -56.01 20.83
C TYR A 805 -0.96 -56.60 19.93
N LEU A 806 -1.36 -57.09 18.76
CA LEU A 806 -0.41 -57.64 17.81
C LEU A 806 -0.21 -56.65 16.70
N ILE A 807 1.03 -56.52 16.25
CA ILE A 807 1.32 -55.60 15.19
C ILE A 807 1.41 -56.38 13.91
N GLU A 808 0.41 -56.19 13.05
CA GLU A 808 0.36 -56.87 11.76
C GLU A 808 1.39 -56.27 10.82
N ASP A 809 1.10 -55.07 10.31
CA ASP A 809 2.00 -54.40 9.39
C ASP A 809 2.13 -52.89 9.65
N ILE A 810 3.18 -52.29 9.10
CA ILE A 810 3.43 -50.87 9.27
C ILE A 810 3.66 -50.30 7.89
N ASP A 811 2.89 -49.27 7.53
CA ASP A 811 2.98 -48.65 6.21
C ASP A 811 2.81 -49.69 5.09
N GLY A 812 1.85 -50.59 5.28
CA GLY A 812 1.56 -51.61 4.30
C GLY A 812 2.55 -52.75 4.28
N GLU A 813 3.69 -52.58 4.93
CA GLU A 813 4.70 -53.64 4.98
C GLU A 813 4.49 -54.49 6.22
N THR A 814 4.50 -55.80 6.03
CA THR A 814 4.30 -56.76 7.11
C THR A 814 5.55 -56.88 7.97
N VAL A 815 5.37 -56.95 9.28
CA VAL A 815 6.48 -57.12 10.21
C VAL A 815 6.19 -58.35 11.08
N GLY A 816 7.25 -59.08 11.42
CA GLY A 816 7.08 -60.27 12.21
C GLY A 816 8.30 -61.18 12.12
N ALA A 817 8.07 -62.50 12.21
CA ALA A 817 9.17 -63.46 12.15
C ALA A 817 10.16 -63.21 11.02
N GLY A 818 9.72 -62.50 9.99
CA GLY A 818 10.61 -62.22 8.88
C GLY A 818 11.07 -60.79 8.79
N SER A 819 10.17 -59.85 9.04
CA SER A 819 10.53 -58.45 8.93
C SER A 819 10.88 -57.77 10.27
N ASN A 820 12.12 -57.31 10.38
CA ASN A 820 12.58 -56.64 11.58
C ASN A 820 11.78 -55.35 11.82
N ILE A 821 10.93 -55.35 12.84
CA ILE A 821 10.11 -54.18 13.17
C ILE A 821 10.91 -52.94 13.47
N TYR A 822 12.06 -53.13 14.13
CA TYR A 822 12.94 -52.03 14.50
C TYR A 822 13.46 -51.29 13.27
N ARG A 823 14.02 -52.04 12.32
CA ARG A 823 14.50 -51.42 11.11
C ARG A 823 13.36 -50.65 10.43
N VAL A 824 12.22 -51.31 10.30
CA VAL A 824 11.09 -50.66 9.69
C VAL A 824 10.81 -49.35 10.43
N LEU A 825 10.61 -49.42 11.74
CA LEU A 825 10.32 -48.24 12.50
C LEU A 825 11.39 -47.19 12.28
N SER A 826 12.63 -47.63 12.27
CA SER A 826 13.76 -46.71 12.09
C SER A 826 13.60 -45.94 10.81
N GLU A 827 13.11 -46.62 9.78
CA GLU A 827 12.91 -46.04 8.46
C GLU A 827 11.71 -45.09 8.33
N LYS A 828 10.94 -44.97 9.39
CA LYS A 828 9.76 -44.10 9.35
C LYS A 828 9.93 -43.00 10.38
N ALA A 829 11.01 -43.10 11.15
CA ALA A 829 11.29 -42.13 12.19
C ALA A 829 11.07 -40.71 11.73
N GLY A 830 10.27 -39.97 12.47
CA GLY A 830 10.05 -38.58 12.12
C GLY A 830 8.87 -38.32 11.22
N THR A 831 8.03 -39.33 11.02
CA THR A 831 6.83 -39.19 10.18
C THR A 831 5.74 -40.05 10.75
N SER A 832 4.56 -39.96 10.16
CA SER A 832 3.44 -40.78 10.63
C SER A 832 3.21 -41.89 9.65
N ALA A 833 3.12 -43.11 10.17
CA ALA A 833 2.90 -44.25 9.30
C ALA A 833 1.66 -45.01 9.71
N ARG A 834 1.06 -45.69 8.74
CA ARG A 834 -0.14 -46.47 9.01
C ARG A 834 0.27 -47.75 9.72
N ILE A 835 -0.38 -48.05 10.84
CA ILE A 835 -0.08 -49.26 11.60
C ILE A 835 -1.32 -50.10 11.83
N ARG A 836 -1.34 -51.31 11.29
CA ARG A 836 -2.48 -52.21 11.45
C ARG A 836 -2.28 -52.95 12.78
N LEU A 837 -3.25 -52.86 13.70
CA LEU A 837 -3.15 -53.53 14.99
C LEU A 837 -4.26 -54.55 15.16
N SER A 838 -4.02 -55.53 16.03
CA SER A 838 -5.00 -56.57 16.31
C SER A 838 -5.05 -56.91 17.78
N GLY A 839 -6.18 -56.62 18.42
CA GLY A 839 -6.33 -56.92 19.83
C GLY A 839 -7.07 -58.22 20.07
N LYS A 840 -7.61 -58.38 21.27
CA LYS A 840 -8.36 -59.59 21.62
C LYS A 840 -9.64 -59.65 20.77
N GLY A 841 -9.96 -60.84 20.31
CA GLY A 841 -11.14 -61.03 19.48
C GLY A 841 -10.88 -60.55 18.06
N GLY A 842 -11.83 -59.78 17.53
CA GLY A 842 -11.67 -59.25 16.18
C GLY A 842 -11.38 -57.76 16.21
N ASP A 843 -10.78 -57.31 17.31
CA ASP A 843 -10.44 -55.89 17.47
C ASP A 843 -9.33 -55.50 16.47
N LYS A 844 -9.73 -54.95 15.33
CA LYS A 844 -8.80 -54.54 14.29
C LYS A 844 -8.69 -53.02 14.26
N ARG A 845 -7.46 -52.50 14.30
CA ARG A 845 -7.22 -51.07 14.27
C ARG A 845 -6.31 -50.68 13.14
N ASP A 846 -6.56 -49.50 12.59
CA ASP A 846 -5.75 -48.99 11.50
C ASP A 846 -5.55 -47.51 11.79
N LEU A 847 -4.40 -47.18 12.37
CA LEU A 847 -4.09 -45.81 12.77
C LEU A 847 -2.84 -45.17 12.15
N MET A 848 -2.83 -43.84 12.09
CA MET A 848 -1.70 -43.10 11.56
C MET A 848 -0.90 -42.63 12.78
N ILE A 849 0.01 -43.49 13.22
CA ILE A 849 0.83 -43.23 14.39
C ILE A 849 2.04 -42.40 14.09
N ASP A 850 2.40 -41.54 15.02
CA ASP A 850 3.58 -40.72 14.86
C ASP A 850 4.79 -41.56 15.27
N ILE A 851 5.76 -41.71 14.39
CA ILE A 851 6.93 -42.48 14.75
C ILE A 851 7.97 -41.52 15.30
N LEU A 852 8.17 -41.57 16.61
CA LEU A 852 9.11 -40.67 17.27
C LEU A 852 10.57 -40.99 17.03
N ASP A 853 11.41 -39.96 17.10
CA ASP A 853 12.84 -40.14 16.92
C ASP A 853 13.46 -40.63 18.23
N ASP A 854 12.76 -40.39 19.35
CA ASP A 854 13.26 -40.79 20.66
C ASP A 854 12.12 -40.93 21.69
N ASP A 855 12.23 -41.85 22.62
CA ASP A 855 11.17 -41.99 23.62
C ASP A 855 11.70 -42.22 25.05
N ARG A 856 12.89 -41.69 25.31
CA ARG A 856 13.54 -41.81 26.60
C ARG A 856 12.73 -41.10 27.68
N PHE A 857 12.38 -39.84 27.41
CA PHE A 857 11.64 -39.08 28.39
C PHE A 857 10.34 -39.82 28.72
N ILE A 858 9.67 -40.34 27.71
CA ILE A 858 8.46 -41.05 28.01
C ILE A 858 8.78 -42.21 28.94
N ARG A 859 9.76 -43.03 28.58
CA ARG A 859 10.11 -44.14 29.46
C ARG A 859 10.39 -43.64 30.88
N TYR A 860 11.15 -42.56 30.99
CA TYR A 860 11.50 -41.96 32.27
C TYR A 860 10.26 -41.59 33.09
N ARG A 861 9.40 -40.75 32.52
CA ARG A 861 8.19 -40.34 33.25
C ARG A 861 7.30 -41.53 33.66
N SER A 862 7.23 -42.51 32.79
CA SER A 862 6.48 -43.73 33.06
C SER A 862 7.05 -44.39 34.34
N TRP A 863 8.37 -44.50 34.38
CA TRP A 863 9.10 -45.09 35.50
C TRP A 863 8.83 -44.33 36.80
N VAL A 864 8.88 -43.01 36.74
CA VAL A 864 8.62 -42.21 37.92
C VAL A 864 7.21 -42.45 38.39
N GLU A 865 6.24 -42.28 37.51
CA GLU A 865 4.85 -42.47 37.87
C GLU A 865 4.59 -43.88 38.39
N ALA A 866 5.37 -44.84 37.89
CA ALA A 866 5.25 -46.23 38.35
C ALA A 866 5.69 -46.28 39.82
N ASN A 867 6.91 -45.80 40.11
CA ASN A 867 7.40 -45.79 41.47
C ASN A 867 6.49 -45.01 42.41
N ARG A 868 5.91 -43.93 41.88
CA ARG A 868 5.00 -43.11 42.65
C ARG A 868 3.82 -43.99 43.07
N ARG A 869 3.22 -44.70 42.12
CA ARG A 869 2.10 -45.57 42.46
C ARG A 869 2.50 -46.62 43.47
N TYR A 870 3.63 -47.28 43.22
CA TYR A 870 4.12 -48.31 44.10
C TYR A 870 4.22 -47.79 45.55
N VAL A 871 4.91 -46.67 45.72
CA VAL A 871 5.10 -46.08 47.04
C VAL A 871 3.78 -45.73 47.71
N HIS A 872 2.85 -45.19 46.94
CA HIS A 872 1.57 -44.85 47.54
C HIS A 872 0.90 -46.13 48.06
N GLU A 873 0.80 -47.15 47.21
CA GLU A 873 0.14 -48.39 47.56
C GLU A 873 0.75 -49.14 48.71
N ARG A 874 2.06 -49.32 48.68
CA ARG A 874 2.73 -50.06 49.73
C ARG A 874 2.70 -49.33 51.08
N SER A 875 2.77 -48.00 51.06
CA SER A 875 2.75 -47.23 52.31
C SER A 875 1.33 -46.96 52.75
N LYS A 876 0.38 -47.62 52.10
CA LYS A 876 -1.02 -47.44 52.46
C LYS A 876 -1.40 -45.96 52.34
N GLY A 877 -0.84 -45.27 51.35
CA GLY A 877 -1.14 -43.87 51.13
C GLY A 877 -0.59 -42.91 52.18
N THR A 878 0.54 -43.26 52.79
CA THR A 878 1.10 -42.41 53.83
C THR A 878 2.46 -41.84 53.47
N ILE A 879 2.96 -42.22 52.31
CA ILE A 879 4.27 -41.74 51.86
C ILE A 879 4.26 -41.20 50.42
N GLY A 880 4.93 -40.06 50.23
CA GLY A 880 5.02 -39.46 48.92
C GLY A 880 6.31 -39.87 48.24
N TYR A 881 6.40 -39.61 46.94
CA TYR A 881 7.59 -39.96 46.17
C TYR A 881 7.94 -38.89 45.16
N ILE A 882 9.23 -38.64 45.00
CA ILE A 882 9.71 -37.63 44.07
C ILE A 882 11.02 -38.16 43.54
N HIS A 883 11.38 -37.78 42.33
CA HIS A 883 12.64 -38.23 41.79
C HIS A 883 13.35 -37.13 41.01
N ILE A 884 14.63 -36.93 41.33
CA ILE A 884 15.39 -35.89 40.67
C ILE A 884 16.38 -36.51 39.68
N PRO A 885 16.05 -36.45 38.38
CA PRO A 885 16.89 -36.99 37.32
C PRO A 885 18.28 -36.32 37.24
N ASP A 886 18.38 -35.03 37.53
CA ASP A 886 19.67 -34.36 37.55
C ASP A 886 19.55 -33.05 38.32
N MET A 887 20.62 -32.25 38.33
CA MET A 887 20.54 -30.99 39.05
C MET A 887 20.63 -29.81 38.12
N GLY A 888 20.00 -29.94 36.96
CA GLY A 888 19.96 -28.88 35.95
C GLY A 888 18.53 -28.42 35.73
N MET A 889 18.20 -27.96 34.52
CA MET A 889 16.84 -27.54 34.27
C MET A 889 15.84 -28.70 34.36
N MET A 890 16.22 -29.89 33.89
CA MET A 890 15.28 -30.99 33.98
C MET A 890 15.01 -31.36 35.44
N GLY A 891 16.04 -31.28 36.27
CA GLY A 891 15.88 -31.60 37.68
C GLY A 891 14.85 -30.67 38.30
N LEU A 892 14.99 -29.38 38.01
CA LEU A 892 14.05 -28.39 38.50
C LEU A 892 12.63 -28.76 38.05
N ASN A 893 12.46 -29.12 36.78
CA ASN A 893 11.14 -29.50 36.31
C ASN A 893 10.57 -30.71 37.03
N GLU A 894 11.33 -31.80 37.07
CA GLU A 894 10.86 -33.01 37.70
C GLU A 894 10.64 -32.89 39.18
N PHE A 895 11.51 -32.13 39.83
CA PHE A 895 11.35 -31.98 41.26
C PHE A 895 10.03 -31.24 41.58
N TYR A 896 9.81 -30.07 40.99
CA TYR A 896 8.59 -29.40 41.29
C TYR A 896 7.37 -30.10 40.71
N ARG A 897 7.55 -30.84 39.61
CA ARG A 897 6.42 -31.53 39.01
C ARG A 897 5.72 -32.41 39.99
N LEU A 898 6.47 -33.00 40.92
CA LEU A 898 5.88 -33.88 41.94
C LEU A 898 5.84 -33.26 43.30
N PHE A 899 6.85 -32.48 43.62
CA PHE A 899 6.89 -31.87 44.93
C PHE A 899 5.56 -31.22 45.31
N ILE A 900 4.91 -30.59 44.35
CA ILE A 900 3.65 -29.92 44.62
C ILE A 900 2.50 -30.86 44.95
N ASN A 901 2.70 -32.17 44.81
CA ASN A 901 1.62 -33.12 45.11
C ASN A 901 2.00 -34.19 46.08
N GLU A 902 3.29 -34.31 46.36
CA GLU A 902 3.79 -35.35 47.23
C GLU A 902 4.35 -34.86 48.54
N SER A 903 4.50 -33.55 48.64
CA SER A 903 5.11 -32.97 49.82
C SER A 903 4.31 -33.05 51.11
N SER A 904 3.00 -33.23 50.99
CA SER A 904 2.13 -33.25 52.17
C SER A 904 1.68 -34.61 52.71
N TYR A 905 2.49 -35.64 52.49
CA TYR A 905 2.17 -36.94 53.02
C TYR A 905 2.89 -37.06 54.33
N GLN A 906 2.56 -38.09 55.10
CA GLN A 906 3.22 -38.33 56.38
C GLN A 906 4.71 -38.49 56.15
N GLY A 907 5.08 -39.12 55.04
CA GLY A 907 6.48 -39.31 54.72
C GLY A 907 6.81 -38.98 53.27
N LEU A 908 8.09 -38.79 52.99
CA LEU A 908 8.50 -38.47 51.64
C LEU A 908 9.80 -39.16 51.26
N ILE A 909 9.86 -39.70 50.05
CA ILE A 909 11.09 -40.33 49.59
C ILE A 909 11.62 -39.42 48.49
N VAL A 910 12.83 -38.92 48.70
CA VAL A 910 13.44 -38.10 47.69
C VAL A 910 14.46 -39.04 47.03
N ASP A 911 14.08 -39.57 45.87
CA ASP A 911 14.94 -40.51 45.13
C ASP A 911 15.90 -39.75 44.21
N VAL A 912 17.21 -39.83 44.44
CA VAL A 912 18.12 -39.13 43.56
C VAL A 912 19.06 -40.05 42.80
N ARG A 913 18.67 -41.31 42.64
CA ARG A 913 19.48 -42.28 41.92
C ARG A 913 19.65 -41.87 40.46
N PHE A 914 20.85 -42.08 39.92
CA PHE A 914 21.14 -41.71 38.53
C PHE A 914 21.16 -40.20 38.33
N ASN A 915 21.25 -39.44 39.41
CA ASN A 915 21.23 -37.99 39.25
C ASN A 915 22.52 -37.46 38.62
N GLY A 916 22.44 -37.02 37.37
CA GLY A 916 23.61 -36.55 36.68
C GLY A 916 24.25 -35.23 37.11
N GLY A 917 23.76 -34.63 38.20
CA GLY A 917 24.32 -33.38 38.65
C GLY A 917 23.82 -32.14 37.92
N GLY A 918 24.55 -31.05 38.08
CA GLY A 918 24.21 -29.75 37.50
C GLY A 918 24.67 -28.69 38.48
N PHE A 919 23.73 -27.93 39.05
CA PHE A 919 24.12 -26.90 40.02
C PHE A 919 22.95 -26.36 40.87
N VAL A 920 21.78 -26.99 40.79
CA VAL A 920 20.63 -26.50 41.57
C VAL A 920 20.32 -27.28 42.85
N SER A 921 21.24 -28.15 43.29
CA SER A 921 21.04 -28.95 44.49
C SER A 921 20.72 -28.06 45.65
N GLN A 922 21.45 -26.97 45.75
CA GLN A 922 21.22 -26.02 46.85
C GLN A 922 19.79 -25.51 46.83
N LEU A 923 19.22 -25.31 45.64
CA LEU A 923 17.85 -24.83 45.58
C LEU A 923 16.91 -25.91 46.08
N ILE A 924 17.25 -27.17 45.81
CA ILE A 924 16.42 -28.30 46.25
C ILE A 924 16.53 -28.53 47.76
N ILE A 925 17.76 -28.49 48.29
CA ILE A 925 17.97 -28.68 49.71
C ILE A 925 17.15 -27.59 50.45
N GLU A 926 17.21 -26.37 49.93
CA GLU A 926 16.50 -25.23 50.51
C GLU A 926 15.02 -25.53 50.76
N LYS A 927 14.35 -26.14 49.79
CA LYS A 927 12.95 -26.49 49.98
C LYS A 927 12.79 -27.59 51.01
N LEU A 928 13.57 -28.65 50.89
CA LEU A 928 13.47 -29.76 51.80
C LEU A 928 13.83 -29.31 53.21
N MET A 929 14.61 -28.23 53.31
CA MET A 929 15.04 -27.69 54.61
C MET A 929 13.92 -27.06 55.41
N ASN A 930 13.01 -26.43 54.70
CA ASN A 930 11.87 -25.75 55.31
C ASN A 930 11.12 -26.58 56.33
N LYS A 931 10.89 -25.99 57.50
CA LYS A 931 10.18 -26.69 58.57
C LYS A 931 8.77 -26.10 58.74
N ARG A 932 7.77 -26.96 58.68
CA ARG A 932 6.37 -26.56 58.81
C ARG A 932 6.07 -26.20 60.28
N ILE A 933 5.78 -24.92 60.52
CA ILE A 933 5.54 -24.47 61.89
C ILE A 933 4.21 -23.83 62.12
N GLY A 934 3.37 -23.83 61.10
CA GLY A 934 2.04 -23.24 61.27
C GLY A 934 1.06 -23.58 60.16
N TYR A 935 -0.17 -23.13 60.34
CA TYR A 935 -1.21 -23.38 59.36
C TYR A 935 -2.13 -22.19 59.25
N ASP A 936 -2.87 -22.14 58.16
CA ASP A 936 -3.80 -21.07 57.88
C ASP A 936 -5.22 -21.64 57.93
N ASN A 937 -6.09 -21.04 58.75
CA ASN A 937 -7.45 -21.50 58.85
C ASN A 937 -8.46 -20.64 58.17
N PRO A 938 -8.96 -21.12 57.05
CA PRO A 938 -9.96 -20.34 56.30
C PRO A 938 -11.37 -20.67 56.75
N ARG A 939 -12.25 -19.66 56.65
CA ARG A 939 -13.64 -19.84 57.02
C ARG A 939 -14.15 -21.03 56.22
N ARG A 940 -13.87 -21.04 54.92
CA ARG A 940 -14.29 -22.12 54.06
C ARG A 940 -13.08 -22.62 53.27
N GLY A 941 -12.86 -23.92 53.34
CA GLY A 941 -11.73 -24.52 52.64
C GLY A 941 -10.92 -25.37 53.58
N THR A 942 -9.76 -25.81 53.11
CA THR A 942 -8.89 -26.65 53.91
C THR A 942 -7.66 -25.90 54.41
N LEU A 943 -6.99 -26.48 55.38
CA LEU A 943 -5.79 -25.91 55.96
C LEU A 943 -4.74 -25.62 54.90
N SER A 944 -3.99 -24.57 55.16
CA SER A 944 -2.92 -24.22 54.26
C SER A 944 -1.63 -24.19 55.09
N PRO A 945 -0.68 -25.10 54.81
CA PRO A 945 0.59 -25.14 55.56
C PRO A 945 1.53 -23.95 55.37
N TYR A 946 2.26 -23.64 56.44
CA TYR A 946 3.24 -22.53 56.49
C TYR A 946 4.62 -23.05 56.97
N PRO A 947 5.65 -23.01 56.11
CA PRO A 947 5.58 -22.47 54.75
C PRO A 947 4.82 -23.43 53.81
N THR A 948 4.52 -22.91 52.63
CA THR A 948 3.80 -23.63 51.59
C THR A 948 4.72 -24.71 51.03
N ASN A 949 5.96 -24.36 50.78
CA ASN A 949 6.92 -25.31 50.25
C ASN A 949 7.63 -26.04 51.38
N SER A 950 6.85 -26.62 52.28
CA SER A 950 7.40 -27.36 53.40
C SER A 950 7.01 -28.81 53.35
N VAL A 951 7.97 -29.69 53.64
CA VAL A 951 7.63 -31.11 53.67
C VAL A 951 6.84 -31.29 54.97
N ARG A 952 5.75 -32.07 54.90
CA ARG A 952 4.91 -32.31 56.07
C ARG A 952 5.55 -33.18 57.15
N GLY A 953 6.17 -34.28 56.76
CA GLY A 953 6.76 -35.17 57.73
C GLY A 953 8.20 -35.59 57.53
N LYS A 954 8.46 -36.89 57.73
CA LYS A 954 9.78 -37.49 57.60
C LYS A 954 10.22 -37.70 56.14
N ILE A 955 11.50 -37.42 55.88
CA ILE A 955 12.05 -37.58 54.55
C ILE A 955 13.19 -38.60 54.51
N ILE A 956 13.23 -39.39 53.45
CA ILE A 956 14.28 -40.37 53.28
C ILE A 956 14.84 -40.21 51.85
N ALA A 957 16.17 -40.25 51.73
CA ALA A 957 16.79 -40.10 50.44
C ALA A 957 17.40 -41.40 49.92
N ILE A 958 17.13 -41.70 48.65
CA ILE A 958 17.67 -42.89 48.02
C ILE A 958 18.69 -42.41 47.00
N THR A 959 19.84 -43.07 46.95
CA THR A 959 20.91 -42.68 46.01
C THR A 959 21.75 -43.90 45.62
N ASN A 960 22.36 -43.87 44.44
CA ASN A 960 23.23 -44.96 44.05
C ASN A 960 24.53 -44.43 43.49
N GLU A 961 25.33 -45.33 42.92
CA GLU A 961 26.62 -45.00 42.36
C GLU A 961 26.51 -44.20 41.05
N TYR A 962 25.30 -43.88 40.63
CA TYR A 962 25.12 -43.16 39.38
C TYR A 962 24.73 -41.69 39.59
N ALA A 963 24.83 -41.23 40.84
CA ALA A 963 24.52 -39.83 41.14
C ALA A 963 25.88 -39.19 41.41
N GLY A 964 26.19 -38.13 40.69
CA GLY A 964 27.47 -37.45 40.85
C GLY A 964 27.44 -35.94 40.66
N SER A 965 28.62 -35.34 40.87
CA SER A 965 28.79 -33.89 40.83
C SER A 965 27.80 -33.20 41.76
N ASP A 966 26.89 -32.41 41.25
CA ASP A 966 25.94 -31.82 42.17
C ASP A 966 25.10 -32.94 42.82
N GLY A 967 25.19 -34.13 42.21
CA GLY A 967 24.50 -35.30 42.74
C GLY A 967 25.22 -35.72 44.00
N ASP A 968 26.56 -35.69 43.94
CA ASP A 968 27.40 -35.99 45.09
C ASP A 968 27.12 -34.91 46.14
N ILE A 969 27.17 -33.64 45.72
CA ILE A 969 26.95 -32.52 46.63
C ILE A 969 25.66 -32.72 47.41
N PHE A 970 24.56 -32.94 46.68
CA PHE A 970 23.24 -33.12 47.28
C PHE A 970 23.27 -34.22 48.33
N SER A 971 23.75 -35.40 47.94
CA SER A 971 23.81 -36.55 48.85
C SER A 971 24.54 -36.22 50.13
N PHE A 972 25.72 -35.61 50.00
CA PHE A 972 26.52 -35.24 51.16
C PHE A 972 25.79 -34.23 52.04
N SER A 973 25.18 -33.24 51.39
CA SER A 973 24.47 -32.18 52.07
C SER A 973 23.24 -32.71 52.82
N PHE A 974 22.51 -33.61 52.17
CA PHE A 974 21.33 -34.19 52.80
C PHE A 974 21.75 -34.83 54.13
N LYS A 975 22.88 -35.52 54.14
CA LYS A 975 23.34 -36.13 55.36
C LYS A 975 23.78 -35.10 56.40
N LYS A 976 24.73 -34.27 56.01
CA LYS A 976 25.29 -33.23 56.86
C LYS A 976 24.21 -32.39 57.58
N LEU A 977 23.20 -31.94 56.82
CA LEU A 977 22.13 -31.14 57.39
C LEU A 977 21.13 -32.00 58.14
N GLY A 978 21.35 -33.31 58.10
CA GLY A 978 20.46 -34.24 58.80
C GLY A 978 19.00 -34.15 58.44
N LEU A 979 18.69 -34.02 57.15
CA LEU A 979 17.31 -33.92 56.71
C LEU A 979 16.59 -35.28 56.83
N GLY A 980 17.38 -36.34 56.90
CA GLY A 980 16.81 -37.68 56.98
C GLY A 980 17.92 -38.68 56.71
N LYS A 981 17.55 -39.95 56.60
CA LYS A 981 18.54 -41.00 56.35
C LYS A 981 18.83 -41.13 54.85
N LEU A 982 20.09 -41.44 54.52
CA LEU A 982 20.53 -41.61 53.13
C LEU A 982 20.65 -43.13 52.92
N ILE A 983 19.90 -43.64 51.94
CA ILE A 983 19.86 -45.06 51.60
C ILE A 983 20.40 -45.31 50.22
N GLY A 984 21.02 -46.47 50.00
CA GLY A 984 21.55 -46.78 48.67
C GLY A 984 22.96 -47.34 48.64
N THR A 985 23.79 -46.77 47.77
CA THR A 985 25.19 -47.18 47.60
C THR A 985 26.04 -45.94 47.40
N ARG A 986 27.31 -46.00 47.79
CA ARG A 986 28.22 -44.84 47.64
C ARG A 986 28.07 -44.23 46.24
N THR A 987 28.04 -42.91 46.18
CA THR A 987 27.89 -42.20 44.93
C THR A 987 29.15 -42.07 44.06
N TRP A 988 28.99 -41.49 42.88
CA TRP A 988 30.07 -41.30 41.91
C TRP A 988 31.40 -40.83 42.43
N GLY A 989 31.41 -39.67 43.06
CA GLY A 989 32.67 -39.14 43.61
C GLY A 989 33.46 -38.13 42.78
N GLY A 990 32.77 -37.26 42.04
CA GLY A 990 33.45 -36.28 41.24
C GLY A 990 32.85 -34.95 41.57
N VAL A 991 33.59 -34.12 42.28
CA VAL A 991 33.05 -32.82 42.63
C VAL A 991 34.02 -31.66 42.36
N VAL A 992 34.52 -31.58 41.14
CA VAL A 992 35.39 -30.48 40.80
C VAL A 992 34.77 -29.84 39.57
N GLY A 993 33.95 -28.82 39.81
CA GLY A 993 33.28 -28.11 38.74
C GLY A 993 34.06 -27.66 37.52
N ILE A 994 33.32 -27.53 36.41
CA ILE A 994 33.89 -27.12 35.14
C ILE A 994 33.05 -26.11 34.40
N THR A 995 33.71 -25.12 33.85
CA THR A 995 33.05 -24.08 33.03
C THR A 995 33.96 -23.76 31.87
N PRO A 996 33.84 -24.52 30.78
CA PRO A 996 34.67 -24.29 29.60
C PRO A 996 34.47 -22.92 28.99
N LYS A 997 35.52 -22.35 28.39
CA LYS A 997 35.39 -21.03 27.79
C LYS A 997 36.18 -20.91 26.52
N ARG A 998 36.73 -22.03 26.08
CA ARG A 998 37.49 -22.03 24.85
C ARG A 998 37.31 -23.36 24.10
N ARG A 999 37.25 -23.30 22.77
CA ARG A 999 37.04 -24.48 21.94
C ARG A 999 38.26 -24.78 21.09
N LEU A 1000 38.26 -25.95 20.46
CA LEU A 1000 39.38 -26.31 19.60
C LEU A 1000 39.00 -25.89 18.18
N ILE A 1001 40.00 -25.61 17.33
CA ILE A 1001 39.73 -25.19 15.97
C ILE A 1001 38.69 -26.05 15.23
N ASP A 1002 38.49 -27.29 15.68
CA ASP A 1002 37.55 -28.19 15.03
C ASP A 1002 36.21 -28.17 15.75
N GLY A 1003 36.11 -27.24 16.70
CA GLY A 1003 34.91 -27.06 17.47
C GLY A 1003 34.89 -27.87 18.74
N THR A 1004 35.85 -28.76 18.91
CA THR A 1004 35.84 -29.59 20.11
C THR A 1004 35.77 -28.73 21.39
N VAL A 1005 35.00 -29.21 22.35
CA VAL A 1005 34.90 -28.52 23.62
C VAL A 1005 35.49 -29.40 24.71
N LEU A 1006 36.69 -29.04 25.14
CA LEU A 1006 37.33 -29.82 26.18
C LEU A 1006 36.89 -29.24 27.53
N THR A 1007 36.93 -30.03 28.61
CA THR A 1007 36.58 -29.50 29.92
C THR A 1007 37.75 -29.76 30.85
N GLN A 1008 37.96 -28.86 31.81
CA GLN A 1008 39.03 -29.05 32.77
C GLN A 1008 38.50 -28.82 34.19
N PRO A 1009 38.77 -29.75 35.11
CA PRO A 1009 38.30 -29.61 36.50
C PRO A 1009 38.92 -28.35 37.12
N GLU A 1010 38.18 -27.25 37.04
CA GLU A 1010 38.62 -25.93 37.49
C GLU A 1010 38.02 -25.44 38.81
N PHE A 1011 36.92 -26.04 39.24
CA PHE A 1011 36.29 -25.57 40.46
C PHE A 1011 36.14 -26.66 41.52
N ALA A 1012 37.11 -26.67 42.43
CA ALA A 1012 37.18 -27.65 43.50
C ALA A 1012 36.21 -27.37 44.63
N PHE A 1013 35.32 -28.32 44.86
CA PHE A 1013 34.31 -28.16 45.92
C PHE A 1013 34.84 -28.55 47.30
N TRP A 1014 34.78 -27.60 48.22
CA TRP A 1014 35.27 -27.81 49.55
C TRP A 1014 34.13 -27.88 50.54
N PHE A 1015 33.99 -29.02 51.18
CA PHE A 1015 32.95 -29.21 52.17
C PHE A 1015 33.56 -28.94 53.52
N ARG A 1016 32.76 -28.38 54.42
CA ARG A 1016 33.23 -28.10 55.76
C ARG A 1016 33.33 -29.44 56.51
N ASP A 1017 34.43 -29.64 57.24
CA ASP A 1017 34.65 -30.87 58.00
C ASP A 1017 34.86 -32.09 57.11
N ALA A 1018 35.29 -31.87 55.87
CA ALA A 1018 35.53 -32.97 54.95
C ALA A 1018 36.47 -32.53 53.82
N GLY A 1019 36.77 -31.24 53.77
CA GLY A 1019 37.65 -30.72 52.74
C GLY A 1019 37.20 -31.13 51.35
N PHE A 1020 38.14 -31.65 50.55
CA PHE A 1020 37.80 -32.07 49.21
C PHE A 1020 37.60 -33.58 49.19
N GLY A 1021 37.57 -34.15 50.38
CA GLY A 1021 37.41 -35.58 50.56
C GLY A 1021 36.41 -36.28 49.65
N VAL A 1022 35.32 -35.62 49.29
CA VAL A 1022 34.32 -36.24 48.45
C VAL A 1022 34.87 -36.57 47.06
N GLU A 1023 35.76 -35.73 46.55
CA GLU A 1023 36.36 -35.98 45.23
C GLU A 1023 37.11 -37.29 45.24
N ASN A 1024 36.84 -38.08 44.21
CA ASN A 1024 37.43 -39.42 44.03
C ASN A 1024 37.00 -40.40 45.13
N TYR A 1025 35.80 -40.20 45.66
CA TYR A 1025 35.30 -41.10 46.68
C TYR A 1025 33.78 -41.19 46.67
N GLY A 1026 33.13 -40.02 46.70
CA GLY A 1026 31.68 -40.00 46.70
C GLY A 1026 31.09 -39.88 48.09
N VAL A 1027 29.82 -40.23 48.24
CA VAL A 1027 29.15 -40.15 49.52
C VAL A 1027 28.63 -41.50 49.98
N ASP A 1028 28.91 -41.84 51.23
CA ASP A 1028 28.44 -43.10 51.82
C ASP A 1028 27.06 -42.90 52.40
N PRO A 1029 26.13 -43.80 52.08
CA PRO A 1029 24.77 -43.71 52.60
C PRO A 1029 24.72 -44.28 54.01
N ASP A 1030 23.87 -43.68 54.85
CA ASP A 1030 23.74 -44.15 56.23
C ASP A 1030 23.52 -45.64 56.26
N VAL A 1031 22.69 -46.12 55.35
CA VAL A 1031 22.38 -47.54 55.27
C VAL A 1031 22.66 -48.04 53.87
N GLU A 1032 23.62 -48.93 53.73
CA GLU A 1032 23.95 -49.43 52.41
C GLU A 1032 22.97 -50.52 51.99
N ILE A 1033 22.50 -50.44 50.76
CA ILE A 1033 21.61 -51.44 50.22
C ILE A 1033 22.02 -51.66 48.78
N GLU A 1034 22.69 -52.80 48.55
CA GLU A 1034 23.11 -53.17 47.20
C GLU A 1034 21.85 -53.51 46.41
N TYR A 1035 22.02 -53.68 45.11
CA TYR A 1035 20.96 -54.05 44.20
C TYR A 1035 21.60 -55.15 43.35
N ALA A 1036 21.73 -56.35 43.92
CA ALA A 1036 22.37 -57.47 43.25
C ALA A 1036 21.65 -57.95 41.99
N PRO A 1037 22.35 -58.70 41.12
CA PRO A 1037 21.76 -59.22 39.88
C PRO A 1037 20.51 -60.06 40.15
N HIS A 1038 20.47 -60.74 41.29
CA HIS A 1038 19.31 -61.57 41.61
C HIS A 1038 18.11 -60.75 42.04
N ASP A 1039 18.36 -59.51 42.48
CA ASP A 1039 17.27 -58.61 42.87
C ASP A 1039 16.57 -58.19 41.60
N TYR A 1040 17.31 -58.07 40.52
CA TYR A 1040 16.67 -57.69 39.26
C TYR A 1040 15.91 -58.91 38.71
N LEU A 1041 16.45 -60.11 38.92
CA LEU A 1041 15.79 -61.33 38.44
C LEU A 1041 14.43 -61.50 39.13
N SER A 1042 14.36 -61.13 40.41
CA SER A 1042 13.14 -61.25 41.16
C SER A 1042 12.20 -60.10 40.82
N GLY A 1043 12.73 -59.05 40.23
CA GLY A 1043 11.89 -57.94 39.87
C GLY A 1043 11.52 -57.08 41.05
N LYS A 1044 12.40 -57.02 42.05
CA LYS A 1044 12.15 -56.21 43.23
C LYS A 1044 13.19 -55.09 43.32
N ASP A 1045 12.77 -53.91 43.78
CA ASP A 1045 13.70 -52.78 43.95
C ASP A 1045 14.02 -52.77 45.45
N PRO A 1046 15.14 -53.39 45.85
CA PRO A 1046 15.50 -53.43 47.27
C PRO A 1046 15.72 -52.06 47.89
N GLN A 1047 16.19 -51.11 47.09
CA GLN A 1047 16.43 -49.77 47.60
C GLN A 1047 15.15 -49.00 47.89
N ILE A 1048 14.22 -48.98 46.94
CA ILE A 1048 12.98 -48.28 47.18
C ILE A 1048 12.21 -49.00 48.28
N ASP A 1049 12.28 -50.32 48.32
CA ASP A 1049 11.57 -51.09 49.34
C ASP A 1049 12.10 -50.79 50.73
N TYR A 1050 13.41 -50.72 50.88
CA TYR A 1050 13.97 -50.41 52.19
C TYR A 1050 13.47 -49.04 52.61
N ALA A 1051 13.56 -48.09 51.69
CA ALA A 1051 13.11 -46.70 51.91
C ALA A 1051 11.67 -46.65 52.45
N ILE A 1052 10.75 -47.35 51.77
CA ILE A 1052 9.34 -47.40 52.18
C ILE A 1052 9.24 -47.97 53.60
N ASP A 1053 9.74 -49.19 53.76
CA ASP A 1053 9.68 -49.88 55.03
C ASP A 1053 10.30 -49.06 56.15
N ALA A 1054 11.48 -48.52 55.89
CA ALA A 1054 12.17 -47.70 56.88
C ALA A 1054 11.31 -46.53 57.35
N LEU A 1055 10.66 -45.88 56.39
CA LEU A 1055 9.79 -44.74 56.69
C LEU A 1055 8.53 -45.14 57.42
N ILE A 1056 7.98 -46.29 57.06
CA ILE A 1056 6.78 -46.76 57.72
C ILE A 1056 7.12 -46.94 59.21
N GLU A 1057 8.28 -47.52 59.50
CA GLU A 1057 8.70 -47.72 60.88
C GLU A 1057 8.86 -46.36 61.59
N GLU A 1058 9.39 -45.35 60.90
CA GLU A 1058 9.57 -44.03 61.52
C GLU A 1058 8.26 -43.30 61.71
N LEU A 1059 7.22 -43.79 61.04
CA LEU A 1059 5.90 -43.18 61.12
C LEU A 1059 4.98 -43.92 62.07
N ARG A 1060 5.54 -44.41 63.16
CA ARG A 1060 4.76 -45.13 64.16
C ARG A 1060 4.57 -44.22 65.37
N ASN A 1061 5.55 -43.35 65.60
CA ASN A 1061 5.52 -42.41 66.72
C ASN A 1061 4.29 -41.51 66.63
N MET B 39 -35.93 13.26 60.24
CA MET B 39 -34.70 12.59 60.74
C MET B 39 -33.49 13.52 61.07
N PRO B 40 -32.72 13.14 62.10
CA PRO B 40 -31.54 13.91 62.53
C PRO B 40 -30.29 13.55 61.74
N ASN B 41 -29.17 14.17 62.09
CA ASN B 41 -27.89 13.91 61.43
C ASN B 41 -26.97 13.06 62.30
N LEU B 42 -25.78 12.79 61.78
CA LEU B 42 -24.80 12.02 62.52
C LEU B 42 -23.71 13.02 62.86
N LEU B 43 -23.61 13.41 64.12
CA LEU B 43 -22.61 14.38 64.52
C LEU B 43 -21.41 13.65 65.07
N LEU B 44 -20.23 14.22 64.91
CA LEU B 44 -19.05 13.59 65.43
C LEU B 44 -17.84 14.47 65.53
N ASN B 45 -16.81 13.96 66.22
CA ASN B 45 -15.52 14.61 66.42
C ASN B 45 -15.61 16.06 66.84
N PRO B 46 -16.10 16.31 68.05
CA PRO B 46 -16.24 17.69 68.56
C PRO B 46 -15.05 18.30 69.28
N ASP B 47 -15.15 19.59 69.52
CA ASP B 47 -14.13 20.32 70.26
C ASP B 47 -14.88 21.43 70.98
N ILE B 48 -14.36 21.80 72.14
CA ILE B 48 -14.98 22.80 72.96
C ILE B 48 -14.04 23.93 73.36
N HIS B 49 -14.66 25.07 73.63
CA HIS B 49 -13.97 26.25 74.05
C HIS B 49 -14.99 27.16 74.72
N GLY B 50 -15.16 26.95 76.02
CA GLY B 50 -16.12 27.75 76.76
C GLY B 50 -17.50 27.23 76.50
N ASP B 51 -18.35 28.05 75.89
CA ASP B 51 -19.72 27.65 75.58
C ASP B 51 -19.90 27.33 74.11
N ARG B 52 -18.86 27.58 73.31
CA ARG B 52 -18.92 27.29 71.89
C ARG B 52 -18.45 25.85 71.67
N ILE B 53 -19.10 25.14 70.75
CA ILE B 53 -18.74 23.75 70.47
C ILE B 53 -18.73 23.49 68.96
N ILE B 54 -17.58 23.18 68.41
CA ILE B 54 -17.50 22.89 66.99
C ILE B 54 -17.51 21.38 66.79
N PHE B 55 -18.12 20.92 65.70
CA PHE B 55 -18.18 19.48 65.41
C PHE B 55 -18.39 19.25 63.93
N VAL B 56 -18.33 18.00 63.51
CA VAL B 56 -18.53 17.68 62.09
C VAL B 56 -19.92 17.11 61.78
N CYS B 57 -20.52 17.58 60.69
CA CYS B 57 -21.84 17.12 60.24
C CYS B 57 -21.88 17.19 58.71
N CYS B 58 -22.22 16.09 58.06
CA CYS B 58 -22.25 16.03 56.62
C CYS B 58 -20.89 16.50 56.07
N ASP B 59 -19.81 15.98 56.64
CA ASP B 59 -18.46 16.32 56.20
C ASP B 59 -18.06 17.78 56.35
N ASP B 60 -18.97 18.62 56.80
CA ASP B 60 -18.64 20.03 56.98
C ASP B 60 -18.45 20.38 58.46
N LEU B 61 -17.88 21.56 58.73
CA LEU B 61 -17.62 22.02 60.10
C LEU B 61 -18.71 22.94 60.64
N TRP B 62 -19.28 22.58 61.79
CA TRP B 62 -20.35 23.40 62.36
C TRP B 62 -19.96 23.89 63.75
N GLU B 63 -20.66 24.93 64.20
CA GLU B 63 -20.43 25.51 65.51
C GLU B 63 -21.76 25.66 66.22
N HIS B 64 -21.77 25.32 67.50
CA HIS B 64 -22.98 25.42 68.29
C HIS B 64 -22.69 26.17 69.58
N ASP B 65 -23.60 27.08 69.95
CA ASP B 65 -23.48 27.89 71.16
C ASP B 65 -24.35 27.30 72.26
N LEU B 66 -23.72 26.81 73.31
CA LEU B 66 -24.44 26.22 74.41
C LEU B 66 -25.41 27.21 75.03
N LYS B 67 -25.01 28.47 75.08
CA LYS B 67 -25.86 29.49 75.65
C LYS B 67 -27.13 29.67 74.82
N SER B 68 -27.01 30.29 73.66
CA SER B 68 -28.16 30.55 72.78
C SER B 68 -28.83 29.29 72.24
N GLY B 69 -28.05 28.26 71.97
CA GLY B 69 -28.62 27.04 71.43
C GLY B 69 -28.68 27.04 69.91
N SER B 70 -28.01 28.01 69.27
CA SER B 70 -27.99 28.11 67.83
C SER B 70 -26.79 27.37 67.21
N THR B 71 -27.04 26.74 66.06
CA THR B 71 -26.03 26.00 65.35
C THR B 71 -25.87 26.56 63.93
N ARG B 72 -24.64 26.59 63.43
CA ARG B 72 -24.39 27.10 62.11
C ARG B 72 -23.16 26.46 61.46
N LYS B 73 -23.19 26.33 60.14
CA LYS B 73 -22.05 25.76 59.43
C LYS B 73 -21.01 26.88 59.21
N ILE B 74 -19.79 26.71 59.74
CA ILE B 74 -18.76 27.73 59.62
C ILE B 74 -17.78 27.53 58.47
N VAL B 75 -17.75 26.33 57.91
CA VAL B 75 -16.87 26.07 56.77
C VAL B 75 -17.35 24.85 55.98
N SER B 76 -17.39 25.01 54.67
CA SER B 76 -17.83 23.93 53.81
C SER B 76 -17.16 23.93 52.43
N ASN B 77 -17.47 22.89 51.66
CA ASN B 77 -16.94 22.75 50.32
C ASN B 77 -15.43 22.76 50.26
N LEU B 78 -14.81 22.20 51.29
CA LEU B 78 -13.36 22.12 51.37
C LEU B 78 -12.94 20.68 51.13
N GLY B 79 -13.91 19.77 51.26
CA GLY B 79 -13.67 18.35 51.08
C GLY B 79 -14.24 17.66 52.30
N VAL B 80 -13.62 16.59 52.75
CA VAL B 80 -14.16 15.93 53.92
C VAL B 80 -13.33 16.24 55.18
N ILE B 81 -13.96 16.94 56.11
CA ILE B 81 -13.40 17.36 57.38
C ILE B 81 -13.73 16.30 58.45
N ASN B 82 -12.69 15.84 59.15
CA ASN B 82 -12.83 14.84 60.20
C ASN B 82 -12.29 15.34 61.54
N ASN B 83 -11.54 16.43 61.52
CA ASN B 83 -10.98 16.95 62.75
C ASN B 83 -10.87 18.45 62.73
N ALA B 84 -11.30 19.07 63.81
CA ALA B 84 -11.23 20.51 63.94
C ALA B 84 -10.80 20.78 65.38
N ARG B 85 -9.78 21.61 65.53
CA ARG B 85 -9.29 21.93 66.83
C ARG B 85 -9.21 23.42 67.06
N PHE B 86 -9.78 23.83 68.20
CA PHE B 86 -9.78 25.21 68.67
C PHE B 86 -8.39 25.59 69.14
N PHE B 87 -7.95 26.79 68.77
CA PHE B 87 -6.64 27.29 69.20
C PHE B 87 -6.87 27.74 70.64
N PRO B 88 -5.81 28.19 71.33
CA PRO B 88 -5.93 28.65 72.72
C PRO B 88 -6.90 29.82 72.83
N ASP B 89 -6.67 30.90 72.06
CA ASP B 89 -7.56 32.06 72.14
C ASP B 89 -8.99 31.76 71.69
N GLY B 90 -9.27 30.53 71.27
CA GLY B 90 -10.61 30.18 70.82
C GLY B 90 -11.05 30.94 69.57
N ARG B 91 -10.10 31.63 68.94
CA ARG B 91 -10.39 32.41 67.73
C ARG B 91 -10.18 31.59 66.44
N LYS B 92 -8.94 31.20 66.16
CA LYS B 92 -8.66 30.41 64.96
C LYS B 92 -8.98 28.95 65.19
N ILE B 93 -9.02 28.19 64.11
CA ILE B 93 -9.30 26.77 64.17
C ILE B 93 -8.46 26.02 63.14
N ALA B 94 -7.72 25.03 63.62
CA ALA B 94 -6.91 24.18 62.75
C ALA B 94 -7.87 23.08 62.29
N ILE B 95 -7.90 22.85 60.98
CA ILE B 95 -8.78 21.86 60.40
C ILE B 95 -8.05 20.86 59.53
N ARG B 96 -8.51 19.62 59.58
CA ARG B 96 -7.95 18.57 58.75
C ARG B 96 -9.00 18.22 57.70
N VAL B 97 -8.60 18.24 56.43
CA VAL B 97 -9.52 17.90 55.37
C VAL B 97 -8.89 16.88 54.45
N MET B 98 -9.72 15.93 54.02
CA MET B 98 -9.32 14.87 53.11
C MET B 98 -9.87 15.11 51.69
N ARG B 99 -9.06 14.81 50.67
CA ARG B 99 -9.43 14.96 49.25
C ARG B 99 -9.07 13.71 48.42
N GLY B 100 -9.53 13.67 47.17
CA GLY B 100 -9.30 12.49 46.35
C GLY B 100 -10.52 11.57 46.55
N SER B 101 -10.94 10.93 45.47
CA SER B 101 -12.10 10.06 45.52
C SER B 101 -12.23 9.16 46.73
N SER B 102 -11.14 8.54 47.14
CA SER B 102 -11.16 7.65 48.30
C SER B 102 -10.53 8.27 49.55
N LEU B 103 -10.37 9.59 49.54
CA LEU B 103 -9.79 10.30 50.67
C LEU B 103 -8.41 9.74 50.96
N ASN B 104 -7.60 9.63 49.91
CA ASN B 104 -6.23 9.12 50.05
C ASN B 104 -5.27 10.26 50.41
N THR B 105 -5.71 11.50 50.24
CA THR B 105 -4.84 12.62 50.54
C THR B 105 -5.43 13.54 51.60
N ALA B 106 -4.57 14.26 52.30
CA ALA B 106 -5.04 15.19 53.33
C ALA B 106 -4.08 16.35 53.54
N ASP B 107 -4.62 17.45 54.06
CA ASP B 107 -3.83 18.61 54.36
C ASP B 107 -4.60 19.47 55.39
N LEU B 108 -3.91 20.43 56.00
CA LEU B 108 -4.50 21.26 57.04
C LEU B 108 -4.81 22.69 56.64
N TYR B 109 -5.94 23.19 57.15
CA TYR B 109 -6.41 24.55 56.90
C TYR B 109 -6.68 25.31 58.20
N PHE B 110 -6.59 26.64 58.14
CA PHE B 110 -6.87 27.53 59.27
C PHE B 110 -8.14 28.29 59.02
N TYR B 111 -9.00 28.34 60.02
CA TYR B 111 -10.24 29.09 59.92
C TYR B 111 -10.20 30.20 60.96
N ASN B 112 -10.61 31.40 60.59
CA ASN B 112 -10.60 32.50 61.52
C ASN B 112 -12.02 33.01 61.65
N GLY B 113 -12.64 32.69 62.78
CA GLY B 113 -14.01 33.12 63.00
C GLY B 113 -14.18 34.63 63.12
N GLU B 114 -13.07 35.35 63.09
CA GLU B 114 -13.12 36.79 63.21
C GLU B 114 -13.54 37.44 61.90
N ASN B 115 -12.95 37.00 60.80
CA ASN B 115 -13.24 37.55 59.47
C ASN B 115 -13.75 36.49 58.48
N GLY B 116 -13.95 35.27 58.99
CA GLY B 116 -14.43 34.19 58.15
C GLY B 116 -13.40 33.75 57.12
N GLU B 117 -12.15 34.10 57.39
CA GLU B 117 -11.05 33.76 56.50
C GLU B 117 -10.67 32.31 56.57
N ILE B 118 -10.39 31.72 55.42
CA ILE B 118 -9.99 30.32 55.36
C ILE B 118 -8.67 30.28 54.63
N LYS B 119 -7.76 29.39 55.06
CA LYS B 119 -6.45 29.32 54.42
C LYS B 119 -5.76 27.97 54.61
N ARG B 120 -5.16 27.47 53.54
CA ARG B 120 -4.45 26.20 53.57
C ARG B 120 -3.07 26.42 54.18
N ILE B 121 -2.69 25.55 55.13
CA ILE B 121 -1.42 25.68 55.84
C ILE B 121 -0.33 24.70 55.41
N THR B 122 -0.73 23.46 55.10
CA THR B 122 0.21 22.44 54.66
C THR B 122 -0.04 22.01 53.22
N TYR B 123 1.04 21.72 52.50
CA TYR B 123 0.95 21.27 51.11
C TYR B 123 1.81 20.00 51.05
N PHE B 124 1.64 19.16 52.05
CA PHE B 124 2.38 17.93 52.16
C PHE B 124 1.70 16.84 51.40
N SER B 125 0.39 16.98 51.25
CA SER B 125 -0.44 15.98 50.57
C SER B 125 -0.23 14.65 51.32
N GLY B 126 -0.31 14.74 52.64
CA GLY B 126 -0.13 13.56 53.48
C GLY B 126 -1.01 12.40 53.04
N LYS B 127 -0.45 11.20 53.02
CA LYS B 127 -1.23 10.06 52.60
C LYS B 127 -2.06 9.58 53.80
N SER B 128 -3.30 9.18 53.55
CA SER B 128 -4.16 8.70 54.63
C SER B 128 -5.10 7.60 54.19
N THR B 129 -5.56 6.83 55.15
CA THR B 129 -6.49 5.73 54.91
C THR B 129 -7.54 5.83 56.02
N GLY B 130 -8.52 4.94 56.01
CA GLY B 130 -9.54 4.98 57.04
C GLY B 130 -9.04 4.83 58.46
N ARG B 131 -8.16 3.86 58.71
CA ARG B 131 -7.64 3.65 60.05
C ARG B 131 -6.37 4.43 60.41
N ARG B 132 -5.75 5.07 59.43
CA ARG B 132 -4.54 5.87 59.67
C ARG B 132 -4.68 7.23 59.03
N MET B 133 -5.59 8.03 59.58
CA MET B 133 -5.83 9.38 59.09
C MET B 133 -4.73 10.29 59.59
N PHE B 134 -3.53 10.07 59.06
CA PHE B 134 -2.36 10.84 59.46
C PHE B 134 -2.33 12.29 58.95
N THR B 135 -1.32 13.04 59.40
CA THR B 135 -1.19 14.45 59.04
C THR B 135 -2.41 15.15 59.62
N ASP B 136 -2.31 15.42 60.91
CA ASP B 136 -3.38 16.01 61.69
C ASP B 136 -2.82 16.94 62.78
N VAL B 137 -3.72 17.52 63.56
CA VAL B 137 -3.31 18.38 64.65
C VAL B 137 -2.84 17.49 65.80
N ALA B 138 -1.69 17.84 66.38
CA ALA B 138 -1.18 17.06 67.52
C ALA B 138 -1.53 17.74 68.86
N GLY B 139 -1.45 19.07 68.87
CA GLY B 139 -1.75 19.83 70.07
C GLY B 139 -1.21 21.24 69.95
N PHE B 140 -1.15 21.97 71.07
CA PHE B 140 -0.63 23.33 71.07
C PHE B 140 0.39 23.59 72.15
N ASP B 141 1.51 24.19 71.78
CA ASP B 141 2.56 24.46 72.77
C ASP B 141 2.11 25.59 73.69
N PRO B 142 2.86 25.81 74.77
CA PRO B 142 2.54 26.87 75.72
C PRO B 142 2.39 28.28 75.07
N ASP B 143 3.18 28.59 74.05
CA ASP B 143 3.08 29.87 73.39
C ASP B 143 1.83 29.97 72.52
N GLY B 144 1.05 28.90 72.47
CA GLY B 144 -0.16 28.92 71.65
C GLY B 144 0.07 28.54 70.20
N ASN B 145 1.20 27.93 69.90
CA ASN B 145 1.47 27.54 68.54
C ASN B 145 0.99 26.15 68.26
N LEU B 146 0.53 25.95 67.03
CA LEU B 146 0.02 24.67 66.60
C LEU B 146 1.18 23.71 66.42
N ILE B 147 0.98 22.49 66.91
CA ILE B 147 1.97 21.43 66.74
C ILE B 147 1.23 20.33 65.95
N ILE B 148 1.75 20.02 64.76
CA ILE B 148 1.12 19.00 63.95
C ILE B 148 1.90 17.70 63.95
N SER B 149 1.21 16.64 63.53
CA SER B 149 1.80 15.33 63.42
C SER B 149 1.63 14.84 61.98
N THR B 150 2.74 14.66 61.29
CA THR B 150 2.69 14.19 59.92
C THR B 150 3.88 13.32 59.60
N ASP B 151 3.72 12.48 58.58
CA ASP B 151 4.75 11.58 58.10
C ASP B 151 5.15 12.00 56.68
N ALA B 152 4.63 13.15 56.25
CA ALA B 152 4.90 13.66 54.91
C ALA B 152 6.36 13.64 54.55
N MET B 153 7.23 14.02 55.48
CA MET B 153 8.65 13.98 55.16
C MET B 153 9.40 12.83 55.79
N GLN B 154 8.72 11.72 55.94
CA GLN B 154 9.34 10.56 56.52
C GLN B 154 9.30 9.36 55.60
N PRO B 155 10.19 8.40 55.86
CA PRO B 155 10.26 7.18 55.05
C PRO B 155 9.06 6.27 55.30
N PHE B 156 8.58 6.19 56.54
CA PHE B 156 7.44 5.33 56.82
C PHE B 156 6.21 6.10 57.26
N SER B 157 5.03 5.64 56.85
CA SER B 157 3.81 6.35 57.21
C SER B 157 3.63 6.39 58.72
N SER B 158 3.95 5.28 59.40
CA SER B 158 3.81 5.20 60.86
C SER B 158 4.66 6.24 61.58
N MET B 159 5.65 6.79 60.90
CA MET B 159 6.51 7.81 61.53
C MET B 159 5.85 9.18 61.51
N THR B 160 4.69 9.29 62.16
CA THR B 160 3.99 10.57 62.20
C THR B 160 4.70 11.47 63.20
N CYS B 161 5.77 12.12 62.74
CA CYS B 161 6.58 12.98 63.58
C CYS B 161 5.99 14.36 63.93
N LEU B 162 6.36 14.92 65.09
CA LEU B 162 5.81 16.21 65.53
C LEU B 162 6.56 17.42 65.02
N TYR B 163 5.79 18.41 64.57
CA TYR B 163 6.34 19.64 64.02
C TYR B 163 5.58 20.85 64.54
N ARG B 164 6.29 21.96 64.69
CA ARG B 164 5.66 23.19 65.13
C ARG B 164 5.42 24.07 63.91
N VAL B 165 4.17 24.43 63.66
CA VAL B 165 3.81 25.24 62.50
C VAL B 165 4.22 26.68 62.71
N GLU B 166 4.87 27.28 61.72
CA GLU B 166 5.29 28.69 61.83
C GLU B 166 4.86 29.53 60.62
N ASN B 167 4.43 30.77 60.86
CA ASN B 167 4.04 31.66 59.78
C ASN B 167 3.00 31.05 58.86
N ASP B 168 1.97 30.45 59.45
CA ASP B 168 0.90 29.83 58.68
C ASP B 168 1.36 28.75 57.69
N GLY B 169 2.48 28.10 57.99
CA GLY B 169 2.95 27.06 57.09
C GLY B 169 4.17 27.39 56.24
N ILE B 170 4.83 28.51 56.52
CA ILE B 170 6.04 28.95 55.80
C ILE B 170 7.18 28.04 56.14
N ASN B 171 7.32 27.75 57.44
CA ASN B 171 8.38 26.89 57.94
C ASN B 171 7.83 25.92 58.99
N PHE B 172 8.51 24.78 59.13
CA PHE B 172 8.11 23.77 60.09
C PHE B 172 9.32 23.37 60.89
N VAL B 173 9.22 23.49 62.21
CA VAL B 173 10.34 23.13 63.08
C VAL B 173 10.07 21.79 63.77
N PRO B 174 10.95 20.82 63.55
CA PRO B 174 10.79 19.50 64.15
C PRO B 174 11.03 19.47 65.66
N LEU B 175 10.18 18.74 66.38
CA LEU B 175 10.32 18.64 67.82
C LEU B 175 11.17 17.45 68.23
N ASN B 176 11.58 16.69 67.24
CA ASN B 176 12.42 15.50 67.45
C ASN B 176 12.05 14.70 68.68
N LEU B 177 10.77 14.41 68.83
CA LEU B 177 10.32 13.64 69.96
C LEU B 177 9.91 12.24 69.52
N GLY B 178 10.04 11.96 68.23
CA GLY B 178 9.66 10.66 67.71
C GLY B 178 8.20 10.64 67.28
N PRO B 179 7.71 9.53 66.73
CA PRO B 179 6.33 9.45 66.30
C PRO B 179 5.37 9.75 67.45
N ALA B 180 4.33 10.53 67.16
CA ALA B 180 3.33 10.89 68.17
C ALA B 180 1.97 11.22 67.55
N THR B 181 0.91 10.98 68.28
CA THR B 181 -0.42 11.27 67.77
C THR B 181 -0.97 12.46 68.56
N HIS B 182 -0.63 12.58 69.85
CA HIS B 182 -1.07 13.70 70.70
C HIS B 182 0.10 14.28 71.47
N ILE B 183 0.07 15.59 71.71
CA ILE B 183 1.13 16.24 72.47
C ILE B 183 0.42 17.20 73.42
N LEU B 184 0.59 17.02 74.72
CA LEU B 184 -0.04 17.90 75.70
C LEU B 184 1.01 18.52 76.60
N PHE B 185 0.71 19.69 77.15
CA PHE B 185 1.67 20.35 78.04
C PHE B 185 1.13 20.55 79.47
N ALA B 186 1.80 19.98 80.46
CA ALA B 186 1.34 20.12 81.85
C ALA B 186 2.47 20.63 82.73
N ASP B 187 2.28 21.81 83.31
CA ASP B 187 3.29 22.39 84.20
C ASP B 187 4.67 22.44 83.53
N GLY B 188 4.70 22.83 82.27
CA GLY B 188 5.97 22.91 81.58
C GLY B 188 6.52 21.56 81.17
N ARG B 189 5.78 20.50 81.47
CA ARG B 189 6.20 19.14 81.13
C ARG B 189 5.51 18.71 79.83
N ARG B 190 6.18 17.90 79.04
CA ARG B 190 5.61 17.44 77.79
C ARG B 190 4.97 16.06 77.94
N VAL B 191 3.70 15.94 77.57
CA VAL B 191 2.99 14.68 77.64
C VAL B 191 2.89 14.17 76.21
N ILE B 192 3.25 12.91 75.98
CA ILE B 192 3.20 12.37 74.61
C ILE B 192 2.31 11.14 74.42
N GLY B 193 1.38 11.25 73.46
CA GLY B 193 0.48 10.16 73.14
C GLY B 193 0.94 9.45 71.88
N ARG B 194 1.30 8.18 72.03
CA ARG B 194 1.75 7.36 70.91
C ARG B 194 0.64 6.48 70.35
N ASN B 195 0.33 6.65 69.07
CA ASN B 195 -0.70 5.81 68.45
C ASN B 195 -2.01 5.94 69.22
N THR B 196 -2.30 7.15 69.69
CA THR B 196 -3.48 7.37 70.50
C THR B 196 -4.71 7.84 69.72
N PHE B 197 -4.84 7.38 68.49
CA PHE B 197 -6.01 7.72 67.68
C PHE B 197 -7.07 6.63 67.89
N GLU B 198 -8.33 6.93 67.60
CA GLU B 198 -9.36 5.93 67.77
C GLU B 198 -9.15 4.69 66.87
N LEU B 199 -9.58 3.51 67.36
CA LEU B 199 -9.48 2.26 66.62
C LEU B 199 -10.85 1.60 66.55
N PRO B 200 -11.83 2.28 65.94
CA PRO B 200 -13.18 1.73 65.83
C PRO B 200 -13.26 0.38 65.15
N HIS B 201 -12.41 0.18 64.15
CA HIS B 201 -12.40 -1.05 63.41
C HIS B 201 -11.92 -2.23 64.20
N TRP B 202 -11.32 -1.98 65.35
CA TRP B 202 -10.81 -3.10 66.15
C TRP B 202 -11.04 -2.92 67.64
N LYS B 203 -12.25 -3.19 68.09
CA LYS B 203 -12.53 -3.05 69.48
C LYS B 203 -11.79 -4.13 70.25
N GLY B 204 -11.35 -3.79 71.46
CA GLY B 204 -10.65 -4.75 72.29
C GLY B 204 -9.22 -5.01 71.89
N TYR B 205 -8.66 -4.14 71.07
CA TYR B 205 -7.28 -4.31 70.62
C TYR B 205 -6.29 -4.33 71.79
N ARG B 206 -5.41 -5.32 71.81
CA ARG B 206 -4.41 -5.45 72.87
C ARG B 206 -3.00 -5.71 72.30
N GLY B 207 -2.82 -5.40 71.02
CA GLY B 207 -1.53 -5.64 70.39
C GLY B 207 -0.46 -4.62 70.72
N GLY B 208 0.73 -4.81 70.15
CA GLY B 208 1.84 -3.92 70.43
C GLY B 208 1.78 -2.46 70.00
N THR B 209 0.84 -2.11 69.10
CA THR B 209 0.69 -0.74 68.60
C THR B 209 -0.38 0.02 69.38
N ARG B 210 -0.86 -0.56 70.47
CA ARG B 210 -1.89 0.05 71.30
C ARG B 210 -1.42 1.39 71.84
N GLY B 211 -2.39 2.28 72.06
CA GLY B 211 -2.07 3.60 72.56
C GLY B 211 -1.37 3.62 73.91
N LYS B 212 -0.34 4.46 74.01
CA LYS B 212 0.44 4.62 75.22
C LYS B 212 0.78 6.11 75.46
N ILE B 213 0.93 6.49 76.72
CA ILE B 213 1.26 7.87 77.06
C ILE B 213 2.55 8.00 77.87
N TRP B 214 3.46 8.83 77.38
CA TRP B 214 4.73 9.10 78.05
C TRP B 214 4.64 10.52 78.61
N ILE B 215 5.54 10.85 79.54
CA ILE B 215 5.60 12.17 80.14
C ILE B 215 7.02 12.54 80.50
N GLU B 216 7.31 13.84 80.44
CA GLU B 216 8.63 14.38 80.74
C GLU B 216 8.75 14.51 82.25
N VAL B 217 9.97 14.29 82.77
CA VAL B 217 10.22 14.38 84.20
C VAL B 217 11.54 15.03 84.55
N ASN B 218 12.61 14.56 83.95
CA ASN B 218 13.92 15.08 84.26
C ASN B 218 14.25 16.36 83.48
N SER B 219 13.21 17.11 83.15
CA SER B 219 13.38 18.36 82.40
C SER B 219 13.98 18.09 81.03
N GLY B 220 13.96 16.81 80.63
CA GLY B 220 14.50 16.43 79.34
C GLY B 220 14.33 14.94 79.09
N ALA B 221 14.01 14.20 80.13
CA ALA B 221 13.84 12.76 80.01
C ALA B 221 12.37 12.39 80.07
N PHE B 222 12.01 11.28 79.45
CA PHE B 222 10.63 10.84 79.44
C PHE B 222 10.42 9.50 80.09
N LYS B 223 9.24 9.31 80.64
CA LYS B 223 8.92 8.07 81.28
C LYS B 223 7.55 7.61 80.84
N LYS B 224 7.43 6.32 80.52
CA LYS B 224 6.15 5.77 80.10
C LYS B 224 5.22 5.75 81.32
N ILE B 225 4.04 6.34 81.21
CA ILE B 225 3.12 6.36 82.35
C ILE B 225 1.77 5.69 82.16
N VAL B 226 1.38 5.42 80.92
CA VAL B 226 0.11 4.77 80.72
C VAL B 226 0.33 3.71 79.66
N ASP B 227 0.37 2.46 80.10
CA ASP B 227 0.58 1.33 79.19
C ASP B 227 -0.35 0.18 79.66
N MET B 228 -1.64 0.33 79.44
CA MET B 228 -2.58 -0.70 79.84
C MET B 228 -2.54 -1.86 78.88
N SER B 229 -3.31 -2.91 79.20
CA SER B 229 -3.33 -4.08 78.33
C SER B 229 -4.09 -3.78 77.06
N THR B 230 -5.07 -2.88 77.12
CA THR B 230 -5.84 -2.53 75.94
C THR B 230 -5.44 -1.16 75.40
N HIS B 231 -6.07 -0.78 74.29
CA HIS B 231 -5.81 0.47 73.59
C HIS B 231 -6.29 1.73 74.33
N VAL B 232 -5.46 2.74 74.31
CA VAL B 232 -5.79 4.01 74.94
C VAL B 232 -5.85 5.08 73.85
N SER B 233 -6.92 5.88 73.84
CA SER B 233 -7.10 6.92 72.80
C SER B 233 -7.59 8.29 73.31
N SER B 234 -7.51 9.28 72.43
CA SER B 234 -7.99 10.64 72.69
C SER B 234 -7.67 11.21 74.08
N PRO B 235 -6.38 11.31 74.41
CA PRO B 235 -5.98 11.86 75.73
C PRO B 235 -6.18 13.37 75.82
N VAL B 236 -6.47 13.83 77.03
CA VAL B 236 -6.66 15.24 77.34
C VAL B 236 -6.33 15.42 78.83
N ILE B 237 -6.08 16.66 79.21
CA ILE B 237 -5.74 16.97 80.59
C ILE B 237 -6.69 18.03 81.15
N VAL B 238 -7.26 17.75 82.32
CA VAL B 238 -8.13 18.69 83.02
C VAL B 238 -7.57 18.78 84.42
N GLY B 239 -7.03 19.95 84.73
CA GLY B 239 -6.41 20.15 86.03
C GLY B 239 -5.09 19.41 86.01
N HIS B 240 -4.95 18.39 86.85
CA HIS B 240 -3.73 17.65 86.88
C HIS B 240 -3.96 16.18 86.67
N ARG B 241 -4.97 15.90 85.85
CA ARG B 241 -5.31 14.52 85.50
C ARG B 241 -5.44 14.38 83.98
N ILE B 242 -5.08 13.19 83.49
CA ILE B 242 -5.14 12.89 82.07
C ILE B 242 -6.34 12.02 81.82
N TYR B 243 -7.24 12.48 80.98
CA TYR B 243 -8.43 11.72 80.68
C TYR B 243 -8.27 11.09 79.30
N PHE B 244 -8.71 9.85 79.18
CA PHE B 244 -8.61 9.14 77.94
C PHE B 244 -9.68 8.04 77.84
N ILE B 245 -9.71 7.34 76.71
CA ILE B 245 -10.69 6.30 76.53
C ILE B 245 -10.01 4.95 76.33
N THR B 246 -10.68 3.88 76.75
CA THR B 246 -10.15 2.53 76.58
C THR B 246 -11.28 1.54 76.89
N ASP B 247 -11.15 0.31 76.40
CA ASP B 247 -12.20 -0.66 76.65
C ASP B 247 -11.67 -1.83 77.43
N ILE B 248 -10.73 -1.54 78.33
CA ILE B 248 -10.13 -2.55 79.18
C ILE B 248 -11.20 -3.44 79.86
N ASP B 249 -12.40 -2.88 80.06
CA ASP B 249 -13.50 -3.60 80.71
C ASP B 249 -14.52 -4.25 79.76
N GLY B 250 -14.27 -4.16 78.47
CA GLY B 250 -15.18 -4.74 77.50
C GLY B 250 -15.97 -3.72 76.72
N PHE B 251 -15.83 -2.44 77.06
CA PHE B 251 -16.56 -1.42 76.34
C PHE B 251 -15.85 -0.10 76.52
N GLY B 252 -16.04 0.79 75.56
CA GLY B 252 -15.40 2.09 75.63
C GLY B 252 -15.94 2.98 76.72
N GLN B 253 -15.04 3.42 77.60
CA GLN B 253 -15.42 4.31 78.69
C GLN B 253 -14.34 5.38 78.86
N ILE B 254 -14.67 6.44 79.57
CA ILE B 254 -13.69 7.50 79.81
C ILE B 254 -13.00 7.22 81.14
N TYR B 255 -11.67 7.23 81.13
CA TYR B 255 -10.90 7.03 82.37
C TYR B 255 -9.99 8.22 82.54
N SER B 256 -9.22 8.21 83.63
CA SER B 256 -8.27 9.27 83.89
C SER B 256 -7.28 8.77 84.94
N THR B 257 -6.13 9.44 85.03
CA THR B 257 -5.09 9.14 86.00
C THR B 257 -4.34 10.43 86.27
N ASP B 258 -3.40 10.39 87.20
CA ASP B 258 -2.62 11.60 87.50
C ASP B 258 -1.46 11.65 86.52
N LEU B 259 -0.65 12.69 86.62
CA LEU B 259 0.48 12.82 85.73
C LEU B 259 1.56 11.75 85.97
N ASP B 260 1.15 10.64 86.59
CA ASP B 260 2.04 9.54 86.85
C ASP B 260 1.44 8.22 86.41
N GLY B 261 0.26 8.31 85.79
CA GLY B 261 -0.42 7.14 85.30
C GLY B 261 -0.91 6.31 86.44
N LYS B 262 -1.01 6.95 87.60
CA LYS B 262 -1.47 6.32 88.83
C LYS B 262 -2.88 6.80 89.18
N ASP B 263 -3.51 6.15 90.15
CA ASP B 263 -4.86 6.50 90.59
C ASP B 263 -5.88 6.35 89.45
N LEU B 264 -5.91 5.18 88.84
CA LEU B 264 -6.83 4.92 87.75
C LEU B 264 -8.27 5.04 88.18
N ARG B 265 -9.06 5.77 87.41
CA ARG B 265 -10.48 5.96 87.71
C ARG B 265 -11.36 5.79 86.47
N LYS B 266 -12.54 5.23 86.68
CA LYS B 266 -13.50 5.00 85.62
C LYS B 266 -14.65 6.01 85.80
N HIS B 267 -14.85 6.88 84.82
CA HIS B 267 -15.88 7.90 84.92
C HIS B 267 -17.20 7.68 84.20
N THR B 268 -17.22 6.82 83.20
CA THR B 268 -18.45 6.59 82.45
C THR B 268 -18.83 5.12 82.47
N SER B 269 -20.07 4.83 82.07
CA SER B 269 -20.57 3.46 82.03
C SER B 269 -21.46 3.25 80.82
N PHE B 270 -21.05 3.80 79.69
CA PHE B 270 -21.82 3.66 78.45
C PHE B 270 -22.07 2.21 78.05
N THR B 271 -23.09 2.00 77.23
CA THR B 271 -23.39 0.65 76.74
C THR B 271 -23.92 0.65 75.30
N ASP B 272 -24.38 1.81 74.84
CA ASP B 272 -24.95 1.96 73.49
C ASP B 272 -23.88 2.00 72.38
N TYR B 273 -22.94 2.93 72.48
CA TYR B 273 -21.88 3.05 71.50
C TYR B 273 -20.62 3.53 72.15
N TYR B 274 -19.49 3.25 71.52
CA TYR B 274 -18.21 3.70 72.05
C TYR B 274 -18.05 5.21 71.95
N PRO B 275 -17.56 5.84 73.02
CA PRO B 275 -17.39 7.29 72.94
C PRO B 275 -16.09 7.55 72.17
N ARG B 276 -16.01 8.66 71.45
CA ARG B 276 -14.77 8.94 70.72
C ARG B 276 -14.42 10.42 70.74
N HIS B 277 -13.27 10.71 70.13
CA HIS B 277 -12.74 12.06 69.95
C HIS B 277 -12.74 12.97 71.17
N LEU B 278 -12.13 12.56 72.28
CA LEU B 278 -12.11 13.46 73.43
C LEU B 278 -11.33 14.73 73.14
N ASN B 279 -11.86 15.84 73.63
CA ASN B 279 -11.25 17.14 73.49
C ASN B 279 -11.73 17.99 74.68
N THR B 280 -10.99 19.04 74.98
CA THR B 280 -11.36 19.89 76.09
C THR B 280 -10.82 21.30 75.92
N ASP B 281 -11.16 22.16 76.89
CA ASP B 281 -10.74 23.56 76.93
C ASP B 281 -10.07 23.88 78.27
N GLY B 282 -9.94 22.86 79.11
CA GLY B 282 -9.33 23.05 80.40
C GLY B 282 -10.34 22.96 81.53
N ARG B 283 -11.62 23.09 81.19
CA ARG B 283 -12.69 23.02 82.18
C ARG B 283 -13.60 21.78 81.98
N ARG B 284 -14.12 21.62 80.77
CA ARG B 284 -15.00 20.50 80.46
C ARG B 284 -14.50 19.65 79.29
N ILE B 285 -14.89 18.39 79.29
CA ILE B 285 -14.49 17.45 78.24
C ILE B 285 -15.61 17.25 77.28
N LEU B 286 -15.28 17.19 76.00
CA LEU B 286 -16.29 17.04 74.97
C LEU B 286 -16.03 15.75 74.16
N PHE B 287 -17.09 15.14 73.63
CA PHE B 287 -16.90 13.93 72.84
C PHE B 287 -18.15 13.55 72.07
N SER B 288 -18.05 12.56 71.19
CA SER B 288 -19.23 12.15 70.43
C SER B 288 -19.46 10.67 70.62
N LYS B 289 -20.70 10.24 70.42
CA LYS B 289 -21.07 8.84 70.59
C LYS B 289 -22.39 8.54 69.88
N GLY B 290 -22.42 7.45 69.10
CA GLY B 290 -23.63 7.08 68.37
C GLY B 290 -24.25 8.20 67.58
N GLY B 291 -23.42 9.14 67.11
CA GLY B 291 -23.92 10.26 66.33
C GLY B 291 -24.39 11.50 67.07
N SER B 292 -24.16 11.56 68.38
CA SER B 292 -24.55 12.73 69.17
C SER B 292 -23.34 13.27 69.94
N ILE B 293 -23.42 14.53 70.34
CA ILE B 293 -22.32 15.13 71.08
C ILE B 293 -22.68 15.28 72.56
N TYR B 294 -21.75 14.87 73.41
CA TYR B 294 -21.92 14.93 74.86
C TYR B 294 -20.88 15.78 75.53
N ILE B 295 -21.18 16.17 76.77
CA ILE B 295 -20.25 16.96 77.58
C ILE B 295 -20.03 16.24 78.90
N PHE B 296 -18.80 16.31 79.37
CA PHE B 296 -18.41 15.68 80.61
C PHE B 296 -17.79 16.75 81.49
N ASN B 297 -18.33 16.92 82.69
CA ASN B 297 -17.77 17.90 83.59
C ASN B 297 -17.01 17.11 84.66
N PRO B 298 -15.65 17.20 84.64
CA PRO B 298 -14.79 16.50 85.59
C PRO B 298 -15.11 16.77 87.05
N ASP B 299 -15.48 18.02 87.36
CA ASP B 299 -15.81 18.38 88.73
C ASP B 299 -17.11 17.77 89.19
N THR B 300 -18.08 17.68 88.30
CA THR B 300 -19.38 17.13 88.65
C THR B 300 -19.45 15.65 88.34
N GLU B 301 -18.63 15.22 87.39
CA GLU B 301 -18.60 13.83 86.95
C GLU B 301 -19.95 13.48 86.26
N LYS B 302 -20.68 14.51 85.85
CA LYS B 302 -21.97 14.35 85.18
C LYS B 302 -21.84 14.53 83.67
N ILE B 303 -22.56 13.69 82.93
CA ILE B 303 -22.52 13.74 81.47
C ILE B 303 -23.86 14.09 80.88
N GLU B 304 -23.85 15.01 79.93
CA GLU B 304 -25.10 15.42 79.29
C GLU B 304 -25.00 15.49 77.78
N LYS B 305 -26.10 15.18 77.13
CA LYS B 305 -26.20 15.20 75.68
C LYS B 305 -26.59 16.59 75.21
N ILE B 306 -25.86 17.11 74.23
CA ILE B 306 -26.19 18.42 73.74
C ILE B 306 -27.32 18.29 72.74
N GLU B 307 -28.31 19.18 72.79
CA GLU B 307 -29.44 19.12 71.88
C GLU B 307 -29.14 19.99 70.67
N ILE B 308 -28.97 19.34 69.52
CA ILE B 308 -28.68 20.09 68.31
C ILE B 308 -29.78 19.94 67.27
N GLY B 309 -30.37 18.75 67.22
CA GLY B 309 -31.46 18.51 66.28
C GLY B 309 -31.06 18.51 64.81
N ASP B 310 -32.07 18.50 63.94
CA ASP B 310 -31.83 18.49 62.49
C ASP B 310 -30.99 19.65 62.04
N LEU B 311 -30.02 19.37 61.18
CA LEU B 311 -29.10 20.40 60.69
C LEU B 311 -29.04 20.52 59.19
N GLU B 312 -29.04 19.38 58.51
CA GLU B 312 -28.94 19.39 57.07
C GLU B 312 -29.40 18.07 56.45
N SER B 313 -30.16 18.20 55.37
CA SER B 313 -30.68 17.05 54.68
C SER B 313 -30.64 17.36 53.19
N PRO B 314 -29.50 17.05 52.53
CA PRO B 314 -29.31 17.29 51.10
C PRO B 314 -30.20 16.40 50.22
N GLU B 315 -30.25 16.76 48.93
CA GLU B 315 -31.04 16.06 47.95
C GLU B 315 -30.73 14.56 47.99
N ASP B 316 -31.76 13.73 48.11
CA ASP B 316 -31.56 12.30 48.19
C ASP B 316 -31.32 11.61 46.86
N ARG B 317 -32.08 12.02 45.84
CA ARG B 317 -31.97 11.46 44.49
C ARG B 317 -30.70 12.03 43.83
N ILE B 318 -29.71 11.17 43.62
CA ILE B 318 -28.42 11.57 43.05
C ILE B 318 -28.06 11.01 41.66
N ILE B 319 -27.22 11.77 40.97
CA ILE B 319 -26.75 11.44 39.63
C ILE B 319 -25.30 10.93 39.67
N SER B 320 -25.03 9.87 38.91
CA SER B 320 -23.70 9.28 38.85
C SER B 320 -23.28 8.93 37.42
N ILE B 321 -21.99 8.81 37.22
CA ILE B 321 -21.46 8.49 35.91
C ILE B 321 -21.34 7.01 35.80
N PRO B 322 -22.20 6.38 34.99
CA PRO B 322 -22.17 4.93 34.83
C PRO B 322 -20.81 4.27 34.68
N SER B 323 -19.92 4.84 33.88
CA SER B 323 -18.60 4.20 33.66
C SER B 323 -17.79 4.02 34.97
N LYS B 324 -17.84 5.04 35.83
CA LYS B 324 -17.15 5.01 37.12
C LYS B 324 -17.44 3.75 37.95
N PHE B 325 -18.68 3.27 37.90
CA PHE B 325 -19.05 2.10 38.69
C PHE B 325 -19.47 0.91 37.86
N ALA B 326 -19.14 0.96 36.59
CA ALA B 326 -19.52 -0.09 35.67
C ALA B 326 -18.70 -1.36 35.80
N GLU B 327 -19.30 -2.47 35.39
CA GLU B 327 -18.65 -3.79 35.42
C GLU B 327 -19.53 -4.82 34.74
N ASP B 328 -18.96 -5.98 34.48
CA ASP B 328 -19.68 -7.06 33.83
C ASP B 328 -20.19 -6.74 32.44
N PHE B 329 -19.43 -5.95 31.69
CA PHE B 329 -19.78 -5.58 30.32
C PHE B 329 -19.87 -6.90 29.51
N SER B 330 -20.94 -7.07 28.75
CA SER B 330 -21.15 -8.28 27.94
C SER B 330 -21.89 -8.03 26.61
N PRO B 331 -21.53 -8.75 25.55
CA PRO B 331 -22.14 -8.64 24.21
C PRO B 331 -23.42 -9.45 24.08
N LEU B 332 -24.48 -8.83 23.55
CA LEU B 332 -25.75 -9.51 23.38
C LEU B 332 -26.02 -9.71 21.89
N ASP B 333 -27.19 -10.24 21.58
CA ASP B 333 -27.58 -10.46 20.17
C ASP B 333 -27.89 -9.12 19.51
N GLY B 334 -27.91 -9.14 18.19
CA GLY B 334 -28.21 -7.93 17.45
C GLY B 334 -27.26 -6.78 17.76
N ASP B 335 -25.99 -7.10 17.97
CA ASP B 335 -25.00 -6.06 18.26
C ASP B 335 -25.41 -5.14 19.41
N LEU B 336 -25.92 -5.73 20.48
CA LEU B 336 -26.31 -4.98 21.64
C LEU B 336 -25.34 -5.24 22.78
N ILE B 337 -25.37 -4.38 23.78
CA ILE B 337 -24.49 -4.46 24.93
C ILE B 337 -25.29 -4.51 26.21
N ALA B 338 -24.81 -5.27 27.18
CA ALA B 338 -25.44 -5.33 28.49
C ALA B 338 -24.31 -5.06 29.50
N PHE B 339 -24.65 -4.45 30.64
CA PHE B 339 -23.64 -4.22 31.69
C PHE B 339 -24.26 -3.86 33.02
N VAL B 340 -23.45 -3.88 34.06
CA VAL B 340 -23.91 -3.58 35.39
C VAL B 340 -23.14 -2.40 35.96
N SER B 341 -23.83 -1.54 36.71
CA SER B 341 -23.16 -0.42 37.34
C SER B 341 -23.96 0.02 38.56
N ARG B 342 -23.24 0.22 39.65
CA ARG B 342 -23.86 0.65 40.89
C ARG B 342 -25.11 -0.16 41.25
N GLY B 343 -25.06 -1.47 41.03
CA GLY B 343 -26.18 -2.33 41.34
C GLY B 343 -27.30 -2.37 40.31
N GLN B 344 -27.19 -1.53 39.27
CA GLN B 344 -28.20 -1.47 38.22
C GLN B 344 -27.71 -2.19 36.97
N ALA B 345 -28.61 -2.59 36.10
CA ALA B 345 -28.26 -3.25 34.85
C ALA B 345 -28.88 -2.52 33.66
N PHE B 346 -28.21 -2.58 32.50
CA PHE B 346 -28.72 -1.90 31.32
C PHE B 346 -28.53 -2.65 30.01
N ILE B 347 -29.43 -2.41 29.04
CA ILE B 347 -29.33 -3.02 27.74
C ILE B 347 -29.21 -1.81 26.81
N GLN B 348 -28.08 -1.69 26.13
CA GLN B 348 -27.87 -0.54 25.26
C GLN B 348 -27.11 -0.86 23.99
N ASP B 349 -27.15 0.06 23.03
CA ASP B 349 -26.44 -0.12 21.77
C ASP B 349 -25.03 0.34 22.09
N VAL B 350 -24.04 -0.05 21.30
CA VAL B 350 -22.68 0.34 21.61
C VAL B 350 -22.57 1.85 21.88
N SER B 351 -23.26 2.63 21.06
CA SER B 351 -23.28 4.07 21.16
C SER B 351 -23.78 4.60 22.49
N GLY B 352 -24.57 3.81 23.20
CA GLY B 352 -25.12 4.27 24.47
C GLY B 352 -26.22 5.30 24.24
N THR B 353 -26.73 5.36 23.02
CA THR B 353 -27.78 6.31 22.69
C THR B 353 -29.16 5.73 23.07
N TYR B 354 -29.37 4.44 22.79
CA TYR B 354 -30.61 3.77 23.13
C TYR B 354 -30.30 2.89 24.34
N VAL B 355 -30.65 3.39 25.53
CA VAL B 355 -30.38 2.66 26.77
C VAL B 355 -31.63 2.21 27.51
N LEU B 356 -31.67 0.93 27.91
CA LEU B 356 -32.79 0.39 28.69
C LEU B 356 -32.28 -0.06 30.03
N LYS B 357 -32.99 0.34 31.09
CA LYS B 357 -32.61 -0.07 32.43
C LYS B 357 -33.44 -1.29 32.79
N VAL B 358 -32.80 -2.32 33.31
CA VAL B 358 -33.53 -3.51 33.68
C VAL B 358 -34.37 -3.10 34.88
N PRO B 359 -35.67 -3.46 34.88
CA PRO B 359 -36.61 -3.15 35.97
C PRO B 359 -36.49 -4.11 37.15
N GLU B 360 -35.49 -3.88 38.01
CA GLU B 360 -35.26 -4.73 39.17
C GLU B 360 -34.60 -3.94 40.28
N PRO B 361 -35.00 -4.19 41.55
CA PRO B 361 -34.48 -3.50 42.73
C PRO B 361 -32.97 -3.65 42.86
N LEU B 362 -32.40 -2.98 43.85
CA LEU B 362 -30.97 -3.02 44.05
C LEU B 362 -30.33 -4.38 44.11
N ARG B 363 -29.09 -4.33 43.62
CA ARG B 363 -28.13 -5.41 43.47
C ARG B 363 -28.33 -6.46 42.44
N ILE B 364 -27.92 -6.12 41.22
CA ILE B 364 -27.97 -7.05 40.11
C ILE B 364 -26.52 -7.38 39.88
N ARG B 365 -26.04 -8.46 40.46
CA ARG B 365 -24.65 -8.84 40.31
C ARG B 365 -24.23 -9.15 38.87
N TYR B 366 -24.98 -9.99 38.17
CA TYR B 366 -24.61 -10.34 36.79
C TYR B 366 -25.74 -10.29 35.75
N VAL B 367 -25.37 -10.10 34.49
CA VAL B 367 -26.32 -10.08 33.40
C VAL B 367 -25.71 -10.94 32.28
N ARG B 368 -26.51 -11.84 31.73
CA ARG B 368 -26.04 -12.75 30.68
C ARG B 368 -27.07 -12.97 29.57
N ARG B 369 -26.58 -13.01 28.34
CA ARG B 369 -27.42 -13.24 27.17
C ARG B 369 -28.14 -14.58 27.36
N GLY B 370 -29.47 -14.54 27.18
CA GLY B 370 -30.31 -15.70 27.36
C GLY B 370 -31.23 -15.94 26.19
N GLY B 371 -31.20 -15.05 25.21
CA GLY B 371 -32.07 -15.23 24.06
C GLY B 371 -32.03 -14.05 23.11
N ASP B 372 -32.83 -14.11 22.04
CA ASP B 372 -32.87 -13.03 21.05
C ASP B 372 -33.11 -11.70 21.72
N THR B 373 -34.08 -11.67 22.62
CA THR B 373 -34.41 -10.44 23.32
C THR B 373 -34.45 -10.66 24.83
N LYS B 374 -34.07 -11.85 25.29
CA LYS B 374 -34.09 -12.19 26.71
C LYS B 374 -32.69 -12.18 27.32
N VAL B 375 -32.61 -11.86 28.60
CA VAL B 375 -31.32 -11.83 29.28
C VAL B 375 -31.48 -12.41 30.68
N ALA B 376 -30.52 -13.19 31.14
CA ALA B 376 -30.61 -13.75 32.51
C ALA B 376 -29.77 -12.88 33.44
N PHE B 377 -30.17 -12.80 34.69
CA PHE B 377 -29.41 -11.98 35.62
C PHE B 377 -29.40 -12.59 37.02
N ILE B 378 -28.45 -12.15 37.85
CA ILE B 378 -28.34 -12.61 39.21
C ILE B 378 -28.66 -11.41 40.07
N HIS B 379 -29.77 -11.50 40.81
CA HIS B 379 -30.23 -10.43 41.70
C HIS B 379 -29.82 -10.75 43.13
N GLY B 380 -29.11 -9.82 43.76
CA GLY B 380 -28.66 -10.05 45.12
C GLY B 380 -29.49 -9.32 46.17
N THR B 381 -29.71 -10.01 47.29
CA THR B 381 -30.46 -9.44 48.40
C THR B 381 -29.72 -9.83 49.66
N ARG B 382 -30.26 -9.43 50.79
CA ARG B 382 -29.67 -9.70 52.10
C ARG B 382 -29.62 -11.22 52.37
N GLU B 383 -30.59 -11.95 51.84
CA GLU B 383 -30.67 -13.38 52.05
C GLU B 383 -29.72 -14.13 51.17
N GLY B 384 -29.49 -13.60 49.98
CA GLY B 384 -28.59 -14.26 49.05
C GLY B 384 -28.80 -13.82 47.62
N ASP B 385 -28.31 -14.64 46.70
CA ASP B 385 -28.41 -14.37 45.28
C ASP B 385 -29.40 -15.30 44.61
N PHE B 386 -30.15 -14.74 43.67
CA PHE B 386 -31.18 -15.45 42.93
C PHE B 386 -31.08 -15.19 41.41
N LEU B 387 -31.48 -16.18 40.62
CA LEU B 387 -31.44 -16.05 39.18
C LEU B 387 -32.73 -15.42 38.71
N GLY B 388 -32.60 -14.50 37.76
CA GLY B 388 -33.77 -13.81 37.21
C GLY B 388 -33.65 -13.68 35.70
N ILE B 389 -34.80 -13.56 35.04
CA ILE B 389 -34.83 -13.44 33.59
C ILE B 389 -35.58 -12.20 33.20
N TYR B 390 -35.18 -11.58 32.10
CA TYR B 390 -35.81 -10.36 31.64
C TYR B 390 -35.80 -10.33 30.14
N ASP B 391 -36.83 -9.71 29.57
CA ASP B 391 -36.97 -9.61 28.12
C ASP B 391 -37.12 -8.13 27.78
N TYR B 392 -36.10 -7.55 27.17
CA TYR B 392 -36.14 -6.14 26.84
C TYR B 392 -37.02 -5.75 25.64
N ARG B 393 -37.80 -6.71 25.15
CA ARG B 393 -38.69 -6.42 24.04
C ARG B 393 -40.13 -6.41 24.54
N THR B 394 -40.55 -7.47 25.20
CA THR B 394 -41.91 -7.56 25.72
C THR B 394 -42.04 -6.80 27.03
N GLY B 395 -40.99 -6.87 27.86
CA GLY B 395 -41.02 -6.20 29.14
C GLY B 395 -41.09 -7.16 30.33
N LYS B 396 -41.61 -8.37 30.11
CA LYS B 396 -41.75 -9.37 31.17
C LYS B 396 -40.42 -9.59 31.88
N ALA B 397 -40.48 -9.81 33.19
CA ALA B 397 -39.27 -10.03 33.98
C ALA B 397 -39.56 -10.83 35.24
N GLU B 398 -39.65 -12.16 35.12
CA GLU B 398 -39.89 -13.01 36.26
C GLU B 398 -38.65 -12.99 37.14
N LYS B 399 -38.79 -13.41 38.40
CA LYS B 399 -37.64 -13.45 39.32
C LYS B 399 -37.77 -14.63 40.28
N PHE B 400 -37.05 -15.72 40.00
CA PHE B 400 -37.11 -16.90 40.82
C PHE B 400 -36.82 -16.66 42.32
N GLU B 401 -37.24 -17.64 43.12
CA GLU B 401 -37.09 -17.59 44.57
C GLU B 401 -36.00 -18.54 45.09
N GLU B 402 -35.68 -19.55 44.30
CA GLU B 402 -34.66 -20.51 44.70
C GLU B 402 -33.31 -19.84 45.02
N ASN B 403 -32.91 -19.91 46.29
CA ASN B 403 -31.66 -19.29 46.71
C ASN B 403 -30.45 -20.05 46.19
N LEU B 404 -29.51 -19.36 45.54
CA LEU B 404 -28.34 -20.06 44.99
C LEU B 404 -27.08 -19.89 45.82
N GLY B 405 -27.18 -19.08 46.87
CA GLY B 405 -26.03 -18.83 47.71
C GLY B 405 -25.37 -17.57 47.18
N ASN B 406 -24.06 -17.49 47.29
CA ASN B 406 -23.36 -16.31 46.79
C ASN B 406 -22.75 -16.60 45.45
N VAL B 407 -23.44 -16.15 44.42
CA VAL B 407 -22.98 -16.41 43.07
C VAL B 407 -21.78 -15.60 42.64
N PHE B 408 -20.86 -16.26 41.98
CA PHE B 408 -19.70 -15.57 41.50
C PHE B 408 -19.41 -15.79 40.03
N ALA B 409 -20.20 -16.65 39.40
CA ALA B 409 -20.03 -16.90 38.00
C ALA B 409 -21.37 -17.39 37.49
N MET B 410 -21.76 -16.96 36.29
CA MET B 410 -23.03 -17.32 35.73
C MET B 410 -23.03 -17.33 34.21
N GLY B 411 -23.51 -18.44 33.64
CA GLY B 411 -23.56 -18.53 32.19
C GLY B 411 -24.87 -19.15 31.73
N VAL B 412 -25.21 -18.95 30.47
CA VAL B 412 -26.44 -19.53 29.94
C VAL B 412 -26.14 -20.33 28.68
N ASP B 413 -26.83 -21.44 28.48
CA ASP B 413 -26.56 -22.22 27.30
C ASP B 413 -26.98 -21.46 26.06
N ARG B 414 -26.49 -21.90 24.92
CA ARG B 414 -26.80 -21.22 23.69
C ARG B 414 -28.24 -21.41 23.27
N ASN B 415 -28.87 -22.45 23.78
CA ASN B 415 -30.25 -22.73 23.44
C ASN B 415 -31.23 -22.08 24.42
N GLY B 416 -30.71 -21.37 25.41
CA GLY B 416 -31.54 -20.68 26.38
C GLY B 416 -32.49 -21.45 27.27
N LYS B 417 -32.17 -22.70 27.60
CA LYS B 417 -33.05 -23.48 28.44
C LYS B 417 -32.55 -23.56 29.89
N PHE B 418 -31.24 -23.58 30.07
CA PHE B 418 -30.70 -23.63 31.43
C PHE B 418 -29.52 -22.68 31.61
N ALA B 419 -29.07 -22.54 32.84
CA ALA B 419 -27.93 -21.69 33.14
C ALA B 419 -27.00 -22.44 34.08
N VAL B 420 -25.71 -22.12 34.06
CA VAL B 420 -24.76 -22.76 34.96
C VAL B 420 -24.32 -21.70 35.97
N VAL B 421 -24.34 -22.05 37.26
CA VAL B 421 -23.96 -21.12 38.32
C VAL B 421 -22.94 -21.67 39.34
N ALA B 422 -22.06 -20.78 39.80
CA ALA B 422 -21.03 -21.10 40.78
C ALA B 422 -21.21 -20.19 42.00
N ASN B 423 -21.04 -20.78 43.18
CA ASN B 423 -21.18 -20.03 44.43
C ASN B 423 -20.00 -20.23 45.36
N ASP B 424 -20.04 -19.52 46.48
CA ASP B 424 -18.99 -19.56 47.49
C ASP B 424 -19.06 -20.86 48.32
N ARG B 425 -19.98 -21.74 47.96
CA ARG B 425 -20.08 -23.01 48.65
C ARG B 425 -19.26 -24.02 47.85
N PHE B 426 -18.63 -23.54 46.77
CA PHE B 426 -17.79 -24.36 45.89
C PHE B 426 -18.64 -25.30 45.06
N GLU B 427 -19.89 -24.93 44.80
CA GLU B 427 -20.77 -25.77 44.00
C GLU B 427 -20.90 -25.27 42.57
N ILE B 428 -21.18 -26.18 41.66
CA ILE B 428 -21.45 -25.80 40.29
C ILE B 428 -22.79 -26.49 40.04
N MET B 429 -23.73 -25.74 39.46
CA MET B 429 -25.08 -26.24 39.26
C MET B 429 -25.75 -25.71 37.99
N THR B 430 -26.86 -26.35 37.61
CA THR B 430 -27.62 -25.94 36.44
C THR B 430 -29.00 -25.48 36.92
N VAL B 431 -29.34 -24.22 36.69
CA VAL B 431 -30.65 -23.70 37.08
C VAL B 431 -31.58 -23.69 35.87
N ASP B 432 -32.73 -24.35 35.99
CA ASP B 432 -33.72 -24.41 34.91
C ASP B 432 -34.24 -22.99 34.65
N LEU B 433 -34.09 -22.50 33.42
CA LEU B 433 -34.57 -21.15 33.12
C LEU B 433 -36.08 -21.03 33.04
N GLU B 434 -36.77 -22.16 33.08
CA GLU B 434 -38.22 -22.17 33.02
C GLU B 434 -38.82 -22.29 34.42
N THR B 435 -38.50 -23.38 35.12
CA THR B 435 -39.00 -23.64 36.47
C THR B 435 -38.27 -22.81 37.54
N GLY B 436 -36.95 -22.83 37.51
CA GLY B 436 -36.17 -22.07 38.48
C GLY B 436 -35.41 -23.00 39.41
N LYS B 437 -35.74 -24.28 39.36
CA LYS B 437 -35.10 -25.29 40.20
C LYS B 437 -33.61 -25.52 39.89
N PRO B 438 -32.76 -25.33 40.91
CA PRO B 438 -31.33 -25.54 40.75
C PRO B 438 -30.99 -27.04 40.86
N THR B 439 -29.83 -27.45 40.34
CA THR B 439 -29.41 -28.84 40.40
C THR B 439 -27.91 -28.86 40.45
N VAL B 440 -27.39 -29.13 41.65
CA VAL B 440 -25.96 -29.18 41.87
C VAL B 440 -25.32 -30.36 41.11
N ILE B 441 -24.24 -30.07 40.41
CA ILE B 441 -23.57 -31.09 39.64
C ILE B 441 -22.45 -31.66 40.47
N GLU B 442 -21.57 -30.79 40.93
CA GLU B 442 -20.45 -31.26 41.72
C GLU B 442 -19.99 -30.16 42.65
N ARG B 443 -19.34 -30.57 43.75
CA ARG B 443 -18.87 -29.62 44.73
C ARG B 443 -17.40 -29.82 45.09
N SER B 444 -16.65 -28.74 44.99
CA SER B 444 -15.25 -28.75 45.30
C SER B 444 -15.10 -28.45 46.78
N ARG B 445 -14.00 -28.88 47.38
CA ARG B 445 -13.81 -28.60 48.77
C ARG B 445 -12.63 -27.67 48.97
N GLU B 446 -12.12 -27.14 47.87
CA GLU B 446 -10.96 -26.23 47.96
C GLU B 446 -11.23 -24.78 47.56
N ALA B 447 -11.92 -24.58 46.45
CA ALA B 447 -12.20 -23.25 45.94
C ALA B 447 -13.43 -23.25 45.04
N MET B 448 -13.78 -22.08 44.47
CA MET B 448 -14.94 -22.00 43.60
C MET B 448 -14.76 -22.55 42.17
N ILE B 449 -15.85 -23.04 41.59
CA ILE B 449 -15.81 -23.59 40.25
C ILE B 449 -16.34 -22.50 39.34
N THR B 450 -15.54 -21.46 39.13
CA THR B 450 -15.95 -20.34 38.32
C THR B 450 -15.50 -20.38 36.88
N ASP B 451 -14.65 -21.34 36.53
CA ASP B 451 -14.18 -21.45 35.17
C ASP B 451 -14.86 -22.59 34.42
N PHE B 452 -15.93 -22.26 33.70
CA PHE B 452 -16.69 -23.28 32.97
C PHE B 452 -17.25 -22.83 31.65
N THR B 453 -17.68 -23.80 30.86
CA THR B 453 -18.28 -23.55 29.55
C THR B 453 -19.25 -24.67 29.17
N ILE B 454 -20.23 -24.31 28.35
CA ILE B 454 -21.24 -25.22 27.88
C ILE B 454 -21.08 -25.48 26.39
N SER B 455 -21.14 -26.75 25.96
CA SER B 455 -21.01 -27.08 24.54
C SER B 455 -22.17 -26.44 23.76
N ASP B 456 -21.94 -26.10 22.50
CA ASP B 456 -22.99 -25.48 21.68
C ASP B 456 -24.25 -26.32 21.52
N ASN B 457 -24.14 -27.64 21.66
CA ASN B 457 -25.32 -28.44 21.56
C ASN B 457 -25.96 -28.64 22.93
N SER B 458 -25.54 -27.84 23.90
CA SER B 458 -26.07 -27.89 25.27
C SER B 458 -26.06 -29.25 25.96
N ARG B 459 -25.17 -30.14 25.55
CA ARG B 459 -25.09 -31.46 26.16
C ARG B 459 -23.97 -31.63 27.17
N PHE B 460 -22.86 -30.91 27.00
CA PHE B 460 -21.74 -31.05 27.92
C PHE B 460 -21.40 -29.79 28.65
N ILE B 461 -20.88 -29.94 29.87
CA ILE B 461 -20.47 -28.79 30.65
C ILE B 461 -19.04 -29.05 31.15
N ALA B 462 -18.06 -28.33 30.63
CA ALA B 462 -16.66 -28.51 31.06
C ALA B 462 -16.31 -27.41 32.04
N TYR B 463 -15.54 -27.75 33.07
CA TYR B 463 -15.13 -26.77 34.06
C TYR B 463 -13.88 -27.18 34.84
N GLY B 464 -13.18 -26.19 35.39
CA GLY B 464 -12.00 -26.46 36.18
C GLY B 464 -12.45 -26.85 37.58
N PHE B 465 -11.95 -27.99 38.05
CA PHE B 465 -12.36 -28.49 39.37
C PHE B 465 -11.20 -28.48 40.38
N PRO B 466 -11.19 -27.50 41.29
CA PRO B 466 -10.09 -27.44 42.26
C PRO B 466 -10.09 -28.65 43.19
N LEU B 467 -8.90 -29.22 43.42
CA LEU B 467 -8.77 -30.41 44.27
C LEU B 467 -7.40 -30.47 44.94
N LYS B 468 -7.33 -31.29 45.98
CA LYS B 468 -6.07 -31.51 46.69
C LYS B 468 -5.87 -32.98 47.01
N HIS B 469 -4.64 -33.45 46.91
CA HIS B 469 -4.35 -34.84 47.19
C HIS B 469 -4.53 -35.07 48.68
N GLY B 470 -3.99 -34.17 49.49
CA GLY B 470 -4.12 -34.30 50.92
C GLY B 470 -4.83 -33.15 51.62
N GLU B 471 -5.37 -33.42 52.81
CA GLU B 471 -6.08 -32.41 53.58
C GLU B 471 -5.18 -31.22 53.90
N THR B 472 -3.93 -31.47 54.28
CA THR B 472 -2.99 -30.40 54.61
C THR B 472 -2.00 -30.11 53.50
N ASP B 473 -2.44 -30.31 52.27
CA ASP B 473 -1.61 -30.10 51.09
C ASP B 473 -1.30 -28.63 50.88
N GLY B 474 -0.08 -28.36 50.43
CA GLY B 474 0.32 -26.97 50.22
C GLY B 474 -0.17 -26.33 48.91
N TYR B 475 -0.45 -27.13 47.89
CA TYR B 475 -0.90 -26.60 46.64
C TYR B 475 -2.27 -27.14 46.28
N VAL B 476 -3.01 -26.36 45.48
CA VAL B 476 -4.32 -26.77 45.03
C VAL B 476 -4.27 -27.09 43.54
N MET B 477 -4.55 -28.34 43.18
CA MET B 477 -4.53 -28.68 41.79
C MET B 477 -5.88 -28.36 41.15
N GLN B 478 -5.93 -28.44 39.82
CA GLN B 478 -7.16 -28.21 39.10
C GLN B 478 -7.25 -29.14 37.90
N ALA B 479 -8.36 -29.88 37.83
CA ALA B 479 -8.60 -30.82 36.74
C ALA B 479 -9.87 -30.46 36.00
N ILE B 480 -9.86 -30.54 34.68
CA ILE B 480 -11.08 -30.23 33.94
C ILE B 480 -12.07 -31.40 34.05
N HIS B 481 -13.32 -31.10 34.31
CA HIS B 481 -14.35 -32.14 34.39
C HIS B 481 -15.38 -31.87 33.31
N VAL B 482 -15.99 -32.93 32.82
CA VAL B 482 -17.01 -32.76 31.82
C VAL B 482 -18.27 -33.50 32.28
N TYR B 483 -19.35 -32.73 32.43
CA TYR B 483 -20.64 -33.25 32.84
C TYR B 483 -21.50 -33.42 31.58
N ASP B 484 -22.11 -34.60 31.47
CA ASP B 484 -22.97 -34.94 30.35
C ASP B 484 -24.43 -34.84 30.77
N MET B 485 -25.18 -33.94 30.13
CA MET B 485 -26.60 -33.79 30.48
C MET B 485 -27.38 -35.10 30.33
N GLU B 486 -26.99 -35.93 29.37
CA GLU B 486 -27.65 -37.20 29.18
C GLU B 486 -26.79 -38.19 29.90
N GLY B 487 -27.40 -38.98 30.78
CA GLY B 487 -26.64 -39.94 31.54
C GLY B 487 -26.32 -39.28 32.88
N ARG B 488 -26.24 -37.96 32.86
CA ARG B 488 -25.95 -37.21 34.05
C ARG B 488 -24.75 -37.75 34.82
N LYS B 489 -23.61 -37.90 34.15
CA LYS B 489 -22.39 -38.38 34.79
C LYS B 489 -21.20 -37.48 34.52
N ILE B 490 -20.32 -37.36 35.51
CA ILE B 490 -19.14 -36.51 35.39
C ILE B 490 -17.92 -37.28 34.93
N PHE B 491 -17.27 -36.81 33.88
CA PHE B 491 -16.09 -37.49 33.39
C PHE B 491 -14.85 -36.63 33.62
N ALA B 492 -13.68 -37.27 33.70
CA ALA B 492 -12.42 -36.55 33.92
C ALA B 492 -11.74 -36.21 32.59
N ALA B 493 -11.63 -34.93 32.27
CA ALA B 493 -10.98 -34.53 31.03
C ALA B 493 -9.45 -34.58 31.14
N THR B 494 -8.94 -34.26 32.32
CA THR B 494 -7.52 -34.28 32.53
C THR B 494 -7.20 -34.90 33.87
N THR B 495 -5.92 -35.22 34.07
CA THR B 495 -5.41 -35.83 35.29
C THR B 495 -5.33 -34.73 36.35
N GLU B 496 -5.03 -35.09 37.59
CA GLU B 496 -4.96 -34.07 38.64
C GLU B 496 -3.58 -33.75 39.19
N ASN B 497 -2.65 -33.45 38.29
CA ASN B 497 -1.32 -33.17 38.74
C ASN B 497 -0.83 -31.74 38.56
N SER B 498 -1.65 -30.90 37.94
CA SER B 498 -1.26 -29.51 37.78
C SER B 498 -2.46 -28.59 37.75
N HIS B 499 -2.45 -27.64 36.83
CA HIS B 499 -3.53 -26.67 36.71
C HIS B 499 -4.04 -26.62 35.27
N ASP B 500 -5.25 -27.11 35.06
CA ASP B 500 -5.85 -27.12 33.73
C ASP B 500 -7.04 -26.15 33.80
N TYR B 501 -7.14 -25.25 32.84
CA TYR B 501 -8.19 -24.22 32.87
C TYR B 501 -8.60 -23.70 31.50
N ALA B 502 -9.49 -22.71 31.51
CA ALA B 502 -9.98 -22.07 30.30
C ALA B 502 -10.54 -23.07 29.28
N PRO B 503 -11.36 -24.02 29.73
CA PRO B 503 -11.90 -25.01 28.79
C PRO B 503 -12.79 -24.33 27.75
N ALA B 504 -12.87 -24.91 26.56
CA ALA B 504 -13.68 -24.34 25.49
C ALA B 504 -14.04 -25.40 24.42
N PHE B 505 -15.31 -25.46 24.03
CA PHE B 505 -15.72 -26.41 23.00
C PHE B 505 -15.70 -25.77 21.60
N ASP B 506 -15.63 -26.59 20.56
CA ASP B 506 -15.64 -26.05 19.21
C ASP B 506 -17.07 -26.04 18.73
N ALA B 507 -17.36 -25.22 17.73
CA ALA B 507 -18.71 -25.11 17.21
C ALA B 507 -19.44 -26.46 17.07
N ASP B 508 -18.85 -27.42 16.36
CA ASP B 508 -19.49 -28.72 16.15
C ASP B 508 -19.62 -29.52 17.41
N SER B 509 -18.99 -29.07 18.47
CA SER B 509 -19.03 -29.81 19.73
C SER B 509 -18.37 -31.21 19.59
N LYS B 510 -17.23 -31.27 18.89
CA LYS B 510 -16.51 -32.52 18.70
C LYS B 510 -15.19 -32.58 19.45
N ASN B 511 -14.69 -31.44 19.89
CA ASN B 511 -13.46 -31.39 20.62
C ASN B 511 -13.52 -30.42 21.77
N LEU B 512 -12.76 -30.69 22.82
CA LEU B 512 -12.72 -29.80 23.97
C LEU B 512 -11.29 -29.27 24.07
N TYR B 513 -11.11 -27.98 23.83
CA TYR B 513 -9.80 -27.38 23.93
C TYR B 513 -9.65 -26.77 25.33
N TYR B 514 -8.42 -26.61 25.80
CA TYR B 514 -8.20 -25.99 27.10
C TYR B 514 -6.74 -25.58 27.26
N LEU B 515 -6.39 -24.99 28.40
CA LEU B 515 -5.01 -24.59 28.64
C LEU B 515 -4.53 -25.27 29.90
N SER B 516 -3.22 -25.28 30.10
CA SER B 516 -2.64 -25.82 31.32
C SER B 516 -1.18 -25.41 31.51
N TYR B 517 -0.79 -25.30 32.77
CA TYR B 517 0.54 -24.92 33.14
C TYR B 517 1.33 -26.16 33.35
N ARG B 518 1.43 -26.99 32.31
CA ARG B 518 2.18 -28.23 32.48
C ARG B 518 3.52 -28.25 31.76
N SER B 519 3.68 -27.39 30.76
CA SER B 519 4.92 -27.35 30.02
C SER B 519 6.05 -26.71 30.83
N LEU B 520 6.52 -27.45 31.83
CA LEU B 520 7.60 -26.98 32.68
C LEU B 520 8.96 -26.68 32.01
N ASP B 521 9.46 -25.48 32.27
CA ASP B 521 10.74 -25.05 31.75
C ASP B 521 11.14 -23.86 32.63
N PRO B 522 12.30 -23.96 33.30
CA PRO B 522 12.69 -22.84 34.16
C PRO B 522 13.24 -21.63 33.45
N SER B 523 13.00 -20.44 33.97
CA SER B 523 13.56 -19.21 33.37
C SER B 523 14.49 -18.68 34.41
N PRO B 524 15.67 -18.28 34.00
CA PRO B 524 16.67 -17.77 34.94
C PRO B 524 16.37 -16.38 35.56
N ASP B 525 16.69 -16.20 36.84
CA ASP B 525 16.50 -14.92 37.51
C ASP B 525 17.76 -14.08 37.20
N ARG B 526 17.59 -12.83 36.78
CA ARG B 526 18.76 -12.04 36.41
C ARG B 526 19.54 -11.41 37.53
N VAL B 527 19.07 -11.53 38.76
CA VAL B 527 19.77 -10.93 39.89
C VAL B 527 20.23 -11.93 40.94
N VAL B 528 19.28 -12.73 41.41
CA VAL B 528 19.53 -13.73 42.42
C VAL B 528 19.63 -15.14 41.84
N LEU B 529 20.44 -16.02 42.45
CA LEU B 529 20.52 -17.38 41.93
C LEU B 529 19.14 -17.99 42.16
N ASN B 530 18.35 -18.12 41.11
CA ASN B 530 16.98 -18.64 41.24
C ASN B 530 16.40 -18.91 39.87
N PHE B 531 15.33 -19.70 39.80
CA PHE B 531 14.66 -19.97 38.54
C PHE B 531 13.17 -20.09 38.84
N SER B 532 12.31 -19.74 37.88
CA SER B 532 10.88 -19.92 38.11
C SER B 532 10.19 -20.25 36.81
N PHE B 533 8.95 -20.73 36.91
CA PHE B 533 8.19 -21.07 35.70
C PHE B 533 7.38 -19.86 35.17
N GLU B 534 7.94 -19.20 34.19
CA GLU B 534 7.37 -18.02 33.60
C GLU B 534 6.54 -18.37 32.39
N VAL B 535 7.12 -19.09 31.45
CA VAL B 535 6.38 -19.44 30.23
C VAL B 535 6.12 -20.93 30.07
N VAL B 536 5.22 -21.46 30.88
CA VAL B 536 4.91 -22.89 30.89
C VAL B 536 3.45 -23.20 30.58
N SER B 537 2.77 -22.26 29.91
CA SER B 537 1.37 -22.44 29.56
C SER B 537 1.26 -22.94 28.13
N LYS B 538 0.44 -23.98 27.91
CA LYS B 538 0.29 -24.53 26.57
C LYS B 538 -1.10 -25.06 26.38
N PRO B 539 -1.64 -24.93 25.15
CA PRO B 539 -3.00 -25.40 24.80
C PRO B 539 -3.04 -26.91 24.47
N PHE B 540 -4.18 -27.53 24.75
CA PHE B 540 -4.36 -28.97 24.52
C PHE B 540 -5.78 -29.18 24.03
N VAL B 541 -6.02 -30.33 23.43
CA VAL B 541 -7.34 -30.61 22.93
C VAL B 541 -7.65 -32.04 23.19
N ILE B 542 -8.96 -32.33 23.27
CA ILE B 542 -9.42 -33.69 23.53
C ILE B 542 -10.60 -33.98 22.64
N PRO B 543 -10.45 -34.91 21.70
CA PRO B 543 -11.56 -35.24 20.80
C PRO B 543 -12.60 -36.04 21.56
N LEU B 544 -13.85 -35.59 21.45
CA LEU B 544 -14.95 -36.24 22.15
C LEU B 544 -15.32 -37.59 21.54
N ILE B 545 -14.81 -37.85 20.34
CA ILE B 545 -15.07 -39.14 19.70
C ILE B 545 -13.77 -39.92 19.59
N PRO B 546 -13.63 -41.00 20.36
CA PRO B 546 -12.42 -41.82 20.32
C PRO B 546 -12.05 -42.18 18.90
N GLY B 547 -10.75 -42.12 18.59
CA GLY B 547 -10.28 -42.50 17.26
C GLY B 547 -10.15 -41.32 16.36
N SER B 548 -10.76 -40.22 16.77
CA SER B 548 -10.71 -39.01 16.00
C SER B 548 -9.42 -38.33 16.46
N PRO B 549 -8.59 -37.90 15.51
CA PRO B 549 -7.35 -37.26 15.89
C PRO B 549 -7.47 -35.78 16.21
N ASN B 550 -6.38 -35.23 16.72
CA ASN B 550 -6.27 -33.83 17.06
C ASN B 550 -6.35 -33.05 15.76
N PRO B 551 -7.43 -32.30 15.56
CA PRO B 551 -7.54 -31.54 14.33
C PRO B 551 -6.33 -30.65 13.96
N THR B 552 -5.80 -29.88 14.89
CA THR B 552 -4.67 -29.04 14.49
C THR B 552 -3.51 -29.84 13.88
N LYS B 553 -3.51 -31.16 14.07
CA LYS B 553 -2.46 -32.00 13.50
C LYS B 553 -2.51 -32.11 11.98
N LEU B 554 -3.65 -31.75 11.40
CA LEU B 554 -3.82 -31.78 9.95
C LEU B 554 -3.66 -33.17 9.35
N VAL B 555 -4.20 -34.17 10.04
CA VAL B 555 -4.14 -35.56 9.56
C VAL B 555 -5.17 -35.74 8.45
N PRO B 556 -4.70 -35.98 7.20
CA PRO B 556 -5.55 -36.17 6.03
C PRO B 556 -6.81 -36.95 6.38
N ARG B 557 -7.97 -36.39 6.05
CA ARG B 557 -9.23 -37.05 6.33
C ARG B 557 -9.31 -38.44 5.71
N SER B 558 -8.86 -38.55 4.47
CA SER B 558 -8.87 -39.82 3.76
C SER B 558 -8.01 -40.88 4.43
N MET B 559 -7.12 -40.45 5.31
CA MET B 559 -6.23 -41.37 6.00
C MET B 559 -6.70 -41.67 7.44
N THR B 560 -7.91 -41.24 7.77
CA THR B 560 -8.47 -41.47 9.10
C THR B 560 -9.86 -42.06 8.96
N SER B 561 -10.35 -42.69 10.03
CA SER B 561 -11.68 -43.30 10.02
C SER B 561 -12.47 -42.85 11.25
N GLU B 562 -12.99 -41.64 11.21
CA GLU B 562 -13.77 -41.14 12.35
C GLU B 562 -15.18 -41.71 12.35
N ALA B 563 -16.17 -40.81 12.25
CA ALA B 563 -17.57 -41.19 12.23
C ALA B 563 -17.99 -41.97 13.48
N GLY B 564 -17.05 -42.19 14.40
CA GLY B 564 -17.38 -42.89 15.62
C GLY B 564 -18.51 -42.19 16.36
N GLU B 565 -18.77 -42.60 17.59
CA GLU B 565 -19.82 -41.97 18.39
C GLU B 565 -19.21 -41.40 19.68
N TYR B 566 -19.91 -40.48 20.36
CA TYR B 566 -19.40 -39.89 21.60
C TYR B 566 -18.98 -40.91 22.62
N ASP B 567 -17.89 -40.65 23.33
CA ASP B 567 -17.43 -41.54 24.39
C ASP B 567 -16.47 -40.73 25.23
N LEU B 568 -16.90 -40.32 26.41
CA LEU B 568 -16.06 -39.50 27.25
C LEU B 568 -15.19 -40.31 28.22
N ASN B 569 -15.25 -41.64 28.16
CA ASN B 569 -14.40 -42.43 29.06
C ASN B 569 -12.92 -42.36 28.73
N ASP B 570 -12.09 -42.33 29.77
CA ASP B 570 -10.66 -42.27 29.58
C ASP B 570 -10.30 -41.33 28.48
N MET B 571 -10.87 -40.13 28.54
CA MET B 571 -10.56 -39.14 27.51
C MET B 571 -9.25 -38.39 27.79
N TYR B 572 -8.83 -38.34 29.06
CA TYR B 572 -7.58 -37.69 29.40
C TYR B 572 -6.40 -38.44 28.77
N LYS B 573 -6.63 -39.66 28.31
CA LYS B 573 -5.56 -40.43 27.67
C LYS B 573 -5.39 -40.02 26.21
N ARG B 574 -6.45 -39.50 25.59
CA ARG B 574 -6.43 -39.09 24.20
C ARG B 574 -5.99 -37.65 24.04
N SER B 575 -5.71 -36.99 25.16
CA SER B 575 -5.29 -35.61 25.16
C SER B 575 -4.13 -35.44 24.20
N SER B 576 -4.07 -34.25 23.61
CA SER B 576 -3.02 -33.95 22.65
C SER B 576 -2.74 -32.46 22.67
N PRO B 577 -1.46 -32.08 22.58
CA PRO B 577 -1.09 -30.66 22.58
C PRO B 577 -1.27 -30.02 21.22
N ILE B 578 -1.43 -28.72 21.21
CA ILE B 578 -1.53 -28.03 19.94
C ILE B 578 -0.17 -27.31 19.84
N ASN B 579 0.49 -27.54 18.70
CA ASN B 579 1.81 -27.01 18.40
C ASN B 579 1.91 -25.49 18.45
N VAL B 580 1.84 -24.92 19.64
CA VAL B 580 1.93 -23.48 19.81
C VAL B 580 2.99 -23.28 20.88
N ASP B 581 3.96 -22.40 20.63
CA ASP B 581 5.01 -22.16 21.62
C ASP B 581 4.46 -21.82 23.04
N PRO B 582 5.12 -22.33 24.10
CA PRO B 582 4.66 -22.05 25.47
C PRO B 582 4.60 -20.56 25.77
N GLY B 583 4.07 -20.22 26.93
CA GLY B 583 3.96 -18.82 27.32
C GLY B 583 3.05 -18.69 28.52
N ASP B 584 2.20 -17.67 28.52
CA ASP B 584 1.24 -17.41 29.59
C ASP B 584 -0.13 -17.04 28.97
N TYR B 585 -0.91 -18.08 28.65
CA TYR B 585 -2.23 -17.98 28.00
C TYR B 585 -3.39 -18.02 29.00
N ARG B 586 -4.35 -17.11 28.82
CA ARG B 586 -5.50 -17.05 29.71
C ARG B 586 -6.81 -17.50 29.05
N MET B 587 -6.80 -17.61 27.73
CA MET B 587 -8.00 -18.00 27.01
C MET B 587 -7.67 -18.62 25.65
N ILE B 588 -8.43 -19.64 25.28
CA ILE B 588 -8.22 -20.33 24.00
C ILE B 588 -9.58 -20.38 23.27
N ILE B 589 -9.65 -19.83 22.05
CA ILE B 589 -10.91 -19.83 21.32
C ILE B 589 -10.76 -20.54 19.98
N PRO B 590 -11.32 -21.76 19.89
CA PRO B 590 -11.26 -22.54 18.67
C PRO B 590 -12.21 -22.02 17.59
N LEU B 591 -11.68 -21.85 16.38
CA LEU B 591 -12.46 -21.39 15.24
C LEU B 591 -12.30 -22.38 14.10
N GLU B 592 -12.90 -22.04 12.97
CA GLU B 592 -12.89 -22.91 11.80
C GLU B 592 -11.51 -23.35 11.35
N SER B 593 -10.65 -22.40 11.03
CA SER B 593 -9.31 -22.76 10.56
C SER B 593 -8.22 -22.02 11.33
N SER B 594 -8.59 -21.52 12.52
CA SER B 594 -7.65 -20.81 13.37
C SER B 594 -8.03 -20.93 14.84
N ILE B 595 -7.10 -20.54 15.72
CA ILE B 595 -7.32 -20.57 17.15
C ILE B 595 -6.96 -19.18 17.69
N LEU B 596 -7.79 -18.63 18.55
CA LEU B 596 -7.50 -17.34 19.12
C LEU B 596 -6.94 -17.62 20.49
N ILE B 597 -5.86 -16.93 20.84
CA ILE B 597 -5.26 -17.16 22.16
C ILE B 597 -4.93 -15.84 22.83
N TYR B 598 -5.34 -15.72 24.09
CA TYR B 598 -5.09 -14.51 24.87
C TYR B 598 -3.79 -14.73 25.61
N SER B 599 -2.77 -13.94 25.29
CA SER B 599 -1.48 -14.09 25.91
C SER B 599 -1.13 -12.92 26.78
N VAL B 600 -0.40 -13.20 27.85
CA VAL B 600 0.06 -12.15 28.73
C VAL B 600 1.56 -12.20 28.85
N PRO B 601 2.26 -11.18 28.32
CA PRO B 601 3.73 -11.14 28.40
C PRO B 601 4.20 -11.05 29.84
N VAL B 602 5.34 -11.68 30.15
CA VAL B 602 5.90 -11.64 31.50
C VAL B 602 6.21 -10.19 31.86
N HIS B 603 5.81 -9.84 33.07
CA HIS B 603 5.95 -8.47 33.56
C HIS B 603 6.15 -8.47 35.07
N GLY B 604 6.48 -7.28 35.61
CA GLY B 604 6.69 -7.15 37.04
C GLY B 604 5.34 -7.09 37.72
N GLU B 605 5.31 -7.35 39.02
CA GLU B 605 4.06 -7.33 39.75
C GLU B 605 3.89 -6.14 40.65
N PHE B 606 4.90 -5.29 40.70
CA PHE B 606 4.82 -4.16 41.61
C PHE B 606 3.59 -3.27 41.46
N ALA B 607 3.36 -2.77 40.26
CA ALA B 607 2.23 -1.89 40.03
C ALA B 607 0.91 -2.59 40.30
N ALA B 608 0.83 -3.87 39.97
CA ALA B 608 -0.39 -4.60 40.17
C ALA B 608 -0.66 -4.86 41.66
N TYR B 609 0.40 -5.12 42.42
CA TYR B 609 0.27 -5.44 43.85
C TYR B 609 -0.11 -4.24 44.70
N TYR B 610 0.38 -3.06 44.32
CA TYR B 610 0.10 -1.86 45.10
C TYR B 610 -0.90 -0.96 44.40
N GLN B 611 -0.44 -0.34 43.32
CA GLN B 611 -1.27 0.57 42.52
C GLN B 611 -2.50 -0.14 41.92
N GLY B 612 -2.52 -1.47 41.94
CA GLY B 612 -3.65 -2.18 41.39
C GLY B 612 -3.73 -2.16 39.85
N ALA B 613 -2.65 -1.77 39.17
CA ALA B 613 -2.60 -1.73 37.72
C ALA B 613 -3.03 -3.07 37.12
N PRO B 614 -3.83 -3.04 36.05
CA PRO B 614 -4.35 -4.21 35.33
C PRO B 614 -3.24 -4.88 34.52
N GLU B 615 -3.44 -6.16 34.28
CA GLU B 615 -2.51 -6.99 33.53
C GLU B 615 -2.65 -6.76 32.02
N LYS B 616 -1.55 -6.47 31.34
CA LYS B 616 -1.58 -6.23 29.89
C LYS B 616 -1.46 -7.53 29.07
N GLY B 617 -2.45 -7.77 28.22
CA GLY B 617 -2.46 -8.96 27.39
C GLY B 617 -2.53 -8.59 25.91
N VAL B 618 -2.66 -9.59 25.05
CA VAL B 618 -2.76 -9.35 23.63
C VAL B 618 -3.49 -10.58 23.04
N LEU B 619 -4.28 -10.35 22.00
CA LEU B 619 -5.04 -11.40 21.34
C LEU B 619 -4.27 -11.97 20.18
N LEU B 620 -3.83 -13.22 20.32
CA LEU B 620 -3.06 -13.89 19.29
C LEU B 620 -3.92 -14.83 18.44
N LYS B 621 -3.49 -14.99 17.19
CA LYS B 621 -4.18 -15.86 16.24
C LYS B 621 -3.24 -16.92 15.71
N TYR B 622 -3.70 -18.16 15.77
CA TYR B 622 -2.92 -19.28 15.28
C TYR B 622 -3.66 -19.89 14.11
N ASP B 623 -3.05 -19.84 12.93
CA ASP B 623 -3.65 -20.40 11.72
C ASP B 623 -3.37 -21.89 11.73
N VAL B 624 -4.41 -22.72 11.77
CA VAL B 624 -4.19 -24.16 11.83
C VAL B 624 -3.40 -24.68 10.63
N LYS B 625 -3.70 -24.12 9.46
CA LYS B 625 -3.03 -24.48 8.22
C LYS B 625 -1.55 -24.08 8.18
N THR B 626 -1.31 -22.76 8.22
CA THR B 626 0.05 -22.22 8.15
C THR B 626 0.86 -22.40 9.43
N ARG B 627 0.17 -22.67 10.53
CA ARG B 627 0.78 -22.85 11.86
C ARG B 627 1.51 -21.59 12.29
N LYS B 628 1.23 -20.49 11.58
CA LYS B 628 1.84 -19.21 11.85
C LYS B 628 1.03 -18.46 12.90
N VAL B 629 1.73 -17.65 13.69
CA VAL B 629 1.08 -16.88 14.75
C VAL B 629 1.16 -15.38 14.47
N THR B 630 0.08 -14.67 14.76
CA THR B 630 0.06 -13.24 14.53
C THR B 630 -0.69 -12.52 15.62
N GLU B 631 -0.59 -11.20 15.63
CA GLU B 631 -1.22 -10.39 16.64
C GLU B 631 -2.47 -9.73 16.10
N VAL B 632 -3.61 -10.07 16.69
CA VAL B 632 -4.88 -9.51 16.28
C VAL B 632 -5.22 -8.19 16.99
N LYS B 633 -4.78 -8.04 18.24
CA LYS B 633 -5.10 -6.83 18.97
C LYS B 633 -4.21 -6.76 20.20
N ASN B 634 -3.75 -5.58 20.57
CA ASN B 634 -2.93 -5.49 21.78
C ASN B 634 -3.49 -4.49 22.76
N ASN B 635 -2.74 -4.27 23.83
CA ASN B 635 -3.15 -3.33 24.88
C ASN B 635 -4.46 -3.74 25.52
N LEU B 636 -4.66 -5.04 25.68
CA LEU B 636 -5.88 -5.53 26.26
C LEU B 636 -5.73 -5.80 27.73
N THR B 637 -6.80 -5.60 28.50
CA THR B 637 -6.74 -5.86 29.92
C THR B 637 -7.89 -6.76 30.32
N ASP B 638 -8.72 -7.11 29.35
CA ASP B 638 -9.86 -7.99 29.57
C ASP B 638 -10.52 -8.26 28.21
N LEU B 639 -11.14 -9.43 28.06
CA LEU B 639 -11.79 -9.81 26.82
C LEU B 639 -12.96 -10.69 27.07
N ARG B 640 -14.00 -10.55 26.24
CA ARG B 640 -15.21 -11.38 26.34
C ARG B 640 -15.67 -11.71 24.92
N LEU B 641 -16.16 -12.91 24.72
CA LEU B 641 -16.62 -13.30 23.41
C LEU B 641 -18.12 -13.58 23.42
N SER B 642 -18.81 -13.18 22.35
CA SER B 642 -20.26 -13.40 22.24
C SER B 642 -20.59 -14.88 22.17
N ALA B 643 -21.88 -15.17 22.06
CA ALA B 643 -22.35 -16.55 21.98
C ALA B 643 -22.00 -17.15 20.61
N ASP B 644 -22.34 -16.41 19.57
CA ASP B 644 -22.09 -16.80 18.19
C ASP B 644 -20.61 -16.72 17.78
N ARG B 645 -19.72 -16.51 18.75
CA ARG B 645 -18.29 -16.42 18.47
C ARG B 645 -17.97 -15.39 17.40
N LYS B 646 -18.91 -14.52 17.06
CA LYS B 646 -18.62 -13.52 16.03
C LYS B 646 -18.28 -12.14 16.57
N THR B 647 -18.82 -11.80 17.73
CA THR B 647 -18.57 -10.50 18.34
C THR B 647 -17.53 -10.52 19.46
N VAL B 648 -16.63 -9.55 19.45
CA VAL B 648 -15.62 -9.47 20.49
C VAL B 648 -15.76 -8.14 21.25
N MET B 649 -15.73 -8.23 22.57
CA MET B 649 -15.83 -7.08 23.44
C MET B 649 -14.57 -7.13 24.29
N VAL B 650 -13.78 -6.06 24.28
CA VAL B 650 -12.56 -6.04 25.09
C VAL B 650 -12.45 -4.76 25.90
N ARG B 651 -11.47 -4.74 26.78
CA ARG B 651 -11.18 -3.56 27.60
C ARG B 651 -9.71 -3.33 27.34
N LYS B 652 -9.33 -2.09 27.05
CA LYS B 652 -7.93 -1.81 26.80
C LYS B 652 -7.33 -1.11 28.00
N ASP B 653 -6.01 -0.91 27.94
CA ASP B 653 -5.27 -0.28 29.02
C ASP B 653 -5.71 1.14 29.31
N ASP B 654 -6.29 1.81 28.31
CA ASP B 654 -6.78 3.18 28.53
C ASP B 654 -8.05 3.14 29.37
N GLY B 655 -8.50 1.93 29.68
CA GLY B 655 -9.69 1.78 30.48
C GLY B 655 -11.02 1.74 29.73
N LYS B 656 -10.98 2.02 28.43
CA LYS B 656 -12.21 2.04 27.63
C LYS B 656 -12.64 0.66 27.11
N ILE B 657 -13.93 0.48 26.88
CA ILE B 657 -14.44 -0.78 26.37
C ILE B 657 -14.63 -0.70 24.86
N TYR B 658 -14.21 -1.74 24.15
CA TYR B 658 -14.37 -1.74 22.69
C TYR B 658 -15.01 -3.00 22.17
N THR B 659 -15.53 -2.91 20.96
CA THR B 659 -16.19 -4.06 20.37
C THR B 659 -15.90 -4.16 18.87
N PHE B 660 -15.39 -5.31 18.45
CA PHE B 660 -15.09 -5.53 17.05
C PHE B 660 -15.44 -6.95 16.65
N PRO B 661 -15.87 -7.12 15.38
CA PRO B 661 -16.25 -8.44 14.87
C PRO B 661 -15.00 -9.30 14.74
N LEU B 662 -15.11 -10.55 15.17
CA LEU B 662 -13.98 -11.47 15.10
C LEU B 662 -13.43 -11.61 13.68
N GLU B 663 -14.33 -11.52 12.70
CA GLU B 663 -13.97 -11.63 11.29
C GLU B 663 -13.13 -10.42 10.81
N LYS B 664 -13.56 -9.21 11.16
CA LYS B 664 -12.84 -8.01 10.77
C LYS B 664 -12.48 -7.14 11.99
N PRO B 665 -11.47 -7.56 12.77
CA PRO B 665 -11.01 -6.84 13.96
C PRO B 665 -10.51 -5.44 13.65
N GLU B 666 -10.50 -5.09 12.38
CA GLU B 666 -10.05 -3.76 12.00
C GLU B 666 -11.15 -2.75 12.30
N ASP B 667 -12.39 -3.21 12.34
CA ASP B 667 -13.55 -2.35 12.57
C ASP B 667 -14.10 -2.35 14.00
N GLU B 668 -13.32 -1.82 14.94
CA GLU B 668 -13.76 -1.76 16.34
C GLU B 668 -14.44 -0.43 16.62
N ARG B 669 -15.39 -0.43 17.56
CA ARG B 669 -16.09 0.78 17.96
C ARG B 669 -15.94 0.93 19.45
N THR B 670 -16.06 2.16 19.92
CA THR B 670 -15.92 2.45 21.33
C THR B 670 -17.28 2.38 22.02
N VAL B 671 -17.36 1.67 23.14
CA VAL B 671 -18.63 1.58 23.83
C VAL B 671 -18.82 2.78 24.75
N GLU B 672 -19.87 3.57 24.51
CA GLU B 672 -20.15 4.70 25.35
C GLU B 672 -21.34 4.41 26.25
N THR B 673 -21.20 4.76 27.53
CA THR B 673 -22.25 4.51 28.50
C THR B 673 -22.57 5.72 29.33
N ASP B 674 -21.75 6.77 29.22
CA ASP B 674 -21.95 8.00 29.97
C ASP B 674 -22.89 9.01 29.34
N LYS B 675 -23.65 8.56 28.35
CA LYS B 675 -24.61 9.42 27.68
C LYS B 675 -25.81 9.63 28.63
N ARG B 676 -26.28 8.55 29.24
CA ARG B 676 -27.41 8.60 30.15
C ARG B 676 -26.90 8.56 31.61
N PRO B 677 -27.24 9.56 32.42
CA PRO B 677 -26.81 9.60 33.82
C PRO B 677 -27.34 8.39 34.63
N LEU B 678 -26.63 8.08 35.71
CA LEU B 678 -27.02 6.98 36.58
C LEU B 678 -27.86 7.61 37.69
N VAL B 679 -29.08 7.10 37.92
CA VAL B 679 -29.94 7.66 38.94
C VAL B 679 -30.17 6.76 40.12
N SER B 680 -29.96 7.28 41.31
CA SER B 680 -30.16 6.50 42.53
C SER B 680 -30.55 7.32 43.77
N SER B 681 -30.91 6.61 44.84
CA SER B 681 -31.32 7.23 46.10
C SER B 681 -30.27 6.92 47.18
N ILE B 682 -29.72 7.98 47.77
CA ILE B 682 -28.71 7.81 48.81
C ILE B 682 -29.16 6.87 49.93
N HIS B 683 -30.30 7.13 50.55
CA HIS B 683 -30.70 6.27 51.65
C HIS B 683 -30.97 4.84 51.25
N GLU B 684 -31.52 4.59 50.07
CA GLU B 684 -31.76 3.20 49.71
C GLU B 684 -30.45 2.48 49.43
N GLU B 685 -29.49 3.20 48.84
CA GLU B 685 -28.18 2.60 48.55
C GLU B 685 -27.47 2.35 49.87
N PHE B 686 -27.51 3.33 50.77
CA PHE B 686 -26.88 3.21 52.07
C PHE B 686 -27.41 1.99 52.84
N LEU B 687 -28.71 1.79 52.86
CA LEU B 687 -29.27 0.65 53.55
C LEU B 687 -28.76 -0.59 52.87
N GLN B 688 -28.72 -0.55 51.55
CA GLN B 688 -28.26 -1.69 50.78
C GLN B 688 -26.80 -2.00 51.12
N MET B 689 -25.96 -0.98 51.05
CA MET B 689 -24.54 -1.12 51.33
C MET B 689 -24.26 -1.60 52.75
N TYR B 690 -25.02 -1.08 53.71
CA TYR B 690 -24.82 -1.51 55.08
C TYR B 690 -25.08 -3.01 55.21
N ASP B 691 -26.28 -3.44 54.78
CA ASP B 691 -26.65 -4.84 54.86
C ASP B 691 -25.61 -5.76 54.23
N GLU B 692 -25.00 -5.32 53.14
CA GLU B 692 -23.99 -6.15 52.48
C GLU B 692 -22.71 -6.22 53.30
N ALA B 693 -22.23 -5.06 53.76
CA ALA B 693 -21.03 -5.00 54.60
C ALA B 693 -21.22 -5.89 55.80
N TRP B 694 -22.38 -5.81 56.41
CA TRP B 694 -22.72 -6.61 57.57
C TRP B 694 -22.79 -8.08 57.18
N LYS B 695 -23.38 -8.40 56.03
CA LYS B 695 -23.48 -9.79 55.61
C LYS B 695 -22.12 -10.41 55.27
N LEU B 696 -21.24 -9.62 54.66
CA LEU B 696 -19.90 -10.09 54.32
C LEU B 696 -19.09 -10.36 55.59
N ALA B 697 -19.20 -9.45 56.55
CA ALA B 697 -18.49 -9.57 57.79
C ALA B 697 -18.83 -10.88 58.47
N ARG B 698 -20.09 -11.29 58.37
CA ARG B 698 -20.51 -12.52 59.02
C ARG B 698 -20.15 -13.73 58.17
N ASP B 699 -20.42 -13.66 56.88
CA ASP B 699 -20.13 -14.77 55.98
C ASP B 699 -18.63 -15.07 55.78
N ASN B 700 -17.77 -14.09 56.01
CA ASN B 700 -16.36 -14.33 55.82
C ASN B 700 -15.50 -14.41 57.08
N TYR B 701 -16.05 -14.14 58.26
CA TYR B 701 -15.28 -14.22 59.49
C TYR B 701 -14.66 -15.62 59.61
N TRP B 702 -13.40 -15.69 59.99
CA TRP B 702 -12.72 -16.97 60.10
C TRP B 702 -13.44 -17.99 60.97
N ASN B 703 -13.98 -17.53 62.10
CA ASN B 703 -14.66 -18.45 62.99
C ASN B 703 -16.17 -18.40 62.79
N GLU B 704 -16.68 -19.40 62.07
CA GLU B 704 -18.11 -19.51 61.75
C GLU B 704 -19.02 -19.47 62.97
N ALA B 705 -18.62 -20.15 64.04
CA ALA B 705 -19.39 -20.16 65.26
C ALA B 705 -19.67 -18.74 65.77
N VAL B 706 -18.61 -18.03 66.12
CA VAL B 706 -18.70 -16.68 66.63
C VAL B 706 -19.50 -15.74 65.76
N ALA B 707 -19.42 -15.92 64.44
CA ALA B 707 -20.13 -15.07 63.49
C ALA B 707 -21.64 -14.98 63.76
N LYS B 708 -22.29 -16.15 63.84
CA LYS B 708 -23.72 -16.22 64.09
C LYS B 708 -24.14 -15.33 65.27
N GLU B 709 -23.34 -15.36 66.34
CA GLU B 709 -23.65 -14.57 67.53
C GLU B 709 -23.30 -13.09 67.36
N ILE B 710 -22.09 -12.81 66.91
CA ILE B 710 -21.63 -11.44 66.70
C ILE B 710 -22.51 -10.66 65.71
N SER B 711 -22.77 -11.26 64.56
CA SER B 711 -23.58 -10.61 63.55
C SER B 711 -24.96 -10.23 64.08
N GLU B 712 -25.71 -11.22 64.56
CA GLU B 712 -27.06 -10.99 65.07
C GLU B 712 -27.15 -10.04 66.25
N ARG B 713 -26.04 -9.90 66.96
CA ARG B 713 -26.02 -9.00 68.10
C ARG B 713 -25.75 -7.55 67.75
N ILE B 714 -25.07 -7.30 66.65
CA ILE B 714 -24.73 -5.92 66.29
C ILE B 714 -25.55 -5.31 65.16
N TYR B 715 -26.22 -6.16 64.39
CA TYR B 715 -26.99 -5.68 63.24
C TYR B 715 -27.93 -4.52 63.49
N GLU B 716 -28.95 -4.76 64.30
CA GLU B 716 -29.92 -3.72 64.58
C GLU B 716 -29.30 -2.43 65.12
N LYS B 717 -28.46 -2.54 66.14
CA LYS B 717 -27.82 -1.37 66.74
C LYS B 717 -27.20 -0.41 65.74
N TYR B 718 -26.44 -0.92 64.79
CA TYR B 718 -25.78 -0.07 63.80
C TYR B 718 -26.65 0.27 62.58
N ARG B 719 -27.66 -0.54 62.33
CA ARG B 719 -28.55 -0.27 61.22
C ARG B 719 -29.37 1.00 61.51
N ASN B 720 -29.70 1.23 62.77
CA ASN B 720 -30.49 2.40 63.15
C ASN B 720 -29.76 3.71 62.95
N LEU B 721 -28.48 3.65 62.62
CA LEU B 721 -27.71 4.89 62.42
C LEU B 721 -27.58 5.21 60.94
N VAL B 722 -27.86 4.21 60.10
CA VAL B 722 -27.76 4.41 58.66
C VAL B 722 -28.57 5.62 58.19
N PRO B 723 -29.85 5.71 58.60
CA PRO B 723 -30.71 6.83 58.20
C PRO B 723 -30.20 8.20 58.65
N LEU B 724 -29.22 8.21 59.55
CA LEU B 724 -28.67 9.49 60.00
C LEU B 724 -27.53 9.86 59.06
N CYS B 725 -27.11 8.91 58.24
CA CYS B 725 -26.01 9.13 57.31
C CYS B 725 -26.47 9.82 56.04
N LYS B 726 -25.89 10.99 55.75
CA LYS B 726 -26.25 11.75 54.56
C LYS B 726 -25.11 11.70 53.55
N THR B 727 -23.90 11.45 54.04
CA THR B 727 -22.74 11.38 53.17
C THR B 727 -22.08 10.01 53.21
N ARG B 728 -21.17 9.79 52.27
CA ARG B 728 -20.48 8.52 52.18
C ARG B 728 -19.65 8.27 53.43
N TYR B 729 -18.94 9.32 53.84
CA TYR B 729 -18.11 9.29 55.02
C TYR B 729 -19.01 8.95 56.22
N ASP B 730 -20.20 9.54 56.33
CA ASP B 730 -21.07 9.22 57.45
C ASP B 730 -21.24 7.70 57.50
N LEU B 731 -21.72 7.14 56.39
CA LEU B 731 -21.97 5.70 56.26
C LEU B 731 -20.73 4.90 56.67
N SER B 732 -19.57 5.42 56.28
CA SER B 732 -18.31 4.79 56.62
C SER B 732 -18.19 4.70 58.14
N ASN B 733 -18.42 5.82 58.83
CA ASN B 733 -18.34 5.84 60.30
C ASN B 733 -19.17 4.75 60.92
N VAL B 734 -20.37 4.54 60.39
CA VAL B 734 -21.25 3.53 60.93
C VAL B 734 -20.71 2.13 60.59
N ILE B 735 -20.39 1.89 59.32
CA ILE B 735 -19.89 0.58 58.93
C ILE B 735 -18.63 0.11 59.65
N VAL B 736 -17.66 1.00 59.76
CA VAL B 736 -16.42 0.65 60.43
C VAL B 736 -16.68 0.27 61.90
N GLU B 737 -17.54 1.04 62.58
CA GLU B 737 -17.84 0.76 63.98
C GLU B 737 -18.46 -0.64 64.12
N MET B 738 -19.25 -1.05 63.14
CA MET B 738 -19.86 -2.36 63.23
C MET B 738 -18.83 -3.42 62.87
N GLN B 739 -17.85 -3.06 62.05
CA GLN B 739 -16.81 -4.05 61.74
C GLN B 739 -15.94 -4.30 63.00
N GLY B 740 -15.70 -3.25 63.77
CA GLY B 740 -14.91 -3.36 64.97
C GLY B 740 -15.49 -4.32 65.98
N GLU B 741 -16.80 -4.57 65.84
CA GLU B 741 -17.51 -5.48 66.74
C GLU B 741 -16.97 -6.90 66.68
N TYR B 742 -16.28 -7.25 65.61
CA TYR B 742 -15.72 -8.59 65.52
C TYR B 742 -14.44 -8.70 66.34
N ARG B 743 -14.05 -7.59 66.97
CA ARG B 743 -12.85 -7.54 67.82
C ARG B 743 -11.67 -8.31 67.22
N THR B 744 -11.45 -8.13 65.93
CA THR B 744 -10.37 -8.82 65.24
C THR B 744 -9.64 -7.89 64.29
N SER B 745 -8.44 -8.29 63.89
CA SER B 745 -7.67 -7.51 62.98
C SER B 745 -8.23 -7.60 61.54
N HIS B 746 -7.55 -6.92 60.63
CA HIS B 746 -7.89 -6.93 59.22
C HIS B 746 -9.33 -6.68 58.78
N SER B 747 -10.06 -5.83 59.50
CA SER B 747 -11.42 -5.48 59.10
C SER B 747 -11.29 -4.09 58.54
N TYR B 748 -10.89 -4.01 57.27
CA TYR B 748 -10.68 -2.72 56.61
C TYR B 748 -11.77 -2.28 55.63
N GLU B 749 -11.66 -1.03 55.19
CA GLU B 749 -12.59 -0.45 54.23
C GLU B 749 -11.73 0.41 53.33
N MET B 750 -11.66 0.06 52.06
CA MET B 750 -10.85 0.77 51.08
C MET B 750 -11.67 1.08 49.83
N GLY B 751 -11.28 2.13 49.10
CA GLY B 751 -11.99 2.45 47.88
C GLY B 751 -13.30 3.16 48.13
N GLY B 752 -14.10 3.34 47.09
CA GLY B 752 -15.38 4.01 47.24
C GLY B 752 -15.21 5.49 46.92
N THR B 753 -16.34 6.17 46.72
CA THR B 753 -16.33 7.58 46.40
C THR B 753 -16.86 8.43 47.57
N PHE B 754 -15.98 9.19 48.20
CA PHE B 754 -16.36 10.03 49.31
C PHE B 754 -16.50 11.48 48.91
N THR B 755 -15.77 11.91 47.90
CA THR B 755 -15.82 13.29 47.48
C THR B 755 -15.50 13.50 45.99
N ASP B 756 -15.94 14.61 45.44
CA ASP B 756 -15.68 14.87 44.05
C ASP B 756 -14.48 15.81 43.97
N LYS B 757 -13.82 16.02 45.11
CA LYS B 757 -12.66 16.91 45.16
C LYS B 757 -11.40 16.20 44.66
N ASP B 758 -10.57 16.92 43.91
CA ASP B 758 -9.33 16.32 43.43
C ASP B 758 -8.34 16.19 44.59
N PRO B 759 -7.54 15.12 44.57
CA PRO B 759 -6.57 14.90 45.64
C PRO B 759 -5.57 16.05 45.81
N PHE B 760 -5.18 16.29 47.05
CA PHE B 760 -4.21 17.34 47.36
C PHE B 760 -2.91 16.98 46.66
N ARG B 761 -2.20 17.99 46.16
CA ARG B 761 -0.95 17.78 45.47
C ARG B 761 0.21 18.33 46.30
N SER B 762 1.39 17.77 46.10
CA SER B 762 2.56 18.22 46.83
C SER B 762 3.80 18.19 45.94
N GLY B 763 4.54 19.31 45.90
CA GLY B 763 5.72 19.36 45.07
C GLY B 763 6.94 18.89 45.84
N ARG B 764 7.62 17.86 45.34
CA ARG B 764 8.80 17.35 46.03
C ARG B 764 10.07 17.17 45.19
N ILE B 765 11.22 17.54 45.76
CA ILE B 765 12.49 17.37 45.07
C ILE B 765 13.47 16.69 46.01
N ALA B 766 12.92 15.89 46.92
CA ALA B 766 13.74 15.13 47.85
C ALA B 766 14.70 16.00 48.64
N CYS B 767 14.18 17.05 49.25
CA CYS B 767 15.01 17.95 50.05
C CYS B 767 14.26 18.42 51.29
N ASP B 768 15.02 18.82 52.30
CA ASP B 768 14.42 19.35 53.51
C ASP B 768 14.76 20.83 53.56
N PHE B 769 13.74 21.65 53.74
CA PHE B 769 13.95 23.08 53.78
C PHE B 769 13.88 23.66 55.18
N LYS B 770 14.76 24.63 55.42
CA LYS B 770 14.82 25.32 56.72
C LYS B 770 14.82 26.82 56.45
N LEU B 771 13.83 27.52 56.99
CA LEU B 771 13.73 28.95 56.80
C LEU B 771 14.75 29.64 57.68
N ASP B 772 15.81 30.15 57.07
CA ASP B 772 16.81 30.83 57.84
C ASP B 772 16.87 32.30 57.40
N GLY B 773 16.42 33.20 58.27
CA GLY B 773 16.41 34.59 57.90
C GLY B 773 15.28 34.83 56.92
N ASP B 774 15.60 35.29 55.72
CA ASP B 774 14.58 35.56 54.72
C ASP B 774 14.77 34.70 53.48
N HIS B 775 15.52 33.62 53.66
CA HIS B 775 15.81 32.70 52.57
C HIS B 775 15.64 31.26 53.04
N TYR B 776 15.16 30.40 52.15
CA TYR B 776 15.02 29.00 52.50
C TYR B 776 16.36 28.36 52.17
N VAL B 777 16.86 27.52 53.05
CA VAL B 777 18.11 26.82 52.80
C VAL B 777 17.83 25.33 52.72
N VAL B 778 18.64 24.62 51.94
CA VAL B 778 18.51 23.18 51.81
C VAL B 778 19.17 22.54 53.01
N ALA B 779 18.35 22.11 53.96
CA ALA B 779 18.83 21.50 55.19
C ALA B 779 19.35 20.08 54.95
N LYS B 780 18.68 19.34 54.06
CA LYS B 780 19.06 17.97 53.75
C LYS B 780 18.72 17.57 52.32
N ALA B 781 19.62 16.82 51.67
CA ALA B 781 19.41 16.35 50.29
C ALA B 781 19.41 14.83 50.26
N TYR B 782 18.24 14.20 50.11
CA TYR B 782 18.18 12.74 50.13
C TYR B 782 18.71 11.99 48.91
N ALA B 783 19.37 10.86 49.21
CA ALA B 783 19.93 9.98 48.19
C ALA B 783 20.31 8.62 48.80
N GLY B 784 19.97 7.56 48.06
CA GLY B 784 20.28 6.21 48.48
C GLY B 784 21.36 5.71 47.54
N ASP B 785 21.01 4.85 46.59
CA ASP B 785 22.00 4.37 45.66
C ASP B 785 21.96 5.29 44.43
N TYR B 786 22.93 6.20 44.32
CA TYR B 786 22.97 7.12 43.20
C TYR B 786 22.74 6.50 41.81
N SER B 787 23.21 5.28 41.63
CA SER B 787 23.09 4.59 40.36
C SER B 787 21.72 3.94 40.10
N ASN B 788 20.92 3.84 41.14
CA ASN B 788 19.62 3.28 40.97
C ASN B 788 18.71 4.34 40.42
N GLU B 789 17.49 3.93 40.12
CA GLU B 789 16.49 4.87 39.59
C GLU B 789 15.62 5.38 40.70
N GLY B 790 15.19 6.64 40.57
CA GLY B 790 14.35 7.26 41.57
C GLY B 790 14.80 7.12 43.01
N GLU B 791 16.07 7.35 43.27
CA GLU B 791 16.58 7.25 44.63
C GLU B 791 17.39 8.49 45.06
N LYS B 792 17.06 9.66 44.52
CA LYS B 792 17.85 10.82 44.90
C LYS B 792 17.20 12.10 44.43
N SER B 793 17.49 13.21 45.11
CA SER B 793 16.91 14.47 44.70
C SER B 793 17.22 14.71 43.24
N PRO B 794 16.18 15.03 42.45
CA PRO B 794 16.37 15.29 41.02
C PRO B 794 17.43 16.32 40.73
N ILE B 795 17.81 17.11 41.74
CA ILE B 795 18.85 18.10 41.51
C ILE B 795 20.20 17.42 41.22
N PHE B 796 20.50 16.32 41.91
CA PHE B 796 21.77 15.63 41.71
C PHE B 796 22.16 15.37 40.24
N GLU B 797 21.17 15.19 39.38
CA GLU B 797 21.46 14.93 37.95
C GLU B 797 22.25 16.03 37.28
N TYR B 798 22.34 17.20 37.92
CA TYR B 798 23.11 18.31 37.36
C TYR B 798 24.50 18.37 37.94
N GLY B 799 24.91 17.30 38.58
CA GLY B 799 26.24 17.25 39.15
C GLY B 799 26.54 18.17 40.30
N ILE B 800 25.67 18.22 41.30
CA ILE B 800 25.89 19.06 42.48
C ILE B 800 24.99 18.62 43.61
N ASP B 801 25.50 18.69 44.83
CA ASP B 801 24.71 18.33 45.99
C ASP B 801 24.12 19.63 46.51
N PRO B 802 22.78 19.78 46.40
CA PRO B 802 22.07 21.00 46.85
C PRO B 802 22.19 21.33 48.33
N THR B 803 22.63 20.37 49.14
CA THR B 803 22.79 20.63 50.56
C THR B 803 23.48 21.95 50.84
N GLY B 804 22.99 22.65 51.85
CA GLY B 804 23.59 23.92 52.24
C GLY B 804 23.27 25.07 51.32
N TYR B 805 22.83 24.79 50.10
CA TYR B 805 22.50 25.84 49.15
C TYR B 805 21.25 26.65 49.53
N LEU B 806 21.16 27.86 49.02
CA LEU B 806 20.01 28.71 49.29
C LEU B 806 19.11 28.73 48.08
N ILE B 807 17.81 28.70 48.32
CA ILE B 807 16.89 28.72 47.20
C ILE B 807 16.38 30.13 47.03
N GLU B 808 16.82 30.77 45.95
CA GLU B 808 16.42 32.14 45.65
C GLU B 808 14.98 32.17 45.17
N ASP B 809 14.76 31.70 43.94
CA ASP B 809 13.43 31.67 43.35
C ASP B 809 13.15 30.40 42.55
N ILE B 810 11.87 30.16 42.29
CA ILE B 810 11.43 28.99 41.53
C ILE B 810 10.50 29.48 40.45
N ASP B 811 10.81 29.15 39.20
CA ASP B 811 9.99 29.59 38.06
C ASP B 811 9.83 31.12 38.06
N GLY B 812 10.93 31.81 38.33
CA GLY B 812 10.92 33.27 38.34
C GLY B 812 10.31 33.89 39.58
N GLU B 813 9.55 33.11 40.34
CA GLU B 813 8.91 33.62 41.54
C GLU B 813 9.83 33.41 42.74
N THR B 814 10.00 34.48 43.52
CA THR B 814 10.85 34.47 44.72
C THR B 814 10.18 33.71 45.86
N VAL B 815 10.97 32.91 46.58
CA VAL B 815 10.47 32.15 47.73
C VAL B 815 11.35 32.48 48.92
N GLY B 816 10.73 32.57 50.10
CA GLY B 816 11.47 32.89 51.32
C GLY B 816 10.54 33.35 52.44
N ALA B 817 11.04 34.26 53.26
CA ALA B 817 10.26 34.79 54.39
C ALA B 817 8.84 35.18 54.02
N GLY B 818 8.60 35.49 52.74
CA GLY B 818 7.27 35.86 52.35
C GLY B 818 6.55 34.81 51.53
N SER B 819 7.25 34.16 50.61
CA SER B 819 6.61 33.18 49.76
C SER B 819 6.79 31.73 50.22
N ASN B 820 5.68 31.08 50.53
CA ASN B 820 5.68 29.68 50.99
C ASN B 820 6.23 28.77 49.87
N ILE B 821 7.42 28.21 50.10
CA ILE B 821 8.06 27.35 49.11
C ILE B 821 7.25 26.09 48.80
N TYR B 822 6.61 25.55 49.83
CA TYR B 822 5.80 24.35 49.69
C TYR B 822 4.67 24.59 48.72
N ARG B 823 3.88 25.64 48.93
CA ARG B 823 2.77 25.94 48.03
C ARG B 823 3.30 26.09 46.60
N VAL B 824 4.38 26.85 46.45
CA VAL B 824 4.95 27.03 45.13
C VAL B 824 5.27 25.69 44.53
N LEU B 825 6.03 24.88 45.25
CA LEU B 825 6.42 23.58 44.74
C LEU B 825 5.18 22.76 44.41
N SER B 826 4.18 22.85 45.27
CA SER B 826 2.95 22.11 45.05
C SER B 826 2.34 22.48 43.72
N GLU B 827 2.44 23.76 43.38
CA GLU B 827 1.87 24.27 42.13
C GLU B 827 2.66 23.93 40.88
N LYS B 828 3.81 23.29 41.04
CA LYS B 828 4.63 22.93 39.90
C LYS B 828 4.75 21.41 39.83
N ALA B 829 4.17 20.72 40.81
CA ALA B 829 4.23 19.28 40.87
C ALA B 829 3.90 18.65 39.55
N GLY B 830 4.79 17.77 39.08
CA GLY B 830 4.53 17.09 37.84
C GLY B 830 5.11 17.76 36.61
N THR B 831 5.93 18.78 36.80
CA THR B 831 6.57 19.46 35.68
C THR B 831 7.94 19.89 36.10
N SER B 832 8.70 20.47 35.16
CA SER B 832 10.04 20.94 35.48
C SER B 832 10.01 22.44 35.56
N ALA B 833 10.56 22.97 36.65
CA ALA B 833 10.60 24.40 36.81
C ALA B 833 12.02 24.91 36.98
N ARG B 834 12.23 26.16 36.63
CA ARG B 834 13.54 26.77 36.76
C ARG B 834 13.76 27.10 38.24
N ILE B 835 14.90 26.69 38.78
CA ILE B 835 15.21 26.97 40.17
C ILE B 835 16.57 27.65 40.30
N ARG B 836 16.59 28.89 40.82
CA ARG B 836 17.83 29.64 41.01
C ARG B 836 18.41 29.21 42.36
N LEU B 837 19.64 28.70 42.37
CA LEU B 837 20.27 28.27 43.62
C LEU B 837 21.52 29.09 43.92
N SER B 838 21.89 29.16 45.19
CA SER B 838 23.07 29.89 45.62
C SER B 838 23.86 29.14 46.66
N GLY B 839 25.07 28.73 46.32
CA GLY B 839 25.91 28.00 47.27
C GLY B 839 26.93 28.91 47.95
N LYS B 840 27.99 28.30 48.49
CA LYS B 840 29.03 29.06 49.17
C LYS B 840 29.76 29.93 48.14
N GLY B 841 30.06 31.16 48.54
CA GLY B 841 30.73 32.08 47.66
C GLY B 841 29.76 32.65 46.64
N GLY B 842 30.18 32.67 45.39
CA GLY B 842 29.32 33.18 44.33
C GLY B 842 28.81 32.05 43.46
N ASP B 843 28.69 30.86 44.05
CA ASP B 843 28.20 29.69 43.34
C ASP B 843 26.70 29.88 43.01
N LYS B 844 26.42 30.34 41.79
CA LYS B 844 25.07 30.58 41.33
C LYS B 844 24.65 29.50 40.34
N ARG B 845 23.49 28.87 40.57
CA ARG B 845 23.00 27.82 39.69
C ARG B 845 21.61 28.13 39.18
N ASP B 846 21.34 27.72 37.96
CA ASP B 846 20.05 27.95 37.35
C ASP B 846 19.70 26.67 36.59
N LEU B 847 18.91 25.81 37.24
CA LEU B 847 18.55 24.52 36.67
C LEU B 847 17.05 24.26 36.46
N MET B 848 16.74 23.37 35.53
CA MET B 848 15.36 22.97 35.24
C MET B 848 15.15 21.66 35.99
N ILE B 849 14.72 21.79 37.23
CA ILE B 849 14.50 20.65 38.09
C ILE B 849 13.14 20.02 37.91
N ASP B 850 13.08 18.71 38.00
CA ASP B 850 11.82 18.00 37.88
C ASP B 850 11.14 18.07 39.23
N ILE B 851 9.92 18.59 39.27
CA ILE B 851 9.21 18.66 40.54
C ILE B 851 8.38 17.42 40.71
N LEU B 852 8.84 16.50 41.54
CA LEU B 852 8.14 15.23 41.75
C LEU B 852 6.84 15.35 42.51
N ASP B 853 5.94 14.41 42.26
CA ASP B 853 4.66 14.37 42.95
C ASP B 853 4.82 13.70 44.30
N ASP B 854 5.88 12.90 44.45
CA ASP B 854 6.12 12.19 45.71
C ASP B 854 7.60 11.82 45.86
N ASP B 855 8.11 11.80 47.09
CA ASP B 855 9.51 11.44 47.28
C ASP B 855 9.72 10.54 48.48
N ARG B 856 8.71 9.75 48.80
CA ARG B 856 8.76 8.83 49.91
C ARG B 856 9.82 7.75 49.69
N PHE B 857 9.77 7.12 48.51
CA PHE B 857 10.71 6.05 48.22
C PHE B 857 12.14 6.59 48.34
N ILE B 858 12.37 7.77 47.78
CA ILE B 858 13.69 8.31 47.89
C ILE B 858 14.06 8.44 49.37
N ARG B 859 13.19 9.06 50.16
CA ARG B 859 13.52 9.19 51.58
C ARG B 859 13.84 7.81 52.19
N TYR B 860 13.02 6.80 51.86
CA TYR B 860 13.17 5.45 52.37
C TYR B 860 14.55 4.88 52.02
N ARG B 861 14.87 4.83 50.74
CA ARG B 861 16.17 4.29 50.32
C ARG B 861 17.34 5.02 50.95
N SER B 862 17.21 6.32 51.08
CA SER B 862 18.23 7.15 51.71
C SER B 862 18.46 6.65 53.16
N TRP B 863 17.35 6.41 53.85
CA TRP B 863 17.36 5.95 55.24
C TRP B 863 18.04 4.58 55.33
N VAL B 864 17.72 3.69 54.41
CA VAL B 864 18.30 2.38 54.43
C VAL B 864 19.79 2.48 54.22
N GLU B 865 20.18 3.18 53.16
CA GLU B 865 21.61 3.32 52.87
C GLU B 865 22.35 4.01 54.01
N ALA B 866 21.63 4.87 54.73
CA ALA B 866 22.20 5.55 55.88
C ALA B 866 22.49 4.50 56.96
N ASN B 867 21.49 3.74 57.37
CA ASN B 867 21.69 2.72 58.38
C ASN B 867 22.76 1.73 57.95
N ARG B 868 22.82 1.45 56.65
CA ARG B 868 23.78 0.52 56.10
C ARG B 868 25.16 1.07 56.39
N ARG B 869 25.39 2.34 56.07
CA ARG B 869 26.70 2.92 56.34
C ARG B 869 27.01 2.89 57.83
N TYR B 870 26.06 3.34 58.64
CA TYR B 870 26.26 3.36 60.07
C TYR B 870 26.71 1.99 60.61
N VAL B 871 25.95 0.93 60.26
CA VAL B 871 26.26 -0.41 60.71
C VAL B 871 27.65 -0.86 60.24
N HIS B 872 28.01 -0.53 59.01
CA HIS B 872 29.32 -0.91 58.52
C HIS B 872 30.40 -0.25 59.37
N GLU B 873 30.29 1.06 59.56
CA GLU B 873 31.27 1.84 60.31
C GLU B 873 31.42 1.45 61.76
N ARG B 874 30.31 1.35 62.46
CA ARG B 874 30.36 1.01 63.88
C ARG B 874 30.85 -0.42 64.14
N SER B 875 30.53 -1.35 63.25
CA SER B 875 30.95 -2.74 63.44
C SER B 875 32.32 -2.96 62.82
N LYS B 876 32.99 -1.86 62.49
CA LYS B 876 34.32 -1.94 61.91
C LYS B 876 34.31 -2.83 60.67
N GLY B 877 33.23 -2.74 59.89
CA GLY B 877 33.12 -3.54 58.68
C GLY B 877 32.94 -5.04 58.88
N THR B 878 32.33 -5.44 60.00
CA THR B 878 32.13 -6.86 60.27
C THR B 878 30.66 -7.27 60.29
N ILE B 879 29.77 -6.30 60.12
CA ILE B 879 28.33 -6.59 60.13
C ILE B 879 27.56 -5.98 58.92
N GLY B 880 26.69 -6.78 58.33
CA GLY B 880 25.89 -6.35 57.21
C GLY B 880 24.54 -5.87 57.69
N TYR B 881 23.82 -5.18 56.81
CA TYR B 881 22.50 -4.65 57.15
C TYR B 881 21.53 -4.77 56.00
N ILE B 882 20.28 -5.08 56.32
CA ILE B 882 19.27 -5.25 55.34
C ILE B 882 17.99 -4.78 56.00
N HIS B 883 17.05 -4.26 55.22
CA HIS B 883 15.79 -3.86 55.79
C HIS B 883 14.61 -4.26 54.92
N ILE B 884 13.60 -4.86 55.55
CA ILE B 884 12.44 -5.30 54.80
C ILE B 884 11.24 -4.40 55.08
N PRO B 885 10.94 -3.48 54.16
CA PRO B 885 9.83 -2.54 54.31
C PRO B 885 8.45 -3.23 54.44
N ASP B 886 8.22 -4.35 53.75
CA ASP B 886 6.98 -5.10 53.94
C ASP B 886 7.17 -6.54 53.43
N MET B 887 6.09 -7.31 53.39
CA MET B 887 6.22 -8.67 52.90
C MET B 887 5.50 -8.89 51.58
N GLY B 888 5.60 -7.89 50.70
CA GLY B 888 4.95 -7.95 49.40
C GLY B 888 5.99 -7.82 48.32
N MET B 889 5.62 -7.28 47.16
CA MET B 889 6.59 -7.13 46.11
C MET B 889 7.72 -6.18 46.52
N MET B 890 7.40 -5.09 47.20
CA MET B 890 8.47 -4.19 47.58
C MET B 890 9.46 -4.86 48.54
N GLY B 891 8.96 -5.67 49.46
CA GLY B 891 9.81 -6.37 50.40
C GLY B 891 10.80 -7.27 49.67
N LEU B 892 10.29 -7.99 48.67
CA LEU B 892 11.12 -8.85 47.85
C LEU B 892 12.21 -7.99 47.19
N ASN B 893 11.84 -6.85 46.64
CA ASN B 893 12.84 -6.00 46.01
C ASN B 893 13.93 -5.52 46.98
N GLU B 894 13.51 -4.94 48.10
CA GLU B 894 14.43 -4.41 49.06
C GLU B 894 15.28 -5.46 49.74
N PHE B 895 14.68 -6.61 50.00
CA PHE B 895 15.45 -7.67 50.64
C PHE B 895 16.59 -8.12 49.71
N TYR B 896 16.27 -8.52 48.48
CA TYR B 896 17.33 -8.94 47.62
C TYR B 896 18.25 -7.82 47.20
N ARG B 897 17.73 -6.60 47.17
CA ARG B 897 18.57 -5.46 46.77
C ARG B 897 19.82 -5.37 47.65
N LEU B 898 19.70 -5.76 48.92
CA LEU B 898 20.85 -5.72 49.81
C LEU B 898 21.39 -7.09 50.14
N PHE B 899 20.51 -8.06 50.26
CA PHE B 899 20.95 -9.38 50.63
C PHE B 899 22.16 -9.84 49.81
N ILE B 900 22.15 -9.49 48.53
CA ILE B 900 23.22 -9.88 47.65
C ILE B 900 24.56 -9.21 47.94
N ASN B 901 24.59 -8.24 48.85
CA ASN B 901 25.85 -7.58 49.17
C ASN B 901 26.18 -7.57 50.62
N GLU B 902 25.22 -7.92 51.45
CA GLU B 902 25.41 -7.87 52.88
C GLU B 902 25.41 -9.22 53.56
N SER B 903 25.04 -10.24 52.81
CA SER B 903 24.95 -11.59 53.37
C SER B 903 26.24 -12.24 53.80
N SER B 904 27.36 -11.78 53.26
CA SER B 904 28.66 -12.40 53.54
C SER B 904 29.58 -11.70 54.57
N TYR B 905 28.97 -10.98 55.52
CA TYR B 905 29.75 -10.34 56.55
C TYR B 905 29.75 -11.30 57.72
N GLN B 906 30.59 -11.02 58.72
CA GLN B 906 30.64 -11.86 59.90
C GLN B 906 29.27 -11.89 60.58
N GLY B 907 28.56 -10.78 60.51
CA GLY B 907 27.24 -10.70 61.13
C GLY B 907 26.25 -10.01 60.22
N LEU B 908 24.96 -10.20 60.50
CA LEU B 908 23.92 -9.58 59.69
C LEU B 908 22.76 -9.11 60.53
N ILE B 909 22.27 -7.91 60.23
CA ILE B 909 21.13 -7.39 60.96
C ILE B 909 19.98 -7.38 59.97
N VAL B 910 18.92 -8.11 60.30
CA VAL B 910 17.77 -8.13 59.44
C VAL B 910 16.77 -7.22 60.16
N ASP B 911 16.66 -5.98 59.70
CA ASP B 911 15.77 -5.00 60.31
C ASP B 911 14.37 -5.10 59.71
N VAL B 912 13.36 -5.44 60.51
CA VAL B 912 12.03 -5.52 59.92
C VAL B 912 11.06 -4.53 60.54
N ARG B 913 11.59 -3.45 61.09
CA ARG B 913 10.75 -2.42 61.71
C ARG B 913 9.85 -1.75 60.68
N PHE B 914 8.60 -1.49 61.07
CA PHE B 914 7.63 -0.86 60.15
C PHE B 914 7.22 -1.80 59.00
N ASN B 915 7.49 -3.09 59.13
CA ASN B 915 7.15 -4.02 58.06
C ASN B 915 5.64 -4.20 57.98
N GLY B 916 5.03 -3.65 56.93
CA GLY B 916 3.60 -3.75 56.74
C GLY B 916 2.99 -5.10 56.37
N GLY B 917 3.79 -6.16 56.35
CA GLY B 917 3.25 -7.45 56.01
C GLY B 917 3.12 -7.73 54.52
N GLY B 918 2.34 -8.76 54.22
CA GLY B 918 2.13 -9.21 52.84
C GLY B 918 1.97 -10.72 52.88
N PHE B 919 2.89 -11.46 52.28
CA PHE B 919 2.81 -12.93 52.29
C PHE B 919 4.10 -13.66 51.88
N VAL B 920 5.20 -12.95 51.74
CA VAL B 920 6.45 -13.58 51.31
C VAL B 920 7.46 -13.84 52.44
N SER B 921 7.02 -13.68 53.68
CA SER B 921 7.90 -13.90 54.85
C SER B 921 8.53 -15.26 54.76
N GLN B 922 7.71 -16.26 54.42
CA GLN B 922 8.23 -17.62 54.31
C GLN B 922 9.37 -17.69 53.25
N LEU B 923 9.29 -16.90 52.20
CA LEU B 923 10.35 -16.94 51.22
C LEU B 923 11.61 -16.34 51.81
N ILE B 924 11.44 -15.34 52.65
CA ILE B 924 12.58 -14.68 53.30
C ILE B 924 13.22 -15.56 54.36
N ILE B 925 12.40 -16.17 55.21
CA ILE B 925 12.89 -17.06 56.26
C ILE B 925 13.72 -18.16 55.57
N GLU B 926 13.17 -18.68 54.46
CA GLU B 926 13.83 -19.73 53.68
C GLU B 926 15.28 -19.40 53.35
N LYS B 927 15.54 -18.17 52.93
CA LYS B 927 16.90 -17.77 52.62
C LYS B 927 17.74 -17.67 53.88
N LEU B 928 17.22 -17.00 54.89
CA LEU B 928 17.95 -16.84 56.12
C LEU B 928 18.20 -18.19 56.79
N MET B 929 17.37 -19.18 56.46
CA MET B 929 17.47 -20.52 57.04
C MET B 929 18.67 -21.29 56.55
N ASN B 930 19.02 -21.05 55.30
CA ASN B 930 20.16 -21.72 54.68
C ASN B 930 21.44 -21.69 55.49
N LYS B 931 22.05 -22.86 55.66
CA LYS B 931 23.30 -22.95 56.41
C LYS B 931 24.48 -23.19 55.47
N ARG B 932 25.49 -22.34 55.57
CA ARG B 932 26.69 -22.45 54.73
C ARG B 932 27.53 -23.64 55.18
N ILE B 933 27.64 -24.66 54.32
CA ILE B 933 28.39 -25.85 54.68
C ILE B 933 29.53 -26.19 53.78
N GLY B 934 29.81 -25.33 52.82
CA GLY B 934 30.91 -25.59 51.92
C GLY B 934 31.33 -24.41 51.04
N TYR B 935 32.38 -24.61 50.27
CA TYR B 935 32.88 -23.57 49.39
C TYR B 935 33.40 -24.16 48.11
N ASP B 936 33.52 -23.31 47.11
CA ASP B 936 34.00 -23.69 45.80
C ASP B 936 35.36 -23.04 45.58
N ASN B 937 36.36 -23.85 45.23
CA ASN B 937 37.70 -23.33 44.99
C ASN B 937 38.10 -23.27 43.56
N PRO B 938 38.12 -22.06 43.01
CA PRO B 938 38.50 -21.89 41.62
C PRO B 938 39.99 -21.70 41.43
N ARG B 939 40.50 -22.18 40.30
CA ARG B 939 41.91 -22.02 39.99
C ARG B 939 42.21 -20.53 40.11
N ARG B 940 41.37 -19.71 39.48
CA ARG B 940 41.54 -18.27 39.53
C ARG B 940 40.25 -17.61 39.97
N GLY B 941 40.34 -16.77 41.01
CA GLY B 941 39.17 -16.10 41.52
C GLY B 941 39.07 -16.31 43.02
N THR B 942 37.95 -15.92 43.59
CA THR B 942 37.74 -16.05 45.01
C THR B 942 36.76 -17.16 45.33
N LEU B 943 36.69 -17.52 46.62
CA LEU B 943 35.80 -18.55 47.09
C LEU B 943 34.36 -18.26 46.77
N SER B 944 33.61 -19.32 46.57
CA SER B 944 32.20 -19.17 46.29
C SER B 944 31.43 -20.00 47.33
N PRO B 945 30.68 -19.35 48.23
CA PRO B 945 29.93 -20.08 49.27
C PRO B 945 28.80 -20.97 48.77
N TYR B 946 28.58 -22.08 49.50
CA TYR B 946 27.54 -23.08 49.22
C TYR B 946 26.67 -23.32 50.46
N PRO B 947 25.39 -22.96 50.42
CA PRO B 947 24.71 -22.41 49.25
C PRO B 947 25.14 -20.97 49.01
N THR B 948 24.76 -20.46 47.84
CA THR B 948 25.04 -19.10 47.39
C THR B 948 24.23 -18.12 48.22
N ASN B 949 22.95 -18.46 48.42
CA ASN B 949 22.08 -17.61 49.21
C ASN B 949 22.13 -18.01 50.68
N SER B 950 23.34 -18.02 51.25
CA SER B 950 23.49 -18.40 52.64
C SER B 950 24.11 -17.25 53.43
N VAL B 951 23.56 -16.99 54.60
CA VAL B 951 24.15 -15.97 55.44
C VAL B 951 25.46 -16.56 55.94
N ARG B 952 26.52 -15.76 55.94
CA ARG B 952 27.83 -16.24 56.40
C ARG B 952 27.96 -16.47 57.91
N GLY B 953 27.46 -15.54 58.72
CA GLY B 953 27.58 -15.68 60.16
C GLY B 953 26.32 -15.55 60.99
N LYS B 954 26.43 -14.80 62.08
CA LYS B 954 25.34 -14.58 63.02
C LYS B 954 24.34 -13.54 62.53
N ILE B 955 23.06 -13.80 62.79
CA ILE B 955 22.00 -12.90 62.37
C ILE B 955 21.21 -12.38 63.56
N ILE B 956 20.83 -11.11 63.51
CA ILE B 956 20.02 -10.53 64.56
C ILE B 956 18.86 -9.76 63.90
N ALA B 957 17.67 -9.89 64.47
CA ALA B 957 16.50 -9.23 63.90
C ALA B 957 15.99 -8.11 64.76
N ILE B 958 15.74 -6.97 64.11
CA ILE B 958 15.20 -5.81 64.81
C ILE B 958 13.76 -5.64 64.37
N THR B 959 12.86 -5.41 65.32
CA THR B 959 11.44 -5.23 65.01
C THR B 959 10.77 -4.27 66.00
N ASN B 960 9.69 -3.61 65.58
CA ASN B 960 8.96 -2.72 66.49
C ASN B 960 7.46 -2.98 66.41
N GLU B 961 6.70 -2.13 67.06
CA GLU B 961 5.26 -2.23 67.11
C GLU B 961 4.60 -1.89 65.79
N TYR B 962 5.40 -1.56 64.76
CA TYR B 962 4.84 -1.22 63.46
C TYR B 962 4.97 -2.34 62.40
N ALA B 963 5.38 -3.51 62.84
CA ALA B 963 5.49 -4.64 61.93
C ALA B 963 4.29 -5.53 62.26
N GLY B 964 3.51 -5.85 61.24
CA GLY B 964 2.33 -6.67 61.46
C GLY B 964 2.00 -7.62 60.33
N SER B 965 0.95 -8.42 60.57
CA SER B 965 0.47 -9.45 59.63
C SER B 965 1.65 -10.36 59.28
N ASP B 966 2.07 -10.39 58.02
CA ASP B 966 3.17 -11.27 57.71
C ASP B 966 4.41 -10.76 58.46
N GLY B 967 4.29 -9.53 58.95
CA GLY B 967 5.35 -8.91 59.73
C GLY B 967 5.37 -9.61 61.09
N ASP B 968 4.18 -9.87 61.64
CA ASP B 968 4.03 -10.60 62.89
C ASP B 968 4.54 -12.03 62.64
N ILE B 969 4.08 -12.63 61.53
CA ILE B 969 4.45 -14.00 61.19
C ILE B 969 5.96 -14.17 61.17
N PHE B 970 6.62 -13.27 60.43
CA PHE B 970 8.08 -13.30 60.29
C PHE B 970 8.79 -13.25 61.65
N SER B 971 8.44 -12.24 62.46
CA SER B 971 9.02 -12.07 63.79
C SER B 971 8.86 -13.33 64.63
N PHE B 972 7.65 -13.88 64.68
CA PHE B 972 7.41 -15.08 65.46
C PHE B 972 8.26 -16.25 64.94
N SER B 973 8.27 -16.40 63.61
CA SER B 973 9.02 -17.47 62.96
C SER B 973 10.53 -17.36 63.18
N PHE B 974 11.06 -16.15 63.08
CA PHE B 974 12.49 -15.94 63.30
C PHE B 974 12.85 -16.46 64.68
N LYS B 975 12.00 -16.20 65.66
CA LYS B 975 12.28 -16.70 67.01
C LYS B 975 12.16 -18.23 67.08
N LYS B 976 10.99 -18.73 66.74
CA LYS B 976 10.70 -20.16 66.76
C LYS B 976 11.78 -21.02 66.11
N LEU B 977 12.24 -20.61 64.95
CA LEU B 977 13.27 -21.36 64.22
C LEU B 977 14.65 -21.05 64.77
N GLY B 978 14.70 -20.18 65.77
CA GLY B 978 15.96 -19.80 66.38
C GLY B 978 17.04 -19.34 65.42
N LEU B 979 16.70 -18.47 64.49
CA LEU B 979 17.68 -17.98 63.52
C LEU B 979 18.62 -16.98 64.17
N GLY B 980 18.19 -16.42 65.30
CA GLY B 980 18.98 -15.43 66.02
C GLY B 980 18.12 -14.76 67.05
N LYS B 981 18.62 -13.72 67.69
CA LYS B 981 17.85 -13.01 68.70
C LYS B 981 16.95 -11.96 68.05
N LEU B 982 15.78 -11.75 68.66
CA LEU B 982 14.81 -10.77 68.19
C LEU B 982 14.89 -9.58 69.16
N ILE B 983 15.21 -8.41 68.60
CA ILE B 983 15.36 -7.16 69.36
C ILE B 983 14.31 -6.14 68.97
N GLY B 984 13.89 -5.31 69.93
CA GLY B 984 12.91 -4.29 69.62
C GLY B 984 11.77 -4.17 70.61
N THR B 985 10.54 -4.12 70.08
CA THR B 985 9.34 -3.99 70.90
C THR B 985 8.25 -4.90 70.33
N ARG B 986 7.33 -5.36 71.19
CA ARG B 986 6.25 -6.24 70.75
C ARG B 986 5.60 -5.70 69.49
N THR B 987 5.36 -6.60 68.52
CA THR B 987 4.77 -6.23 67.23
C THR B 987 3.26 -5.98 67.23
N TRP B 988 2.75 -5.53 66.08
CA TRP B 988 1.33 -5.21 65.90
C TRP B 988 0.31 -6.17 66.48
N GLY B 989 0.34 -7.42 66.06
CA GLY B 989 -0.59 -8.40 66.59
C GLY B 989 -1.85 -8.72 65.78
N GLY B 990 -1.75 -8.65 64.46
CA GLY B 990 -2.90 -8.96 63.63
C GLY B 990 -2.50 -10.02 62.62
N VAL B 991 -2.97 -11.24 62.83
CA VAL B 991 -2.60 -12.29 61.89
C VAL B 991 -3.78 -13.12 61.38
N VAL B 992 -4.79 -12.44 60.88
CA VAL B 992 -5.93 -13.16 60.32
C VAL B 992 -6.07 -12.65 58.90
N GLY B 993 -5.48 -13.38 57.98
CA GLY B 993 -5.52 -13.01 56.57
C GLY B 993 -6.85 -12.63 55.92
N ILE B 994 -6.73 -11.83 54.86
CA ILE B 994 -7.89 -11.36 54.11
C ILE B 994 -7.68 -11.40 52.60
N THR B 995 -8.71 -11.86 51.90
CA THR B 995 -8.69 -11.91 50.45
C THR B 995 -10.09 -11.53 49.99
N PRO B 996 -10.32 -10.22 49.81
CA PRO B 996 -11.63 -9.75 49.36
C PRO B 996 -12.01 -10.28 47.97
N LYS B 997 -13.29 -10.51 47.75
CA LYS B 997 -13.72 -10.99 46.46
C LYS B 997 -15.02 -10.36 46.00
N ARG B 998 -15.48 -9.37 46.76
CA ARG B 998 -16.69 -8.67 46.42
C ARG B 998 -16.61 -7.20 46.80
N ARG B 999 -17.18 -6.32 45.97
CA ARG B 999 -17.17 -4.87 46.21
C ARG B 999 -18.56 -4.33 46.48
N LEU B 1000 -18.62 -3.09 46.92
CA LEU B 1000 -19.90 -2.46 47.16
C LEU B 1000 -20.30 -1.71 45.89
N ILE B 1001 -21.60 -1.54 45.65
CA ILE B 1001 -22.08 -0.84 44.47
C ILE B 1001 -21.35 0.47 44.17
N ASP B 1002 -20.71 1.06 45.18
CA ASP B 1002 -20.01 2.33 44.99
C ASP B 1002 -18.52 2.09 44.80
N GLY B 1003 -18.20 0.81 44.66
CA GLY B 1003 -16.84 0.40 44.44
C GLY B 1003 -16.06 0.12 45.70
N THR B 1004 -16.65 0.45 46.84
CA THR B 1004 -15.93 0.22 48.09
C THR B 1004 -15.47 -1.23 48.21
N VAL B 1005 -14.27 -1.42 48.72
CA VAL B 1005 -13.74 -2.75 48.92
C VAL B 1005 -13.58 -2.97 50.41
N LEU B 1006 -14.46 -3.79 50.96
CA LEU B 1006 -14.40 -4.07 52.39
C LEU B 1006 -13.55 -5.31 52.54
N THR B 1007 -12.92 -5.50 53.71
CA THR B 1007 -12.12 -6.70 53.94
C THR B 1007 -12.64 -7.37 55.20
N GLN B 1008 -12.56 -8.70 55.23
CA GLN B 1008 -13.02 -9.42 56.41
C GLN B 1008 -11.98 -10.44 56.82
N PRO B 1009 -11.61 -10.46 58.12
CA PRO B 1009 -10.61 -11.42 58.61
C PRO B 1009 -11.12 -12.84 58.40
N GLU B 1010 -10.73 -13.41 57.25
CA GLU B 1010 -11.16 -14.75 56.82
C GLU B 1010 -10.14 -15.89 56.97
N PHE B 1011 -8.86 -15.54 57.10
CA PHE B 1011 -7.84 -16.58 57.19
C PHE B 1011 -7.01 -16.51 58.46
N ALA B 1012 -7.44 -17.29 59.45
CA ALA B 1012 -6.82 -17.35 60.77
C ALA B 1012 -5.51 -18.12 60.77
N PHE B 1013 -4.44 -17.43 61.15
CA PHE B 1013 -3.12 -18.05 61.17
C PHE B 1013 -2.88 -18.83 62.48
N TRP B 1014 -2.60 -20.11 62.33
CA TRP B 1014 -2.37 -20.98 63.47
C TRP B 1014 -0.90 -21.39 63.57
N PHE B 1015 -0.27 -20.98 64.64
CA PHE B 1015 1.12 -21.30 64.86
C PHE B 1015 1.16 -22.53 65.72
N ARG B 1016 2.14 -23.39 65.50
CA ARG B 1016 2.29 -24.59 66.29
C ARG B 1016 2.81 -24.19 67.66
N ASP B 1017 2.24 -24.76 68.72
CA ASP B 1017 2.65 -24.45 70.10
C ASP B 1017 2.30 -23.02 70.50
N ALA B 1018 1.33 -22.41 69.83
CA ALA B 1018 0.91 -21.03 70.15
C ALA B 1018 -0.50 -20.77 69.63
N GLY B 1019 -1.04 -21.71 68.87
CA GLY B 1019 -2.38 -21.55 68.33
C GLY B 1019 -2.55 -20.22 67.62
N PHE B 1020 -3.62 -19.50 67.95
CA PHE B 1020 -3.87 -18.22 67.31
C PHE B 1020 -3.41 -17.11 68.23
N GLY B 1021 -2.71 -17.52 69.27
CA GLY B 1021 -2.21 -16.60 70.28
C GLY B 1021 -1.62 -15.28 69.80
N VAL B 1022 -0.95 -15.28 68.65
CA VAL B 1022 -0.35 -14.08 68.12
C VAL B 1022 -1.40 -13.02 67.81
N GLU B 1023 -2.58 -13.44 67.38
CA GLU B 1023 -3.64 -12.49 67.07
C GLU B 1023 -4.04 -11.71 68.31
N ASN B 1024 -4.10 -10.40 68.13
CA ASN B 1024 -4.45 -9.47 69.20
C ASN B 1024 -3.38 -9.44 70.30
N TYR B 1025 -2.13 -9.71 69.92
CA TYR B 1025 -1.06 -9.66 70.87
C TYR B 1025 0.26 -9.28 70.25
N GLY B 1026 0.62 -9.98 69.17
CA GLY B 1026 1.87 -9.71 68.49
C GLY B 1026 2.98 -10.65 68.93
N VAL B 1027 4.22 -10.25 68.68
CA VAL B 1027 5.36 -11.05 69.05
C VAL B 1027 6.31 -10.30 69.99
N ASP B 1028 6.68 -10.96 71.08
CA ASP B 1028 7.61 -10.38 72.05
C ASP B 1028 9.06 -10.64 71.61
N PRO B 1029 9.89 -9.59 71.62
CA PRO B 1029 11.29 -9.77 71.21
C PRO B 1029 12.07 -10.32 72.36
N ASP B 1030 13.09 -11.12 72.06
CA ASP B 1030 13.92 -11.71 73.13
C ASP B 1030 14.43 -10.65 74.07
N VAL B 1031 14.82 -9.51 73.50
CA VAL B 1031 15.31 -8.41 74.30
C VAL B 1031 14.52 -7.16 73.94
N GLU B 1032 13.80 -6.63 74.91
CA GLU B 1032 13.02 -5.44 74.66
C GLU B 1032 13.92 -4.20 74.72
N ILE B 1033 13.74 -3.30 73.75
CA ILE B 1033 14.48 -2.05 73.71
C ILE B 1033 13.51 -1.01 73.23
N GLU B 1034 13.07 -0.16 74.16
CA GLU B 1034 12.15 0.91 73.84
C GLU B 1034 12.93 1.96 73.04
N TYR B 1035 12.21 2.92 72.47
CA TYR B 1035 12.80 4.01 71.72
C TYR B 1035 12.07 5.24 72.28
N ALA B 1036 12.43 5.65 73.49
CA ALA B 1036 11.80 6.79 74.15
C ALA B 1036 11.95 8.12 73.44
N PRO B 1037 11.11 9.10 73.78
CA PRO B 1037 11.15 10.43 73.16
C PRO B 1037 12.52 11.11 73.31
N HIS B 1038 13.23 10.80 74.40
CA HIS B 1038 14.55 11.40 74.61
C HIS B 1038 15.63 10.76 73.76
N ASP B 1039 15.37 9.56 73.27
CA ASP B 1039 16.29 8.86 72.40
C ASP B 1039 16.25 9.57 71.06
N TYR B 1040 15.08 10.06 70.69
CA TYR B 1040 14.98 10.78 69.43
C TYR B 1040 15.64 12.15 69.59
N LEU B 1041 15.51 12.76 70.78
CA LEU B 1041 16.11 14.07 71.02
C LEU B 1041 17.63 14.00 70.91
N SER B 1042 18.20 12.88 71.37
CA SER B 1042 19.63 12.70 71.32
C SER B 1042 20.07 12.32 69.92
N GLY B 1043 19.13 11.88 69.11
CA GLY B 1043 19.49 11.50 67.76
C GLY B 1043 20.18 10.15 67.68
N LYS B 1044 19.86 9.25 68.62
CA LYS B 1044 20.44 7.92 68.63
C LYS B 1044 19.36 6.87 68.39
N ASP B 1045 19.69 5.81 67.65
CA ASP B 1045 18.75 4.71 67.41
C ASP B 1045 19.16 3.63 68.42
N PRO B 1046 18.46 3.58 69.57
CA PRO B 1046 18.81 2.57 70.59
C PRO B 1046 18.63 1.13 70.12
N GLN B 1047 17.67 0.91 69.22
CA GLN B 1047 17.43 -0.42 68.72
C GLN B 1047 18.52 -0.92 67.76
N ILE B 1048 18.90 -0.11 66.78
CA ILE B 1048 19.95 -0.52 65.87
C ILE B 1048 21.27 -0.61 66.63
N ASP B 1049 21.48 0.28 67.59
CA ASP B 1049 22.71 0.27 68.38
C ASP B 1049 22.84 -1.01 69.21
N TYR B 1050 21.75 -1.40 69.86
CA TYR B 1050 21.80 -2.61 70.66
C TYR B 1050 22.15 -3.77 69.72
N ALA B 1051 21.47 -3.83 68.57
CA ALA B 1051 21.68 -4.86 67.56
C ALA B 1051 23.14 -4.99 67.16
N ILE B 1052 23.78 -3.85 66.85
CA ILE B 1052 25.21 -3.82 66.47
C ILE B 1052 26.06 -4.37 67.62
N ASP B 1053 25.95 -3.71 68.76
CA ASP B 1053 26.71 -4.08 69.93
C ASP B 1053 26.53 -5.54 70.29
N ALA B 1054 25.28 -5.98 70.32
CA ALA B 1054 24.95 -7.36 70.66
C ALA B 1054 25.67 -8.35 69.74
N LEU B 1055 25.68 -8.03 68.44
CA LEU B 1055 26.34 -8.87 67.44
C LEU B 1055 27.85 -8.83 67.56
N ILE B 1056 28.40 -7.67 67.88
CA ILE B 1056 29.83 -7.55 68.05
C ILE B 1056 30.26 -8.51 69.17
N GLU B 1057 29.49 -8.53 70.26
CA GLU B 1057 29.80 -9.41 71.36
C GLU B 1057 29.74 -10.88 70.93
N GLU B 1058 28.75 -11.24 70.10
CA GLU B 1058 28.61 -12.63 69.64
C GLU B 1058 29.69 -13.01 68.65
N LEU B 1059 30.37 -12.00 68.11
CA LEU B 1059 31.44 -12.22 67.14
C LEU B 1059 32.81 -12.14 67.77
N ARG B 1060 32.94 -12.68 68.99
CA ARG B 1060 34.21 -12.69 69.68
C ARG B 1060 34.74 -14.13 69.68
N ASN B 1061 33.81 -15.08 69.67
CA ASN B 1061 34.18 -16.49 69.66
C ASN B 1061 35.01 -16.85 68.43
N MET C 39 0.08 33.89 -63.03
CA MET C 39 0.42 32.48 -63.41
C MET C 39 -0.77 31.56 -63.72
N PRO C 40 -0.59 30.62 -64.68
CA PRO C 40 -1.63 29.67 -65.10
C PRO C 40 -1.64 28.42 -64.20
N ASN C 41 -2.53 27.49 -64.54
CA ASN C 41 -2.65 26.24 -63.78
C ASN C 41 -2.06 25.06 -64.54
N LEU C 42 -2.14 23.89 -63.93
CA LEU C 42 -1.64 22.69 -64.54
C LEU C 42 -2.89 21.88 -64.88
N LEU C 43 -3.21 21.81 -66.17
CA LEU C 43 -4.40 21.06 -66.59
C LEU C 43 -4.02 19.66 -67.01
N LEU C 44 -4.91 18.72 -66.82
CA LEU C 44 -4.57 17.37 -67.23
C LEU C 44 -5.77 16.44 -67.29
N ASN C 45 -5.51 15.26 -67.88
CA ASN C 45 -6.49 14.18 -68.04
C ASN C 45 -7.85 14.62 -68.57
N PRO C 46 -7.88 15.07 -69.84
CA PRO C 46 -9.12 15.53 -70.45
C PRO C 46 -10.00 14.48 -71.12
N ASP C 47 -11.19 14.91 -71.51
CA ASP C 47 -12.11 14.05 -72.22
C ASP C 47 -12.95 15.02 -73.04
N ILE C 48 -13.37 14.53 -74.21
CA ILE C 48 -14.14 15.36 -75.12
C ILE C 48 -15.47 14.74 -75.53
N HIS C 49 -16.38 15.63 -75.90
CA HIS C 49 -17.69 15.25 -76.36
C HIS C 49 -18.27 16.41 -77.15
N GLY C 50 -17.95 16.43 -78.44
CA GLY C 50 -18.42 17.48 -79.30
C GLY C 50 -17.54 18.68 -79.10
N ASP C 51 -18.12 19.78 -78.61
CA ASP C 51 -17.38 21.01 -78.35
C ASP C 51 -17.08 21.19 -76.89
N ARG C 52 -17.65 20.31 -76.05
CA ARG C 52 -17.43 20.38 -74.61
C ARG C 52 -16.20 19.57 -74.25
N ILE C 53 -15.38 20.10 -73.34
CA ILE C 53 -14.17 19.42 -72.93
C ILE C 53 -13.99 19.46 -71.42
N ILE C 54 -14.04 18.31 -70.77
CA ILE C 54 -13.86 18.26 -69.33
C ILE C 54 -12.43 17.88 -69.01
N PHE C 55 -11.88 18.45 -67.93
CA PHE C 55 -10.50 18.13 -67.57
C PHE C 55 -10.29 18.38 -66.07
N VAL C 56 -9.11 18.00 -65.55
CA VAL C 56 -8.82 18.23 -64.15
C VAL C 56 -7.90 19.44 -63.90
N CYS C 57 -8.27 20.26 -62.91
CA CYS C 57 -7.49 21.43 -62.50
C CYS C 57 -7.63 21.58 -60.98
N CYS C 58 -6.51 21.62 -60.27
CA CYS C 58 -6.54 21.75 -58.80
C CYS C 58 -7.38 20.62 -58.21
N ASP C 59 -7.13 19.39 -58.68
CA ASP C 59 -7.84 18.20 -58.19
C ASP C 59 -9.34 18.19 -58.41
N ASP C 60 -9.88 19.27 -58.96
CA ASP C 60 -11.32 19.35 -59.21
C ASP C 60 -11.63 19.16 -60.70
N LEU C 61 -12.90 18.92 -61.01
CA LEU C 61 -13.34 18.69 -62.40
C LEU C 61 -13.89 19.96 -63.07
N TRP C 62 -13.33 20.32 -64.22
CA TRP C 62 -13.79 21.49 -64.92
C TRP C 62 -14.33 21.14 -66.31
N GLU C 63 -15.11 22.06 -66.87
CA GLU C 63 -15.67 21.90 -68.20
C GLU C 63 -15.42 23.18 -69.01
N HIS C 64 -15.01 23.00 -70.26
CA HIS C 64 -14.73 24.12 -71.14
C HIS C 64 -15.44 23.95 -72.46
N ASP C 65 -16.03 25.03 -72.94
CA ASP C 65 -16.79 25.04 -74.19
C ASP C 65 -15.94 25.63 -75.30
N LEU C 66 -15.59 24.80 -76.27
CA LEU C 66 -14.76 25.25 -77.40
C LEU C 66 -15.40 26.40 -78.13
N LYS C 67 -16.73 26.36 -78.22
CA LYS C 67 -17.47 27.39 -78.91
C LYS C 67 -17.34 28.74 -78.18
N SER C 68 -18.04 28.89 -77.05
CA SER C 68 -18.01 30.14 -76.27
C SER C 68 -16.65 30.48 -75.69
N GLY C 69 -15.90 29.46 -75.27
CA GLY C 69 -14.59 29.71 -74.71
C GLY C 69 -14.64 29.91 -73.20
N SER C 70 -15.77 29.54 -72.61
CA SER C 70 -15.95 29.67 -71.17
C SER C 70 -15.59 28.38 -70.43
N THR C 71 -14.99 28.55 -69.25
CA THR C 71 -14.59 27.42 -68.43
C THR C 71 -15.25 27.53 -67.06
N ARG C 72 -15.64 26.39 -66.50
CA ARG C 72 -16.27 26.39 -65.19
C ARG C 72 -16.03 25.08 -64.42
N LYS C 73 -15.97 25.17 -63.10
CA LYS C 73 -15.78 23.97 -62.29
C LYS C 73 -17.15 23.30 -62.10
N ILE C 74 -17.30 22.07 -62.54
CA ILE C 74 -18.57 21.35 -62.42
C ILE C 74 -18.69 20.43 -61.19
N VAL C 75 -17.57 20.13 -60.54
CA VAL C 75 -17.61 19.30 -59.34
C VAL C 75 -16.36 19.48 -58.51
N SER C 76 -16.56 19.64 -57.20
CA SER C 76 -15.44 19.85 -56.31
C SER C 76 -15.69 19.34 -54.90
N ASN C 77 -14.66 19.41 -54.08
CA ASN C 77 -14.72 18.98 -52.69
C ASN C 77 -15.14 17.51 -52.54
N LEU C 78 -14.73 16.68 -53.48
CA LEU C 78 -15.05 15.27 -53.46
C LEU C 78 -13.77 14.53 -53.11
N GLY C 79 -12.66 15.25 -53.22
CA GLY C 79 -11.35 14.67 -52.93
C GLY C 79 -10.48 14.91 -54.15
N VAL C 80 -9.60 13.98 -54.46
CA VAL C 80 -8.75 14.16 -55.62
C VAL C 80 -9.23 13.37 -56.83
N ILE C 81 -9.65 14.10 -57.85
CA ILE C 81 -10.15 13.56 -59.11
C ILE C 81 -9.02 13.50 -60.12
N ASN C 82 -8.81 12.32 -60.71
CA ASN C 82 -7.75 12.12 -61.70
C ASN C 82 -8.28 11.65 -63.06
N ASN C 83 -9.55 11.25 -63.09
CA ASN C 83 -10.14 10.76 -64.31
C ASN C 83 -11.61 11.05 -64.39
N ALA C 84 -12.03 11.58 -65.53
CA ALA C 84 -13.44 11.87 -65.74
C ALA C 84 -13.76 11.41 -67.15
N ARG C 85 -14.81 10.64 -67.29
CA ARG C 85 -15.18 10.12 -68.59
C ARG C 85 -16.62 10.38 -68.95
N PHE C 86 -16.81 11.00 -70.11
CA PHE C 86 -18.12 11.34 -70.68
C PHE C 86 -18.82 10.04 -71.09
N PHE C 87 -20.11 9.97 -70.78
CA PHE C 87 -20.93 8.83 -71.19
C PHE C 87 -21.23 9.05 -72.68
N PRO C 88 -21.94 8.11 -73.31
CA PRO C 88 -22.26 8.26 -74.74
C PRO C 88 -23.12 9.52 -74.99
N ASP C 89 -24.27 9.60 -74.32
CA ASP C 89 -25.14 10.76 -74.50
C ASP C 89 -24.48 12.09 -74.10
N GLY C 90 -23.23 12.05 -73.62
CA GLY C 90 -22.55 13.27 -73.21
C GLY C 90 -23.22 13.99 -72.06
N ARG C 91 -24.20 13.34 -71.43
CA ARG C 91 -24.93 13.93 -70.31
C ARG C 91 -24.26 13.63 -68.97
N LYS C 92 -24.28 12.35 -68.56
CA LYS C 92 -23.64 11.94 -67.30
C LYS C 92 -22.12 11.83 -67.47
N ILE C 93 -21.43 11.78 -66.33
CA ILE C 93 -19.98 11.64 -66.31
C ILE C 93 -19.53 10.73 -65.17
N ALA C 94 -18.75 9.71 -65.55
CA ALA C 94 -18.19 8.78 -64.59
C ALA C 94 -16.90 9.46 -64.09
N ILE C 95 -16.75 9.51 -62.77
CA ILE C 95 -15.59 10.13 -62.16
C ILE C 95 -14.88 9.23 -61.17
N ARG C 96 -13.55 9.32 -61.16
CA ARG C 96 -12.73 8.55 -60.22
C ARG C 96 -12.16 9.55 -59.24
N VAL C 97 -12.37 9.28 -57.96
CA VAL C 97 -11.85 10.15 -56.93
C VAL C 97 -11.08 9.35 -55.90
N MET C 98 -9.97 9.92 -55.45
CA MET C 98 -9.08 9.32 -54.46
C MET C 98 -9.25 10.03 -53.11
N ARG C 99 -9.22 9.24 -52.02
CA ARG C 99 -9.34 9.74 -50.64
C ARG C 99 -8.28 9.12 -49.69
N GLY C 100 -8.16 9.67 -48.50
CA GLY C 100 -7.17 9.17 -47.57
C GLY C 100 -5.95 10.07 -47.75
N SER C 101 -5.28 10.39 -46.66
CA SER C 101 -4.12 11.27 -46.71
C SER C 101 -3.15 11.06 -47.87
N SER C 102 -2.86 9.81 -48.18
CA SER C 102 -1.93 9.52 -49.28
C SER C 102 -2.62 9.01 -50.53
N LEU C 103 -3.94 9.17 -50.60
CA LEU C 103 -4.70 8.73 -51.74
C LEU C 103 -4.55 7.23 -51.89
N ASN C 104 -4.70 6.51 -50.78
CA ASN C 104 -4.57 5.06 -50.79
C ASN C 104 -5.91 4.40 -51.16
N THR C 105 -6.98 5.18 -51.13
CA THR C 105 -8.28 4.62 -51.47
C THR C 105 -8.96 5.36 -52.62
N ALA C 106 -9.84 4.65 -53.34
CA ALA C 106 -10.55 5.27 -54.45
C ALA C 106 -11.91 4.63 -54.70
N ASP C 107 -12.79 5.41 -55.31
CA ASP C 107 -14.11 4.94 -55.66
C ASP C 107 -14.66 5.80 -56.80
N LEU C 108 -15.77 5.36 -57.39
CA LEU C 108 -16.36 6.08 -58.52
C LEU C 108 -17.67 6.82 -58.24
N TYR C 109 -17.82 7.98 -58.88
CA TYR C 109 -19.00 8.83 -58.75
C TYR C 109 -19.59 9.19 -60.12
N PHE C 110 -20.90 9.44 -60.14
CA PHE C 110 -21.62 9.87 -61.34
C PHE C 110 -22.00 11.31 -61.22
N TYR C 111 -21.79 12.08 -62.28
CA TYR C 111 -22.17 13.48 -62.30
C TYR C 111 -23.20 13.67 -63.40
N ASN C 112 -24.25 14.40 -63.13
CA ASN C 112 -25.28 14.63 -64.14
C ASN C 112 -25.35 16.12 -64.41
N GLY C 113 -24.83 16.54 -65.56
CA GLY C 113 -24.83 17.95 -65.90
C GLY C 113 -26.22 18.53 -66.12
N GLU C 114 -27.23 17.65 -66.11
CA GLU C 114 -28.61 18.08 -66.30
C GLU C 114 -29.21 18.78 -65.06
N ASN C 115 -29.00 18.17 -63.88
CA ASN C 115 -29.51 18.70 -62.62
C ASN C 115 -28.40 18.97 -61.59
N GLY C 116 -27.15 18.81 -62.01
CA GLY C 116 -26.02 19.04 -61.14
C GLY C 116 -25.91 18.00 -60.04
N GLU C 117 -26.61 16.89 -60.23
CA GLU C 117 -26.61 15.79 -59.27
C GLU C 117 -25.30 15.03 -59.22
N ILE C 118 -24.86 14.69 -58.01
CA ILE C 118 -23.63 13.94 -57.83
C ILE C 118 -24.00 12.71 -57.03
N LYS C 119 -23.36 11.59 -57.33
CA LYS C 119 -23.69 10.36 -56.62
C LYS C 119 -22.56 9.33 -56.65
N ARG C 120 -22.33 8.68 -55.52
CA ARG C 120 -21.30 7.65 -55.42
C ARG C 120 -21.88 6.34 -55.99
N ILE C 121 -21.09 5.67 -56.82
CA ILE C 121 -21.52 4.42 -57.47
C ILE C 121 -20.90 3.16 -56.91
N THR C 122 -19.63 3.24 -56.52
CA THR C 122 -18.90 2.09 -55.95
C THR C 122 -18.51 2.32 -54.50
N TYR C 123 -18.54 1.25 -53.72
CA TYR C 123 -18.17 1.30 -52.32
C TYR C 123 -17.20 0.14 -52.11
N PHE C 124 -16.28 0.01 -53.06
CA PHE C 124 -15.30 -1.06 -53.00
C PHE C 124 -14.08 -0.63 -52.20
N SER C 125 -13.86 0.68 -52.15
CA SER C 125 -12.72 1.24 -51.46
C SER C 125 -11.48 0.62 -52.08
N GLY C 126 -11.45 0.63 -53.42
CA GLY C 126 -10.32 0.08 -54.15
C GLY C 126 -9.00 0.67 -53.71
N LYS C 127 -8.02 -0.19 -53.52
CA LYS C 127 -6.71 0.30 -53.10
C LYS C 127 -5.97 0.87 -54.32
N SER C 128 -5.26 1.98 -54.12
CA SER C 128 -4.52 2.58 -55.21
C SER C 128 -3.23 3.23 -54.75
N THR C 129 -2.30 3.38 -55.70
CA THR C 129 -1.01 3.99 -55.44
C THR C 129 -0.75 4.90 -56.61
N GLY C 130 0.37 5.62 -56.58
CA GLY C 130 0.70 6.54 -57.65
C GLY C 130 0.75 5.91 -59.04
N ARG C 131 1.44 4.78 -59.17
CA ARG C 131 1.57 4.15 -60.46
C ARG C 131 0.51 3.12 -60.80
N ARG C 132 -0.34 2.76 -59.82
CA ARG C 132 -1.42 1.79 -60.05
C ARG C 132 -2.72 2.36 -59.52
N MET C 133 -3.23 3.39 -60.19
CA MET C 133 -4.47 4.04 -59.79
C MET C 133 -5.64 3.18 -60.29
N PHE C 134 -5.77 1.99 -59.70
CA PHE C 134 -6.80 1.05 -60.07
C PHE C 134 -8.21 1.45 -59.66
N THR C 135 -9.19 0.64 -60.09
CA THR C 135 -10.61 0.91 -59.84
C THR C 135 -10.92 2.22 -60.55
N ASP C 136 -11.10 2.10 -61.85
CA ASP C 136 -11.35 3.25 -62.72
C ASP C 136 -12.36 2.91 -63.83
N VAL C 137 -12.61 3.86 -64.71
CA VAL C 137 -13.51 3.61 -65.82
C VAL C 137 -12.73 2.85 -66.91
N ALA C 138 -13.33 1.77 -67.44
CA ALA C 138 -12.66 0.98 -68.47
C ALA C 138 -13.15 1.38 -69.86
N GLY C 139 -14.47 1.63 -69.95
CA GLY C 139 -15.07 2.03 -71.22
C GLY C 139 -16.58 1.88 -71.18
N PHE C 140 -17.22 1.94 -72.34
CA PHE C 140 -18.69 1.83 -72.39
C PHE C 140 -19.13 0.82 -73.44
N ASP C 141 -20.07 -0.03 -73.06
CA ASP C 141 -20.55 -1.04 -73.99
C ASP C 141 -21.47 -0.39 -74.98
N PRO C 142 -21.84 -1.12 -76.05
CA PRO C 142 -22.73 -0.61 -77.10
C PRO C 142 -24.08 -0.06 -76.59
N ASP C 143 -24.63 -0.62 -75.52
CA ASP C 143 -25.88 -0.11 -74.96
C ASP C 143 -25.67 1.16 -74.15
N GLY C 144 -24.45 1.65 -74.09
CA GLY C 144 -24.17 2.87 -73.34
C GLY C 144 -23.94 2.66 -71.85
N ASN C 145 -23.69 1.42 -71.44
CA ASN C 145 -23.44 1.14 -70.04
C ASN C 145 -21.98 1.27 -69.69
N LEU C 146 -21.73 1.74 -68.48
CA LEU C 146 -20.39 1.93 -68.00
C LEU C 146 -19.78 0.58 -67.66
N ILE C 147 -18.53 0.41 -68.10
CA ILE C 147 -17.77 -0.80 -67.81
C ILE C 147 -16.55 -0.35 -67.00
N ILE C 148 -16.47 -0.81 -65.76
CA ILE C 148 -15.35 -0.43 -64.92
C ILE C 148 -14.31 -1.53 -64.78
N SER C 149 -13.14 -1.12 -64.31
CA SER C 149 -12.02 -2.01 -64.08
C SER C 149 -11.59 -1.87 -62.62
N THR C 150 -11.76 -2.94 -61.85
CA THR C 150 -11.38 -2.92 -60.44
C THR C 150 -10.92 -4.27 -59.98
N ASP C 151 -10.10 -4.26 -58.93
CA ASP C 151 -9.53 -5.47 -58.32
C ASP C 151 -10.12 -5.64 -56.93
N ALA C 152 -11.08 -4.79 -56.62
CA ALA C 152 -11.73 -4.80 -55.31
C ALA C 152 -12.13 -6.19 -54.85
N MET C 153 -12.68 -7.00 -55.76
CA MET C 153 -13.05 -8.34 -55.34
C MET C 153 -12.12 -9.39 -55.84
N GLN C 154 -10.85 -9.04 -55.98
CA GLN C 154 -9.87 -9.99 -56.45
C GLN C 154 -8.75 -10.23 -55.45
N PRO C 155 -8.07 -11.36 -55.59
CA PRO C 155 -6.96 -11.69 -54.69
C PRO C 155 -5.75 -10.80 -54.94
N PHE C 156 -5.50 -10.45 -56.20
CA PHE C 156 -4.31 -9.62 -56.47
C PHE C 156 -4.70 -8.25 -57.04
N SER C 157 -3.96 -7.23 -56.67
CA SER C 157 -4.27 -5.90 -57.14
C SER C 157 -4.20 -5.86 -58.65
N SER C 158 -3.14 -6.46 -59.21
CA SER C 158 -2.98 -6.48 -60.68
C SER C 158 -4.18 -7.08 -61.42
N MET C 159 -5.02 -7.83 -60.71
CA MET C 159 -6.20 -8.43 -61.35
C MET C 159 -7.33 -7.44 -61.50
N THR C 160 -7.09 -6.33 -62.21
CA THR C 160 -8.14 -5.34 -62.41
C THR C 160 -9.17 -5.87 -63.42
N CYS C 161 -10.07 -6.70 -62.95
CA CYS C 161 -11.08 -7.31 -63.80
C CYS C 161 -12.20 -6.36 -64.28
N LEU C 162 -12.80 -6.68 -65.43
CA LEU C 162 -13.86 -5.82 -66.00
C LEU C 162 -15.26 -6.15 -65.52
N TYR C 163 -16.00 -5.11 -65.18
CA TYR C 163 -17.36 -5.28 -64.70
C TYR C 163 -18.32 -4.23 -65.35
N ARG C 164 -19.57 -4.63 -65.53
CA ARG C 164 -20.57 -3.75 -66.10
C ARG C 164 -21.40 -3.19 -64.97
N VAL C 165 -21.43 -1.86 -64.86
CA VAL C 165 -22.16 -1.20 -63.78
C VAL C 165 -23.65 -1.23 -64.03
N GLU C 166 -24.44 -1.61 -63.04
CA GLU C 166 -25.90 -1.65 -63.22
C GLU C 166 -26.66 -0.94 -62.11
N ASN C 167 -27.73 -0.22 -62.47
CA ASN C 167 -28.54 0.48 -61.47
C ASN C 167 -27.73 1.38 -60.56
N ASP C 168 -26.83 2.16 -61.17
CA ASP C 168 -25.98 3.10 -60.44
C ASP C 168 -25.09 2.46 -59.36
N GLY C 169 -24.80 1.17 -59.49
CA GLY C 169 -23.95 0.52 -58.52
C GLY C 169 -24.61 -0.52 -57.66
N ILE C 170 -25.87 -0.84 -57.96
CA ILE C 170 -26.66 -1.85 -57.23
C ILE C 170 -26.08 -3.24 -57.43
N ASN C 171 -25.80 -3.55 -58.69
CA ASN C 171 -25.24 -4.83 -59.05
C ASN C 171 -24.11 -4.63 -60.08
N PHE C 172 -23.16 -5.58 -60.07
CA PHE C 172 -22.03 -5.54 -61.00
C PHE C 172 -21.96 -6.89 -61.68
N VAL C 173 -21.99 -6.87 -63.01
CA VAL C 173 -21.92 -8.12 -63.78
C VAL C 173 -20.52 -8.24 -64.40
N PRO C 174 -19.80 -9.32 -64.04
CA PRO C 174 -18.45 -9.56 -64.55
C PRO C 174 -18.43 -9.92 -66.05
N LEU C 175 -17.47 -9.36 -66.77
CA LEU C 175 -17.33 -9.64 -68.20
C LEU C 175 -16.41 -10.83 -68.45
N ASN C 176 -15.80 -11.34 -67.38
CA ASN C 176 -14.90 -12.48 -67.47
C ASN C 176 -13.95 -12.46 -68.66
N LEU C 177 -13.32 -11.31 -68.89
CA LEU C 177 -12.40 -11.18 -70.00
C LEU C 177 -10.98 -11.12 -69.48
N GLY C 178 -10.82 -11.23 -68.16
CA GLY C 178 -9.48 -11.17 -67.57
C GLY C 178 -9.10 -9.73 -67.22
N PRO C 179 -7.92 -9.54 -66.62
CA PRO C 179 -7.50 -8.18 -66.25
C PRO C 179 -7.47 -7.27 -67.47
N ALA C 180 -7.93 -6.03 -67.31
CA ALA C 180 -7.94 -5.05 -68.39
C ALA C 180 -7.93 -3.62 -67.88
N THR C 181 -7.35 -2.72 -68.65
CA THR C 181 -7.30 -1.33 -68.25
C THR C 181 -8.28 -0.53 -69.15
N HIS C 182 -8.39 -0.92 -70.43
CA HIS C 182 -9.31 -0.28 -71.37
C HIS C 182 -10.16 -1.31 -72.11
N ILE C 183 -11.40 -0.96 -72.43
CA ILE C 183 -12.26 -1.85 -73.18
C ILE C 183 -12.94 -0.97 -74.25
N LEU C 184 -12.77 -1.30 -75.52
CA LEU C 184 -13.39 -0.51 -76.59
C LEU C 184 -14.20 -1.42 -77.49
N PHE C 185 -15.24 -0.87 -78.12
CA PHE C 185 -16.06 -1.68 -79.00
C PHE C 185 -16.03 -1.18 -80.47
N ALA C 186 -15.63 -2.06 -81.39
CA ALA C 186 -15.57 -1.71 -82.82
C ALA C 186 -16.31 -2.73 -83.67
N ASP C 187 -17.36 -2.29 -84.33
CA ASP C 187 -18.14 -3.17 -85.19
C ASP C 187 -18.59 -4.42 -84.44
N GLY C 188 -19.04 -4.26 -83.20
CA GLY C 188 -19.52 -5.39 -82.42
C GLY C 188 -18.38 -6.27 -81.91
N ARG C 189 -17.16 -5.85 -82.20
CA ARG C 189 -16.00 -6.60 -81.74
C ARG C 189 -15.50 -5.97 -80.44
N ARG C 190 -14.90 -6.77 -79.56
CA ARG C 190 -14.38 -6.23 -78.32
C ARG C 190 -12.88 -5.98 -78.41
N VAL C 191 -12.46 -4.76 -78.10
CA VAL C 191 -11.04 -4.43 -78.12
C VAL C 191 -10.58 -4.37 -76.66
N ILE C 192 -9.48 -5.04 -76.30
CA ILE C 192 -9.02 -5.01 -74.90
C ILE C 192 -7.60 -4.48 -74.69
N GLY C 193 -7.49 -3.50 -73.79
CA GLY C 193 -6.20 -2.91 -73.47
C GLY C 193 -5.69 -3.44 -72.14
N ARG C 194 -4.56 -4.15 -72.18
CA ARG C 194 -3.97 -4.73 -70.98
C ARG C 194 -2.85 -3.87 -70.43
N ASN C 195 -3.00 -3.39 -69.20
CA ASN C 195 -1.96 -2.57 -68.56
C ASN C 195 -1.68 -1.36 -69.43
N THR C 196 -2.74 -0.81 -70.00
CA THR C 196 -2.61 0.32 -70.88
C THR C 196 -2.75 1.70 -70.23
N PHE C 197 -2.35 1.81 -68.98
CA PHE C 197 -2.40 3.10 -68.26
C PHE C 197 -1.05 3.82 -68.46
N GLU C 198 -1.00 5.13 -68.20
CA GLU C 198 0.26 5.83 -68.39
C GLU C 198 1.34 5.39 -67.41
N LEU C 199 2.61 5.41 -67.84
CA LEU C 199 3.75 5.04 -66.99
C LEU C 199 4.75 6.18 -66.96
N PRO C 200 4.33 7.35 -66.49
CA PRO C 200 5.23 8.51 -66.43
C PRO C 200 6.52 8.25 -65.65
N HIS C 201 6.42 7.50 -64.57
CA HIS C 201 7.58 7.22 -63.74
C HIS C 201 8.63 6.35 -64.43
N TRP C 202 8.29 5.77 -65.57
CA TRP C 202 9.27 4.91 -66.23
C TRP C 202 9.26 5.05 -67.74
N LYS C 203 9.81 6.14 -68.25
CA LYS C 203 9.83 6.32 -69.68
C LYS C 203 10.73 5.25 -70.34
N GLY C 204 10.35 4.83 -71.53
CA GLY C 204 11.10 3.83 -72.27
C GLY C 204 10.94 2.40 -71.76
N TYR C 205 9.91 2.17 -70.96
CA TYR C 205 9.67 0.85 -70.41
C TYR C 205 9.50 -0.20 -71.51
N ARG C 206 10.21 -1.32 -71.40
CA ARG C 206 10.12 -2.40 -72.38
C ARG C 206 9.98 -3.77 -71.70
N GLY C 207 9.55 -3.76 -70.45
CA GLY C 207 9.38 -5.00 -69.71
C GLY C 207 8.11 -5.76 -70.06
N GLY C 208 7.94 -6.92 -69.43
CA GLY C 208 6.79 -7.77 -69.70
C GLY C 208 5.39 -7.27 -69.37
N THR C 209 5.31 -6.20 -68.59
CA THR C 209 4.01 -5.66 -68.19
C THR C 209 3.60 -4.50 -69.08
N ARG C 210 4.34 -4.30 -70.16
CA ARG C 210 4.05 -3.21 -71.08
C ARG C 210 2.66 -3.34 -71.69
N GLY C 211 2.09 -2.20 -72.05
CA GLY C 211 0.75 -2.18 -72.61
C GLY C 211 0.61 -2.95 -73.90
N LYS C 212 -0.48 -3.72 -74.00
CA LYS C 212 -0.78 -4.52 -75.17
C LYS C 212 -2.29 -4.48 -75.47
N ILE C 213 -2.65 -4.62 -76.76
CA ILE C 213 -4.05 -4.59 -77.16
C ILE C 213 -4.45 -5.84 -77.92
N TRP C 214 -5.53 -6.46 -77.44
CA TRP C 214 -6.10 -7.66 -78.04
C TRP C 214 -7.41 -7.25 -78.69
N ILE C 215 -7.90 -8.09 -79.60
CA ILE C 215 -9.17 -7.81 -80.29
C ILE C 215 -9.91 -9.11 -80.58
N GLU C 216 -11.23 -9.01 -80.61
CA GLU C 216 -12.09 -10.16 -80.87
C GLU C 216 -12.16 -10.37 -82.38
N VAL C 217 -12.29 -11.63 -82.81
CA VAL C 217 -12.36 -11.97 -84.23
C VAL C 217 -13.32 -13.09 -84.56
N ASN C 218 -13.19 -14.20 -83.83
CA ASN C 218 -14.04 -15.36 -84.09
C ASN C 218 -15.40 -15.26 -83.39
N SER C 219 -15.87 -14.03 -83.19
CA SER C 219 -17.15 -13.78 -82.53
C SER C 219 -17.13 -14.32 -81.08
N GLY C 220 -15.92 -14.64 -80.60
CA GLY C 220 -15.77 -15.17 -79.25
C GLY C 220 -14.30 -15.40 -78.92
N ALA C 221 -13.45 -15.38 -79.93
CA ALA C 221 -12.02 -15.60 -79.71
C ALA C 221 -11.26 -14.28 -79.83
N PHE C 222 -10.12 -14.19 -79.13
CA PHE C 222 -9.31 -12.98 -79.17
C PHE C 222 -7.91 -13.19 -79.74
N LYS C 223 -7.39 -12.15 -80.34
CA LYS C 223 -6.08 -12.22 -80.93
C LYS C 223 -5.29 -10.98 -80.55
N LYS C 224 -4.04 -11.19 -80.14
CA LYS C 224 -3.20 -10.06 -79.76
C LYS C 224 -2.84 -9.27 -81.02
N ILE C 225 -3.08 -7.96 -81.03
CA ILE C 225 -2.80 -7.17 -82.23
C ILE C 225 -1.83 -6.04 -82.05
N VAL C 226 -1.50 -5.67 -80.83
CA VAL C 226 -0.55 -4.60 -80.66
C VAL C 226 0.35 -4.99 -79.53
N ASP C 227 1.57 -5.39 -79.86
CA ASP C 227 2.56 -5.83 -78.88
C ASP C 227 3.90 -5.28 -79.29
N MET C 228 4.10 -3.97 -79.16
CA MET C 228 5.39 -3.39 -79.54
C MET C 228 6.46 -3.68 -78.49
N SER C 229 7.69 -3.26 -78.79
CA SER C 229 8.77 -3.50 -77.86
C SER C 229 8.62 -2.57 -76.63
N THR C 230 8.04 -1.38 -76.85
CA THR C 230 7.84 -0.44 -75.75
C THR C 230 6.40 -0.42 -75.28
N HIS C 231 6.16 0.40 -74.25
CA HIS C 231 4.85 0.55 -73.61
C HIS C 231 3.80 1.29 -74.44
N VAL C 232 2.59 0.74 -74.45
CA VAL C 232 1.49 1.33 -75.18
C VAL C 232 0.41 1.75 -74.19
N SER C 233 -0.06 3.00 -74.30
CA SER C 233 -1.09 3.54 -73.36
C SER C 233 -2.22 4.36 -73.99
N SER C 234 -3.24 4.61 -73.18
CA SER C 234 -4.42 5.42 -73.55
C SER C 234 -5.00 5.17 -74.95
N PRO C 235 -5.40 3.93 -75.23
CA PRO C 235 -5.96 3.59 -76.54
C PRO C 235 -7.36 4.15 -76.75
N VAL C 236 -7.65 4.48 -78.01
CA VAL C 236 -8.95 5.01 -78.44
C VAL C 236 -9.14 4.63 -79.90
N ILE C 237 -10.38 4.68 -80.36
CA ILE C 237 -10.69 4.34 -81.74
C ILE C 237 -11.42 5.49 -82.44
N VAL C 238 -10.92 5.86 -83.63
CA VAL C 238 -11.53 6.91 -84.44
C VAL C 238 -11.71 6.29 -85.82
N GLY C 239 -12.97 6.04 -86.17
CA GLY C 239 -13.26 5.42 -87.45
C GLY C 239 -12.94 3.96 -87.27
N HIS C 240 -11.95 3.47 -88.01
CA HIS C 240 -11.58 2.07 -87.89
C HIS C 240 -10.10 1.91 -87.56
N ARG C 241 -9.57 2.89 -86.84
CA ARG C 241 -8.19 2.88 -86.41
C ARG C 241 -8.10 3.08 -84.90
N ILE C 242 -7.07 2.46 -84.31
CA ILE C 242 -6.83 2.54 -82.87
C ILE C 242 -5.67 3.49 -82.66
N TYR C 243 -5.91 4.56 -81.92
CA TYR C 243 -4.89 5.52 -81.63
C TYR C 243 -4.40 5.30 -80.22
N PHE C 244 -3.10 5.44 -80.02
CA PHE C 244 -2.50 5.21 -78.72
C PHE C 244 -1.17 5.93 -78.63
N ILE C 245 -0.54 5.83 -77.46
CA ILE C 245 0.72 6.52 -77.24
C ILE C 245 1.81 5.54 -76.88
N THR C 246 3.04 5.86 -77.29
CA THR C 246 4.19 5.00 -77.00
C THR C 246 5.46 5.80 -77.26
N ASP C 247 6.58 5.38 -76.70
CA ASP C 247 7.81 6.11 -76.95
C ASP C 247 8.83 5.22 -77.64
N ILE C 248 8.32 4.31 -78.47
CA ILE C 248 9.17 3.40 -79.23
C ILE C 248 10.33 4.16 -79.90
N ASP C 249 10.14 5.44 -80.21
CA ASP C 249 11.18 6.24 -80.87
C ASP C 249 12.03 7.11 -79.95
N GLY C 250 11.81 6.98 -78.65
CA GLY C 250 12.57 7.77 -77.69
C GLY C 250 11.78 8.89 -77.01
N PHE C 251 10.52 9.04 -77.40
CA PHE C 251 9.70 10.08 -76.81
C PHE C 251 8.24 9.75 -77.06
N GLY C 252 7.39 10.26 -76.18
CA GLY C 252 5.96 10.02 -76.30
C GLY C 252 5.31 10.67 -77.51
N GLN C 253 4.68 9.88 -78.35
CA GLN C 253 4.01 10.40 -79.53
C GLN C 253 2.71 9.63 -79.69
N ILE C 254 1.83 10.14 -80.53
CA ILE C 254 0.56 9.46 -80.78
C ILE C 254 0.71 8.63 -82.04
N TYR C 255 0.32 7.35 -81.97
CA TYR C 255 0.38 6.49 -83.15
C TYR C 255 -1.02 5.93 -83.35
N SER C 256 -1.16 5.08 -84.35
CA SER C 256 -2.43 4.41 -84.61
C SER C 256 -2.15 3.26 -85.55
N THR C 257 -3.12 2.35 -85.65
CA THR C 257 -3.04 1.20 -86.54
C THR C 257 -4.46 0.77 -86.83
N ASP C 258 -4.65 -0.19 -87.74
CA ASP C 258 -6.01 -0.64 -88.05
C ASP C 258 -6.43 -1.66 -87.02
N LEU C 259 -7.64 -2.17 -87.16
CA LEU C 259 -8.14 -3.16 -86.20
C LEU C 259 -7.39 -4.49 -86.28
N ASP C 260 -6.18 -4.45 -86.85
CA ASP C 260 -5.34 -5.64 -86.97
C ASP C 260 -3.95 -5.38 -86.48
N GLY C 261 -3.75 -4.18 -85.94
CA GLY C 261 -2.45 -3.80 -85.41
C GLY C 261 -1.45 -3.61 -86.54
N LYS C 262 -1.98 -3.45 -87.75
CA LYS C 262 -1.17 -3.27 -88.97
C LYS C 262 -1.25 -1.81 -89.43
N ASP C 263 -0.39 -1.45 -90.37
CA ASP C 263 -0.34 -0.10 -90.92
C ASP C 263 0.04 0.93 -89.85
N LEU C 264 1.13 0.65 -89.14
CA LEU C 264 1.57 1.56 -88.09
C LEU C 264 1.86 2.98 -88.64
N ARG C 265 1.33 3.98 -87.96
CA ARG C 265 1.53 5.39 -88.35
C ARG C 265 1.88 6.26 -87.14
N LYS C 266 2.77 7.21 -87.37
CA LYS C 266 3.20 8.15 -86.34
C LYS C 266 2.55 9.51 -86.68
N HIS C 267 1.72 10.03 -85.76
CA HIS C 267 1.03 11.29 -86.01
C HIS C 267 1.56 12.54 -85.36
N THR C 268 2.36 12.39 -84.30
CA THR C 268 2.88 13.57 -83.61
C THR C 268 4.39 13.55 -83.55
N SER C 269 4.98 14.69 -83.21
CA SER C 269 6.44 14.81 -83.09
C SER C 269 6.82 15.70 -81.93
N PHE C 270 6.13 15.53 -80.81
CA PHE C 270 6.39 16.33 -79.62
C PHE C 270 7.83 16.20 -79.14
N THR C 271 8.28 17.20 -78.38
CA THR C 271 9.64 17.17 -77.83
C THR C 271 9.71 17.78 -76.41
N ASP C 272 8.71 18.59 -76.06
CA ASP C 272 8.63 19.26 -74.75
C ASP C 272 8.25 18.35 -73.57
N TYR C 273 7.11 17.67 -73.68
CA TYR C 273 6.64 16.77 -72.64
C TYR C 273 5.86 15.63 -73.25
N TYR C 274 5.78 14.53 -72.54
CA TYR C 274 5.03 13.38 -73.03
C TYR C 274 3.52 13.65 -73.04
N PRO C 275 2.85 13.30 -74.12
CA PRO C 275 1.39 13.53 -74.14
C PRO C 275 0.76 12.42 -73.30
N ARG C 276 -0.36 12.68 -72.67
CA ARG C 276 -1.01 11.62 -71.88
C ARG C 276 -2.52 11.68 -71.96
N HIS C 277 -3.14 10.70 -71.31
CA HIS C 277 -4.59 10.55 -71.19
C HIS C 277 -5.41 10.68 -72.47
N LEU C 278 -5.14 9.91 -73.50
CA LEU C 278 -5.95 10.05 -74.73
C LEU C 278 -7.41 9.69 -74.47
N ASN C 279 -8.28 10.44 -75.11
CA ASN C 279 -9.70 10.23 -75.01
C ASN C 279 -10.32 10.83 -76.27
N THR C 280 -11.53 10.38 -76.61
CA THR C 280 -12.19 10.88 -77.80
C THR C 280 -13.68 10.73 -77.70
N ASP C 281 -14.37 11.20 -78.75
CA ASP C 281 -15.84 11.17 -78.86
C ASP C 281 -16.25 10.52 -80.17
N GLY C 282 -15.26 10.05 -80.92
CA GLY C 282 -15.57 9.42 -82.19
C GLY C 282 -15.13 10.28 -83.38
N ARG C 283 -14.91 11.57 -83.12
CA ARG C 283 -14.51 12.48 -84.17
C ARG C 283 -13.11 13.03 -83.94
N ARG C 284 -12.87 13.60 -82.75
CA ARG C 284 -11.55 14.18 -82.42
C ARG C 284 -10.94 13.57 -81.15
N ILE C 285 -9.61 13.56 -81.09
CA ILE C 285 -8.89 13.01 -79.96
C ILE C 285 -8.44 14.14 -79.05
N LEU C 286 -8.53 13.91 -77.75
CA LEU C 286 -8.16 14.92 -76.78
C LEU C 286 -7.05 14.40 -75.86
N PHE C 287 -6.18 15.28 -75.38
CA PHE C 287 -5.11 14.83 -74.49
C PHE C 287 -4.44 15.99 -73.78
N SER C 288 -3.58 15.70 -72.80
CA SER C 288 -2.90 16.78 -72.09
C SER C 288 -1.39 16.60 -72.21
N LYS C 289 -0.67 17.69 -71.99
CA LYS C 289 0.77 17.65 -72.12
C LYS C 289 1.41 18.90 -71.46
N GLY C 290 2.40 18.69 -70.60
CA GLY C 290 3.07 19.81 -69.96
C GLY C 290 2.11 20.77 -69.27
N GLY C 291 0.96 20.25 -68.84
CA GLY C 291 -0.01 21.08 -68.15
C GLY C 291 -1.04 21.82 -69.00
N SER C 292 -1.08 21.50 -70.30
CA SER C 292 -2.05 22.13 -71.21
C SER C 292 -2.87 21.06 -71.92
N ILE C 293 -4.04 21.44 -72.40
CA ILE C 293 -4.87 20.47 -73.12
C ILE C 293 -4.82 20.74 -74.62
N TYR C 294 -4.68 19.67 -75.40
CA TYR C 294 -4.60 19.76 -76.84
C TYR C 294 -5.67 18.94 -77.52
N ILE C 295 -5.89 19.25 -78.80
CA ILE C 295 -6.86 18.51 -79.62
C ILE C 295 -6.18 17.98 -80.88
N PHE C 296 -6.53 16.77 -81.24
CA PHE C 296 -5.99 16.13 -82.42
C PHE C 296 -7.13 15.76 -83.33
N ASN C 297 -7.08 16.22 -84.57
CA ASN C 297 -8.13 15.89 -85.52
C ASN C 297 -7.52 14.86 -86.46
N PRO C 298 -7.98 13.60 -86.37
CA PRO C 298 -7.50 12.49 -87.21
C PRO C 298 -7.59 12.77 -88.72
N ASP C 299 -8.66 13.44 -89.15
CA ASP C 299 -8.86 13.75 -90.55
C ASP C 299 -7.90 14.80 -91.04
N THR C 300 -7.61 15.78 -90.20
CA THR C 300 -6.71 16.86 -90.58
C THR C 300 -5.27 16.55 -90.17
N GLU C 301 -5.13 15.71 -89.15
CA GLU C 301 -3.83 15.35 -88.61
C GLU C 301 -3.17 16.59 -88.00
N LYS C 302 -3.97 17.60 -87.70
CA LYS C 302 -3.49 18.84 -87.09
C LYS C 302 -3.80 18.89 -85.60
N ILE C 303 -2.84 19.42 -84.85
CA ILE C 303 -2.97 19.51 -83.40
C ILE C 303 -2.96 20.95 -82.92
N GLU C 304 -3.88 21.26 -82.04
CA GLU C 304 -3.95 22.61 -81.51
C GLU C 304 -4.15 22.62 -79.99
N LYS C 305 -3.58 23.66 -79.38
CA LYS C 305 -3.64 23.88 -77.95
C LYS C 305 -4.88 24.67 -77.62
N ILE C 306 -5.65 24.19 -76.65
CA ILE C 306 -6.86 24.91 -76.25
C ILE C 306 -6.46 26.03 -75.30
N GLU C 307 -7.03 27.21 -75.49
CA GLU C 307 -6.71 28.35 -74.63
C GLU C 307 -7.68 28.38 -73.48
N ILE C 308 -7.18 28.13 -72.28
CA ILE C 308 -8.04 28.15 -71.12
C ILE C 308 -7.67 29.25 -70.15
N GLY C 309 -6.36 29.52 -70.05
CA GLY C 309 -5.90 30.57 -69.15
C GLY C 309 -6.07 30.29 -67.67
N ASP C 310 -5.83 31.31 -66.85
CA ASP C 310 -5.94 31.17 -65.39
C ASP C 310 -7.31 30.70 -64.97
N LEU C 311 -7.35 29.74 -64.04
CA LEU C 311 -8.62 29.19 -63.58
C LEU C 311 -8.84 29.27 -62.08
N GLU C 312 -7.78 29.04 -61.32
CA GLU C 312 -7.89 29.05 -59.86
C GLU C 312 -6.52 29.21 -59.18
N SER C 313 -6.48 30.06 -58.18
CA SER C 313 -5.26 30.29 -57.45
C SER C 313 -5.64 30.45 -55.97
N PRO C 314 -5.71 29.33 -55.23
CA PRO C 314 -6.07 29.35 -53.81
C PRO C 314 -5.02 30.03 -52.95
N GLU C 315 -5.42 30.27 -51.70
CA GLU C 315 -4.57 30.92 -50.70
C GLU C 315 -3.22 30.19 -50.61
N ASP C 316 -2.14 30.95 -50.77
CA ASP C 316 -0.81 30.36 -50.73
C ASP C 316 -0.28 30.05 -49.33
N ARG C 317 -0.51 30.96 -48.38
CA ARG C 317 -0.07 30.79 -46.99
C ARG C 317 -1.00 29.80 -46.32
N ILE C 318 -0.44 28.63 -45.96
CA ILE C 318 -1.21 27.54 -45.34
C ILE C 318 -0.85 27.16 -43.90
N ILE C 319 -1.84 26.62 -43.20
CA ILE C 319 -1.73 26.18 -41.82
C ILE C 319 -1.62 24.65 -41.75
N SER C 320 -0.72 24.15 -40.90
CA SER C 320 -0.53 22.72 -40.74
C SER C 320 -0.36 22.34 -39.29
N ILE C 321 -0.61 21.08 -38.98
CA ILE C 321 -0.52 20.56 -37.63
C ILE C 321 0.90 20.08 -37.39
N PRO C 322 1.67 20.80 -36.61
CA PRO C 322 3.05 20.40 -36.34
C PRO C 322 3.28 18.93 -36.04
N SER C 323 2.41 18.29 -35.27
CA SER C 323 2.63 16.88 -34.92
C SER C 323 2.68 15.98 -36.13
N LYS C 324 1.77 16.21 -37.07
CA LYS C 324 1.69 15.42 -38.32
C LYS C 324 3.03 15.31 -39.07
N PHE C 325 3.83 16.36 -39.06
CA PHE C 325 5.09 16.32 -39.80
C PHE C 325 6.30 16.47 -38.92
N ALA C 326 6.09 16.30 -37.62
CA ALA C 326 7.16 16.44 -36.66
C ALA C 326 8.18 15.30 -36.64
N GLU C 327 9.39 15.62 -36.19
CA GLU C 327 10.46 14.64 -36.10
C GLU C 327 11.66 15.27 -35.40
N ASP C 328 12.60 14.42 -35.00
CA ASP C 328 13.80 14.87 -34.33
C ASP C 328 13.55 15.54 -32.99
N PHE C 329 12.55 15.06 -32.25
CA PHE C 329 12.22 15.59 -30.94
C PHE C 329 13.45 15.39 -30.04
N SER C 330 13.88 16.44 -29.34
CA SER C 330 15.07 16.36 -28.46
C SER C 330 14.96 17.26 -27.21
N PRO C 331 15.50 16.77 -26.08
CA PRO C 331 15.48 17.50 -24.79
C PRO C 331 16.61 18.53 -24.68
N LEU C 332 16.27 19.74 -24.26
CA LEU C 332 17.29 20.80 -24.11
C LEU C 332 17.47 21.13 -22.63
N ASP C 333 18.29 22.13 -22.34
CA ASP C 333 18.53 22.57 -20.97
C ASP C 333 17.29 23.27 -20.43
N GLY C 334 17.22 23.38 -19.11
CA GLY C 334 16.10 24.05 -18.47
C GLY C 334 14.78 23.42 -18.80
N ASP C 335 14.75 22.10 -18.92
CA ASP C 335 13.51 21.40 -19.20
C ASP C 335 12.80 21.94 -20.45
N LEU C 336 13.56 22.20 -21.50
CA LEU C 336 13.00 22.68 -22.74
C LEU C 336 13.06 21.59 -23.79
N ILE C 337 12.28 21.79 -24.86
CA ILE C 337 12.16 20.82 -25.95
C ILE C 337 12.50 21.48 -27.27
N ALA C 338 13.13 20.72 -28.15
CA ALA C 338 13.42 21.22 -29.50
C ALA C 338 12.92 20.13 -30.46
N PHE C 339 12.51 20.51 -31.66
CA PHE C 339 12.07 19.54 -32.65
C PHE C 339 11.98 20.15 -34.03
N VAL C 340 11.83 19.29 -35.03
CA VAL C 340 11.72 19.77 -36.39
C VAL C 340 10.40 19.29 -36.98
N SER C 341 9.79 20.12 -37.81
CA SER C 341 8.56 19.72 -38.50
C SER C 341 8.43 20.51 -39.80
N ARG C 342 8.09 19.78 -40.86
CA ARG C 342 7.91 20.38 -42.16
C ARG C 342 9.04 21.34 -42.53
N GLY C 343 10.27 20.99 -42.18
CA GLY C 343 11.40 21.82 -42.51
C GLY C 343 11.70 22.94 -41.53
N GLN C 344 10.81 23.14 -40.56
CA GLN C 344 10.99 24.19 -39.57
C GLN C 344 11.46 23.64 -38.24
N ALA C 345 12.09 24.48 -37.44
CA ALA C 345 12.57 24.06 -36.13
C ALA C 345 11.98 24.94 -35.00
N PHE C 346 11.80 24.37 -33.81
CA PHE C 346 11.21 25.13 -32.72
C PHE C 346 11.80 24.83 -31.34
N ILE C 347 11.79 25.85 -30.48
CA ILE C 347 12.26 25.68 -29.11
C ILE C 347 11.04 25.98 -28.27
N GLN C 348 10.52 24.97 -27.56
CA GLN C 348 9.33 25.15 -26.76
C GLN C 348 9.39 24.42 -25.41
N ASP C 349 8.49 24.79 -24.51
CA ASP C 349 8.39 24.13 -23.22
C ASP C 349 7.55 22.87 -23.49
N VAL C 350 7.64 21.87 -22.63
CA VAL C 350 6.88 20.65 -22.87
C VAL C 350 5.43 20.94 -23.21
N SER C 351 4.86 21.91 -22.53
CA SER C 351 3.47 22.30 -22.72
C SER C 351 3.14 22.81 -24.10
N GLY C 352 4.16 23.30 -24.80
CA GLY C 352 3.93 23.84 -26.13
C GLY C 352 3.22 25.19 -26.06
N THR C 353 3.22 25.78 -24.87
CA THR C 353 2.59 27.09 -24.67
C THR C 353 3.55 28.23 -25.07
N TYR C 354 4.83 28.09 -24.73
CA TYR C 354 5.84 29.08 -25.09
C TYR C 354 6.68 28.47 -26.22
N VAL C 355 6.35 28.82 -27.46
CA VAL C 355 7.04 28.28 -28.62
C VAL C 355 7.86 29.27 -29.41
N LEU C 356 9.12 28.95 -29.68
CA LEU C 356 9.99 29.83 -30.50
C LEU C 356 10.36 29.13 -31.80
N LYS C 357 10.22 29.83 -32.91
CA LYS C 357 10.58 29.25 -34.18
C LYS C 357 11.98 29.71 -34.52
N VAL C 358 12.84 28.77 -34.89
CA VAL C 358 14.19 29.13 -35.26
C VAL C 358 14.08 29.95 -36.54
N PRO C 359 14.79 31.08 -36.59
CA PRO C 359 14.80 31.99 -37.75
C PRO C 359 15.76 31.53 -38.86
N GLU C 360 15.31 30.56 -39.64
CA GLU C 360 16.13 30.00 -40.73
C GLU C 360 15.24 29.49 -41.86
N PRO C 361 15.66 29.74 -43.12
CA PRO C 361 14.93 29.33 -44.33
C PRO C 361 14.65 27.81 -44.36
N LEU C 362 13.89 27.37 -45.36
CA LEU C 362 13.54 25.98 -45.48
C LEU C 362 14.68 24.99 -45.38
N ARG C 363 14.26 23.85 -44.83
CA ARG C 363 15.03 22.64 -44.56
C ARG C 363 16.05 22.64 -43.47
N ILE C 364 15.56 22.40 -42.26
CA ILE C 364 16.40 22.32 -41.08
C ILE C 364 16.32 20.84 -40.73
N ARG C 365 17.26 20.05 -41.21
CA ARG C 365 17.24 18.62 -40.94
C ARG C 365 17.35 18.23 -39.47
N TYR C 366 18.31 18.81 -38.76
CA TYR C 366 18.47 18.47 -37.33
C TYR C 366 18.69 19.64 -36.38
N VAL C 367 18.32 19.46 -35.12
CA VAL C 367 18.52 20.45 -34.09
C VAL C 367 19.12 19.71 -32.87
N ARG C 368 20.17 20.29 -32.32
CA ARG C 368 20.87 19.67 -31.20
C ARG C 368 21.30 20.66 -30.12
N ARG C 369 21.14 20.26 -28.86
CA ARG C 369 21.54 21.09 -27.72
C ARG C 369 23.03 21.44 -27.84
N GLY C 370 23.33 22.74 -27.77
CA GLY C 370 24.69 23.20 -27.90
C GLY C 370 25.12 24.14 -26.77
N GLY C 371 24.22 24.42 -25.84
CA GLY C 371 24.57 25.30 -24.74
C GLY C 371 23.38 25.66 -23.88
N ASP C 372 23.59 26.48 -22.87
CA ASP C 372 22.50 26.88 -21.96
C ASP C 372 21.31 27.41 -22.75
N THR C 373 21.60 28.28 -23.70
CA THR C 373 20.54 28.86 -24.51
C THR C 373 20.83 28.73 -26.00
N LYS C 374 21.93 28.03 -26.32
CA LYS C 374 22.32 27.83 -27.72
C LYS C 374 21.97 26.44 -28.26
N VAL C 375 21.72 26.36 -29.56
CA VAL C 375 21.38 25.08 -30.16
C VAL C 375 22.04 24.96 -31.53
N ALA C 376 22.58 23.79 -31.86
CA ALA C 376 23.19 23.63 -33.18
C ALA C 376 22.16 22.99 -34.12
N PHE C 377 22.24 23.29 -35.41
CA PHE C 377 21.31 22.70 -36.34
C PHE C 377 21.94 22.43 -37.69
N ILE C 378 21.30 21.58 -38.48
CA ILE C 378 21.79 21.26 -39.81
C ILE C 378 20.76 21.82 -40.78
N HIS C 379 21.19 22.82 -41.55
CA HIS C 379 20.33 23.48 -42.55
C HIS C 379 20.61 22.86 -43.90
N GLY C 380 19.56 22.38 -44.57
CA GLY C 380 19.76 21.77 -45.88
C GLY C 380 19.34 22.66 -47.03
N THR C 381 20.11 22.64 -48.11
CA THR C 381 19.81 23.42 -49.30
C THR C 381 20.02 22.52 -50.50
N ARG C 382 19.82 23.08 -51.68
CA ARG C 382 20.00 22.34 -52.93
C ARG C 382 21.46 21.86 -53.11
N GLU C 383 22.39 22.65 -52.59
CA GLU C 383 23.80 22.31 -52.69
C GLU C 383 24.23 21.23 -51.70
N GLY C 384 23.60 21.23 -50.54
CA GLY C 384 23.93 20.27 -49.50
C GLY C 384 23.48 20.70 -48.13
N ASP C 385 24.10 20.10 -47.11
CA ASP C 385 23.79 20.38 -45.73
C ASP C 385 24.92 21.13 -45.07
N PHE C 386 24.55 22.07 -44.21
CA PHE C 386 25.49 22.92 -43.48
C PHE C 386 25.14 23.02 -42.00
N LEU C 387 26.16 23.17 -41.16
CA LEU C 387 25.95 23.28 -39.72
C LEU C 387 25.67 24.72 -39.36
N GLY C 388 24.69 24.93 -38.48
CA GLY C 388 24.32 26.26 -38.05
C GLY C 388 24.10 26.30 -36.54
N ILE C 389 24.26 27.49 -35.96
CA ILE C 389 24.07 27.66 -34.53
C ILE C 389 23.06 28.77 -34.29
N TYR C 390 22.31 28.65 -33.21
CA TYR C 390 21.28 29.61 -32.87
C TYR C 390 21.18 29.72 -31.39
N ASP C 391 20.84 30.92 -30.92
CA ASP C 391 20.71 31.18 -29.49
C ASP C 391 19.31 31.74 -29.27
N TYR C 392 18.43 30.96 -28.65
CA TYR C 392 17.06 31.42 -28.43
C TYR C 392 16.89 32.47 -27.33
N ARG C 393 18.00 32.98 -26.81
CA ARG C 393 17.95 34.00 -25.78
C ARG C 393 18.32 35.35 -26.35
N THR C 394 19.51 35.41 -26.96
CA THR C 394 19.97 36.67 -27.55
C THR C 394 19.35 36.92 -28.92
N GLY C 395 19.18 35.85 -29.68
CA GLY C 395 18.59 35.95 -31.01
C GLY C 395 19.59 35.67 -32.12
N LYS C 396 20.88 35.84 -31.84
CA LYS C 396 21.95 35.61 -32.82
C LYS C 396 21.84 34.21 -33.44
N ALA C 397 22.13 34.10 -34.73
CA ALA C 397 22.04 32.83 -35.42
C ALA C 397 22.94 32.79 -36.64
N GLU C 398 24.22 32.54 -36.43
CA GLU C 398 25.18 32.45 -37.53
C GLU C 398 24.89 31.17 -38.32
N LYS C 399 25.39 31.09 -39.55
CA LYS C 399 25.16 29.92 -40.39
C LYS C 399 26.37 29.65 -41.29
N PHE C 400 27.19 28.69 -40.88
CA PHE C 400 28.41 28.36 -41.63
C PHE C 400 28.18 28.03 -43.10
N GLU C 401 29.27 28.13 -43.88
CA GLU C 401 29.25 27.88 -45.33
C GLU C 401 29.89 26.55 -45.70
N GLU C 402 30.73 26.01 -44.84
CA GLU C 402 31.40 24.74 -45.10
C GLU C 402 30.40 23.62 -45.39
N ASN C 403 30.42 23.12 -46.61
CA ASN C 403 29.49 22.06 -47.01
C ASN C 403 29.87 20.71 -46.38
N LEU C 404 28.90 20.05 -45.73
CA LEU C 404 29.22 18.79 -45.07
C LEU C 404 28.75 17.56 -45.83
N GLY C 405 28.09 17.79 -46.94
CA GLY C 405 27.57 16.69 -47.72
C GLY C 405 26.16 16.44 -47.22
N ASN C 406 25.72 15.20 -47.27
CA ASN C 406 24.37 14.88 -46.80
C ASN C 406 24.42 14.31 -45.41
N VAL C 407 24.13 15.17 -44.44
CA VAL C 407 24.20 14.79 -43.05
C VAL C 407 23.05 13.89 -42.62
N PHE C 408 23.40 12.87 -41.85
CA PHE C 408 22.39 11.98 -41.36
C PHE C 408 22.44 11.76 -39.89
N ALA C 409 23.44 12.34 -39.25
CA ALA C 409 23.57 12.23 -37.81
C ALA C 409 24.38 13.42 -37.36
N MET C 410 24.04 13.95 -36.19
CA MET C 410 24.71 15.14 -35.70
C MET C 410 24.65 15.26 -34.19
N GLY C 411 25.81 15.44 -33.58
CA GLY C 411 25.84 15.60 -32.14
C GLY C 411 26.77 16.74 -31.71
N VAL C 412 26.61 17.21 -30.47
CA VAL C 412 27.45 18.29 -29.97
C VAL C 412 28.04 17.87 -28.64
N ASP C 413 29.30 18.25 -28.40
CA ASP C 413 29.92 17.85 -27.15
C ASP C 413 29.24 18.56 -26.00
N ARG C 414 29.47 18.06 -24.80
CA ARG C 414 28.83 18.63 -23.65
C ARG C 414 29.39 20.01 -23.32
N ASN C 415 30.58 20.28 -23.80
CA ASN C 415 31.21 21.56 -23.52
C ASN C 415 30.92 22.62 -24.59
N GLY C 416 30.13 22.23 -25.60
CA GLY C 416 29.74 23.14 -26.66
C GLY C 416 30.81 23.77 -27.54
N LYS C 417 31.93 23.09 -27.75
CA LYS C 417 32.99 23.62 -28.59
C LYS C 417 32.99 23.03 -29.99
N PHE C 418 32.66 21.75 -30.10
CA PHE C 418 32.64 21.13 -31.43
C PHE C 418 31.44 20.23 -31.62
N ALA C 419 31.24 19.77 -32.85
CA ALA C 419 30.11 18.89 -33.14
C ALA C 419 30.62 17.71 -33.97
N VAL C 420 29.95 16.56 -33.87
CA VAL C 420 30.37 15.40 -34.66
C VAL C 420 29.27 15.19 -35.70
N VAL C 421 29.67 14.99 -36.96
CA VAL C 421 28.72 14.81 -38.06
C VAL C 421 29.02 13.61 -38.96
N ALA C 422 27.95 12.95 -39.42
CA ALA C 422 28.04 11.80 -40.32
C ALA C 422 27.29 12.14 -41.59
N ASN C 423 27.84 11.71 -42.73
CA ASN C 423 27.22 11.96 -44.04
C ASN C 423 27.13 10.71 -44.89
N ASP C 424 26.52 10.88 -46.07
CA ASP C 424 26.32 9.79 -47.02
C ASP C 424 27.61 9.43 -47.75
N ARG C 425 28.70 10.12 -47.39
CA ARG C 425 29.99 9.80 -47.97
C ARG C 425 30.70 8.80 -47.03
N PHE C 426 30.00 8.39 -45.97
CA PHE C 426 30.52 7.43 -45.00
C PHE C 426 31.60 8.06 -44.15
N GLU C 427 31.59 9.37 -44.01
CA GLU C 427 32.60 10.05 -43.20
C GLU C 427 32.09 10.44 -41.81
N ILE C 428 33.00 10.52 -40.87
CA ILE C 428 32.64 10.98 -39.55
C ILE C 428 33.66 12.11 -39.32
N MET C 429 33.16 13.26 -38.88
CA MET C 429 34.00 14.44 -38.70
C MET C 429 33.61 15.31 -37.52
N THR C 430 34.49 16.25 -37.18
CA THR C 430 34.25 17.18 -36.09
C THR C 430 34.23 18.60 -36.66
N VAL C 431 33.09 19.28 -36.54
CA VAL C 431 32.97 20.64 -37.04
C VAL C 431 33.14 21.61 -35.90
N ASP C 432 34.09 22.53 -36.04
CA ASP C 432 34.36 23.55 -35.02
C ASP C 432 33.14 24.46 -34.85
N LEU C 433 32.56 24.53 -33.66
CA LEU C 433 31.37 25.37 -33.49
C LEU C 433 31.67 26.86 -33.53
N GLU C 434 32.96 27.21 -33.54
CA GLU C 434 33.36 28.59 -33.55
C GLU C 434 33.71 29.05 -34.97
N THR C 435 34.71 28.38 -35.57
CA THR C 435 35.17 28.70 -36.93
C THR C 435 34.23 28.15 -38.02
N GLY C 436 33.87 26.88 -37.91
CA GLY C 436 32.98 26.26 -38.88
C GLY C 436 33.72 25.21 -39.69
N LYS C 437 35.04 25.18 -39.54
CA LYS C 437 35.89 24.24 -40.27
C LYS C 437 35.68 22.78 -39.87
N PRO C 438 35.31 21.94 -40.86
CA PRO C 438 35.11 20.51 -40.58
C PRO C 438 36.47 19.78 -40.57
N THR C 439 36.52 18.60 -39.95
CA THR C 439 37.74 17.81 -39.90
C THR C 439 37.35 16.34 -39.88
N VAL C 440 37.56 15.67 -41.00
CA VAL C 440 37.23 14.28 -41.15
C VAL C 440 38.13 13.41 -40.28
N ILE C 441 37.51 12.52 -39.53
CA ILE C 441 38.25 11.65 -38.65
C ILE C 441 38.52 10.35 -39.35
N GLU C 442 37.47 9.73 -39.85
CA GLU C 442 37.67 8.45 -40.52
C GLU C 442 36.53 8.24 -41.49
N ARG C 443 36.79 7.43 -42.52
CA ARG C 443 35.79 7.17 -43.54
C ARG C 443 35.62 5.68 -43.77
N SER C 444 34.37 5.26 -43.71
CA SER C 444 34.02 3.87 -43.93
C SER C 444 33.78 3.69 -45.44
N ARG C 445 33.92 2.47 -45.93
CA ARG C 445 33.65 2.26 -47.33
C ARG C 445 32.43 1.35 -47.55
N GLU C 446 31.73 1.06 -46.45
CA GLU C 446 30.54 0.20 -46.53
C GLU C 446 29.21 0.88 -46.24
N ALA C 447 29.14 1.66 -45.16
CA ALA C 447 27.91 2.33 -44.76
C ALA C 447 28.21 3.59 -43.95
N MET C 448 27.18 4.27 -43.46
CA MET C 448 27.40 5.50 -42.70
C MET C 448 27.80 5.29 -41.24
N ILE C 449 28.52 6.26 -40.69
CA ILE C 449 28.96 6.18 -39.31
C ILE C 449 28.01 7.06 -38.52
N THR C 450 26.79 6.57 -38.33
CA THR C 450 25.79 7.34 -37.63
C THR C 450 25.66 7.01 -36.15
N ASP C 451 26.31 5.94 -35.69
CA ASP C 451 26.20 5.56 -34.29
C ASP C 451 27.45 5.95 -33.51
N PHE C 452 27.41 7.14 -32.92
CA PHE C 452 28.54 7.64 -32.16
C PHE C 452 28.18 8.39 -30.86
N THR C 453 29.20 8.63 -30.04
CA THR C 453 29.05 9.35 -28.81
C THR C 453 30.36 10.03 -28.38
N ILE C 454 30.22 11.15 -27.67
CA ILE C 454 31.38 11.91 -27.20
C ILE C 454 31.50 11.82 -25.68
N SER C 455 32.69 11.53 -25.17
CA SER C 455 32.88 11.42 -23.71
C SER C 455 32.55 12.77 -23.07
N ASP C 456 32.12 12.74 -21.81
CA ASP C 456 31.75 13.99 -21.10
C ASP C 456 32.92 14.97 -20.98
N ASN C 457 34.17 14.49 -21.02
CA ASN C 457 35.27 15.41 -20.93
C ASN C 457 35.71 15.86 -22.35
N SER C 458 34.86 15.60 -23.33
CA SER C 458 35.10 16.00 -24.73
C SER C 458 36.46 15.57 -25.31
N ARG C 459 37.04 14.51 -24.78
CA ARG C 459 38.33 14.04 -25.29
C ARG C 459 38.23 12.83 -26.22
N PHE C 460 37.22 11.99 -26.03
CA PHE C 460 37.11 10.80 -26.87
C PHE C 460 35.83 10.75 -27.68
N ILE C 461 35.91 10.12 -28.84
CA ILE C 461 34.74 9.94 -29.69
C ILE C 461 34.64 8.47 -30.09
N ALA C 462 33.65 7.77 -29.56
CA ALA C 462 33.47 6.33 -29.89
C ALA C 462 32.36 6.19 -30.92
N TYR C 463 32.52 5.26 -31.85
CA TYR C 463 31.52 5.08 -32.88
C TYR C 463 31.59 3.73 -33.59
N GLY C 464 30.46 3.29 -34.15
CA GLY C 464 30.42 2.03 -34.86
C GLY C 464 31.01 2.26 -36.23
N PHE C 465 32.02 1.47 -36.59
CA PHE C 465 32.67 1.61 -37.89
C PHE C 465 32.38 0.42 -38.80
N PRO C 466 31.51 0.62 -39.79
CA PRO C 466 31.19 -0.51 -40.69
C PRO C 466 32.40 -0.91 -41.53
N LEU C 467 32.63 -2.21 -41.65
CA LEU C 467 33.76 -2.72 -42.40
C LEU C 467 33.50 -4.11 -42.98
N LYS C 468 34.32 -4.51 -43.94
CA LYS C 468 34.22 -5.83 -44.57
C LYS C 468 35.60 -6.41 -44.78
N HIS C 469 35.71 -7.71 -44.54
CA HIS C 469 37.00 -8.37 -44.72
C HIS C 469 37.35 -8.38 -46.22
N GLY C 470 36.36 -8.71 -47.07
CA GLY C 470 36.60 -8.75 -48.49
C GLY C 470 35.75 -7.80 -49.30
N GLU C 471 36.21 -7.43 -50.49
CA GLU C 471 35.46 -6.53 -51.36
C GLU C 471 34.07 -7.11 -51.71
N THR C 472 34.00 -8.42 -51.98
CA THR C 472 32.75 -9.06 -52.34
C THR C 472 32.13 -9.84 -51.20
N ASP C 473 32.38 -9.38 -49.99
CA ASP C 473 31.88 -10.03 -48.80
C ASP C 473 30.37 -9.94 -48.66
N GLY C 474 29.76 -11.01 -48.17
CA GLY C 474 28.32 -11.02 -48.01
C GLY C 474 27.76 -10.29 -46.80
N TYR C 475 28.57 -10.13 -45.77
CA TYR C 475 28.10 -9.45 -44.57
C TYR C 475 29.00 -8.25 -44.22
N VAL C 476 28.39 -7.26 -43.57
CA VAL C 476 29.11 -6.08 -43.16
C VAL C 476 29.31 -6.10 -41.64
N MET C 477 30.56 -6.13 -41.21
CA MET C 477 30.84 -6.16 -39.80
C MET C 477 30.89 -4.74 -39.28
N GLN C 478 30.90 -4.60 -37.96
CA GLN C 478 30.98 -3.28 -37.32
C GLN C 478 31.82 -3.37 -36.05
N ALA C 479 32.80 -2.47 -35.98
CA ALA C 479 33.72 -2.42 -34.86
C ALA C 479 33.68 -1.04 -34.24
N ILE C 480 33.73 -0.96 -32.90
CA ILE C 480 33.72 0.35 -32.26
C ILE C 480 35.11 0.97 -32.35
N HIS C 481 35.18 2.23 -32.73
CA HIS C 481 36.46 2.93 -32.80
C HIS C 481 36.42 4.07 -31.79
N VAL C 482 37.58 4.42 -31.27
CA VAL C 482 37.66 5.52 -30.32
C VAL C 482 38.72 6.49 -30.79
N TYR C 483 38.28 7.72 -31.07
CA TYR C 483 39.17 8.78 -31.55
C TYR C 483 39.53 9.65 -30.35
N ASP C 484 40.82 9.94 -30.21
CA ASP C 484 41.31 10.75 -29.11
C ASP C 484 41.64 12.14 -29.60
N MET C 485 40.94 13.16 -29.09
CA MET C 485 41.20 14.55 -29.51
C MET C 485 42.66 14.95 -29.30
N GLU C 486 43.29 14.42 -28.27
CA GLU C 486 44.69 14.71 -28.03
C GLU C 486 45.43 13.55 -28.64
N GLY C 487 46.39 13.86 -29.48
CA GLY C 487 47.14 12.81 -30.13
C GLY C 487 46.52 12.57 -31.47
N ARG C 488 45.23 12.88 -31.55
CA ARG C 488 44.48 12.71 -32.78
C ARG C 488 44.74 11.34 -33.45
N LYS C 489 44.54 10.26 -32.71
CA LYS C 489 44.71 8.93 -33.27
C LYS C 489 43.48 8.04 -32.99
N ILE C 490 43.20 7.14 -33.93
CA ILE C 490 42.05 6.25 -33.79
C ILE C 490 42.45 4.91 -33.16
N PHE C 491 41.74 4.50 -32.12
CA PHE C 491 42.02 3.22 -31.49
C PHE C 491 40.87 2.25 -31.68
N ALA C 492 41.17 0.95 -31.66
CA ALA C 492 40.14 -0.06 -31.86
C ALA C 492 39.55 -0.52 -30.52
N ALA C 493 38.26 -0.27 -30.32
CA ALA C 493 37.62 -0.69 -29.07
C ALA C 493 37.27 -2.17 -29.07
N THR C 494 36.92 -2.67 -30.25
CA THR C 494 36.54 -4.07 -30.36
C THR C 494 37.13 -4.67 -31.64
N THR C 495 37.08 -5.99 -31.74
CA THR C 495 37.59 -6.71 -32.90
C THR C 495 36.58 -6.59 -34.03
N GLU C 496 36.92 -7.08 -35.22
CA GLU C 496 35.97 -6.95 -36.33
C GLU C 496 35.32 -8.22 -36.81
N ASN C 497 34.73 -8.97 -35.89
CA ASN C 497 34.12 -10.22 -36.27
C ASN C 497 32.60 -10.28 -36.17
N SER C 498 31.99 -9.23 -35.66
CA SER C 498 30.54 -9.21 -35.57
C SER C 498 30.00 -7.79 -35.66
N HIS C 499 29.02 -7.49 -34.83
CA HIS C 499 28.39 -6.19 -34.86
C HIS C 499 28.40 -5.58 -33.44
N ASP C 500 29.19 -4.54 -33.27
CA ASP C 500 29.27 -3.86 -31.99
C ASP C 500 28.67 -2.45 -32.22
N TYR C 501 27.82 -1.99 -31.30
CA TYR C 501 27.11 -0.71 -31.48
C TYR C 501 26.68 -0.10 -30.18
N ALA C 502 25.93 0.98 -30.29
CA ALA C 502 25.40 1.70 -29.14
C ALA C 502 26.47 2.04 -28.11
N PRO C 503 27.62 2.55 -28.56
CA PRO C 503 28.67 2.89 -27.58
C PRO C 503 28.21 4.00 -26.62
N ALA C 504 28.73 4.01 -25.41
CA ALA C 504 28.35 5.01 -24.43
C ALA C 504 29.40 5.15 -23.31
N PHE C 505 29.75 6.38 -22.96
CA PHE C 505 30.74 6.62 -21.91
C PHE C 505 30.04 6.88 -20.59
N ASP C 506 30.75 6.66 -19.49
CA ASP C 506 30.16 6.94 -18.17
C ASP C 506 30.51 8.37 -17.81
N ALA C 507 29.79 8.93 -16.86
CA ALA C 507 30.03 10.31 -16.43
C ALA C 507 31.51 10.68 -16.25
N ASP C 508 32.24 9.93 -15.42
CA ASP C 508 33.65 10.21 -15.17
C ASP C 508 34.54 10.02 -16.37
N SER C 509 34.00 9.41 -17.41
CA SER C 509 34.77 9.16 -18.62
C SER C 509 35.91 8.17 -18.34
N LYS C 510 35.62 7.11 -17.59
CA LYS C 510 36.61 6.10 -17.25
C LYS C 510 36.35 4.74 -17.89
N ASN C 511 35.14 4.54 -18.39
CA ASN C 511 34.80 3.30 -19.06
C ASN C 511 33.96 3.56 -20.31
N LEU C 512 34.07 2.66 -21.28
CA LEU C 512 33.25 2.77 -22.48
C LEU C 512 32.34 1.53 -22.53
N TYR C 513 31.04 1.75 -22.38
CA TYR C 513 30.10 0.64 -22.47
C TYR C 513 29.56 0.55 -23.88
N TYR C 514 29.08 -0.63 -24.28
CA TYR C 514 28.51 -0.79 -25.60
C TYR C 514 27.73 -2.09 -25.71
N LEU C 515 27.11 -2.33 -26.86
CA LEU C 515 26.36 -3.55 -27.06
C LEU C 515 26.93 -4.33 -28.23
N SER C 516 26.55 -5.60 -28.36
CA SER C 516 27.00 -6.40 -29.48
C SER C 516 26.23 -7.68 -29.62
N TYR C 517 26.09 -8.14 -30.86
CA TYR C 517 25.37 -9.36 -31.16
C TYR C 517 26.40 -10.48 -31.22
N ARG C 518 27.09 -10.71 -30.12
CA ARG C 518 28.09 -11.73 -30.15
C ARG C 518 27.70 -12.95 -29.32
N SER C 519 26.71 -12.81 -28.43
CA SER C 519 26.34 -13.96 -27.62
C SER C 519 25.48 -14.95 -28.38
N LEU C 520 26.11 -15.67 -29.30
CA LEU C 520 25.40 -16.63 -30.14
C LEU C 520 24.75 -17.81 -29.45
N ASP C 521 23.48 -17.98 -29.75
CA ASP C 521 22.68 -19.07 -29.19
C ASP C 521 21.47 -19.19 -30.13
N PRO C 522 21.26 -20.36 -30.70
CA PRO C 522 20.13 -20.52 -31.61
C PRO C 522 18.76 -20.67 -30.94
N SER C 523 17.72 -20.13 -31.54
CA SER C 523 16.36 -20.31 -31.00
C SER C 523 15.66 -21.15 -32.04
N PRO C 524 14.92 -22.14 -31.60
CA PRO C 524 14.19 -23.04 -32.51
C PRO C 524 12.99 -22.43 -33.21
N ASP C 525 12.80 -22.80 -34.49
CA ASP C 525 11.66 -22.34 -35.27
C ASP C 525 10.49 -23.29 -34.95
N ARG C 526 9.33 -22.75 -34.57
CA ARG C 526 8.22 -23.63 -34.22
C ARG C 526 7.48 -24.30 -35.36
N VAL C 527 7.79 -23.95 -36.60
CA VAL C 527 7.07 -24.56 -37.69
C VAL C 527 7.97 -25.34 -38.60
N VAL C 528 9.01 -24.69 -39.07
CA VAL C 528 9.95 -25.27 -40.03
C VAL C 528 11.24 -25.71 -39.35
N LEU C 529 11.89 -26.75 -39.85
CA LEU C 529 13.15 -27.15 -39.25
C LEU C 529 14.12 -26.00 -39.53
N ASN C 530 14.41 -25.20 -38.51
CA ASN C 530 15.29 -24.03 -38.69
C ASN C 530 15.62 -23.42 -37.34
N PHE C 531 16.67 -22.64 -37.29
CA PHE C 531 17.04 -21.97 -36.06
C PHE C 531 17.58 -20.61 -36.45
N SER C 532 17.47 -19.61 -35.56
CA SER C 532 18.03 -18.29 -35.87
C SER C 532 18.47 -17.63 -34.59
N PHE C 533 19.24 -16.56 -34.72
CA PHE C 533 19.71 -15.85 -33.53
C PHE C 533 18.75 -14.74 -33.15
N GLU C 534 17.89 -15.06 -32.18
CA GLU C 534 16.88 -14.12 -31.69
C GLU C 534 17.40 -13.29 -30.52
N VAL C 535 17.89 -13.97 -29.49
CA VAL C 535 18.39 -13.27 -28.33
C VAL C 535 19.88 -13.42 -28.09
N VAL C 536 20.66 -12.74 -28.92
CA VAL C 536 22.12 -12.82 -28.83
C VAL C 536 22.82 -11.47 -28.57
N SER C 537 22.07 -10.53 -28.01
CA SER C 537 22.60 -9.18 -27.74
C SER C 537 23.04 -9.05 -26.26
N LYS C 538 24.27 -8.60 -26.05
CA LYS C 538 24.77 -8.48 -24.69
C LYS C 538 25.65 -7.25 -24.51
N PRO C 539 25.57 -6.60 -23.35
CA PRO C 539 26.37 -5.40 -23.05
C PRO C 539 27.81 -5.74 -22.60
N PHE C 540 28.76 -4.88 -22.97
CA PHE C 540 30.17 -5.06 -22.63
C PHE C 540 30.74 -3.74 -22.18
N VAL C 541 31.88 -3.77 -21.51
CA VAL C 541 32.48 -2.53 -21.09
C VAL C 541 33.96 -2.64 -21.25
N ILE C 542 34.59 -1.49 -21.38
CA ILE C 542 36.04 -1.43 -21.57
C ILE C 542 36.59 -0.28 -20.75
N PRO C 543 37.40 -0.60 -19.71
CA PRO C 543 37.99 0.44 -18.86
C PRO C 543 39.08 1.16 -19.62
N LEU C 544 38.98 2.49 -19.64
CA LEU C 544 39.94 3.31 -20.36
C LEU C 544 41.30 3.35 -19.67
N ILE C 545 41.36 2.89 -18.42
CA ILE C 545 42.62 2.84 -17.70
C ILE C 545 43.00 1.41 -17.44
N PRO C 546 44.06 0.92 -18.12
CA PRO C 546 44.52 -0.46 -17.94
C PRO C 546 44.69 -0.84 -16.48
N GLY C 547 44.27 -2.05 -16.12
CA GLY C 547 44.43 -2.48 -14.75
C GLY C 547 43.19 -2.22 -13.93
N SER C 548 42.36 -1.32 -14.43
CA SER C 548 41.13 -1.01 -13.76
C SER C 548 40.15 -2.10 -14.19
N PRO C 549 39.44 -2.71 -13.25
CA PRO C 549 38.50 -3.77 -13.57
C PRO C 549 37.14 -3.28 -13.99
N ASN C 550 36.33 -4.23 -14.43
CA ASN C 550 34.97 -3.98 -14.87
C ASN C 550 34.19 -3.57 -13.64
N PRO C 551 33.72 -2.34 -13.61
CA PRO C 551 32.97 -1.91 -12.43
C PRO C 551 31.77 -2.80 -12.07
N THR C 552 30.95 -3.20 -13.04
CA THR C 552 29.81 -4.04 -12.64
C THR C 552 30.22 -5.31 -11.91
N LYS C 553 31.50 -5.67 -11.98
CA LYS C 553 31.99 -6.86 -11.28
C LYS C 553 32.03 -6.72 -9.77
N LEU C 554 31.95 -5.49 -9.28
CA LEU C 554 31.96 -5.25 -7.84
C LEU C 554 33.23 -5.75 -7.14
N VAL C 555 34.37 -5.54 -7.78
CA VAL C 555 35.66 -5.93 -7.20
C VAL C 555 36.04 -4.90 -6.15
N PRO C 556 36.11 -5.33 -4.86
CA PRO C 556 36.46 -4.45 -3.74
C PRO C 556 37.58 -3.47 -4.11
N ARG C 557 37.34 -2.19 -3.87
CA ARG C 557 38.33 -1.17 -4.20
C ARG C 557 39.63 -1.42 -3.46
N SER C 558 39.55 -1.82 -2.20
CA SER C 558 40.73 -2.08 -1.41
C SER C 558 41.57 -3.22 -1.97
N MET C 559 40.94 -4.04 -2.81
CA MET C 559 41.62 -5.19 -3.40
C MET C 559 42.10 -4.94 -4.84
N THR C 560 42.06 -3.68 -5.27
CA THR C 560 42.51 -3.31 -6.61
C THR C 560 43.46 -2.11 -6.51
N SER C 561 44.25 -1.90 -7.55
CA SER C 561 45.20 -0.78 -7.58
C SER C 561 45.06 0.01 -8.88
N GLU C 562 44.02 0.84 -8.98
CA GLU C 562 43.82 1.63 -10.19
C GLU C 562 44.75 2.84 -10.22
N ALA C 563 44.16 4.03 -10.24
CA ALA C 563 44.90 5.29 -10.26
C ALA C 563 45.84 5.38 -11.46
N GLY C 564 45.84 4.34 -12.32
CA GLY C 564 46.68 4.37 -13.49
C GLY C 564 46.33 5.58 -14.37
N GLU C 565 46.87 5.63 -15.58
CA GLU C 565 46.59 6.75 -16.48
C GLU C 565 45.94 6.20 -17.77
N TYR C 566 45.26 7.06 -18.55
CA TYR C 566 44.62 6.64 -19.79
C TYR C 566 45.55 5.88 -20.72
N ASP C 567 45.03 4.87 -21.40
CA ASP C 567 45.83 4.10 -22.34
C ASP C 567 44.83 3.33 -23.20
N LEU C 568 44.60 3.79 -24.42
CA LEU C 568 43.65 3.12 -25.27
C LEU C 568 44.23 1.99 -26.12
N ASN C 569 45.50 1.66 -25.94
CA ASN C 569 46.08 0.58 -26.74
C ASN C 569 45.61 -0.81 -26.32
N ASP C 570 45.38 -1.65 -27.31
CA ASP C 570 44.92 -3.00 -27.06
C ASP C 570 43.87 -3.01 -26.00
N MET C 571 42.86 -2.18 -26.18
CA MET C 571 41.81 -2.11 -25.20
C MET C 571 40.73 -3.16 -25.47
N TYR C 572 40.68 -3.65 -26.70
CA TYR C 572 39.70 -4.70 -27.02
C TYR C 572 40.06 -5.99 -26.28
N LYS C 573 41.27 -6.03 -25.73
CA LYS C 573 41.68 -7.22 -24.98
C LYS C 573 41.17 -7.17 -23.52
N ARG C 574 40.91 -5.98 -23.02
CA ARG C 574 40.46 -5.79 -21.65
C ARG C 574 38.94 -5.85 -21.59
N SER C 575 38.30 -5.99 -22.75
CA SER C 575 36.84 -6.03 -22.81
C SER C 575 36.32 -7.01 -21.79
N SER C 576 35.12 -6.72 -21.30
CA SER C 576 34.50 -7.56 -20.30
C SER C 576 32.99 -7.44 -20.41
N PRO C 577 32.27 -8.56 -20.25
CA PRO C 577 30.81 -8.51 -20.34
C PRO C 577 30.16 -8.05 -19.05
N ILE C 578 28.94 -7.56 -19.15
CA ILE C 578 28.23 -7.17 -17.96
C ILE C 578 27.16 -8.25 -17.80
N ASN C 579 27.14 -8.85 -16.62
CA ASN C 579 26.26 -9.96 -16.27
C ASN C 579 24.79 -9.68 -16.42
N VAL C 580 24.33 -9.53 -17.65
CA VAL C 580 22.93 -9.25 -17.92
C VAL C 580 22.49 -10.28 -18.95
N ASP C 581 21.38 -10.98 -18.69
CA ASP C 581 20.92 -12.02 -19.64
C ASP C 581 20.83 -11.53 -21.10
N PRO C 582 21.18 -12.38 -22.07
CA PRO C 582 21.11 -11.97 -23.47
C PRO C 582 19.70 -11.53 -23.90
N GLY C 583 19.59 -10.99 -25.10
CA GLY C 583 18.31 -10.51 -25.58
C GLY C 583 18.50 -9.69 -26.84
N ASP C 584 17.75 -8.60 -26.95
CA ASP C 584 17.81 -7.70 -28.11
C ASP C 584 17.76 -6.24 -27.62
N TYR C 585 18.95 -5.76 -27.25
CA TYR C 585 19.19 -4.42 -26.71
C TYR C 585 19.59 -3.40 -27.76
N ARG C 586 19.01 -2.20 -27.70
CA ARG C 586 19.31 -1.15 -28.67
C ARG C 586 20.07 0.00 -28.07
N MET C 587 20.09 0.10 -26.74
CA MET C 587 20.77 1.20 -26.08
C MET C 587 21.20 0.84 -24.68
N ILE C 588 22.37 1.34 -24.27
CA ILE C 588 22.88 1.05 -22.93
C ILE C 588 23.28 2.37 -22.29
N ILE C 589 22.70 2.69 -21.13
CA ILE C 589 23.01 3.95 -20.45
C ILE C 589 23.59 3.71 -19.05
N PRO C 590 24.90 3.93 -18.89
CA PRO C 590 25.58 3.75 -17.61
C PRO C 590 25.28 4.88 -16.63
N LEU C 591 24.90 4.50 -15.42
CA LEU C 591 24.63 5.46 -14.37
C LEU C 591 25.49 5.15 -13.16
N GLU C 592 25.28 5.91 -12.09
CA GLU C 592 26.04 5.75 -10.86
C GLU C 592 26.05 4.32 -10.29
N SER C 593 24.87 3.78 -10.00
CA SER C 593 24.83 2.43 -9.44
C SER C 593 23.86 1.54 -10.19
N SER C 594 23.56 1.91 -11.43
CA SER C 594 22.66 1.13 -12.26
C SER C 594 22.93 1.35 -13.73
N ILE C 595 22.36 0.48 -14.57
CA ILE C 595 22.51 0.60 -16.01
C ILE C 595 21.12 0.56 -16.63
N LEU C 596 20.85 1.47 -17.56
CA LEU C 596 19.57 1.48 -18.22
C LEU C 596 19.80 0.78 -19.53
N ILE C 597 18.87 -0.09 -19.90
CA ILE C 597 18.99 -0.82 -21.14
C ILE C 597 17.66 -0.84 -21.89
N TYR C 598 17.71 -0.50 -23.17
CA TYR C 598 16.52 -0.48 -23.99
C TYR C 598 16.40 -1.85 -24.66
N SER C 599 15.35 -2.58 -24.32
CA SER C 599 15.14 -3.92 -24.83
C SER C 599 13.94 -4.02 -25.76
N VAL C 600 14.05 -4.88 -26.76
CA VAL C 600 12.97 -5.09 -27.71
C VAL C 600 12.67 -6.57 -27.74
N PRO C 601 11.48 -6.94 -27.26
CA PRO C 601 11.04 -8.33 -27.24
C PRO C 601 10.88 -8.89 -28.65
N VAL C 602 11.23 -10.16 -28.84
CA VAL C 602 11.09 -10.78 -30.15
C VAL C 602 9.62 -10.68 -30.59
N HIS C 603 9.46 -10.35 -31.87
CA HIS C 603 8.14 -10.16 -32.45
C HIS C 603 8.16 -10.48 -33.94
N GLY C 604 6.97 -10.51 -34.54
CA GLY C 604 6.84 -10.77 -35.96
C GLY C 604 7.21 -9.50 -36.71
N GLU C 605 7.51 -9.63 -37.99
CA GLU C 605 7.88 -8.46 -38.77
C GLU C 605 6.82 -8.05 -39.76
N PHE C 606 5.75 -8.84 -39.84
CA PHE C 606 4.72 -8.53 -40.83
C PHE C 606 4.20 -7.10 -40.81
N ALA C 607 3.71 -6.63 -39.66
CA ALA C 607 3.17 -5.28 -39.57
C ALA C 607 4.21 -4.23 -39.86
N ALA C 608 5.44 -4.48 -39.44
CA ALA C 608 6.51 -3.53 -39.66
C ALA C 608 6.91 -3.45 -41.13
N TYR C 609 6.91 -4.60 -41.82
CA TYR C 609 7.30 -4.67 -43.23
C TYR C 609 6.29 -4.04 -44.18
N TYR C 610 5.01 -4.18 -43.87
CA TYR C 610 3.98 -3.63 -44.74
C TYR C 610 3.36 -2.37 -44.15
N GLN C 611 2.56 -2.54 -43.10
CA GLN C 611 1.88 -1.45 -42.41
C GLN C 611 2.87 -0.42 -41.85
N GLY C 612 4.14 -0.78 -41.74
CA GLY C 612 5.11 0.16 -41.24
C GLY C 612 5.08 0.35 -39.74
N ALA C 613 4.34 -0.51 -39.02
CA ALA C 613 4.23 -0.42 -37.56
C ALA C 613 5.59 -0.33 -36.88
N PRO C 614 5.72 0.55 -35.87
CA PRO C 614 6.93 0.79 -35.10
C PRO C 614 7.24 -0.38 -34.18
N GLU C 615 8.51 -0.52 -33.87
CA GLU C 615 9.00 -1.58 -33.02
C GLU C 615 8.75 -1.25 -31.54
N LYS C 616 8.13 -2.18 -30.80
CA LYS C 616 7.86 -1.96 -29.37
C LYS C 616 9.04 -2.38 -28.48
N GLY C 617 9.52 -1.43 -27.67
CA GLY C 617 10.61 -1.69 -26.78
C GLY C 617 10.21 -1.39 -25.34
N VAL C 618 11.15 -1.51 -24.41
CA VAL C 618 10.86 -1.24 -23.02
C VAL C 618 12.18 -0.80 -22.37
N LEU C 619 12.11 0.09 -21.38
CA LEU C 619 13.30 0.59 -20.71
C LEU C 619 13.58 -0.22 -19.48
N LEU C 620 14.67 -0.97 -19.51
CA LEU C 620 15.07 -1.81 -18.37
C LEU C 620 16.15 -1.19 -17.49
N LYS C 621 16.13 -1.56 -16.23
CA LYS C 621 17.11 -1.07 -15.26
C LYS C 621 17.85 -2.22 -14.61
N TYR C 622 19.16 -2.13 -14.61
CA TYR C 622 20.00 -3.15 -14.00
C TYR C 622 20.74 -2.49 -12.82
N ASP C 623 20.45 -2.97 -11.62
CA ASP C 623 21.09 -2.45 -10.41
C ASP C 623 22.45 -3.13 -10.29
N VAL C 624 23.53 -2.35 -10.36
CA VAL C 624 24.86 -2.96 -10.29
C VAL C 624 25.06 -3.76 -9.01
N LYS C 625 24.54 -3.25 -7.90
CA LYS C 625 24.66 -3.90 -6.61
C LYS C 625 23.86 -5.19 -6.50
N THR C 626 22.54 -5.07 -6.62
CA THR C 626 21.63 -6.21 -6.52
C THR C 626 21.65 -7.14 -7.72
N ARG C 627 22.17 -6.64 -8.85
CA ARG C 627 22.24 -7.37 -10.12
C ARG C 627 20.85 -7.77 -10.59
N LYS C 628 19.85 -7.15 -9.98
CA LYS C 628 18.46 -7.41 -10.30
C LYS C 628 18.01 -6.52 -11.45
N VAL C 629 17.08 -7.04 -12.24
CA VAL C 629 16.57 -6.29 -13.38
C VAL C 629 15.10 -5.95 -13.21
N THR C 630 14.71 -4.74 -13.62
CA THR C 630 13.33 -4.31 -13.49
C THR C 630 12.91 -3.47 -14.68
N GLU C 631 11.61 -3.24 -14.78
CA GLU C 631 11.06 -2.47 -15.89
C GLU C 631 10.74 -1.05 -15.46
N VAL C 632 11.41 -0.10 -16.09
CA VAL C 632 11.21 1.31 -15.79
C VAL C 632 10.08 1.94 -16.61
N LYS C 633 9.86 1.46 -17.83
CA LYS C 633 8.81 2.04 -18.66
C LYS C 633 8.57 1.10 -19.84
N ASN C 634 7.34 0.95 -20.28
CA ASN C 634 7.12 0.09 -21.43
C ASN C 634 6.34 0.82 -22.53
N ASN C 635 5.98 0.09 -23.57
CA ASN C 635 5.26 0.64 -24.70
C ASN C 635 6.04 1.75 -25.36
N LEU C 636 7.34 1.61 -25.41
CA LEU C 636 8.16 2.61 -26.04
C LEU C 636 8.46 2.26 -27.51
N THR C 637 8.59 3.28 -28.34
CA THR C 637 8.91 3.03 -29.75
C THR C 637 10.11 3.86 -30.15
N ASP C 638 10.61 4.65 -29.20
CA ASP C 638 11.79 5.50 -29.42
C ASP C 638 12.16 6.17 -28.08
N LEU C 639 13.43 6.47 -27.90
CA LEU C 639 13.91 7.09 -26.67
C LEU C 639 15.14 7.94 -26.95
N ARG C 640 15.26 9.02 -26.21
CA ARG C 640 16.38 9.96 -26.33
C ARG C 640 16.77 10.42 -24.92
N LEU C 641 18.05 10.56 -24.66
CA LEU C 641 18.46 11.01 -23.34
C LEU C 641 19.11 12.39 -23.42
N SER C 642 18.88 13.22 -22.40
CA SER C 642 19.46 14.55 -22.38
C SER C 642 20.97 14.48 -22.20
N ALA C 643 21.60 15.65 -22.17
CA ALA C 643 23.04 15.75 -22.01
C ALA C 643 23.45 15.36 -20.59
N ASP C 644 22.75 15.97 -19.61
CA ASP C 644 23.00 15.72 -18.20
C ASP C 644 22.51 14.36 -17.71
N ARG C 645 22.11 13.50 -18.64
CA ARG C 645 21.62 12.16 -18.29
C ARG C 645 20.47 12.20 -17.27
N LYS C 646 19.87 13.36 -17.06
CA LYS C 646 18.79 13.47 -16.09
C LYS C 646 17.41 13.46 -16.70
N THR C 647 17.30 13.96 -17.93
CA THR C 647 16.01 14.05 -18.61
C THR C 647 15.80 12.95 -19.66
N VAL C 648 14.61 12.35 -19.66
CA VAL C 648 14.31 11.32 -20.64
C VAL C 648 13.11 11.74 -21.50
N MET C 649 13.28 11.61 -22.81
CA MET C 649 12.24 11.93 -23.76
C MET C 649 11.98 10.64 -24.53
N VAL C 650 10.73 10.19 -24.54
CA VAL C 650 10.42 8.97 -25.27
C VAL C 650 9.21 9.14 -26.17
N ARG C 651 8.96 8.13 -26.99
CA ARG C 651 7.81 8.10 -27.88
C ARG C 651 7.16 6.76 -27.56
N LYS C 652 5.87 6.77 -27.30
CA LYS C 652 5.20 5.52 -27.00
C LYS C 652 4.44 5.03 -28.20
N ASP C 653 3.88 3.83 -28.08
CA ASP C 653 3.12 3.20 -29.16
C ASP C 653 1.89 3.99 -29.58
N ASP C 654 1.35 4.82 -28.68
CA ASP C 654 0.18 5.62 -29.01
C ASP C 654 0.62 6.77 -29.90
N GLY C 655 1.92 6.86 -30.15
CA GLY C 655 2.45 7.89 -31.01
C GLY C 655 2.78 9.21 -30.35
N LYS C 656 2.43 9.35 -29.08
CA LYS C 656 2.71 10.60 -28.36
C LYS C 656 4.12 10.66 -27.77
N ILE C 657 4.63 11.88 -27.60
CA ILE C 657 5.96 12.04 -27.02
C ILE C 657 5.86 12.37 -25.54
N TYR C 658 6.71 11.76 -24.73
CA TYR C 658 6.67 12.03 -23.31
C TYR C 658 8.04 12.36 -22.75
N THR C 659 8.04 12.97 -21.58
CA THR C 659 9.30 13.33 -20.95
C THR C 659 9.22 13.14 -19.42
N PHE C 660 10.17 12.39 -18.88
CA PHE C 660 10.22 12.13 -17.45
C PHE C 660 11.65 12.13 -16.96
N PRO C 661 11.87 12.60 -15.73
CA PRO C 661 13.21 12.64 -15.15
C PRO C 661 13.69 11.21 -14.87
N LEU C 662 14.94 10.94 -15.21
CA LEU C 662 15.51 9.61 -15.02
C LEU C 662 15.43 9.16 -13.56
N GLU C 663 15.54 10.12 -12.65
CA GLU C 663 15.47 9.87 -11.21
C GLU C 663 14.07 9.42 -10.78
N LYS C 664 13.03 10.13 -11.24
CA LYS C 664 11.66 9.79 -10.89
C LYS C 664 10.79 9.58 -12.14
N PRO C 665 10.98 8.44 -12.83
CA PRO C 665 10.22 8.11 -14.05
C PRO C 665 8.72 8.04 -13.82
N GLU C 666 8.31 8.20 -12.56
CA GLU C 666 6.90 8.15 -12.25
C GLU C 666 6.23 9.45 -12.68
N ASP C 667 7.01 10.53 -12.74
CA ASP C 667 6.50 11.86 -13.12
C ASP C 667 6.74 12.28 -14.57
N GLU C 668 6.08 11.60 -15.51
CA GLU C 668 6.22 11.92 -16.92
C GLU C 668 5.13 12.89 -17.35
N ARG C 669 5.46 13.74 -18.32
CA ARG C 669 4.51 14.71 -18.86
C ARG C 669 4.40 14.51 -20.36
N THR C 670 3.26 14.90 -20.92
CA THR C 670 3.02 14.75 -22.34
C THR C 670 3.48 15.98 -23.11
N VAL C 671 4.26 15.78 -24.16
CA VAL C 671 4.72 16.92 -24.93
C VAL C 671 3.66 17.36 -25.92
N GLU C 672 3.20 18.60 -25.82
CA GLU C 672 2.20 19.11 -26.75
C GLU C 672 2.86 20.11 -27.69
N THR C 673 2.55 20.00 -28.98
CA THR C 673 3.13 20.87 -29.99
C THR C 673 2.08 21.45 -30.93
N ASP C 674 0.85 20.92 -30.85
CA ASP C 674 -0.22 21.36 -31.72
C ASP C 674 -0.98 22.60 -31.20
N LYS C 675 -0.39 23.29 -30.24
CA LYS C 675 -0.99 24.50 -29.69
C LYS C 675 -0.82 25.63 -30.70
N ARG C 676 0.39 25.74 -31.24
CA ARG C 676 0.70 26.78 -32.22
C ARG C 676 0.67 26.17 -33.63
N PRO C 677 -0.12 26.75 -34.55
CA PRO C 677 -0.20 26.23 -35.92
C PRO C 677 1.12 26.33 -36.68
N LEU C 678 1.27 25.45 -37.67
CA LEU C 678 2.46 25.45 -38.50
C LEU C 678 2.15 26.34 -39.72
N VAL C 679 2.97 27.38 -39.95
CA VAL C 679 2.73 28.28 -41.08
C VAL C 679 3.73 28.18 -42.22
N SER C 680 3.23 27.99 -43.43
CA SER C 680 4.12 27.89 -44.59
C SER C 680 3.49 28.39 -45.89
N SER C 681 4.31 28.48 -46.92
CA SER C 681 3.89 28.93 -48.25
C SER C 681 3.96 27.76 -49.25
N ILE C 682 2.82 27.46 -49.88
CA ILE C 682 2.75 26.36 -50.84
C ILE C 682 3.83 26.43 -51.91
N HIS C 683 3.93 27.56 -52.63
CA HIS C 683 4.93 27.63 -53.69
C HIS C 683 6.38 27.52 -53.21
N GLU C 684 6.71 28.10 -52.06
CA GLU C 684 8.08 27.99 -51.60
C GLU C 684 8.39 26.55 -51.19
N GLU C 685 7.41 25.87 -50.60
CA GLU C 685 7.60 24.50 -50.19
C GLU C 685 7.74 23.63 -51.44
N PHE C 686 6.85 23.86 -52.40
CA PHE C 686 6.85 23.10 -53.65
C PHE C 686 8.21 23.22 -54.36
N LEU C 687 8.74 24.43 -54.42
CA LEU C 687 10.04 24.61 -55.07
C LEU C 687 11.07 23.84 -54.25
N GLN C 688 10.93 23.91 -52.93
CA GLN C 688 11.88 23.20 -52.07
C GLN C 688 11.80 21.71 -52.31
N MET C 689 10.59 21.18 -52.24
CA MET C 689 10.35 19.74 -52.45
C MET C 689 10.82 19.25 -53.83
N TYR C 690 10.56 20.04 -54.86
CA TYR C 690 10.98 19.64 -56.18
C TYR C 690 12.49 19.47 -56.18
N ASP C 691 13.20 20.53 -55.82
CA ASP C 691 14.66 20.51 -55.82
C ASP C 691 15.23 19.32 -55.07
N GLU C 692 14.57 18.92 -53.98
CA GLU C 692 15.07 17.79 -53.21
C GLU C 692 14.83 16.48 -53.96
N ALA C 693 13.60 16.29 -54.44
CA ALA C 693 13.24 15.08 -55.20
C ALA C 693 14.24 14.93 -56.34
N TRP C 694 14.49 16.05 -57.03
CA TRP C 694 15.42 16.07 -58.15
C TRP C 694 16.82 15.75 -57.66
N LYS C 695 17.21 16.32 -56.51
CA LYS C 695 18.57 16.08 -55.99
C LYS C 695 18.80 14.64 -55.53
N LEU C 696 17.75 14.05 -54.95
CA LEU C 696 17.85 12.65 -54.49
C LEU C 696 17.94 11.72 -55.66
N ALA C 697 17.13 11.97 -56.68
CA ALA C 697 17.13 11.14 -57.88
C ALA C 697 18.52 11.09 -58.50
N ARG C 698 19.24 12.20 -58.44
CA ARG C 698 20.56 12.25 -59.03
C ARG C 698 21.60 11.63 -58.11
N ASP C 699 21.52 11.98 -56.83
CA ASP C 699 22.46 11.49 -55.85
C ASP C 699 22.32 10.01 -55.52
N ASN C 700 21.16 9.41 -55.81
CA ASN C 700 21.00 8.00 -55.50
C ASN C 700 20.93 7.05 -56.70
N TYR C 701 20.89 7.58 -57.93
CA TYR C 701 20.82 6.72 -59.11
C TYR C 701 21.99 5.73 -59.06
N TRP C 702 21.71 4.47 -59.35
CA TRP C 702 22.76 3.45 -59.32
C TRP C 702 23.97 3.83 -60.18
N ASN C 703 23.75 4.36 -61.38
CA ASN C 703 24.84 4.72 -62.26
C ASN C 703 25.22 6.20 -62.15
N GLU C 704 26.26 6.47 -61.36
CA GLU C 704 26.76 7.82 -61.14
C GLU C 704 27.01 8.62 -62.42
N ALA C 705 27.64 7.97 -63.40
CA ALA C 705 27.95 8.61 -64.67
C ALA C 705 26.69 9.23 -65.29
N VAL C 706 25.72 8.36 -65.62
CA VAL C 706 24.46 8.78 -66.24
C VAL C 706 23.72 9.87 -65.48
N ALA C 707 23.83 9.86 -64.16
CA ALA C 707 23.15 10.84 -63.30
C ALA C 707 23.50 12.29 -63.68
N LYS C 708 24.79 12.61 -63.68
CA LYS C 708 25.27 13.93 -64.03
C LYS C 708 24.60 14.48 -65.31
N GLU C 709 24.48 13.64 -66.33
CA GLU C 709 23.86 14.04 -67.59
C GLU C 709 22.34 14.11 -67.48
N ILE C 710 21.71 13.04 -66.98
CA ILE C 710 20.26 12.99 -66.86
C ILE C 710 19.71 14.13 -65.99
N SER C 711 20.29 14.30 -64.81
CA SER C 711 19.83 15.34 -63.91
C SER C 711 19.86 16.74 -64.54
N GLU C 712 21.05 17.18 -64.97
CA GLU C 712 21.21 18.51 -65.55
C GLU C 712 20.36 18.74 -66.79
N ARG C 713 19.98 17.66 -67.47
CA ARG C 713 19.17 17.78 -68.67
C ARG C 713 17.68 17.93 -68.41
N ILE C 714 17.20 17.42 -67.28
CA ILE C 714 15.77 17.49 -67.01
C ILE C 714 15.35 18.51 -65.97
N TYR C 715 16.30 18.99 -65.18
CA TYR C 715 16.00 19.94 -64.13
C TYR C 715 15.14 21.15 -64.52
N GLU C 716 15.69 22.02 -65.35
CA GLU C 716 14.99 23.22 -65.77
C GLU C 716 13.61 22.92 -66.37
N LYS C 717 13.55 21.99 -67.32
CA LYS C 717 12.29 21.63 -67.98
C LYS C 717 11.14 21.39 -67.01
N TYR C 718 11.37 20.59 -65.99
CA TYR C 718 10.32 20.27 -65.03
C TYR C 718 10.16 21.28 -63.92
N ARG C 719 11.21 22.07 -63.67
CA ARG C 719 11.13 23.08 -62.61
C ARG C 719 10.18 24.18 -63.02
N ASN C 720 10.09 24.44 -64.32
CA ASN C 720 9.21 25.50 -64.83
C ASN C 720 7.71 25.18 -64.68
N LEU C 721 7.40 23.95 -64.33
CA LEU C 721 6.01 23.56 -64.14
C LEU C 721 5.60 23.67 -62.68
N VAL C 722 6.58 23.67 -61.79
CA VAL C 722 6.31 23.75 -60.35
C VAL C 722 5.33 24.87 -60.01
N PRO C 723 5.61 26.12 -60.48
CA PRO C 723 4.74 27.28 -60.22
C PRO C 723 3.30 27.12 -60.75
N LEU C 724 3.08 26.13 -61.58
CA LEU C 724 1.72 25.91 -62.09
C LEU C 724 0.99 24.99 -61.11
N CYS C 725 1.75 24.36 -60.22
CA CYS C 725 1.19 23.44 -59.22
C CYS C 725 0.58 24.20 -58.05
N LYS C 726 -0.70 23.95 -57.82
CA LYS C 726 -1.39 24.61 -56.71
C LYS C 726 -1.71 23.57 -55.61
N THR C 727 -1.81 22.31 -55.99
CA THR C 727 -2.11 21.26 -55.03
C THR C 727 -0.98 20.27 -54.93
N ARG C 728 -1.05 19.41 -53.92
CA ARG C 728 0.00 18.41 -53.71
C ARG C 728 0.06 17.47 -54.91
N TYR C 729 -1.13 17.02 -55.35
CA TYR C 729 -1.26 16.13 -56.48
C TYR C 729 -0.63 16.79 -57.70
N ASP C 730 -0.86 18.09 -57.92
CA ASP C 730 -0.23 18.75 -59.08
C ASP C 730 1.28 18.49 -59.05
N LEU C 731 1.90 18.88 -57.93
CA LEU C 731 3.34 18.74 -57.72
C LEU C 731 3.77 17.30 -58.00
N SER C 732 2.94 16.36 -57.57
CA SER C 732 3.24 14.96 -57.78
C SER C 732 3.36 14.70 -59.28
N ASN C 733 2.39 15.18 -60.06
CA ASN C 733 2.42 14.98 -61.51
C ASN C 733 3.72 15.45 -62.11
N VAL C 734 4.22 16.60 -61.64
CA VAL C 734 5.46 17.13 -62.16
C VAL C 734 6.65 16.26 -61.71
N ILE C 735 6.73 15.98 -60.40
CA ILE C 735 7.84 15.17 -59.88
C ILE C 735 7.96 13.76 -60.50
N VAL C 736 6.84 13.06 -60.59
CA VAL C 736 6.85 11.74 -61.18
C VAL C 736 7.36 11.77 -62.61
N GLU C 737 6.90 12.74 -63.40
CA GLU C 737 7.36 12.86 -64.79
C GLU C 737 8.87 13.08 -64.86
N MET C 738 9.43 13.80 -63.90
CA MET C 738 10.86 14.03 -63.94
C MET C 738 11.58 12.77 -63.46
N GLN C 739 10.94 11.97 -62.61
CA GLN C 739 11.58 10.73 -62.17
C GLN C 739 11.65 9.75 -63.35
N GLY C 740 10.60 9.74 -64.19
CA GLY C 740 10.55 8.84 -65.32
C GLY C 740 11.71 9.08 -66.28
N GLU C 741 12.28 10.28 -66.19
CA GLU C 741 13.40 10.68 -67.04
C GLU C 741 14.63 9.78 -66.86
N TYR C 742 14.71 9.07 -65.74
CA TYR C 742 15.85 8.17 -65.51
C TYR C 742 15.62 6.83 -66.23
N ARG C 743 14.47 6.72 -66.91
CA ARG C 743 14.13 5.54 -67.69
C ARG C 743 14.51 4.25 -66.98
N THR C 744 14.23 4.19 -65.70
CA THR C 744 14.56 3.01 -64.92
C THR C 744 13.40 2.62 -64.01
N SER C 745 13.45 1.41 -63.48
CA SER C 745 12.42 0.96 -62.59
C SER C 745 12.62 1.57 -61.20
N HIS C 746 11.72 1.18 -60.30
CA HIS C 746 11.78 1.60 -58.91
C HIS C 746 11.91 3.08 -58.57
N SER C 747 11.33 3.95 -59.39
CA SER C 747 11.36 5.39 -59.07
C SER C 747 9.94 5.68 -58.63
N TYR C 748 9.67 5.43 -57.34
CA TYR C 748 8.33 5.63 -56.80
C TYR C 748 8.16 6.85 -55.93
N GLU C 749 6.91 7.12 -55.57
CA GLU C 749 6.54 8.23 -54.71
C GLU C 749 5.41 7.71 -53.83
N MET C 750 5.67 7.63 -52.52
CA MET C 750 4.70 7.13 -51.54
C MET C 750 4.61 8.11 -50.37
N GLY C 751 3.49 8.06 -49.66
CA GLY C 751 3.32 8.94 -48.53
C GLY C 751 3.01 10.38 -48.92
N GLY C 752 3.01 11.28 -47.94
CA GLY C 752 2.68 12.67 -48.21
C GLY C 752 1.19 12.92 -48.00
N THR C 753 0.83 14.19 -47.90
CA THR C 753 -0.55 14.58 -47.66
C THR C 753 -1.13 15.23 -48.89
N PHE C 754 -2.07 14.53 -49.53
CA PHE C 754 -2.71 15.05 -50.75
C PHE C 754 -4.10 15.59 -50.48
N THR C 755 -4.75 15.08 -49.43
CA THR C 755 -6.09 15.54 -49.13
C THR C 755 -6.46 15.40 -47.65
N ASP C 756 -7.42 16.20 -47.19
CA ASP C 756 -7.83 16.12 -45.81
C ASP C 756 -9.08 15.24 -45.73
N LYS C 757 -9.38 14.57 -46.84
CA LYS C 757 -10.55 13.68 -46.88
C LYS C 757 -10.24 12.30 -46.27
N ASP C 758 -11.20 11.78 -45.51
CA ASP C 758 -11.01 10.47 -44.92
C ASP C 758 -11.09 9.38 -46.01
N PRO C 759 -10.26 8.34 -45.88
CA PRO C 759 -10.26 7.25 -46.85
C PRO C 759 -11.63 6.56 -47.05
N PHE C 760 -11.92 6.18 -48.29
CA PHE C 760 -13.18 5.50 -48.59
C PHE C 760 -13.22 4.22 -47.78
N ARG C 761 -14.41 3.83 -47.33
CA ARG C 761 -14.57 2.62 -46.53
C ARG C 761 -15.35 1.60 -47.32
N SER C 762 -15.17 0.32 -47.00
CA SER C 762 -15.89 -0.71 -47.71
C SER C 762 -16.23 -1.85 -46.75
N GLY C 763 -17.50 -2.25 -46.74
CA GLY C 763 -17.92 -3.33 -45.84
C GLY C 763 -17.79 -4.67 -46.52
N ARG C 764 -17.01 -5.57 -45.93
CA ARG C 764 -16.80 -6.89 -46.52
C ARG C 764 -17.03 -8.09 -45.60
N ILE C 765 -17.67 -9.14 -46.12
CA ILE C 765 -17.89 -10.34 -45.34
C ILE C 765 -17.46 -11.54 -46.16
N ALA C 766 -16.50 -11.30 -47.03
CA ALA C 766 -15.92 -12.37 -47.86
C ALA C 766 -17.00 -13.10 -48.64
N CYS C 767 -17.81 -12.35 -49.37
CA CYS C 767 -18.86 -12.96 -50.17
C CYS C 767 -19.05 -12.22 -51.49
N ASP C 768 -19.58 -12.95 -52.46
CA ASP C 768 -19.88 -12.35 -53.76
C ASP C 768 -21.39 -12.27 -53.89
N PHE C 769 -21.90 -11.07 -54.17
CA PHE C 769 -23.32 -10.86 -54.31
C PHE C 769 -23.77 -10.72 -55.74
N LYS C 770 -24.92 -11.34 -56.02
CA LYS C 770 -25.53 -11.33 -57.34
C LYS C 770 -26.98 -10.93 -57.18
N LEU C 771 -27.37 -9.84 -57.85
CA LEU C 771 -28.73 -9.32 -57.79
C LEU C 771 -29.64 -10.17 -58.63
N ASP C 772 -30.43 -11.02 -58.00
CA ASP C 772 -31.36 -11.85 -58.75
C ASP C 772 -32.79 -11.48 -58.40
N GLY C 773 -33.48 -10.87 -59.35
CA GLY C 773 -34.85 -10.45 -59.09
C GLY C 773 -34.80 -9.22 -58.21
N ASP C 774 -35.39 -9.32 -57.02
CA ASP C 774 -35.43 -8.19 -56.10
C ASP C 774 -34.70 -8.50 -54.78
N HIS C 775 -33.87 -9.53 -54.83
CA HIS C 775 -33.12 -9.95 -53.67
C HIS C 775 -31.68 -10.23 -54.03
N TYR C 776 -30.76 -9.92 -53.12
CA TYR C 776 -29.35 -10.21 -53.37
C TYR C 776 -29.12 -11.64 -52.94
N VAL C 777 -28.41 -12.41 -53.75
CA VAL C 777 -28.11 -13.79 -53.35
C VAL C 777 -26.58 -13.94 -53.18
N VAL C 778 -26.19 -14.89 -52.33
CA VAL C 778 -24.78 -15.13 -52.09
C VAL C 778 -24.30 -16.03 -53.18
N ALA C 779 -23.62 -15.43 -54.18
CA ALA C 779 -23.09 -16.14 -55.33
C ALA C 779 -21.86 -16.99 -54.93
N LYS C 780 -21.01 -16.47 -54.04
CA LYS C 780 -19.80 -17.18 -53.61
C LYS C 780 -19.41 -16.83 -52.18
N ALA C 781 -18.96 -17.85 -51.43
CA ALA C 781 -18.52 -17.65 -50.04
C ALA C 781 -17.06 -18.08 -49.88
N TYR C 782 -16.13 -17.12 -49.83
CA TYR C 782 -14.72 -17.47 -49.72
C TYR C 782 -14.22 -18.09 -48.42
N ALA C 783 -13.29 -19.02 -48.56
CA ALA C 783 -12.66 -19.72 -47.45
C ALA C 783 -11.43 -20.49 -47.94
N GLY C 784 -10.36 -20.43 -47.14
CA GLY C 784 -9.13 -21.14 -47.46
C GLY C 784 -9.01 -22.24 -46.43
N ASP C 785 -8.12 -22.06 -45.46
CA ASP C 785 -7.98 -23.06 -44.41
C ASP C 785 -8.89 -22.66 -43.25
N TYR C 786 -10.03 -23.33 -43.13
CA TYR C 786 -11.00 -23.06 -42.09
C TYR C 786 -10.41 -22.89 -40.70
N SER C 787 -9.38 -23.67 -40.39
CA SER C 787 -8.75 -23.62 -39.08
C SER C 787 -7.77 -22.48 -38.89
N ASN C 788 -7.39 -21.81 -39.98
CA ASN C 788 -6.51 -20.67 -39.83
C ASN C 788 -7.33 -19.45 -39.41
N GLU C 789 -6.62 -18.36 -39.15
CA GLU C 789 -7.27 -17.15 -38.75
C GLU C 789 -7.47 -16.25 -39.95
N GLY C 790 -8.58 -15.52 -39.95
CA GLY C 790 -8.85 -14.59 -41.02
C GLY C 790 -8.75 -15.18 -42.41
N GLU C 791 -9.34 -16.35 -42.61
CA GLU C 791 -9.29 -16.98 -43.93
C GLU C 791 -10.67 -17.49 -44.38
N LYS C 792 -11.75 -16.81 -43.99
CA LYS C 792 -13.06 -17.27 -44.40
C LYS C 792 -14.12 -16.22 -44.08
N SER C 793 -15.26 -16.30 -44.77
CA SER C 793 -16.31 -15.34 -44.49
C SER C 793 -16.70 -15.46 -43.04
N PRO C 794 -16.76 -14.32 -42.34
CA PRO C 794 -17.14 -14.32 -40.93
C PRO C 794 -18.42 -15.05 -40.65
N ILE C 795 -19.23 -15.27 -41.68
CA ILE C 795 -20.47 -15.99 -41.46
C ILE C 795 -20.22 -17.44 -41.04
N PHE C 796 -19.22 -18.09 -41.63
CA PHE C 796 -18.90 -19.48 -41.30
C PHE C 796 -18.85 -19.80 -39.80
N GLU C 797 -18.42 -18.84 -38.98
CA GLU C 797 -18.34 -19.08 -37.54
C GLU C 797 -19.65 -19.51 -36.90
N TYR C 798 -20.77 -19.30 -37.60
CA TYR C 798 -22.07 -19.69 -37.07
C TYR C 798 -22.50 -21.05 -37.56
N GLY C 799 -21.55 -21.79 -38.14
CA GLY C 799 -21.85 -23.13 -38.62
C GLY C 799 -22.75 -23.29 -39.82
N ILE C 800 -22.53 -22.50 -40.86
CA ILE C 800 -23.32 -22.58 -42.07
C ILE C 800 -22.59 -21.93 -43.22
N ASP C 801 -22.75 -22.49 -44.41
CA ASP C 801 -22.12 -21.91 -45.59
C ASP C 801 -23.17 -21.00 -46.23
N PRO C 802 -22.95 -19.67 -46.18
CA PRO C 802 -23.88 -18.69 -46.76
C PRO C 802 -24.17 -18.86 -48.26
N THR C 803 -23.32 -19.58 -48.97
CA THR C 803 -23.52 -19.77 -50.39
C THR C 803 -24.98 -20.08 -50.72
N GLY C 804 -25.45 -19.49 -51.82
CA GLY C 804 -26.81 -19.74 -52.27
C GLY C 804 -27.90 -19.07 -51.46
N TYR C 805 -27.58 -18.65 -50.24
CA TYR C 805 -28.55 -17.98 -49.38
C TYR C 805 -28.94 -16.61 -49.92
N LEU C 806 -30.11 -16.14 -49.48
CA LEU C 806 -30.59 -14.83 -49.88
C LEU C 806 -30.41 -13.90 -48.71
N ILE C 807 -30.03 -12.67 -49.01
CA ILE C 807 -29.85 -11.71 -47.96
C ILE C 807 -31.09 -10.82 -47.92
N GLU C 808 -31.89 -10.97 -46.86
CA GLU C 808 -33.10 -10.19 -46.68
C GLU C 808 -32.76 -8.78 -46.30
N ASP C 809 -32.32 -8.60 -45.06
CA ASP C 809 -31.97 -7.25 -44.57
C ASP C 809 -30.71 -7.26 -43.71
N ILE C 810 -30.14 -6.08 -43.52
CA ILE C 810 -28.95 -5.93 -42.71
C ILE C 810 -29.23 -4.81 -41.71
N ASP C 811 -29.05 -5.09 -40.42
CA ASP C 811 -29.30 -4.11 -39.36
C ASP C 811 -30.73 -3.57 -39.46
N GLY C 812 -31.67 -4.46 -39.72
CA GLY C 812 -33.07 -4.08 -39.83
C GLY C 812 -33.43 -3.39 -41.13
N GLU C 813 -32.44 -2.92 -41.89
CA GLU C 813 -32.72 -2.26 -43.16
C GLU C 813 -32.70 -3.29 -44.29
N THR C 814 -33.72 -3.24 -45.13
CA THR C 814 -33.85 -4.16 -46.27
C THR C 814 -32.89 -3.81 -47.39
N VAL C 815 -32.31 -4.83 -48.00
CA VAL C 815 -31.40 -4.61 -49.13
C VAL C 815 -31.91 -5.46 -50.29
N GLY C 816 -31.74 -4.95 -51.52
CA GLY C 816 -32.20 -5.65 -52.69
C GLY C 816 -32.33 -4.73 -53.89
N ALA C 817 -33.30 -5.01 -54.76
CA ALA C 817 -33.51 -4.22 -55.97
C ALA C 817 -33.53 -2.70 -55.71
N GLY C 818 -33.80 -2.31 -54.47
CA GLY C 818 -33.83 -0.89 -54.18
C GLY C 818 -32.67 -0.40 -53.33
N SER C 819 -32.28 -1.19 -52.34
CA SER C 819 -31.20 -0.79 -51.45
C SER C 819 -29.84 -1.39 -51.80
N ASN C 820 -28.88 -0.52 -52.12
CA ASN C 820 -27.53 -0.93 -52.48
C ASN C 820 -26.84 -1.65 -51.29
N ILE C 821 -26.65 -2.96 -51.41
CA ILE C 821 -26.04 -3.74 -50.32
C ILE C 821 -24.63 -3.29 -49.97
N TYR C 822 -23.91 -2.86 -51.00
CA TYR C 822 -22.53 -2.39 -50.82
C TYR C 822 -22.49 -1.18 -49.92
N ARG C 823 -23.26 -0.14 -50.27
CA ARG C 823 -23.29 1.07 -49.45
C ARG C 823 -23.65 0.70 -48.01
N VAL C 824 -24.68 -0.12 -47.86
CA VAL C 824 -25.08 -0.52 -46.54
C VAL C 824 -23.90 -1.11 -45.82
N LEU C 825 -23.33 -2.16 -46.41
CA LEU C 825 -22.17 -2.84 -45.80
C LEU C 825 -21.09 -1.84 -45.49
N SER C 826 -20.84 -0.93 -46.42
CA SER C 826 -19.82 0.08 -46.23
C SER C 826 -20.09 0.88 -44.96
N GLU C 827 -21.36 1.12 -44.68
CA GLU C 827 -21.77 1.90 -43.53
C GLU C 827 -21.72 1.18 -42.20
N LYS C 828 -21.40 -0.11 -42.25
CA LYS C 828 -21.33 -0.93 -41.03
C LYS C 828 -19.91 -1.44 -40.84
N ALA C 829 -19.05 -1.14 -41.82
CA ALA C 829 -17.67 -1.59 -41.76
C ALA C 829 -17.04 -1.32 -40.42
N GLY C 830 -16.47 -2.37 -39.85
CA GLY C 830 -15.81 -2.21 -38.57
C GLY C 830 -16.65 -2.53 -37.37
N THR C 831 -17.85 -3.05 -37.60
CA THR C 831 -18.75 -3.42 -36.50
C THR C 831 -19.52 -4.66 -36.87
N SER C 832 -20.32 -5.15 -35.94
CA SER C 832 -21.12 -6.33 -36.22
C SER C 832 -22.56 -5.90 -36.40
N ALA C 833 -23.15 -6.35 -37.49
CA ALA C 833 -24.54 -6.00 -37.76
C ALA C 833 -25.40 -7.24 -37.89
N ARG C 834 -26.68 -7.08 -37.55
CA ARG C 834 -27.61 -8.18 -37.63
C ARG C 834 -27.93 -8.43 -39.11
N ILE C 835 -27.80 -9.68 -39.57
CA ILE C 835 -28.11 -10.01 -40.96
C ILE C 835 -29.13 -11.14 -41.05
N ARG C 836 -30.27 -10.86 -41.67
CA ARG C 836 -31.33 -11.85 -41.84
C ARG C 836 -31.03 -12.61 -43.12
N LEU C 837 -30.86 -13.94 -43.02
CA LEU C 837 -30.56 -14.78 -44.17
C LEU C 837 -31.67 -15.79 -44.44
N SER C 838 -31.78 -16.21 -45.70
CA SER C 838 -32.80 -17.19 -46.12
C SER C 838 -32.22 -18.22 -47.06
N GLY C 839 -32.18 -19.47 -46.62
CA GLY C 839 -31.65 -20.54 -47.45
C GLY C 839 -32.75 -21.32 -48.13
N LYS C 840 -32.43 -22.54 -48.56
CA LYS C 840 -33.41 -23.39 -49.23
C LYS C 840 -34.50 -23.77 -48.22
N GLY C 841 -35.74 -23.76 -48.68
CA GLY C 841 -36.87 -24.10 -47.84
C GLY C 841 -37.20 -22.93 -46.92
N GLY C 842 -37.40 -23.24 -45.65
CA GLY C 842 -37.72 -22.21 -44.67
C GLY C 842 -36.53 -21.93 -43.76
N ASP C 843 -35.32 -22.19 -44.27
CA ASP C 843 -34.09 -21.98 -43.52
C ASP C 843 -33.88 -20.47 -43.31
N LYS C 844 -34.32 -19.98 -42.15
CA LYS C 844 -34.19 -18.57 -41.78
C LYS C 844 -33.09 -18.41 -40.74
N ARG C 845 -32.18 -17.46 -40.98
CA ARG C 845 -31.08 -17.21 -40.06
C ARG C 845 -31.03 -15.76 -39.66
N ASP C 846 -30.63 -15.53 -38.42
CA ASP C 846 -30.52 -14.18 -37.91
C ASP C 846 -29.22 -14.12 -37.09
N LEU C 847 -28.16 -13.62 -37.71
CA LEU C 847 -26.85 -13.60 -37.07
C LEU C 847 -26.19 -12.22 -36.95
N MET C 848 -25.30 -12.11 -35.96
CA MET C 848 -24.55 -10.88 -35.75
C MET C 848 -23.22 -11.11 -36.42
N ILE C 849 -23.15 -10.72 -37.68
CA ILE C 849 -21.94 -10.89 -38.48
C ILE C 849 -20.98 -9.73 -38.34
N ASP C 850 -19.69 -10.05 -38.38
CA ASP C 850 -18.67 -9.02 -38.29
C ASP C 850 -18.48 -8.44 -39.69
N ILE C 851 -18.70 -7.14 -39.83
CA ILE C 851 -18.48 -6.53 -41.13
C ILE C 851 -17.02 -6.08 -41.23
N LEU C 852 -16.23 -6.82 -42.00
CA LEU C 852 -14.81 -6.51 -42.13
C LEU C 852 -14.51 -5.27 -42.97
N ASP C 853 -13.38 -4.64 -42.68
CA ASP C 853 -12.97 -3.47 -43.45
C ASP C 853 -12.30 -3.89 -44.76
N ASP C 854 -11.83 -5.14 -44.80
CA ASP C 854 -11.14 -5.65 -45.98
C ASP C 854 -11.19 -7.18 -46.01
N ASP C 855 -11.22 -7.77 -47.20
CA ASP C 855 -11.25 -9.23 -47.28
C ASP C 855 -10.40 -9.78 -48.41
N ARG C 856 -9.34 -9.03 -48.73
CA ARG C 856 -8.41 -9.43 -49.76
C ARG C 856 -7.65 -10.72 -49.40
N PHE C 857 -7.12 -10.77 -48.18
CA PHE C 857 -6.36 -11.93 -47.79
C PHE C 857 -7.25 -13.14 -47.84
N ILE C 858 -8.49 -13.01 -47.37
CA ILE C 858 -9.38 -14.17 -47.42
C ILE C 858 -9.54 -14.61 -48.89
N ARG C 859 -9.84 -13.67 -49.78
CA ARG C 859 -9.97 -14.03 -51.17
C ARG C 859 -8.71 -14.75 -51.65
N TYR C 860 -7.55 -14.19 -51.34
CA TYR C 860 -6.27 -14.80 -51.72
C TYR C 860 -6.12 -16.23 -51.23
N ARG C 861 -6.22 -16.45 -49.93
CA ARG C 861 -6.06 -17.81 -49.38
C ARG C 861 -7.05 -18.79 -49.99
N SER C 862 -8.28 -18.31 -50.23
CA SER C 862 -9.31 -19.14 -50.84
C SER C 862 -8.80 -19.59 -52.23
N TRP C 863 -8.27 -18.63 -52.99
CA TRP C 863 -7.73 -18.87 -54.34
C TRP C 863 -6.59 -19.90 -54.30
N VAL C 864 -5.69 -19.75 -53.33
CA VAL C 864 -4.59 -20.67 -53.26
C VAL C 864 -5.13 -22.06 -52.95
N GLU C 865 -5.93 -22.17 -51.92
CA GLU C 865 -6.47 -23.48 -51.56
C GLU C 865 -7.28 -24.10 -52.71
N ALA C 866 -7.87 -23.24 -53.53
CA ALA C 866 -8.63 -23.70 -54.67
C ALA C 866 -7.65 -24.35 -55.66
N ASN C 867 -6.62 -23.61 -56.07
CA ASN C 867 -5.63 -24.14 -57.00
C ASN C 867 -4.99 -25.42 -56.43
N ARG C 868 -4.81 -25.43 -55.11
CA ARG C 868 -4.21 -26.57 -54.46
C ARG C 868 -5.11 -27.77 -54.73
N ARG C 869 -6.39 -27.64 -54.44
CA ARG C 869 -7.30 -28.76 -54.69
C ARG C 869 -7.30 -29.17 -56.14
N TYR C 870 -7.40 -28.20 -57.03
CA TYR C 870 -7.40 -28.48 -58.45
C TYR C 870 -6.18 -29.33 -58.85
N VAL C 871 -4.98 -28.84 -58.52
CA VAL C 871 -3.75 -29.56 -58.83
C VAL C 871 -3.73 -30.98 -58.24
N HIS C 872 -4.19 -31.13 -57.02
CA HIS C 872 -4.19 -32.46 -56.44
C HIS C 872 -5.08 -33.37 -57.29
N GLU C 873 -6.31 -32.95 -57.52
CA GLU C 873 -7.28 -33.73 -58.26
C GLU C 873 -6.87 -34.07 -59.66
N ARG C 874 -6.44 -33.07 -60.42
CA ARG C 874 -6.05 -33.32 -61.79
C ARG C 874 -4.80 -34.20 -61.95
N SER C 875 -3.85 -34.08 -61.03
CA SER C 875 -2.64 -34.88 -61.09
C SER C 875 -2.86 -36.22 -60.37
N LYS C 876 -4.12 -36.53 -60.07
CA LYS C 876 -4.45 -37.79 -59.42
C LYS C 876 -3.65 -37.94 -58.11
N GLY C 877 -3.45 -36.82 -57.41
CA GLY C 877 -2.72 -36.85 -56.15
C GLY C 877 -1.23 -37.09 -56.27
N THR C 878 -0.62 -36.69 -57.38
CA THR C 878 0.81 -36.91 -57.55
C THR C 878 1.62 -35.59 -57.66
N ILE C 879 0.92 -34.46 -57.57
CA ILE C 879 1.58 -33.17 -57.66
C ILE C 879 1.14 -32.20 -56.56
N GLY C 880 2.10 -31.50 -55.99
CA GLY C 880 1.83 -30.55 -54.93
C GLY C 880 1.77 -29.16 -55.53
N TYR C 881 1.30 -28.19 -54.73
CA TYR C 881 1.17 -26.81 -55.20
C TYR C 881 1.49 -25.80 -54.10
N ILE C 882 2.19 -24.76 -54.50
CA ILE C 882 2.56 -23.72 -53.56
C ILE C 882 2.50 -22.41 -54.32
N HIS C 883 2.19 -21.33 -53.63
CA HIS C 883 2.16 -20.04 -54.31
C HIS C 883 2.83 -18.94 -53.47
N ILE C 884 3.71 -18.19 -54.09
CA ILE C 884 4.42 -17.14 -53.40
C ILE C 884 3.91 -15.78 -53.83
N PRO C 885 3.06 -15.16 -53.00
CA PRO C 885 2.46 -13.85 -53.28
C PRO C 885 3.51 -12.76 -53.45
N ASP C 886 4.61 -12.80 -52.69
CA ASP C 886 5.68 -11.81 -52.89
C ASP C 886 6.95 -12.33 -52.29
N MET C 887 7.99 -11.50 -52.25
CA MET C 887 9.24 -11.95 -51.66
C MET C 887 9.57 -11.21 -50.36
N GLY C 888 8.52 -10.95 -49.58
CA GLY C 888 8.69 -10.25 -48.32
C GLY C 888 8.23 -11.12 -47.17
N MET C 889 7.72 -10.52 -46.10
CA MET C 889 7.30 -11.34 -44.99
C MET C 889 6.13 -12.20 -45.38
N MET C 890 5.22 -11.65 -46.17
CA MET C 890 4.07 -12.48 -46.55
C MET C 890 4.49 -13.72 -47.38
N GLY C 891 5.45 -13.51 -48.27
CA GLY C 891 5.93 -14.60 -49.10
C GLY C 891 6.51 -15.72 -48.26
N LEU C 892 7.25 -15.33 -47.22
CA LEU C 892 7.82 -16.28 -46.31
C LEU C 892 6.69 -17.06 -45.68
N ASN C 893 5.64 -16.37 -45.25
CA ASN C 893 4.50 -17.04 -44.62
C ASN C 893 3.81 -18.02 -45.54
N GLU C 894 3.41 -17.52 -46.71
CA GLU C 894 2.71 -18.35 -47.67
C GLU C 894 3.51 -19.50 -48.20
N PHE C 895 4.80 -19.27 -48.43
CA PHE C 895 5.64 -20.34 -48.94
C PHE C 895 5.72 -21.46 -47.93
N TYR C 896 6.14 -21.17 -46.69
CA TYR C 896 6.22 -22.28 -45.75
C TYR C 896 4.85 -22.82 -45.36
N ARG C 897 3.82 -21.98 -45.40
CA ARG C 897 2.49 -22.43 -45.03
C ARG C 897 2.11 -23.71 -45.81
N LEU C 898 2.54 -23.79 -47.07
CA LEU C 898 2.23 -24.96 -47.89
C LEU C 898 3.45 -25.88 -48.09
N PHE C 899 4.63 -25.28 -48.21
CA PHE C 899 5.79 -26.08 -48.45
C PHE C 899 5.87 -27.28 -47.54
N ILE C 900 5.46 -27.11 -46.29
CA ILE C 900 5.51 -28.18 -45.32
C ILE C 900 4.52 -29.32 -45.60
N ASN C 901 3.61 -29.13 -46.54
CA ASN C 901 2.64 -30.18 -46.85
C ASN C 901 2.60 -30.62 -48.28
N GLU C 902 3.27 -29.86 -49.15
CA GLU C 902 3.24 -30.14 -50.56
C GLU C 902 4.56 -30.56 -51.13
N SER C 903 5.61 -30.43 -50.34
CA SER C 903 6.95 -30.73 -50.79
C SER C 903 7.24 -32.18 -51.09
N SER C 904 6.46 -33.08 -50.52
CA SER C 904 6.71 -34.52 -50.69
C SER C 904 5.85 -35.27 -51.71
N TYR C 905 5.40 -34.57 -52.72
CA TYR C 905 4.63 -35.22 -53.77
C TYR C 905 5.61 -35.58 -54.88
N GLN C 906 5.17 -36.42 -55.80
CA GLN C 906 6.01 -36.78 -56.93
C GLN C 906 6.45 -35.51 -57.66
N GLY C 907 5.54 -34.55 -57.77
CA GLY C 907 5.87 -33.30 -58.46
C GLY C 907 5.46 -32.09 -57.65
N LEU C 908 5.99 -30.92 -57.99
CA LEU C 908 5.64 -29.69 -57.28
C LEU C 908 5.53 -28.49 -58.21
N ILE C 909 4.49 -27.70 -58.04
CA ILE C 909 4.34 -26.50 -58.86
C ILE C 909 4.59 -25.31 -57.97
N VAL C 910 5.61 -24.54 -58.30
CA VAL C 910 5.90 -23.37 -57.50
C VAL C 910 5.36 -22.23 -58.36
N ASP C 911 4.18 -21.75 -57.99
CA ASP C 911 3.50 -20.69 -58.73
C ASP C 911 3.94 -19.32 -58.18
N VAL C 912 4.60 -18.51 -58.99
CA VAL C 912 5.01 -17.21 -58.48
C VAL C 912 4.36 -16.03 -59.22
N ARG C 913 3.21 -16.30 -59.84
CA ARG C 913 2.48 -15.28 -60.58
C ARG C 913 2.02 -14.15 -59.67
N PHE C 914 2.15 -12.91 -60.14
CA PHE C 914 1.75 -11.75 -59.36
C PHE C 914 2.73 -11.51 -58.19
N ASN C 915 3.89 -12.15 -58.22
CA ASN C 915 4.81 -11.96 -57.11
C ASN C 915 5.39 -10.54 -57.04
N GLY C 916 4.94 -9.76 -56.06
CA GLY C 916 5.41 -8.40 -55.93
C GLY C 916 6.85 -8.15 -55.51
N GLY C 917 7.65 -9.18 -55.37
CA GLY C 917 9.04 -8.97 -54.98
C GLY C 917 9.28 -8.83 -53.48
N GLY C 918 10.46 -8.31 -53.16
CA GLY C 918 10.88 -8.14 -51.77
C GLY C 918 12.40 -8.38 -51.72
N PHE C 919 12.82 -9.45 -51.04
CA PHE C 919 14.24 -9.75 -50.96
C PHE C 919 14.57 -11.15 -50.42
N VAL C 920 13.56 -12.01 -50.24
CA VAL C 920 13.83 -13.34 -49.71
C VAL C 920 13.85 -14.46 -50.74
N SER C 921 13.88 -14.08 -52.01
CA SER C 921 13.91 -15.08 -53.09
C SER C 921 15.07 -16.07 -52.89
N GLN C 922 16.22 -15.53 -52.51
CA GLN C 922 17.38 -16.38 -52.30
C GLN C 922 17.09 -17.39 -51.21
N LEU C 923 16.30 -17.01 -50.20
CA LEU C 923 15.99 -17.97 -49.15
C LEU C 923 15.08 -19.06 -49.69
N ILE C 924 14.20 -18.69 -50.62
CA ILE C 924 13.30 -19.66 -51.24
C ILE C 924 14.04 -20.62 -52.20
N ILE C 925 14.90 -20.05 -53.03
CA ILE C 925 15.66 -20.85 -53.98
C ILE C 925 16.45 -21.90 -53.17
N GLU C 926 17.07 -21.43 -52.09
CA GLU C 926 17.86 -22.29 -51.20
C GLU C 926 17.11 -23.57 -50.81
N LYS C 927 15.84 -23.45 -50.44
CA LYS C 927 15.05 -24.62 -50.08
C LYS C 927 14.79 -25.49 -51.30
N LEU C 928 14.35 -24.88 -52.39
CA LEU C 928 14.06 -25.64 -53.59
C LEU C 928 15.33 -26.30 -54.15
N MET C 929 16.48 -25.72 -53.84
CA MET C 929 17.77 -26.22 -54.30
C MET C 929 18.16 -27.56 -53.66
N ASN C 930 17.75 -27.75 -52.41
CA ASN C 930 18.06 -28.95 -51.66
C ASN C 930 17.72 -30.23 -52.39
N LYS C 931 18.69 -31.14 -52.44
CA LYS C 931 18.48 -32.43 -53.11
C LYS C 931 18.34 -33.55 -52.09
N ARG C 932 17.24 -34.30 -52.19
CA ARG C 932 16.98 -35.40 -51.28
C ARG C 932 17.94 -36.56 -51.61
N ILE C 933 18.82 -36.90 -50.68
CA ILE C 933 19.79 -37.97 -50.91
C ILE C 933 19.79 -39.10 -49.89
N GLY C 934 18.85 -39.04 -48.95
CA GLY C 934 18.77 -40.09 -47.95
C GLY C 934 17.45 -40.14 -47.20
N TYR C 935 17.31 -41.10 -46.32
CA TYR C 935 16.12 -41.25 -45.51
C TYR C 935 16.47 -41.83 -44.15
N ASP C 936 15.55 -41.65 -43.22
CA ASP C 936 15.73 -42.12 -41.86
C ASP C 936 14.72 -43.24 -41.63
N ASN C 937 15.21 -44.38 -41.16
CA ASN C 937 14.34 -45.51 -40.87
C ASN C 937 14.09 -45.77 -39.43
N PRO C 938 12.89 -45.42 -38.96
CA PRO C 938 12.57 -45.64 -37.57
C PRO C 938 11.97 -47.00 -37.30
N ARG C 939 12.22 -47.54 -36.12
CA ARG C 939 11.68 -48.83 -35.76
C ARG C 939 10.18 -48.72 -35.96
N ARG C 940 9.59 -47.64 -35.44
CA ARG C 940 8.17 -47.44 -35.59
C ARG C 940 7.90 -46.05 -36.16
N GLY C 941 7.12 -45.99 -37.23
CA GLY C 941 6.83 -44.72 -37.84
C GLY C 941 7.14 -44.79 -39.33
N THR C 942 7.07 -43.66 -39.99
CA THR C 942 7.35 -43.61 -41.43
C THR C 942 8.69 -42.98 -41.71
N LEU C 943 9.12 -43.12 -42.95
CA LEU C 943 10.38 -42.56 -43.41
C LEU C 943 10.48 -41.09 -43.20
N SER C 944 11.69 -40.64 -42.98
CA SER C 944 11.92 -39.21 -42.80
C SER C 944 12.99 -38.80 -43.83
N PRO C 945 12.62 -37.94 -44.78
CA PRO C 945 13.57 -37.51 -45.81
C PRO C 945 14.70 -36.63 -45.32
N TYR C 946 15.85 -36.74 -45.99
CA TYR C 946 17.09 -36.00 -45.70
C TYR C 946 17.60 -35.34 -46.99
N PRO C 947 17.65 -34.00 -47.03
CA PRO C 947 17.23 -33.12 -45.94
C PRO C 947 15.71 -33.09 -45.77
N THR C 948 15.28 -32.50 -44.66
CA THR C 948 13.87 -32.37 -44.31
C THR C 948 13.21 -31.40 -45.27
N ASN C 949 13.88 -30.28 -45.51
CA ASN C 949 13.36 -29.27 -46.42
C ASN C 949 13.78 -29.54 -47.85
N SER C 950 13.55 -30.75 -48.32
CA SER C 950 13.90 -31.12 -49.70
C SER C 950 12.65 -31.46 -50.52
N VAL C 951 12.62 -30.98 -51.75
CA VAL C 951 11.50 -31.32 -52.59
C VAL C 951 11.74 -32.76 -52.99
N ARG C 952 10.68 -33.56 -52.96
CA ARG C 952 10.80 -34.99 -53.31
C ARG C 952 11.05 -35.29 -54.79
N GLY C 953 10.34 -34.61 -55.69
CA GLY C 953 10.51 -34.88 -57.11
C GLY C 953 10.78 -33.70 -58.01
N LYS C 954 10.08 -33.68 -59.15
CA LYS C 954 10.20 -32.65 -60.18
C LYS C 954 9.48 -31.39 -59.82
N ILE C 955 10.11 -30.25 -60.15
CA ILE C 955 9.52 -28.95 -59.85
C ILE C 955 9.30 -28.12 -61.11
N ILE C 956 8.17 -27.42 -61.18
CA ILE C 956 7.86 -26.57 -62.33
C ILE C 956 7.41 -25.22 -61.79
N ALA C 957 7.90 -24.16 -62.40
CA ALA C 957 7.57 -22.82 -61.97
C ALA C 957 6.65 -22.10 -62.94
N ILE C 958 5.60 -21.46 -62.41
CA ILE C 958 4.65 -20.70 -63.22
C ILE C 958 4.86 -19.22 -62.88
N THR C 959 4.91 -18.36 -63.88
CA THR C 959 5.15 -16.93 -63.64
C THR C 959 4.49 -16.10 -64.75
N ASN C 960 4.10 -14.87 -64.43
CA ASN C 960 3.50 -14.00 -65.44
C ASN C 960 4.14 -12.62 -65.41
N GLU C 961 3.57 -11.71 -66.18
CA GLU C 961 4.08 -10.33 -66.30
C GLU C 961 3.85 -9.50 -65.02
N TYR C 962 3.27 -10.11 -63.99
CA TYR C 962 3.01 -9.38 -62.74
C TYR C 962 3.96 -9.74 -61.61
N ALA C 963 5.03 -10.48 -61.94
CA ALA C 963 6.03 -10.84 -60.96
C ALA C 963 7.24 -9.96 -61.30
N GLY C 964 7.74 -9.23 -60.31
CA GLY C 964 8.87 -8.34 -60.56
C GLY C 964 9.80 -8.14 -59.37
N SER C 965 10.89 -7.40 -59.64
CA SER C 965 11.92 -7.13 -58.65
C SER C 965 12.46 -8.47 -58.17
N ASP C 966 12.33 -8.80 -56.89
CA ASP C 966 12.86 -10.08 -56.45
C ASP C 966 12.07 -11.18 -57.14
N GLY C 967 10.93 -10.77 -57.74
CA GLY C 967 10.07 -11.68 -58.51
C GLY C 967 10.82 -12.02 -59.79
N ASP C 968 11.39 -10.98 -60.40
CA ASP C 968 12.20 -11.13 -61.61
C ASP C 968 13.42 -11.97 -61.22
N ILE C 969 14.12 -11.58 -60.14
CA ILE C 969 15.30 -12.30 -59.65
C ILE C 969 15.02 -13.80 -59.53
N PHE C 970 13.95 -14.14 -58.81
CA PHE C 970 13.58 -15.54 -58.58
C PHE C 970 13.39 -16.31 -59.88
N SER C 971 12.57 -15.76 -60.79
CA SER C 971 12.31 -16.37 -62.08
C SER C 971 13.60 -16.64 -62.84
N PHE C 972 14.47 -15.64 -62.93
CA PHE C 972 15.75 -15.79 -63.64
C PHE C 972 16.61 -16.85 -62.98
N SER C 973 16.66 -16.81 -61.65
CA SER C 973 17.47 -17.75 -60.88
C SER C 973 16.95 -19.19 -61.03
N PHE C 974 15.64 -19.36 -60.99
CA PHE C 974 15.05 -20.68 -61.15
C PHE C 974 15.54 -21.29 -62.45
N LYS C 975 15.59 -20.47 -63.50
CA LYS C 975 16.05 -20.97 -64.78
C LYS C 975 17.55 -21.29 -64.74
N LYS C 976 18.33 -20.27 -64.45
CA LYS C 976 19.78 -20.38 -64.37
C LYS C 976 20.28 -21.61 -63.63
N LEU C 977 19.74 -21.86 -62.44
CA LEU C 977 20.12 -22.99 -61.62
C LEU C 977 19.44 -24.27 -62.09
N GLY C 978 18.67 -24.16 -63.16
CA GLY C 978 17.96 -25.30 -63.71
C GLY C 978 17.19 -26.15 -62.71
N LEU C 979 16.42 -25.52 -61.85
CA LEU C 979 15.62 -26.28 -60.87
C LEU C 979 14.42 -26.95 -61.56
N GLY C 980 14.07 -26.43 -62.73
CA GLY C 980 12.95 -26.98 -63.47
C GLY C 980 12.61 -26.06 -64.60
N LYS C 981 11.48 -26.32 -65.26
CA LYS C 981 11.04 -25.48 -66.38
C LYS C 981 10.24 -24.27 -65.87
N LEU C 982 10.42 -23.14 -66.54
CA LEU C 982 9.71 -21.90 -66.22
C LEU C 982 8.59 -21.73 -67.25
N ILE C 983 7.36 -21.66 -66.76
CA ILE C 983 6.18 -21.53 -67.60
C ILE C 983 5.46 -20.23 -67.34
N GLY C 984 4.85 -19.66 -68.38
CA GLY C 984 4.10 -18.43 -68.21
C GLY C 984 4.34 -17.40 -69.28
N THR C 985 4.56 -16.16 -68.84
CA THR C 985 4.81 -15.04 -69.73
C THR C 985 5.96 -14.18 -69.18
N ARG C 986 6.73 -13.50 -70.04
CA ARG C 986 7.84 -12.66 -69.60
C ARG C 986 7.42 -11.79 -68.39
N THR C 987 8.31 -11.72 -67.40
CA THR C 987 8.04 -10.97 -66.17
C THR C 987 8.24 -9.46 -66.27
N TRP C 988 7.89 -8.77 -65.20
CA TRP C 988 7.97 -7.30 -65.12
C TRP C 988 9.18 -6.62 -65.69
N GLY C 989 10.37 -6.99 -65.21
CA GLY C 989 11.61 -6.39 -65.72
C GLY C 989 12.18 -5.19 -64.96
N GLY C 990 12.04 -5.16 -63.64
CA GLY C 990 12.58 -4.06 -62.89
C GLY C 990 13.42 -4.64 -61.78
N VAL C 991 14.74 -4.54 -61.90
CA VAL C 991 15.61 -5.11 -60.88
C VAL C 991 16.69 -4.19 -60.39
N VAL C 992 16.31 -2.96 -60.03
CA VAL C 992 17.29 -2.03 -59.47
C VAL C 992 16.77 -1.65 -58.09
N GLY C 993 17.24 -2.35 -57.06
CA GLY C 993 16.81 -2.10 -55.70
C GLY C 993 16.78 -0.68 -55.16
N ILE C 994 15.90 -0.50 -54.17
CA ILE C 994 15.75 0.80 -53.53
C ILE C 994 15.65 0.71 -52.01
N THR C 995 16.33 1.64 -51.34
CA THR C 995 16.29 1.72 -49.87
C THR C 995 16.29 3.21 -49.51
N PRO C 996 15.10 3.79 -49.45
CA PRO C 996 14.98 5.22 -49.11
C PRO C 996 15.50 5.55 -47.72
N LYS C 997 16.06 6.74 -47.55
CA LYS C 997 16.58 7.08 -46.24
C LYS C 997 16.31 8.53 -45.90
N ARG C 998 15.53 9.20 -46.74
CA ARG C 998 15.17 10.59 -46.53
C ARG C 998 13.74 10.86 -47.02
N ARG C 999 13.02 11.69 -46.28
CA ARG C 999 11.64 12.06 -46.62
C ARG C 999 11.53 13.51 -47.02
N LEU C 1000 10.36 13.88 -47.55
CA LEU C 1000 10.12 15.27 -47.93
C LEU C 1000 9.46 15.94 -46.74
N ILE C 1001 9.63 17.25 -46.62
CA ILE C 1001 9.03 17.99 -45.51
C ILE C 1001 7.55 17.65 -45.26
N ASP C 1002 6.86 17.12 -46.26
CA ASP C 1002 5.45 16.83 -46.12
C ASP C 1002 5.27 15.36 -45.83
N GLY C 1003 6.38 14.70 -45.56
CA GLY C 1003 6.36 13.29 -45.23
C GLY C 1003 6.52 12.37 -46.43
N THR C 1004 6.43 12.93 -47.62
CA THR C 1004 6.53 12.11 -48.79
C THR C 1004 7.80 11.27 -48.76
N VAL C 1005 7.68 10.03 -49.21
CA VAL C 1005 8.82 9.15 -49.28
C VAL C 1005 9.06 8.84 -50.75
N LEU C 1006 10.12 9.41 -51.31
CA LEU C 1006 10.46 9.17 -52.72
C LEU C 1006 11.43 8.01 -52.73
N THR C 1007 11.46 7.23 -53.82
CA THR C 1007 12.42 6.13 -53.92
C THR C 1007 13.29 6.37 -55.16
N GLN C 1008 14.52 5.90 -55.12
CA GLN C 1008 15.43 6.08 -56.25
C GLN C 1008 16.13 4.76 -56.53
N PRO C 1009 16.12 4.30 -57.80
CA PRO C 1009 16.79 3.04 -58.15
C PRO C 1009 18.28 3.19 -57.86
N GLU C 1010 18.68 2.71 -56.67
CA GLU C 1010 20.05 2.81 -56.17
C GLU C 1010 20.87 1.52 -56.18
N PHE C 1011 20.18 0.38 -56.25
CA PHE C 1011 20.89 -0.88 -56.20
C PHE C 1011 20.68 -1.75 -57.43
N ALA C 1012 21.61 -1.63 -58.36
CA ALA C 1012 21.58 -2.35 -59.62
C ALA C 1012 21.95 -3.83 -59.49
N PHE C 1013 21.02 -4.70 -59.81
CA PHE C 1013 21.25 -6.12 -59.75
C PHE C 1013 21.98 -6.65 -60.98
N TRP C 1014 23.14 -7.26 -60.74
CA TRP C 1014 23.96 -7.80 -61.80
C TRP C 1014 23.95 -9.32 -61.78
N PHE C 1015 23.44 -9.91 -62.85
CA PHE C 1015 23.41 -11.35 -62.95
C PHE C 1015 24.63 -11.78 -63.71
N ARG C 1016 25.15 -12.95 -63.38
CA ARG C 1016 26.32 -13.48 -64.08
C ARG C 1016 25.85 -13.97 -65.46
N ASP C 1017 26.61 -13.66 -66.50
CA ASP C 1017 26.26 -14.07 -67.87
C ASP C 1017 25.00 -13.38 -68.39
N ALA C 1018 24.65 -12.22 -67.84
CA ALA C 1018 23.47 -11.48 -68.27
C ALA C 1018 23.57 -10.02 -67.84
N GLY C 1019 24.59 -9.70 -67.04
CA GLY C 1019 24.78 -8.34 -66.59
C GLY C 1019 23.51 -7.75 -66.00
N PHE C 1020 23.15 -6.55 -66.44
CA PHE C 1020 21.95 -5.92 -65.92
C PHE C 1020 20.79 -6.15 -66.89
N GLY C 1021 21.05 -6.98 -67.89
CA GLY C 1021 20.07 -7.30 -68.90
C GLY C 1021 18.64 -7.46 -68.45
N VAL C 1022 18.42 -8.02 -67.27
CA VAL C 1022 17.06 -8.23 -66.79
C VAL C 1022 16.29 -6.91 -66.61
N GLU C 1023 17.01 -5.87 -66.24
CA GLU C 1023 16.38 -4.58 -66.06
C GLU C 1023 15.80 -4.09 -67.38
N ASN C 1024 14.55 -3.63 -67.29
CA ASN C 1024 13.79 -3.14 -68.44
C ASN C 1024 13.54 -4.25 -69.48
N TYR C 1025 13.39 -5.49 -69.01
CA TYR C 1025 13.11 -6.58 -69.90
C TYR C 1025 12.34 -7.71 -69.24
N GLY C 1026 12.87 -8.17 -68.10
CA GLY C 1026 12.22 -9.25 -67.38
C GLY C 1026 12.88 -10.60 -67.69
N VAL C 1027 12.14 -11.66 -67.40
CA VAL C 1027 12.64 -13.01 -67.62
C VAL C 1027 11.71 -13.77 -68.56
N ASP C 1028 12.30 -14.44 -69.55
CA ASP C 1028 11.52 -15.22 -70.50
C ASP C 1028 11.36 -16.62 -69.96
N PRO C 1029 10.13 -17.13 -69.96
CA PRO C 1029 9.86 -18.48 -69.49
C PRO C 1029 10.24 -19.50 -70.57
N ASP C 1030 10.74 -20.65 -70.16
CA ASP C 1030 11.12 -21.68 -71.12
C ASP C 1030 10.00 -21.97 -72.11
N VAL C 1031 8.78 -22.00 -71.61
CA VAL C 1031 7.64 -22.25 -72.46
C VAL C 1031 6.65 -21.13 -72.23
N GLU C 1032 6.37 -20.37 -73.27
CA GLU C 1032 5.42 -19.27 -73.14
C GLU C 1032 3.97 -19.78 -73.23
N ILE C 1033 3.13 -19.29 -72.32
CA ILE C 1033 1.72 -19.65 -72.32
C ILE C 1033 0.94 -18.39 -71.98
N GLU C 1034 0.32 -17.82 -73.01
CA GLU C 1034 -0.49 -16.62 -72.83
C GLU C 1034 -1.74 -17.06 -72.06
N TYR C 1035 -2.51 -16.07 -71.62
CA TYR C 1035 -3.74 -16.28 -70.89
C TYR C 1035 -4.68 -15.29 -71.56
N ALA C 1036 -5.13 -15.60 -72.77
CA ALA C 1036 -6.01 -14.72 -73.55
C ALA C 1036 -7.38 -14.46 -72.91
N PRO C 1037 -8.08 -13.42 -73.38
CA PRO C 1037 -9.41 -13.08 -72.86
C PRO C 1037 -10.41 -14.22 -72.99
N HIS C 1038 -10.25 -15.06 -74.00
CA HIS C 1038 -11.17 -16.17 -74.19
C HIS C 1038 -10.91 -17.31 -73.22
N ASP C 1039 -9.69 -17.33 -72.68
CA ASP C 1039 -9.31 -18.35 -71.69
C ASP C 1039 -10.05 -18.03 -70.42
N TYR C 1040 -10.27 -16.75 -70.16
CA TYR C 1040 -11.00 -16.37 -68.97
C TYR C 1040 -12.48 -16.64 -69.16
N LEU C 1041 -12.95 -16.46 -70.40
CA LEU C 1041 -14.36 -16.70 -70.72
C LEU C 1041 -14.72 -18.18 -70.53
N SER C 1042 -13.77 -19.05 -70.86
CA SER C 1042 -13.99 -20.48 -70.72
C SER C 1042 -13.84 -20.89 -69.26
N GLY C 1043 -13.18 -20.05 -68.47
CA GLY C 1043 -12.99 -20.39 -67.07
C GLY C 1043 -11.87 -21.39 -66.87
N LYS C 1044 -10.88 -21.40 -67.76
CA LYS C 1044 -9.76 -22.32 -67.64
C LYS C 1044 -8.46 -21.56 -67.39
N ASP C 1045 -7.56 -22.13 -66.59
CA ASP C 1045 -6.26 -21.48 -66.31
C ASP C 1045 -5.29 -22.24 -67.18
N PRO C 1046 -4.96 -21.69 -68.36
CA PRO C 1046 -4.04 -22.36 -69.29
C PRO C 1046 -2.63 -22.54 -68.73
N GLN C 1047 -2.23 -21.62 -67.86
CA GLN C 1047 -0.91 -21.68 -67.28
C GLN C 1047 -0.79 -22.79 -66.25
N ILE C 1048 -1.74 -22.84 -65.32
CA ILE C 1048 -1.66 -23.90 -64.32
C ILE C 1048 -1.90 -25.25 -64.98
N ASP C 1049 -2.77 -25.30 -66.00
CA ASP C 1049 -3.04 -26.54 -66.70
C ASP C 1049 -1.81 -27.07 -67.43
N TYR C 1050 -1.09 -26.18 -68.11
CA TYR C 1050 0.10 -26.61 -68.82
C TYR C 1050 1.05 -27.19 -67.78
N ALA C 1051 1.23 -26.47 -66.68
CA ALA C 1051 2.12 -26.88 -65.57
C ALA C 1051 1.83 -28.30 -65.10
N ILE C 1052 0.55 -28.58 -64.80
CA ILE C 1052 0.09 -29.91 -64.35
C ILE C 1052 0.44 -30.96 -65.40
N ASP C 1053 -0.09 -30.76 -66.60
CA ASP C 1053 0.13 -31.69 -67.71
C ASP C 1053 1.60 -31.94 -67.99
N ALA C 1054 2.36 -30.85 -68.06
CA ALA C 1054 3.80 -30.94 -68.32
C ALA C 1054 4.48 -31.81 -67.27
N LEU C 1055 4.09 -31.64 -66.01
CA LEU C 1055 4.67 -32.42 -64.92
C LEU C 1055 4.25 -33.88 -64.96
N ILE C 1056 3.00 -34.11 -65.35
CA ILE C 1056 2.50 -35.47 -65.43
C ILE C 1056 3.36 -36.20 -66.45
N GLU C 1057 3.64 -35.55 -67.57
CA GLU C 1057 4.47 -36.16 -68.59
C GLU C 1057 5.87 -36.47 -68.06
N GLU C 1058 6.43 -35.56 -67.26
CA GLU C 1058 7.79 -35.77 -66.70
C GLU C 1058 7.81 -36.86 -65.62
N LEU C 1059 6.62 -37.19 -65.11
CA LEU C 1059 6.48 -38.19 -64.08
C LEU C 1059 6.07 -39.54 -64.63
N ARG C 1060 6.60 -39.89 -65.79
CA ARG C 1060 6.31 -41.18 -66.42
C ARG C 1060 7.55 -42.06 -66.27
N ASN C 1061 8.71 -41.44 -66.24
CA ASN C 1061 9.98 -42.16 -66.12
C ASN C 1061 10.02 -42.97 -64.82
N MET D 39 26.67 -66.19 -2.93
CA MET D 39 27.03 -65.62 -4.26
C MET D 39 28.40 -64.89 -4.34
N PRO D 40 29.08 -64.99 -5.50
CA PRO D 40 30.38 -64.34 -5.72
C PRO D 40 30.23 -62.90 -6.21
N ASN D 41 31.37 -62.26 -6.48
CA ASN D 41 31.40 -60.88 -6.94
C ASN D 41 31.72 -60.79 -8.42
N LEU D 42 31.74 -59.57 -8.92
CA LEU D 42 32.07 -59.33 -10.31
C LEU D 42 33.46 -58.67 -10.27
N LEU D 43 34.47 -59.41 -10.68
CA LEU D 43 35.82 -58.88 -10.67
C LEU D 43 36.18 -58.37 -12.04
N LEU D 44 36.97 -57.32 -12.10
CA LEU D 44 37.37 -56.81 -13.39
C LEU D 44 38.58 -55.93 -13.36
N ASN D 45 39.07 -55.62 -14.56
CA ASN D 45 40.22 -54.73 -14.81
C ASN D 45 41.42 -55.01 -13.93
N PRO D 46 42.08 -56.16 -14.14
CA PRO D 46 43.24 -56.51 -13.33
C PRO D 46 44.61 -56.04 -13.83
N ASP D 47 45.60 -56.24 -12.99
CA ASP D 47 46.97 -55.93 -13.32
C ASP D 47 47.82 -56.90 -12.50
N ILE D 48 48.96 -57.25 -13.08
CA ILE D 48 49.85 -58.20 -12.44
C ILE D 48 51.27 -57.69 -12.28
N HIS D 49 51.92 -58.27 -11.28
CA HIS D 49 53.29 -57.97 -10.96
C HIS D 49 53.84 -59.12 -10.16
N GLY D 50 54.36 -60.12 -10.86
CA GLY D 50 54.92 -61.28 -10.20
C GLY D 50 53.80 -62.19 -9.77
N ASP D 51 53.67 -62.37 -8.46
CA ASP D 51 52.61 -63.22 -7.94
C ASP D 51 51.43 -62.41 -7.37
N ARG D 52 51.62 -61.10 -7.30
CA ARG D 52 50.58 -60.23 -6.79
C ARG D 52 49.67 -59.78 -7.95
N ILE D 53 48.36 -59.75 -7.69
CA ILE D 53 47.40 -59.36 -8.70
C ILE D 53 46.38 -58.39 -8.14
N ILE D 54 46.35 -57.17 -8.66
CA ILE D 54 45.37 -56.20 -8.19
C ILE D 54 44.20 -56.13 -9.18
N PHE D 55 43.00 -55.92 -8.68
CA PHE D 55 41.84 -55.85 -9.55
C PHE D 55 40.74 -55.05 -8.88
N VAL D 56 39.65 -54.79 -9.60
CA VAL D 56 38.54 -54.03 -9.04
C VAL D 56 37.34 -54.92 -8.62
N CYS D 57 36.78 -54.66 -7.44
CA CYS D 57 35.62 -55.37 -6.90
C CYS D 57 34.79 -54.40 -6.09
N CYS D 58 33.51 -54.27 -6.43
CA CYS D 58 32.63 -53.33 -5.71
C CYS D 58 33.25 -51.93 -5.75
N ASP D 59 33.71 -51.53 -6.93
CA ASP D 59 34.29 -50.19 -7.13
C ASP D 59 35.57 -49.90 -6.35
N ASP D 60 35.99 -50.83 -5.52
CA ASP D 60 37.21 -50.65 -4.74
C ASP D 60 38.38 -51.46 -5.33
N LEU D 61 39.60 -51.17 -4.87
CA LEU D 61 40.81 -51.86 -5.34
C LEU D 61 41.24 -52.97 -4.42
N TRP D 62 41.39 -54.17 -4.96
CA TRP D 62 41.82 -55.30 -4.15
C TRP D 62 43.14 -55.85 -4.66
N GLU D 63 43.78 -56.64 -3.82
CA GLU D 63 45.03 -57.29 -4.15
C GLU D 63 44.96 -58.76 -3.75
N HIS D 64 45.42 -59.63 -4.64
CA HIS D 64 45.41 -61.05 -4.38
C HIS D 64 46.80 -61.64 -4.62
N ASP D 65 47.23 -62.51 -3.71
CA ASP D 65 48.54 -63.16 -3.80
C ASP D 65 48.38 -64.58 -4.34
N LEU D 66 48.92 -64.81 -5.53
CA LEU D 66 48.83 -66.12 -6.17
C LEU D 66 49.41 -67.20 -5.31
N LYS D 67 50.48 -66.86 -4.59
CA LYS D 67 51.14 -67.82 -3.72
C LYS D 67 50.23 -68.25 -2.55
N SER D 68 50.02 -67.35 -1.59
CA SER D 68 49.20 -67.64 -0.42
C SER D 68 47.71 -67.86 -0.73
N GLY D 69 47.19 -67.13 -1.70
CA GLY D 69 45.79 -67.28 -2.06
C GLY D 69 44.90 -66.32 -1.28
N SER D 70 45.52 -65.35 -0.59
CA SER D 70 44.76 -64.39 0.19
C SER D 70 44.43 -63.12 -0.60
N THR D 71 43.24 -62.58 -0.35
CA THR D 71 42.77 -61.39 -1.03
C THR D 71 42.43 -60.33 0.01
N ARG D 72 42.70 -59.07 -0.33
CA ARG D 72 42.42 -57.99 0.60
C ARG D 72 42.17 -56.66 -0.12
N LYS D 73 41.33 -55.83 0.46
CA LYS D 73 41.03 -54.53 -0.15
C LYS D 73 42.15 -53.57 0.25
N ILE D 74 42.88 -53.00 -0.71
CA ILE D 74 43.97 -52.08 -0.42
C ILE D 74 43.61 -50.61 -0.47
N VAL D 75 42.48 -50.27 -1.08
CA VAL D 75 42.05 -48.87 -1.14
C VAL D 75 40.55 -48.76 -1.39
N SER D 76 39.88 -47.93 -0.60
CA SER D 76 38.44 -47.77 -0.75
C SER D 76 37.94 -46.37 -0.39
N ASN D 77 36.66 -46.15 -0.59
CA ASN D 77 36.03 -44.88 -0.28
C ASN D 77 36.67 -43.68 -0.98
N LEU D 78 37.14 -43.92 -2.19
CA LEU D 78 37.78 -42.88 -2.99
C LEU D 78 36.83 -42.49 -4.10
N GLY D 79 35.84 -43.35 -4.30
CA GLY D 79 34.87 -43.15 -5.35
C GLY D 79 34.87 -44.41 -6.21
N VAL D 80 34.64 -44.26 -7.51
CA VAL D 80 34.63 -45.45 -8.34
C VAL D 80 35.91 -45.65 -9.13
N ILE D 81 36.63 -46.72 -8.77
CA ILE D 81 37.90 -47.09 -9.39
C ILE D 81 37.65 -48.08 -10.52
N ASN D 82 38.17 -47.77 -11.70
CA ASN D 82 38.02 -48.62 -12.89
C ASN D 82 39.37 -49.06 -13.49
N ASN D 83 40.47 -48.49 -13.01
CA ASN D 83 41.76 -48.84 -13.55
C ASN D 83 42.84 -48.67 -12.49
N ALA D 84 43.70 -49.67 -12.39
CA ALA D 84 44.78 -49.60 -11.42
C ALA D 84 46.00 -50.20 -12.13
N ARG D 85 47.10 -49.47 -12.10
CA ARG D 85 48.30 -49.91 -12.74
C ARG D 85 49.51 -49.93 -11.84
N PHE D 86 50.18 -51.09 -11.83
CA PHE D 86 51.39 -51.32 -11.06
C PHE D 86 52.51 -50.54 -11.69
N PHE D 87 53.33 -49.92 -10.86
CA PHE D 87 54.51 -49.22 -11.35
C PHE D 87 55.55 -50.29 -11.65
N PRO D 88 56.74 -49.91 -12.15
CA PRO D 88 57.76 -50.90 -12.45
C PRO D 88 58.21 -51.64 -11.18
N ASP D 89 58.63 -50.92 -10.14
CA ASP D 89 59.08 -51.58 -8.92
C ASP D 89 57.97 -52.38 -8.23
N GLY D 90 56.76 -52.36 -8.76
CA GLY D 90 55.67 -53.09 -8.14
C GLY D 90 55.29 -52.57 -6.76
N ARG D 91 55.82 -51.41 -6.39
CA ARG D 91 55.55 -50.80 -5.09
C ARG D 91 54.35 -49.86 -5.14
N LYS D 92 54.47 -48.75 -5.87
CA LYS D 92 53.37 -47.80 -5.99
C LYS D 92 52.34 -48.27 -7.02
N ILE D 93 51.19 -47.63 -6.99
CA ILE D 93 50.12 -47.95 -7.92
C ILE D 93 49.37 -46.69 -8.37
N ALA D 94 49.29 -46.49 -9.68
CA ALA D 94 48.57 -45.36 -10.25
C ALA D 94 47.11 -45.86 -10.35
N ILE D 95 46.20 -45.03 -9.86
CA ILE D 95 44.79 -45.38 -9.85
C ILE D 95 43.94 -44.31 -10.49
N ARG D 96 42.91 -44.75 -11.20
CA ARG D 96 41.97 -43.83 -11.83
C ARG D 96 40.64 -43.93 -11.05
N VAL D 97 40.12 -42.80 -10.61
CA VAL D 97 38.88 -42.82 -9.88
C VAL D 97 37.90 -41.81 -10.46
N MET D 98 36.65 -42.23 -10.56
CA MET D 98 35.57 -41.38 -11.05
C MET D 98 34.70 -40.85 -9.86
N ARG D 99 34.24 -39.61 -10.00
CA ARG D 99 33.40 -38.96 -9.00
C ARG D 99 32.23 -38.19 -9.66
N GLY D 100 31.28 -37.74 -8.85
CA GLY D 100 30.13 -37.04 -9.39
C GLY D 100 29.08 -38.12 -9.53
N SER D 101 27.82 -37.76 -9.30
CA SER D 101 26.71 -38.73 -9.37
C SER D 101 26.73 -39.69 -10.55
N SER D 102 27.04 -39.17 -11.73
CA SER D 102 27.07 -40.00 -12.93
C SER D 102 28.46 -40.32 -13.41
N LEU D 103 29.46 -40.08 -12.56
CA LEU D 103 30.86 -40.35 -12.88
C LEU D 103 31.26 -39.52 -14.09
N ASN D 104 30.92 -38.22 -14.04
CA ASN D 104 31.25 -37.31 -15.12
C ASN D 104 32.67 -36.74 -14.93
N THR D 105 33.24 -36.94 -13.75
CA THR D 105 34.57 -36.45 -13.52
C THR D 105 35.54 -37.54 -13.08
N ALA D 106 36.82 -37.32 -13.35
CA ALA D 106 37.83 -38.30 -12.96
C ALA D 106 39.19 -37.64 -12.70
N ASP D 107 40.00 -38.32 -11.88
CA ASP D 107 41.35 -37.85 -11.59
C ASP D 107 42.16 -39.05 -11.13
N LEU D 108 43.47 -38.88 -11.06
CA LEU D 108 44.37 -39.95 -10.68
C LEU D 108 44.98 -39.83 -9.29
N TYR D 109 45.14 -40.99 -8.63
CA TYR D 109 45.73 -41.10 -7.30
C TYR D 109 46.87 -42.13 -7.28
N PHE D 110 47.80 -41.96 -6.33
CA PHE D 110 48.93 -42.86 -6.12
C PHE D 110 48.73 -43.61 -4.83
N TYR D 111 48.96 -44.92 -4.88
CA TYR D 111 48.87 -45.74 -3.68
C TYR D 111 50.24 -46.33 -3.42
N ASN D 112 50.69 -46.30 -2.17
CA ASN D 112 51.98 -46.87 -1.86
C ASN D 112 51.77 -48.02 -0.88
N GLY D 113 51.93 -49.25 -1.37
CA GLY D 113 51.75 -50.43 -0.55
C GLY D 113 52.77 -50.55 0.59
N GLU D 114 53.76 -49.68 0.60
CA GLU D 114 54.79 -49.71 1.62
C GLU D 114 54.30 -49.12 2.93
N ASN D 115 53.63 -47.97 2.88
CA ASN D 115 53.13 -47.31 4.08
C ASN D 115 51.62 -47.11 4.06
N GLY D 116 50.98 -47.64 3.01
CA GLY D 116 49.53 -47.51 2.87
C GLY D 116 49.10 -46.09 2.56
N GLU D 117 50.06 -45.30 2.10
CA GLU D 117 49.81 -43.90 1.77
C GLU D 117 49.00 -43.73 0.49
N ILE D 118 48.04 -42.80 0.51
CA ILE D 118 47.23 -42.54 -0.67
C ILE D 118 47.39 -41.06 -0.98
N LYS D 119 47.41 -40.70 -2.25
CA LYS D 119 47.57 -39.30 -2.62
C LYS D 119 47.03 -38.99 -4.00
N ARG D 120 46.36 -37.84 -4.12
CA ARG D 120 45.82 -37.40 -5.39
C ARG D 120 46.94 -36.71 -6.21
N ILE D 121 47.10 -37.13 -7.46
CA ILE D 121 48.14 -36.62 -8.34
C ILE D 121 47.69 -35.57 -9.36
N THR D 122 46.49 -35.75 -9.90
CA THR D 122 45.94 -34.79 -10.87
C THR D 122 44.71 -34.05 -10.32
N TYR D 123 44.54 -32.81 -10.75
CA TYR D 123 43.41 -31.98 -10.34
C TYR D 123 42.91 -31.35 -11.62
N PHE D 124 42.82 -32.17 -12.65
CA PHE D 124 42.39 -31.71 -13.96
C PHE D 124 40.87 -31.79 -14.04
N SER D 125 40.30 -32.68 -13.23
CA SER D 125 38.87 -32.91 -13.24
C SER D 125 38.47 -33.31 -14.66
N GLY D 126 39.24 -34.23 -15.23
CA GLY D 126 38.98 -34.71 -16.58
C GLY D 126 37.55 -35.16 -16.75
N LYS D 127 36.95 -34.79 -17.88
CA LYS D 127 35.58 -35.17 -18.13
C LYS D 127 35.56 -36.60 -18.67
N SER D 128 34.58 -37.40 -18.24
CA SER D 128 34.49 -38.77 -18.72
C SER D 128 33.06 -39.26 -18.82
N THR D 129 32.86 -40.28 -19.66
CA THR D 129 31.57 -40.86 -19.88
C THR D 129 31.80 -42.35 -19.86
N GLY D 130 30.74 -43.13 -20.04
CA GLY D 130 30.89 -44.58 -20.02
C GLY D 130 31.83 -45.15 -21.07
N ARG D 131 31.70 -44.69 -22.31
CA ARG D 131 32.54 -45.19 -23.36
C ARG D 131 33.85 -44.43 -23.58
N ARG D 132 34.00 -43.27 -22.94
CA ARG D 132 35.24 -42.50 -23.07
C ARG D 132 35.73 -42.12 -21.68
N MET D 133 36.22 -43.11 -20.96
CA MET D 133 36.76 -42.90 -19.62
C MET D 133 38.17 -42.35 -19.75
N PHE D 134 38.26 -41.11 -20.22
CA PHE D 134 39.52 -40.44 -20.43
C PHE D 134 40.23 -40.01 -19.16
N THR D 135 41.46 -39.51 -19.32
CA THR D 135 42.30 -39.11 -18.21
C THR D 135 42.55 -40.37 -17.40
N ASP D 136 43.51 -41.14 -17.90
CA ASP D 136 43.89 -42.41 -17.31
C ASP D 136 45.41 -42.64 -17.45
N VAL D 137 45.87 -43.81 -17.00
CA VAL D 137 47.28 -44.16 -17.11
C VAL D 137 47.54 -44.60 -18.54
N ALA D 138 48.62 -44.10 -19.14
CA ALA D 138 48.94 -44.51 -20.52
C ALA D 138 50.01 -45.60 -20.53
N GLY D 139 50.98 -45.46 -19.63
CA GLY D 139 52.05 -46.43 -19.51
C GLY D 139 53.19 -45.87 -18.70
N PHE D 140 54.36 -46.51 -18.77
CA PHE D 140 55.52 -46.05 -18.02
C PHE D 140 56.76 -45.96 -18.88
N ASP D 141 57.48 -44.86 -18.75
CA ASP D 141 58.68 -44.71 -19.55
C ASP D 141 59.81 -45.57 -18.98
N PRO D 142 60.92 -45.69 -19.75
CA PRO D 142 62.05 -46.50 -19.30
C PRO D 142 62.58 -46.14 -17.91
N ASP D 143 62.51 -44.86 -17.54
CA ASP D 143 62.99 -44.42 -16.23
C ASP D 143 62.01 -44.76 -15.11
N GLY D 144 60.91 -45.43 -15.46
CA GLY D 144 59.94 -45.80 -14.44
C GLY D 144 58.94 -44.70 -14.11
N ASN D 145 58.86 -43.68 -14.95
CA ASN D 145 57.94 -42.60 -14.70
C ASN D 145 56.60 -42.89 -15.35
N LEU D 146 55.55 -42.44 -14.67
CA LEU D 146 54.19 -42.61 -15.12
C LEU D 146 53.88 -41.67 -16.26
N ILE D 147 53.29 -42.20 -17.33
CA ILE D 147 52.91 -41.40 -18.48
C ILE D 147 51.38 -41.49 -18.53
N ILE D 148 50.71 -40.35 -18.41
CA ILE D 148 49.26 -40.35 -18.44
C ILE D 148 48.71 -39.82 -19.74
N SER D 149 47.42 -40.12 -19.94
CA SER D 149 46.70 -39.70 -21.13
C SER D 149 45.48 -38.91 -20.69
N THR D 150 45.46 -37.61 -21.01
CA THR D 150 44.32 -36.77 -20.64
C THR D 150 44.10 -35.69 -21.69
N ASP D 151 42.87 -35.20 -21.71
CA ASP D 151 42.43 -34.15 -22.64
C ASP D 151 42.08 -32.90 -21.83
N ALA D 152 42.38 -32.96 -20.53
CA ALA D 152 42.09 -31.85 -19.63
C ALA D 152 42.54 -30.50 -20.18
N MET D 153 43.71 -30.42 -20.78
CA MET D 153 44.14 -29.15 -21.30
C MET D 153 44.04 -29.06 -22.80
N GLN D 154 43.08 -29.78 -23.36
CA GLN D 154 42.89 -29.77 -24.79
C GLN D 154 41.52 -29.26 -25.20
N PRO D 155 41.41 -28.78 -26.44
CA PRO D 155 40.14 -28.25 -26.96
C PRO D 155 39.10 -29.35 -27.18
N PHE D 156 39.53 -30.54 -27.60
CA PHE D 156 38.58 -31.62 -27.83
C PHE D 156 38.81 -32.80 -26.90
N SER D 157 37.73 -33.42 -26.47
CA SER D 157 37.88 -34.56 -25.56
C SER D 157 38.68 -35.69 -26.19
N SER D 158 38.44 -35.96 -27.48
CA SER D 158 39.17 -37.01 -28.19
C SER D 158 40.70 -36.80 -28.20
N MET D 159 41.14 -35.58 -27.95
CA MET D 159 42.57 -35.28 -27.93
C MET D 159 43.21 -35.71 -26.62
N THR D 160 43.14 -37.00 -26.30
CA THR D 160 43.74 -37.48 -25.06
C THR D 160 45.25 -37.55 -25.26
N CYS D 161 45.90 -36.40 -25.11
CA CYS D 161 47.35 -36.30 -25.28
C CYS D 161 48.22 -36.91 -24.17
N LEU D 162 49.43 -37.32 -24.51
CA LEU D 162 50.31 -37.96 -23.54
C LEU D 162 51.19 -37.00 -22.73
N TYR D 163 51.24 -37.23 -21.42
CA TYR D 163 52.04 -36.43 -20.52
C TYR D 163 52.85 -37.27 -19.51
N ARG D 164 54.02 -36.76 -19.16
CA ARG D 164 54.86 -37.44 -18.17
C ARG D 164 54.62 -36.75 -16.83
N VAL D 165 54.17 -37.54 -15.85
CA VAL D 165 53.92 -37.04 -14.51
C VAL D 165 55.22 -36.79 -13.76
N GLU D 166 55.35 -35.62 -13.16
CA GLU D 166 56.57 -35.31 -12.40
C GLU D 166 56.30 -34.78 -10.99
N ASN D 167 57.08 -35.23 -10.02
CA ASN D 167 56.93 -34.75 -8.64
C ASN D 167 55.54 -34.97 -8.11
N ASP D 168 55.00 -36.14 -8.35
CA ASP D 168 53.67 -36.50 -7.89
C ASP D 168 52.56 -35.59 -8.40
N GLY D 169 52.76 -34.95 -9.54
CA GLY D 169 51.72 -34.07 -10.07
C GLY D 169 52.01 -32.59 -10.03
N ILE D 170 53.24 -32.22 -9.64
CA ILE D 170 53.68 -30.82 -9.58
C ILE D 170 53.75 -30.21 -10.97
N ASN D 171 54.35 -30.94 -11.91
CA ASN D 171 54.50 -30.48 -13.28
C ASN D 171 54.18 -31.64 -14.20
N PHE D 172 53.76 -31.31 -15.43
CA PHE D 172 53.45 -32.32 -16.44
C PHE D 172 54.18 -31.96 -17.71
N VAL D 173 54.99 -32.88 -18.20
CA VAL D 173 55.73 -32.63 -19.43
C VAL D 173 55.06 -33.35 -20.61
N PRO D 174 54.69 -32.60 -21.66
CA PRO D 174 54.06 -33.18 -22.84
C PRO D 174 55.01 -33.98 -23.74
N LEU D 175 54.55 -35.14 -24.20
CA LEU D 175 55.35 -35.98 -25.05
C LEU D 175 55.15 -35.62 -26.52
N ASN D 176 54.20 -34.73 -26.77
CA ASN D 176 53.88 -34.31 -28.13
C ASN D 176 53.85 -35.43 -29.15
N LEU D 177 53.17 -36.51 -28.82
CA LEU D 177 53.09 -37.63 -29.72
C LEU D 177 51.69 -37.74 -30.31
N GLY D 178 50.83 -36.78 -29.97
CA GLY D 178 49.47 -36.81 -30.48
C GLY D 178 48.58 -37.62 -29.55
N PRO D 179 47.27 -37.70 -29.86
CA PRO D 179 46.34 -38.46 -29.01
C PRO D 179 46.75 -39.91 -28.90
N ALA D 180 46.66 -40.47 -27.70
CA ALA D 180 47.03 -41.86 -27.47
C ALA D 180 46.31 -42.43 -26.26
N THR D 181 46.11 -43.75 -26.26
CA THR D 181 45.44 -44.41 -25.17
C THR D 181 46.46 -45.28 -24.42
N HIS D 182 47.42 -45.86 -25.15
CA HIS D 182 48.48 -46.67 -24.56
C HIS D 182 49.83 -46.25 -25.09
N ILE D 183 50.86 -46.37 -24.28
CA ILE D 183 52.20 -46.04 -24.72
C ILE D 183 53.10 -47.16 -24.14
N LEU D 184 53.82 -47.86 -25.01
CA LEU D 184 54.70 -48.93 -24.53
C LEU D 184 56.11 -48.71 -25.05
N PHE D 185 57.10 -49.24 -24.33
CA PHE D 185 58.48 -49.09 -24.78
C PHE D 185 59.16 -50.44 -25.06
N ALA D 186 59.68 -50.61 -26.27
CA ALA D 186 60.35 -51.84 -26.64
C ALA D 186 61.69 -51.54 -27.28
N ASP D 187 62.76 -51.99 -26.65
CA ASP D 187 64.10 -51.78 -27.18
C ASP D 187 64.36 -50.31 -27.49
N GLY D 188 63.98 -49.43 -26.55
CA GLY D 188 64.19 -48.02 -26.75
C GLY D 188 63.29 -47.41 -27.81
N ARG D 189 62.40 -48.22 -28.35
CA ARG D 189 61.45 -47.76 -29.37
C ARG D 189 60.12 -47.43 -28.69
N ARG D 190 59.40 -46.45 -29.23
CA ARG D 190 58.10 -46.07 -28.67
C ARG D 190 56.94 -46.74 -29.39
N VAL D 191 56.09 -47.44 -28.66
CA VAL D 191 54.93 -48.08 -29.28
C VAL D 191 53.72 -47.23 -28.88
N ILE D 192 52.87 -46.88 -29.84
CA ILE D 192 51.70 -46.07 -29.52
C ILE D 192 50.34 -46.67 -29.87
N GLY D 193 49.46 -46.73 -28.87
CA GLY D 193 48.13 -47.27 -29.06
C GLY D 193 47.11 -46.14 -29.20
N ARG D 194 46.47 -46.06 -30.38
CA ARG D 194 45.48 -45.03 -30.64
C ARG D 194 44.06 -45.54 -30.49
N ASN D 195 43.31 -44.96 -29.53
CA ASN D 195 41.92 -45.36 -29.34
C ASN D 195 41.88 -46.84 -29.00
N THR D 196 42.85 -47.29 -28.23
CA THR D 196 42.93 -48.69 -27.89
C THR D 196 42.26 -49.11 -26.58
N PHE D 197 41.18 -48.41 -26.22
CA PHE D 197 40.45 -48.75 -25.00
C PHE D 197 39.35 -49.77 -25.38
N GLU D 198 38.77 -50.44 -24.41
CA GLU D 198 37.73 -51.40 -24.73
C GLU D 198 36.45 -50.72 -25.26
N LEU D 199 35.76 -51.42 -26.16
CA LEU D 199 34.51 -50.95 -26.75
C LEU D 199 33.42 -51.99 -26.53
N PRO D 200 33.09 -52.28 -25.28
CA PRO D 200 32.06 -53.26 -24.97
C PRO D 200 30.70 -52.95 -25.57
N HIS D 201 30.37 -51.67 -25.64
CA HIS D 201 29.07 -51.25 -26.15
C HIS D 201 28.94 -51.45 -27.63
N TRP D 202 30.03 -51.75 -28.31
CA TRP D 202 29.94 -51.94 -29.75
C TRP D 202 30.80 -53.09 -30.27
N LYS D 203 30.35 -54.32 -30.07
CA LYS D 203 31.12 -55.44 -30.55
C LYS D 203 31.14 -55.44 -32.07
N GLY D 204 32.24 -55.90 -32.64
CA GLY D 204 32.39 -55.93 -34.09
C GLY D 204 32.60 -54.58 -34.77
N TYR D 205 32.99 -53.58 -34.00
CA TYR D 205 33.22 -52.25 -34.56
C TYR D 205 34.32 -52.28 -35.64
N ARG D 206 34.04 -51.66 -36.79
CA ARG D 206 34.99 -51.62 -37.90
C ARG D 206 35.10 -50.21 -38.50
N GLY D 207 34.67 -49.21 -37.73
CA GLY D 207 34.75 -47.83 -38.19
C GLY D 207 36.15 -47.21 -38.15
N GLY D 208 36.24 -45.95 -38.52
CA GLY D 208 37.51 -45.26 -38.57
C GLY D 208 38.21 -44.94 -37.25
N THR D 209 37.51 -45.06 -36.13
CA THR D 209 38.10 -44.77 -34.82
C THR D 209 38.61 -46.04 -34.14
N ARG D 210 38.59 -47.13 -34.88
CA ARG D 210 39.04 -48.41 -34.34
C ARG D 210 40.48 -48.34 -33.86
N GLY D 211 40.79 -49.13 -32.83
CA GLY D 211 42.12 -49.15 -32.28
C GLY D 211 43.20 -49.52 -33.29
N LYS D 212 44.31 -48.78 -33.25
CA LYS D 212 45.46 -48.99 -34.12
C LYS D 212 46.76 -48.79 -33.33
N ILE D 213 47.82 -49.50 -33.74
CA ILE D 213 49.12 -49.38 -33.06
C ILE D 213 50.24 -48.95 -34.00
N TRP D 214 50.94 -47.89 -33.60
CA TRP D 214 52.06 -47.36 -34.34
C TRP D 214 53.33 -47.71 -33.57
N ILE D 215 54.48 -47.65 -34.25
CA ILE D 215 55.76 -47.92 -33.61
C ILE D 215 56.84 -47.04 -34.22
N GLU D 216 57.83 -46.71 -33.39
CA GLU D 216 58.97 -45.89 -33.79
C GLU D 216 59.98 -46.80 -34.50
N VAL D 217 60.68 -46.24 -35.50
CA VAL D 217 61.68 -46.99 -36.26
C VAL D 217 62.93 -46.21 -36.62
N ASN D 218 62.73 -45.00 -37.13
CA ASN D 218 63.85 -44.17 -37.55
C ASN D 218 64.42 -43.36 -36.41
N SER D 219 64.32 -43.90 -35.19
CA SER D 219 64.85 -43.24 -33.99
C SER D 219 64.13 -41.90 -33.79
N GLY D 220 63.01 -41.72 -34.50
CA GLY D 220 62.24 -40.49 -34.40
C GLY D 220 61.02 -40.52 -35.29
N ALA D 221 60.95 -41.48 -36.20
CA ALA D 221 59.80 -41.58 -37.09
C ALA D 221 58.91 -42.74 -36.69
N PHE D 222 57.62 -42.63 -37.00
CA PHE D 222 56.65 -43.67 -36.64
C PHE D 222 55.98 -44.35 -37.81
N LYS D 223 55.68 -45.63 -37.65
CA LYS D 223 55.07 -46.36 -38.72
C LYS D 223 53.91 -47.15 -38.17
N LYS D 224 52.78 -47.09 -38.88
CA LYS D 224 51.59 -47.81 -38.45
C LYS D 224 51.85 -49.32 -38.62
N ILE D 225 51.64 -50.11 -37.58
CA ILE D 225 51.91 -51.53 -37.69
C ILE D 225 50.76 -52.47 -37.40
N VAL D 226 49.69 -51.95 -36.83
CA VAL D 226 48.54 -52.83 -36.58
C VAL D 226 47.31 -52.04 -36.92
N ASP D 227 46.71 -52.35 -38.05
CA ASP D 227 45.52 -51.67 -38.52
C ASP D 227 44.59 -52.72 -39.12
N MET D 228 44.01 -53.58 -38.29
CA MET D 228 43.08 -54.58 -38.78
C MET D 228 41.73 -53.97 -39.16
N SER D 229 40.86 -54.78 -39.73
CA SER D 229 39.56 -54.29 -40.13
C SER D 229 38.69 -54.02 -38.91
N THR D 230 38.93 -54.77 -37.83
CA THR D 230 38.17 -54.57 -36.60
C THR D 230 38.96 -53.83 -35.53
N HIS D 231 38.32 -53.58 -34.41
CA HIS D 231 38.90 -52.85 -33.28
C HIS D 231 39.95 -53.62 -32.51
N VAL D 232 41.02 -52.92 -32.16
CA VAL D 232 42.12 -53.52 -31.40
C VAL D 232 42.20 -52.80 -30.06
N SER D 233 42.26 -53.57 -28.97
CA SER D 233 42.32 -53.00 -27.61
C SER D 233 43.31 -53.62 -26.63
N SER D 234 43.53 -52.93 -25.52
CA SER D 234 44.42 -53.39 -24.45
C SER D 234 45.76 -54.02 -24.87
N PRO D 235 46.59 -53.27 -25.60
CA PRO D 235 47.88 -53.78 -26.05
C PRO D 235 48.92 -53.91 -24.93
N VAL D 236 49.78 -54.92 -25.04
CA VAL D 236 50.86 -55.16 -24.07
C VAL D 236 51.97 -55.84 -24.83
N ILE D 237 53.15 -55.86 -24.23
CA ILE D 237 54.29 -56.50 -24.86
C ILE D 237 54.94 -57.55 -23.93
N VAL D 238 55.16 -58.75 -24.45
CA VAL D 238 55.81 -59.81 -23.68
C VAL D 238 56.90 -60.33 -24.59
N GLY D 239 58.15 -60.06 -24.19
CA GLY D 239 59.30 -60.46 -24.98
C GLY D 239 59.36 -59.47 -26.13
N HIS D 240 59.21 -59.95 -27.35
CA HIS D 240 59.22 -59.04 -28.47
C HIS D 240 57.97 -59.14 -29.32
N ARG D 241 56.86 -59.42 -28.65
CA ARG D 241 55.57 -59.51 -29.31
C ARG D 241 54.56 -58.61 -28.60
N ILE D 242 53.61 -58.10 -29.36
CA ILE D 242 52.57 -57.22 -28.84
C ILE D 242 51.29 -58.02 -28.80
N TYR D 243 50.74 -58.16 -27.61
CA TYR D 243 49.51 -58.88 -27.43
C TYR D 243 48.38 -57.89 -27.28
N PHE D 244 47.24 -58.21 -27.89
CA PHE D 244 46.08 -57.35 -27.84
C PHE D 244 44.82 -58.15 -28.09
N ILE D 245 43.68 -57.48 -28.03
CA ILE D 245 42.41 -58.14 -28.21
C ILE D 245 41.67 -57.57 -29.38
N THR D 246 40.89 -58.40 -30.06
CA THR D 246 40.09 -57.99 -31.20
C THR D 246 39.07 -59.08 -31.52
N ASP D 247 37.99 -58.72 -32.21
CA ASP D 247 37.00 -59.73 -32.55
C ASP D 247 36.88 -59.90 -34.04
N ILE D 248 38.02 -59.77 -34.72
CA ILE D 248 38.06 -59.93 -36.16
C ILE D 248 37.36 -61.23 -36.62
N ASP D 249 37.32 -62.25 -35.75
CA ASP D 249 36.70 -63.52 -36.08
C ASP D 249 35.26 -63.71 -35.58
N GLY D 250 34.72 -62.67 -34.97
CA GLY D 250 33.35 -62.75 -34.48
C GLY D 250 33.25 -62.77 -32.98
N PHE D 251 34.38 -62.83 -32.31
CA PHE D 251 34.35 -62.84 -30.86
C PHE D 251 35.70 -62.35 -30.35
N GLY D 252 35.70 -61.84 -29.13
CA GLY D 252 36.91 -61.32 -28.53
C GLY D 252 37.90 -62.39 -28.15
N GLN D 253 39.10 -62.28 -28.70
CA GLN D 253 40.16 -63.25 -28.41
C GLN D 253 41.47 -62.48 -28.26
N ILE D 254 42.48 -63.12 -27.68
CA ILE D 254 43.76 -62.49 -27.52
C ILE D 254 44.67 -62.85 -28.69
N TYR D 255 45.27 -61.85 -29.33
CA TYR D 255 46.17 -62.11 -30.46
C TYR D 255 47.50 -61.46 -30.12
N SER D 256 48.45 -61.60 -31.04
CA SER D 256 49.76 -60.99 -30.87
C SER D 256 50.46 -60.97 -32.20
N THR D 257 51.45 -60.10 -32.32
CA THR D 257 52.27 -59.98 -33.55
C THR D 257 53.64 -59.53 -33.12
N ASP D 258 54.57 -59.43 -34.06
CA ASP D 258 55.91 -58.96 -33.70
C ASP D 258 55.91 -57.45 -33.72
N LEU D 259 57.06 -56.84 -33.43
CA LEU D 259 57.13 -55.39 -33.43
C LEU D 259 57.02 -54.80 -34.83
N ASP D 260 56.42 -55.56 -35.73
CA ASP D 260 56.21 -55.12 -37.10
C ASP D 260 54.78 -55.33 -37.53
N GLY D 261 53.96 -55.81 -36.61
CA GLY D 261 52.57 -56.06 -36.90
C GLY D 261 52.43 -57.25 -37.83
N LYS D 262 53.48 -58.05 -37.87
CA LYS D 262 53.58 -59.25 -38.70
C LYS D 262 53.47 -60.51 -37.86
N ASP D 263 53.28 -61.66 -38.51
CA ASP D 263 53.16 -62.94 -37.82
C ASP D 263 51.96 -62.98 -36.88
N LEU D 264 50.78 -62.64 -37.42
CA LEU D 264 49.57 -62.64 -36.63
C LEU D 264 49.28 -64.01 -36.05
N ARG D 265 48.96 -64.05 -34.75
CA ARG D 265 48.64 -65.31 -34.06
C ARG D 265 47.43 -65.17 -33.15
N LYS D 266 46.62 -66.21 -33.11
CA LYS D 266 45.42 -66.26 -32.30
C LYS D 266 45.74 -67.17 -31.11
N HIS D 267 45.65 -66.65 -29.89
CA HIS D 267 45.96 -67.46 -28.71
C HIS D 267 44.81 -67.99 -27.86
N THR D 268 43.64 -67.40 -28.00
CA THR D 268 42.51 -67.85 -27.21
C THR D 268 41.34 -68.24 -28.09
N SER D 269 40.37 -68.93 -27.51
CA SER D 269 39.17 -69.35 -28.24
C SER D 269 37.93 -69.22 -27.36
N PHE D 270 37.85 -68.14 -26.62
CA PHE D 270 36.72 -67.92 -25.74
C PHE D 270 35.39 -67.96 -26.48
N THR D 271 34.30 -68.19 -25.71
CA THR D 271 32.96 -68.18 -26.27
C THR D 271 31.91 -67.63 -25.31
N ASP D 272 32.23 -67.62 -24.03
CA ASP D 272 31.33 -67.13 -22.98
C ASP D 272 31.18 -65.61 -22.93
N TYR D 273 32.30 -64.91 -22.73
CA TYR D 273 32.30 -63.46 -22.66
C TYR D 273 33.56 -62.91 -23.24
N TYR D 274 33.53 -61.65 -23.66
CA TYR D 274 34.72 -61.02 -24.23
C TYR D 274 35.77 -60.77 -23.17
N PRO D 275 37.02 -61.07 -23.47
CA PRO D 275 38.07 -60.83 -22.47
C PRO D 275 38.40 -59.32 -22.52
N ARG D 276 38.77 -58.72 -21.40
CA ARG D 276 39.09 -57.30 -21.45
C ARG D 276 40.27 -56.98 -20.56
N HIS D 277 40.65 -55.69 -20.59
CA HIS D 277 41.70 -55.10 -19.78
C HIS D 277 43.05 -55.83 -19.73
N LEU D 278 43.67 -56.14 -20.86
CA LEU D 278 44.96 -56.81 -20.80
C LEU D 278 46.02 -55.97 -20.08
N ASN D 279 46.84 -56.64 -19.30
CA ASN D 279 47.92 -56.02 -18.59
C ASN D 279 48.95 -57.11 -18.34
N THR D 280 50.19 -56.70 -18.08
CA THR D 280 51.24 -57.67 -17.82
C THR D 280 52.35 -57.09 -16.98
N ASP D 281 53.34 -57.91 -16.68
CA ASP D 281 54.52 -57.54 -15.88
C ASP D 281 55.81 -57.90 -16.64
N GLY D 282 55.65 -58.38 -17.87
CA GLY D 282 56.81 -58.77 -18.66
C GLY D 282 56.93 -60.27 -18.79
N ARG D 283 56.24 -61.02 -17.93
CA ARG D 283 56.28 -62.47 -17.98
C ARG D 283 54.92 -63.08 -18.32
N ARG D 284 53.87 -62.68 -17.59
CA ARG D 284 52.52 -63.22 -17.80
C ARG D 284 51.50 -62.12 -18.06
N ILE D 285 50.47 -62.45 -18.83
CA ILE D 285 49.41 -61.52 -19.16
C ILE D 285 48.22 -61.76 -18.26
N LEU D 286 47.57 -60.70 -17.85
CA LEU D 286 46.41 -60.81 -16.96
C LEU D 286 45.20 -60.13 -17.59
N PHE D 287 44.00 -60.64 -17.29
CA PHE D 287 42.80 -60.04 -17.87
C PHE D 287 41.54 -60.50 -17.17
N SER D 288 40.40 -59.88 -17.47
CA SER D 288 39.14 -60.29 -16.82
C SER D 288 38.16 -60.71 -17.88
N LYS D 289 37.17 -61.50 -17.46
CA LYS D 289 36.16 -61.99 -18.38
C LYS D 289 34.93 -62.54 -17.65
N GLY D 290 33.74 -62.04 -17.97
CA GLY D 290 32.53 -62.54 -17.33
C GLY D 290 32.58 -62.42 -15.82
N GLY D 291 33.33 -61.44 -15.33
CA GLY D 291 33.41 -61.24 -13.89
C GLY D 291 34.48 -62.02 -13.15
N SER D 292 35.37 -62.69 -13.86
CA SER D 292 36.46 -63.47 -13.25
C SER D 292 37.79 -63.02 -13.82
N ILE D 293 38.86 -63.24 -13.04
CA ILE D 293 40.19 -62.88 -13.52
C ILE D 293 40.96 -64.11 -13.98
N TYR D 294 41.62 -63.97 -15.13
CA TYR D 294 42.39 -65.05 -15.72
C TYR D 294 43.85 -64.68 -15.94
N ILE D 295 44.70 -65.70 -16.11
CA ILE D 295 46.10 -65.51 -16.40
C ILE D 295 46.48 -66.24 -17.68
N PHE D 296 47.31 -65.60 -18.48
CA PHE D 296 47.76 -66.16 -19.74
C PHE D 296 49.26 -66.20 -19.70
N ASN D 297 49.83 -67.37 -19.91
CA ASN D 297 51.28 -67.50 -19.92
C ASN D 297 51.69 -67.66 -21.38
N PRO D 298 52.34 -66.63 -21.96
CA PRO D 298 52.79 -66.62 -23.35
C PRO D 298 53.67 -67.80 -23.73
N ASP D 299 54.52 -68.25 -22.80
CA ASP D 299 55.40 -69.37 -23.07
C ASP D 299 54.66 -70.71 -23.13
N THR D 300 53.66 -70.85 -22.27
CA THR D 300 52.90 -72.08 -22.21
C THR D 300 51.66 -72.01 -23.10
N GLU D 301 51.20 -70.79 -23.34
CA GLU D 301 50.00 -70.54 -24.13
C GLU D 301 48.78 -71.13 -23.39
N LYS D 302 48.95 -71.35 -22.09
CA LYS D 302 47.87 -71.88 -21.24
C LYS D 302 47.19 -70.79 -20.43
N ILE D 303 45.87 -70.89 -20.32
CA ILE D 303 45.09 -69.92 -19.58
C ILE D 303 44.39 -70.54 -18.40
N GLU D 304 44.48 -69.87 -17.26
CA GLU D 304 43.82 -70.37 -16.07
C GLU D 304 43.07 -69.29 -15.33
N LYS D 305 41.99 -69.72 -14.68
CA LYS D 305 41.14 -68.84 -13.89
C LYS D 305 41.66 -68.77 -12.47
N ILE D 306 41.80 -67.57 -11.94
CA ILE D 306 42.28 -67.41 -10.58
C ILE D 306 41.10 -67.61 -9.64
N GLU D 307 41.31 -68.35 -8.56
CA GLU D 307 40.24 -68.59 -7.59
C GLU D 307 40.28 -67.54 -6.52
N ILE D 308 39.27 -66.69 -6.49
CA ILE D 308 39.20 -65.64 -5.49
C ILE D 308 38.02 -65.80 -4.53
N GLY D 309 36.88 -66.26 -5.07
CA GLY D 309 35.72 -66.48 -4.24
C GLY D 309 35.05 -65.23 -3.73
N ASP D 310 34.10 -65.41 -2.81
CA ASP D 310 33.36 -64.27 -2.26
C ASP D 310 34.30 -63.29 -1.59
N LEU D 311 34.07 -62.01 -1.82
CA LEU D 311 34.92 -60.96 -1.27
C LEU D 311 34.16 -59.91 -0.46
N GLU D 312 32.98 -59.51 -0.94
CA GLU D 312 32.20 -58.50 -0.27
C GLU D 312 30.73 -58.53 -0.69
N SER D 313 29.86 -58.39 0.30
CA SER D 313 28.42 -58.39 0.05
C SER D 313 27.82 -57.35 1.00
N PRO D 314 27.72 -56.10 0.53
CA PRO D 314 27.16 -55.01 1.35
C PRO D 314 25.68 -55.15 1.58
N GLU D 315 25.17 -54.35 2.50
CA GLU D 315 23.76 -54.34 2.87
C GLU D 315 22.91 -54.20 1.62
N ASP D 316 21.94 -55.11 1.46
CA ASP D 316 21.07 -55.08 0.28
C ASP D 316 19.94 -54.06 0.33
N ARG D 317 19.30 -53.93 1.49
CA ARG D 317 18.20 -52.98 1.70
C ARG D 317 18.80 -51.58 1.83
N ILE D 318 18.52 -50.73 0.84
CA ILE D 318 19.05 -49.36 0.78
C ILE D 318 18.05 -48.22 0.90
N ILE D 319 18.56 -47.10 1.39
CA ILE D 319 17.79 -45.87 1.60
C ILE D 319 18.08 -44.84 0.49
N SER D 320 17.04 -44.19 -0.02
CA SER D 320 17.20 -43.18 -1.04
C SER D 320 16.35 -41.95 -0.79
N ILE D 321 16.73 -40.85 -1.41
CA ILE D 321 16.00 -39.61 -1.26
C ILE D 321 14.94 -39.54 -2.34
N PRO D 322 13.66 -39.66 -1.97
CA PRO D 322 12.58 -39.61 -2.94
C PRO D 322 12.63 -38.52 -4.00
N SER D 323 13.00 -37.31 -3.59
CA SER D 323 13.04 -36.20 -4.56
C SER D 323 13.99 -36.45 -5.71
N LYS D 324 15.16 -37.02 -5.40
CA LYS D 324 16.18 -37.34 -6.39
C LYS D 324 15.67 -38.16 -7.57
N PHE D 325 14.74 -39.07 -7.31
CA PHE D 325 14.24 -39.93 -8.40
C PHE D 325 12.75 -39.77 -8.64
N ALA D 326 12.18 -38.70 -8.11
CA ALA D 326 10.77 -38.45 -8.24
C ALA D 326 10.33 -37.97 -9.60
N GLU D 327 9.08 -38.25 -9.92
CA GLU D 327 8.49 -37.83 -11.19
C GLU D 327 6.99 -38.08 -11.18
N ASP D 328 6.30 -37.53 -12.16
CA ASP D 328 4.87 -37.70 -12.27
C ASP D 328 4.06 -37.14 -11.08
N PHE D 329 4.52 -36.02 -10.53
CA PHE D 329 3.84 -35.37 -9.41
C PHE D 329 2.44 -34.98 -9.93
N SER D 330 1.40 -35.28 -9.14
CA SER D 330 0.03 -34.98 -9.52
C SER D 330 -0.87 -34.65 -8.32
N PRO D 331 -1.83 -33.73 -8.49
CA PRO D 331 -2.77 -33.31 -7.44
C PRO D 331 -3.98 -34.25 -7.34
N LEU D 332 -4.32 -34.66 -6.13
CA LEU D 332 -5.47 -35.55 -5.92
C LEU D 332 -6.57 -34.81 -5.19
N ASP D 333 -7.66 -35.51 -4.86
CA ASP D 333 -8.77 -34.90 -4.13
C ASP D 333 -8.35 -34.60 -2.70
N GLY D 334 -9.13 -33.77 -2.03
CA GLY D 334 -8.85 -33.45 -0.64
C GLY D 334 -7.47 -32.86 -0.43
N ASP D 335 -6.99 -32.07 -1.39
CA ASP D 335 -5.68 -31.43 -1.27
C ASP D 335 -4.57 -32.44 -0.98
N LEU D 336 -4.59 -33.57 -1.68
CA LEU D 336 -3.58 -34.59 -1.51
C LEU D 336 -2.68 -34.59 -2.74
N ILE D 337 -1.54 -35.25 -2.60
CA ILE D 337 -0.54 -35.33 -3.65
C ILE D 337 -0.18 -36.78 -3.95
N ALA D 338 0.05 -37.08 -5.22
CA ALA D 338 0.48 -38.41 -5.60
C ALA D 338 1.74 -38.23 -6.46
N PHE D 339 2.63 -39.22 -6.45
CA PHE D 339 3.82 -39.13 -7.29
C PHE D 339 4.54 -40.46 -7.39
N VAL D 340 5.51 -40.52 -8.30
CA VAL D 340 6.26 -41.73 -8.48
C VAL D 340 7.74 -41.46 -8.28
N SER D 341 8.44 -42.42 -7.73
CA SER D 341 9.89 -42.29 -7.57
C SER D 341 10.52 -43.65 -7.45
N ARG D 342 11.59 -43.84 -8.21
CA ARG D 342 12.33 -45.09 -8.22
C ARG D 342 11.41 -46.31 -8.38
N GLY D 343 10.39 -46.17 -9.22
CA GLY D 343 9.49 -47.27 -9.45
C GLY D 343 8.38 -47.43 -8.42
N GLN D 344 8.42 -46.65 -7.36
CA GLN D 344 7.38 -46.72 -6.32
C GLN D 344 6.41 -45.56 -6.44
N ALA D 345 5.24 -45.71 -5.82
CA ALA D 345 4.25 -44.63 -5.88
C ALA D 345 3.77 -44.26 -4.45
N PHE D 346 3.35 -43.02 -4.27
CA PHE D 346 2.92 -42.58 -2.97
C PHE D 346 1.74 -41.60 -2.95
N ILE D 347 0.95 -41.67 -1.87
CA ILE D 347 -0.17 -40.76 -1.67
C ILE D 347 0.21 -40.03 -0.39
N GLN D 348 0.41 -38.71 -0.48
CA GLN D 348 0.81 -37.92 0.67
C GLN D 348 0.20 -36.54 0.67
N ASP D 349 0.28 -35.88 1.83
CA ASP D 349 -0.24 -34.52 1.98
C ASP D 349 0.91 -33.63 1.52
N VAL D 350 0.63 -32.42 1.08
CA VAL D 350 1.70 -31.56 0.57
C VAL D 350 2.93 -31.58 1.48
N SER D 351 2.68 -31.57 2.78
CA SER D 351 3.73 -31.55 3.79
C SER D 351 4.65 -32.76 3.74
N GLY D 352 4.15 -33.86 3.22
CA GLY D 352 4.96 -35.07 3.19
C GLY D 352 5.03 -35.70 4.57
N THR D 353 4.16 -35.29 5.48
CA THR D 353 4.17 -35.82 6.82
C THR D 353 3.36 -37.13 6.86
N TYR D 354 2.21 -37.15 6.18
CA TYR D 354 1.38 -38.35 6.12
C TYR D 354 1.61 -38.94 4.74
N VAL D 355 2.43 -39.98 4.68
CA VAL D 355 2.79 -40.63 3.42
C VAL D 355 2.34 -42.08 3.29
N LEU D 356 1.64 -42.40 2.20
CA LEU D 356 1.20 -43.79 1.97
C LEU D 356 1.89 -44.35 0.72
N LYS D 357 2.44 -45.55 0.85
CA LYS D 357 3.09 -46.17 -0.29
C LYS D 357 2.09 -47.10 -0.96
N VAL D 358 1.93 -46.96 -2.27
CA VAL D 358 1.03 -47.85 -2.99
C VAL D 358 1.63 -49.26 -2.89
N PRO D 359 0.80 -50.25 -2.49
CA PRO D 359 1.22 -51.65 -2.35
C PRO D 359 1.28 -52.40 -3.70
N GLU D 360 2.36 -52.18 -4.45
CA GLU D 360 2.54 -52.80 -5.75
C GLU D 360 4.01 -53.00 -6.08
N PRO D 361 4.36 -54.17 -6.66
CA PRO D 361 5.74 -54.48 -7.03
C PRO D 361 6.39 -53.43 -7.93
N LEU D 362 7.68 -53.63 -8.20
CA LEU D 362 8.41 -52.69 -9.02
C LEU D 362 7.81 -52.30 -10.36
N ARG D 363 8.10 -51.05 -10.66
CA ARG D 363 7.72 -50.26 -11.82
C ARG D 363 6.31 -49.80 -11.95
N ILE D 364 6.04 -48.67 -11.32
CA ILE D 364 4.74 -48.06 -11.41
C ILE D 364 5.02 -46.82 -12.24
N ARG D 365 4.82 -46.91 -13.55
CA ARG D 365 5.08 -45.77 -14.40
C ARG D 365 4.23 -44.53 -14.11
N TYR D 366 2.91 -44.66 -13.99
CA TYR D 366 2.08 -43.50 -13.72
C TYR D 366 1.02 -43.68 -12.63
N VAL D 367 0.60 -42.55 -12.06
CA VAL D 367 -0.45 -42.55 -11.05
C VAL D 367 -1.41 -41.41 -11.41
N ARG D 368 -2.70 -41.72 -11.39
CA ARG D 368 -3.71 -40.73 -11.76
C ARG D 368 -4.95 -40.77 -10.87
N ARG D 369 -5.45 -39.59 -10.51
CA ARG D 369 -6.65 -39.47 -9.70
C ARG D 369 -7.80 -40.22 -10.40
N GLY D 370 -8.45 -41.11 -9.64
CA GLY D 370 -9.53 -41.91 -10.18
C GLY D 370 -10.79 -41.86 -9.32
N GLY D 371 -10.73 -41.14 -8.21
CA GLY D 371 -11.90 -41.05 -7.34
C GLY D 371 -11.61 -40.33 -6.04
N ASP D 372 -12.61 -40.22 -5.18
CA ASP D 372 -12.44 -39.55 -3.88
C ASP D 372 -11.24 -40.09 -3.13
N THR D 373 -11.14 -41.43 -3.08
CA THR D 373 -10.03 -42.07 -2.40
C THR D 373 -9.35 -43.10 -3.29
N LYS D 374 -9.75 -43.18 -4.56
CA LYS D 374 -9.17 -44.14 -5.50
C LYS D 374 -8.20 -43.51 -6.49
N VAL D 375 -7.21 -44.27 -6.92
CA VAL D 375 -6.23 -43.75 -7.87
C VAL D 375 -5.90 -44.82 -8.92
N ALA D 376 -5.78 -44.42 -10.18
CA ALA D 376 -5.43 -45.39 -11.20
C ALA D 376 -3.92 -45.34 -11.43
N PHE D 377 -3.32 -46.45 -11.82
CA PHE D 377 -1.88 -46.45 -12.06
C PHE D 377 -1.48 -47.39 -13.19
N ILE D 378 -0.30 -47.16 -13.75
CA ILE D 378 0.21 -48.00 -14.81
C ILE D 378 1.41 -48.74 -14.22
N HIS D 379 1.27 -50.07 -14.09
CA HIS D 379 2.30 -50.94 -13.52
C HIS D 379 3.06 -51.58 -14.67
N GLY D 380 4.39 -51.43 -14.66
CA GLY D 380 5.19 -51.98 -15.73
C GLY D 380 5.89 -53.25 -15.33
N THR D 381 5.97 -54.19 -16.29
CA THR D 381 6.65 -55.47 -16.08
C THR D 381 7.45 -55.74 -17.35
N ARG D 382 8.12 -56.88 -17.36
CA ARG D 382 8.95 -57.31 -18.48
C ARG D 382 8.09 -57.55 -19.73
N GLU D 383 6.87 -57.97 -19.51
CA GLU D 383 5.96 -58.24 -20.62
C GLU D 383 5.35 -56.95 -21.20
N GLY D 384 5.11 -55.99 -20.33
CA GLY D 384 4.54 -54.74 -20.76
C GLY D 384 3.95 -53.94 -19.62
N ASP D 385 3.07 -53.03 -19.99
CA ASP D 385 2.42 -52.13 -19.05
C ASP D 385 0.95 -52.48 -18.91
N PHE D 386 0.47 -52.41 -17.67
CA PHE D 386 -0.91 -52.73 -17.34
C PHE D 386 -1.55 -51.66 -16.45
N LEU D 387 -2.86 -51.48 -16.59
CA LEU D 387 -3.57 -50.50 -15.80
C LEU D 387 -3.96 -51.14 -14.48
N GLY D 388 -3.82 -50.37 -13.40
CA GLY D 388 -4.16 -50.84 -12.06
C GLY D 388 -4.90 -49.76 -11.29
N ILE D 389 -5.68 -50.16 -10.31
CA ILE D 389 -6.45 -49.24 -9.48
C ILE D 389 -6.17 -49.51 -8.04
N TYR D 390 -6.16 -48.46 -7.24
CA TYR D 390 -5.88 -48.57 -5.82
C TYR D 390 -6.70 -47.58 -5.04
N ASP D 391 -7.08 -47.98 -3.82
CA ASP D 391 -7.88 -47.13 -2.94
C ASP D 391 -7.12 -46.93 -1.64
N TYR D 392 -6.59 -45.74 -1.40
CA TYR D 392 -5.82 -45.49 -0.20
C TYR D 392 -6.65 -45.35 1.09
N ARG D 393 -7.93 -45.66 1.01
CA ARG D 393 -8.80 -45.57 2.17
C ARG D 393 -9.15 -46.97 2.64
N THR D 394 -9.67 -47.79 1.74
CA THR D 394 -10.05 -49.15 2.08
C THR D 394 -8.84 -50.09 2.06
N GLY D 395 -7.97 -49.87 1.08
CA GLY D 395 -6.77 -50.70 0.95
C GLY D 395 -6.79 -51.59 -0.28
N LYS D 396 -7.98 -51.86 -0.81
CA LYS D 396 -8.14 -52.70 -2.00
C LYS D 396 -7.30 -52.18 -3.16
N ALA D 397 -6.72 -53.09 -3.94
CA ALA D 397 -5.89 -52.70 -5.07
C ALA D 397 -5.84 -53.78 -6.15
N GLU D 398 -6.87 -53.81 -7.00
CA GLU D 398 -6.91 -54.80 -8.06
C GLU D 398 -5.85 -54.42 -9.10
N LYS D 399 -5.49 -55.38 -9.96
CA LYS D 399 -4.48 -55.12 -11.00
C LYS D 399 -4.81 -55.92 -12.25
N PHE D 400 -5.39 -55.25 -13.25
CA PHE D 400 -5.77 -55.91 -14.49
C PHE D 400 -4.64 -56.63 -15.21
N GLU D 401 -5.03 -57.54 -16.11
CA GLU D 401 -4.08 -58.37 -16.86
C GLU D 401 -3.96 -57.94 -18.33
N GLU D 402 -4.96 -57.24 -18.84
CA GLU D 402 -4.95 -56.78 -20.21
C GLU D 402 -3.70 -55.94 -20.52
N ASN D 403 -2.85 -56.45 -21.40
CA ASN D 403 -1.62 -55.76 -21.76
C ASN D 403 -1.90 -54.53 -22.64
N LEU D 404 -1.35 -53.37 -22.28
CA LEU D 404 -1.61 -52.17 -23.06
C LEU D 404 -0.46 -51.76 -23.95
N GLY D 405 0.64 -52.48 -23.85
CA GLY D 405 1.80 -52.14 -24.65
C GLY D 405 2.65 -51.24 -23.79
N ASN D 406 3.35 -50.31 -24.40
CA ASN D 406 4.19 -49.40 -23.63
C ASN D 406 3.50 -48.08 -23.49
N VAL D 407 2.89 -47.90 -22.33
CA VAL D 407 2.16 -46.69 -22.06
C VAL D 407 3.02 -45.47 -21.82
N PHE D 408 2.60 -44.36 -22.41
CA PHE D 408 3.35 -43.15 -22.23
C PHE D 408 2.49 -41.99 -21.80
N ALA D 409 1.19 -42.23 -21.69
CA ALA D 409 0.28 -41.18 -21.27
C ALA D 409 -0.96 -41.88 -20.73
N MET D 410 -1.50 -41.34 -19.65
CA MET D 410 -2.64 -41.96 -19.01
C MET D 410 -3.52 -40.98 -18.26
N GLY D 411 -4.80 -41.02 -18.55
CA GLY D 411 -5.72 -40.12 -17.85
C GLY D 411 -6.99 -40.84 -17.43
N VAL D 412 -7.74 -40.22 -16.51
CA VAL D 412 -8.98 -40.83 -16.06
C VAL D 412 -10.09 -39.83 -16.16
N ASP D 413 -11.29 -40.28 -16.54
CA ASP D 413 -12.40 -39.34 -16.66
C ASP D 413 -12.77 -38.83 -15.29
N ARG D 414 -13.48 -37.72 -15.28
CA ARG D 414 -13.85 -37.13 -14.02
C ARG D 414 -14.87 -37.95 -13.25
N ASN D 415 -15.58 -38.82 -13.96
CA ASN D 415 -16.60 -39.63 -13.33
C ASN D 415 -16.04 -40.98 -12.87
N GLY D 416 -14.74 -41.19 -13.09
CA GLY D 416 -14.07 -42.43 -12.67
C GLY D 416 -14.52 -43.78 -13.22
N LYS D 417 -15.06 -43.81 -14.44
CA LYS D 417 -15.52 -45.06 -15.02
C LYS D 417 -14.53 -45.62 -16.03
N PHE D 418 -13.85 -44.75 -16.77
CA PHE D 418 -12.89 -45.26 -17.74
C PHE D 418 -11.60 -44.43 -17.71
N ALA D 419 -10.60 -44.87 -18.46
CA ALA D 419 -9.34 -44.17 -18.52
C ALA D 419 -8.90 -44.12 -19.98
N VAL D 420 -8.11 -43.11 -20.35
CA VAL D 420 -7.62 -43.03 -21.74
C VAL D 420 -6.12 -43.31 -21.67
N VAL D 421 -5.61 -44.16 -22.57
CA VAL D 421 -4.20 -44.54 -22.59
C VAL D 421 -3.54 -44.44 -23.98
N ALA D 422 -2.27 -44.04 -23.99
CA ALA D 422 -1.47 -43.92 -25.21
C ALA D 422 -0.25 -44.82 -25.07
N ASN D 423 0.12 -45.49 -26.16
CA ASN D 423 1.28 -46.38 -26.18
C ASN D 423 2.20 -46.13 -27.37
N ASP D 424 3.31 -46.86 -27.38
CA ASP D 424 4.32 -46.74 -28.41
C ASP D 424 3.86 -47.37 -29.74
N ARG D 425 2.65 -47.90 -29.75
CA ARG D 425 2.10 -48.48 -30.96
C ARG D 425 1.32 -47.37 -31.67
N PHE D 426 1.34 -46.17 -31.11
CA PHE D 426 0.65 -45.00 -31.66
C PHE D 426 -0.88 -45.15 -31.52
N GLU D 427 -1.33 -45.89 -30.52
CA GLU D 427 -2.76 -46.08 -30.32
C GLU D 427 -3.28 -45.24 -29.18
N ILE D 428 -4.56 -44.92 -29.25
CA ILE D 428 -5.20 -44.20 -28.17
C ILE D 428 -6.44 -45.05 -27.89
N MET D 429 -6.64 -45.39 -26.62
CA MET D 429 -7.71 -46.28 -26.23
C MET D 429 -8.37 -45.93 -24.89
N THR D 430 -9.51 -46.56 -24.63
CA THR D 430 -10.22 -46.33 -23.37
C THR D 430 -10.27 -47.65 -22.61
N VAL D 431 -9.71 -47.69 -21.42
CA VAL D 431 -9.70 -48.90 -20.61
C VAL D 431 -10.78 -48.82 -19.54
N ASP D 432 -11.68 -49.78 -19.54
CA ASP D 432 -12.78 -49.83 -18.58
C ASP D 432 -12.21 -49.98 -17.17
N LEU D 433 -12.47 -49.04 -16.28
CA LEU D 433 -11.94 -49.14 -14.93
C LEU D 433 -12.58 -50.22 -14.08
N GLU D 434 -13.64 -50.81 -14.60
CA GLU D 434 -14.33 -51.85 -13.88
C GLU D 434 -13.88 -53.25 -14.37
N THR D 435 -14.10 -53.52 -15.65
CA THR D 435 -13.73 -54.79 -16.27
C THR D 435 -12.21 -54.92 -16.55
N GLY D 436 -11.64 -53.89 -17.18
CA GLY D 436 -10.22 -53.90 -17.49
C GLY D 436 -10.00 -53.99 -19.00
N LYS D 437 -11.07 -54.25 -19.73
CA LYS D 437 -11.00 -54.38 -21.19
C LYS D 437 -10.66 -53.08 -21.91
N PRO D 438 -9.57 -53.10 -22.69
CA PRO D 438 -9.18 -51.90 -23.44
C PRO D 438 -10.01 -51.81 -24.74
N THR D 439 -10.05 -50.64 -25.35
CA THR D 439 -10.78 -50.43 -26.59
C THR D 439 -10.11 -49.33 -27.37
N VAL D 440 -9.38 -49.73 -28.40
CA VAL D 440 -8.65 -48.80 -29.23
C VAL D 440 -9.60 -47.89 -30.02
N ILE D 441 -9.34 -46.61 -29.94
CA ILE D 441 -10.16 -45.63 -30.63
C ILE D 441 -9.59 -45.34 -32.00
N GLU D 442 -8.32 -44.95 -32.03
CA GLU D 442 -7.70 -44.65 -33.30
C GLU D 442 -6.20 -44.87 -33.20
N ARG D 443 -5.57 -45.10 -34.35
CA ARG D 443 -4.15 -45.34 -34.37
C ARG D 443 -3.44 -44.49 -35.39
N SER D 444 -2.40 -43.81 -34.91
CA SER D 444 -1.60 -42.95 -35.76
C SER D 444 -0.50 -43.79 -36.36
N ARG D 445 0.04 -43.38 -37.50
CA ARG D 445 1.11 -44.14 -38.07
C ARG D 445 2.40 -43.35 -38.05
N GLU D 446 2.36 -42.19 -37.39
CA GLU D 446 3.54 -41.33 -37.33
C GLU D 446 4.21 -41.19 -35.95
N ALA D 447 3.40 -40.91 -34.93
CA ALA D 447 3.92 -40.70 -33.58
C ALA D 447 2.85 -41.07 -32.56
N MET D 448 3.14 -40.87 -31.28
CA MET D 448 2.18 -41.24 -30.24
C MET D 448 1.08 -40.21 -30.03
N ILE D 449 -0.06 -40.68 -29.54
CA ILE D 449 -1.18 -39.80 -29.26
C ILE D 449 -1.17 -39.59 -27.76
N THR D 450 -0.25 -38.73 -27.31
CA THR D 450 -0.10 -38.46 -25.88
C THR D 450 -0.78 -37.18 -25.40
N ASP D 451 -1.23 -36.34 -26.34
CA ASP D 451 -1.87 -35.09 -25.98
C ASP D 451 -3.40 -35.17 -26.10
N PHE D 452 -4.03 -35.56 -25.02
CA PHE D 452 -5.47 -35.69 -25.03
C PHE D 452 -6.18 -35.19 -23.75
N THR D 453 -7.50 -35.03 -23.86
CA THR D 453 -8.32 -34.63 -22.74
C THR D 453 -9.75 -35.15 -22.88
N ILE D 454 -10.39 -35.37 -21.73
CA ILE D 454 -11.75 -35.86 -21.65
C ILE D 454 -12.72 -34.77 -21.19
N SER D 455 -13.84 -34.60 -21.87
CA SER D 455 -14.82 -33.59 -21.45
C SER D 455 -15.36 -33.94 -20.05
N ASP D 456 -15.75 -32.91 -19.29
CA ASP D 456 -16.24 -33.15 -17.94
C ASP D 456 -17.48 -34.03 -17.87
N ASN D 457 -18.25 -34.10 -18.94
CA ASN D 457 -19.41 -34.97 -18.90
C ASN D 457 -19.03 -36.37 -19.41
N SER D 458 -17.73 -36.63 -19.54
CA SER D 458 -17.23 -37.93 -19.98
C SER D 458 -17.77 -38.44 -21.31
N ARG D 459 -18.21 -37.54 -22.19
CA ARG D 459 -18.74 -37.95 -23.48
C ARG D 459 -17.79 -37.79 -24.64
N PHE D 460 -16.92 -36.81 -24.56
CA PHE D 460 -15.99 -36.57 -25.66
C PHE D 460 -14.52 -36.72 -25.29
N ILE D 461 -13.72 -37.15 -26.26
CA ILE D 461 -12.28 -37.28 -26.02
C ILE D 461 -11.53 -36.56 -27.15
N ALA D 462 -10.92 -35.42 -26.83
CA ALA D 462 -10.17 -34.65 -27.82
C ALA D 462 -8.68 -34.98 -27.70
N TYR D 463 -7.99 -35.06 -28.85
CA TYR D 463 -6.56 -35.38 -28.84
C TYR D 463 -5.84 -34.99 -30.11
N GLY D 464 -4.54 -34.77 -30.00
CA GLY D 464 -3.74 -34.38 -31.15
C GLY D 464 -3.41 -35.65 -31.91
N PHE D 465 -3.72 -35.67 -33.20
CA PHE D 465 -3.49 -36.85 -34.01
C PHE D 465 -2.37 -36.60 -35.05
N PRO D 466 -1.19 -37.18 -34.81
CA PRO D 466 -0.11 -36.96 -35.79
C PRO D 466 -0.42 -37.65 -37.12
N LEU D 467 -0.16 -36.93 -38.22
CA LEU D 467 -0.44 -37.45 -39.56
C LEU D 467 0.49 -36.85 -40.61
N LYS D 468 0.59 -37.53 -41.74
CA LYS D 468 1.40 -37.06 -42.88
C LYS D 468 0.65 -37.21 -44.18
N HIS D 469 0.82 -36.23 -45.06
CA HIS D 469 0.14 -36.28 -46.34
C HIS D 469 0.75 -37.40 -47.17
N GLY D 470 2.07 -37.50 -47.17
CA GLY D 470 2.72 -38.55 -47.94
C GLY D 470 3.58 -39.47 -47.12
N GLU D 471 3.84 -40.66 -47.65
CA GLU D 471 4.66 -41.64 -46.94
C GLU D 471 6.08 -41.12 -46.67
N THR D 472 6.66 -40.41 -47.63
CA THR D 472 8.01 -39.87 -47.49
C THR D 472 8.02 -38.37 -47.22
N ASP D 473 6.98 -37.92 -46.53
CA ASP D 473 6.83 -36.52 -46.19
C ASP D 473 7.86 -36.04 -45.16
N GLY D 474 8.35 -34.83 -45.33
CA GLY D 474 9.36 -34.31 -44.42
C GLY D 474 8.87 -33.77 -43.09
N TYR D 475 7.60 -33.41 -43.03
CA TYR D 475 7.04 -32.88 -41.80
C TYR D 475 5.82 -33.69 -41.33
N VAL D 476 5.61 -33.72 -40.02
CA VAL D 476 4.48 -34.44 -39.45
C VAL D 476 3.46 -33.45 -38.96
N MET D 477 2.27 -33.46 -39.56
CA MET D 477 1.22 -32.54 -39.11
C MET D 477 0.46 -33.15 -37.96
N GLN D 478 -0.37 -32.33 -37.31
CA GLN D 478 -1.16 -32.79 -36.19
C GLN D 478 -2.52 -32.10 -36.22
N ALA D 479 -3.56 -32.92 -36.16
CA ALA D 479 -4.93 -32.40 -36.19
C ALA D 479 -5.64 -32.87 -34.95
N ILE D 480 -6.49 -32.03 -34.37
CA ILE D 480 -7.24 -32.44 -33.18
C ILE D 480 -8.42 -33.32 -33.60
N HIS D 481 -8.59 -34.43 -32.91
CA HIS D 481 -9.71 -35.31 -33.21
C HIS D 481 -10.61 -35.37 -31.97
N VAL D 482 -11.91 -35.57 -32.20
CA VAL D 482 -12.85 -35.66 -31.10
C VAL D 482 -13.66 -36.94 -31.25
N TYR D 483 -13.50 -37.82 -30.26
CA TYR D 483 -14.20 -39.09 -30.21
C TYR D 483 -15.40 -38.91 -29.31
N ASP D 484 -16.55 -39.36 -29.79
CA ASP D 484 -17.83 -39.28 -29.06
C ASP D 484 -18.18 -40.65 -28.48
N MET D 485 -18.26 -40.75 -27.17
CA MET D 485 -18.60 -42.04 -26.55
C MET D 485 -19.92 -42.60 -27.07
N GLU D 486 -20.86 -41.72 -27.36
CA GLU D 486 -22.14 -42.15 -27.88
C GLU D 486 -22.02 -42.04 -29.37
N GLY D 487 -22.34 -43.13 -30.07
CA GLY D 487 -22.23 -43.12 -31.52
C GLY D 487 -20.89 -43.69 -31.88
N ARG D 488 -19.95 -43.55 -30.95
CA ARG D 488 -18.61 -44.08 -31.12
C ARG D 488 -18.01 -43.71 -32.48
N LYS D 489 -18.02 -42.42 -32.81
CA LYS D 489 -17.44 -41.95 -34.07
C LYS D 489 -16.43 -40.80 -33.84
N ILE D 490 -15.40 -40.77 -34.67
CA ILE D 490 -14.36 -39.77 -34.57
C ILE D 490 -14.64 -38.59 -35.48
N PHE D 491 -14.58 -37.39 -34.93
CA PHE D 491 -14.81 -36.21 -35.75
C PHE D 491 -13.54 -35.37 -35.83
N ALA D 492 -13.42 -34.58 -36.89
CA ALA D 492 -12.24 -33.74 -37.08
C ALA D 492 -12.46 -32.36 -36.49
N ALA D 493 -11.68 -32.01 -35.47
CA ALA D 493 -11.81 -30.67 -34.85
C ALA D 493 -11.11 -29.59 -35.66
N THR D 494 -9.97 -29.95 -36.27
CA THR D 494 -9.22 -29.02 -37.09
C THR D 494 -8.74 -29.68 -38.37
N THR D 495 -8.30 -28.86 -39.30
CA THR D 495 -7.79 -29.33 -40.60
C THR D 495 -6.38 -29.90 -40.39
N GLU D 496 -5.78 -30.48 -41.43
CA GLU D 496 -4.46 -31.07 -41.24
C GLU D 496 -3.33 -30.37 -41.94
N ASN D 497 -3.23 -29.07 -41.73
CA ASN D 497 -2.17 -28.33 -42.41
C ASN D 497 -1.06 -27.78 -41.51
N SER D 498 -1.20 -27.96 -40.20
CA SER D 498 -0.16 -27.50 -39.30
C SER D 498 -0.12 -28.35 -38.04
N HIS D 499 0.05 -27.70 -36.91
CA HIS D 499 0.18 -28.39 -35.63
C HIS D 499 -0.84 -27.81 -34.63
N ASP D 500 -1.84 -28.59 -34.28
CA ASP D 500 -2.86 -28.16 -33.34
C ASP D 500 -2.68 -29.07 -32.13
N TYR D 501 -2.70 -28.49 -30.93
CA TYR D 501 -2.42 -29.26 -29.70
C TYR D 501 -3.04 -28.66 -28.46
N ALA D 502 -2.71 -29.26 -27.33
CA ALA D 502 -3.17 -28.80 -26.02
C ALA D 502 -4.69 -28.61 -25.99
N PRO D 503 -5.45 -29.58 -26.51
CA PRO D 503 -6.91 -29.42 -26.48
C PRO D 503 -7.44 -29.36 -25.03
N ALA D 504 -8.55 -28.66 -24.81
CA ALA D 504 -9.14 -28.52 -23.47
C ALA D 504 -10.64 -28.16 -23.54
N PHE D 505 -11.45 -28.83 -22.74
CA PHE D 505 -12.90 -28.56 -22.74
C PHE D 505 -13.22 -27.60 -21.59
N ASP D 506 -14.34 -26.90 -21.71
CA ASP D 506 -14.73 -25.99 -20.64
C ASP D 506 -15.63 -26.77 -19.71
N ALA D 507 -15.82 -26.28 -18.50
CA ALA D 507 -16.64 -26.95 -17.50
C ALA D 507 -17.97 -27.49 -18.04
N ASP D 508 -18.76 -26.63 -18.67
CA ASP D 508 -20.06 -27.05 -19.22
C ASP D 508 -19.98 -28.03 -20.36
N SER D 509 -18.78 -28.21 -20.89
CA SER D 509 -18.58 -29.10 -22.01
C SER D 509 -19.33 -28.59 -23.25
N LYS D 510 -19.26 -27.28 -23.49
CA LYS D 510 -19.91 -26.67 -24.64
C LYS D 510 -18.94 -26.15 -25.72
N ASN D 511 -17.68 -26.01 -25.35
CA ASN D 511 -16.67 -25.54 -26.28
C ASN D 511 -15.37 -26.30 -26.11
N LEU D 512 -14.62 -26.42 -27.19
CA LEU D 512 -13.33 -27.11 -27.14
C LEU D 512 -12.27 -26.11 -27.47
N TYR D 513 -11.42 -25.77 -26.51
CA TYR D 513 -10.35 -24.79 -26.77
C TYR D 513 -9.08 -25.56 -27.07
N TYR D 514 -8.16 -24.91 -27.77
CA TYR D 514 -6.91 -25.58 -28.10
C TYR D 514 -5.88 -24.56 -28.61
N LEU D 515 -4.67 -24.99 -28.88
CA LEU D 515 -3.64 -24.09 -29.40
C LEU D 515 -3.17 -24.60 -30.76
N SER D 516 -2.44 -23.75 -31.48
CA SER D 516 -1.88 -24.15 -32.76
C SER D 516 -0.84 -23.14 -33.24
N TYR D 517 0.13 -23.65 -34.00
CA TYR D 517 1.20 -22.84 -34.55
C TYR D 517 0.80 -22.44 -35.96
N ARG D 518 -0.34 -21.76 -36.09
CA ARG D 518 -0.77 -21.36 -37.41
C ARG D 518 -0.63 -19.87 -37.68
N SER D 519 -0.46 -19.06 -36.64
CA SER D 519 -0.32 -17.63 -36.86
C SER D 519 1.09 -17.27 -37.36
N LEU D 520 1.36 -17.58 -38.61
CA LEU D 520 2.65 -17.36 -39.20
C LEU D 520 3.08 -15.92 -39.33
N ASP D 521 4.29 -15.64 -38.85
CA ASP D 521 4.87 -14.30 -38.89
C ASP D 521 6.36 -14.52 -38.65
N PRO D 522 7.20 -14.09 -39.60
CA PRO D 522 8.64 -14.28 -39.42
C PRO D 522 9.33 -13.30 -38.45
N SER D 523 10.32 -13.77 -37.70
CA SER D 523 11.05 -12.89 -36.80
C SER D 523 12.44 -12.87 -37.40
N PRO D 524 13.04 -11.68 -37.46
CA PRO D 524 14.37 -11.52 -38.05
C PRO D 524 15.53 -12.05 -37.22
N ASP D 525 16.52 -12.65 -37.87
CA ASP D 525 17.71 -13.17 -37.20
C ASP D 525 18.65 -11.97 -37.06
N ARG D 526 19.18 -11.74 -35.86
CA ARG D 526 20.05 -10.57 -35.67
C ARG D 526 21.48 -10.71 -36.16
N VAL D 527 21.88 -11.91 -36.59
CA VAL D 527 23.25 -12.06 -37.05
C VAL D 527 23.36 -12.45 -38.51
N VAL D 528 22.65 -13.50 -38.87
CA VAL D 528 22.68 -14.03 -40.25
C VAL D 528 21.41 -13.67 -41.01
N LEU D 529 21.51 -13.48 -42.33
CA LEU D 529 20.30 -13.17 -43.10
C LEU D 529 19.40 -14.41 -43.00
N ASN D 530 18.38 -14.34 -42.16
CA ASN D 530 17.48 -15.46 -41.95
C ASN D 530 16.23 -15.00 -41.19
N PHE D 531 15.18 -15.83 -41.19
CA PHE D 531 13.98 -15.50 -40.45
C PHE D 531 13.41 -16.82 -39.99
N SER D 532 12.68 -16.82 -38.87
CA SER D 532 12.07 -18.07 -38.41
C SER D 532 10.77 -17.75 -37.68
N PHE D 533 9.98 -18.79 -37.44
CA PHE D 533 8.73 -18.60 -36.74
C PHE D 533 8.91 -18.79 -35.23
N GLU D 534 9.08 -17.66 -34.55
CA GLU D 534 9.28 -17.64 -33.11
C GLU D 534 7.98 -17.51 -32.33
N VAL D 535 7.16 -16.52 -32.67
CA VAL D 535 5.91 -16.31 -31.97
C VAL D 535 4.69 -16.45 -32.86
N VAL D 536 4.37 -17.71 -33.19
CA VAL D 536 3.24 -18.01 -34.07
C VAL D 536 2.17 -18.92 -33.42
N SER D 537 2.16 -18.98 -32.10
CA SER D 537 1.22 -19.80 -31.39
C SER D 537 0.01 -18.97 -30.95
N LYS D 538 -1.19 -19.48 -31.23
CA LYS D 538 -2.40 -18.76 -30.89
C LYS D 538 -3.52 -19.71 -30.50
N PRO D 539 -4.34 -19.30 -29.52
CA PRO D 539 -5.47 -20.12 -29.04
C PRO D 539 -6.73 -20.05 -29.94
N PHE D 540 -7.49 -21.13 -29.99
CA PHE D 540 -8.70 -21.17 -30.81
C PHE D 540 -9.76 -21.91 -30.05
N VAL D 541 -11.01 -21.73 -30.45
CA VAL D 541 -12.08 -22.42 -29.77
C VAL D 541 -13.06 -22.90 -30.79
N ILE D 542 -13.81 -23.92 -30.41
CA ILE D 542 -14.80 -24.51 -31.29
C ILE D 542 -16.02 -24.84 -30.47
N PRO D 543 -17.14 -24.16 -30.76
CA PRO D 543 -18.39 -24.43 -30.03
C PRO D 543 -19.00 -25.76 -30.49
N LEU D 544 -19.28 -26.62 -29.52
CA LEU D 544 -19.82 -27.92 -29.80
C LEU D 544 -21.25 -27.87 -30.30
N ILE D 545 -21.87 -26.71 -30.15
CA ILE D 545 -23.24 -26.55 -30.63
C ILE D 545 -23.27 -25.54 -31.75
N PRO D 546 -23.51 -26.00 -32.98
CA PRO D 546 -23.57 -25.11 -34.13
C PRO D 546 -24.47 -23.91 -33.86
N GLY D 547 -24.02 -22.75 -34.31
CA GLY D 547 -24.82 -21.54 -34.15
C GLY D 547 -24.44 -20.76 -32.91
N SER D 548 -23.78 -21.47 -32.01
CA SER D 548 -23.33 -20.85 -30.79
C SER D 548 -22.03 -20.15 -31.18
N PRO D 549 -21.89 -18.88 -30.78
CA PRO D 549 -20.68 -18.13 -31.09
C PRO D 549 -19.54 -18.38 -30.12
N ASN D 550 -18.38 -17.82 -30.49
CA ASN D 550 -17.17 -17.90 -29.70
C ASN D 550 -17.41 -17.08 -28.44
N PRO D 551 -17.46 -17.74 -27.28
CA PRO D 551 -17.69 -16.99 -26.06
C PRO D 551 -16.75 -15.80 -25.83
N THR D 552 -15.45 -15.97 -25.97
CA THR D 552 -14.59 -14.81 -25.73
C THR D 552 -14.97 -13.58 -26.54
N LYS D 553 -15.77 -13.76 -27.60
CA LYS D 553 -16.19 -12.61 -28.42
C LYS D 553 -17.16 -11.67 -27.72
N LEU D 554 -17.77 -12.15 -26.64
CA LEU D 554 -18.70 -11.31 -25.88
C LEU D 554 -19.91 -10.86 -26.68
N VAL D 555 -20.48 -11.78 -27.45
CA VAL D 555 -21.66 -11.48 -28.26
C VAL D 555 -22.87 -11.54 -27.33
N PRO D 556 -23.56 -10.41 -27.12
CA PRO D 556 -24.75 -10.31 -26.26
C PRO D 556 -25.64 -11.54 -26.38
N ARG D 557 -25.97 -12.13 -25.24
CA ARG D 557 -26.82 -13.31 -25.25
C ARG D 557 -28.16 -13.03 -25.91
N SER D 558 -28.73 -11.87 -25.61
CA SER D 558 -30.02 -11.48 -26.17
C SER D 558 -30.00 -11.32 -27.67
N MET D 559 -28.79 -11.21 -28.22
CA MET D 559 -28.63 -11.05 -29.65
C MET D 559 -28.22 -12.36 -30.35
N THR D 560 -28.30 -13.48 -29.63
CA THR D 560 -27.96 -14.78 -30.20
C THR D 560 -29.07 -15.78 -29.90
N SER D 561 -29.12 -16.88 -30.65
CA SER D 561 -30.14 -17.91 -30.44
C SER D 561 -29.50 -19.30 -30.35
N GLU D 562 -28.88 -19.60 -29.21
CA GLU D 562 -28.24 -20.90 -29.03
C GLU D 562 -29.28 -21.98 -28.75
N ALA D 563 -29.15 -22.61 -27.59
CA ALA D 563 -30.07 -23.67 -27.18
C ALA D 563 -30.07 -24.85 -28.16
N GLY D 564 -29.26 -24.76 -29.21
CA GLY D 564 -29.19 -25.84 -30.17
C GLY D 564 -28.78 -27.14 -29.48
N GLU D 565 -28.49 -28.16 -30.26
CA GLU D 565 -28.09 -29.45 -29.70
C GLU D 565 -26.69 -29.80 -30.25
N TYR D 566 -25.98 -30.71 -29.60
CA TYR D 566 -24.62 -31.12 -30.03
C TYR D 566 -24.56 -31.54 -31.48
N ASP D 567 -23.50 -31.16 -32.17
CA ASP D 567 -23.32 -31.55 -33.56
C ASP D 567 -21.85 -31.34 -33.85
N LEU D 568 -21.08 -32.42 -33.91
CA LEU D 568 -19.66 -32.29 -34.16
C LEU D 568 -19.28 -32.30 -35.63
N ASN D 569 -20.25 -32.36 -36.54
CA ASN D 569 -19.90 -32.36 -37.97
C ASN D 569 -19.38 -31.04 -38.48
N ASP D 570 -18.39 -31.09 -39.36
CA ASP D 570 -17.83 -29.87 -39.92
C ASP D 570 -17.65 -28.83 -38.87
N MET D 571 -17.03 -29.23 -37.75
CA MET D 571 -16.82 -28.29 -36.67
C MET D 571 -15.53 -27.45 -36.91
N TYR D 572 -14.61 -27.97 -37.70
CA TYR D 572 -13.41 -27.23 -37.99
C TYR D 572 -13.75 -25.97 -38.78
N LYS D 573 -14.96 -25.89 -39.30
CA LYS D 573 -15.35 -24.70 -40.07
C LYS D 573 -15.83 -23.58 -39.13
N ARG D 574 -16.30 -23.97 -37.95
CA ARG D 574 -16.81 -23.01 -36.96
C ARG D 574 -15.69 -22.47 -36.08
N SER D 575 -14.48 -22.99 -36.28
CA SER D 575 -13.33 -22.58 -35.48
C SER D 575 -13.24 -21.09 -35.45
N SER D 576 -12.72 -20.59 -34.35
CA SER D 576 -12.59 -19.16 -34.16
C SER D 576 -11.43 -18.88 -33.21
N PRO D 577 -10.64 -17.84 -33.52
CA PRO D 577 -9.50 -17.49 -32.67
C PRO D 577 -9.91 -16.69 -31.44
N ILE D 578 -9.09 -16.74 -30.40
CA ILE D 578 -9.38 -15.96 -29.22
C ILE D 578 -8.34 -14.82 -29.28
N ASN D 579 -8.86 -13.59 -29.24
CA ASN D 579 -8.07 -12.37 -29.32
C ASN D 579 -6.93 -12.24 -28.31
N VAL D 580 -5.92 -13.07 -28.45
CA VAL D 580 -4.79 -13.04 -27.56
C VAL D 580 -3.53 -12.94 -28.45
N ASP D 581 -2.64 -12.00 -28.17
CA ASP D 581 -1.46 -11.83 -29.00
C ASP D 581 -0.70 -13.13 -29.20
N PRO D 582 -0.11 -13.35 -30.40
CA PRO D 582 0.64 -14.58 -30.66
C PRO D 582 1.81 -14.75 -29.71
N GLY D 583 2.47 -15.90 -29.76
CA GLY D 583 3.59 -16.15 -28.89
C GLY D 583 3.99 -17.61 -28.95
N ASP D 584 4.27 -18.22 -27.80
CA ASP D 584 4.65 -19.63 -27.70
C ASP D 584 3.94 -20.22 -26.46
N TYR D 585 2.70 -20.66 -26.69
CA TYR D 585 1.83 -21.23 -25.67
C TYR D 585 1.83 -22.76 -25.62
N ARG D 586 1.91 -23.33 -24.41
CA ARG D 586 1.94 -24.78 -24.27
C ARG D 586 0.67 -25.35 -23.65
N MET D 587 -0.14 -24.47 -23.05
CA MET D 587 -1.34 -24.92 -22.39
C MET D 587 -2.39 -23.83 -22.32
N ILE D 588 -3.66 -24.22 -22.49
CA ILE D 588 -4.76 -23.26 -22.44
C ILE D 588 -5.82 -23.83 -21.48
N ILE D 589 -6.17 -23.07 -20.46
CA ILE D 589 -7.14 -23.51 -19.49
C ILE D 589 -8.32 -22.57 -19.41
N PRO D 590 -9.46 -22.97 -19.97
CA PRO D 590 -10.68 -22.15 -19.98
C PRO D 590 -11.38 -22.15 -18.61
N LEU D 591 -11.71 -20.95 -18.16
CA LEU D 591 -12.39 -20.77 -16.88
C LEU D 591 -13.65 -19.97 -17.10
N GLU D 592 -14.34 -19.69 -15.99
CA GLU D 592 -15.59 -18.95 -16.04
C GLU D 592 -15.53 -17.61 -16.80
N SER D 593 -14.66 -16.71 -16.36
CA SER D 593 -14.57 -15.42 -17.01
C SER D 593 -13.13 -15.05 -17.38
N SER D 594 -12.28 -16.07 -17.44
CA SER D 594 -10.87 -15.88 -17.81
C SER D 594 -10.28 -17.13 -18.43
N ILE D 595 -9.12 -16.97 -19.04
CA ILE D 595 -8.42 -18.10 -19.65
C ILE D 595 -6.99 -18.09 -19.09
N LEU D 596 -6.49 -19.26 -18.70
CA LEU D 596 -5.13 -19.37 -18.21
C LEU D 596 -4.32 -19.86 -19.39
N ILE D 597 -3.15 -19.26 -19.59
CA ILE D 597 -2.30 -19.65 -20.69
C ILE D 597 -0.86 -19.79 -20.25
N TYR D 598 -0.25 -20.91 -20.56
CA TYR D 598 1.12 -21.15 -20.20
C TYR D 598 1.98 -20.67 -21.36
N SER D 599 2.77 -19.64 -21.12
CA SER D 599 3.63 -19.07 -22.15
C SER D 599 5.10 -19.31 -21.91
N VAL D 600 5.84 -19.44 -23.00
CA VAL D 600 7.27 -19.65 -22.90
C VAL D 600 7.96 -18.64 -23.73
N PRO D 601 8.66 -17.71 -23.09
CA PRO D 601 9.39 -16.64 -23.78
C PRO D 601 10.49 -17.22 -24.68
N VAL D 602 10.76 -16.56 -25.81
CA VAL D 602 11.80 -17.03 -26.72
C VAL D 602 13.16 -17.03 -26.02
N HIS D 603 13.89 -18.11 -26.20
CA HIS D 603 15.18 -18.26 -25.54
C HIS D 603 16.16 -19.09 -26.38
N GLY D 604 17.42 -19.10 -25.95
CA GLY D 604 18.45 -19.87 -26.65
C GLY D 604 18.26 -21.33 -26.29
N GLU D 605 18.77 -22.22 -27.11
CA GLU D 605 18.64 -23.65 -26.84
C GLU D 605 19.91 -24.29 -26.33
N PHE D 606 21.00 -23.53 -26.26
CA PHE D 606 22.24 -24.12 -25.83
C PHE D 606 22.21 -24.92 -24.54
N ALA D 607 21.79 -24.29 -23.46
CA ALA D 607 21.78 -24.98 -22.16
C ALA D 607 20.85 -26.17 -22.16
N ALA D 608 19.75 -26.06 -22.90
CA ALA D 608 18.78 -27.14 -22.96
C ALA D 608 19.31 -28.33 -23.75
N TYR D 609 20.05 -28.05 -24.80
CA TYR D 609 20.60 -29.10 -25.67
C TYR D 609 21.75 -29.88 -25.05
N TYR D 610 22.59 -29.21 -24.28
CA TYR D 610 23.71 -29.86 -23.65
C TYR D 610 23.47 -30.11 -22.15
N GLN D 611 23.48 -29.03 -21.37
CA GLN D 611 23.28 -29.07 -19.93
C GLN D 611 21.93 -29.66 -19.57
N GLY D 612 21.02 -29.73 -20.53
CA GLY D 612 19.69 -30.27 -20.23
C GLY D 612 18.76 -29.32 -19.45
N ALA D 613 19.15 -28.06 -19.31
CA ALA D 613 18.36 -27.06 -18.59
C ALA D 613 16.91 -27.05 -19.04
N PRO D 614 15.97 -26.96 -18.08
CA PRO D 614 14.53 -26.94 -18.32
C PRO D 614 14.10 -25.62 -18.94
N GLU D 615 12.99 -25.67 -19.65
CA GLU D 615 12.42 -24.51 -20.32
C GLU D 615 11.66 -23.63 -19.32
N LYS D 616 11.95 -22.33 -19.33
CA LYS D 616 11.27 -21.39 -18.43
C LYS D 616 9.96 -20.84 -19.02
N GLY D 617 8.87 -21.05 -18.29
CA GLY D 617 7.58 -20.59 -18.73
C GLY D 617 6.95 -19.67 -17.69
N VAL D 618 5.73 -19.24 -17.92
CA VAL D 618 5.04 -18.36 -17.00
C VAL D 618 3.55 -18.58 -17.22
N LEU D 619 2.75 -18.48 -16.15
CA LEU D 619 1.30 -18.69 -16.23
C LEU D 619 0.58 -17.37 -16.44
N LEU D 620 0.02 -17.20 -17.63
CA LEU D 620 -0.70 -15.98 -17.97
C LEU D 620 -2.21 -16.10 -17.81
N LYS D 621 -2.84 -14.97 -17.51
CA LYS D 621 -4.29 -14.91 -17.34
C LYS D 621 -4.89 -13.92 -18.29
N TYR D 622 -5.93 -14.36 -18.99
CA TYR D 622 -6.63 -13.51 -19.93
C TYR D 622 -8.07 -13.34 -19.43
N ASP D 623 -8.42 -12.10 -19.10
CA ASP D 623 -9.76 -11.79 -18.61
C ASP D 623 -10.67 -11.66 -19.84
N VAL D 624 -11.67 -12.53 -19.96
CA VAL D 624 -12.55 -12.47 -21.13
C VAL D 624 -13.22 -11.11 -21.28
N LYS D 625 -13.63 -10.52 -20.16
CA LYS D 625 -14.29 -9.23 -20.13
C LYS D 625 -13.38 -8.05 -20.51
N THR D 626 -12.34 -7.85 -19.72
CA THR D 626 -11.40 -6.75 -19.93
C THR D 626 -10.44 -6.97 -21.09
N ARG D 627 -10.31 -8.24 -21.50
CA ARG D 627 -9.41 -8.66 -22.58
C ARG D 627 -7.96 -8.32 -22.22
N LYS D 628 -7.73 -8.01 -20.96
CA LYS D 628 -6.42 -7.66 -20.46
C LYS D 628 -5.66 -8.93 -20.04
N VAL D 629 -4.34 -8.88 -20.19
CA VAL D 629 -3.49 -10.00 -19.84
C VAL D 629 -2.56 -9.68 -18.68
N THR D 630 -2.39 -10.63 -17.78
CA THR D 630 -1.54 -10.44 -16.62
C THR D 630 -0.77 -11.70 -16.28
N GLU D 631 0.21 -11.55 -15.40
CA GLU D 631 1.05 -12.66 -15.00
C GLU D 631 0.65 -13.24 -13.66
N VAL D 632 0.24 -14.49 -13.65
CA VAL D 632 -0.20 -15.14 -12.43
C VAL D 632 0.96 -15.81 -11.68
N LYS D 633 1.97 -16.27 -12.41
CA LYS D 633 3.08 -16.94 -11.73
C LYS D 633 4.24 -17.07 -12.72
N ASN D 634 5.47 -16.91 -12.26
CA ASN D 634 6.56 -17.06 -13.19
C ASN D 634 7.57 -18.09 -12.69
N ASN D 635 8.68 -18.21 -13.42
CA ASN D 635 9.74 -19.15 -13.10
C ASN D 635 9.23 -20.58 -13.07
N LEU D 636 8.32 -20.89 -13.98
CA LEU D 636 7.77 -22.23 -14.04
C LEU D 636 8.50 -23.09 -15.03
N THR D 637 8.61 -24.39 -14.74
CA THR D 637 9.26 -25.29 -15.67
C THR D 637 8.34 -26.47 -15.97
N ASP D 638 7.18 -26.49 -15.32
CA ASP D 638 6.18 -27.54 -15.52
C ASP D 638 4.92 -27.16 -14.73
N LEU D 639 3.76 -27.58 -15.23
CA LEU D 639 2.50 -27.27 -14.56
C LEU D 639 1.49 -28.38 -14.78
N ARG D 640 0.63 -28.60 -13.78
CA ARG D 640 -0.39 -29.64 -13.84
C ARG D 640 -1.63 -29.08 -13.17
N LEU D 641 -2.81 -29.37 -13.70
CA LEU D 641 -4.02 -28.86 -13.07
C LEU D 641 -4.87 -30.02 -12.54
N SER D 642 -5.52 -29.81 -11.41
CA SER D 642 -6.36 -30.85 -10.82
C SER D 642 -7.59 -31.12 -11.68
N ALA D 643 -8.42 -32.04 -11.21
CA ALA D 643 -9.63 -32.41 -11.92
C ALA D 643 -10.65 -31.29 -11.86
N ASP D 644 -10.90 -30.83 -10.63
CA ASP D 644 -11.83 -29.75 -10.36
C ASP D 644 -11.36 -28.37 -10.81
N ARG D 645 -10.27 -28.32 -11.56
CA ARG D 645 -9.72 -27.06 -12.05
C ARG D 645 -9.46 -26.05 -10.93
N LYS D 646 -9.46 -26.51 -9.69
CA LYS D 646 -9.26 -25.58 -8.58
C LYS D 646 -7.83 -25.59 -8.02
N THR D 647 -7.18 -26.75 -8.10
CA THR D 647 -5.83 -26.90 -7.58
C THR D 647 -4.74 -26.83 -8.66
N VAL D 648 -3.69 -26.09 -8.38
CA VAL D 648 -2.57 -25.98 -9.32
C VAL D 648 -1.29 -26.52 -8.68
N MET D 649 -0.59 -27.37 -9.42
CA MET D 649 0.66 -27.98 -8.99
C MET D 649 1.69 -27.60 -10.02
N VAL D 650 2.76 -26.93 -9.61
CA VAL D 650 3.78 -26.55 -10.59
C VAL D 650 5.19 -26.91 -10.15
N ARG D 651 6.12 -26.74 -11.06
CA ARG D 651 7.52 -27.00 -10.79
C ARG D 651 8.20 -25.72 -11.20
N LYS D 652 9.02 -25.15 -10.32
CA LYS D 652 9.71 -23.93 -10.65
C LYS D 652 11.14 -24.22 -11.05
N ASP D 653 11.84 -23.18 -11.50
CA ASP D 653 13.22 -23.30 -11.94
C ASP D 653 14.18 -23.75 -10.82
N ASP D 654 13.82 -23.53 -9.56
CA ASP D 654 14.68 -23.95 -8.47
C ASP D 654 14.55 -25.46 -8.31
N GLY D 655 13.67 -26.06 -9.11
CA GLY D 655 13.49 -27.50 -9.05
C GLY D 655 12.46 -28.00 -8.07
N LYS D 656 11.94 -27.13 -7.22
CA LYS D 656 10.95 -27.54 -6.22
C LYS D 656 9.52 -27.59 -6.77
N ILE D 657 8.68 -28.40 -6.14
CA ILE D 657 7.29 -28.51 -6.57
C ILE D 657 6.41 -27.67 -5.66
N TYR D 658 5.47 -26.94 -6.24
CA TYR D 658 4.58 -26.12 -5.44
C TYR D 658 3.11 -26.34 -5.78
N THR D 659 2.24 -25.91 -4.88
CA THR D 659 0.82 -26.08 -5.10
C THR D 659 0.05 -24.88 -4.56
N PHE D 660 -0.76 -24.27 -5.41
CA PHE D 660 -1.58 -23.13 -5.03
C PHE D 660 -2.94 -23.20 -5.67
N PRO D 661 -3.98 -22.73 -4.96
CA PRO D 661 -5.35 -22.75 -5.47
C PRO D 661 -5.44 -21.76 -6.63
N LEU D 662 -6.13 -22.17 -7.70
CA LEU D 662 -6.29 -21.33 -8.87
C LEU D 662 -6.95 -20.00 -8.52
N GLU D 663 -7.85 -20.04 -7.55
CA GLU D 663 -8.58 -18.85 -7.08
C GLU D 663 -7.64 -17.85 -6.39
N LYS D 664 -6.80 -18.35 -5.48
CA LYS D 664 -5.87 -17.49 -4.77
C LYS D 664 -4.41 -17.96 -4.93
N PRO D 665 -3.81 -17.72 -6.10
CA PRO D 665 -2.43 -18.13 -6.40
C PRO D 665 -1.41 -17.48 -5.48
N GLU D 666 -1.90 -16.62 -4.60
CA GLU D 666 -1.00 -15.95 -3.67
C GLU D 666 -0.61 -16.93 -2.56
N ASP D 667 -1.47 -17.92 -2.30
CA ASP D 667 -1.24 -18.90 -1.23
C ASP D 667 -0.68 -20.24 -1.68
N GLU D 668 0.57 -20.26 -2.14
CA GLU D 668 1.20 -21.50 -2.58
C GLU D 668 1.98 -22.10 -1.44
N ARG D 669 2.08 -23.43 -1.44
CA ARG D 669 2.84 -24.17 -0.44
C ARG D 669 3.88 -25.02 -1.17
N THR D 670 4.94 -25.36 -0.46
CA THR D 670 6.01 -26.17 -1.02
C THR D 670 5.76 -27.66 -0.77
N VAL D 671 5.84 -28.48 -1.80
CA VAL D 671 5.63 -29.90 -1.58
C VAL D 671 6.89 -30.57 -1.06
N GLU D 672 6.80 -31.20 0.10
CA GLU D 672 7.96 -31.89 0.65
C GLU D 672 7.75 -33.38 0.55
N THR D 673 8.79 -34.09 0.12
CA THR D 673 8.70 -35.53 -0.05
C THR D 673 9.88 -36.27 0.57
N ASP D 674 10.89 -35.53 0.99
CA ASP D 674 12.08 -36.14 1.59
C ASP D 674 11.99 -36.38 3.10
N LYS D 675 10.79 -36.32 3.64
CA LYS D 675 10.58 -36.55 5.06
C LYS D 675 10.74 -38.06 5.31
N ARG D 676 10.09 -38.86 4.48
CA ARG D 676 10.12 -40.31 4.60
C ARG D 676 11.13 -40.88 3.60
N PRO D 677 12.12 -41.66 4.08
CA PRO D 677 13.14 -42.24 3.21
C PRO D 677 12.56 -43.22 2.18
N LEU D 678 13.28 -43.40 1.08
CA LEU D 678 12.84 -44.31 0.02
C LEU D 678 13.52 -45.65 0.33
N VAL D 679 12.74 -46.72 0.45
CA VAL D 679 13.34 -48.02 0.77
C VAL D 679 13.28 -49.04 -0.36
N SER D 680 14.43 -49.63 -0.68
CA SER D 680 14.47 -50.60 -1.76
C SER D 680 15.58 -51.66 -1.60
N SER D 681 15.53 -52.67 -2.46
CA SER D 681 16.51 -53.78 -2.47
C SER D 681 17.37 -53.69 -3.72
N ILE D 682 18.68 -53.64 -3.53
CA ILE D 682 19.62 -53.54 -4.65
C ILE D 682 19.40 -54.65 -5.68
N HIS D 683 19.44 -55.91 -5.26
CA HIS D 683 19.27 -56.97 -6.22
C HIS D 683 17.92 -56.99 -6.94
N GLU D 684 16.84 -56.67 -6.25
CA GLU D 684 15.58 -56.69 -6.97
C GLU D 684 15.53 -55.54 -7.97
N GLU D 685 16.10 -54.40 -7.62
CA GLU D 685 16.12 -53.27 -8.52
C GLU D 685 17.02 -53.58 -9.75
N PHE D 686 18.16 -54.18 -9.47
CA PHE D 686 19.11 -54.53 -10.49
C PHE D 686 18.47 -55.47 -11.50
N LEU D 687 17.76 -56.48 -11.02
CA LEU D 687 17.11 -57.42 -11.94
C LEU D 687 16.07 -56.65 -12.73
N GLN D 688 15.35 -55.77 -12.05
CA GLN D 688 14.36 -54.97 -12.71
C GLN D 688 14.99 -54.13 -13.79
N MET D 689 16.03 -53.37 -13.42
CA MET D 689 16.72 -52.48 -14.35
C MET D 689 17.32 -53.23 -15.53
N TYR D 690 17.86 -54.41 -15.27
CA TYR D 690 18.46 -55.18 -16.36
C TYR D 690 17.38 -55.53 -17.39
N ASP D 691 16.31 -56.18 -16.92
CA ASP D 691 15.24 -56.58 -17.80
C ASP D 691 14.73 -55.43 -18.63
N GLU D 692 14.67 -54.24 -18.06
CA GLU D 692 14.18 -53.11 -18.82
C GLU D 692 15.17 -52.67 -19.90
N ALA D 693 16.46 -52.59 -19.54
CA ALA D 693 17.52 -52.18 -20.48
C ALA D 693 17.50 -53.17 -21.64
N TRP D 694 17.37 -54.43 -21.29
CA TRP D 694 17.31 -55.50 -22.29
C TRP D 694 16.05 -55.36 -23.14
N LYS D 695 14.91 -55.07 -22.51
CA LYS D 695 13.67 -54.95 -23.25
C LYS D 695 13.68 -53.73 -24.19
N LEU D 696 14.26 -52.63 -23.74
CA LEU D 696 14.32 -51.43 -24.56
C LEU D 696 15.21 -51.67 -25.78
N ALA D 697 16.34 -52.31 -25.54
CA ALA D 697 17.28 -52.58 -26.61
C ALA D 697 16.62 -53.37 -27.72
N ARG D 698 15.71 -54.25 -27.35
CA ARG D 698 15.04 -55.06 -28.34
C ARG D 698 13.89 -54.33 -28.97
N ASP D 699 13.11 -53.65 -28.15
CA ASP D 699 11.96 -52.92 -28.65
C ASP D 699 12.31 -51.67 -29.47
N ASN D 700 13.51 -51.13 -29.31
CA ASN D 700 13.86 -49.93 -30.06
C ASN D 700 14.89 -50.09 -31.16
N TYR D 701 15.46 -51.28 -31.30
CA TYR D 701 16.47 -51.52 -32.35
C TYR D 701 15.85 -51.22 -33.70
N TRP D 702 16.59 -50.49 -34.55
CA TRP D 702 16.08 -50.11 -35.86
C TRP D 702 15.57 -51.29 -36.70
N ASN D 703 16.25 -52.42 -36.66
CA ASN D 703 15.84 -53.57 -37.45
C ASN D 703 15.08 -54.57 -36.59
N GLU D 704 13.75 -54.51 -36.70
CA GLU D 704 12.85 -55.39 -35.94
C GLU D 704 13.18 -56.88 -36.06
N ALA D 705 13.49 -57.32 -37.28
CA ALA D 705 13.82 -58.70 -37.52
C ALA D 705 14.96 -59.17 -36.62
N VAL D 706 16.12 -58.55 -36.78
CA VAL D 706 17.31 -58.90 -36.01
C VAL D 706 17.11 -58.89 -34.50
N ALA D 707 16.26 -57.98 -34.03
CA ALA D 707 15.99 -57.85 -32.60
C ALA D 707 15.54 -59.16 -31.96
N LYS D 708 14.49 -59.74 -32.52
CA LYS D 708 13.93 -60.99 -32.01
C LYS D 708 15.03 -62.03 -31.74
N GLU D 709 15.97 -62.15 -32.68
CA GLU D 709 17.07 -63.11 -32.55
C GLU D 709 18.16 -62.66 -31.56
N ILE D 710 18.64 -61.43 -31.73
CA ILE D 710 19.68 -60.89 -30.86
C ILE D 710 19.25 -60.90 -29.40
N SER D 711 18.07 -60.37 -29.13
CA SER D 711 17.57 -60.29 -27.77
C SER D 711 17.51 -61.64 -27.09
N GLU D 712 16.77 -62.56 -27.69
CA GLU D 712 16.60 -63.89 -27.09
C GLU D 712 17.90 -64.65 -26.91
N ARG D 713 18.88 -64.31 -27.72
CA ARG D 713 20.16 -64.99 -27.67
C ARG D 713 21.10 -64.49 -26.56
N ILE D 714 20.96 -63.23 -26.18
CA ILE D 714 21.85 -62.67 -25.18
C ILE D 714 21.26 -62.51 -23.79
N TYR D 715 19.93 -62.54 -23.69
CA TYR D 715 19.26 -62.36 -22.41
C TYR D 715 19.79 -63.17 -21.23
N GLU D 716 19.64 -64.49 -21.30
CA GLU D 716 20.07 -65.36 -20.24
C GLU D 716 21.55 -65.19 -19.88
N LYS D 717 22.41 -65.18 -20.88
CA LYS D 717 23.87 -65.04 -20.66
C LYS D 717 24.25 -63.88 -19.76
N TYR D 718 23.69 -62.71 -20.02
CA TYR D 718 24.01 -61.54 -19.21
C TYR D 718 23.19 -61.39 -17.94
N ARG D 719 22.01 -62.03 -17.91
CA ARG D 719 21.16 -61.95 -16.73
C ARG D 719 21.81 -62.68 -15.58
N ASN D 720 22.57 -63.74 -15.89
CA ASN D 720 23.23 -64.53 -14.84
C ASN D 720 24.36 -63.78 -14.14
N LEU D 721 24.74 -62.62 -14.66
CA LEU D 721 25.79 -61.85 -14.03
C LEU D 721 25.20 -60.79 -13.11
N VAL D 722 23.93 -60.48 -13.30
CA VAL D 722 23.27 -59.46 -12.49
C VAL D 722 23.49 -59.70 -11.00
N PRO D 723 23.20 -60.92 -10.51
CA PRO D 723 23.39 -61.26 -9.09
C PRO D 723 24.81 -61.09 -8.57
N LEU D 724 25.77 -60.93 -9.48
CA LEU D 724 27.14 -60.74 -9.05
C LEU D 724 27.38 -59.24 -8.86
N CYS D 725 26.45 -58.43 -9.35
CA CYS D 725 26.56 -57.00 -9.23
C CYS D 725 26.12 -56.50 -7.86
N LYS D 726 27.01 -55.78 -7.17
CA LYS D 726 26.69 -55.23 -5.85
C LYS D 726 26.60 -53.73 -5.92
N THR D 727 27.27 -53.13 -6.91
CA THR D 727 27.23 -51.67 -7.08
C THR D 727 26.59 -51.28 -8.39
N ARG D 728 26.30 -50.00 -8.56
CA ARG D 728 25.69 -49.50 -9.78
C ARG D 728 26.63 -49.72 -10.96
N TYR D 729 27.88 -49.38 -10.75
CA TYR D 729 28.92 -49.53 -11.75
C TYR D 729 28.96 -51.01 -12.16
N ASP D 730 28.88 -51.94 -11.21
CA ASP D 730 28.88 -53.36 -11.60
C ASP D 730 27.78 -53.61 -12.64
N LEU D 731 26.55 -53.25 -12.27
CA LEU D 731 25.39 -53.43 -13.13
C LEU D 731 25.67 -52.83 -14.49
N SER D 732 26.29 -51.66 -14.48
CA SER D 732 26.62 -50.98 -15.73
C SER D 732 27.47 -51.88 -16.60
N ASN D 733 28.53 -52.44 -16.02
CA ASN D 733 29.43 -53.33 -16.77
C ASN D 733 28.65 -54.44 -17.47
N VAL D 734 27.68 -55.02 -16.77
CA VAL D 734 26.89 -56.09 -17.36
C VAL D 734 25.97 -55.53 -18.46
N ILE D 735 25.19 -54.49 -18.15
CA ILE D 735 24.29 -53.92 -19.14
C ILE D 735 24.97 -53.46 -20.43
N VAL D 736 26.07 -52.74 -20.31
CA VAL D 736 26.78 -52.25 -21.49
C VAL D 736 27.23 -53.42 -22.39
N GLU D 737 27.79 -54.46 -21.77
CA GLU D 737 28.23 -55.63 -22.54
C GLU D 737 27.07 -56.26 -23.31
N MET D 738 25.88 -56.24 -22.73
CA MET D 738 24.75 -56.80 -23.43
C MET D 738 24.25 -55.83 -24.51
N GLN D 739 24.48 -54.54 -24.34
CA GLN D 739 24.08 -53.61 -25.39
C GLN D 739 25.03 -53.80 -26.60
N GLY D 740 26.30 -54.08 -26.32
CA GLY D 740 27.28 -54.28 -27.38
C GLY D 740 26.93 -55.43 -28.29
N GLU D 741 26.09 -56.34 -27.78
CA GLU D 741 25.66 -57.50 -28.55
C GLU D 741 24.89 -57.13 -29.81
N TYR D 742 24.34 -55.92 -29.86
CA TYR D 742 23.62 -55.51 -31.07
C TYR D 742 24.58 -55.08 -32.18
N ARG D 743 25.88 -55.14 -31.88
CA ARG D 743 26.92 -54.79 -32.84
C ARG D 743 26.58 -53.56 -33.66
N THR D 744 26.08 -52.54 -33.00
CA THR D 744 25.70 -51.31 -33.69
C THR D 744 26.13 -50.08 -32.89
N SER D 745 26.14 -48.93 -33.54
CA SER D 745 26.50 -47.71 -32.87
C SER D 745 25.38 -47.21 -31.96
N HIS D 746 25.63 -46.06 -31.35
CA HIS D 746 24.67 -45.39 -30.48
C HIS D 746 23.93 -46.17 -29.39
N SER D 747 24.60 -47.15 -28.78
CA SER D 747 23.98 -47.89 -27.67
C SER D 747 24.71 -47.37 -26.43
N TYR D 748 24.22 -46.24 -25.93
CA TYR D 748 24.86 -45.60 -24.79
C TYR D 748 24.12 -45.76 -23.46
N GLU D 749 24.78 -45.32 -22.39
CA GLU D 749 24.22 -45.35 -21.06
C GLU D 749 24.69 -44.06 -20.38
N MET D 750 23.75 -43.17 -20.07
CA MET D 750 24.04 -41.90 -19.45
C MET D 750 23.18 -41.72 -18.20
N GLY D 751 23.59 -40.84 -17.29
CA GLY D 751 22.81 -40.58 -16.09
C GLY D 751 22.87 -41.70 -15.09
N GLY D 752 22.08 -41.61 -14.03
CA GLY D 752 22.09 -42.65 -13.03
C GLY D 752 23.01 -42.28 -11.90
N THR D 753 22.82 -42.92 -10.76
CA THR D 753 23.61 -42.64 -9.59
C THR D 753 24.60 -43.74 -9.30
N PHE D 754 25.88 -43.45 -9.48
CA PHE D 754 26.93 -44.46 -9.23
C PHE D 754 27.67 -44.22 -7.91
N THR D 755 27.66 -42.98 -7.43
CA THR D 755 28.39 -42.66 -6.22
C THR D 755 27.82 -41.46 -5.49
N ASP D 756 28.08 -41.37 -4.20
CA ASP D 756 27.59 -40.24 -3.45
C ASP D 756 28.73 -39.25 -3.31
N LYS D 757 29.82 -39.46 -4.04
CA LYS D 757 30.97 -38.58 -3.99
C LYS D 757 30.76 -37.33 -4.84
N ASP D 758 31.18 -36.17 -4.35
CA ASP D 758 31.05 -34.96 -5.15
C ASP D 758 32.07 -35.00 -6.29
N PRO D 759 31.69 -34.43 -7.43
CA PRO D 759 32.57 -34.39 -8.60
C PRO D 759 33.91 -33.67 -8.36
N PHE D 760 34.99 -34.20 -8.93
CA PHE D 760 36.30 -33.59 -8.81
C PHE D 760 36.20 -32.18 -9.35
N ARG D 761 36.94 -31.26 -8.75
CA ARG D 761 36.96 -29.85 -9.16
C ARG D 761 38.32 -29.52 -9.71
N SER D 762 38.37 -28.53 -10.59
CA SER D 762 39.62 -28.11 -11.19
C SER D 762 39.64 -26.59 -11.36
N GLY D 763 40.70 -25.94 -10.90
CA GLY D 763 40.79 -24.50 -11.01
C GLY D 763 41.45 -24.11 -12.30
N ARG D 764 40.76 -23.33 -13.14
CA ARG D 764 41.36 -22.93 -14.43
C ARG D 764 41.34 -21.43 -14.73
N ILE D 765 42.44 -20.92 -15.29
CA ILE D 765 42.50 -19.54 -15.69
C ILE D 765 42.97 -19.43 -17.13
N ALA D 766 42.68 -20.47 -17.90
CA ALA D 766 43.06 -20.50 -19.30
C ALA D 766 44.56 -20.25 -19.52
N CYS D 767 45.39 -21.00 -18.80
CA CYS D 767 46.83 -20.85 -18.94
C CYS D 767 47.54 -22.19 -18.86
N ASP D 768 48.73 -22.26 -19.46
CA ASP D 768 49.54 -23.48 -19.39
C ASP D 768 50.73 -23.17 -18.52
N PHE D 769 50.95 -24.02 -17.55
CA PHE D 769 52.05 -23.84 -16.61
C PHE D 769 53.22 -24.78 -16.84
N LYS D 770 54.42 -24.22 -16.70
CA LYS D 770 55.66 -24.97 -16.88
C LYS D 770 56.52 -24.72 -15.65
N LEU D 771 56.89 -25.79 -14.95
CA LEU D 771 57.71 -25.68 -13.77
C LEU D 771 59.15 -25.44 -14.19
N ASP D 772 59.61 -24.22 -14.04
CA ASP D 772 60.98 -23.90 -14.39
C ASP D 772 61.75 -23.50 -13.15
N GLY D 773 62.67 -24.36 -12.73
CA GLY D 773 63.42 -24.06 -11.53
C GLY D 773 62.52 -24.28 -10.33
N ASP D 774 62.28 -23.23 -9.56
CA ASP D 774 61.45 -23.34 -8.37
C ASP D 774 60.22 -22.44 -8.46
N HIS D 775 59.90 -22.04 -9.68
CA HIS D 775 58.78 -21.16 -9.92
C HIS D 775 57.99 -21.66 -11.11
N TYR D 776 56.68 -21.47 -11.08
CA TYR D 776 55.84 -21.86 -12.21
C TYR D 776 55.83 -20.70 -13.16
N VAL D 777 55.97 -20.95 -14.45
CA VAL D 777 55.92 -19.85 -15.41
C VAL D 777 54.72 -20.07 -16.33
N VAL D 778 54.18 -18.97 -16.86
CA VAL D 778 53.06 -19.06 -17.77
C VAL D 778 53.60 -19.38 -19.15
N ALA D 779 53.46 -20.65 -19.54
CA ALA D 779 53.93 -21.14 -20.83
C ALA D 779 53.04 -20.67 -21.98
N LYS D 780 51.73 -20.60 -21.72
CA LYS D 780 50.78 -20.18 -22.75
C LYS D 780 49.52 -19.53 -22.15
N ALA D 781 49.03 -18.48 -22.79
CA ALA D 781 47.84 -17.77 -22.33
C ALA D 781 46.77 -17.81 -23.43
N TYR D 782 45.73 -18.62 -23.26
CA TYR D 782 44.72 -18.75 -24.31
C TYR D 782 43.74 -17.60 -24.50
N ALA D 783 43.42 -17.35 -25.77
CA ALA D 783 42.48 -16.30 -26.17
C ALA D 783 42.06 -16.49 -27.63
N GLY D 784 40.76 -16.31 -27.90
CA GLY D 784 40.22 -16.43 -29.23
C GLY D 784 39.85 -15.02 -29.66
N ASP D 785 38.56 -14.72 -29.67
CA ASP D 785 38.12 -13.36 -30.02
C ASP D 785 38.02 -12.56 -28.71
N TYR D 786 39.02 -11.71 -28.44
CA TYR D 786 39.05 -10.89 -27.23
C TYR D 786 37.75 -10.17 -26.87
N SER D 787 36.99 -9.77 -27.89
CA SER D 787 35.74 -9.05 -27.67
C SER D 787 34.54 -9.95 -27.37
N ASN D 788 34.69 -11.26 -27.59
CA ASN D 788 33.62 -12.18 -27.27
C ASN D 788 33.65 -12.46 -25.79
N GLU D 789 32.64 -13.18 -25.34
CA GLU D 789 32.54 -13.53 -23.93
C GLU D 789 33.16 -14.88 -23.70
N GLY D 790 33.74 -15.07 -22.52
CA GLY D 790 34.35 -16.33 -22.18
C GLY D 790 35.27 -16.95 -23.24
N GLU D 791 36.18 -16.15 -23.79
CA GLU D 791 37.10 -16.67 -24.77
C GLU D 791 38.54 -16.27 -24.50
N LYS D 792 38.92 -16.08 -23.24
CA LYS D 792 40.29 -15.70 -22.96
C LYS D 792 40.59 -15.85 -21.47
N SER D 793 41.86 -15.97 -21.13
CA SER D 793 42.22 -16.10 -19.74
C SER D 793 41.70 -14.90 -18.99
N PRO D 794 41.02 -15.13 -17.88
CA PRO D 794 40.47 -14.05 -17.08
C PRO D 794 41.51 -12.98 -16.71
N ILE D 795 42.79 -13.33 -16.79
CA ILE D 795 43.81 -12.34 -16.48
C ILE D 795 43.78 -11.17 -17.46
N PHE D 796 43.55 -11.45 -18.74
CA PHE D 796 43.52 -10.38 -19.76
C PHE D 796 42.70 -9.15 -19.40
N GLU D 797 41.62 -9.33 -18.63
CA GLU D 797 40.76 -8.21 -18.25
C GLU D 797 41.50 -7.11 -17.49
N TYR D 798 42.71 -7.41 -17.02
CA TYR D 798 43.49 -6.40 -16.30
C TYR D 798 44.49 -5.71 -17.20
N GLY D 799 44.31 -5.88 -18.51
CA GLY D 799 45.20 -5.26 -19.47
C GLY D 799 46.64 -5.73 -19.55
N ILE D 800 46.86 -7.05 -19.55
CA ILE D 800 48.20 -7.62 -19.65
C ILE D 800 48.13 -9.06 -20.08
N ASP D 801 49.10 -9.48 -20.89
CA ASP D 801 49.15 -10.85 -21.34
C ASP D 801 50.07 -11.58 -20.35
N PRO D 802 49.51 -12.52 -19.56
CA PRO D 802 50.28 -13.28 -18.57
C PRO D 802 51.40 -14.13 -19.12
N THR D 803 51.39 -14.37 -20.43
CA THR D 803 52.45 -15.19 -21.04
C THR D 803 53.84 -14.76 -20.58
N GLY D 804 54.69 -15.75 -20.34
CA GLY D 804 56.04 -15.44 -19.90
C GLY D 804 56.18 -15.07 -18.43
N TYR D 805 55.11 -14.59 -17.81
CA TYR D 805 55.14 -14.18 -16.42
C TYR D 805 55.35 -15.33 -15.44
N LEU D 806 55.86 -15.01 -14.26
CA LEU D 806 56.08 -16.02 -13.22
C LEU D 806 55.00 -15.88 -12.19
N ILE D 807 54.53 -17.02 -11.71
CA ILE D 807 53.49 -16.98 -10.69
C ILE D 807 54.12 -17.19 -9.33
N GLU D 808 54.14 -16.12 -8.54
CA GLU D 808 54.75 -16.15 -7.22
C GLU D 808 53.84 -16.91 -6.25
N ASP D 809 52.72 -16.31 -5.90
CA ASP D 809 51.79 -16.95 -4.97
C ASP D 809 50.34 -16.71 -5.36
N ILE D 810 49.46 -17.51 -4.80
CA ILE D 810 48.04 -17.41 -5.05
C ILE D 810 47.35 -17.37 -3.69
N ASP D 811 46.53 -16.34 -3.45
CA ASP D 811 45.82 -16.18 -2.18
C ASP D 811 46.81 -16.21 -1.01
N GLY D 812 47.93 -15.51 -1.17
CA GLY D 812 48.93 -15.45 -0.12
C GLY D 812 49.78 -16.70 0.02
N GLU D 813 49.35 -17.80 -0.57
CA GLU D 813 50.11 -19.04 -0.50
C GLU D 813 51.05 -19.14 -1.68
N THR D 814 52.31 -19.48 -1.39
CA THR D 814 53.34 -19.61 -2.41
C THR D 814 53.16 -20.90 -3.21
N VAL D 815 53.37 -20.83 -4.52
CA VAL D 815 53.28 -22.01 -5.38
C VAL D 815 54.59 -22.12 -6.15
N GLY D 816 55.03 -23.36 -6.39
CA GLY D 816 56.27 -23.58 -7.10
C GLY D 816 56.82 -24.97 -6.87
N ALA D 817 58.15 -25.10 -6.88
CA ALA D 817 58.79 -26.41 -6.70
C ALA D 817 58.22 -27.20 -5.52
N GLY D 818 57.58 -26.53 -4.58
CA GLY D 818 57.04 -27.24 -3.44
C GLY D 818 55.53 -27.33 -3.43
N SER D 819 54.87 -26.23 -3.79
CA SER D 819 53.40 -26.20 -3.78
C SER D 819 52.74 -26.43 -5.15
N ASN D 820 51.93 -27.48 -5.23
CA ASN D 820 51.25 -27.86 -6.45
C ASN D 820 50.26 -26.78 -6.87
N ILE D 821 50.55 -26.05 -7.94
CA ILE D 821 49.69 -24.97 -8.38
C ILE D 821 48.29 -25.42 -8.74
N TYR D 822 48.22 -26.63 -9.29
CA TYR D 822 46.93 -27.23 -9.70
C TYR D 822 46.01 -27.44 -8.50
N ARG D 823 46.51 -28.12 -7.47
CA ARG D 823 45.69 -28.33 -6.29
C ARG D 823 45.24 -26.98 -5.75
N VAL D 824 46.16 -26.03 -5.62
CA VAL D 824 45.80 -24.73 -5.12
C VAL D 824 44.67 -24.19 -5.97
N LEU D 825 44.89 -24.07 -7.28
CA LEU D 825 43.86 -23.54 -8.16
C LEU D 825 42.56 -24.29 -7.98
N SER D 826 42.65 -25.60 -7.89
CA SER D 826 41.45 -26.43 -7.71
C SER D 826 40.68 -26.01 -6.46
N GLU D 827 41.42 -25.63 -5.42
CA GLU D 827 40.83 -25.23 -4.16
C GLU D 827 40.22 -23.84 -4.14
N LYS D 828 40.37 -23.11 -5.23
CA LYS D 828 39.82 -21.75 -5.32
C LYS D 828 38.81 -21.69 -6.45
N ALA D 829 38.65 -22.80 -7.17
CA ALA D 829 37.71 -22.87 -8.28
C ALA D 829 36.36 -22.29 -7.92
N GLY D 830 35.89 -21.38 -8.74
CA GLY D 830 34.59 -20.79 -8.48
C GLY D 830 34.62 -19.50 -7.69
N THR D 831 35.81 -18.96 -7.42
CA THR D 831 35.96 -17.71 -6.69
C THR D 831 37.12 -16.92 -7.26
N SER D 832 37.32 -15.72 -6.75
CA SER D 832 38.42 -14.88 -7.20
C SER D 832 39.49 -14.87 -6.14
N ALA D 833 40.71 -15.14 -6.55
CA ALA D 833 41.81 -15.17 -5.60
C ALA D 833 42.88 -14.19 -6.02
N ARG D 834 43.62 -13.72 -5.04
CA ARG D 834 44.70 -12.78 -5.29
C ARG D 834 45.87 -13.57 -5.91
N ILE D 835 46.41 -13.08 -7.01
CA ILE D 835 47.55 -13.74 -7.66
C ILE D 835 48.70 -12.77 -7.87
N ARG D 836 49.84 -13.04 -7.26
CA ARG D 836 51.03 -12.20 -7.41
C ARG D 836 51.77 -12.67 -8.66
N LEU D 837 51.95 -11.78 -9.63
CA LEU D 837 52.66 -12.12 -10.86
C LEU D 837 53.96 -11.33 -11.00
N SER D 838 54.91 -11.88 -11.77
CA SER D 838 56.20 -11.24 -12.01
C SER D 838 56.62 -11.37 -13.47
N GLY D 839 56.69 -10.25 -14.18
CA GLY D 839 57.09 -10.27 -15.57
C GLY D 839 58.55 -9.92 -15.75
N LYS D 840 58.91 -9.49 -16.96
CA LYS D 840 60.28 -9.11 -17.26
C LYS D 840 60.62 -7.84 -16.48
N GLY D 841 61.83 -7.82 -15.93
CA GLY D 841 62.26 -6.68 -15.14
C GLY D 841 61.66 -6.71 -13.75
N GLY D 842 61.13 -5.57 -13.32
CA GLY D 842 60.51 -5.47 -12.02
C GLY D 842 59.00 -5.38 -12.15
N ASP D 843 58.47 -5.92 -13.24
CA ASP D 843 57.04 -5.89 -13.49
C ASP D 843 56.30 -6.79 -12.49
N LYS D 844 55.82 -6.19 -11.40
CA LYS D 844 55.10 -6.92 -10.37
C LYS D 844 53.59 -6.62 -10.46
N ARG D 845 52.78 -7.66 -10.45
CA ARG D 845 51.33 -7.50 -10.53
C ARG D 845 50.63 -8.21 -9.40
N ASP D 846 49.54 -7.61 -8.95
CA ASP D 846 48.78 -8.18 -7.86
C ASP D 846 47.31 -8.02 -8.26
N LEU D 847 46.72 -9.09 -8.78
CA LEU D 847 45.35 -9.03 -9.28
C LEU D 847 44.39 -10.06 -8.65
N MET D 848 43.10 -9.71 -8.68
CA MET D 848 42.05 -10.59 -8.17
C MET D 848 41.49 -11.31 -9.38
N ILE D 849 42.09 -12.45 -9.69
CA ILE D 849 41.69 -13.24 -10.84
C ILE D 849 40.53 -14.17 -10.54
N ASP D 850 39.67 -14.35 -11.53
CA ASP D 850 38.56 -15.26 -11.38
C ASP D 850 39.06 -16.68 -11.67
N ILE D 851 38.90 -17.58 -10.72
CA ILE D 851 39.35 -18.94 -10.95
C ILE D 851 38.18 -19.72 -11.53
N LEU D 852 38.23 -19.98 -12.83
CA LEU D 852 37.18 -20.72 -13.51
C LEU D 852 37.11 -22.21 -13.18
N ASP D 853 35.91 -22.77 -13.27
CA ASP D 853 35.69 -24.20 -13.06
C ASP D 853 36.06 -25.01 -14.29
N ASP D 854 36.10 -24.34 -15.43
CA ASP D 854 36.43 -25.02 -16.69
C ASP D 854 36.90 -24.02 -17.74
N ASP D 855 37.82 -24.40 -18.63
CA ASP D 855 38.29 -23.49 -19.65
C ASP D 855 38.45 -24.16 -21.01
N ARG D 856 37.64 -25.19 -21.24
CA ARG D 856 37.65 -25.93 -22.49
C ARG D 856 37.27 -25.05 -23.68
N PHE D 857 36.15 -24.35 -23.55
CA PHE D 857 35.68 -23.50 -24.63
C PHE D 857 36.75 -22.47 -24.96
N ILE D 858 37.40 -21.91 -23.94
CA ILE D 858 38.40 -20.92 -24.22
C ILE D 858 39.48 -21.58 -25.02
N ARG D 859 39.96 -22.73 -24.57
CA ARG D 859 41.01 -23.42 -25.33
C ARG D 859 40.55 -23.67 -26.78
N TYR D 860 39.30 -24.12 -26.94
CA TYR D 860 38.75 -24.39 -28.26
C TYR D 860 38.75 -23.13 -29.17
N ARG D 861 38.18 -22.02 -28.71
CA ARG D 861 38.11 -20.82 -29.54
C ARG D 861 39.50 -20.31 -29.91
N SER D 862 40.43 -20.43 -28.97
CA SER D 862 41.81 -20.02 -29.17
C SER D 862 42.38 -20.83 -30.36
N TRP D 863 42.13 -22.15 -30.32
CA TRP D 863 42.57 -23.09 -31.35
C TRP D 863 41.97 -22.71 -32.71
N VAL D 864 40.69 -22.40 -32.73
CA VAL D 864 40.06 -22.06 -33.98
C VAL D 864 40.69 -20.79 -34.51
N GLU D 865 40.73 -19.74 -33.70
CA GLU D 865 41.31 -18.46 -34.13
C GLU D 865 42.78 -18.63 -34.57
N ALA D 866 43.46 -19.58 -33.95
CA ALA D 866 44.84 -19.85 -34.31
C ALA D 866 44.88 -20.41 -35.73
N ASN D 867 44.09 -21.46 -36.01
CA ASN D 867 44.06 -22.03 -37.34
C ASN D 867 43.59 -20.99 -38.37
N ARG D 868 42.68 -20.13 -37.94
CA ARG D 868 42.17 -19.08 -38.80
C ARG D 868 43.35 -18.21 -39.22
N ARG D 869 44.10 -17.71 -38.25
CA ARG D 869 45.27 -16.90 -38.60
C ARG D 869 46.25 -17.65 -39.51
N TYR D 870 46.57 -18.88 -39.13
CA TYR D 870 47.49 -19.68 -39.91
C TYR D 870 47.07 -19.76 -41.38
N VAL D 871 45.82 -20.15 -41.61
CA VAL D 871 45.28 -20.28 -42.97
C VAL D 871 45.33 -18.96 -43.73
N HIS D 872 45.00 -17.86 -43.06
CA HIS D 872 45.05 -16.58 -43.74
C HIS D 872 46.49 -16.29 -44.18
N GLU D 873 47.43 -16.38 -43.25
CA GLU D 873 48.83 -16.10 -43.53
C GLU D 873 49.44 -16.98 -44.63
N ARG D 874 49.29 -18.28 -44.50
CA ARG D 874 49.86 -19.18 -45.47
C ARG D 874 49.25 -19.05 -46.87
N SER D 875 47.95 -18.78 -46.95
CA SER D 875 47.31 -18.66 -48.26
C SER D 875 47.44 -17.22 -48.77
N LYS D 876 48.31 -16.45 -48.13
CA LYS D 876 48.52 -15.07 -48.55
C LYS D 876 47.19 -14.31 -48.58
N GLY D 877 46.32 -14.59 -47.61
CA GLY D 877 45.04 -13.92 -47.52
C GLY D 877 44.05 -14.27 -48.61
N THR D 878 44.13 -15.48 -49.15
CA THR D 878 43.21 -15.89 -50.21
C THR D 878 42.29 -17.05 -49.82
N ILE D 879 42.43 -17.54 -48.60
CA ILE D 879 41.61 -18.64 -48.13
C ILE D 879 41.03 -18.42 -46.73
N GLY D 880 39.74 -18.70 -46.60
CA GLY D 880 39.04 -18.55 -45.33
C GLY D 880 39.04 -19.87 -44.58
N TYR D 881 38.69 -19.81 -43.30
CA TYR D 881 38.65 -21.00 -42.45
C TYR D 881 37.45 -21.00 -41.50
N ILE D 882 36.86 -22.17 -41.32
CA ILE D 882 35.70 -22.31 -40.44
C ILE D 882 35.81 -23.70 -39.81
N HIS D 883 35.35 -23.86 -38.59
CA HIS D 883 35.41 -25.14 -37.96
C HIS D 883 34.12 -25.48 -37.25
N ILE D 884 33.59 -26.67 -37.51
CA ILE D 884 32.36 -27.09 -36.89
C ILE D 884 32.60 -28.12 -35.81
N PRO D 885 32.59 -27.70 -34.55
CA PRO D 885 32.83 -28.60 -33.42
C PRO D 885 31.81 -29.74 -33.35
N ASP D 886 30.56 -29.50 -33.71
CA ASP D 886 29.58 -30.60 -33.73
C ASP D 886 28.40 -30.20 -34.58
N MET D 887 27.35 -31.01 -34.58
CA MET D 887 26.18 -30.67 -35.38
C MET D 887 24.95 -30.38 -34.54
N GLY D 888 25.18 -29.70 -33.41
CA GLY D 888 24.09 -29.34 -32.53
C GLY D 888 24.03 -27.82 -32.39
N MET D 889 23.64 -27.33 -31.23
CA MET D 889 23.58 -25.88 -31.06
C MET D 889 24.96 -25.26 -31.13
N MET D 890 25.95 -25.90 -30.54
CA MET D 890 27.27 -25.30 -30.59
C MET D 890 27.77 -25.19 -32.01
N GLY D 891 27.50 -26.22 -32.82
CA GLY D 891 27.92 -26.24 -34.22
C GLY D 891 27.34 -25.08 -35.01
N LEU D 892 26.08 -24.81 -34.74
CA LEU D 892 25.36 -23.71 -35.38
C LEU D 892 26.06 -22.42 -34.97
N ASN D 893 26.40 -22.29 -33.68
CA ASN D 893 27.08 -21.08 -33.22
C ASN D 893 28.44 -20.88 -33.90
N GLU D 894 29.29 -21.89 -33.81
CA GLU D 894 30.63 -21.80 -34.36
C GLU D 894 30.67 -21.66 -35.85
N PHE D 895 29.73 -22.31 -36.52
CA PHE D 895 29.71 -22.21 -37.97
C PHE D 895 29.35 -20.79 -38.39
N TYR D 896 28.25 -20.25 -37.90
CA TYR D 896 27.96 -18.89 -38.32
C TYR D 896 28.92 -17.87 -37.73
N ARG D 897 29.50 -18.17 -36.59
CA ARG D 897 30.43 -17.22 -35.97
C ARG D 897 31.54 -16.82 -36.94
N LEU D 898 31.96 -17.77 -37.78
CA LEU D 898 33.01 -17.48 -38.76
C LEU D 898 32.48 -17.36 -40.19
N PHE D 899 31.49 -18.16 -40.53
CA PHE D 899 30.98 -18.13 -41.87
C PHE D 899 30.73 -16.73 -42.34
N ILE D 900 30.27 -15.87 -41.45
CA ILE D 900 29.95 -14.51 -41.83
C ILE D 900 31.17 -13.65 -42.16
N ASN D 901 32.37 -14.17 -41.90
CA ASN D 901 33.57 -13.40 -42.19
C ASN D 901 34.56 -14.10 -43.06
N GLU D 902 34.37 -15.39 -43.26
CA GLU D 902 35.30 -16.18 -44.04
C GLU D 902 34.76 -16.67 -45.36
N SER D 903 33.46 -16.55 -45.55
CA SER D 903 32.80 -17.05 -46.75
C SER D 903 33.17 -16.37 -48.06
N SER D 904 33.69 -15.15 -47.99
CA SER D 904 34.02 -14.40 -49.21
C SER D 904 35.46 -14.35 -49.66
N TYR D 905 36.23 -15.37 -49.31
CA TYR D 905 37.62 -15.43 -49.74
C TYR D 905 37.63 -16.26 -51.00
N GLN D 906 38.76 -16.26 -51.69
CA GLN D 906 38.89 -17.06 -52.91
C GLN D 906 38.63 -18.53 -52.63
N GLY D 907 39.09 -18.98 -51.47
CA GLY D 907 38.87 -20.36 -51.08
C GLY D 907 38.37 -20.49 -49.65
N LEU D 908 37.83 -21.65 -49.30
CA LEU D 908 37.32 -21.86 -47.96
C LEU D 908 37.61 -23.26 -47.46
N ILE D 909 38.06 -23.36 -46.22
CA ILE D 909 38.31 -24.67 -45.64
C ILE D 909 37.24 -24.90 -44.61
N VAL D 910 36.45 -25.94 -44.80
CA VAL D 910 35.44 -26.25 -43.83
C VAL D 910 36.03 -27.42 -43.06
N ASP D 911 36.56 -27.14 -41.87
CA ASP D 911 37.20 -28.15 -41.03
C ASP D 911 36.17 -28.81 -40.13
N VAL D 912 35.90 -30.11 -40.28
CA VAL D 912 34.93 -30.73 -39.40
C VAL D 912 35.52 -31.82 -38.52
N ARG D 913 36.83 -31.77 -38.30
CA ARG D 913 37.51 -32.76 -37.47
C ARG D 913 36.97 -32.72 -36.06
N PHE D 914 36.80 -33.89 -35.46
CA PHE D 914 36.31 -33.98 -34.07
C PHE D 914 34.84 -33.61 -33.97
N ASN D 915 34.15 -33.54 -35.10
CA ASN D 915 32.74 -33.15 -35.03
C ASN D 915 31.87 -34.23 -34.38
N GLY D 916 31.39 -33.94 -33.17
CA GLY D 916 30.58 -34.92 -32.46
C GLY D 916 29.17 -35.20 -32.94
N GLY D 917 28.80 -34.66 -34.10
CA GLY D 917 27.46 -34.90 -34.61
C GLY D 917 26.36 -34.03 -34.02
N GLY D 918 25.13 -34.50 -34.23
CA GLY D 918 23.94 -33.80 -33.78
C GLY D 918 22.84 -34.01 -34.82
N PHE D 919 22.40 -32.96 -35.49
CA PHE D 919 21.36 -33.10 -36.51
C PHE D 919 21.18 -31.89 -37.45
N VAL D 920 22.09 -30.91 -37.40
CA VAL D 920 21.97 -29.74 -38.25
C VAL D 920 22.89 -29.73 -39.46
N SER D 921 23.48 -30.88 -39.79
CA SER D 921 24.39 -30.98 -40.94
C SER D 921 23.70 -30.51 -42.17
N GLN D 922 22.47 -30.99 -42.36
CA GLN D 922 21.71 -30.59 -43.53
C GLN D 922 21.58 -29.07 -43.60
N LEU D 923 21.46 -28.38 -42.46
CA LEU D 923 21.36 -26.93 -42.51
C LEU D 923 22.68 -26.32 -42.97
N ILE D 924 23.79 -26.95 -42.60
CA ILE D 924 25.10 -26.45 -42.99
C ILE D 924 25.38 -26.72 -44.45
N ILE D 925 25.03 -27.92 -44.92
CA ILE D 925 25.24 -28.28 -46.31
C ILE D 925 24.48 -27.28 -47.15
N GLU D 926 23.26 -26.99 -46.73
CA GLU D 926 22.38 -26.06 -47.44
C GLU D 926 23.08 -24.74 -47.74
N LYS D 927 23.78 -24.19 -46.75
CA LYS D 927 24.50 -22.94 -46.94
C LYS D 927 25.67 -23.13 -47.91
N LEU D 928 26.47 -24.15 -47.66
CA LEU D 928 27.62 -24.39 -48.52
C LEU D 928 27.20 -24.71 -49.95
N MET D 929 25.97 -25.21 -50.11
CA MET D 929 25.40 -25.57 -51.42
C MET D 929 25.12 -24.35 -52.32
N ASN D 930 24.70 -23.26 -51.69
CA ASN D 930 24.39 -22.04 -52.41
C ASN D 930 25.45 -21.61 -53.40
N LYS D 931 25.03 -21.31 -54.63
CA LYS D 931 25.94 -20.88 -55.67
C LYS D 931 25.78 -19.38 -55.92
N ARG D 932 26.89 -18.65 -55.87
CA ARG D 932 26.87 -17.20 -56.09
C ARG D 932 26.66 -16.92 -57.58
N ILE D 933 25.52 -16.32 -57.93
CA ILE D 933 25.24 -16.06 -59.34
C ILE D 933 24.97 -14.59 -59.68
N GLY D 934 25.16 -13.71 -58.72
CA GLY D 934 24.92 -12.30 -58.96
C GLY D 934 25.45 -11.38 -57.90
N TYR D 935 25.35 -10.08 -58.15
CA TYR D 935 25.81 -9.08 -57.22
C TYR D 935 24.89 -7.86 -57.25
N ASP D 936 24.99 -7.06 -56.19
CA ASP D 936 24.17 -5.87 -56.06
C ASP D 936 25.11 -4.66 -56.14
N ASN D 937 24.81 -3.73 -57.04
CA ASN D 937 25.62 -2.54 -57.18
C ASN D 937 25.01 -1.30 -56.60
N PRO D 938 25.57 -0.85 -55.47
CA PRO D 938 25.04 0.35 -54.85
C PRO D 938 25.75 1.60 -55.34
N ARG D 939 25.02 2.71 -55.39
CA ARG D 939 25.58 3.97 -55.80
C ARG D 939 26.79 4.20 -54.92
N ARG D 940 26.62 4.01 -53.60
CA ARG D 940 27.73 4.19 -52.68
C ARG D 940 27.86 2.95 -51.80
N GLY D 941 29.06 2.41 -51.76
CA GLY D 941 29.31 1.21 -50.97
C GLY D 941 29.98 0.14 -51.81
N THR D 942 30.08 -1.06 -51.26
CA THR D 942 30.71 -2.16 -51.96
C THR D 942 29.68 -3.18 -52.43
N LEU D 943 30.13 -4.06 -53.31
CA LEU D 943 29.30 -5.10 -53.85
C LEU D 943 28.67 -5.96 -52.79
N SER D 944 27.48 -6.46 -53.09
CA SER D 944 26.79 -7.33 -52.18
C SER D 944 26.46 -8.62 -52.96
N PRO D 945 27.05 -9.75 -52.56
CA PRO D 945 26.81 -11.02 -53.24
C PRO D 945 25.40 -11.59 -53.07
N TYR D 946 24.95 -12.28 -54.14
CA TYR D 946 23.64 -12.93 -54.21
C TYR D 946 23.82 -14.42 -54.60
N PRO D 947 23.45 -15.35 -53.71
CA PRO D 947 22.89 -15.07 -52.39
C PRO D 947 23.93 -14.52 -51.43
N THR D 948 23.43 -14.00 -50.32
CA THR D 948 24.26 -13.44 -49.24
C THR D 948 25.06 -14.57 -48.58
N ASN D 949 24.37 -15.67 -48.27
CA ASN D 949 24.99 -16.81 -47.64
C ASN D 949 25.58 -17.74 -48.68
N SER D 950 26.38 -17.19 -49.58
CA SER D 950 27.02 -18.02 -50.61
C SER D 950 28.54 -18.00 -50.47
N VAL D 951 29.16 -19.16 -50.62
CA VAL D 951 30.60 -19.20 -50.55
C VAL D 951 31.07 -18.58 -51.86
N ARG D 952 32.10 -17.75 -51.78
CA ARG D 952 32.61 -17.10 -52.98
C ARG D 952 33.36 -17.99 -53.97
N GLY D 953 34.25 -18.85 -53.47
CA GLY D 953 35.01 -19.70 -54.35
C GLY D 953 35.00 -21.19 -54.07
N LYS D 954 36.19 -21.80 -54.12
CA LYS D 954 36.40 -23.22 -53.88
C LYS D 954 36.39 -23.59 -52.38
N ILE D 955 35.82 -24.75 -52.08
CA ILE D 955 35.70 -25.24 -50.72
C ILE D 955 36.37 -26.58 -50.55
N ILE D 956 37.04 -26.77 -49.43
CA ILE D 956 37.69 -28.04 -49.16
C ILE D 956 37.34 -28.43 -47.75
N ALA D 957 37.04 -29.71 -47.56
CA ALA D 957 36.65 -30.16 -46.25
C ALA D 957 37.72 -31.06 -45.61
N ILE D 958 38.00 -30.81 -44.33
CA ILE D 958 38.96 -31.61 -43.58
C ILE D 958 38.16 -32.40 -42.55
N THR D 959 38.49 -33.68 -42.39
CA THR D 959 37.78 -34.53 -41.44
C THR D 959 38.69 -35.64 -40.93
N ASN D 960 38.43 -36.15 -39.73
CA ASN D 960 39.23 -37.24 -39.19
C ASN D 960 38.32 -38.32 -38.60
N GLU D 961 38.94 -39.28 -37.95
CA GLU D 961 38.23 -40.40 -37.34
C GLU D 961 37.41 -39.99 -36.11
N TYR D 962 37.44 -38.72 -35.75
CA TYR D 962 36.71 -38.26 -34.59
C TYR D 962 35.41 -37.53 -34.92
N ALA D 963 35.02 -37.59 -36.19
CA ALA D 963 33.78 -36.98 -36.61
C ALA D 963 32.83 -38.15 -36.83
N GLY D 964 31.66 -38.10 -36.19
CA GLY D 964 30.69 -39.17 -36.33
C GLY D 964 29.23 -38.73 -36.28
N SER D 965 28.35 -39.70 -36.49
CA SER D 965 26.88 -39.50 -36.53
C SER D 965 26.59 -38.42 -37.58
N ASP D 966 25.99 -37.30 -37.18
CA ASP D 966 25.74 -36.29 -38.19
C ASP D 966 27.07 -35.80 -38.78
N GLY D 967 28.16 -36.18 -38.10
CA GLY D 967 29.48 -35.84 -38.53
C GLY D 967 29.78 -36.73 -39.72
N ASP D 968 29.38 -38.00 -39.60
CA ASP D 968 29.53 -38.98 -40.68
C ASP D 968 28.66 -38.53 -41.83
N ILE D 969 27.40 -38.21 -41.52
CA ILE D 969 26.42 -37.77 -42.53
C ILE D 969 26.98 -36.61 -43.35
N PHE D 970 27.45 -35.56 -42.64
CA PHE D 970 28.02 -34.38 -43.29
C PHE D 970 29.14 -34.75 -44.29
N SER D 971 30.12 -35.49 -43.78
CA SER D 971 31.26 -35.90 -44.57
C SER D 971 30.82 -36.61 -45.85
N PHE D 972 29.95 -37.59 -45.71
CA PHE D 972 29.45 -38.35 -46.86
C PHE D 972 28.70 -37.43 -47.84
N SER D 973 27.86 -36.56 -47.28
CA SER D 973 27.08 -35.64 -48.08
C SER D 973 27.95 -34.66 -48.84
N PHE D 974 28.96 -34.11 -48.18
CA PHE D 974 29.87 -33.17 -48.83
C PHE D 974 30.45 -33.82 -50.08
N LYS D 975 30.82 -35.09 -49.97
CA LYS D 975 31.38 -35.77 -51.12
C LYS D 975 30.33 -35.96 -52.20
N LYS D 976 29.26 -36.66 -51.84
CA LYS D 976 28.15 -37.00 -52.73
C LYS D 976 27.66 -35.81 -53.56
N LEU D 977 27.45 -34.67 -52.91
CA LEU D 977 26.98 -33.46 -53.59
C LEU D 977 28.13 -32.77 -54.32
N GLY D 978 29.33 -33.30 -54.17
CA GLY D 978 30.49 -32.74 -54.83
C GLY D 978 30.76 -31.28 -54.54
N LEU D 979 30.66 -30.87 -53.28
CA LEU D 979 30.91 -29.47 -52.93
C LEU D 979 32.40 -29.14 -52.98
N GLY D 980 33.23 -30.19 -52.92
CA GLY D 980 34.67 -30.03 -52.96
C GLY D 980 35.34 -31.32 -52.57
N LYS D 981 36.65 -31.30 -52.37
CA LYS D 981 37.38 -32.49 -51.99
C LYS D 981 37.32 -32.71 -50.47
N LEU D 982 37.28 -33.98 -50.05
CA LEU D 982 37.27 -34.36 -48.65
C LEU D 982 38.68 -34.85 -48.29
N ILE D 983 39.31 -34.20 -47.31
CA ILE D 983 40.66 -34.54 -46.89
C ILE D 983 40.67 -35.01 -45.45
N GLY D 984 41.59 -35.91 -45.13
CA GLY D 984 41.68 -36.40 -43.77
C GLY D 984 41.82 -37.90 -43.64
N THR D 985 41.04 -38.46 -42.73
CA THR D 985 41.05 -39.91 -42.47
C THR D 985 39.59 -40.41 -42.30
N ARG D 986 39.34 -41.67 -42.65
CA ARG D 986 37.99 -42.23 -42.54
C ARG D 986 37.38 -41.86 -41.20
N THR D 987 36.10 -41.50 -41.24
CA THR D 987 35.37 -41.06 -40.05
C THR D 987 34.86 -42.18 -39.16
N TRP D 988 34.28 -41.79 -38.02
CA TRP D 988 33.76 -42.72 -37.01
C TRP D 988 32.99 -43.93 -37.50
N GLY D 989 31.91 -43.70 -38.24
CA GLY D 989 31.11 -44.80 -38.76
C GLY D 989 29.87 -45.23 -37.97
N GLY D 990 29.19 -44.30 -37.32
CA GLY D 990 28.01 -44.64 -36.56
C GLY D 990 26.88 -43.74 -37.00
N VAL D 991 25.94 -44.27 -37.76
CA VAL D 991 24.84 -43.44 -38.23
C VAL D 991 23.47 -44.03 -38.01
N VAL D 992 23.18 -44.42 -36.78
CA VAL D 992 21.85 -44.95 -36.47
C VAL D 992 21.32 -44.13 -35.33
N GLY D 993 20.56 -43.10 -35.67
CA GLY D 993 20.02 -42.18 -34.68
C GLY D 993 19.33 -42.74 -33.46
N ILE D 994 19.33 -41.90 -32.42
CA ILE D 994 18.70 -42.27 -31.17
C ILE D 994 17.89 -41.13 -30.55
N THR D 995 16.74 -41.48 -30.01
CA THR D 995 15.89 -40.54 -29.33
C THR D 995 15.26 -41.26 -28.15
N PRO D 996 15.96 -41.26 -27.01
CA PRO D 996 15.43 -41.93 -25.82
C PRO D 996 14.12 -41.32 -25.33
N LYS D 997 13.26 -42.15 -24.74
CA LYS D 997 12.00 -41.64 -24.24
C LYS D 997 11.60 -42.29 -22.95
N ARG D 998 12.52 -43.10 -22.42
CA ARG D 998 12.26 -43.77 -21.15
C ARG D 998 13.54 -43.88 -20.29
N ARG D 999 13.40 -43.70 -18.99
CA ARG D 999 14.53 -43.76 -18.05
C ARG D 999 14.44 -44.95 -17.12
N LEU D 1000 15.52 -45.23 -16.42
CA LEU D 1000 15.53 -46.35 -15.47
C LEU D 1000 15.13 -45.79 -14.10
N ILE D 1001 14.56 -46.61 -13.26
CA ILE D 1001 14.15 -46.17 -11.94
C ILE D 1001 15.20 -45.34 -11.18
N ASP D 1002 16.46 -45.50 -11.55
CA ASP D 1002 17.53 -44.76 -10.88
C ASP D 1002 17.93 -43.55 -11.67
N GLY D 1003 17.10 -43.23 -12.66
CA GLY D 1003 17.32 -42.07 -13.51
C GLY D 1003 18.17 -42.36 -14.72
N THR D 1004 18.79 -43.53 -14.79
CA THR D 1004 19.63 -43.83 -15.92
C THR D 1004 18.92 -43.64 -17.25
N VAL D 1005 19.65 -43.08 -18.21
CA VAL D 1005 19.07 -42.87 -19.53
C VAL D 1005 19.85 -43.74 -20.53
N LEU D 1006 19.22 -44.83 -20.96
CA LEU D 1006 19.85 -45.72 -21.89
C LEU D 1006 19.44 -45.27 -23.28
N THR D 1007 20.30 -45.51 -24.29
CA THR D 1007 19.97 -45.13 -25.65
C THR D 1007 19.99 -46.41 -26.52
N GLN D 1008 19.15 -46.44 -27.55
CA GLN D 1008 19.08 -47.61 -28.43
C GLN D 1008 19.06 -47.12 -29.87
N PRO D 1009 19.94 -47.69 -30.72
CA PRO D 1009 20.00 -47.28 -32.13
C PRO D 1009 18.67 -47.61 -32.79
N GLU D 1010 17.81 -46.59 -32.88
CA GLU D 1010 16.45 -46.69 -33.41
C GLU D 1010 16.18 -46.05 -34.78
N PHE D 1011 17.09 -45.18 -35.21
CA PHE D 1011 16.89 -44.52 -36.47
C PHE D 1011 18.02 -44.70 -37.46
N ALA D 1012 17.85 -45.74 -38.28
CA ALA D 1012 18.83 -46.14 -39.30
C ALA D 1012 18.89 -45.20 -40.49
N PHE D 1013 20.04 -44.58 -40.69
CA PHE D 1013 20.21 -43.64 -41.77
C PHE D 1013 20.53 -44.34 -43.10
N TRP D 1014 19.68 -44.08 -44.09
CA TRP D 1014 19.84 -44.70 -45.39
C TRP D 1014 20.26 -43.69 -46.44
N PHE D 1015 21.43 -43.88 -47.00
CA PHE D 1015 21.95 -42.98 -48.01
C PHE D 1015 21.61 -43.60 -49.35
N ARG D 1016 21.34 -42.75 -50.32
CA ARG D 1016 21.04 -43.24 -51.65
C ARG D 1016 22.34 -43.74 -52.29
N ASP D 1017 22.28 -44.89 -52.96
CA ASP D 1017 23.47 -45.46 -53.59
C ASP D 1017 24.54 -45.91 -52.59
N ALA D 1018 24.14 -46.19 -51.35
CA ALA D 1018 25.08 -46.64 -50.33
C ALA D 1018 24.34 -47.35 -49.21
N GLY D 1019 23.01 -47.32 -49.25
CA GLY D 1019 22.23 -47.98 -48.21
C GLY D 1019 22.66 -47.57 -46.83
N PHE D 1020 22.85 -48.54 -45.95
CA PHE D 1020 23.26 -48.23 -44.60
C PHE D 1020 24.76 -48.41 -44.48
N GLY D 1021 25.37 -48.64 -45.64
CA GLY D 1021 26.81 -48.85 -45.72
C GLY D 1021 27.72 -48.03 -44.81
N VAL D 1022 27.35 -46.77 -44.54
CA VAL D 1022 28.14 -45.91 -43.69
C VAL D 1022 28.22 -46.42 -42.25
N GLU D 1023 27.16 -47.06 -41.77
CA GLU D 1023 27.17 -47.60 -40.43
C GLU D 1023 28.25 -48.66 -40.29
N ASN D 1024 29.01 -48.55 -39.22
CA ASN D 1024 30.11 -49.47 -38.93
C ASN D 1024 31.22 -49.39 -39.97
N TYR D 1025 31.42 -48.20 -40.54
CA TYR D 1025 32.48 -48.00 -41.51
C TYR D 1025 32.97 -46.57 -41.57
N GLY D 1026 32.04 -45.64 -41.69
CA GLY D 1026 32.41 -44.25 -41.78
C GLY D 1026 32.50 -43.76 -43.21
N VAL D 1027 33.19 -42.63 -43.41
CA VAL D 1027 33.34 -42.06 -44.73
C VAL D 1027 34.83 -41.95 -45.10
N ASP D 1028 35.16 -42.35 -46.32
CA ASP D 1028 36.52 -42.27 -46.82
C ASP D 1028 36.72 -40.93 -47.48
N PRO D 1029 37.80 -40.23 -47.12
CA PRO D 1029 38.11 -38.93 -47.71
C PRO D 1029 38.76 -39.12 -49.07
N ASP D 1030 38.45 -38.23 -50.01
CA ASP D 1030 39.03 -38.33 -51.35
C ASP D 1030 40.54 -38.48 -51.30
N VAL D 1031 41.18 -37.77 -50.39
CA VAL D 1031 42.61 -37.85 -50.24
C VAL D 1031 42.90 -38.14 -48.78
N GLU D 1032 43.52 -39.28 -48.53
CA GLU D 1032 43.84 -39.64 -47.17
C GLU D 1032 45.14 -38.96 -46.71
N ILE D 1033 45.09 -38.39 -45.50
CA ILE D 1033 46.25 -37.75 -44.91
C ILE D 1033 46.28 -38.11 -43.44
N GLU D 1034 47.18 -39.02 -43.09
CA GLU D 1034 47.35 -39.46 -41.71
C GLU D 1034 47.96 -38.27 -40.96
N TYR D 1035 48.01 -38.42 -39.64
CA TYR D 1035 48.57 -37.42 -38.73
C TYR D 1035 49.40 -38.26 -37.78
N ALA D 1036 50.54 -38.74 -38.26
CA ALA D 1036 51.42 -39.60 -37.45
C ALA D 1036 51.99 -38.95 -36.21
N PRO D 1037 52.48 -39.76 -35.27
CA PRO D 1037 53.07 -39.24 -34.03
C PRO D 1037 54.24 -38.29 -34.30
N HIS D 1038 54.95 -38.49 -35.41
CA HIS D 1038 56.09 -37.64 -35.71
C HIS D 1038 55.65 -36.29 -36.27
N ASP D 1039 54.42 -36.24 -36.76
CA ASP D 1039 53.87 -35.01 -37.28
C ASP D 1039 53.60 -34.10 -36.10
N TYR D 1040 53.21 -34.71 -34.97
CA TYR D 1040 52.94 -33.91 -33.79
C TYR D 1040 54.27 -33.44 -33.18
N LEU D 1041 55.30 -34.28 -33.28
CA LEU D 1041 56.61 -33.93 -32.74
C LEU D 1041 57.20 -32.72 -33.46
N SER D 1042 56.95 -32.63 -34.75
CA SER D 1042 57.44 -31.54 -35.56
C SER D 1042 56.56 -30.31 -35.36
N GLY D 1043 55.36 -30.51 -34.83
CA GLY D 1043 54.47 -29.39 -34.61
C GLY D 1043 53.84 -28.90 -35.88
N LYS D 1044 53.60 -29.79 -36.83
CA LYS D 1044 52.95 -29.41 -38.08
C LYS D 1044 51.60 -30.14 -38.20
N ASP D 1045 50.60 -29.47 -38.77
CA ASP D 1045 49.27 -30.08 -38.97
C ASP D 1045 49.27 -30.47 -40.44
N PRO D 1046 49.55 -31.73 -40.74
CA PRO D 1046 49.59 -32.20 -42.14
C PRO D 1046 48.25 -32.10 -42.87
N GLN D 1047 47.16 -32.22 -42.11
CA GLN D 1047 45.84 -32.15 -42.69
C GLN D 1047 45.47 -30.75 -43.10
N ILE D 1048 45.66 -29.79 -42.19
CA ILE D 1048 45.32 -28.41 -42.55
C ILE D 1048 46.28 -27.93 -43.63
N ASP D 1049 47.54 -28.34 -43.55
CA ASP D 1049 48.53 -27.94 -44.56
C ASP D 1049 48.17 -28.44 -45.95
N TYR D 1050 47.79 -29.72 -46.05
CA TYR D 1050 47.42 -30.26 -47.33
C TYR D 1050 46.25 -29.45 -47.88
N ALA D 1051 45.26 -29.21 -47.01
CA ALA D 1051 44.06 -28.45 -47.39
C ALA D 1051 44.40 -27.09 -47.99
N ILE D 1052 45.28 -26.34 -47.32
CA ILE D 1052 45.74 -25.02 -47.77
C ILE D 1052 46.38 -25.15 -49.14
N ASP D 1053 47.44 -25.96 -49.18
CA ASP D 1053 48.20 -26.17 -50.41
C ASP D 1053 47.30 -26.62 -51.55
N ALA D 1054 46.47 -27.61 -51.28
CA ALA D 1054 45.56 -28.15 -52.30
C ALA D 1054 44.68 -27.05 -52.89
N LEU D 1055 44.17 -26.18 -52.02
CA LEU D 1055 43.32 -25.08 -52.43
C LEU D 1055 44.10 -24.02 -53.22
N ILE D 1056 45.33 -23.76 -52.78
CA ILE D 1056 46.14 -22.77 -53.48
C ILE D 1056 46.29 -23.23 -54.91
N GLU D 1057 46.56 -24.52 -55.09
CA GLU D 1057 46.70 -25.07 -56.44
C GLU D 1057 45.41 -24.91 -57.25
N GLU D 1058 44.26 -25.12 -56.61
CA GLU D 1058 42.98 -24.98 -57.31
C GLU D 1058 42.63 -23.53 -57.63
N LEU D 1059 43.33 -22.61 -56.96
CA LEU D 1059 43.11 -21.18 -57.15
C LEU D 1059 44.15 -20.56 -58.07
N ARG D 1060 44.51 -21.29 -59.12
CA ARG D 1060 45.48 -20.80 -60.09
C ARG D 1060 44.72 -20.48 -61.38
N ASN D 1061 43.62 -21.20 -61.61
CA ASN D 1061 42.81 -20.99 -62.80
C ASN D 1061 42.25 -19.57 -62.84
N MET E 39 -11.37 43.40 55.50
CA MET E 39 -12.41 43.84 54.52
C MET E 39 -13.77 43.11 54.60
N PRO E 40 -14.87 43.84 54.31
CA PRO E 40 -16.23 43.28 54.34
C PRO E 40 -16.61 42.61 53.02
N ASN E 41 -17.85 42.12 52.96
CA ASN E 41 -18.35 41.45 51.77
C ASN E 41 -19.32 42.33 51.02
N LEU E 42 -19.83 41.80 49.90
CA LEU E 42 -20.80 42.53 49.09
C LEU E 42 -22.10 41.78 49.28
N LEU E 43 -23.02 42.37 50.03
CA LEU E 43 -24.29 41.72 50.28
C LEU E 43 -25.33 42.24 49.32
N LEU E 44 -26.28 41.39 48.96
CA LEU E 44 -27.31 41.82 48.06
C LEU E 44 -28.53 40.93 48.02
N ASN E 45 -29.56 41.43 47.34
CA ASN E 45 -30.83 40.75 47.11
C ASN E 45 -31.42 40.09 48.35
N PRO E 46 -31.84 40.91 49.32
CA PRO E 46 -32.42 40.39 50.56
C PRO E 46 -33.92 40.13 50.57
N ASP E 47 -34.36 39.50 51.65
CA ASP E 47 -35.75 39.23 51.86
C ASP E 47 -35.92 39.20 53.38
N ILE E 48 -37.11 39.58 53.83
CA ILE E 48 -37.40 39.65 55.24
C ILE E 48 -38.65 38.90 55.63
N HIS E 49 -38.65 38.52 56.88
CA HIS E 49 -39.74 37.81 57.49
C HIS E 49 -39.62 37.97 58.99
N GLY E 50 -40.22 39.04 59.51
CA GLY E 50 -40.15 39.30 60.92
C GLY E 50 -38.80 39.88 61.28
N ASP E 51 -38.06 39.15 62.09
CA ASP E 51 -36.73 39.59 62.48
C ASP E 51 -35.62 38.85 61.73
N ARG E 52 -36.01 37.86 60.95
CA ARG E 52 -35.04 37.10 60.17
C ARG E 52 -34.87 37.75 58.81
N ILE E 53 -33.63 37.83 58.33
CA ILE E 53 -33.33 38.43 57.05
C ILE E 53 -32.37 37.58 56.24
N ILE E 54 -32.83 37.05 55.11
CA ILE E 54 -31.96 36.23 54.26
C ILE E 54 -31.42 37.09 53.12
N PHE E 55 -30.17 36.85 52.72
CA PHE E 55 -29.58 37.62 51.66
C PHE E 55 -28.46 36.82 51.00
N VAL E 56 -27.91 37.34 49.90
CA VAL E 56 -26.84 36.64 49.20
C VAL E 56 -25.45 37.22 49.49
N CYS E 57 -24.48 36.34 49.72
CA CYS E 57 -23.08 36.72 49.99
C CYS E 57 -22.19 35.63 49.41
N CYS E 58 -21.27 36.02 48.53
CA CYS E 58 -20.37 35.03 47.89
C CYS E 58 -21.20 33.96 47.22
N ASP E 59 -22.20 34.38 46.46
CA ASP E 59 -23.06 33.46 45.72
C ASP E 59 -23.86 32.47 46.55
N ASP E 60 -23.68 32.50 47.86
CA ASP E 60 -24.41 31.59 48.72
C ASP E 60 -25.51 32.34 49.48
N LEU E 61 -26.43 31.59 50.10
CA LEU E 61 -27.56 32.16 50.84
C LEU E 61 -27.28 32.23 52.32
N TRP E 62 -27.43 33.42 52.90
CA TRP E 62 -27.22 33.57 54.33
C TRP E 62 -28.48 34.06 55.03
N GLU E 63 -28.49 33.89 56.35
CA GLU E 63 -29.61 34.33 57.17
C GLU E 63 -29.07 35.11 58.37
N HIS E 64 -29.70 36.23 58.65
CA HIS E 64 -29.30 37.08 59.77
C HIS E 64 -30.50 37.38 60.66
N ASP E 65 -30.28 37.30 61.97
CA ASP E 65 -31.31 37.55 62.97
C ASP E 65 -31.16 38.95 63.55
N LEU E 66 -32.12 39.82 63.26
CA LEU E 66 -32.07 41.19 63.75
C LEU E 66 -31.97 41.24 65.25
N LYS E 67 -32.64 40.31 65.91
CA LYS E 67 -32.62 40.27 67.36
C LYS E 67 -31.21 39.95 67.90
N SER E 68 -30.79 38.70 67.78
CA SER E 68 -29.46 38.26 68.26
C SER E 68 -28.29 38.92 67.55
N GLY E 69 -28.43 39.17 66.26
CA GLY E 69 -27.35 39.79 65.50
C GLY E 69 -26.40 38.78 64.89
N SER E 70 -26.80 37.50 64.90
CA SER E 70 -25.98 36.43 64.35
C SER E 70 -26.31 36.14 62.88
N THR E 71 -25.27 35.84 62.10
CA THR E 71 -25.41 35.54 60.70
C THR E 71 -24.86 34.17 60.42
N ARG E 72 -25.50 33.45 59.52
CA ARG E 72 -25.05 32.10 59.16
C ARG E 72 -25.43 31.73 57.72
N LYS E 73 -24.58 30.93 57.09
CA LYS E 73 -24.87 30.49 55.73
C LYS E 73 -25.84 29.29 55.83
N ILE E 74 -27.03 29.40 55.22
CA ILE E 74 -28.02 28.33 55.26
C ILE E 74 -28.02 27.38 54.06
N VAL E 75 -27.37 27.78 52.97
CA VAL E 75 -27.31 26.92 51.80
C VAL E 75 -26.14 27.32 50.90
N SER E 76 -25.38 26.32 50.46
CA SER E 76 -24.24 26.60 49.61
C SER E 76 -23.91 25.47 48.65
N ASN E 77 -22.94 25.73 47.78
CA ASN E 77 -22.49 24.74 46.82
C ASN E 77 -23.61 24.25 45.88
N LEU E 78 -24.52 25.16 45.57
CA LEU E 78 -25.64 24.84 44.70
C LEU E 78 -25.39 25.50 43.36
N GLY E 79 -24.47 26.43 43.38
CA GLY E 79 -24.14 27.19 42.19
C GLY E 79 -24.28 28.66 42.56
N VAL E 80 -24.69 29.49 41.62
CA VAL E 80 -24.83 30.90 41.96
C VAL E 80 -26.28 31.32 42.24
N ILE E 81 -26.52 31.70 43.49
CA ILE E 81 -27.82 32.11 43.96
C ILE E 81 -27.93 33.61 43.88
N ASN E 82 -29.00 34.10 43.23
CA ASN E 82 -29.23 35.54 43.08
C ASN E 82 -30.58 35.98 43.67
N ASN E 83 -31.43 35.04 44.01
CA ASN E 83 -32.74 35.39 44.54
C ASN E 83 -33.23 34.34 45.53
N ALA E 84 -33.70 34.81 46.68
CA ALA E 84 -34.23 33.90 47.67
C ALA E 84 -35.47 34.56 48.22
N ARG E 85 -36.57 33.81 48.25
CA ARG E 85 -37.83 34.33 48.72
C ARG E 85 -38.46 33.49 49.78
N PHE E 86 -38.80 34.15 50.89
CA PHE E 86 -39.46 33.54 52.04
C PHE E 86 -40.88 33.22 51.67
N PHE E 87 -41.35 32.06 52.10
CA PHE E 87 -42.73 31.66 51.87
C PHE E 87 -43.55 32.43 52.91
N PRO E 88 -44.88 32.27 52.90
CA PRO E 88 -45.71 32.96 53.89
C PRO E 88 -45.36 32.54 55.31
N ASP E 89 -45.41 31.24 55.61
CA ASP E 89 -45.11 30.78 56.96
C ASP E 89 -43.66 31.09 57.38
N GLY E 90 -42.88 31.67 56.49
CA GLY E 90 -41.50 31.98 56.85
C GLY E 90 -40.63 30.75 57.11
N ARG E 91 -41.16 29.56 56.79
CA ARG E 91 -40.44 28.32 57.00
C ARG E 91 -39.60 27.94 55.79
N LYS E 92 -40.25 27.61 54.67
CA LYS E 92 -39.54 27.24 53.45
C LYS E 92 -39.03 28.48 52.72
N ILE E 93 -38.14 28.24 51.77
CA ILE E 93 -37.59 29.32 50.95
C ILE E 93 -37.38 28.87 49.50
N ALA E 94 -37.98 29.63 48.59
CA ALA E 94 -37.83 29.36 47.17
C ALA E 94 -36.53 30.07 46.76
N ILE E 95 -35.66 29.34 46.09
CA ILE E 95 -34.37 29.86 45.68
C ILE E 95 -34.11 29.69 44.20
N ARG E 96 -33.47 30.69 43.61
CA ARG E 96 -33.12 30.64 42.20
C ARG E 96 -31.61 30.46 42.12
N VAL E 97 -31.17 29.45 41.38
CA VAL E 97 -29.75 29.23 41.23
C VAL E 97 -29.37 29.12 39.75
N MET E 98 -28.23 29.71 39.41
CA MET E 98 -27.70 29.68 38.07
C MET E 98 -26.51 28.68 37.97
N ARG E 99 -26.43 27.95 36.86
CA ARG E 99 -25.37 26.98 36.60
C ARG E 99 -24.81 27.12 35.17
N GLY E 100 -23.71 26.42 34.90
CA GLY E 100 -23.09 26.56 33.59
C GLY E 100 -22.02 27.63 33.74
N SER E 101 -20.90 27.48 33.05
CA SER E 101 -19.80 28.43 33.16
C SER E 101 -20.15 29.91 33.14
N SER E 102 -21.06 30.29 32.27
CA SER E 102 -21.47 31.67 32.15
C SER E 102 -22.84 31.93 32.73
N LEU E 103 -23.35 30.98 33.51
CA LEU E 103 -24.66 31.13 34.14
C LEU E 103 -25.71 31.29 33.07
N ASN E 104 -25.66 30.42 32.08
CA ASN E 104 -26.62 30.43 30.97
C ASN E 104 -27.89 29.63 31.33
N THR E 105 -27.82 28.84 32.40
CA THR E 105 -28.96 28.06 32.81
C THR E 105 -29.37 28.34 34.26
N ALA E 106 -30.65 28.09 34.55
CA ALA E 106 -31.14 28.33 35.90
C ALA E 106 -32.33 27.41 36.23
N ASP E 107 -32.54 27.19 37.52
CA ASP E 107 -33.65 26.41 37.99
C ASP E 107 -33.93 26.76 39.46
N LEU E 108 -35.07 26.31 39.96
CA LEU E 108 -35.47 26.65 41.30
C LEU E 108 -35.37 25.51 42.32
N TYR E 109 -34.99 25.87 43.56
CA TYR E 109 -34.86 24.93 44.66
C TYR E 109 -35.65 25.41 45.88
N PHE E 110 -36.03 24.47 46.75
CA PHE E 110 -36.75 24.74 47.99
C PHE E 110 -35.84 24.43 49.15
N TYR E 111 -35.79 25.34 50.13
CA TYR E 111 -35.00 25.11 51.33
C TYR E 111 -35.95 25.08 52.52
N ASN E 112 -35.77 24.13 53.41
CA ASN E 112 -36.64 24.06 54.57
C ASN E 112 -35.78 24.25 55.82
N GLY E 113 -35.91 25.42 56.45
CA GLY E 113 -35.14 25.72 57.64
C GLY E 113 -35.49 24.84 58.83
N GLU E 114 -36.53 24.02 58.67
CA GLU E 114 -36.94 23.14 59.74
C GLU E 114 -36.04 21.92 59.89
N ASN E 115 -35.69 21.28 58.77
CA ASN E 115 -34.85 20.10 58.78
C ASN E 115 -33.59 20.27 57.95
N GLY E 116 -33.39 21.47 57.41
CA GLY E 116 -32.23 21.75 56.59
C GLY E 116 -32.29 21.06 55.25
N GLU E 117 -33.50 20.64 54.88
CA GLU E 117 -33.71 19.93 53.62
C GLU E 117 -33.62 20.83 52.40
N ILE E 118 -32.97 20.35 51.36
CA ILE E 118 -32.85 21.11 50.12
C ILE E 118 -33.42 20.25 48.99
N LYS E 119 -34.07 20.85 48.03
CA LYS E 119 -34.65 20.08 46.95
C LYS E 119 -34.90 20.91 45.70
N ARG E 120 -34.61 20.32 44.55
CA ARG E 120 -34.81 20.98 43.27
C ARG E 120 -36.28 20.84 42.86
N ILE E 121 -36.90 21.95 42.47
CA ILE E 121 -38.31 21.98 42.11
C ILE E 121 -38.58 22.01 40.61
N THR E 122 -37.77 22.75 39.87
CA THR E 122 -37.94 22.85 38.41
C THR E 122 -36.77 22.21 37.65
N TYR E 123 -37.08 21.64 36.49
CA TYR E 123 -36.08 21.00 35.65
C TYR E 123 -36.32 21.52 34.25
N PHE E 124 -36.56 22.82 34.19
CA PHE E 124 -36.85 23.49 32.93
C PHE E 124 -35.56 23.91 32.25
N SER E 125 -34.53 24.10 33.06
CA SER E 125 -33.24 24.55 32.58
C SER E 125 -33.46 25.86 31.82
N GLY E 126 -34.21 26.76 32.45
CA GLY E 126 -34.51 28.05 31.88
C GLY E 126 -33.26 28.77 31.45
N LYS E 127 -33.32 29.38 30.28
CA LYS E 127 -32.17 30.11 29.77
C LYS E 127 -32.12 31.48 30.42
N SER E 128 -30.92 31.94 30.74
CA SER E 128 -30.81 33.25 31.38
C SER E 128 -29.53 33.97 31.01
N THR E 129 -29.53 35.28 31.15
CA THR E 129 -28.38 36.11 30.83
C THR E 129 -28.27 37.12 31.95
N GLY E 130 -27.28 37.99 31.88
CA GLY E 130 -27.12 38.98 32.93
C GLY E 130 -28.31 39.89 33.17
N ARG E 131 -28.85 40.46 32.10
CA ARG E 131 -29.96 41.36 32.22
C ARG E 131 -31.35 40.71 32.17
N ARG E 132 -31.41 39.42 31.82
CA ARG E 132 -32.70 38.72 31.78
C ARG E 132 -32.58 37.41 32.55
N MET E 133 -32.46 37.52 33.87
CA MET E 133 -32.36 36.35 34.72
C MET E 133 -33.75 35.77 34.92
N PHE E 134 -34.28 35.20 33.84
CA PHE E 134 -35.61 34.62 33.84
C PHE E 134 -35.74 33.31 34.61
N THR E 135 -36.98 32.84 34.75
CA THR E 135 -37.27 31.63 35.49
C THR E 135 -36.89 31.90 36.93
N ASP E 136 -37.79 32.58 37.61
CA ASP E 136 -37.59 33.01 38.97
C ASP E 136 -38.92 32.98 39.75
N VAL E 137 -38.87 33.41 41.01
CA VAL E 137 -40.09 33.45 41.83
C VAL E 137 -40.87 34.68 41.44
N ALA E 138 -42.19 34.52 41.23
CA ALA E 138 -43.03 35.68 40.88
C ALA E 138 -43.72 36.26 42.13
N GLY E 139 -44.22 35.36 42.97
CA GLY E 139 -44.89 35.76 44.19
C GLY E 139 -45.60 34.58 44.81
N PHE E 140 -46.52 34.84 45.73
CA PHE E 140 -47.26 33.77 46.38
C PHE E 140 -48.74 34.04 46.41
N ASP E 141 -49.54 33.04 46.04
CA ASP E 141 -50.98 33.22 46.02
C ASP E 141 -51.53 33.22 47.45
N PRO E 142 -52.80 33.62 47.60
CA PRO E 142 -53.42 33.67 48.93
C PRO E 142 -53.34 32.36 49.72
N ASP E 143 -53.33 31.23 49.02
CA ASP E 143 -53.25 29.93 49.70
C ASP E 143 -51.82 29.60 50.13
N GLY E 144 -50.90 30.52 49.87
CA GLY E 144 -49.52 30.27 50.26
C GLY E 144 -48.71 29.47 49.25
N ASN E 145 -49.23 29.34 48.04
CA ASN E 145 -48.53 28.60 47.01
C ASN E 145 -47.60 29.49 46.21
N LEU E 146 -46.48 28.91 45.83
CA LEU E 146 -45.47 29.62 45.06
C LEU E 146 -45.91 29.79 43.62
N ILE E 147 -45.77 31.01 43.12
CA ILE E 147 -46.13 31.31 41.74
C ILE E 147 -44.80 31.71 41.08
N ILE E 148 -44.40 30.95 40.06
CA ILE E 148 -43.17 31.26 39.36
C ILE E 148 -43.39 31.87 37.99
N SER E 149 -42.33 32.48 37.51
CA SER E 149 -42.32 33.13 36.21
C SER E 149 -41.22 32.53 35.37
N THR E 150 -41.59 31.82 34.32
CA THR E 150 -40.59 31.21 33.43
C THR E 150 -41.08 31.19 31.98
N ASP E 151 -40.13 31.10 31.08
CA ASP E 151 -40.38 31.09 29.65
C ASP E 151 -39.96 29.73 29.12
N ALA E 152 -39.62 28.84 30.03
CA ALA E 152 -39.18 27.50 29.66
C ALA E 152 -40.08 26.83 28.62
N MET E 153 -41.40 26.95 28.76
CA MET E 153 -42.26 26.32 27.78
C MET E 153 -42.88 27.32 26.81
N GLN E 154 -42.15 28.38 26.54
CA GLN E 154 -42.63 29.39 25.63
C GLN E 154 -41.74 29.58 24.42
N PRO E 155 -42.31 30.11 23.33
CA PRO E 155 -41.55 30.34 22.10
C PRO E 155 -40.53 31.46 22.25
N PHE E 156 -40.86 32.51 23.02
CA PHE E 156 -39.91 33.60 23.19
C PHE E 156 -39.46 33.76 24.63
N SER E 157 -38.20 34.15 24.80
CA SER E 157 -37.69 34.30 26.16
C SER E 157 -38.46 35.35 26.94
N SER E 158 -38.77 36.47 26.27
CA SER E 158 -39.53 37.54 26.93
C SER E 158 -40.90 37.10 27.46
N MET E 159 -41.42 35.98 26.96
CA MET E 159 -42.70 35.47 27.44
C MET E 159 -42.57 34.75 28.78
N THR E 160 -42.11 35.45 29.80
CA THR E 160 -41.98 34.84 31.12
C THR E 160 -43.35 34.70 31.76
N CYS E 161 -44.09 33.66 31.35
CA CYS E 161 -45.43 33.43 31.84
C CYS E 161 -45.56 32.93 33.29
N LEU E 162 -46.69 33.21 33.95
CA LEU E 162 -46.88 32.84 35.34
C LEU E 162 -47.46 31.45 35.53
N TYR E 163 -46.88 30.71 36.47
CA TYR E 163 -47.32 29.35 36.79
C TYR E 163 -47.38 29.11 38.30
N ARG E 164 -48.33 28.29 38.72
CA ARG E 164 -48.47 27.94 40.13
C ARG E 164 -47.78 26.60 40.32
N VAL E 165 -46.80 26.56 41.22
CA VAL E 165 -46.06 25.34 41.50
C VAL E 165 -46.91 24.40 42.37
N GLU E 166 -46.98 23.13 41.99
CA GLU E 166 -47.74 22.16 42.77
C GLU E 166 -46.97 20.89 43.08
N ASN E 167 -47.11 20.37 44.30
CA ASN E 167 -46.44 19.13 44.69
C ASN E 167 -44.96 19.20 44.50
N ASP E 168 -44.37 20.31 44.92
CA ASP E 168 -42.92 20.50 44.81
C ASP E 168 -42.38 20.43 43.39
N GLY E 169 -43.20 20.74 42.40
CA GLY E 169 -42.73 20.69 41.02
C GLY E 169 -43.25 19.55 40.16
N ILE E 170 -44.21 18.78 40.70
CA ILE E 170 -44.83 17.64 39.99
C ILE E 170 -45.65 18.14 38.81
N ASN E 171 -46.44 19.18 39.05
CA ASN E 171 -47.30 19.76 38.05
C ASN E 171 -47.21 21.28 38.12
N PHE E 172 -47.48 21.94 37.00
CA PHE E 172 -47.48 23.41 36.95
C PHE E 172 -48.76 23.88 36.32
N VAL E 173 -49.51 24.72 37.04
CA VAL E 173 -50.77 25.22 36.51
C VAL E 173 -50.60 26.67 36.03
N PRO E 174 -50.87 26.92 34.75
CA PRO E 174 -50.75 28.26 34.17
C PRO E 174 -51.82 29.24 34.64
N LEU E 175 -51.41 30.46 34.93
CA LEU E 175 -52.33 31.48 35.39
C LEU E 175 -52.89 32.28 34.23
N ASN E 176 -52.39 31.99 33.04
CA ASN E 176 -52.79 32.69 31.83
C ASN E 176 -53.00 34.17 31.99
N LEU E 177 -52.04 34.84 32.62
CA LEU E 177 -52.17 36.26 32.83
C LEU E 177 -51.20 37.02 31.93
N GLY E 178 -50.49 36.28 31.08
CA GLY E 178 -49.54 36.90 30.18
C GLY E 178 -48.19 37.01 30.83
N PRO E 179 -47.18 37.52 30.12
CA PRO E 179 -45.84 37.68 30.70
C PRO E 179 -45.86 38.57 31.94
N ALA E 180 -45.14 38.14 32.98
CA ALA E 180 -45.07 38.91 34.22
C ALA E 180 -43.76 38.64 34.97
N THR E 181 -43.33 39.62 35.75
CA THR E 181 -42.12 39.50 36.53
C THR E 181 -42.50 39.39 38.02
N HIS E 182 -43.56 40.08 38.44
CA HIS E 182 -44.04 40.04 39.81
C HIS E 182 -45.55 39.84 39.84
N ILE E 183 -46.03 39.15 40.87
CA ILE E 183 -47.46 38.94 41.03
C ILE E 183 -47.76 39.18 42.53
N LEU E 184 -48.62 40.13 42.85
CA LEU E 184 -48.95 40.39 44.25
C LEU E 184 -50.46 40.30 44.43
N PHE E 185 -50.88 40.00 45.65
CA PHE E 185 -52.31 39.92 45.92
C PHE E 185 -52.78 40.93 46.99
N ALA E 186 -53.73 41.79 46.64
CA ALA E 186 -54.24 42.78 47.57
C ALA E 186 -55.76 42.73 47.63
N ASP E 187 -56.31 42.40 48.79
CA ASP E 187 -57.75 42.34 48.96
C ASP E 187 -58.40 41.46 47.90
N GLY E 188 -57.82 40.28 47.65
CA GLY E 188 -58.38 39.37 46.67
C GLY E 188 -58.20 39.84 45.23
N ARG E 189 -57.52 40.96 45.06
CA ARG E 189 -57.26 41.50 43.74
C ARG E 189 -55.86 41.07 43.29
N ARG E 190 -55.67 40.91 41.99
CA ARG E 190 -54.38 40.50 41.47
C ARG E 190 -53.57 41.70 40.96
N VAL E 191 -52.36 41.86 41.49
CA VAL E 191 -51.51 42.96 41.05
C VAL E 191 -50.46 42.33 40.14
N ILE E 192 -50.20 42.94 38.97
CA ILE E 192 -49.21 42.38 38.05
C ILE E 192 -48.06 43.31 37.62
N GLY E 193 -46.83 42.84 37.85
CA GLY E 193 -45.66 43.62 37.48
C GLY E 193 -45.08 43.12 36.16
N ARG E 194 -45.05 43.98 35.16
CA ARG E 194 -44.53 43.64 33.86
C ARG E 194 -43.13 44.16 33.66
N ASN E 195 -42.17 43.24 33.43
CA ASN E 195 -40.80 43.65 33.20
C ASN E 195 -40.32 44.50 34.38
N THR E 196 -40.72 44.09 35.58
CA THR E 196 -40.37 44.85 36.76
C THR E 196 -39.09 44.37 37.48
N PHE E 197 -38.14 43.84 36.73
CA PHE E 197 -36.87 43.40 37.31
C PHE E 197 -35.88 44.61 37.27
N GLU E 198 -34.80 44.55 38.04
CA GLU E 198 -33.87 45.66 38.02
C GLU E 198 -33.15 45.77 36.68
N LEU E 199 -32.79 47.02 36.32
CA LEU E 199 -32.07 47.31 35.09
C LEU E 199 -30.82 48.11 35.42
N PRO E 200 -29.91 47.52 36.20
CA PRO E 200 -28.67 48.21 36.57
C PRO E 200 -27.85 48.67 35.40
N HIS E 201 -27.84 47.88 34.33
CA HIS E 201 -27.05 48.19 33.15
C HIS E 201 -27.55 49.37 32.38
N TRP E 202 -28.75 49.85 32.69
CA TRP E 202 -29.30 50.99 31.96
C TRP E 202 -30.05 51.97 32.83
N LYS E 203 -29.34 52.79 33.57
CA LYS E 203 -30.01 53.75 34.42
C LYS E 203 -30.70 54.80 33.55
N GLY E 204 -31.85 55.27 34.05
CA GLY E 204 -32.62 56.25 33.31
C GLY E 204 -33.38 55.71 32.11
N TYR E 205 -33.58 54.39 32.06
CA TYR E 205 -34.28 53.80 30.93
C TYR E 205 -35.73 54.33 30.82
N ARG E 206 -36.12 54.75 29.63
CA ARG E 206 -37.46 55.28 29.40
C ARG E 206 -38.10 54.67 28.15
N GLY E 207 -37.59 53.52 27.71
CA GLY E 207 -38.14 52.86 26.53
C GLY E 207 -39.45 52.10 26.77
N GLY E 208 -39.95 51.47 25.73
CA GLY E 208 -41.20 50.74 25.82
C GLY E 208 -41.27 49.48 26.67
N THR E 209 -40.12 48.96 27.10
CA THR E 209 -40.12 47.74 27.91
C THR E 209 -39.99 48.06 29.39
N ARG E 210 -40.09 49.34 29.72
CA ARG E 210 -39.97 49.80 31.11
C ARG E 210 -41.01 49.12 31.99
N GLY E 211 -40.66 48.95 33.26
CA GLY E 211 -41.55 48.33 34.20
C GLY E 211 -42.89 49.05 34.36
N LYS E 212 -43.98 48.28 34.39
CA LYS E 212 -45.33 48.79 34.55
C LYS E 212 -46.13 47.87 35.47
N ILE E 213 -47.10 48.43 36.20
CA ILE E 213 -47.94 47.63 37.09
C ILE E 213 -49.43 47.73 36.76
N TRP E 214 -50.05 46.57 36.61
CA TRP E 214 -51.48 46.46 36.34
C TRP E 214 -52.17 45.92 37.59
N ILE E 215 -53.49 46.12 37.69
CA ILE E 215 -54.25 45.63 38.84
C ILE E 215 -55.63 45.22 38.38
N GLU E 216 -56.18 44.24 39.09
CA GLU E 216 -57.51 43.70 38.80
C GLU E 216 -58.53 44.63 39.48
N VAL E 217 -59.71 44.77 38.87
CA VAL E 217 -60.78 45.62 39.39
C VAL E 217 -62.19 45.06 39.21
N ASN E 218 -62.49 44.60 38.01
CA ASN E 218 -63.82 44.09 37.72
C ASN E 218 -63.95 42.63 38.10
N SER E 219 -63.20 42.21 39.11
CA SER E 219 -63.22 40.82 39.59
C SER E 219 -62.76 39.88 38.46
N GLY E 220 -62.18 40.46 37.41
CA GLY E 220 -61.69 39.67 36.29
C GLY E 220 -61.03 40.53 35.22
N ALA E 221 -61.20 41.84 35.33
CA ALA E 221 -60.58 42.72 34.36
C ALA E 221 -59.40 43.45 34.97
N PHE E 222 -58.46 43.85 34.11
CA PHE E 222 -57.26 44.54 34.58
C PHE E 222 -57.05 45.93 34.05
N LYS E 223 -56.49 46.80 34.87
CA LYS E 223 -56.28 48.17 34.50
C LYS E 223 -54.86 48.58 34.81
N LYS E 224 -54.25 49.27 33.87
CA LYS E 224 -52.86 49.72 34.06
C LYS E 224 -52.85 50.84 35.10
N ILE E 225 -52.07 50.72 36.16
CA ILE E 225 -52.05 51.74 37.18
C ILE E 225 -50.73 52.42 37.46
N VAL E 226 -49.64 51.90 36.94
CA VAL E 226 -48.36 52.56 37.15
C VAL E 226 -47.60 52.47 35.86
N ASP E 227 -47.55 53.58 35.15
CA ASP E 227 -46.86 53.65 33.87
C ASP E 227 -46.12 54.98 33.81
N MET E 228 -45.05 55.12 34.59
CA MET E 228 -44.28 56.35 34.59
C MET E 228 -43.39 56.45 33.34
N SER E 229 -42.72 57.58 33.20
CA SER E 229 -41.89 57.77 32.03
C SER E 229 -40.65 56.92 32.14
N THR E 230 -40.22 56.67 33.37
CA THR E 230 -39.02 55.84 33.59
C THR E 230 -39.37 54.44 34.06
N HIS E 231 -38.34 53.61 34.21
CA HIS E 231 -38.48 52.23 34.64
C HIS E 231 -38.87 52.04 36.11
N VAL E 232 -39.80 51.11 36.31
CA VAL E 232 -40.28 50.79 37.64
C VAL E 232 -39.89 49.37 37.95
N SER E 233 -39.31 49.14 39.14
CA SER E 233 -38.85 47.81 39.56
C SER E 233 -39.15 47.39 41.00
N SER E 234 -38.97 46.10 41.27
CA SER E 234 -39.16 45.49 42.60
C SER E 234 -40.36 45.97 43.40
N PRO E 235 -41.56 45.80 42.85
CA PRO E 235 -42.79 46.21 43.55
C PRO E 235 -43.14 45.32 44.74
N VAL E 236 -43.73 45.92 45.77
CA VAL E 236 -44.17 45.22 46.97
C VAL E 236 -45.36 45.99 47.50
N ILE E 237 -46.11 45.37 48.40
CA ILE E 237 -47.26 46.03 49.01
C ILE E 237 -47.21 46.00 50.52
N VAL E 238 -47.39 47.15 51.15
CA VAL E 238 -47.39 47.26 52.61
C VAL E 238 -48.67 48.03 52.94
N GLY E 239 -49.60 47.33 53.57
CA GLY E 239 -50.87 47.93 53.89
C GLY E 239 -51.64 48.00 52.60
N HIS E 240 -51.97 49.20 52.16
CA HIS E 240 -52.68 49.32 50.91
C HIS E 240 -51.96 50.23 49.92
N ARG E 241 -50.64 50.17 50.00
CA ARG E 241 -49.80 50.94 49.10
C ARG E 241 -48.78 50.02 48.43
N ILE E 242 -48.42 50.37 47.20
CA ILE E 242 -47.46 49.62 46.43
C ILE E 242 -46.16 50.39 46.39
N TYR E 243 -45.12 49.79 46.95
CA TYR E 243 -43.81 50.41 46.97
C TYR E 243 -42.95 49.84 45.87
N PHE E 244 -42.20 50.70 45.21
CA PHE E 244 -41.34 50.29 44.12
C PHE E 244 -40.18 51.27 43.96
N ILE E 245 -39.31 50.98 43.01
CA ILE E 245 -38.16 51.83 42.78
C ILE E 245 -38.18 52.39 41.36
N THR E 246 -37.66 53.60 41.20
CA THR E 246 -37.58 54.22 39.89
C THR E 246 -36.63 55.42 39.97
N ASP E 247 -36.06 55.84 38.84
CA ASP E 247 -35.15 56.97 38.88
C ASP E 247 -35.70 58.14 38.09
N ILE E 248 -37.01 58.27 38.15
CA ILE E 248 -37.68 59.35 37.44
C ILE E 248 -37.02 60.73 37.74
N ASP E 249 -36.40 60.86 38.91
CA ASP E 249 -35.75 62.09 39.31
C ASP E 249 -34.24 62.17 39.06
N GLY E 250 -33.70 61.13 38.44
CA GLY E 250 -32.28 61.13 38.15
C GLY E 250 -31.49 60.14 38.98
N PHE E 251 -32.16 59.49 39.92
CA PHE E 251 -31.47 58.54 40.75
C PHE E 251 -32.50 57.59 41.33
N GLY E 252 -32.04 56.39 41.69
CA GLY E 252 -32.93 55.39 42.23
C GLY E 252 -33.39 55.69 43.63
N GLN E 253 -34.70 55.75 43.80
CA GLN E 253 -35.31 56.01 45.10
C GLN E 253 -36.52 55.11 45.26
N ILE E 254 -37.00 54.98 46.49
CA ILE E 254 -38.17 54.16 46.74
C ILE E 254 -39.41 55.03 46.72
N TYR E 255 -40.41 54.64 45.94
CA TYR E 255 -41.66 55.41 45.89
C TYR E 255 -42.79 54.45 46.26
N SER E 256 -44.02 54.98 46.25
CA SER E 256 -45.19 54.16 46.53
C SER E 256 -46.41 54.94 46.09
N THR E 257 -47.50 54.21 45.86
CA THR E 257 -48.78 54.79 45.46
C THR E 257 -49.88 53.92 46.03
N ASP E 258 -51.14 54.31 45.87
CA ASP E 258 -52.23 53.47 46.37
C ASP E 258 -52.53 52.40 45.32
N LEU E 259 -53.51 51.56 45.59
CA LEU E 259 -53.86 50.52 44.65
C LEU E 259 -54.51 51.08 43.37
N ASP E 260 -54.27 52.36 43.10
CA ASP E 260 -54.79 53.02 41.93
C ASP E 260 -53.72 53.76 41.18
N GLY E 261 -52.50 53.63 41.68
CA GLY E 261 -51.37 54.28 41.03
C GLY E 261 -51.45 55.77 41.24
N LYS E 262 -52.22 56.16 42.25
CA LYS E 262 -52.44 57.55 42.61
C LYS E 262 -51.72 57.87 43.91
N ASP E 263 -51.61 59.17 44.22
CA ASP E 263 -50.95 59.64 45.44
C ASP E 263 -49.46 59.28 45.46
N LEU E 264 -48.75 59.60 44.39
CA LEU E 264 -47.33 59.30 44.27
C LEU E 264 -46.55 59.95 45.41
N ARG E 265 -45.69 59.17 46.05
CA ARG E 265 -44.84 59.65 47.14
C ARG E 265 -43.41 59.16 47.00
N LYS E 266 -42.47 60.03 47.36
CA LYS E 266 -41.05 59.73 47.30
C LYS E 266 -40.60 59.51 48.76
N HIS E 267 -40.08 58.33 49.07
CA HIS E 267 -39.65 58.04 50.45
C HIS E 267 -38.16 58.06 50.77
N THR E 268 -37.32 57.97 49.75
CA THR E 268 -35.88 57.97 49.98
C THR E 268 -35.20 59.09 49.20
N SER E 269 -33.94 59.36 49.56
CA SER E 269 -33.16 60.39 48.89
C SER E 269 -31.71 59.95 48.74
N PHE E 270 -31.51 58.69 48.39
CA PHE E 270 -30.18 58.15 48.23
C PHE E 270 -29.35 58.92 47.22
N THR E 271 -28.02 58.80 47.32
CA THR E 271 -27.10 59.46 46.38
C THR E 271 -25.88 58.61 46.07
N ASP E 272 -25.56 57.67 46.96
CA ASP E 272 -24.40 56.81 46.81
C ASP E 272 -24.54 55.72 45.74
N TYR E 273 -25.56 54.88 45.87
CA TYR E 273 -25.82 53.81 44.92
C TYR E 273 -27.29 53.57 44.79
N TYR E 274 -27.71 52.99 43.69
CA TYR E 274 -29.11 52.69 43.48
C TYR E 274 -29.59 51.57 44.41
N PRO E 275 -30.76 51.73 45.01
CA PRO E 275 -31.26 50.67 45.89
C PRO E 275 -31.87 49.59 45.00
N ARG E 276 -31.78 48.33 45.37
CA ARG E 276 -32.37 47.29 44.53
C ARG E 276 -33.07 46.22 45.35
N HIS E 277 -33.66 45.27 44.63
CA HIS E 277 -34.32 44.10 45.19
C HIS E 277 -35.32 44.33 46.35
N LEU E 278 -36.33 45.16 46.16
CA LEU E 278 -37.26 45.34 47.27
C LEU E 278 -38.02 44.06 47.58
N ASN E 279 -38.23 43.85 48.87
CA ASN E 279 -38.96 42.68 49.35
C ASN E 279 -39.50 43.07 50.71
N THR E 280 -40.54 42.36 51.15
CA THR E 280 -41.16 42.66 52.43
C THR E 280 -41.85 41.46 53.02
N ASP E 281 -42.43 41.65 54.21
CA ASP E 281 -43.16 40.61 54.95
C ASP E 281 -44.54 41.13 55.34
N GLY E 282 -44.87 42.35 54.91
CA GLY E 282 -46.15 42.92 55.25
C GLY E 282 -46.03 44.04 56.23
N ARG E 283 -44.88 44.12 56.92
CA ARG E 283 -44.64 45.16 57.91
C ARG E 283 -43.50 46.10 57.50
N ARG E 284 -42.33 45.53 57.18
CA ARG E 284 -41.15 46.31 56.80
C ARG E 284 -40.59 45.91 55.45
N ILE E 285 -40.01 46.88 54.75
CA ILE E 285 -39.43 46.66 53.44
C ILE E 285 -37.92 46.47 53.59
N LEU E 286 -37.39 45.56 52.79
CA LEU E 286 -35.97 45.25 52.84
C LEU E 286 -35.33 45.46 51.47
N PHE E 287 -34.07 45.85 51.44
CA PHE E 287 -33.40 46.06 50.16
C PHE E 287 -31.88 46.15 50.29
N SER E 288 -31.16 46.16 49.17
CA SER E 288 -29.71 46.25 49.26
C SER E 288 -29.25 47.46 48.48
N LYS E 289 -28.04 47.92 48.78
CA LYS E 289 -27.49 49.09 48.12
C LYS E 289 -25.98 49.21 48.38
N GLY E 290 -25.20 49.36 47.31
CA GLY E 290 -23.76 49.49 47.48
C GLY E 290 -23.14 48.37 48.28
N GLY E 291 -23.76 47.19 48.24
CA GLY E 291 -23.20 46.06 48.97
C GLY E 291 -23.64 45.88 50.41
N SER E 292 -24.60 46.68 50.87
CA SER E 292 -25.12 46.59 52.24
C SER E 292 -26.63 46.40 52.23
N ILE E 293 -27.17 45.81 53.30
CA ILE E 293 -28.60 45.61 53.38
C ILE E 293 -29.24 46.65 54.31
N TYR E 294 -30.35 47.21 53.85
CA TYR E 294 -31.07 48.21 54.60
C TYR E 294 -32.51 47.81 54.90
N ILE E 295 -33.11 48.48 55.88
CA ILE E 295 -34.50 48.25 56.24
C ILE E 295 -35.27 49.57 56.19
N PHE E 296 -36.49 49.48 55.65
CA PHE E 296 -37.36 50.63 55.51
C PHE E 296 -38.64 50.34 56.26
N ASN E 297 -38.99 51.21 57.20
CA ASN E 297 -40.22 51.01 57.94
C ASN E 297 -41.22 52.05 57.40
N PRO E 298 -42.24 51.60 56.66
CA PRO E 298 -43.27 52.45 56.06
C PRO E 298 -43.96 53.37 57.05
N ASP E 299 -44.20 52.88 58.27
CA ASP E 299 -44.86 53.69 59.29
C ASP E 299 -43.99 54.80 59.82
N THR E 300 -42.71 54.52 59.96
CA THR E 300 -41.78 55.49 60.47
C THR E 300 -41.12 56.29 59.35
N GLU E 301 -41.06 55.69 58.18
CA GLU E 301 -40.43 56.30 57.03
C GLU E 301 -38.93 56.43 57.28
N LYS E 302 -38.43 55.68 58.26
CA LYS E 302 -37.01 55.70 58.61
C LYS E 302 -36.25 54.50 58.02
N ILE E 303 -35.04 54.76 57.54
CA ILE E 303 -34.22 53.73 56.94
C ILE E 303 -32.94 53.51 57.72
N GLU E 304 -32.62 52.25 57.95
CA GLU E 304 -31.42 51.92 58.67
C GLU E 304 -30.64 50.79 58.02
N LYS E 305 -29.32 50.85 58.20
CA LYS E 305 -28.39 49.87 57.65
C LYS E 305 -28.22 48.77 58.67
N ILE E 306 -28.34 47.52 58.21
CA ILE E 306 -28.17 46.39 59.10
C ILE E 306 -26.68 46.11 59.25
N GLU E 307 -26.21 45.87 60.46
CA GLU E 307 -24.80 45.61 60.68
C GLU E 307 -24.53 44.12 60.59
N ILE E 308 -23.81 43.70 59.56
CA ILE E 308 -23.51 42.30 59.40
C ILE E 308 -22.02 42.00 59.53
N GLY E 309 -21.20 42.91 59.01
CA GLY E 309 -19.76 42.74 59.09
C GLY E 309 -19.18 41.65 58.22
N ASP E 310 -17.91 41.33 58.44
CA ASP E 310 -17.23 40.29 57.67
C ASP E 310 -17.93 38.94 57.80
N LEU E 311 -18.08 38.26 56.68
CA LEU E 311 -18.78 36.98 56.66
C LEU E 311 -17.98 35.84 56.09
N GLU E 312 -17.26 36.12 55.00
CA GLU E 312 -16.47 35.08 54.34
C GLU E 312 -15.39 35.68 53.45
N SER E 313 -14.21 35.08 53.52
CA SER E 313 -13.09 35.54 52.73
C SER E 313 -12.33 34.29 52.29
N PRO E 314 -12.70 33.72 51.13
CA PRO E 314 -12.06 32.52 50.60
C PRO E 314 -10.64 32.75 50.16
N GLU E 315 -9.93 31.66 49.90
CA GLU E 315 -8.54 31.68 49.45
C GLU E 315 -8.40 32.61 48.25
N ASP E 316 -7.46 33.54 48.33
CA ASP E 316 -7.24 34.49 47.25
C ASP E 316 -6.44 33.96 46.07
N ARG E 317 -5.39 33.20 46.36
CA ARG E 317 -4.53 32.61 45.33
C ARG E 317 -5.27 31.42 44.69
N ILE E 318 -5.64 31.56 43.42
CA ILE E 318 -6.38 30.53 42.71
C ILE E 318 -5.69 29.83 41.54
N ILE E 319 -6.14 28.60 41.29
CA ILE E 319 -5.62 27.76 40.23
C ILE E 319 -6.58 27.72 39.04
N SER E 320 -6.04 27.81 37.82
CA SER E 320 -6.85 27.76 36.62
C SER E 320 -6.24 26.89 35.54
N ILE E 321 -7.08 26.46 34.60
CA ILE E 321 -6.62 25.64 33.52
C ILE E 321 -6.20 26.53 32.39
N PRO E 322 -4.89 26.61 32.10
CA PRO E 322 -4.40 27.45 31.01
C PRO E 322 -5.16 27.40 29.69
N SER E 323 -5.52 26.19 29.24
CA SER E 323 -6.22 26.07 27.95
C SER E 323 -7.55 26.85 27.91
N LYS E 324 -8.30 26.80 29.00
CA LYS E 324 -9.59 27.50 29.12
C LYS E 324 -9.52 28.98 28.77
N PHE E 325 -8.41 29.63 29.11
CA PHE E 325 -8.29 31.07 28.84
C PHE E 325 -7.14 31.41 27.91
N ALA E 326 -6.63 30.41 27.21
CA ALA E 326 -5.50 30.60 26.32
C ALA E 326 -5.84 31.27 25.02
N GLU E 327 -4.84 31.92 24.45
CA GLU E 327 -4.99 32.62 23.18
C GLU E 327 -3.64 33.10 22.67
N ASP E 328 -3.61 33.51 21.42
CA ASP E 328 -2.38 33.99 20.82
C ASP E 328 -1.24 32.94 20.75
N PHE E 329 -1.61 31.68 20.53
CA PHE E 329 -0.65 30.60 20.40
C PHE E 329 0.25 30.93 19.19
N SER E 330 1.57 30.84 19.38
CA SER E 330 2.53 31.16 18.32
C SER E 330 3.80 30.28 18.37
N PRO E 331 4.36 29.94 17.20
CA PRO E 331 5.57 29.11 17.09
C PRO E 331 6.87 29.93 17.22
N LEU E 332 7.80 29.45 18.04
CA LEU E 332 9.05 30.16 18.24
C LEU E 332 10.21 29.37 17.65
N ASP E 333 11.43 29.86 17.84
CA ASP E 333 12.61 29.16 17.35
C ASP E 333 12.86 27.90 18.18
N GLY E 334 13.68 27.00 17.63
CA GLY E 334 13.98 25.77 18.33
C GLY E 334 12.76 24.95 18.67
N ASP E 335 11.77 24.95 17.78
CA ASP E 335 10.56 24.15 18.01
C ASP E 335 9.93 24.45 19.38
N LEU E 336 9.85 25.74 19.74
CA LEU E 336 9.24 26.13 20.99
C LEU E 336 7.91 26.79 20.70
N ILE E 337 7.11 26.93 21.75
CA ILE E 337 5.77 27.51 21.65
C ILE E 337 5.61 28.64 22.64
N ALA E 338 4.90 29.68 22.22
CA ALA E 338 4.62 30.80 23.12
C ALA E 338 3.10 31.02 23.08
N PHE E 339 2.53 31.52 24.16
CA PHE E 339 1.09 31.80 24.17
C PHE E 339 0.69 32.66 25.34
N VAL E 340 -0.54 33.12 25.31
CA VAL E 340 -1.05 33.96 26.37
C VAL E 340 -2.32 33.33 26.96
N SER E 341 -2.47 33.45 28.26
CA SER E 341 -3.66 32.98 28.92
C SER E 341 -3.90 33.76 30.20
N ARG E 342 -5.14 34.19 30.39
CA ARG E 342 -5.52 34.95 31.57
C ARG E 342 -4.57 36.10 31.88
N GLY E 343 -4.10 36.78 30.84
CA GLY E 343 -3.20 37.90 31.05
C GLY E 343 -1.74 37.53 31.22
N GLN E 344 -1.46 36.24 31.33
CA GLN E 344 -0.09 35.78 31.50
C GLN E 344 0.50 35.24 30.17
N ALA E 345 1.82 35.17 30.10
CA ALA E 345 2.48 34.66 28.90
C ALA E 345 3.44 33.52 29.26
N PHE E 346 3.65 32.60 28.32
CA PHE E 346 4.53 31.47 28.58
C PHE E 346 5.37 31.02 27.38
N ILE E 347 6.55 30.48 27.67
CA ILE E 347 7.43 29.92 26.66
C ILE E 347 7.54 28.47 27.05
N GLN E 348 7.07 27.57 26.19
CA GLN E 348 7.10 26.15 26.51
C GLN E 348 7.36 25.27 25.29
N ASP E 349 7.69 24.01 25.55
CA ASP E 349 7.93 23.05 24.49
C ASP E 349 6.55 22.52 24.15
N VAL E 350 6.34 22.02 22.93
CA VAL E 350 5.01 21.54 22.55
C VAL E 350 4.38 20.69 23.64
N SER E 351 5.19 19.85 24.26
CA SER E 351 4.74 18.95 25.30
C SER E 351 4.15 19.64 26.53
N GLY E 352 4.56 20.89 26.74
CA GLY E 352 4.09 21.59 27.92
C GLY E 352 4.77 21.08 29.18
N THR E 353 5.88 20.37 29.00
CA THR E 353 6.60 19.82 30.14
C THR E 353 7.60 20.87 30.68
N TYR E 354 8.27 21.59 29.78
CA TYR E 354 9.19 22.63 30.19
C TYR E 354 8.50 23.94 29.92
N VAL E 355 7.95 24.53 30.97
CA VAL E 355 7.19 25.78 30.84
C VAL E 355 7.82 26.98 31.55
N LEU E 356 7.97 28.10 30.85
CA LEU E 356 8.52 29.33 31.45
C LEU E 356 7.47 30.41 31.43
N LYS E 357 7.27 31.07 32.56
CA LYS E 357 6.31 32.15 32.64
C LYS E 357 7.05 33.46 32.44
N VAL E 358 6.58 34.30 31.51
CA VAL E 358 7.19 35.59 31.28
C VAL E 358 7.01 36.40 32.57
N PRO E 359 8.09 37.00 33.10
CA PRO E 359 8.08 37.81 34.32
C PRO E 359 7.56 39.23 34.07
N GLU E 360 6.23 39.38 34.01
CA GLU E 360 5.62 40.68 33.75
C GLU E 360 4.25 40.74 34.38
N PRO E 361 3.89 41.89 34.97
CA PRO E 361 2.59 42.09 35.62
C PRO E 361 1.40 41.83 34.70
N LEU E 362 0.19 41.91 35.25
CA LEU E 362 -1.00 41.66 34.50
C LEU E 362 -1.15 42.41 33.19
N ARG E 363 -1.80 41.66 32.29
CA ARG E 363 -2.15 41.99 30.92
C ARG E 363 -1.08 42.03 29.88
N ILE E 364 -0.79 40.86 29.35
CA ILE E 364 0.18 40.73 28.28
C ILE E 364 -0.70 40.35 27.10
N ARG E 365 -1.10 41.34 26.32
CA ARG E 365 -1.96 41.06 25.18
C ARG E 365 -1.34 40.15 24.11
N TYR E 366 -0.11 40.44 23.67
CA TYR E 366 0.52 39.62 22.65
C TYR E 366 1.96 39.22 22.91
N VAL E 367 2.38 38.12 22.29
CA VAL E 367 3.75 37.63 22.39
C VAL E 367 4.18 37.24 20.97
N ARG E 368 5.37 37.70 20.58
CA ARG E 368 5.89 37.45 19.24
C ARG E 368 7.37 37.14 19.21
N ARG E 369 7.75 36.17 18.38
CA ARG E 369 9.14 35.75 18.22
C ARG E 369 9.95 36.98 17.80
N GLY E 370 11.04 37.22 18.53
CA GLY E 370 11.90 38.35 18.26
C GLY E 370 13.37 37.99 18.15
N GLY E 371 13.69 36.71 18.33
CA GLY E 371 15.07 36.29 18.23
C GLY E 371 15.26 34.84 18.62
N ASP E 372 16.51 34.37 18.57
CA ASP E 372 16.82 32.98 18.94
C ASP E 372 16.23 32.64 20.30
N THR E 373 16.44 33.51 21.28
CA THR E 373 15.91 33.29 22.62
C THR E 373 15.11 34.48 23.12
N LYS E 374 14.91 35.49 22.26
CA LYS E 374 14.18 36.69 22.64
C LYS E 374 12.77 36.73 22.09
N VAL E 375 11.85 37.37 22.81
CA VAL E 375 10.46 37.46 22.37
C VAL E 375 9.91 38.84 22.65
N ALA E 376 9.14 39.41 21.72
CA ALA E 376 8.56 40.72 21.97
C ALA E 376 7.15 40.52 22.49
N PHE E 377 6.65 41.46 23.29
CA PHE E 377 5.29 41.31 23.80
C PHE E 377 4.62 42.67 23.98
N ILE E 378 3.30 42.67 24.04
CA ILE E 378 2.54 43.90 24.24
C ILE E 378 1.92 43.80 25.63
N HIS E 379 2.37 44.67 26.53
CA HIS E 379 1.89 44.70 27.93
C HIS E 379 0.84 45.77 28.06
N GLY E 380 -0.34 45.39 28.56
CA GLY E 380 -1.41 46.36 28.69
C GLY E 380 -1.61 46.86 30.11
N THR E 381 -1.90 48.15 30.24
CA THR E 381 -2.15 48.76 31.54
C THR E 381 -3.35 49.65 31.38
N ARG E 382 -3.73 50.32 32.46
CA ARG E 382 -4.86 51.23 32.49
C ARG E 382 -4.65 52.41 31.53
N GLU E 383 -3.39 52.81 31.38
CA GLU E 383 -3.07 53.93 30.51
C GLU E 383 -3.05 53.56 29.03
N GLY E 384 -2.65 52.32 28.75
CA GLY E 384 -2.60 51.86 27.38
C GLY E 384 -1.74 50.62 27.22
N ASP E 385 -1.34 50.39 25.98
CA ASP E 385 -0.51 49.26 25.63
C ASP E 385 0.89 49.71 25.28
N PHE E 386 1.87 48.91 25.70
CA PHE E 386 3.29 49.19 25.49
C PHE E 386 4.03 47.95 24.99
N LEU E 387 5.07 48.18 24.19
CA LEU E 387 5.86 47.10 23.64
C LEU E 387 6.93 46.71 24.65
N GLY E 388 7.15 45.42 24.81
CA GLY E 388 8.14 44.90 25.74
C GLY E 388 8.94 43.76 25.12
N ILE E 389 10.16 43.56 25.60
CA ILE E 389 11.01 42.48 25.10
C ILE E 389 11.49 41.63 26.24
N TYR E 390 11.62 40.33 25.98
CA TYR E 390 12.05 39.39 27.00
C TYR E 390 12.92 38.31 26.40
N ASP E 391 13.87 37.83 27.19
CA ASP E 391 14.80 36.80 26.75
C ASP E 391 14.72 35.63 27.70
N TYR E 392 14.13 34.52 27.25
CA TYR E 392 13.96 33.37 28.14
C TYR E 392 15.22 32.57 28.41
N ARG E 393 16.36 33.08 27.96
CA ARG E 393 17.62 32.40 28.19
C ARG E 393 18.43 33.13 29.26
N THR E 394 18.63 34.43 29.06
CA THR E 394 19.39 35.25 30.00
C THR E 394 18.52 35.69 31.18
N GLY E 395 17.27 36.02 30.87
CA GLY E 395 16.33 36.45 31.89
C GLY E 395 15.96 37.92 31.77
N LYS E 396 16.81 38.71 31.14
CA LYS E 396 16.56 40.14 30.96
C LYS E 396 15.19 40.39 30.31
N ALA E 397 14.52 41.45 30.75
CA ALA E 397 13.21 41.79 30.21
C ALA E 397 12.89 43.27 30.35
N GLU E 398 13.40 44.08 29.43
CA GLU E 398 13.14 45.50 29.47
C GLU E 398 11.67 45.74 29.11
N LYS E 399 11.15 46.93 29.43
CA LYS E 399 9.75 47.24 29.12
C LYS E 399 9.62 48.72 28.79
N PHE E 400 9.53 49.05 27.50
CA PHE E 400 9.42 50.43 27.06
C PHE E 400 8.27 51.22 27.67
N GLU E 401 8.37 52.55 27.59
CA GLU E 401 7.38 53.46 28.14
C GLU E 401 6.52 54.15 27.08
N GLU E 402 7.01 54.17 25.85
CA GLU E 402 6.27 54.78 24.75
C GLU E 402 4.89 54.16 24.58
N ASN E 403 3.85 54.95 24.81
CA ASN E 403 2.47 54.46 24.71
C ASN E 403 2.07 54.27 23.24
N LEU E 404 1.56 53.08 22.90
CA LEU E 404 1.18 52.81 21.52
C LEU E 404 -0.32 52.91 21.25
N GLY E 405 -1.08 53.14 22.30
CA GLY E 405 -2.52 53.19 22.15
C GLY E 405 -3.04 51.80 22.42
N ASN E 406 -4.11 51.43 21.74
CA ASN E 406 -4.69 50.09 21.96
C ASN E 406 -4.28 49.19 20.83
N VAL E 407 -3.26 48.40 21.10
CA VAL E 407 -2.73 47.50 20.11
C VAL E 407 -3.61 46.31 19.81
N PHE E 408 -3.73 46.00 18.53
CA PHE E 408 -4.53 44.88 18.13
C PHE E 408 -3.81 43.94 17.20
N ALA E 409 -2.61 44.32 16.82
CA ALA E 409 -1.82 43.47 15.95
C ALA E 409 -0.37 43.84 16.15
N MET E 410 0.48 42.82 16.19
CA MET E 410 1.88 43.04 16.44
C MET E 410 2.79 42.02 15.78
N GLY E 411 3.78 42.49 15.05
CA GLY E 411 4.71 41.60 14.40
C GLY E 411 6.14 42.08 14.55
N VAL E 412 7.10 41.16 14.36
CA VAL E 412 8.51 41.52 14.46
C VAL E 412 9.25 41.10 13.19
N ASP E 413 10.20 41.91 12.73
CA ASP E 413 10.91 41.54 11.52
C ASP E 413 11.75 40.30 11.79
N ARG E 414 12.17 39.66 10.73
CA ARG E 414 12.94 38.46 10.87
C ARG E 414 14.34 38.73 11.39
N ASN E 415 14.80 39.96 11.25
CA ASN E 415 16.12 40.30 11.71
C ASN E 415 16.12 40.83 13.14
N GLY E 416 14.93 40.89 13.74
CA GLY E 416 14.78 41.35 15.13
C GLY E 416 15.19 42.75 15.52
N LYS E 417 15.11 43.71 14.61
CA LYS E 417 15.50 45.07 14.92
C LYS E 417 14.29 45.95 15.20
N PHE E 418 13.19 45.73 14.49
CA PHE E 418 12.01 46.55 14.71
C PHE E 418 10.74 45.70 14.76
N ALA E 419 9.63 46.33 15.08
CA ALA E 419 8.35 45.62 15.14
C ALA E 419 7.30 46.49 14.48
N VAL E 420 6.25 45.88 13.92
CA VAL E 420 5.17 46.65 13.31
C VAL E 420 3.95 46.51 14.20
N VAL E 421 3.27 47.63 14.51
CA VAL E 421 2.11 47.62 15.41
C VAL E 421 0.91 48.37 14.85
N ALA E 422 -0.28 47.84 15.15
CA ALA E 422 -1.56 48.45 14.72
C ALA E 422 -2.37 48.74 15.98
N ASN E 423 -3.07 49.88 15.97
CA ASN E 423 -3.91 50.28 17.11
C ASN E 423 -5.30 50.71 16.68
N ASP E 424 -6.12 51.02 17.68
CA ASP E 424 -7.49 51.46 17.47
C ASP E 424 -7.57 52.88 16.93
N ARG E 425 -6.42 53.49 16.72
CA ARG E 425 -6.39 54.84 16.17
C ARG E 425 -6.26 54.71 14.65
N PHE E 426 -6.25 53.47 14.16
CA PHE E 426 -6.14 53.17 12.73
C PHE E 426 -4.73 53.46 12.22
N GLU E 427 -3.74 53.41 13.10
CA GLU E 427 -2.36 53.70 12.69
C GLU E 427 -1.56 52.42 12.54
N ILE E 428 -0.56 52.49 11.68
CA ILE E 428 0.36 51.38 11.55
C ILE E 428 1.73 52.05 11.73
N MET E 429 2.55 51.46 12.59
CA MET E 429 3.84 52.04 12.91
C MET E 429 4.95 51.00 13.14
N THR E 430 6.19 51.49 13.19
CA THR E 430 7.33 50.63 13.42
C THR E 430 7.99 51.05 14.74
N VAL E 431 8.02 50.15 15.71
CA VAL E 431 8.63 50.46 17.00
C VAL E 431 10.03 49.89 17.05
N ASP E 432 11.01 50.75 17.31
CA ASP E 432 12.42 50.34 17.39
C ASP E 432 12.61 49.37 18.56
N LEU E 433 13.07 48.15 18.30
CA LEU E 433 13.24 47.19 19.39
C LEU E 433 14.40 47.50 20.32
N GLU E 434 15.21 48.48 19.94
CA GLU E 434 16.34 48.86 20.75
C GLU E 434 16.00 50.08 21.62
N THR E 435 15.66 51.20 20.97
CA THR E 435 15.31 52.45 21.64
C THR E 435 13.89 52.42 22.25
N GLY E 436 12.91 52.01 21.46
CA GLY E 436 11.53 51.94 21.93
C GLY E 436 10.67 52.98 21.24
N LYS E 437 11.32 53.89 20.50
CA LYS E 437 10.62 54.95 19.79
C LYS E 437 9.73 54.46 18.65
N PRO E 438 8.43 54.80 18.71
CA PRO E 438 7.51 54.39 17.64
C PRO E 438 7.60 55.38 16.48
N THR E 439 7.15 54.96 15.30
CA THR E 439 7.17 55.81 14.12
C THR E 439 6.00 55.42 13.24
N VAL E 440 4.98 56.27 13.25
CA VAL E 440 3.78 56.02 12.47
C VAL E 440 4.07 56.10 10.97
N ILE E 441 3.61 55.10 10.26
CA ILE E 441 3.81 55.04 8.83
C ILE E 441 2.62 55.64 8.12
N GLU E 442 1.45 55.15 8.42
CA GLU E 442 0.28 55.67 7.77
C GLU E 442 -0.93 55.46 8.65
N ARG E 443 -1.95 56.29 8.44
CA ARG E 443 -3.16 56.19 9.24
C ARG E 443 -4.41 56.13 8.40
N SER E 444 -5.22 55.13 8.67
CA SER E 444 -6.48 54.95 7.97
C SER E 444 -7.55 55.73 8.70
N ARG E 445 -8.60 56.12 8.00
CA ARG E 445 -9.65 56.83 8.70
C ARG E 445 -10.91 55.99 8.76
N GLU E 446 -10.80 54.73 8.34
CA GLU E 446 -11.96 53.86 8.34
C GLU E 446 -11.94 52.70 9.33
N ALA E 447 -10.83 51.98 9.36
CA ALA E 447 -10.70 50.82 10.25
C ALA E 447 -9.24 50.58 10.59
N MET E 448 -8.95 49.51 11.33
CA MET E 448 -7.57 49.23 11.73
C MET E 448 -6.73 48.58 10.64
N ILE E 449 -5.42 48.79 10.73
CA ILE E 449 -4.50 48.21 9.76
C ILE E 449 -3.87 47.03 10.47
N THR E 450 -4.65 45.96 10.58
CA THR E 450 -4.17 44.77 11.26
C THR E 450 -3.61 43.66 10.35
N ASP E 451 -3.80 43.80 9.05
CA ASP E 451 -3.33 42.79 8.11
C ASP E 451 -2.05 43.24 7.38
N PHE E 452 -0.91 42.88 7.97
CA PHE E 452 0.37 43.27 7.40
C PHE E 452 1.46 42.22 7.47
N THR E 453 2.52 42.44 6.70
CA THR E 453 3.67 41.55 6.68
C THR E 453 4.96 42.28 6.31
N ILE E 454 6.08 41.78 6.83
CA ILE E 454 7.40 42.35 6.58
C ILE E 454 8.24 41.46 5.69
N SER E 455 8.84 42.03 4.64
CA SER E 455 9.69 41.24 3.74
C SER E 455 10.85 40.62 4.54
N ASP E 456 11.36 39.47 4.09
CA ASP E 456 12.44 38.79 4.80
C ASP E 456 13.72 39.61 4.89
N ASN E 457 13.91 40.55 3.98
CA ASN E 457 15.09 41.36 4.06
C ASN E 457 14.81 42.63 4.88
N SER E 458 13.69 42.63 5.59
CA SER E 458 13.30 43.75 6.45
C SER E 458 13.26 45.13 5.79
N ARG E 459 13.06 45.18 4.48
CA ARG E 459 13.01 46.45 3.77
C ARG E 459 11.61 46.95 3.40
N PHE E 460 10.69 46.02 3.21
CA PHE E 460 9.34 46.41 2.84
C PHE E 460 8.28 45.97 3.82
N ILE E 461 7.24 46.77 3.95
CA ILE E 461 6.12 46.42 4.82
C ILE E 461 4.82 46.55 4.02
N ALA E 462 4.19 45.41 3.74
CA ALA E 462 2.95 45.40 2.97
C ALA E 462 1.77 45.26 3.92
N TYR E 463 0.67 45.96 3.63
CA TYR E 463 -0.50 45.89 4.50
C TYR E 463 -1.79 46.33 3.82
N GLY E 464 -2.91 45.83 4.34
CA GLY E 464 -4.21 46.19 3.78
C GLY E 464 -4.59 47.52 4.39
N PHE E 465 -4.90 48.49 3.53
CA PHE E 465 -5.25 49.83 3.97
C PHE E 465 -6.73 50.15 3.72
N PRO E 466 -7.55 50.13 4.78
CA PRO E 466 -8.97 50.43 4.58
C PRO E 466 -9.19 51.89 4.13
N LEU E 467 -10.06 52.07 3.14
CA LEU E 467 -10.31 53.40 2.59
C LEU E 467 -11.72 53.53 2.02
N LYS E 468 -12.19 54.76 1.87
CA LYS E 468 -13.49 55.05 1.28
C LYS E 468 -13.40 56.17 0.29
N HIS E 469 -14.15 56.05 -0.81
CA HIS E 469 -14.14 57.11 -1.83
C HIS E 469 -14.82 58.34 -1.26
N GLY E 470 -15.96 58.15 -0.60
CA GLY E 470 -16.69 59.27 -0.03
C GLY E 470 -16.87 59.20 1.48
N GLU E 471 -17.08 60.34 2.11
CA GLU E 471 -17.28 60.39 3.56
C GLU E 471 -18.49 59.55 4.00
N THR E 472 -19.57 59.60 3.23
CA THR E 472 -20.78 58.85 3.57
C THR E 472 -20.96 57.59 2.73
N ASP E 473 -19.84 57.02 2.33
CA ASP E 473 -19.83 55.83 1.50
C ASP E 473 -20.34 54.59 2.23
N GLY E 474 -21.09 53.76 1.51
CA GLY E 474 -21.66 52.57 2.12
C GLY E 474 -20.72 51.40 2.32
N TYR E 475 -19.68 51.32 1.51
CA TYR E 475 -18.74 50.24 1.63
C TYR E 475 -17.31 50.74 1.90
N VAL E 476 -16.52 49.90 2.57
CA VAL E 476 -15.14 50.26 2.86
C VAL E 476 -14.23 49.42 1.98
N MET E 477 -13.46 50.07 1.12
CA MET E 477 -12.54 49.32 0.26
C MET E 477 -11.22 49.08 1.01
N GLN E 478 -10.37 48.24 0.42
CA GLN E 478 -9.08 47.98 1.02
C GLN E 478 -8.05 47.79 -0.10
N ALA E 479 -6.95 48.53 0.02
CA ALA E 479 -5.89 48.47 -0.97
C ALA E 479 -4.59 48.10 -0.27
N ILE E 480 -3.77 47.26 -0.90
CA ILE E 480 -2.50 46.90 -0.27
C ILE E 480 -1.51 48.04 -0.46
N HIS E 481 -0.80 48.39 0.60
CA HIS E 481 0.21 49.43 0.52
C HIS E 481 1.56 48.80 0.85
N VAL E 482 2.63 49.36 0.28
CA VAL E 482 3.96 48.87 0.55
C VAL E 482 4.84 50.03 0.96
N TYR E 483 5.34 49.93 2.19
CA TYR E 483 6.21 50.94 2.75
C TYR E 483 7.64 50.46 2.61
N ASP E 484 8.50 51.33 2.10
CA ASP E 484 9.92 51.02 1.90
C ASP E 484 10.77 51.66 2.99
N MET E 485 11.44 50.85 3.79
CA MET E 485 12.27 51.40 4.85
C MET E 485 13.31 52.41 4.34
N GLU E 486 13.82 52.18 3.13
CA GLU E 486 14.78 53.09 2.55
C GLU E 486 13.96 54.01 1.67
N GLY E 487 14.16 55.32 1.85
CA GLY E 487 13.41 56.27 1.07
C GLY E 487 12.19 56.64 1.89
N ARG E 488 11.77 55.71 2.73
CA ARG E 488 10.63 55.92 3.61
C ARG E 488 9.42 56.47 2.87
N LYS E 489 9.01 55.77 1.80
CA LYS E 489 7.84 56.20 1.04
C LYS E 489 6.83 55.07 0.85
N ILE E 490 5.56 55.42 0.82
CA ILE E 490 4.50 54.44 0.67
C ILE E 490 4.09 54.27 -0.78
N PHE E 491 4.06 53.04 -1.25
CA PHE E 491 3.64 52.81 -2.64
C PHE E 491 2.34 52.02 -2.68
N ALA E 492 1.59 52.16 -3.77
CA ALA E 492 0.31 51.46 -3.91
C ALA E 492 0.48 50.13 -4.63
N ALA E 493 0.21 49.02 -3.93
CA ALA E 493 0.36 47.70 -4.56
C ALA E 493 -0.85 47.34 -5.42
N THR E 494 -2.03 47.83 -5.01
CA THR E 494 -3.25 47.55 -5.76
C THR E 494 -4.12 48.79 -5.81
N THR E 495 -5.11 48.75 -6.69
CA THR E 495 -6.04 49.86 -6.89
C THR E 495 -7.05 49.85 -5.76
N GLU E 496 -7.91 50.86 -5.68
CA GLU E 496 -8.85 50.90 -4.56
C GLU E 496 -10.31 50.65 -4.90
N ASN E 497 -10.57 49.58 -5.64
CA ASN E 497 -11.94 49.29 -6.03
C ASN E 497 -12.58 48.07 -5.38
N SER E 498 -11.82 47.33 -4.59
CA SER E 498 -12.39 46.18 -3.90
C SER E 498 -11.71 45.91 -2.59
N HIS E 499 -11.46 44.65 -2.30
CA HIS E 499 -10.85 44.25 -1.05
C HIS E 499 -9.62 43.34 -1.34
N ASP E 500 -8.44 43.87 -1.09
CA ASP E 500 -7.21 43.13 -1.29
C ASP E 500 -6.63 42.90 0.12
N TYR E 501 -6.20 41.68 0.42
CA TYR E 501 -5.71 41.33 1.75
C TYR E 501 -4.74 40.18 1.75
N ALA E 502 -4.38 39.77 2.96
CA ALA E 502 -3.46 38.65 3.17
C ALA E 502 -2.17 38.79 2.38
N PRO E 503 -1.55 39.97 2.40
CA PRO E 503 -0.30 40.13 1.64
C PRO E 503 0.79 39.22 2.21
N ALA E 504 1.70 38.77 1.35
CA ALA E 504 2.80 37.89 1.74
C ALA E 504 3.98 37.97 0.76
N PHE E 505 5.20 38.06 1.30
CA PHE E 505 6.40 38.16 0.47
C PHE E 505 7.03 36.79 0.31
N ASP E 506 7.79 36.59 -0.75
CA ASP E 506 8.46 35.30 -0.92
C ASP E 506 9.84 35.40 -0.27
N ALA E 507 10.44 34.25 0.01
CA ALA E 507 11.74 34.21 0.66
C ALA E 507 12.77 35.22 0.11
N ASP E 508 12.99 35.21 -1.20
CA ASP E 508 13.96 36.12 -1.81
C ASP E 508 13.54 37.58 -1.76
N SER E 509 12.30 37.82 -1.40
CA SER E 509 11.79 39.17 -1.34
C SER E 509 11.75 39.80 -2.75
N LYS E 510 11.33 39.01 -3.74
CA LYS E 510 11.25 39.51 -5.10
C LYS E 510 9.82 39.67 -5.62
N ASN E 511 8.87 39.06 -4.92
CA ASN E 511 7.48 39.16 -5.32
C ASN E 511 6.57 39.33 -4.13
N LEU E 512 5.46 40.04 -4.32
CA LEU E 512 4.50 40.24 -3.23
C LEU E 512 3.21 39.55 -3.63
N TYR E 513 2.87 38.47 -2.94
CA TYR E 513 1.64 37.74 -3.25
C TYR E 513 0.54 38.24 -2.32
N TYR E 514 -0.72 38.07 -2.72
CA TYR E 514 -1.83 38.51 -1.88
C TYR E 514 -3.15 37.93 -2.41
N LEU E 515 -4.24 38.20 -1.71
CA LEU E 515 -5.54 37.71 -2.16
C LEU E 515 -6.47 38.91 -2.36
N SER E 516 -7.59 38.68 -3.04
CA SER E 516 -8.59 39.71 -3.25
C SER E 516 -9.91 39.11 -3.73
N TYR E 517 -10.99 39.79 -3.36
CA TYR E 517 -12.32 39.38 -3.74
C TYR E 517 -12.68 40.15 -5.00
N ARG E 518 -11.90 39.96 -6.05
CA ARG E 518 -12.19 40.65 -7.27
C ARG E 518 -12.76 39.77 -8.38
N SER E 519 -12.59 38.46 -8.26
CA SER E 519 -13.11 37.59 -9.31
C SER E 519 -14.61 37.38 -9.19
N LEU E 520 -15.35 38.41 -9.54
CA LEU E 520 -16.81 38.39 -9.45
C LEU E 520 -17.51 37.36 -10.33
N ASP E 521 -18.39 36.61 -9.69
CA ASP E 521 -19.18 35.58 -10.33
C ASP E 521 -20.33 35.25 -9.38
N PRO E 522 -21.57 35.48 -9.81
CA PRO E 522 -22.71 35.20 -8.94
C PRO E 522 -23.04 33.72 -8.74
N SER E 523 -23.49 33.35 -7.54
CA SER E 523 -23.88 31.96 -7.27
C SER E 523 -25.38 32.07 -7.01
N PRO E 524 -26.15 31.17 -7.60
CA PRO E 524 -27.61 31.18 -7.43
C PRO E 524 -28.11 30.76 -6.06
N ASP E 525 -29.14 31.44 -5.56
CA ASP E 525 -29.75 31.11 -4.27
C ASP E 525 -30.76 29.98 -4.58
N ARG E 526 -30.72 28.90 -3.82
CA ARG E 526 -31.61 27.78 -4.10
C ARG E 526 -33.07 27.94 -3.64
N VAL E 527 -33.38 28.98 -2.87
CA VAL E 527 -34.74 29.11 -2.42
C VAL E 527 -35.41 30.36 -2.94
N VAL E 528 -34.73 31.50 -2.76
CA VAL E 528 -35.27 32.79 -3.17
C VAL E 528 -34.62 33.31 -4.45
N LEU E 529 -35.36 34.04 -5.27
CA LEU E 529 -34.73 34.60 -6.47
C LEU E 529 -33.65 35.58 -5.98
N ASN E 530 -32.39 35.17 -6.02
CA ASN E 530 -31.29 36.00 -5.55
C ASN E 530 -29.95 35.42 -5.98
N PHE E 531 -28.90 36.22 -5.94
CA PHE E 531 -27.57 35.71 -6.26
C PHE E 531 -26.61 36.43 -5.35
N SER E 532 -25.47 35.81 -5.04
CA SER E 532 -24.45 36.49 -4.22
C SER E 532 -23.08 36.02 -4.61
N PHE E 533 -22.08 36.75 -4.16
CA PHE E 533 -20.71 36.39 -4.44
C PHE E 533 -20.13 35.45 -3.38
N GLU E 534 -20.18 34.15 -3.66
CA GLU E 534 -19.72 33.13 -2.74
C GLU E 534 -18.25 32.79 -3.00
N VAL E 535 -17.92 32.46 -4.24
CA VAL E 535 -16.54 32.09 -4.56
C VAL E 535 -15.85 33.04 -5.52
N VAL E 536 -15.49 34.21 -5.01
CA VAL E 536 -14.86 35.26 -5.82
C VAL E 536 -13.45 35.66 -5.34
N SER E 537 -12.82 34.80 -4.54
CA SER E 537 -11.52 35.07 -4.00
C SER E 537 -10.43 34.44 -4.87
N LYS E 538 -9.42 35.23 -5.21
CA LYS E 538 -8.35 34.72 -6.06
C LYS E 538 -7.02 35.35 -5.70
N PRO E 539 -5.92 34.56 -5.78
CA PRO E 539 -4.55 35.02 -5.47
C PRO E 539 -3.90 35.84 -6.60
N PHE E 540 -3.05 36.78 -6.24
CA PHE E 540 -2.39 37.63 -7.24
C PHE E 540 -0.96 37.81 -6.80
N VAL E 541 -0.10 38.22 -7.73
CA VAL E 541 1.27 38.45 -7.37
C VAL E 541 1.76 39.69 -8.07
N ILE E 542 2.78 40.31 -7.50
CA ILE E 542 3.35 41.51 -8.05
C ILE E 542 4.85 41.43 -7.92
N PRO E 543 5.57 41.38 -9.05
CA PRO E 543 7.02 41.31 -9.02
C PRO E 543 7.61 42.67 -8.66
N LEU E 544 8.47 42.66 -7.65
CA LEU E 544 9.05 43.89 -7.17
C LEU E 544 10.06 44.47 -8.14
N ILE E 545 10.48 43.67 -9.12
CA ILE E 545 11.40 44.15 -10.13
C ILE E 545 10.69 44.21 -11.48
N PRO E 546 10.47 45.42 -12.00
CA PRO E 546 9.79 45.59 -13.28
C PRO E 546 10.45 44.76 -14.37
N GLY E 547 9.62 44.15 -15.21
CA GLY E 547 10.14 43.34 -16.30
C GLY E 547 10.23 41.88 -15.93
N SER E 548 10.21 41.65 -14.63
CA SER E 548 10.25 40.29 -14.15
C SER E 548 8.81 39.78 -14.24
N PRO E 549 8.63 38.58 -14.80
CA PRO E 549 7.29 38.03 -14.94
C PRO E 549 6.80 37.30 -13.71
N ASN E 550 5.52 36.95 -13.78
CA ASN E 550 4.85 36.23 -12.72
C ASN E 550 5.46 34.84 -12.66
N PRO E 551 6.15 34.52 -11.58
CA PRO E 551 6.76 33.20 -11.51
C PRO E 551 5.82 32.02 -11.74
N THR E 552 4.67 31.99 -11.11
CA THR E 552 3.80 30.84 -11.37
C THR E 552 3.50 30.60 -12.86
N LYS E 553 3.77 31.60 -13.70
CA LYS E 553 3.53 31.45 -15.14
C LYS E 553 4.52 30.49 -15.81
N LEU E 554 5.64 30.20 -15.16
CA LEU E 554 6.61 29.28 -15.71
C LEU E 554 7.22 29.75 -17.02
N VAL E 555 7.51 31.04 -17.12
CA VAL E 555 8.12 31.59 -18.31
C VAL E 555 9.61 31.24 -18.30
N PRO E 556 10.07 30.43 -19.27
CA PRO E 556 11.47 30.01 -19.38
C PRO E 556 12.44 31.13 -19.03
N ARG E 557 13.36 30.85 -18.12
CA ARG E 557 14.32 31.85 -17.71
C ARG E 557 15.13 32.37 -18.88
N SER E 558 15.53 31.47 -19.76
CA SER E 558 16.33 31.82 -20.93
C SER E 558 15.58 32.75 -21.90
N MET E 559 14.26 32.80 -21.74
CA MET E 559 13.43 33.64 -22.58
C MET E 559 13.03 34.96 -21.92
N THR E 560 13.63 35.27 -20.78
CA THR E 560 13.34 36.50 -20.07
C THR E 560 14.64 37.22 -19.72
N SER E 561 14.54 38.52 -19.43
CA SER E 561 15.73 39.31 -19.07
C SER E 561 15.48 40.09 -17.78
N GLU E 562 15.54 39.41 -16.64
CA GLU E 562 15.33 40.08 -15.35
C GLU E 562 16.57 40.86 -14.93
N ALA E 563 17.11 40.49 -13.78
CA ALA E 563 18.31 41.14 -13.23
C ALA E 563 18.10 42.64 -13.01
N GLY E 564 16.89 43.13 -13.28
CA GLY E 564 16.61 44.53 -13.08
C GLY E 564 16.83 44.91 -11.62
N GLU E 565 16.44 46.11 -11.24
CA GLU E 565 16.59 46.55 -9.87
C GLU E 565 15.19 46.89 -9.29
N TYR E 566 15.05 46.93 -7.97
CA TYR E 566 13.77 47.24 -7.33
C TYR E 566 13.12 48.52 -7.87
N ASP E 567 11.82 48.52 -7.99
CA ASP E 567 11.09 49.70 -8.46
C ASP E 567 9.64 49.46 -8.10
N LEU E 568 9.16 50.10 -7.03
CA LEU E 568 7.78 49.90 -6.63
C LEU E 568 6.78 50.83 -7.29
N ASN E 569 7.22 51.69 -8.21
CA ASN E 569 6.28 52.60 -8.85
C ASN E 569 5.33 51.89 -9.81
N ASP E 570 4.08 52.34 -9.84
CA ASP E 570 3.09 51.76 -10.71
C ASP E 570 3.20 50.29 -10.75
N MET E 571 3.28 49.68 -9.56
CA MET E 571 3.39 48.23 -9.50
C MET E 571 2.02 47.54 -9.62
N TYR E 572 0.95 48.26 -9.29
CA TYR E 572 -0.37 47.69 -9.41
C TYR E 572 -0.69 47.40 -10.88
N LYS E 573 0.10 47.97 -11.79
CA LYS E 573 -0.13 47.73 -13.21
C LYS E 573 0.49 46.39 -13.65
N ARG E 574 1.51 45.93 -12.93
CA ARG E 574 2.22 44.69 -13.25
C ARG E 574 1.56 43.49 -12.60
N SER E 575 0.52 43.75 -11.79
CA SER E 575 -0.19 42.70 -11.08
C SER E 575 -0.56 41.61 -12.03
N SER E 576 -0.59 40.40 -11.51
CA SER E 576 -0.91 39.24 -12.32
C SER E 576 -1.56 38.17 -11.46
N PRO E 577 -2.56 37.48 -11.99
CA PRO E 577 -3.24 36.43 -11.22
C PRO E 577 -2.47 35.12 -11.24
N ILE E 578 -2.72 34.29 -10.22
CA ILE E 578 -2.09 33.00 -10.20
C ILE E 578 -3.25 32.04 -10.53
N ASN E 579 -3.03 31.25 -11.58
CA ASN E 579 -3.99 30.27 -12.11
C ASN E 579 -4.55 29.27 -11.09
N VAL E 580 -5.30 29.78 -10.13
CA VAL E 580 -5.88 28.91 -9.13
C VAL E 580 -7.39 29.20 -9.14
N ASP E 581 -8.21 28.16 -9.21
CA ASP E 581 -9.66 28.37 -9.25
C ASP E 581 -10.18 29.27 -8.14
N PRO E 582 -11.18 30.10 -8.43
CA PRO E 582 -11.74 31.01 -7.39
C PRO E 582 -12.28 30.25 -6.19
N GLY E 583 -12.66 30.96 -5.14
CA GLY E 583 -13.18 30.33 -3.95
C GLY E 583 -13.23 31.33 -2.81
N ASP E 584 -12.83 30.90 -1.61
CA ASP E 584 -12.82 31.76 -0.41
C ASP E 584 -11.54 31.50 0.39
N TYR E 585 -10.48 32.18 -0.04
CA TYR E 585 -9.14 32.08 0.54
C TYR E 585 -8.83 33.13 1.63
N ARG E 586 -8.24 32.69 2.73
CA ARG E 586 -7.91 33.60 3.83
C ARG E 586 -6.41 33.81 3.99
N MET E 587 -5.60 32.98 3.36
CA MET E 587 -4.16 33.10 3.50
C MET E 587 -3.42 32.48 2.30
N ILE E 588 -2.33 33.12 1.90
CA ILE E 588 -1.54 32.62 0.76
C ILE E 588 -0.07 32.58 1.21
N ILE E 589 0.55 31.40 1.13
CA ILE E 589 1.93 31.26 1.54
C ILE E 589 2.81 30.76 0.40
N PRO E 590 3.60 31.66 -0.17
CA PRO E 590 4.50 31.33 -1.27
C PRO E 590 5.73 30.52 -0.84
N LEU E 591 5.97 29.43 -1.54
CA LEU E 591 7.11 28.56 -1.25
C LEU E 591 7.93 28.38 -2.49
N GLU E 592 8.99 27.58 -2.37
CA GLU E 592 9.92 27.35 -3.47
C GLU E 592 9.26 26.92 -4.77
N SER E 593 8.54 25.80 -4.75
CA SER E 593 7.88 25.33 -5.96
C SER E 593 6.40 25.03 -5.75
N SER E 594 5.83 25.63 -4.72
CA SER E 594 4.40 25.46 -4.43
C SER E 594 3.86 26.67 -3.65
N ILE E 595 2.55 26.76 -3.56
CA ILE E 595 1.89 27.82 -2.83
C ILE E 595 0.91 27.16 -1.87
N LEU E 596 0.89 27.62 -0.63
CA LEU E 596 -0.05 27.07 0.35
C LEU E 596 -1.19 28.05 0.38
N ILE E 597 -2.41 27.54 0.40
CA ILE E 597 -3.57 28.39 0.42
C ILE E 597 -4.59 27.90 1.43
N TYR E 598 -5.04 28.79 2.30
CA TYR E 598 -6.03 28.43 3.30
C TYR E 598 -7.40 28.73 2.71
N SER E 599 -8.20 27.68 2.53
CA SER E 599 -9.51 27.81 1.93
C SER E 599 -10.66 27.51 2.89
N VAL E 600 -11.74 28.24 2.72
CA VAL E 600 -12.90 28.02 3.55
C VAL E 600 -14.09 27.71 2.66
N PRO E 601 -14.57 26.49 2.71
CA PRO E 601 -15.73 26.07 1.91
C PRO E 601 -16.98 26.85 2.31
N VAL E 602 -17.85 27.13 1.35
CA VAL E 602 -19.11 27.86 1.63
C VAL E 602 -19.96 27.08 2.64
N HIS E 603 -20.45 27.80 3.64
CA HIS E 603 -21.24 27.21 4.70
C HIS E 603 -22.32 28.19 5.20
N GLY E 604 -23.21 27.68 6.06
CA GLY E 604 -24.25 28.51 6.62
C GLY E 604 -23.65 29.30 7.75
N GLU E 605 -24.29 30.41 8.14
CA GLU E 605 -23.76 31.26 9.21
C GLU E 605 -24.53 31.13 10.51
N PHE E 606 -25.58 30.31 10.53
CA PHE E 606 -26.34 30.20 11.74
C PHE E 606 -25.55 29.89 13.03
N ALA E 607 -24.83 28.79 13.02
CA ALA E 607 -24.09 28.39 14.19
C ALA E 607 -23.07 29.42 14.58
N ALA E 608 -22.45 30.06 13.60
CA ALA E 608 -21.42 31.06 13.88
C ALA E 608 -22.01 32.33 14.48
N TYR E 609 -23.19 32.71 14.01
CA TYR E 609 -23.86 33.92 14.48
C TYR E 609 -24.43 33.82 15.88
N TYR E 610 -24.91 32.64 16.26
CA TYR E 610 -25.48 32.46 17.58
C TYR E 610 -24.54 31.66 18.49
N GLN E 611 -24.42 30.36 18.22
CA GLN E 611 -23.57 29.47 18.99
C GLN E 611 -22.10 29.88 18.97
N GLY E 612 -21.73 30.76 18.05
CA GLY E 612 -20.35 31.20 17.98
C GLY E 612 -19.38 30.19 17.38
N ALA E 613 -19.90 29.12 16.78
CA ALA E 613 -19.08 28.09 16.15
C ALA E 613 -18.03 28.69 15.22
N PRO E 614 -16.81 28.16 15.27
CA PRO E 614 -15.67 28.59 14.46
C PRO E 614 -15.84 28.15 13.01
N GLU E 615 -15.20 28.91 12.13
CA GLU E 615 -15.25 28.66 10.70
C GLU E 615 -14.30 27.51 10.32
N LYS E 616 -14.81 26.53 9.58
CA LYS E 616 -13.99 25.40 9.14
C LYS E 616 -13.23 25.67 7.82
N GLY E 617 -11.90 25.56 7.87
CA GLY E 617 -11.08 25.77 6.70
C GLY E 617 -10.25 24.53 6.40
N VAL E 618 -9.38 24.62 5.41
CA VAL E 618 -8.53 23.50 5.03
C VAL E 618 -7.28 24.11 4.36
N LEU E 619 -6.13 23.46 4.53
CA LEU E 619 -4.88 23.95 3.98
C LEU E 619 -4.60 23.31 2.64
N LEU E 620 -4.68 24.11 1.59
CA LEU E 620 -4.45 23.64 0.23
C LEU E 620 -3.05 23.90 -0.29
N LYS E 621 -2.59 23.02 -1.17
CA LYS E 621 -1.28 23.15 -1.78
C LYS E 621 -1.38 23.22 -3.30
N TYR E 622 -0.72 24.21 -3.87
CA TYR E 622 -0.72 24.38 -5.31
C TYR E 622 0.72 24.21 -5.79
N ASP E 623 0.93 23.19 -6.62
CA ASP E 623 2.26 22.91 -7.16
C ASP E 623 2.46 23.84 -8.35
N VAL E 624 3.46 24.72 -8.29
CA VAL E 624 3.66 25.65 -9.39
C VAL E 624 3.91 24.92 -10.72
N LYS E 625 4.66 23.83 -10.66
CA LYS E 625 5.00 23.03 -11.83
C LYS E 625 3.81 22.29 -12.43
N THR E 626 3.21 21.40 -11.64
CA THR E 626 2.08 20.58 -12.08
C THR E 626 0.76 21.33 -12.14
N ARG E 627 0.71 22.48 -11.46
CA ARG E 627 -0.48 23.32 -11.38
C ARG E 627 -1.65 22.56 -10.75
N LYS E 628 -1.31 21.43 -10.13
CA LYS E 628 -2.29 20.58 -9.48
C LYS E 628 -2.50 21.03 -8.03
N VAL E 629 -3.73 20.85 -7.55
CA VAL E 629 -4.09 21.24 -6.19
C VAL E 629 -4.41 20.04 -5.31
N THR E 630 -3.95 20.08 -4.06
CA THR E 630 -4.21 18.98 -3.16
C THR E 630 -4.50 19.48 -1.75
N GLU E 631 -4.95 18.58 -0.91
CA GLU E 631 -5.29 18.93 0.47
C GLU E 631 -4.21 18.49 1.44
N VAL E 632 -3.59 19.47 2.11
CA VAL E 632 -2.55 19.19 3.06
C VAL E 632 -3.06 18.90 4.46
N LYS E 633 -4.18 19.51 4.83
CA LYS E 633 -4.70 19.31 6.18
C LYS E 633 -6.12 19.85 6.22
N ASN E 634 -7.03 19.19 6.93
CA ASN E 634 -8.35 19.72 7.00
C ASN E 634 -8.81 19.90 8.46
N ASN E 635 -10.08 20.26 8.63
CA ASN E 635 -10.67 20.49 9.94
C ASN E 635 -9.93 21.58 10.69
N LEU E 636 -9.48 22.60 9.96
CA LEU E 636 -8.76 23.69 10.60
C LEU E 636 -9.68 24.84 10.95
N THR E 637 -9.38 25.55 12.04
CA THR E 637 -10.20 26.69 12.41
C THR E 637 -9.31 27.89 12.62
N ASP E 638 -8.01 27.69 12.46
CA ASP E 638 -7.03 28.76 12.60
C ASP E 638 -5.65 28.22 12.25
N LEU E 639 -4.78 29.08 11.71
CA LEU E 639 -3.45 28.66 11.32
C LEU E 639 -2.46 29.79 11.50
N ARG E 640 -1.22 29.41 11.82
CA ARG E 640 -0.14 30.38 12.02
C ARG E 640 1.12 29.76 11.45
N LEU E 641 1.97 30.57 10.81
CA LEU E 641 3.20 30.04 10.26
C LEU E 641 4.41 30.66 10.96
N SER E 642 5.45 29.87 11.17
CA SER E 642 6.65 30.37 11.84
C SER E 642 7.36 31.38 10.97
N ALA E 643 8.48 31.89 11.47
CA ALA E 643 9.28 32.89 10.76
C ALA E 643 9.99 32.24 9.56
N ASP E 644 10.66 31.12 9.85
CA ASP E 644 11.40 30.37 8.85
C ASP E 644 10.50 29.62 7.87
N ARG E 645 9.21 29.88 7.92
CA ARG E 645 8.26 29.20 7.03
C ARG E 645 8.34 27.67 7.11
N LYS E 646 9.00 27.15 8.14
CA LYS E 646 9.14 25.70 8.24
C LYS E 646 8.17 25.04 9.21
N THR E 647 7.80 25.78 10.24
CA THR E 647 6.89 25.27 11.27
C THR E 647 5.45 25.75 11.11
N VAL E 648 4.51 24.83 11.26
CA VAL E 648 3.09 25.18 11.14
C VAL E 648 2.37 24.87 12.44
N MET E 649 1.61 25.85 12.92
CA MET E 649 0.83 25.73 14.13
C MET E 649 -0.61 25.97 13.73
N VAL E 650 -1.49 25.02 14.04
CA VAL E 650 -2.89 25.20 13.66
C VAL E 650 -3.82 24.87 14.83
N ARG E 651 -5.09 25.19 14.63
CA ARG E 651 -6.13 24.89 15.61
C ARG E 651 -7.16 24.14 14.80
N LYS E 652 -7.58 22.99 15.29
CA LYS E 652 -8.57 22.21 14.57
C LYS E 652 -9.93 22.41 15.21
N ASP E 653 -10.95 21.83 14.57
CA ASP E 653 -12.33 21.94 15.03
C ASP E 653 -12.56 21.32 16.41
N ASP E 654 -11.72 20.37 16.80
CA ASP E 654 -11.87 19.76 18.11
C ASP E 654 -11.39 20.73 19.18
N GLY E 655 -10.89 21.88 18.75
CA GLY E 655 -10.42 22.89 19.67
C GLY E 655 -8.97 22.78 20.11
N LYS E 656 -8.30 21.68 19.76
CA LYS E 656 -6.92 21.49 20.16
C LYS E 656 -5.91 22.18 19.23
N ILE E 657 -4.72 22.48 19.75
CA ILE E 657 -3.69 23.11 18.93
C ILE E 657 -2.68 22.10 18.47
N TYR E 658 -2.28 22.18 17.21
CA TYR E 658 -1.30 21.22 16.70
C TYR E 658 -0.14 21.90 15.99
N THR E 659 0.93 21.15 15.82
CA THR E 659 2.10 21.70 15.16
C THR E 659 2.78 20.64 14.30
N PHE E 660 2.98 20.96 13.03
CA PHE E 660 3.63 20.04 12.09
C PHE E 660 4.54 20.81 11.15
N PRO E 661 5.67 20.19 10.77
CA PRO E 661 6.62 20.83 9.86
C PRO E 661 5.99 20.94 8.48
N LEU E 662 6.18 22.09 7.85
CA LEU E 662 5.61 22.33 6.51
C LEU E 662 6.07 21.29 5.50
N GLU E 663 7.31 20.81 5.69
CA GLU E 663 7.91 19.82 4.81
C GLU E 663 7.22 18.45 4.95
N LYS E 664 7.00 18.01 6.19
CA LYS E 664 6.35 16.73 6.43
C LYS E 664 5.11 16.88 7.33
N PRO E 665 4.01 17.40 6.77
CA PRO E 665 2.76 17.61 7.50
C PRO E 665 2.17 16.33 8.05
N GLU E 666 2.81 15.22 7.76
CA GLU E 666 2.32 13.95 8.26
C GLU E 666 2.68 13.80 9.72
N ASP E 667 3.74 14.49 10.14
CA ASP E 667 4.24 14.41 11.53
C ASP E 667 3.81 15.56 12.45
N GLU E 668 2.53 15.62 12.76
CA GLU E 668 2.02 16.67 13.64
C GLU E 668 1.99 16.17 15.08
N ARG E 669 2.16 17.11 16.02
CA ARG E 669 2.11 16.80 17.44
C ARG E 669 1.06 17.70 18.09
N THR E 670 0.49 17.22 19.18
CA THR E 670 -0.52 17.97 19.90
C THR E 670 0.12 18.88 20.97
N VAL E 671 -0.27 20.15 21.00
CA VAL E 671 0.30 21.05 21.97
C VAL E 671 -0.42 20.93 23.30
N GLU E 672 0.30 20.60 24.36
CA GLU E 672 -0.33 20.48 25.67
C GLU E 672 0.14 21.64 26.54
N THR E 673 -0.82 22.24 27.25
CA THR E 673 -0.54 23.38 28.10
C THR E 673 -1.10 23.24 29.48
N ASP E 674 -1.94 22.24 29.69
CA ASP E 674 -2.59 22.03 30.98
C ASP E 674 -1.78 21.18 31.97
N LYS E 675 -0.49 21.03 31.68
CA LYS E 675 0.38 20.25 32.57
C LYS E 675 0.66 21.12 33.80
N ARG E 676 0.99 22.39 33.55
CA ARG E 676 1.30 23.33 34.62
C ARG E 676 0.08 24.20 34.92
N PRO E 677 -0.40 24.22 36.17
CA PRO E 677 -1.57 25.02 36.55
C PRO E 677 -1.33 26.53 36.36
N LEU E 678 -2.42 27.28 36.19
CA LEU E 678 -2.36 28.73 36.01
C LEU E 678 -2.54 29.32 37.40
N VAL E 679 -1.60 30.13 37.83
CA VAL E 679 -1.72 30.72 39.18
C VAL E 679 -1.99 32.23 39.19
N SER E 680 -3.01 32.64 39.93
CA SER E 680 -3.36 34.04 40.00
C SER E 680 -4.04 34.44 41.31
N SER E 681 -4.18 35.76 41.50
CA SER E 681 -4.80 36.34 42.69
C SER E 681 -6.14 36.98 42.30
N ILE E 682 -7.20 36.54 42.97
CA ILE E 682 -8.55 37.06 42.70
C ILE E 682 -8.61 38.57 42.76
N HIS E 683 -8.19 39.17 43.87
CA HIS E 683 -8.28 40.61 43.97
C HIS E 683 -7.45 41.38 42.97
N GLU E 684 -6.26 40.92 42.65
CA GLU E 684 -5.48 41.66 41.66
C GLU E 684 -6.12 41.55 40.26
N GLU E 685 -6.70 40.38 39.96
CA GLU E 685 -7.35 40.20 38.69
C GLU E 685 -8.59 41.09 38.63
N PHE E 686 -9.36 41.05 39.70
CA PHE E 686 -10.58 41.83 39.78
C PHE E 686 -10.30 43.30 39.55
N LEU E 687 -9.27 43.84 40.20
CA LEU E 687 -8.94 45.24 40.02
C LEU E 687 -8.54 45.47 38.58
N GLN E 688 -7.83 44.50 38.01
CA GLN E 688 -7.38 44.60 36.63
C GLN E 688 -8.58 44.61 35.73
N MET E 689 -9.47 43.63 35.91
CA MET E 689 -10.68 43.50 35.10
C MET E 689 -11.59 44.71 35.21
N TYR E 690 -11.72 45.25 36.41
CA TYR E 690 -12.57 46.42 36.58
C TYR E 690 -12.04 47.57 35.75
N ASP E 691 -10.76 47.89 35.96
CA ASP E 691 -10.15 48.99 35.24
C ASP E 691 -10.32 48.87 33.74
N GLU E 692 -10.23 47.65 33.22
CA GLU E 692 -10.38 47.47 31.79
C GLU E 692 -11.83 47.70 31.35
N ALA E 693 -12.79 47.11 32.06
CA ALA E 693 -14.21 47.27 31.75
C ALA E 693 -14.52 48.75 31.74
N TRP E 694 -14.03 49.45 32.75
CA TRP E 694 -14.22 50.87 32.88
C TRP E 694 -13.55 51.61 31.72
N LYS E 695 -12.33 51.22 31.37
CA LYS E 695 -11.62 51.89 30.28
C LYS E 695 -12.27 51.67 28.91
N LEU E 696 -12.80 50.47 28.68
CA LEU E 696 -13.46 50.16 27.42
C LEU E 696 -14.75 50.98 27.28
N ALA E 697 -15.52 51.04 28.36
CA ALA E 697 -16.77 51.77 28.36
C ALA E 697 -16.53 53.23 27.97
N ARG E 698 -15.40 53.78 28.39
CA ARG E 698 -15.12 55.16 28.08
C ARG E 698 -14.57 55.31 26.69
N ASP E 699 -13.64 54.41 26.33
CA ASP E 699 -13.01 54.47 25.01
C ASP E 699 -13.93 54.07 23.86
N ASN E 700 -15.00 53.33 24.14
CA ASN E 700 -15.88 52.94 23.04
C ASN E 700 -17.26 53.62 23.00
N TYR E 701 -17.59 54.43 24.01
CA TYR E 701 -18.89 55.10 24.04
C TYR E 701 -19.03 55.92 22.76
N TRP E 702 -20.18 55.84 22.12
CA TRP E 702 -20.41 56.56 20.89
C TRP E 702 -20.11 58.06 20.98
N ASN E 703 -20.48 58.69 22.09
CA ASN E 703 -20.25 60.11 22.24
C ASN E 703 -19.00 60.40 23.06
N GLU E 704 -17.91 60.70 22.35
CA GLU E 704 -16.61 60.98 22.96
C GLU E 704 -16.66 62.05 24.06
N ALA E 705 -17.39 63.13 23.79
CA ALA E 705 -17.52 64.21 24.75
C ALA E 705 -18.01 63.70 26.11
N VAL E 706 -19.22 63.15 26.13
CA VAL E 706 -19.83 62.63 27.35
C VAL E 706 -18.98 61.63 28.10
N ALA E 707 -18.20 60.84 27.36
CA ALA E 707 -17.35 59.83 27.98
C ALA E 707 -16.39 60.40 29.02
N LYS E 708 -15.62 61.41 28.61
CA LYS E 708 -14.66 62.04 29.51
C LYS E 708 -15.29 62.37 30.87
N GLU E 709 -16.49 62.93 30.85
CA GLU E 709 -17.21 63.30 32.07
C GLU E 709 -17.76 62.10 32.83
N ILE E 710 -18.51 61.26 32.13
CA ILE E 710 -19.12 60.07 32.73
C ILE E 710 -18.09 59.15 33.37
N SER E 711 -17.04 58.83 32.62
CA SER E 711 -16.00 57.95 33.11
C SER E 711 -15.38 58.45 34.40
N GLU E 712 -14.81 59.65 34.34
CA GLU E 712 -14.14 60.22 35.50
C GLU E 712 -15.04 60.38 36.72
N ARG E 713 -16.33 60.49 36.48
CA ARG E 713 -17.28 60.68 37.56
C ARG E 713 -17.69 59.40 38.29
N ILE E 714 -17.63 58.26 37.60
CA ILE E 714 -18.06 57.01 38.19
C ILE E 714 -16.94 56.08 38.59
N TYR E 715 -15.74 56.31 38.06
CA TYR E 715 -14.61 55.44 38.36
C TYR E 715 -14.38 55.10 39.83
N GLU E 716 -14.01 56.11 40.60
CA GLU E 716 -13.74 55.92 42.01
C GLU E 716 -14.89 55.26 42.77
N LYS E 717 -16.10 55.79 42.62
CA LYS E 717 -17.28 55.25 43.31
C LYS E 717 -17.43 53.73 43.22
N TYR E 718 -17.30 53.18 42.01
CA TYR E 718 -17.44 51.75 41.82
C TYR E 718 -16.17 50.95 42.07
N ARG E 719 -15.02 51.61 41.99
CA ARG E 719 -13.76 50.92 42.22
C ARG E 719 -13.66 50.51 43.67
N ASN E 720 -14.24 51.31 44.56
CA ASN E 720 -14.17 51.03 45.99
C ASN E 720 -14.97 49.80 46.41
N LEU E 721 -15.76 49.24 45.50
CA LEU E 721 -16.54 48.05 45.83
C LEU E 721 -15.82 46.80 45.35
N VAL E 722 -14.88 46.97 44.43
CA VAL E 722 -14.14 45.84 43.90
C VAL E 722 -13.60 44.95 45.02
N PRO E 723 -12.88 45.53 46.01
CA PRO E 723 -12.31 44.76 47.13
C PRO E 723 -13.34 44.00 47.98
N LEU E 724 -14.63 44.32 47.79
CA LEU E 724 -15.66 43.63 48.54
C LEU E 724 -16.08 42.39 47.73
N CYS E 725 -15.67 42.35 46.47
CA CYS E 725 -15.99 41.24 45.61
C CYS E 725 -15.08 40.04 45.84
N LYS E 726 -15.68 38.90 46.17
CA LYS E 726 -14.90 37.69 46.40
C LYS E 726 -15.14 36.69 45.27
N THR E 727 -16.30 36.79 44.64
CA THR E 727 -16.63 35.89 43.53
C THR E 727 -16.76 36.65 42.21
N ARG E 728 -16.81 35.91 41.11
CA ARG E 728 -16.93 36.51 39.80
C ARG E 728 -18.24 37.27 39.71
N TYR E 729 -19.32 36.64 40.18
CA TYR E 729 -20.65 37.22 40.18
C TYR E 729 -20.58 38.53 40.94
N ASP E 730 -19.91 38.56 42.08
CA ASP E 730 -19.80 39.83 42.84
C ASP E 730 -19.29 40.94 41.91
N LEU E 731 -18.11 40.67 41.31
CA LEU E 731 -17.46 41.61 40.41
C LEU E 731 -18.43 42.06 39.33
N SER E 732 -19.21 41.11 38.83
CA SER E 732 -20.19 41.41 37.79
C SER E 732 -21.18 42.45 38.31
N ASN E 733 -21.69 42.25 39.52
CA ASN E 733 -22.63 43.21 40.11
C ASN E 733 -22.07 44.63 40.12
N VAL E 734 -20.79 44.75 40.44
CA VAL E 734 -20.17 46.05 40.47
C VAL E 734 -19.98 46.59 39.05
N ILE E 735 -19.38 45.79 38.16
CA ILE E 735 -19.17 46.24 36.79
C ILE E 735 -20.45 46.69 36.04
N VAL E 736 -21.49 45.88 36.12
CA VAL E 736 -22.74 46.19 35.44
C VAL E 736 -23.31 47.53 35.95
N GLU E 737 -23.29 47.75 37.25
CA GLU E 737 -23.79 49.00 37.82
C GLU E 737 -23.01 50.20 37.27
N MET E 738 -21.71 50.04 37.05
CA MET E 738 -20.93 51.13 36.53
C MET E 738 -21.20 51.30 35.02
N GLN E 739 -21.58 50.21 34.33
CA GLN E 739 -21.89 50.33 32.91
C GLN E 739 -23.23 51.10 32.78
N GLY E 740 -24.14 50.86 33.72
CA GLY E 740 -25.44 51.52 33.71
C GLY E 740 -25.32 53.03 33.79
N GLU E 741 -24.20 53.49 34.33
CA GLU E 741 -23.94 54.91 34.48
C GLU E 741 -23.92 55.65 33.16
N TYR E 742 -23.74 54.94 32.04
CA TYR E 742 -23.72 55.62 30.74
C TYR E 742 -25.13 55.89 30.25
N ARG E 743 -26.11 55.46 31.06
CA ARG E 743 -27.52 55.67 30.75
C ARG E 743 -27.84 55.42 29.28
N THR E 744 -27.29 54.34 28.74
CA THR E 744 -27.51 54.01 27.34
C THR E 744 -27.76 52.52 27.17
N SER E 745 -28.33 52.17 26.02
CA SER E 745 -28.58 50.78 25.73
C SER E 745 -27.29 50.01 25.40
N HIS E 746 -27.45 48.73 25.09
CA HIS E 746 -26.36 47.86 24.68
C HIS E 746 -25.07 47.81 25.50
N SER E 747 -25.18 47.97 26.82
CA SER E 747 -23.99 47.85 27.68
C SER E 747 -24.15 46.51 28.35
N TYR E 748 -23.70 45.48 27.66
CA TYR E 748 -23.86 44.11 28.16
C TYR E 748 -22.59 43.47 28.69
N GLU E 749 -22.76 42.30 29.28
CA GLU E 749 -21.67 41.52 29.83
C GLU E 749 -22.02 40.05 29.56
N MET E 750 -21.23 39.40 28.72
CA MET E 750 -21.46 38.01 28.36
C MET E 750 -20.17 37.21 28.54
N GLY E 751 -20.29 35.90 28.63
CA GLY E 751 -19.10 35.08 28.79
C GLY E 751 -18.48 35.17 30.17
N GLY E 752 -17.33 34.56 30.38
CA GLY E 752 -16.69 34.63 31.69
C GLY E 752 -17.04 33.40 32.47
N THR E 753 -16.23 33.10 33.46
CA THR E 753 -16.42 31.93 34.28
C THR E 753 -16.92 32.32 35.66
N PHE E 754 -18.18 31.99 35.93
CA PHE E 754 -18.77 32.31 37.24
C PHE E 754 -18.84 31.08 38.16
N THR E 755 -18.89 29.90 37.58
CA THR E 755 -19.01 28.71 38.40
C THR E 755 -18.44 27.47 37.73
N ASP E 756 -18.08 26.48 38.53
CA ASP E 756 -17.55 25.26 37.96
C ASP E 756 -18.66 24.24 37.92
N LYS E 757 -19.90 24.69 38.14
CA LYS E 757 -21.05 23.79 38.09
C LYS E 757 -21.51 23.53 36.65
N ASP E 758 -21.90 22.31 36.34
CA ASP E 758 -22.36 22.03 35.00
C ASP E 758 -23.74 22.60 34.83
N PRO E 759 -24.04 23.07 33.62
CA PRO E 759 -25.36 23.66 33.33
C PRO E 759 -26.54 22.72 33.59
N PHE E 760 -27.64 23.28 34.10
CA PHE E 760 -28.87 22.51 34.37
C PHE E 760 -29.32 21.90 33.04
N ARG E 761 -29.86 20.69 33.12
CA ARG E 761 -30.35 19.97 31.94
C ARG E 761 -31.84 19.83 31.99
N SER E 762 -32.47 19.75 30.83
CA SER E 762 -33.91 19.60 30.78
C SER E 762 -34.28 18.63 29.64
N GLY E 763 -35.13 17.66 29.95
CA GLY E 763 -35.54 16.71 28.94
C GLY E 763 -36.79 17.19 28.26
N ARG E 764 -36.75 17.36 26.95
CA ARG E 764 -37.94 17.82 26.21
C ARG E 764 -38.36 16.98 25.00
N ILE E 765 -39.66 16.78 24.83
CA ILE E 765 -40.17 16.04 23.68
C ILE E 765 -41.25 16.86 23.02
N ALA E 766 -41.15 18.18 23.15
CA ALA E 766 -42.11 19.08 22.54
C ALA E 766 -43.57 18.75 22.94
N CYS E 767 -43.84 18.63 24.22
CA CYS E 767 -45.18 18.33 24.70
C CYS E 767 -45.47 19.08 25.98
N ASP E 768 -46.75 19.31 26.25
CA ASP E 768 -47.18 19.97 27.48
C ASP E 768 -47.88 18.92 28.32
N PHE E 769 -47.43 18.79 29.56
CA PHE E 769 -48.01 17.82 30.48
C PHE E 769 -48.95 18.42 31.51
N LYS E 770 -50.03 17.69 31.79
CA LYS E 770 -51.03 18.10 32.75
C LYS E 770 -51.27 16.91 33.68
N LEU E 771 -51.08 17.13 34.96
CA LEU E 771 -51.28 16.07 35.94
C LEU E 771 -52.76 15.91 36.18
N ASP E 772 -53.35 14.85 35.65
CA ASP E 772 -54.75 14.60 35.86
C ASP E 772 -54.92 13.32 36.65
N GLY E 773 -55.35 13.45 37.90
CA GLY E 773 -55.52 12.27 38.72
C GLY E 773 -54.15 11.79 39.15
N ASP E 774 -53.81 10.57 38.76
CA ASP E 774 -52.51 10.00 39.14
C ASP E 774 -51.67 9.67 37.92
N HIS E 775 -52.03 10.28 36.80
CA HIS E 775 -51.33 10.06 35.55
C HIS E 775 -51.10 11.36 34.85
N TYR E 776 -49.99 11.47 34.15
CA TYR E 776 -49.69 12.67 33.37
C TYR E 776 -50.34 12.50 32.02
N VAL E 777 -51.01 13.53 31.52
CA VAL E 777 -51.63 13.43 30.20
C VAL E 777 -50.97 14.44 29.27
N VAL E 778 -50.97 14.14 27.98
CA VAL E 778 -50.37 15.04 27.01
C VAL E 778 -51.41 16.11 26.69
N ALA E 779 -51.21 17.29 27.26
CA ALA E 779 -52.11 18.42 27.06
C ALA E 779 -51.95 19.04 25.67
N LYS E 780 -50.71 19.10 25.18
CA LYS E 780 -50.44 19.69 23.89
C LYS E 780 -49.22 19.07 23.22
N ALA E 781 -49.30 18.86 21.90
CA ALA E 781 -48.19 18.27 21.13
C ALA E 781 -47.77 19.26 20.04
N TYR E 782 -46.61 19.92 20.22
CA TYR E 782 -46.19 20.92 19.25
C TYR E 782 -45.68 20.42 17.91
N ALA E 783 -46.01 21.17 16.85
CA ALA E 783 -45.59 20.88 15.48
C ALA E 783 -45.85 22.09 14.58
N GLY E 784 -44.88 22.41 13.73
CA GLY E 784 -45.00 23.52 12.81
C GLY E 784 -45.13 22.89 11.44
N ASP E 785 -44.07 22.93 10.63
CA ASP E 785 -44.13 22.29 9.33
C ASP E 785 -43.61 20.85 9.44
N TYR E 786 -44.54 19.89 9.50
CA TYR E 786 -44.19 18.48 9.63
C TYR E 786 -43.02 18.00 8.77
N SER E 787 -42.91 18.55 7.57
CA SER E 787 -41.87 18.15 6.62
C SER E 787 -40.51 18.84 6.84
N ASN E 788 -40.48 19.85 7.70
CA ASN E 788 -39.24 20.51 8.00
C ASN E 788 -38.53 19.70 9.08
N GLU E 789 -37.29 20.07 9.35
CA GLU E 789 -36.51 19.38 10.34
C GLU E 789 -36.66 20.04 11.69
N GLY E 790 -36.59 19.25 12.74
CA GLY E 790 -36.71 19.80 14.07
C GLY E 790 -37.85 20.79 14.31
N GLU E 791 -39.06 20.42 13.88
CA GLU E 791 -40.22 21.27 14.07
C GLU E 791 -41.41 20.52 14.61
N LYS E 792 -41.17 19.43 15.36
CA LYS E 792 -42.32 18.71 15.90
C LYS E 792 -41.90 17.73 16.99
N SER E 793 -42.84 17.35 17.84
CA SER E 793 -42.49 16.42 18.89
C SER E 793 -41.93 15.18 18.27
N PRO E 794 -40.75 14.75 18.75
CA PRO E 794 -40.14 13.53 18.21
C PRO E 794 -41.08 12.34 18.18
N ILE E 795 -42.15 12.38 18.97
CA ILE E 795 -43.09 11.26 18.94
C ILE E 795 -43.76 11.12 17.59
N PHE E 796 -44.07 12.24 16.93
CA PHE E 796 -44.73 12.17 15.61
C PHE E 796 -44.09 11.22 14.60
N GLU E 797 -42.77 11.03 14.67
CA GLU E 797 -42.08 10.14 13.74
C GLU E 797 -42.59 8.71 13.76
N TYR E 798 -43.37 8.37 14.79
CA TYR E 798 -43.92 7.01 14.87
C TYR E 798 -45.34 6.96 14.36
N GLY E 799 -45.74 8.01 13.65
CA GLY E 799 -47.07 8.04 13.07
C GLY E 799 -48.26 8.12 14.01
N ILE E 800 -48.18 9.01 14.99
CA ILE E 800 -49.29 9.21 15.95
C ILE E 800 -49.14 10.54 16.64
N ASP E 801 -50.27 11.19 16.91
CA ASP E 801 -50.24 12.47 17.60
C ASP E 801 -50.44 12.13 19.08
N PRO E 802 -49.41 12.36 19.91
CA PRO E 802 -49.46 12.06 21.34
C PRO E 802 -50.53 12.80 22.11
N THR E 803 -51.08 13.86 21.53
CA THR E 803 -52.11 14.65 22.23
C THR E 803 -53.19 13.76 22.84
N GLY E 804 -53.61 14.13 24.04
CA GLY E 804 -54.64 13.37 24.72
C GLY E 804 -54.18 12.07 25.37
N TYR E 805 -53.05 11.52 24.90
CA TYR E 805 -52.52 10.28 25.43
C TYR E 805 -52.03 10.39 26.88
N LEU E 806 -51.98 9.24 27.55
CA LEU E 806 -51.51 9.20 28.93
C LEU E 806 -50.13 8.62 28.94
N ILE E 807 -49.27 9.19 29.77
CA ILE E 807 -47.91 8.67 29.84
C ILE E 807 -47.83 7.76 31.06
N GLU E 808 -47.68 6.46 30.79
CA GLU E 808 -47.59 5.46 31.83
C GLU E 808 -46.22 5.53 32.50
N ASP E 809 -45.21 5.09 31.77
CA ASP E 809 -43.85 5.09 32.30
C ASP E 809 -42.81 5.47 31.26
N ILE E 810 -41.62 5.82 31.73
CA ILE E 810 -40.53 6.21 30.85
C ILE E 810 -39.33 5.40 31.30
N ASP E 811 -38.70 4.68 30.37
CA ASP E 811 -37.54 3.84 30.68
C ASP E 811 -37.84 2.85 31.81
N GLY E 812 -39.03 2.26 31.78
CA GLY E 812 -39.42 1.29 32.79
C GLY E 812 -39.84 1.90 34.11
N GLU E 813 -39.52 3.17 34.32
CA GLU E 813 -39.90 3.87 35.55
C GLU E 813 -41.24 4.56 35.37
N THR E 814 -42.14 4.35 36.34
CA THR E 814 -43.47 4.93 36.33
C THR E 814 -43.42 6.42 36.66
N VAL E 815 -44.22 7.22 35.96
CA VAL E 815 -44.31 8.66 36.23
C VAL E 815 -45.77 8.99 36.45
N GLY E 816 -46.02 9.92 37.37
CA GLY E 816 -47.39 10.31 37.67
C GLY E 816 -47.48 11.03 38.99
N ALA E 817 -48.62 10.87 39.69
CA ALA E 817 -48.83 11.54 40.98
C ALA E 817 -47.64 11.43 41.94
N GLY E 818 -46.80 10.43 41.75
CA GLY E 818 -45.65 10.30 42.62
C GLY E 818 -44.32 10.63 41.98
N SER E 819 -44.13 10.25 40.73
CA SER E 819 -42.85 10.51 40.05
C SER E 819 -42.85 11.72 39.13
N ASN E 820 -41.98 12.67 39.44
CA ASN E 820 -41.87 13.91 38.67
C ASN E 820 -41.41 13.62 37.23
N ILE E 821 -42.31 13.76 36.26
CA ILE E 821 -41.97 13.48 34.87
C ILE E 821 -40.84 14.34 34.33
N TYR E 822 -40.79 15.57 34.80
CA TYR E 822 -39.77 16.53 34.38
C TYR E 822 -38.37 16.05 34.79
N ARG E 823 -38.17 15.73 36.06
CA ARG E 823 -36.89 15.22 36.52
C ARG E 823 -36.50 13.98 35.71
N VAL E 824 -37.44 13.06 35.56
CA VAL E 824 -37.15 11.86 34.79
C VAL E 824 -36.67 12.27 33.41
N LEU E 825 -37.49 13.05 32.69
CA LEU E 825 -37.11 13.49 31.36
C LEU E 825 -35.75 14.16 31.37
N SER E 826 -35.54 15.01 32.36
CA SER E 826 -34.25 15.70 32.47
C SER E 826 -33.09 14.70 32.54
N GLU E 827 -33.31 13.59 33.24
CA GLU E 827 -32.32 12.57 33.41
C GLU E 827 -32.05 11.70 32.19
N LYS E 828 -32.82 11.89 31.12
CA LYS E 828 -32.66 11.09 29.91
C LYS E 828 -32.31 12.01 28.77
N ALA E 829 -32.28 13.31 29.05
CA ALA E 829 -31.96 14.31 28.03
C ALA E 829 -30.75 13.90 27.24
N GLY E 830 -30.88 13.94 25.92
CA GLY E 830 -29.76 13.59 25.08
C GLY E 830 -29.71 12.13 24.66
N THR E 831 -30.72 11.34 24.99
CA THR E 831 -30.75 9.93 24.60
C THR E 831 -32.18 9.54 24.26
N SER E 832 -32.35 8.30 23.84
CA SER E 832 -33.68 7.80 23.53
C SER E 832 -34.12 6.87 24.63
N ALA E 833 -35.32 7.10 25.14
CA ALA E 833 -35.81 6.25 26.20
C ALA E 833 -37.13 5.64 25.79
N ARG E 834 -37.42 4.47 26.36
CA ARG E 834 -38.65 3.78 26.06
C ARG E 834 -39.78 4.53 26.79
N ILE E 835 -40.86 4.83 26.07
CA ILE E 835 -42.00 5.51 26.68
C ILE E 835 -43.30 4.73 26.41
N ARG E 836 -43.96 4.28 27.47
CA ARG E 836 -45.22 3.56 27.36
C ARG E 836 -46.36 4.59 27.29
N LEU E 837 -47.13 4.59 26.22
CA LEU E 837 -48.24 5.52 26.08
C LEU E 837 -49.59 4.80 26.04
N SER E 838 -50.65 5.52 26.41
CA SER E 838 -52.01 4.98 26.42
C SER E 838 -53.00 5.98 25.86
N GLY E 839 -53.61 5.65 24.72
CA GLY E 839 -54.59 6.55 24.13
C GLY E 839 -56.01 6.14 24.45
N LYS E 840 -56.96 6.58 23.63
CA LYS E 840 -58.37 6.24 23.85
C LYS E 840 -58.55 4.76 23.59
N GLY E 841 -59.35 4.12 24.44
CA GLY E 841 -59.60 2.70 24.32
C GLY E 841 -58.42 1.90 24.85
N GLY E 842 -58.01 0.89 24.07
CA GLY E 842 -56.88 0.06 24.47
C GLY E 842 -55.65 0.39 23.64
N ASP E 843 -55.59 1.62 23.13
CA ASP E 843 -54.46 2.06 22.32
C ASP E 843 -53.19 2.16 23.18
N LYS E 844 -52.40 1.08 23.18
CA LYS E 844 -51.16 1.02 23.94
C LYS E 844 -49.96 1.17 23.00
N ARG E 845 -49.04 2.07 23.34
CA ARG E 845 -47.86 2.31 22.52
C ARG E 845 -46.58 2.18 23.32
N ASP E 846 -45.55 1.67 22.68
CA ASP E 846 -44.28 1.47 23.33
C ASP E 846 -43.22 1.91 22.32
N LEU E 847 -42.73 3.14 22.47
CA LEU E 847 -41.77 3.70 21.53
C LEU E 847 -40.45 4.15 22.14
N MET E 848 -39.42 4.21 21.31
CA MET E 848 -38.11 4.70 21.73
C MET E 848 -38.04 6.16 21.28
N ILE E 849 -38.47 7.05 22.15
CA ILE E 849 -38.49 8.46 21.86
C ILE E 849 -37.18 9.16 22.13
N ASP E 850 -36.84 10.12 21.28
CA ASP E 850 -35.63 10.88 21.46
C ASP E 850 -35.92 11.97 22.48
N ILE E 851 -35.19 11.99 23.60
CA ILE E 851 -35.40 13.04 24.58
C ILE E 851 -34.51 14.22 24.23
N LEU E 852 -35.09 15.27 23.70
CA LEU E 852 -34.33 16.45 23.31
C LEU E 852 -33.81 17.30 24.49
N ASP E 853 -32.71 18.01 24.24
CA ASP E 853 -32.13 18.89 25.23
C ASP E 853 -32.85 20.23 25.25
N ASP E 854 -33.54 20.55 24.18
CA ASP E 854 -34.27 21.81 24.08
C ASP E 854 -35.37 21.71 23.02
N ASP E 855 -36.48 22.43 23.20
CA ASP E 855 -37.55 22.38 22.21
C ASP E 855 -38.19 23.74 21.98
N ARG E 856 -37.39 24.78 22.11
CA ARG E 856 -37.82 26.15 21.92
C ARG E 856 -38.20 26.40 20.47
N PHE E 857 -37.32 26.03 19.57
CA PHE E 857 -37.58 26.25 18.16
C PHE E 857 -38.84 25.54 17.76
N ILE E 858 -39.03 24.33 18.24
CA ILE E 858 -40.23 23.65 17.86
C ILE E 858 -41.40 24.47 18.33
N ARG E 859 -41.42 24.85 19.61
CA ARG E 859 -42.52 25.65 20.12
C ARG E 859 -42.73 26.90 19.26
N TYR E 860 -41.63 27.56 18.90
CA TYR E 860 -41.70 28.76 18.07
C TYR E 860 -42.35 28.50 16.71
N ARG E 861 -41.86 27.54 15.96
CA ARG E 861 -42.43 27.26 14.64
C ARG E 861 -43.92 26.84 14.72
N SER E 862 -44.26 26.10 15.77
CA SER E 862 -45.63 25.68 16.00
C SER E 862 -46.50 26.96 16.13
N TRP E 863 -46.01 27.91 16.93
CA TRP E 863 -46.68 29.19 17.17
C TRP E 863 -46.87 29.98 15.89
N VAL E 864 -45.83 30.01 15.07
CA VAL E 864 -45.92 30.74 13.82
C VAL E 864 -46.96 30.08 12.95
N GLU E 865 -46.82 28.77 12.73
CA GLU E 865 -47.78 28.06 11.89
C GLU E 865 -49.23 28.19 12.42
N ALA E 866 -49.34 28.32 13.73
CA ALA E 866 -50.64 28.49 14.35
C ALA E 866 -51.22 29.83 13.94
N ASN E 867 -50.43 30.89 14.10
CA ASN E 867 -50.89 32.23 13.72
C ASN E 867 -51.19 32.31 12.21
N ARG E 868 -50.40 31.60 11.43
CA ARG E 868 -50.56 31.55 9.99
C ARG E 868 -51.93 30.96 9.71
N ARG E 869 -52.25 29.82 10.29
CA ARG E 869 -53.58 29.23 10.07
C ARG E 869 -54.68 30.19 10.50
N TYR E 870 -54.55 30.73 11.71
CA TYR E 870 -55.56 31.64 12.22
C TYR E 870 -55.84 32.78 11.22
N VAL E 871 -54.77 33.47 10.80
CA VAL E 871 -54.90 34.58 9.86
C VAL E 871 -55.55 34.15 8.55
N HIS E 872 -55.17 32.98 8.03
CA HIS E 872 -55.78 32.54 6.79
C HIS E 872 -57.29 32.35 7.01
N GLU E 873 -57.68 31.58 8.03
CA GLU E 873 -59.07 31.32 8.31
C GLU E 873 -59.92 32.56 8.56
N ARG E 874 -59.47 33.43 9.44
CA ARG E 874 -60.23 34.60 9.76
C ARG E 874 -60.37 35.58 8.61
N SER E 875 -59.34 35.69 7.78
CA SER E 875 -59.42 36.64 6.65
C SER E 875 -60.07 35.96 5.46
N LYS E 876 -60.67 34.80 5.69
CA LYS E 876 -61.31 34.06 4.61
C LYS E 876 -60.33 33.79 3.47
N GLY E 877 -59.06 33.55 3.81
CA GLY E 877 -58.06 33.26 2.81
C GLY E 877 -57.61 34.45 1.99
N THR E 878 -57.69 35.64 2.55
CA THR E 878 -57.30 36.83 1.79
C THR E 878 -56.08 37.58 2.38
N ILE E 879 -55.55 37.06 3.48
CA ILE E 879 -54.41 37.68 4.13
C ILE E 879 -53.32 36.67 4.49
N GLY E 880 -52.07 37.06 4.20
CA GLY E 880 -50.92 36.23 4.48
C GLY E 880 -50.31 36.64 5.80
N TYR E 881 -49.45 35.78 6.36
CA TYR E 881 -48.78 36.05 7.62
C TYR E 881 -47.31 35.62 7.61
N ILE E 882 -46.47 36.45 8.23
CA ILE E 882 -45.05 36.18 8.32
C ILE E 882 -44.59 36.71 9.66
N HIS E 883 -43.62 36.05 10.28
CA HIS E 883 -43.12 36.54 11.53
C HIS E 883 -41.60 36.55 11.57
N ILE E 884 -41.02 37.69 11.94
CA ILE E 884 -39.57 37.82 12.04
C ILE E 884 -39.09 37.77 13.51
N PRO E 885 -38.58 36.61 13.95
CA PRO E 885 -38.11 36.43 15.33
C PRO E 885 -36.96 37.40 15.67
N ASP E 886 -36.08 37.71 14.72
CA ASP E 886 -35.02 38.68 15.01
C ASP E 886 -34.48 39.20 13.69
N MET E 887 -33.40 39.99 13.75
CA MET E 887 -32.84 40.53 12.52
C MET E 887 -31.44 39.99 12.24
N GLY E 888 -31.24 38.71 12.57
CA GLY E 888 -29.96 38.06 12.34
C GLY E 888 -30.14 36.93 11.35
N MET E 889 -29.39 35.85 11.49
CA MET E 889 -29.54 34.76 10.54
C MET E 889 -30.90 34.08 10.72
N MET E 890 -31.36 33.91 11.95
CA MET E 890 -32.64 33.26 12.12
C MET E 890 -33.75 34.05 11.47
N GLY E 891 -33.67 35.38 11.56
CA GLY E 891 -34.68 36.23 10.98
C GLY E 891 -34.78 36.07 9.48
N LEU E 892 -33.61 35.97 8.86
CA LEU E 892 -33.50 35.78 7.43
C LEU E 892 -34.19 34.44 7.12
N ASN E 893 -33.90 33.42 7.91
CA ASN E 893 -34.52 32.12 7.67
C ASN E 893 -36.03 32.16 7.76
N GLU E 894 -36.53 32.62 8.90
CA GLU E 894 -37.97 32.68 9.13
C GLU E 894 -38.71 33.62 8.18
N PHE E 895 -38.08 34.72 7.82
CA PHE E 895 -38.74 35.65 6.92
C PHE E 895 -38.92 34.99 5.56
N TYR E 896 -37.85 34.50 4.94
CA TYR E 896 -38.06 33.90 3.64
C TYR E 896 -38.83 32.58 3.72
N ARG E 897 -38.71 31.87 4.85
CA ARG E 897 -39.43 30.60 4.97
C ARG E 897 -40.94 30.77 4.67
N LEU E 898 -41.50 31.92 5.00
CA LEU E 898 -42.91 32.17 4.74
C LEU E 898 -43.13 33.17 3.62
N PHE E 899 -42.27 34.15 3.51
CA PHE E 899 -42.44 35.15 2.50
C PHE E 899 -42.73 34.53 1.14
N ILE E 900 -42.08 33.43 0.85
CA ILE E 900 -42.26 32.79 -0.45
C ILE E 900 -43.65 32.16 -0.65
N ASN E 901 -44.44 32.10 0.41
CA ASN E 901 -45.77 31.51 0.28
C ASN E 901 -46.90 32.40 0.70
N GLU E 902 -46.57 33.49 1.37
CA GLU E 902 -47.58 34.39 1.90
C GLU E 902 -47.60 35.75 1.24
N SER E 903 -46.59 36.03 0.43
CA SER E 903 -46.45 37.33 -0.20
C SER E 903 -47.51 37.67 -1.24
N SER E 904 -48.18 36.65 -1.79
CA SER E 904 -49.15 36.90 -2.86
C SER E 904 -50.64 36.90 -2.49
N TYR E 905 -50.93 37.22 -1.24
CA TYR E 905 -52.32 37.29 -0.83
C TYR E 905 -52.74 38.74 -0.98
N GLN E 906 -54.04 38.98 -0.83
CA GLN E 906 -54.55 40.34 -0.95
C GLN E 906 -53.89 41.22 0.09
N GLY E 907 -53.67 40.65 1.27
CA GLY E 907 -53.03 41.41 2.35
C GLY E 907 -51.92 40.62 3.04
N LEU E 908 -51.06 41.32 3.75
CA LEU E 908 -49.97 40.66 4.44
C LEU E 908 -49.74 41.27 5.82
N ILE E 909 -49.52 40.42 6.80
CA ILE E 909 -49.24 40.90 8.13
C ILE E 909 -47.78 40.55 8.38
N VAL E 910 -46.96 41.56 8.60
CA VAL E 910 -45.58 41.31 8.91
C VAL E 910 -45.50 41.49 10.43
N ASP E 911 -45.50 40.38 11.15
CA ASP E 911 -45.46 40.41 12.63
C ASP E 911 -44.00 40.46 13.12
N VAL E 912 -43.59 41.53 13.79
CA VAL E 912 -42.22 41.58 14.28
C VAL E 912 -42.13 41.65 15.82
N ARG E 913 -43.17 41.19 16.50
CA ARG E 913 -43.18 41.17 17.96
C ARG E 913 -42.08 40.29 18.50
N PHE E 914 -41.44 40.74 19.57
CA PHE E 914 -40.35 39.96 20.19
C PHE E 914 -39.09 39.92 19.31
N ASN E 915 -39.01 40.78 18.31
CA ASN E 915 -37.85 40.75 17.44
C ASN E 915 -36.59 41.24 18.16
N GLY E 916 -35.67 40.32 18.43
CA GLY E 916 -34.44 40.66 19.12
C GLY E 916 -33.38 41.48 18.38
N GLY E 917 -33.70 41.96 17.18
CA GLY E 917 -32.74 42.74 16.44
C GLY E 917 -31.70 41.94 15.68
N GLY E 918 -30.62 42.64 15.31
CA GLY E 918 -29.54 42.06 14.54
C GLY E 918 -29.02 43.16 13.60
N PHE E 919 -29.17 42.96 12.29
CA PHE E 919 -28.70 43.96 11.34
C PHE E 919 -29.22 43.79 9.91
N VAL E 920 -30.16 42.88 9.68
CA VAL E 920 -30.68 42.67 8.34
C VAL E 920 -32.03 43.29 8.06
N SER E 921 -32.49 44.17 8.94
CA SER E 921 -33.77 44.86 8.75
C SER E 921 -33.82 45.54 7.40
N GLN E 922 -32.73 46.21 7.05
CA GLN E 922 -32.68 46.89 5.77
C GLN E 922 -32.89 45.90 4.63
N LEU E 923 -32.41 44.66 4.77
CA LEU E 923 -32.62 43.70 3.70
C LEU E 923 -34.10 43.32 3.63
N ILE E 924 -34.77 43.32 4.78
CA ILE E 924 -36.19 42.96 4.83
C ILE E 924 -37.05 44.09 4.29
N ILE E 925 -36.73 45.31 4.69
CA ILE E 925 -37.50 46.48 4.24
C ILE E 925 -37.42 46.48 2.71
N GLU E 926 -36.22 46.24 2.18
CA GLU E 926 -35.97 46.23 0.75
C GLU E 926 -36.97 45.36 0.01
N LYS E 927 -37.22 44.16 0.52
CA LYS E 927 -38.18 43.26 -0.12
C LYS E 927 -39.60 43.81 0.00
N LEU E 928 -39.99 44.23 1.20
CA LEU E 928 -41.32 44.74 1.38
C LEU E 928 -41.54 46.04 0.60
N MET E 929 -40.45 46.74 0.29
CA MET E 929 -40.48 48.00 -0.46
C MET E 929 -40.89 47.80 -1.93
N ASN E 930 -40.47 46.70 -2.52
CA ASN E 930 -40.77 46.37 -3.90
C ASN E 930 -42.23 46.52 -4.27
N LYS E 931 -42.47 47.24 -5.37
CA LYS E 931 -43.83 47.48 -5.86
C LYS E 931 -44.13 46.65 -7.11
N ARG E 932 -45.18 45.86 -7.06
CA ARG E 932 -45.56 44.99 -8.18
C ARG E 932 -46.12 45.84 -9.32
N ILE E 933 -45.42 45.89 -10.45
CA ILE E 933 -45.87 46.72 -11.56
C ILE E 933 -46.07 45.97 -12.87
N GLY E 934 -45.96 44.65 -12.84
CA GLY E 934 -46.16 43.89 -14.06
C GLY E 934 -46.30 42.39 -13.83
N TYR E 935 -46.61 41.66 -14.90
CA TYR E 935 -46.76 40.22 -14.82
C TYR E 935 -46.23 39.57 -16.10
N ASP E 936 -45.97 38.28 -16.00
CA ASP E 936 -45.47 37.51 -17.09
C ASP E 936 -46.55 36.53 -17.54
N ASN E 937 -46.87 36.54 -18.82
CA ASN E 937 -47.88 35.63 -19.34
C ASN E 937 -47.35 34.48 -20.14
N PRO E 938 -47.37 33.30 -19.53
CA PRO E 938 -46.88 32.13 -20.24
C PRO E 938 -47.97 31.44 -21.04
N ARG E 939 -47.58 30.84 -22.16
CA ARG E 939 -48.51 30.11 -22.99
C ARG E 939 -49.20 29.10 -22.09
N ARG E 940 -48.42 28.39 -21.29
CA ARG E 940 -48.99 27.41 -20.37
C ARG E 940 -48.45 27.67 -18.97
N GLY E 941 -49.36 27.80 -18.01
CA GLY E 941 -48.96 28.04 -16.65
C GLY E 941 -49.70 29.23 -16.10
N THR E 942 -49.31 29.68 -14.91
CA THR E 942 -49.96 30.81 -14.30
C THR E 942 -49.09 32.05 -14.35
N LEU E 943 -49.71 33.18 -14.02
CA LEU E 943 -49.02 34.47 -14.02
C LEU E 943 -47.82 34.47 -13.12
N SER E 944 -46.85 35.28 -13.48
CA SER E 944 -45.68 35.39 -12.68
C SER E 944 -45.48 36.89 -12.39
N PRO E 945 -45.58 37.29 -11.12
CA PRO E 945 -45.43 38.71 -10.77
C PRO E 945 -44.03 39.28 -10.95
N TYR E 946 -43.98 40.57 -11.29
CA TYR E 946 -42.76 41.35 -11.48
C TYR E 946 -42.77 42.61 -10.61
N PRO E 947 -41.87 42.71 -9.63
CA PRO E 947 -40.83 41.74 -9.30
C PRO E 947 -41.41 40.51 -8.64
N THR E 948 -40.57 39.48 -8.57
CA THR E 948 -40.90 38.20 -7.98
C THR E 948 -41.05 38.38 -6.49
N ASN E 949 -40.11 39.11 -5.88
CA ASN E 949 -40.15 39.33 -4.46
C ASN E 949 -40.94 40.58 -4.15
N SER E 950 -42.17 40.64 -4.67
CA SER E 950 -43.03 41.81 -4.41
C SER E 950 -44.28 41.41 -3.65
N VAL E 951 -44.65 42.21 -2.67
CA VAL E 951 -45.86 41.90 -1.93
C VAL E 951 -47.00 42.26 -2.88
N ARG E 952 -48.02 41.41 -2.94
CA ARG E 952 -49.15 41.65 -3.84
C ARG E 952 -50.07 42.81 -3.47
N GLY E 953 -50.45 42.90 -2.19
CA GLY E 953 -51.34 43.97 -1.75
C GLY E 953 -50.91 44.83 -0.57
N LYS E 954 -51.85 45.04 0.36
CA LYS E 954 -51.62 45.84 1.56
C LYS E 954 -50.85 45.09 2.66
N ILE E 955 -49.97 45.82 3.33
CA ILE E 955 -49.16 45.27 4.41
C ILE E 955 -49.38 45.97 5.72
N ILE E 956 -49.44 45.19 6.80
CA ILE E 956 -49.62 45.78 8.11
C ILE E 956 -48.57 45.16 9.03
N ALA E 957 -47.99 45.98 9.88
CA ALA E 957 -46.94 45.51 10.77
C ALA E 957 -47.40 45.48 12.22
N ILE E 958 -47.09 44.38 12.91
CA ILE E 958 -47.44 44.24 14.31
C ILE E 958 -46.14 44.27 15.10
N THR E 959 -46.10 45.01 16.20
CA THR E 959 -44.88 45.11 17.00
C THR E 959 -45.22 45.35 18.49
N ASN E 960 -44.34 44.95 19.39
CA ASN E 960 -44.55 45.18 20.80
C ASN E 960 -43.27 45.70 21.47
N GLU E 961 -43.33 45.81 22.78
CA GLU E 961 -42.23 46.32 23.57
C GLU E 961 -41.05 45.35 23.60
N TYR E 962 -41.18 44.21 22.96
CA TYR E 962 -40.08 43.24 22.97
C TYR E 962 -39.26 43.22 21.68
N ALA E 963 -39.49 44.20 20.81
CA ALA E 963 -38.72 44.31 19.59
C ALA E 963 -37.76 45.47 19.83
N GLY E 964 -36.46 45.22 19.64
CA GLY E 964 -35.46 46.25 19.86
C GLY E 964 -34.28 46.20 18.93
N SER E 965 -33.40 47.20 19.08
CA SER E 965 -32.23 47.38 18.23
C SER E 965 -32.63 47.40 16.76
N ASP E 966 -32.19 46.44 15.95
CA ASP E 966 -32.60 46.47 14.56
C ASP E 966 -34.12 46.28 14.51
N GLY E 967 -34.69 45.86 15.64
CA GLY E 967 -36.12 45.65 15.78
C GLY E 967 -36.73 47.05 15.81
N ASP E 968 -36.10 47.94 16.57
CA ASP E 968 -36.54 49.34 16.68
C ASP E 968 -36.38 49.97 15.30
N ILE E 969 -35.21 49.74 14.69
CA ILE E 969 -34.89 50.31 13.37
C ILE E 969 -35.97 49.96 12.37
N PHE E 970 -36.30 48.67 12.30
CA PHE E 970 -37.31 48.16 11.37
C PHE E 970 -38.67 48.88 11.56
N SER E 971 -39.15 48.84 12.80
CA SER E 971 -40.41 49.48 13.14
C SER E 971 -40.45 50.95 12.68
N PHE E 972 -39.44 51.72 13.06
CA PHE E 972 -39.38 53.13 12.68
C PHE E 972 -39.37 53.28 11.17
N SER E 973 -38.55 52.46 10.51
CA SER E 973 -38.43 52.51 9.07
C SER E 973 -39.75 52.16 8.37
N PHE E 974 -40.42 51.12 8.85
CA PHE E 974 -41.69 50.72 8.26
C PHE E 974 -42.63 51.90 8.24
N LYS E 975 -42.64 52.67 9.31
CA LYS E 975 -43.52 53.83 9.37
C LYS E 975 -43.06 54.92 8.41
N LYS E 976 -41.83 55.35 8.60
CA LYS E 976 -41.21 56.42 7.80
C LYS E 976 -41.41 56.22 6.29
N LEU E 977 -41.14 55.02 5.80
CA LEU E 977 -41.29 54.73 4.39
C LEU E 977 -42.76 54.50 4.02
N GLY E 978 -43.63 54.58 5.02
CA GLY E 978 -45.04 54.38 4.79
C GLY E 978 -45.43 53.09 4.10
N LEU E 979 -44.83 51.97 4.47
CA LEU E 979 -45.17 50.69 3.86
C LEU E 979 -46.56 50.21 4.28
N GLY E 980 -47.05 50.74 5.40
CA GLY E 980 -48.34 50.35 5.92
C GLY E 980 -48.47 50.88 7.32
N LYS E 981 -49.53 50.48 8.02
CA LYS E 981 -49.76 50.92 9.40
C LYS E 981 -48.99 50.03 10.39
N LEU E 982 -48.51 50.67 11.47
CA LEU E 982 -47.77 49.98 12.53
C LEU E 982 -48.73 49.81 13.72
N ILE E 983 -48.96 48.57 14.13
CA ILE E 983 -49.88 48.23 15.20
C ILE E 983 -49.13 47.58 16.35
N GLY E 984 -49.62 47.80 17.57
CA GLY E 984 -48.98 47.20 18.72
C GLY E 984 -48.74 48.14 19.88
N THR E 985 -47.52 48.09 20.43
CA THR E 985 -47.12 48.92 21.58
C THR E 985 -45.69 49.45 21.36
N ARG E 986 -45.37 50.62 21.91
CA ARG E 986 -44.03 51.22 21.74
C ARG E 986 -42.96 50.16 21.96
N THR E 987 -41.95 50.18 21.10
CA THR E 987 -40.86 49.20 21.15
C THR E 987 -39.80 49.48 22.19
N TRP E 988 -38.85 48.54 22.32
CA TRP E 988 -37.74 48.62 23.28
C TRP E 988 -37.05 49.97 23.48
N GLY E 989 -36.49 50.53 22.41
CA GLY E 989 -35.83 51.81 22.50
C GLY E 989 -34.32 51.81 22.66
N GLY E 990 -33.63 50.83 22.11
CA GLY E 990 -32.18 50.82 22.22
C GLY E 990 -31.57 50.70 20.83
N VAL E 991 -31.02 51.78 20.31
CA VAL E 991 -30.45 51.73 18.99
C VAL E 991 -29.04 52.27 18.89
N VAL E 992 -28.15 51.77 19.73
CA VAL E 992 -26.75 52.20 19.66
C VAL E 992 -25.93 50.94 19.50
N GLY E 993 -25.61 50.62 18.26
CA GLY E 993 -24.88 49.40 17.97
C GLY E 993 -23.61 49.08 18.74
N ILE E 994 -23.30 47.80 18.76
CA ILE E 994 -22.11 47.33 19.43
C ILE E 994 -21.35 46.26 18.65
N THR E 995 -20.03 46.38 18.67
CA THR E 995 -19.16 45.40 18.02
C THR E 995 -17.93 45.23 18.90
N PRO E 996 -18.01 44.32 19.88
CA PRO E 996 -16.89 44.08 20.78
C PRO E 996 -15.64 43.57 20.05
N LYS E 997 -14.47 43.94 20.54
CA LYS E 997 -13.25 43.49 19.90
C LYS E 997 -12.18 43.16 20.91
N ARG E 998 -12.57 43.15 22.18
CA ARG E 998 -11.64 42.82 23.25
C ARG E 998 -12.34 42.07 24.38
N ARG E 999 -11.67 41.08 24.94
CA ARG E 999 -12.21 40.27 26.04
C ARG E 999 -11.48 40.51 27.34
N LEU E 1000 -12.02 40.00 28.42
CA LEU E 1000 -11.38 40.14 29.73
C LEU E 1000 -10.53 38.87 29.96
N ILE E 1001 -9.47 39.00 30.74
CA ILE E 1001 -8.59 37.87 31.00
C ILE E 1001 -9.33 36.59 31.36
N ASP E 1002 -10.57 36.70 31.81
CA ASP E 1002 -11.35 35.52 32.20
C ASP E 1002 -12.29 35.09 31.10
N GLY E 1003 -12.11 35.72 29.95
CA GLY E 1003 -12.90 35.44 28.79
C GLY E 1003 -14.15 36.30 28.67
N THR E 1004 -14.47 37.05 29.72
CA THR E 1004 -15.65 37.87 29.65
C THR E 1004 -15.67 38.78 28.43
N VAL E 1005 -16.86 38.91 27.84
CA VAL E 1005 -16.99 39.76 26.68
C VAL E 1005 -17.94 40.88 27.07
N LEU E 1006 -17.39 42.07 27.24
CA LEU E 1006 -18.18 43.22 27.59
C LEU E 1006 -18.57 43.93 26.31
N THR E 1007 -19.72 44.60 26.29
CA THR E 1007 -20.13 45.34 25.09
C THR E 1007 -20.28 46.82 25.48
N GLN E 1008 -20.03 47.71 24.53
CA GLN E 1008 -20.13 49.15 24.79
C GLN E 1008 -20.87 49.79 23.63
N PRO E 1009 -21.91 50.58 23.94
CA PRO E 1009 -22.67 51.25 22.88
C PRO E 1009 -21.76 52.19 22.10
N GLU E 1010 -21.25 51.69 20.98
CA GLU E 1010 -20.29 52.39 20.11
C GLU E 1010 -20.82 52.95 18.79
N PHE E 1011 -21.96 52.44 18.35
CA PHE E 1011 -22.51 52.87 17.09
C PHE E 1011 -23.90 53.46 17.18
N ALA E 1012 -23.94 54.78 17.30
CA ALA E 1012 -25.17 55.55 17.44
C ALA E 1012 -25.95 55.67 16.16
N PHE E 1013 -27.17 55.14 16.15
CA PHE E 1013 -28.01 55.20 14.97
C PHE E 1013 -28.76 56.52 14.83
N TRP E 1014 -28.53 57.19 13.71
CA TRP E 1014 -29.14 58.48 13.46
C TRP E 1014 -30.18 58.39 12.37
N PHE E 1015 -31.41 58.68 12.73
CA PHE E 1015 -32.50 58.65 11.77
C PHE E 1015 -32.71 60.06 11.27
N ARG E 1016 -33.07 60.18 10.00
CA ARG E 1016 -33.32 61.48 9.43
C ARG E 1016 -34.64 62.02 10.01
N ASP E 1017 -34.67 63.29 10.37
CA ASP E 1017 -35.88 63.89 10.94
C ASP E 1017 -36.26 63.31 12.31
N ALA E 1018 -35.30 62.75 13.02
CA ALA E 1018 -35.55 62.20 14.35
C ALA E 1018 -34.25 62.07 15.14
N GLY E 1019 -33.12 62.35 14.49
CA GLY E 1019 -31.84 62.25 15.16
C GLY E 1019 -31.67 60.93 15.88
N PHE E 1020 -31.24 60.99 17.13
CA PHE E 1020 -31.03 59.77 17.89
C PHE E 1020 -32.23 59.51 18.76
N GLY E 1021 -33.26 60.32 18.51
CA GLY E 1021 -34.50 60.25 19.27
C GLY E 1021 -35.01 58.87 19.65
N VAL E 1022 -34.83 57.90 18.77
CA VAL E 1022 -35.30 56.54 19.03
C VAL E 1022 -34.61 55.92 20.25
N GLU E 1023 -33.36 56.28 20.49
CA GLU E 1023 -32.64 55.75 21.63
C GLU E 1023 -33.27 56.19 22.94
N ASN E 1024 -33.52 55.21 23.81
CA ASN E 1024 -34.14 55.43 25.11
C ASN E 1024 -35.60 55.86 24.96
N TYR E 1025 -36.25 55.39 23.91
CA TYR E 1025 -37.64 55.69 23.71
C TYR E 1025 -38.37 54.61 22.93
N GLY E 1026 -37.82 54.24 21.78
CA GLY E 1026 -38.46 53.23 20.97
C GLY E 1026 -39.29 53.85 19.85
N VAL E 1027 -40.20 53.05 19.30
CA VAL E 1027 -41.06 53.50 18.21
C VAL E 1027 -42.55 53.39 18.59
N ASP E 1028 -43.30 54.44 18.30
CA ASP E 1028 -44.72 54.47 18.59
C ASP E 1028 -45.48 53.94 17.41
N PRO E 1029 -46.35 52.95 17.63
CA PRO E 1029 -47.15 52.37 16.54
C PRO E 1029 -48.31 53.31 16.21
N ASP E 1030 -48.67 53.38 14.93
CA ASP E 1030 -49.76 54.24 14.48
C ASP E 1030 -51.00 54.03 15.31
N VAL E 1031 -51.27 52.79 15.64
CA VAL E 1031 -52.44 52.46 16.44
C VAL E 1031 -51.98 51.61 17.61
N GLU E 1032 -52.15 52.13 18.81
CA GLU E 1032 -51.73 51.39 19.99
C GLU E 1032 -52.77 50.34 20.36
N ILE E 1033 -52.30 49.13 20.66
CA ILE E 1033 -53.17 48.05 21.09
C ILE E 1033 -52.45 47.31 22.19
N GLU E 1034 -52.89 47.53 23.41
CA GLU E 1034 -52.32 46.86 24.57
C GLU E 1034 -52.74 45.39 24.47
N TYR E 1035 -52.15 44.57 25.33
CA TYR E 1035 -52.45 43.16 25.44
C TYR E 1035 -52.56 42.92 26.94
N ALA E 1036 -53.65 43.37 27.54
CA ALA E 1036 -53.86 43.26 28.98
C ALA E 1036 -53.91 41.83 29.50
N PRO E 1037 -53.77 41.65 30.81
CA PRO E 1037 -53.83 40.33 31.44
C PRO E 1037 -55.14 39.60 31.17
N HIS E 1038 -56.23 40.36 31.02
CA HIS E 1038 -57.53 39.76 30.76
C HIS E 1038 -57.68 39.27 29.33
N ASP E 1039 -56.86 39.83 28.45
CA ASP E 1039 -56.82 39.41 27.05
C ASP E 1039 -56.21 38.02 26.99
N TYR E 1040 -55.27 37.74 27.87
CA TYR E 1040 -54.66 36.41 27.88
C TYR E 1040 -55.63 35.42 28.51
N LEU E 1041 -56.40 35.89 29.50
CA LEU E 1041 -57.35 35.02 30.19
C LEU E 1041 -58.43 34.55 29.23
N SER E 1042 -58.80 35.42 28.29
CA SER E 1042 -59.81 35.09 27.30
C SER E 1042 -59.22 34.26 26.18
N GLY E 1043 -57.89 34.28 26.08
CA GLY E 1043 -57.25 33.51 25.04
C GLY E 1043 -57.36 34.15 23.68
N LYS E 1044 -57.43 35.47 23.64
CA LYS E 1044 -57.51 36.18 22.38
C LYS E 1044 -56.24 37.04 22.18
N ASP E 1045 -55.76 37.15 20.94
CA ASP E 1045 -54.60 37.98 20.64
C ASP E 1045 -55.20 39.27 20.06
N PRO E 1046 -55.32 40.31 20.88
CA PRO E 1046 -55.91 41.57 20.42
C PRO E 1046 -55.10 42.28 19.35
N GLN E 1047 -53.79 42.05 19.35
CA GLN E 1047 -52.93 42.67 18.35
C GLN E 1047 -53.07 42.03 16.99
N ILE E 1048 -52.99 40.71 16.95
CA ILE E 1048 -53.14 40.04 15.65
C ILE E 1048 -54.57 40.26 15.14
N ASP E 1049 -55.54 40.24 16.05
CA ASP E 1049 -56.93 40.44 15.66
C ASP E 1049 -57.16 41.82 15.05
N TYR E 1050 -56.63 42.86 15.67
CA TYR E 1050 -56.79 44.19 15.15
C TYR E 1050 -56.18 44.21 13.75
N ALA E 1051 -54.99 43.63 13.61
CA ALA E 1051 -54.26 43.57 12.34
C ALA E 1051 -55.10 42.96 11.22
N ILE E 1052 -55.70 41.80 11.50
CA ILE E 1052 -56.56 41.09 10.54
C ILE E 1052 -57.72 42.00 10.14
N ASP E 1053 -58.51 42.38 11.15
CA ASP E 1053 -59.67 43.22 10.95
C ASP E 1053 -59.35 44.49 10.20
N ALA E 1054 -58.29 45.19 10.63
CA ALA E 1054 -57.87 46.43 10.01
C ALA E 1054 -57.58 46.23 8.52
N LEU E 1055 -56.93 45.12 8.19
CA LEU E 1055 -56.60 44.81 6.82
C LEU E 1055 -57.84 44.42 6.00
N ILE E 1056 -58.76 43.71 6.65
CA ILE E 1056 -59.97 43.31 5.95
C ILE E 1056 -60.67 44.59 5.51
N GLU E 1057 -60.73 45.57 6.40
CA GLU E 1057 -61.36 46.84 6.07
C GLU E 1057 -60.63 47.52 4.90
N GLU E 1058 -59.30 47.49 4.89
CA GLU E 1058 -58.55 48.12 3.79
C GLU E 1058 -58.69 47.38 2.48
N LEU E 1059 -59.16 46.13 2.55
CA LEU E 1059 -59.34 45.30 1.38
C LEU E 1059 -60.78 45.28 0.88
N ARG E 1060 -61.44 46.42 0.94
CA ARG E 1060 -62.82 46.55 0.48
C ARG E 1060 -62.80 47.36 -0.82
N ASN E 1061 -61.82 48.24 -0.94
CA ASN E 1061 -61.70 49.08 -2.14
C ASN E 1061 -61.51 48.22 -3.39
N MET F 39 -35.54 18.86 -59.19
CA MET F 39 -35.78 20.03 -58.30
C MET F 39 -34.71 21.14 -58.41
N PRO F 40 -35.14 22.42 -58.24
CA PRO F 40 -34.24 23.58 -58.31
C PRO F 40 -33.57 23.85 -56.95
N ASN F 41 -32.76 24.90 -56.91
CA ASN F 41 -32.07 25.29 -55.69
C ASN F 41 -32.72 26.53 -55.03
N LEU F 42 -32.13 26.97 -53.93
CA LEU F 42 -32.61 28.15 -53.22
C LEU F 42 -31.54 29.21 -53.44
N LEU F 43 -31.82 30.18 -54.28
CA LEU F 43 -30.84 31.22 -54.55
C LEU F 43 -31.10 32.42 -53.67
N LEU F 44 -30.05 33.15 -53.34
CA LEU F 44 -30.26 34.31 -52.50
C LEU F 44 -29.08 35.25 -52.47
N ASN F 45 -29.32 36.40 -51.86
CA ASN F 45 -28.34 37.48 -51.65
C ASN F 45 -27.51 37.80 -52.88
N PRO F 46 -28.15 38.36 -53.91
CA PRO F 46 -27.43 38.70 -55.15
C PRO F 46 -26.78 40.09 -55.23
N ASP F 47 -25.98 40.26 -56.26
CA ASP F 47 -25.35 41.52 -56.54
C ASP F 47 -25.21 41.57 -58.07
N ILE F 48 -25.25 42.79 -58.59
CA ILE F 48 -25.16 42.99 -60.02
C ILE F 48 -24.08 43.97 -60.44
N HIS F 49 -23.64 43.78 -61.67
CA HIS F 49 -22.65 44.62 -62.27
C HIS F 49 -22.74 44.44 -63.77
N GLY F 50 -23.59 45.25 -64.39
CA GLY F 50 -23.79 45.16 -65.82
C GLY F 50 -24.69 43.99 -66.12
N ASP F 51 -24.16 43.02 -66.85
CA ASP F 51 -24.93 41.83 -67.20
C ASP F 51 -24.55 40.64 -66.34
N ARG F 52 -23.51 40.82 -65.53
CA ARG F 52 -23.06 39.74 -64.64
C ARG F 52 -23.81 39.81 -63.30
N ILE F 53 -24.18 38.66 -62.77
CA ILE F 53 -24.92 38.62 -61.53
C ILE F 53 -24.39 37.53 -60.61
N ILE F 54 -23.82 37.91 -59.47
CA ILE F 54 -23.32 36.91 -58.53
C ILE F 54 -24.35 36.70 -57.43
N PHE F 55 -24.45 35.48 -56.94
CA PHE F 55 -25.42 35.19 -55.88
C PHE F 55 -24.97 33.94 -55.12
N VAL F 56 -25.68 33.60 -54.05
CA VAL F 56 -25.32 32.44 -53.25
C VAL F 56 -26.23 31.22 -53.51
N CYS F 57 -25.62 30.05 -53.67
CA CYS F 57 -26.34 28.80 -53.85
C CYS F 57 -25.56 27.69 -53.16
N CYS F 58 -26.22 26.97 -52.24
CA CYS F 58 -25.58 25.87 -51.51
C CYS F 58 -24.35 26.45 -50.78
N ASP F 59 -24.52 27.59 -50.13
CA ASP F 59 -23.47 28.23 -49.36
C ASP F 59 -22.26 28.68 -50.17
N ASP F 60 -22.27 28.41 -51.47
CA ASP F 60 -21.14 28.82 -52.31
C ASP F 60 -21.51 30.03 -53.17
N LEU F 61 -20.50 30.66 -53.77
CA LEU F 61 -20.70 31.85 -54.62
C LEU F 61 -20.77 31.51 -56.11
N TRP F 62 -21.85 31.92 -56.76
CA TRP F 62 -22.01 31.66 -58.17
C TRP F 62 -22.11 32.94 -58.97
N GLU F 63 -21.89 32.82 -60.28
CA GLU F 63 -21.97 33.95 -61.19
C GLU F 63 -22.81 33.55 -62.39
N HIS F 64 -23.69 34.46 -62.79
CA HIS F 64 -24.56 34.21 -63.93
C HIS F 64 -24.50 35.38 -64.92
N ASP F 65 -24.39 35.04 -66.19
CA ASP F 65 -24.32 36.04 -67.27
C ASP F 65 -25.67 36.20 -67.92
N LEU F 66 -26.27 37.38 -67.76
CA LEU F 66 -27.59 37.66 -68.33
C LEU F 66 -27.60 37.48 -69.84
N LYS F 67 -26.48 37.82 -70.47
CA LYS F 67 -26.38 37.70 -71.91
C LYS F 67 -26.41 36.23 -72.33
N SER F 68 -25.31 35.51 -72.11
CA SER F 68 -25.23 34.09 -72.49
C SER F 68 -26.23 33.19 -71.76
N GLY F 69 -26.48 33.47 -70.49
CA GLY F 69 -27.41 32.65 -69.74
C GLY F 69 -26.70 31.50 -69.02
N SER F 70 -25.37 31.58 -68.97
CA SER F 70 -24.59 30.54 -68.30
C SER F 70 -24.30 30.88 -66.84
N THR F 71 -24.32 29.85 -66.00
CA THR F 71 -24.06 30.01 -64.57
C THR F 71 -22.87 29.12 -64.17
N ARG F 72 -22.06 29.62 -63.24
CA ARG F 72 -20.92 28.85 -62.78
C ARG F 72 -20.51 29.23 -61.33
N LYS F 73 -20.01 28.25 -60.61
CA LYS F 73 -19.57 28.50 -59.25
C LYS F 73 -18.16 29.11 -59.30
N ILE F 74 -18.00 30.33 -58.78
CA ILE F 74 -16.71 31.00 -58.79
C ILE F 74 -15.85 30.84 -57.53
N VAL F 75 -16.47 30.39 -56.45
CA VAL F 75 -15.72 30.17 -55.21
C VAL F 75 -16.46 29.22 -54.28
N SER F 76 -15.73 28.26 -53.74
CA SER F 76 -16.35 27.29 -52.85
C SER F 76 -15.37 26.76 -51.81
N ASN F 77 -15.92 25.93 -50.90
CA ASN F 77 -15.14 25.30 -49.84
C ASN F 77 -14.41 26.32 -48.96
N LEU F 78 -15.03 27.46 -48.77
CA LEU F 78 -14.46 28.52 -47.93
C LEU F 78 -15.28 28.55 -46.64
N GLY F 79 -16.42 27.89 -46.69
CA GLY F 79 -17.31 27.84 -45.55
C GLY F 79 -18.68 28.32 -46.01
N VAL F 80 -19.41 29.02 -45.16
CA VAL F 80 -20.72 29.50 -45.56
C VAL F 80 -20.68 30.95 -45.92
N ILE F 81 -20.92 31.23 -47.20
CA ILE F 81 -20.95 32.58 -47.78
C ILE F 81 -22.39 33.09 -47.79
N ASN F 82 -22.61 34.29 -47.26
CA ASN F 82 -23.95 34.88 -47.20
C ASN F 82 -24.00 36.26 -47.88
N ASN F 83 -22.84 36.81 -48.19
CA ASN F 83 -22.81 38.12 -48.82
C ASN F 83 -21.64 38.27 -49.75
N ALA F 84 -21.91 38.76 -50.95
CA ALA F 84 -20.84 38.98 -51.91
C ALA F 84 -21.12 40.32 -52.56
N ARG F 85 -20.10 41.15 -52.61
CA ARG F 85 -20.25 42.46 -53.18
C ARG F 85 -19.22 42.79 -54.24
N PHE F 86 -19.72 43.21 -55.41
CA PHE F 86 -18.91 43.62 -56.55
C PHE F 86 -18.22 44.93 -56.23
N PHE F 87 -16.95 45.03 -56.62
CA PHE F 87 -16.22 46.26 -56.43
C PHE F 87 -16.68 47.17 -57.56
N PRO F 88 -16.18 48.42 -57.60
CA PRO F 88 -16.57 49.36 -58.67
C PRO F 88 -16.18 48.81 -60.05
N ASP F 89 -14.89 48.51 -60.24
CA ASP F 89 -14.45 47.99 -61.53
C ASP F 89 -15.11 46.63 -61.90
N GLY F 90 -15.95 46.09 -61.03
CA GLY F 90 -16.59 44.81 -61.33
C GLY F 90 -15.61 43.66 -61.46
N ARG F 91 -14.36 43.88 -61.10
CA ARG F 91 -13.33 42.85 -61.18
C ARG F 91 -13.23 42.03 -59.90
N LYS F 92 -12.81 42.65 -58.81
CA LYS F 92 -12.70 41.95 -57.52
C LYS F 92 -14.06 41.84 -56.85
N ILE F 93 -14.11 40.97 -55.84
CA ILE F 93 -15.33 40.77 -55.08
C ILE F 93 -15.03 40.56 -53.60
N ALA F 94 -15.68 41.38 -52.76
CA ALA F 94 -15.53 41.28 -51.32
C ALA F 94 -16.58 40.24 -50.92
N ILE F 95 -16.12 39.27 -50.12
CA ILE F 95 -16.99 38.17 -49.67
C ILE F 95 -16.97 38.01 -48.16
N ARG F 96 -18.13 37.66 -47.61
CA ARG F 96 -18.25 37.41 -46.19
C ARG F 96 -18.50 35.92 -46.04
N VAL F 97 -17.70 35.27 -45.20
CA VAL F 97 -17.84 33.85 -44.97
C VAL F 97 -17.88 33.57 -43.48
N MET F 98 -18.74 32.62 -43.12
CA MET F 98 -18.93 32.21 -41.73
C MET F 98 -18.31 30.83 -41.51
N ARG F 99 -17.68 30.65 -40.32
CA ARG F 99 -17.02 29.38 -39.93
C ARG F 99 -17.39 28.95 -38.51
N GLY F 100 -17.03 27.74 -38.13
CA GLY F 100 -17.39 27.25 -36.81
C GLY F 100 -18.71 26.50 -36.95
N SER F 101 -18.86 25.40 -36.23
CA SER F 101 -20.06 24.59 -36.33
C SER F 101 -21.38 25.33 -36.42
N SER F 102 -21.54 26.38 -35.62
CA SER F 102 -22.80 27.14 -35.64
C SER F 102 -22.67 28.48 -36.30
N LEU F 103 -21.60 28.66 -37.06
CA LEU F 103 -21.36 29.91 -37.76
C LEU F 103 -21.27 31.06 -36.78
N ASN F 104 -20.52 30.85 -35.71
CA ASN F 104 -20.33 31.86 -34.67
C ASN F 104 -19.21 32.83 -35.04
N THR F 105 -18.40 32.48 -36.05
CA THR F 105 -17.32 33.37 -36.45
C THR F 105 -17.40 33.74 -37.94
N ALA F 106 -16.85 34.92 -38.26
CA ALA F 106 -16.87 35.33 -39.66
C ALA F 106 -15.69 36.23 -39.98
N ASP F 107 -15.32 36.25 -41.27
CA ASP F 107 -14.23 37.10 -41.73
C ASP F 107 -14.46 37.37 -43.24
N LEU F 108 -13.69 38.30 -43.78
CA LEU F 108 -13.84 38.69 -45.17
C LEU F 108 -12.71 38.24 -46.11
N TYR F 109 -13.10 37.89 -47.34
CA TYR F 109 -12.17 37.43 -48.38
C TYR F 109 -12.37 38.22 -49.68
N PHE F 110 -11.29 38.32 -50.46
CA PHE F 110 -11.28 38.98 -51.77
C PHE F 110 -11.18 37.96 -52.87
N TYR F 111 -12.01 38.09 -53.90
CA TYR F 111 -11.97 37.19 -55.04
C TYR F 111 -11.64 38.02 -56.27
N ASN F 112 -10.73 37.52 -57.09
CA ASN F 112 -10.36 38.25 -58.29
C ASN F 112 -10.71 37.38 -59.49
N GLY F 113 -11.76 37.75 -60.20
CA GLY F 113 -12.18 36.97 -61.36
C GLY F 113 -11.19 37.01 -62.50
N GLU F 114 -10.14 37.82 -62.36
CA GLU F 114 -9.12 37.93 -63.39
C GLU F 114 -8.18 36.71 -63.40
N ASN F 115 -7.70 36.31 -62.23
CA ASN F 115 -6.79 35.19 -62.08
C ASN F 115 -7.33 34.09 -61.17
N GLY F 116 -8.59 34.23 -60.75
CA GLY F 116 -9.21 33.25 -59.89
C GLY F 116 -8.58 33.22 -58.50
N GLU F 117 -7.83 34.27 -58.18
CA GLU F 117 -7.17 34.37 -56.90
C GLU F 117 -8.14 34.64 -55.75
N ILE F 118 -7.90 33.95 -54.62
CA ILE F 118 -8.75 34.13 -53.45
C ILE F 118 -7.81 34.54 -52.32
N LYS F 119 -8.27 35.40 -51.43
CA LYS F 119 -7.42 35.86 -50.34
C LYS F 119 -8.22 36.40 -49.14
N ARG F 120 -7.78 36.03 -47.94
CA ARG F 120 -8.43 36.46 -46.72
C ARG F 120 -7.93 37.89 -46.41
N ILE F 121 -8.87 38.79 -46.11
CA ILE F 121 -8.55 40.18 -45.81
C ILE F 121 -8.59 40.57 -44.34
N THR F 122 -9.54 40.01 -43.59
CA THR F 122 -9.68 40.30 -42.15
C THR F 122 -9.40 39.05 -41.29
N TYR F 123 -8.81 39.27 -40.13
CA TYR F 123 -8.51 38.21 -39.19
C TYR F 123 -9.03 38.70 -37.84
N PHE F 124 -10.24 39.23 -37.87
CA PHE F 124 -10.86 39.78 -36.68
C PHE F 124 -11.63 38.69 -35.96
N SER F 125 -12.03 37.68 -36.73
CA SER F 125 -12.82 36.58 -36.20
C SER F 125 -14.07 37.19 -35.57
N GLY F 126 -14.70 38.11 -36.31
CA GLY F 126 -15.90 38.77 -35.83
C GLY F 126 -16.96 37.79 -35.37
N LYS F 127 -17.59 38.08 -34.24
CA LYS F 127 -18.60 37.19 -33.74
C LYS F 127 -19.91 37.46 -34.49
N SER F 128 -20.66 36.41 -34.80
CA SER F 128 -21.92 36.57 -35.50
C SER F 128 -22.96 35.54 -35.09
N THR F 129 -24.22 35.90 -35.30
CA THR F 129 -25.35 35.03 -34.98
C THR F 129 -26.30 35.13 -36.17
N GLY F 130 -27.40 34.37 -36.13
CA GLY F 130 -28.34 34.39 -37.24
C GLY F 130 -28.88 35.77 -37.57
N ARG F 131 -29.33 36.50 -36.57
CA ARG F 131 -29.91 37.82 -36.81
C ARG F 131 -28.93 39.01 -36.79
N ARG F 132 -27.69 38.76 -36.37
CA ARG F 132 -26.66 39.81 -36.34
C ARG F 132 -25.40 39.31 -37.00
N MET F 133 -25.48 39.16 -38.33
CA MET F 133 -24.34 38.68 -39.11
C MET F 133 -23.40 39.85 -39.34
N PHE F 134 -22.78 40.30 -38.25
CA PHE F 134 -21.86 41.42 -38.30
C PHE F 134 -20.52 41.12 -38.97
N THR F 135 -19.71 42.18 -39.11
CA THR F 135 -18.42 42.11 -39.80
C THR F 135 -18.74 41.71 -41.25
N ASP F 136 -19.15 42.73 -42.01
CA ASP F 136 -19.56 42.58 -43.38
C ASP F 136 -19.13 43.78 -44.24
N VAL F 137 -19.50 43.74 -45.50
CA VAL F 137 -19.17 44.85 -46.39
C VAL F 137 -20.17 45.97 -46.14
N ALA F 138 -19.70 47.20 -45.98
CA ALA F 138 -20.60 48.33 -45.75
C ALA F 138 -20.89 49.08 -47.05
N GLY F 139 -19.86 49.24 -47.88
CA GLY F 139 -20.00 49.92 -49.15
C GLY F 139 -18.63 50.28 -49.73
N PHE F 140 -18.63 51.17 -50.72
CA PHE F 140 -17.36 51.58 -51.34
C PHE F 140 -17.24 53.09 -51.44
N ASP F 141 -16.08 53.62 -51.05
CA ASP F 141 -15.89 55.06 -51.13
C ASP F 141 -15.68 55.46 -52.58
N PRO F 142 -15.70 56.78 -52.85
CA PRO F 142 -15.50 57.32 -54.20
C PRO F 142 -14.22 56.84 -54.90
N ASP F 143 -13.13 56.63 -54.16
CA ASP F 143 -11.89 56.15 -54.75
C ASP F 143 -11.95 54.66 -55.08
N GLY F 144 -13.09 54.02 -54.78
CA GLY F 144 -13.24 52.60 -55.05
C GLY F 144 -12.72 51.70 -53.96
N ASN F 145 -12.52 52.25 -52.76
CA ASN F 145 -12.02 51.45 -51.65
C ASN F 145 -13.15 50.84 -50.86
N LEU F 146 -12.91 49.60 -50.41
CA LEU F 146 -13.88 48.88 -49.63
C LEU F 146 -13.99 49.49 -48.25
N ILE F 147 -15.24 49.64 -47.81
CA ILE F 147 -15.51 50.15 -46.47
C ILE F 147 -16.27 49.03 -45.76
N ILE F 148 -15.70 48.51 -44.68
CA ILE F 148 -16.37 47.43 -43.96
C ILE F 148 -16.99 47.91 -42.66
N SER F 149 -17.87 47.08 -42.12
CA SER F 149 -18.55 47.36 -40.88
C SER F 149 -18.29 46.19 -39.95
N THR F 150 -17.58 46.44 -38.85
CA THR F 150 -17.29 45.38 -37.89
C THR F 150 -17.21 45.94 -36.48
N ASP F 151 -17.46 45.06 -35.52
CA ASP F 151 -17.43 45.37 -34.09
C ASP F 151 -16.25 44.64 -33.43
N ALA F 152 -15.43 44.02 -34.26
CA ALA F 152 -14.27 43.28 -33.79
C ALA F 152 -13.44 44.02 -32.77
N MET F 153 -13.22 45.32 -32.98
CA MET F 153 -12.43 46.09 -32.02
C MET F 153 -13.27 46.99 -31.18
N GLN F 154 -14.49 46.56 -30.90
CA GLN F 154 -15.38 47.36 -30.09
C GLN F 154 -15.87 46.63 -28.85
N PRO F 155 -16.27 47.39 -27.84
CA PRO F 155 -16.77 46.81 -26.61
C PRO F 155 -18.12 46.12 -26.80
N PHE F 156 -18.99 46.66 -27.63
CA PHE F 156 -20.29 46.02 -27.82
C PHE F 156 -20.48 45.52 -29.25
N SER F 157 -21.16 44.39 -29.41
CA SER F 157 -21.35 43.84 -30.73
C SER F 157 -22.13 44.81 -31.58
N SER F 158 -23.16 45.42 -31.02
CA SER F 158 -23.98 46.40 -31.79
C SER F 158 -23.16 47.57 -32.34
N MET F 159 -21.96 47.77 -31.81
CA MET F 159 -21.12 48.87 -32.30
C MET F 159 -20.39 48.48 -33.58
N THR F 160 -21.13 48.17 -34.64
CA THR F 160 -20.52 47.78 -35.89
C THR F 160 -20.01 49.03 -36.59
N CYS F 161 -18.83 49.48 -36.17
CA CYS F 161 -18.21 50.68 -36.72
C CYS F 161 -17.63 50.55 -38.15
N LEU F 162 -17.59 51.68 -38.87
CA LEU F 162 -17.10 51.68 -40.25
C LEU F 162 -15.61 51.90 -40.38
N TYR F 163 -15.00 51.08 -41.24
CA TYR F 163 -13.57 51.13 -41.47
C TYR F 163 -13.24 51.02 -42.96
N ARG F 164 -12.17 51.68 -43.37
CA ARG F 164 -11.73 51.64 -44.77
C ARG F 164 -10.59 50.64 -44.88
N VAL F 165 -10.78 49.62 -45.71
CA VAL F 165 -9.78 48.57 -45.88
C VAL F 165 -8.60 49.08 -46.69
N GLU F 166 -7.38 48.82 -46.23
CA GLU F 166 -6.20 49.26 -46.96
C GLU F 166 -5.16 48.15 -47.16
N ASN F 167 -4.56 48.09 -48.34
CA ASN F 167 -3.53 47.08 -48.61
C ASN F 167 -4.00 45.66 -48.35
N ASP F 168 -5.21 45.36 -48.81
CA ASP F 168 -5.78 44.02 -48.64
C ASP F 168 -5.93 43.57 -47.18
N GLY F 169 -6.01 44.52 -46.25
CA GLY F 169 -6.18 44.14 -44.86
C GLY F 169 -5.00 44.42 -43.97
N ILE F 170 -4.00 45.12 -44.51
CA ILE F 170 -2.77 45.48 -43.76
C ILE F 170 -3.08 46.48 -42.65
N ASN F 171 -3.84 47.49 -43.02
CA ASN F 171 -4.24 48.52 -42.09
C ASN F 171 -5.73 48.84 -42.29
N PHE F 172 -6.37 49.35 -41.23
CA PHE F 172 -7.78 49.73 -41.28
C PHE F 172 -7.90 51.14 -40.73
N VAL F 173 -8.48 52.03 -41.53
CA VAL F 173 -8.66 53.42 -41.09
C VAL F 173 -10.13 53.66 -40.72
N PRO F 174 -10.36 54.02 -39.45
CA PRO F 174 -11.72 54.28 -38.97
C PRO F 174 -12.37 55.55 -39.57
N LEU F 175 -13.63 55.45 -39.93
CA LEU F 175 -14.35 56.59 -40.50
C LEU F 175 -15.04 57.41 -39.40
N ASN F 176 -14.98 56.92 -38.16
CA ASN F 176 -15.57 57.60 -37.03
C ASN F 176 -16.92 58.19 -37.32
N LEU F 177 -17.80 57.39 -37.92
CA LEU F 177 -19.13 57.88 -38.23
C LEU F 177 -20.15 57.21 -37.33
N GLY F 178 -19.66 56.36 -36.43
CA GLY F 178 -20.56 55.65 -35.52
C GLY F 178 -21.03 54.33 -36.11
N PRO F 179 -21.82 53.55 -35.35
CA PRO F 179 -22.30 52.27 -35.89
C PRO F 179 -23.08 52.46 -37.19
N ALA F 180 -22.85 51.57 -38.15
CA ALA F 180 -23.53 51.62 -39.44
C ALA F 180 -23.57 50.25 -40.12
N THR F 181 -24.59 50.04 -40.91
CA THR F 181 -24.71 48.77 -41.62
C THR F 181 -24.43 49.00 -43.13
N HIS F 182 -24.80 50.17 -43.64
CA HIS F 182 -24.56 50.52 -45.04
C HIS F 182 -23.97 51.90 -45.14
N ILE F 183 -23.13 52.13 -46.13
CA ILE F 183 -22.54 53.44 -46.35
C ILE F 183 -22.61 53.69 -47.87
N LEU F 184 -23.28 54.77 -48.29
CA LEU F 184 -23.40 55.06 -49.72
C LEU F 184 -22.92 56.47 -49.98
N PHE F 185 -22.43 56.72 -51.18
CA PHE F 185 -21.95 58.06 -51.52
C PHE F 185 -22.75 58.68 -52.68
N ALA F 186 -23.33 59.85 -52.44
CA ALA F 186 -24.10 60.53 -53.47
C ALA F 186 -23.65 61.98 -53.60
N ASP F 187 -23.12 62.33 -54.76
CA ASP F 187 -22.68 63.69 -55.00
C ASP F 187 -21.70 64.17 -53.94
N GLY F 188 -20.76 63.31 -53.56
CA GLY F 188 -19.77 63.68 -52.56
C GLY F 188 -20.36 63.72 -51.14
N ARG F 189 -21.63 63.36 -51.03
CA ARG F 189 -22.30 63.33 -49.73
C ARG F 189 -22.28 61.91 -49.18
N ARG F 190 -22.21 61.78 -47.86
CA ARG F 190 -22.19 60.46 -47.25
C ARG F 190 -23.61 60.04 -46.79
N VAL F 191 -24.06 58.89 -47.25
CA VAL F 191 -25.37 58.40 -46.85
C VAL F 191 -25.10 57.26 -45.85
N ILE F 192 -25.76 57.28 -44.70
CA ILE F 192 -25.52 56.21 -43.70
C ILE F 192 -26.75 55.41 -43.31
N GLY F 193 -26.62 54.09 -43.39
CA GLY F 193 -27.74 53.19 -43.05
C GLY F 193 -27.48 52.53 -41.69
N ARG F 194 -28.32 52.86 -40.70
CA ARG F 194 -28.19 52.32 -39.36
C ARG F 194 -29.08 51.14 -39.12
N ASN F 195 -28.48 49.98 -38.81
CA ASN F 195 -29.25 48.76 -38.50
C ASN F 195 -30.15 48.43 -39.70
N THR F 196 -29.60 48.66 -40.89
CA THR F 196 -30.33 48.42 -42.11
C THR F 196 -30.14 47.03 -42.73
N PHE F 197 -29.95 46.02 -41.90
CA PHE F 197 -29.81 44.63 -42.39
C PHE F 197 -31.20 43.99 -42.38
N GLU F 198 -31.40 42.89 -43.10
CA GLU F 198 -32.72 42.28 -43.10
C GLU F 198 -33.11 41.72 -41.73
N LEU F 199 -34.41 41.71 -41.43
CA LEU F 199 -34.93 41.18 -40.17
C LEU F 199 -36.01 40.16 -40.45
N PRO F 200 -35.67 39.11 -41.19
CA PRO F 200 -36.65 38.08 -41.55
C PRO F 200 -37.36 37.46 -40.35
N HIS F 201 -36.64 37.31 -39.25
CA HIS F 201 -37.22 36.70 -38.06
C HIS F 201 -38.28 37.56 -37.38
N TRP F 202 -38.38 38.83 -37.78
CA TRP F 202 -39.38 39.68 -37.14
C TRP F 202 -40.07 40.62 -38.12
N LYS F 203 -41.00 40.08 -38.89
CA LYS F 203 -41.71 40.93 -39.84
C LYS F 203 -42.58 41.93 -39.08
N GLY F 204 -42.72 43.13 -39.65
CA GLY F 204 -43.52 44.17 -39.03
C GLY F 204 -42.87 44.85 -37.83
N TYR F 205 -41.56 44.72 -37.71
CA TYR F 205 -40.83 45.32 -36.60
C TYR F 205 -40.99 46.84 -36.61
N ARG F 206 -41.34 47.41 -35.45
CA ARG F 206 -41.52 48.86 -35.32
C ARG F 206 -40.80 49.40 -34.07
N GLY F 207 -39.84 48.64 -33.56
CA GLY F 207 -39.12 49.05 -32.37
C GLY F 207 -38.04 50.10 -32.63
N GLY F 208 -37.36 50.50 -31.56
CA GLY F 208 -36.34 51.51 -31.68
C GLY F 208 -35.06 51.20 -32.44
N THR F 209 -34.83 49.93 -32.74
CA THR F 209 -33.62 49.52 -33.46
C THR F 209 -33.89 49.38 -34.94
N ARG F 210 -35.06 49.86 -35.37
CA ARG F 210 -35.46 49.77 -36.77
C ARG F 210 -34.51 50.53 -37.68
N GLY F 211 -34.39 50.06 -38.91
CA GLY F 211 -33.51 50.69 -39.88
C GLY F 211 -33.82 52.16 -40.16
N LYS F 212 -32.78 52.98 -40.16
CA LYS F 212 -32.90 54.39 -40.43
C LYS F 212 -31.74 54.86 -41.33
N ILE F 213 -32.00 55.91 -42.12
CA ILE F 213 -30.97 56.44 -43.01
C ILE F 213 -30.71 57.93 -42.76
N TRP F 214 -29.42 58.25 -42.59
CA TRP F 214 -28.98 59.61 -42.38
C TRP F 214 -28.22 60.02 -43.62
N ILE F 215 -28.04 61.33 -43.79
CA ILE F 215 -27.32 61.86 -44.96
C ILE F 215 -26.55 63.12 -44.58
N GLU F 216 -25.44 63.34 -45.27
CA GLU F 216 -24.60 64.51 -45.01
C GLU F 216 -25.19 65.69 -45.78
N VAL F 217 -25.00 66.90 -45.23
CA VAL F 217 -25.53 68.11 -45.86
C VAL F 217 -24.63 69.34 -45.72
N ASN F 218 -24.19 69.60 -44.50
CA ASN F 218 -23.35 70.77 -44.24
C ASN F 218 -21.88 70.48 -44.52
N SER F 219 -21.64 69.57 -45.46
CA SER F 219 -20.27 69.18 -45.83
C SER F 219 -19.53 68.58 -44.62
N GLY F 220 -20.29 68.25 -43.58
CA GLY F 220 -19.70 67.68 -42.37
C GLY F 220 -20.75 67.33 -41.34
N ALA F 221 -21.97 67.83 -41.54
CA ALA F 221 -23.05 67.53 -40.62
C ALA F 221 -24.02 66.52 -41.24
N PHE F 222 -24.71 65.77 -40.38
CA PHE F 222 -25.66 64.77 -40.87
C PHE F 222 -27.09 65.03 -40.42
N LYS F 223 -28.04 64.61 -41.24
CA LYS F 223 -29.43 64.80 -40.94
C LYS F 223 -30.18 63.51 -41.19
N LYS F 224 -31.03 63.15 -40.25
CA LYS F 224 -31.82 61.94 -40.40
C LYS F 224 -32.84 62.15 -41.51
N ILE F 225 -32.88 61.28 -42.51
CA ILE F 225 -33.85 61.46 -43.61
C ILE F 225 -34.84 60.34 -43.85
N VAL F 226 -34.64 59.19 -43.23
CA VAL F 226 -35.60 58.13 -43.44
C VAL F 226 -35.79 57.45 -42.11
N ASP F 227 -36.91 57.74 -41.46
CA ASP F 227 -37.21 57.18 -40.15
C ASP F 227 -38.69 56.79 -40.14
N MET F 228 -39.05 55.74 -40.86
CA MET F 228 -40.45 55.33 -40.90
C MET F 228 -40.85 54.62 -39.63
N SER F 229 -42.14 54.29 -39.51
CA SER F 229 -42.61 53.60 -38.33
C SER F 229 -42.12 52.14 -38.33
N THR F 230 -41.91 51.57 -39.52
CA THR F 230 -41.42 50.21 -39.61
C THR F 230 -39.96 50.16 -40.02
N HIS F 231 -39.43 48.93 -40.06
CA HIS F 231 -38.04 48.68 -40.40
C HIS F 231 -37.68 48.94 -41.85
N VAL F 232 -36.50 49.54 -42.06
CA VAL F 232 -36.01 49.84 -43.39
C VAL F 232 -34.70 49.07 -43.60
N SER F 233 -34.59 48.36 -44.72
CA SER F 233 -33.40 47.54 -45.02
C SER F 233 -32.85 47.62 -46.45
N SER F 234 -31.66 47.07 -46.63
CA SER F 234 -30.96 47.01 -47.92
C SER F 234 -31.05 48.26 -48.80
N PRO F 235 -30.57 49.39 -48.31
CA PRO F 235 -30.62 50.62 -49.09
C PRO F 235 -29.62 50.65 -50.25
N VAL F 236 -30.00 51.35 -51.31
CA VAL F 236 -29.17 51.52 -52.50
C VAL F 236 -29.59 52.83 -53.16
N ILE F 237 -28.73 53.32 -54.04
CA ILE F 237 -29.02 54.57 -54.74
C ILE F 237 -28.94 54.39 -56.27
N VAL F 238 -29.99 54.82 -56.98
CA VAL F 238 -30.02 54.75 -58.45
C VAL F 238 -30.38 56.16 -58.90
N GLY F 239 -29.41 56.83 -59.51
CA GLY F 239 -29.63 58.20 -59.94
C GLY F 239 -29.55 59.05 -58.69
N HIS F 240 -30.66 59.71 -58.35
CA HIS F 240 -30.66 60.53 -57.17
C HIS F 240 -31.78 60.14 -56.19
N ARG F 241 -32.06 58.85 -56.17
CA ARG F 241 -33.07 58.29 -55.28
C ARG F 241 -32.52 57.08 -54.51
N ILE F 242 -33.00 56.94 -53.28
CA ILE F 242 -32.56 55.86 -52.40
C ILE F 242 -33.66 54.80 -52.37
N TYR F 243 -33.30 53.60 -52.81
CA TYR F 243 -34.26 52.52 -52.82
C TYR F 243 -33.99 51.63 -51.64
N PHE F 244 -35.05 51.13 -51.02
CA PHE F 244 -34.92 50.28 -49.86
C PHE F 244 -36.17 49.45 -49.69
N ILE F 245 -36.18 48.59 -48.67
CA ILE F 245 -37.31 47.71 -48.46
C ILE F 245 -37.91 47.95 -47.09
N THR F 246 -39.21 47.75 -46.98
CA THR F 246 -39.92 47.93 -45.71
C THR F 246 -41.30 47.29 -45.82
N ASP F 247 -41.93 47.00 -44.69
CA ASP F 247 -43.24 46.39 -44.78
C ASP F 247 -44.28 47.29 -44.11
N ILE F 248 -44.05 48.60 -44.22
CA ILE F 248 -44.95 49.58 -43.64
C ILE F 248 -46.42 49.27 -44.00
N ASP F 249 -46.65 48.62 -45.13
CA ASP F 249 -48.01 48.30 -45.57
C ASP F 249 -48.50 46.87 -45.25
N GLY F 250 -47.68 46.13 -44.51
CA GLY F 250 -48.05 44.77 -44.17
C GLY F 250 -47.27 43.70 -44.91
N PHE F 251 -46.40 44.12 -45.81
CA PHE F 251 -45.63 43.15 -46.56
C PHE F 251 -44.41 43.83 -47.15
N GLY F 252 -43.38 43.03 -47.38
CA GLY F 252 -42.13 43.56 -47.91
C GLY F 252 -42.22 44.04 -49.35
N GLN F 253 -41.91 45.32 -49.57
CA GLN F 253 -41.97 45.89 -50.90
C GLN F 253 -40.76 46.79 -51.06
N ILE F 254 -40.45 47.15 -52.30
CA ILE F 254 -39.35 48.05 -52.56
C ILE F 254 -39.90 49.49 -52.65
N TYR F 255 -39.28 50.42 -51.92
CA TYR F 255 -39.69 51.81 -51.98
C TYR F 255 -38.46 52.62 -52.34
N SER F 256 -38.64 53.93 -52.42
CA SER F 256 -37.53 54.83 -52.70
C SER F 256 -37.98 56.23 -52.34
N THR F 257 -37.01 57.13 -52.18
CA THR F 257 -37.25 58.54 -51.87
C THR F 257 -36.07 59.33 -52.42
N ASP F 258 -36.13 60.65 -52.36
CA ASP F 258 -35.01 61.45 -52.86
C ASP F 258 -33.97 61.56 -51.76
N LEU F 259 -32.88 62.26 -52.04
CA LEU F 259 -31.81 62.40 -51.05
C LEU F 259 -32.25 63.27 -49.86
N ASP F 260 -33.56 63.35 -49.65
CA ASP F 260 -34.11 64.11 -48.55
C ASP F 260 -35.15 63.32 -47.80
N GLY F 261 -35.31 62.06 -48.21
CA GLY F 261 -36.27 61.17 -47.58
C GLY F 261 -37.68 61.60 -47.88
N LYS F 262 -37.81 62.42 -48.92
CA LYS F 262 -39.10 62.95 -49.38
C LYS F 262 -39.53 62.24 -50.68
N ASP F 263 -40.78 62.46 -51.07
CA ASP F 263 -41.34 61.88 -52.29
C ASP F 263 -41.38 60.35 -52.20
N LEU F 264 -41.94 59.85 -51.12
CA LEU F 264 -42.05 58.40 -50.93
C LEU F 264 -42.82 57.72 -52.06
N ARG F 265 -42.25 56.64 -52.60
CA ARG F 265 -42.88 55.88 -53.68
C ARG F 265 -42.80 54.38 -53.42
N LYS F 266 -43.86 53.68 -53.80
CA LYS F 266 -43.93 52.24 -53.65
C LYS F 266 -43.77 51.66 -55.07
N HIS F 267 -42.77 50.81 -55.27
CA HIS F 267 -42.53 50.25 -56.59
C HIS F 267 -42.95 48.79 -56.83
N THR F 268 -43.10 48.02 -55.76
CA THR F 268 -43.46 46.62 -55.92
C THR F 268 -44.74 46.29 -55.16
N SER F 269 -45.34 45.14 -55.48
CA SER F 269 -46.56 44.69 -54.83
C SER F 269 -46.53 43.19 -54.59
N PHE F 270 -45.37 42.69 -54.15
CA PHE F 270 -45.22 41.27 -53.90
C PHE F 270 -46.23 40.74 -52.89
N THR F 271 -46.47 39.43 -52.92
CA THR F 271 -47.39 38.81 -51.98
C THR F 271 -46.93 37.40 -51.53
N ASP F 272 -46.05 36.79 -52.33
CA ASP F 272 -45.52 35.45 -52.08
C ASP F 272 -44.48 35.39 -50.96
N TYR F 273 -43.40 36.16 -51.10
CA TYR F 273 -42.34 36.19 -50.09
C TYR F 273 -41.72 37.56 -50.04
N TYR F 274 -41.10 37.86 -48.92
CA TYR F 274 -40.46 39.16 -48.76
C TYR F 274 -39.21 39.26 -49.63
N PRO F 275 -39.06 40.37 -50.32
CA PRO F 275 -37.84 40.53 -51.13
C PRO F 275 -36.68 40.87 -50.19
N ARG F 276 -35.46 40.48 -50.52
CA ARG F 276 -34.35 40.83 -49.63
C ARG F 276 -33.10 41.15 -50.42
N HIS F 277 -32.06 41.52 -49.67
CA HIS F 277 -30.72 41.81 -50.17
C HIS F 277 -30.63 42.75 -51.37
N LEU F 278 -31.19 43.95 -51.29
CA LEU F 278 -31.07 44.84 -52.44
C LEU F 278 -29.61 45.20 -52.72
N ASN F 279 -29.29 45.30 -53.99
CA ASN F 279 -27.97 45.66 -54.42
C ASN F 279 -28.13 46.21 -55.84
N THR F 280 -27.15 47.01 -56.28
CA THR F 280 -27.22 47.59 -57.61
C THR F 280 -25.85 47.91 -58.15
N ASP F 281 -25.82 48.43 -59.39
CA ASP F 281 -24.60 48.81 -60.09
C ASP F 281 -24.70 50.24 -60.60
N GLY F 282 -25.80 50.90 -60.25
CA GLY F 282 -25.99 52.26 -60.71
C GLY F 282 -27.06 52.38 -61.78
N ARG F 283 -27.41 51.25 -62.40
CA ARG F 283 -28.43 51.22 -63.45
C ARG F 283 -29.66 50.40 -63.04
N ARG F 284 -29.44 49.15 -62.63
CA ARG F 284 -30.53 48.26 -62.23
C ARG F 284 -30.36 47.72 -60.81
N ILE F 285 -31.48 47.40 -60.17
CA ILE F 285 -31.48 46.88 -58.82
C ILE F 285 -31.69 45.37 -58.85
N LEU F 286 -30.97 44.67 -57.99
CA LEU F 286 -31.03 43.21 -57.93
C LEU F 286 -31.47 42.76 -56.55
N PHE F 287 -32.19 41.64 -56.48
CA PHE F 287 -32.62 41.14 -55.17
C PHE F 287 -33.11 39.70 -55.25
N SER F 288 -33.35 39.06 -54.10
CA SER F 288 -33.81 37.68 -54.13
C SER F 288 -35.13 37.58 -53.41
N LYS F 289 -35.88 36.53 -53.69
CA LYS F 289 -37.19 36.35 -53.08
C LYS F 289 -37.70 34.92 -53.25
N GLY F 290 -38.11 34.29 -52.16
CA GLY F 290 -38.62 32.92 -52.24
C GLY F 290 -37.67 31.96 -52.95
N GLY F 291 -36.37 32.25 -52.88
CA GLY F 291 -35.39 31.37 -53.49
C GLY F 291 -35.01 31.65 -54.93
N SER F 292 -35.49 32.76 -55.50
CA SER F 292 -35.18 33.12 -56.88
C SER F 292 -34.60 34.53 -56.93
N ILE F 293 -33.87 34.84 -57.99
CA ILE F 293 -33.29 36.16 -58.12
C ILE F 293 -34.08 36.98 -59.15
N TYR F 294 -34.33 38.24 -58.82
CA TYR F 294 -35.09 39.14 -59.67
C TYR F 294 -34.31 40.39 -59.97
N ILE F 295 -34.76 41.10 -61.01
CA ILE F 295 -34.15 42.36 -61.42
C ILE F 295 -35.21 43.45 -61.49
N PHE F 296 -34.84 44.63 -61.02
CA PHE F 296 -35.73 45.77 -61.02
C PHE F 296 -35.08 46.88 -61.80
N ASN F 297 -35.79 47.39 -62.80
CA ASN F 297 -35.25 48.47 -63.61
C ASN F 297 -36.01 49.73 -63.19
N PRO F 298 -35.34 50.65 -62.46
CA PRO F 298 -35.92 51.90 -61.98
C PRO F 298 -36.57 52.74 -63.08
N ASP F 299 -35.96 52.76 -64.27
CA ASP F 299 -36.50 53.54 -65.38
C ASP F 299 -37.76 52.94 -65.95
N THR F 300 -37.83 51.62 -65.98
CA THR F 300 -39.00 50.94 -66.52
C THR F 300 -39.99 50.59 -65.43
N GLU F 301 -39.47 50.46 -64.22
CA GLU F 301 -40.28 50.09 -63.06
C GLU F 301 -40.82 48.67 -63.23
N LYS F 302 -40.18 47.91 -64.13
CA LYS F 302 -40.57 46.53 -64.41
C LYS F 302 -39.63 45.55 -63.71
N ILE F 303 -40.22 44.48 -63.21
CA ILE F 303 -39.47 43.45 -62.49
C ILE F 303 -39.53 42.09 -63.18
N GLU F 304 -38.39 41.45 -63.32
CA GLU F 304 -38.36 40.16 -63.95
C GLU F 304 -37.50 39.16 -63.19
N LYS F 305 -37.91 37.91 -63.29
CA LYS F 305 -37.25 36.80 -62.65
C LYS F 305 -36.16 36.27 -63.58
N ILE F 306 -34.96 36.10 -63.04
CA ILE F 306 -33.87 35.57 -63.86
C ILE F 306 -34.01 34.05 -63.90
N GLU F 307 -33.82 33.46 -65.06
CA GLU F 307 -33.93 32.01 -65.19
C GLU F 307 -32.57 31.38 -64.99
N ILE F 308 -32.41 30.64 -63.90
CA ILE F 308 -31.14 30.01 -63.63
C ILE F 308 -31.25 28.49 -63.66
N GLY F 309 -32.36 27.97 -63.16
CA GLY F 309 -32.59 26.53 -63.16
C GLY F 309 -31.72 25.75 -62.20
N ASP F 310 -31.73 24.42 -62.33
CA ASP F 310 -30.94 23.55 -61.44
C ASP F 310 -29.46 23.88 -61.52
N LEU F 311 -28.82 23.91 -60.35
CA LEU F 311 -27.41 24.25 -60.26
C LEU F 311 -26.54 23.23 -59.56
N GLU F 312 -27.06 22.67 -58.48
CA GLU F 312 -26.30 21.69 -57.72
C GLU F 312 -27.21 20.86 -56.82
N SER F 313 -26.93 19.57 -56.78
CA SER F 313 -27.72 18.67 -55.96
C SER F 313 -26.73 17.62 -55.41
N PRO F 314 -26.15 17.90 -54.24
CA PRO F 314 -25.19 17.01 -53.60
C PRO F 314 -25.80 15.74 -53.09
N GLU F 315 -24.93 14.80 -52.73
CA GLU F 315 -25.34 13.50 -52.21
C GLU F 315 -26.34 13.68 -51.06
N ASP F 316 -27.49 13.02 -51.16
CA ASP F 316 -28.52 13.15 -50.13
C ASP F 316 -28.29 12.32 -48.88
N ARG F 317 -27.81 11.09 -49.07
CA ARG F 317 -27.53 10.16 -47.96
C ARG F 317 -26.21 10.59 -47.31
N ILE F 318 -26.31 11.07 -46.06
CA ILE F 318 -25.16 11.58 -45.30
C ILE F 318 -24.76 10.79 -44.06
N ILE F 319 -23.47 10.90 -43.74
CA ILE F 319 -22.84 10.25 -42.59
C ILE F 319 -22.60 11.26 -41.47
N SER F 320 -22.89 10.85 -40.23
CA SER F 320 -22.70 11.70 -39.08
C SER F 320 -22.10 10.95 -37.91
N ILE F 321 -21.50 11.70 -36.99
CA ILE F 321 -20.87 11.13 -35.82
C ILE F 321 -21.90 11.04 -34.72
N PRO F 322 -22.35 9.83 -34.41
CA PRO F 322 -23.35 9.67 -33.35
C PRO F 322 -23.13 10.48 -32.07
N SER F 323 -21.89 10.54 -31.58
CA SER F 323 -21.65 11.26 -30.32
C SER F 323 -22.07 12.71 -30.39
N LYS F 324 -21.73 13.38 -31.49
CA LYS F 324 -22.08 14.79 -31.72
C LYS F 324 -23.56 15.12 -31.47
N PHE F 325 -24.47 14.20 -31.81
CA PHE F 325 -25.89 14.49 -31.64
C PHE F 325 -26.57 13.53 -30.68
N ALA F 326 -25.77 12.80 -29.91
CA ALA F 326 -26.30 11.84 -28.96
C ALA F 326 -26.93 12.43 -27.71
N GLU F 327 -27.85 11.67 -27.13
CA GLU F 327 -28.54 12.08 -25.91
C GLU F 327 -29.39 10.93 -25.38
N ASP F 328 -29.85 11.09 -24.14
CA ASP F 328 -30.67 10.07 -23.51
C ASP F 328 -29.97 8.72 -23.33
N PHE F 329 -28.67 8.76 -23.03
CA PHE F 329 -27.88 7.55 -22.80
C PHE F 329 -28.50 6.84 -21.59
N SER F 330 -28.76 5.54 -21.71
CA SER F 330 -29.37 4.78 -20.62
C SER F 330 -28.86 3.32 -20.54
N PRO F 331 -28.74 2.78 -19.31
CA PRO F 331 -28.27 1.42 -19.08
C PRO F 331 -29.40 0.38 -19.21
N LEU F 332 -29.16 -0.71 -19.92
CA LEU F 332 -30.17 -1.76 -20.10
C LEU F 332 -29.72 -3.03 -19.39
N ASP F 333 -30.51 -4.09 -19.53
CA ASP F 333 -30.18 -5.37 -18.94
C ASP F 333 -28.99 -5.99 -19.66
N GLY F 334 -28.36 -6.96 -19.03
CA GLY F 334 -27.23 -7.64 -19.63
C GLY F 334 -26.09 -6.70 -19.98
N ASP F 335 -25.87 -5.68 -19.16
CA ASP F 335 -24.78 -4.74 -19.41
C ASP F 335 -24.84 -4.14 -20.82
N LEU F 336 -26.04 -3.78 -21.24
CA LEU F 336 -26.21 -3.17 -22.54
C LEU F 336 -26.53 -1.67 -22.38
N ILE F 337 -26.38 -0.94 -23.47
CA ILE F 337 -26.58 0.49 -23.49
C ILE F 337 -27.61 0.86 -24.54
N ALA F 338 -28.41 1.88 -24.26
CA ALA F 338 -29.39 2.38 -25.22
C ALA F 338 -29.17 3.90 -25.26
N PHE F 339 -29.45 4.52 -26.40
CA PHE F 339 -29.32 5.97 -26.52
C PHE F 339 -29.97 6.49 -27.78
N VAL F 340 -30.13 7.80 -27.83
CA VAL F 340 -30.75 8.43 -29.00
C VAL F 340 -29.78 9.42 -29.61
N SER F 341 -29.81 9.54 -30.94
CA SER F 341 -28.99 10.52 -31.61
C SER F 341 -29.60 10.86 -32.95
N ARG F 342 -29.66 12.16 -33.22
CA ARG F 342 -30.22 12.67 -34.46
C ARG F 342 -31.56 12.01 -34.81
N GLY F 343 -32.39 11.79 -33.80
CA GLY F 343 -33.70 11.20 -34.03
C GLY F 343 -33.73 9.70 -34.10
N GLN F 344 -32.56 9.06 -34.11
CA GLN F 344 -32.48 7.60 -34.18
C GLN F 344 -32.18 7.00 -32.81
N ALA F 345 -32.47 5.72 -32.65
CA ALA F 345 -32.21 5.05 -31.38
C ALA F 345 -31.37 3.79 -31.60
N PHE F 346 -30.56 3.41 -30.60
CA PHE F 346 -29.71 2.24 -30.74
C PHE F 346 -29.56 1.40 -29.46
N ILE F 347 -29.30 0.11 -29.66
CA ILE F 347 -29.06 -0.80 -28.55
C ILE F 347 -27.66 -1.36 -28.83
N GLN F 348 -26.70 -1.03 -27.98
CA GLN F 348 -25.33 -1.46 -28.18
C GLN F 348 -24.64 -1.86 -26.90
N ASP F 349 -23.50 -2.54 -27.04
CA ASP F 349 -22.70 -2.95 -25.89
C ASP F 349 -21.84 -1.71 -25.58
N VAL F 350 -21.33 -1.59 -24.36
CA VAL F 350 -20.55 -0.41 -24.02
C VAL F 350 -19.51 -0.10 -25.08
N SER F 351 -18.88 -1.15 -25.60
CA SER F 351 -17.85 -1.01 -26.60
C SER F 351 -18.29 -0.35 -27.90
N GLY F 352 -19.59 -0.42 -28.19
CA GLY F 352 -20.10 0.15 -29.43
C GLY F 352 -19.73 -0.73 -30.62
N THR F 353 -19.31 -1.97 -30.34
CA THR F 353 -18.93 -2.88 -31.40
C THR F 353 -20.16 -3.59 -31.95
N TYR F 354 -21.07 -4.00 -31.07
CA TYR F 354 -22.31 -4.65 -31.50
C TYR F 354 -23.43 -3.61 -31.35
N VAL F 355 -23.78 -2.96 -32.45
CA VAL F 355 -24.81 -1.91 -32.46
C VAL F 355 -26.08 -2.24 -33.20
N LEU F 356 -27.24 -2.09 -32.57
CA LEU F 356 -28.54 -2.33 -33.23
C LEU F 356 -29.32 -1.04 -33.34
N LYS F 357 -29.84 -0.77 -34.53
CA LYS F 357 -30.62 0.44 -34.73
C LYS F 357 -32.09 0.07 -34.58
N VAL F 358 -32.81 0.83 -33.77
CA VAL F 358 -34.22 0.55 -33.57
C VAL F 358 -34.86 0.85 -34.92
N PRO F 359 -35.73 -0.05 -35.41
CA PRO F 359 -36.45 0.08 -36.69
C PRO F 359 -37.68 0.98 -36.58
N GLU F 360 -37.48 2.30 -36.59
CA GLU F 360 -38.58 3.26 -36.46
C GLU F 360 -38.23 4.57 -37.15
N PRO F 361 -39.20 5.16 -37.87
CA PRO F 361 -39.04 6.41 -38.60
C PRO F 361 -38.53 7.57 -37.72
N LEU F 362 -38.25 8.71 -38.33
CA LEU F 362 -37.73 9.85 -37.61
C LEU F 362 -38.46 10.28 -36.37
N ARG F 363 -37.62 10.78 -35.46
CA ARG F 363 -37.91 11.29 -34.13
C ARG F 363 -38.30 10.31 -33.05
N ILE F 364 -37.29 9.78 -32.41
CA ILE F 364 -37.48 8.87 -31.29
C ILE F 364 -36.95 9.70 -30.12
N ARG F 365 -37.84 10.39 -29.44
CA ARG F 365 -37.42 11.22 -28.32
C ARG F 365 -36.76 10.46 -27.16
N TYR F 366 -37.38 9.39 -26.68
CA TYR F 366 -36.81 8.65 -25.57
C TYR F 366 -36.79 7.10 -25.72
N VAL F 367 -35.86 6.46 -25.02
CA VAL F 367 -35.75 5.01 -25.02
C VAL F 367 -35.57 4.60 -23.55
N ARG F 368 -36.32 3.59 -23.15
CA ARG F 368 -36.30 3.14 -21.76
C ARG F 368 -36.39 1.63 -21.62
N ARG F 369 -35.59 1.09 -20.71
CA ARG F 369 -35.58 -0.34 -20.44
C ARG F 369 -37.00 -0.79 -20.06
N GLY F 370 -37.49 -1.82 -20.77
CA GLY F 370 -38.82 -2.35 -20.54
C GLY F 370 -38.85 -3.86 -20.33
N GLY F 371 -37.70 -4.53 -20.40
CA GLY F 371 -37.68 -5.97 -20.21
C GLY F 371 -36.32 -6.54 -20.49
N ASP F 372 -36.19 -7.86 -20.35
CA ASP F 372 -34.90 -8.54 -20.61
C ASP F 372 -34.34 -8.14 -21.96
N THR F 373 -35.20 -8.18 -22.98
CA THR F 373 -34.77 -7.83 -24.33
C THR F 373 -35.67 -6.78 -24.94
N LYS F 374 -36.63 -6.28 -24.16
CA LYS F 374 -37.58 -5.26 -24.64
C LYS F 374 -37.27 -3.84 -24.16
N VAL F 375 -37.60 -2.85 -24.97
CA VAL F 375 -37.34 -1.48 -24.61
C VAL F 375 -38.50 -0.58 -25.03
N ALA F 376 -38.91 0.35 -24.18
CA ALA F 376 -40.01 1.23 -24.57
C ALA F 376 -39.42 2.53 -25.12
N PHE F 377 -40.13 3.18 -26.04
CA PHE F 377 -39.62 4.42 -26.59
C PHE F 377 -40.74 5.40 -26.91
N ILE F 378 -40.37 6.67 -27.05
CA ILE F 378 -41.35 7.69 -27.37
C ILE F 378 -41.01 8.17 -28.79
N HIS F 379 -41.94 7.92 -29.71
CA HIS F 379 -41.78 8.30 -31.12
C HIS F 379 -42.52 9.60 -31.35
N GLY F 380 -41.82 10.59 -31.90
CA GLY F 380 -42.45 11.87 -32.15
C GLY F 380 -42.79 12.09 -33.60
N THR F 381 -43.97 12.67 -33.85
CA THR F 381 -44.41 12.98 -35.21
C THR F 381 -44.96 14.40 -35.17
N ARG F 382 -45.45 14.85 -36.31
CA ARG F 382 -46.02 16.19 -36.44
C ARG F 382 -47.26 16.35 -35.57
N GLU F 383 -47.98 15.26 -35.36
CA GLU F 383 -49.19 15.29 -34.57
C GLU F 383 -48.91 15.28 -33.06
N GLY F 384 -47.83 14.61 -32.69
CA GLY F 384 -47.48 14.53 -31.29
C GLY F 384 -46.54 13.39 -30.99
N ASP F 385 -46.50 13.00 -29.73
CA ASP F 385 -45.64 11.93 -29.27
C ASP F 385 -46.49 10.74 -28.88
N PHE F 386 -45.95 9.56 -29.18
CA PHE F 386 -46.59 8.27 -28.92
C PHE F 386 -45.63 7.27 -28.28
N LEU F 387 -46.17 6.39 -27.45
CA LEU F 387 -45.35 5.37 -26.79
C LEU F 387 -45.18 4.16 -27.71
N GLY F 388 -43.98 3.63 -27.78
CA GLY F 388 -43.70 2.47 -28.62
C GLY F 388 -42.83 1.47 -27.88
N ILE F 389 -42.93 0.20 -28.28
CA ILE F 389 -42.17 -0.86 -27.65
C ILE F 389 -41.41 -1.61 -28.73
N TYR F 390 -40.23 -2.09 -28.38
CA TYR F 390 -39.36 -2.81 -29.31
C TYR F 390 -38.63 -3.88 -28.57
N ASP F 391 -38.34 -4.97 -29.28
CA ASP F 391 -37.63 -6.10 -28.68
C ASP F 391 -36.41 -6.38 -29.57
N TYR F 392 -35.22 -6.06 -29.09
CA TYR F 392 -34.03 -6.28 -29.90
C TYR F 392 -33.58 -7.73 -30.05
N ARG F 393 -34.43 -8.66 -29.61
CA ARG F 393 -34.09 -10.07 -29.72
C ARG F 393 -34.95 -10.71 -30.80
N THR F 394 -36.27 -10.58 -30.67
CA THR F 394 -37.19 -11.16 -31.63
C THR F 394 -37.31 -10.30 -32.87
N GLY F 395 -37.33 -8.99 -32.65
CA GLY F 395 -37.45 -8.04 -33.75
C GLY F 395 -38.76 -7.28 -33.75
N LYS F 396 -39.79 -7.85 -33.12
CA LYS F 396 -41.10 -7.24 -33.05
C LYS F 396 -41.01 -5.82 -32.51
N ALA F 397 -41.83 -4.92 -33.05
CA ALA F 397 -41.83 -3.53 -32.62
C ALA F 397 -43.17 -2.85 -32.89
N GLU F 398 -44.13 -3.06 -32.00
CA GLU F 398 -45.44 -2.45 -32.13
C GLU F 398 -45.30 -0.95 -31.85
N LYS F 399 -46.29 -0.15 -32.26
CA LYS F 399 -46.24 1.30 -32.05
C LYS F 399 -47.65 1.85 -31.84
N PHE F 400 -48.01 2.08 -30.58
CA PHE F 400 -49.33 2.58 -30.24
C PHE F 400 -49.74 3.87 -30.96
N GLU F 401 -51.05 4.12 -30.96
CA GLU F 401 -51.64 5.29 -31.64
C GLU F 401 -52.11 6.34 -30.66
N GLU F 402 -52.34 5.96 -29.41
CA GLU F 402 -52.78 6.90 -28.40
C GLU F 402 -51.82 8.09 -28.26
N ASN F 403 -52.30 9.28 -28.61
CA ASN F 403 -51.48 10.49 -28.54
C ASN F 403 -51.25 10.94 -27.08
N LEU F 404 -49.99 11.14 -26.70
CA LEU F 404 -49.71 11.52 -25.32
C LEU F 404 -49.43 13.00 -25.13
N GLY F 405 -49.37 13.72 -26.24
CA GLY F 405 -49.09 15.14 -26.17
C GLY F 405 -47.60 15.27 -26.36
N ASN F 406 -47.01 16.27 -25.74
CA ASN F 406 -45.56 16.45 -25.86
C ASN F 406 -44.85 15.87 -24.65
N VAL F 407 -44.32 14.67 -24.83
CA VAL F 407 -43.65 13.99 -23.75
C VAL F 407 -42.30 14.55 -23.41
N PHE F 408 -42.05 14.70 -22.12
CA PHE F 408 -40.77 15.20 -21.67
C PHE F 408 -40.09 14.34 -20.66
N ALA F 409 -40.78 13.29 -20.24
CA ALA F 409 -40.22 12.37 -19.27
C ALA F 409 -40.94 11.06 -19.45
N MET F 410 -40.20 9.96 -19.33
CA MET F 410 -40.80 8.65 -19.53
C MET F 410 -40.08 7.55 -18.77
N GLY F 411 -40.85 6.77 -18.04
CA GLY F 411 -40.25 5.67 -17.30
C GLY F 411 -41.08 4.40 -17.40
N VAL F 412 -40.47 3.26 -17.06
CA VAL F 412 -41.18 1.99 -17.11
C VAL F 412 -41.02 1.26 -15.79
N ASP F 413 -42.07 0.59 -15.34
CA ASP F 413 -41.96 -0.11 -14.08
C ASP F 413 -40.97 -1.24 -14.21
N ARG F 414 -40.54 -1.77 -13.07
CA ARG F 414 -39.57 -2.82 -13.10
C ARG F 414 -40.17 -4.12 -13.59
N ASN F 415 -41.48 -4.24 -13.49
CA ASN F 415 -42.13 -5.46 -13.91
C ASN F 415 -42.58 -5.42 -15.39
N GLY F 416 -42.29 -4.30 -16.05
CA GLY F 416 -42.61 -4.14 -17.47
C GLY F 416 -44.05 -4.19 -17.93
N LYS F 417 -44.99 -3.81 -17.08
CA LYS F 417 -46.40 -3.83 -17.45
C LYS F 417 -46.92 -2.45 -17.85
N PHE F 418 -46.45 -1.40 -17.19
CA PHE F 418 -46.92 -0.07 -17.54
C PHE F 418 -45.78 0.94 -17.59
N ALA F 419 -46.06 2.14 -18.05
CA ALA F 419 -45.04 3.18 -18.13
C ALA F 419 -45.65 4.47 -17.57
N VAL F 420 -44.81 5.37 -17.05
CA VAL F 420 -45.29 6.63 -16.52
C VAL F 420 -44.77 7.70 -17.47
N VAL F 421 -45.66 8.63 -17.89
CA VAL F 421 -45.29 9.68 -18.83
C VAL F 421 -45.74 11.10 -18.40
N ALA F 422 -44.90 12.09 -18.70
CA ALA F 422 -45.15 13.47 -18.38
C ALA F 422 -45.15 14.27 -19.68
N ASN F 423 -46.06 15.23 -19.80
CA ASN F 423 -46.18 16.08 -20.99
C ASN F 423 -46.24 17.56 -20.66
N ASP F 424 -46.27 18.35 -21.72
CA ASP F 424 -46.33 19.80 -21.63
C ASP F 424 -47.72 20.28 -21.23
N ARG F 425 -48.62 19.34 -20.98
CA ARG F 425 -49.95 19.69 -20.52
C ARG F 425 -49.94 19.64 -19.00
N PHE F 426 -48.78 19.37 -18.42
CA PHE F 426 -48.62 19.27 -16.96
C PHE F 426 -49.30 18.04 -16.40
N GLU F 427 -49.46 17.00 -17.22
CA GLU F 427 -50.10 15.78 -16.77
C GLU F 427 -49.10 14.67 -16.49
N ILE F 428 -49.47 13.78 -15.58
CA ILE F 428 -48.64 12.63 -15.31
C ILE F 428 -49.64 11.49 -15.49
N MET F 429 -49.23 10.46 -16.24
CA MET F 429 -50.10 9.34 -16.54
C MET F 429 -49.40 7.99 -16.62
N THR F 430 -50.19 6.92 -16.67
CA THR F 430 -49.67 5.57 -16.77
C THR F 430 -50.19 4.96 -18.07
N VAL F 431 -49.28 4.64 -19.00
CA VAL F 431 -49.68 4.04 -20.27
C VAL F 431 -49.49 2.53 -20.20
N ASP F 432 -50.55 1.79 -20.46
CA ASP F 432 -50.53 0.32 -20.44
C ASP F 432 -49.56 -0.18 -21.54
N LEU F 433 -48.54 -0.94 -21.16
CA LEU F 433 -47.59 -1.42 -22.17
C LEU F 433 -48.15 -2.50 -23.07
N GLU F 434 -49.33 -2.98 -22.73
CA GLU F 434 -49.97 -4.04 -23.51
C GLU F 434 -51.01 -3.47 -24.46
N THR F 435 -52.01 -2.80 -23.90
CA THR F 435 -53.09 -2.18 -24.68
C THR F 435 -52.65 -0.87 -25.36
N GLY F 436 -52.06 0.04 -24.58
CA GLY F 436 -51.61 1.31 -25.14
C GLY F 436 -52.42 2.46 -24.56
N LYS F 437 -53.49 2.12 -23.86
CA LYS F 437 -54.38 3.10 -23.27
C LYS F 437 -53.74 3.90 -22.14
N PRO F 438 -53.71 5.23 -22.30
CA PRO F 438 -53.13 6.11 -21.26
C PRO F 438 -54.16 6.34 -20.12
N THR F 439 -53.68 6.74 -18.95
CA THR F 439 -54.57 7.02 -17.81
C THR F 439 -53.93 8.11 -16.97
N VAL F 440 -54.49 9.31 -17.08
CA VAL F 440 -53.99 10.46 -16.37
C VAL F 440 -54.21 10.32 -14.88
N ILE F 441 -53.15 10.56 -14.11
CA ILE F 441 -53.25 10.42 -12.68
C ILE F 441 -53.55 11.76 -12.08
N GLU F 442 -52.74 12.76 -12.40
CA GLU F 442 -52.97 14.07 -11.84
C GLU F 442 -52.40 15.11 -12.79
N ARG F 443 -52.91 16.32 -12.68
CA ARG F 443 -52.45 17.39 -13.55
C ARG F 443 -52.13 18.64 -12.77
N SER F 444 -50.93 19.16 -13.01
CA SER F 444 -50.47 20.36 -12.35
C SER F 444 -50.90 21.54 -13.20
N ARG F 445 -51.02 22.71 -12.59
CA ARG F 445 -51.39 23.88 -13.37
C ARG F 445 -50.24 24.88 -13.42
N GLU F 446 -49.08 24.48 -12.93
CA GLU F 446 -47.93 25.37 -12.92
C GLU F 446 -46.78 24.97 -13.83
N ALA F 447 -46.39 23.69 -13.79
CA ALA F 447 -45.26 23.21 -14.58
C ALA F 447 -45.39 21.71 -14.81
N MET F 448 -44.42 21.11 -15.48
CA MET F 448 -44.47 19.68 -15.77
C MET F 448 -44.11 18.77 -14.58
N ILE F 449 -44.65 17.56 -14.60
CA ILE F 449 -44.38 16.59 -13.54
C ILE F 449 -43.38 15.62 -14.14
N THR F 450 -42.14 16.07 -14.25
CA THR F 450 -41.09 15.25 -14.84
C THR F 450 -40.25 14.50 -13.84
N ASP F 451 -40.38 14.81 -12.56
CA ASP F 451 -39.58 14.16 -11.54
C ASP F 451 -40.38 13.11 -10.80
N PHE F 452 -40.29 11.88 -11.28
CA PHE F 452 -41.04 10.79 -10.65
C PHE F 452 -40.30 9.44 -10.59
N THR F 453 -40.83 8.52 -9.79
CA THR F 453 -40.29 7.20 -9.65
C THR F 453 -41.37 6.18 -9.28
N ILE F 454 -41.15 4.93 -9.67
CA ILE F 454 -42.07 3.84 -9.41
C ILE F 454 -41.46 2.85 -8.41
N SER F 455 -42.21 2.46 -7.39
CA SER F 455 -41.70 1.51 -6.40
C SER F 455 -41.38 0.19 -7.10
N ASP F 456 -40.43 -0.56 -6.55
CA ASP F 456 -40.04 -1.85 -7.15
C ASP F 456 -41.17 -2.87 -7.21
N ASN F 457 -42.16 -2.75 -6.34
CA ASN F 457 -43.27 -3.70 -6.41
C ASN F 457 -44.38 -3.14 -7.34
N SER F 458 -44.06 -2.10 -8.10
CA SER F 458 -44.98 -1.50 -9.05
C SER F 458 -46.32 -1.03 -8.50
N ARG F 459 -46.40 -0.77 -7.19
CA ARG F 459 -47.65 -0.34 -6.59
C ARG F 459 -47.77 1.15 -6.34
N PHE F 460 -46.65 1.83 -6.12
CA PHE F 460 -46.71 3.26 -5.86
C PHE F 460 -45.96 4.11 -6.87
N ILE F 461 -46.45 5.33 -7.07
CA ILE F 461 -45.77 6.24 -7.97
C ILE F 461 -45.57 7.56 -7.23
N ALA F 462 -44.32 7.91 -6.90
CA ALA F 462 -44.02 9.16 -6.21
C ALA F 462 -43.52 10.18 -7.21
N TYR F 463 -43.91 11.44 -7.05
CA TYR F 463 -43.48 12.47 -8.00
C TYR F 463 -43.61 13.90 -7.44
N GLY F 464 -42.80 14.80 -7.98
CA GLY F 464 -42.84 16.17 -7.53
C GLY F 464 -44.03 16.84 -8.21
N PHE F 465 -44.90 17.45 -7.41
CA PHE F 465 -46.08 18.10 -7.95
C PHE F 465 -45.99 19.62 -7.80
N PRO F 466 -45.76 20.34 -8.90
CA PRO F 466 -45.66 21.81 -8.78
C PRO F 466 -47.02 22.43 -8.44
N LEU F 467 -47.02 23.39 -7.52
CA LEU F 467 -48.24 24.01 -7.08
C LEU F 467 -48.03 25.43 -6.57
N LYS F 468 -49.10 26.22 -6.53
CA LYS F 468 -49.05 27.60 -6.03
C LYS F 468 -50.21 27.87 -5.12
N HIS F 469 -49.95 28.64 -4.07
CA HIS F 469 -51.01 28.96 -3.13
C HIS F 469 -51.99 29.91 -3.80
N GLY F 470 -51.46 30.91 -4.51
CA GLY F 470 -52.33 31.86 -5.19
C GLY F 470 -52.13 31.91 -6.69
N GLU F 471 -53.14 32.39 -7.41
CA GLU F 471 -53.06 32.48 -8.87
C GLU F 471 -51.92 33.38 -9.32
N THR F 472 -51.73 34.51 -8.63
CA THR F 472 -50.68 35.46 -8.96
C THR F 472 -49.45 35.36 -8.05
N ASP F 473 -49.21 34.16 -7.56
CA ASP F 473 -48.11 33.90 -6.66
C ASP F 473 -46.77 34.03 -7.34
N GLY F 474 -45.79 34.55 -6.61
CA GLY F 474 -44.47 34.75 -7.19
C GLY F 474 -43.58 33.52 -7.23
N TYR F 475 -43.83 32.55 -6.37
CA TYR F 475 -43.01 31.37 -6.34
C TYR F 475 -43.85 30.10 -6.56
N VAL F 476 -43.23 29.09 -7.14
CA VAL F 476 -43.91 27.83 -7.39
C VAL F 476 -43.39 26.77 -6.41
N MET F 477 -44.26 26.27 -5.56
CA MET F 477 -43.83 25.27 -4.61
C MET F 477 -43.90 23.90 -5.26
N GLN F 478 -43.34 22.89 -4.58
CA GLN F 478 -43.38 21.52 -5.08
C GLN F 478 -43.54 20.55 -3.91
N ALA F 479 -44.52 19.66 -4.03
CA ALA F 479 -44.82 18.69 -2.99
C ALA F 479 -44.78 17.30 -3.60
N ILE F 480 -44.23 16.33 -2.87
CA ILE F 480 -44.17 14.97 -3.41
C ILE F 480 -45.53 14.33 -3.22
N HIS F 481 -46.01 13.66 -4.26
CA HIS F 481 -47.29 12.97 -4.18
C HIS F 481 -47.01 11.49 -4.39
N VAL F 482 -47.87 10.65 -3.81
CA VAL F 482 -47.70 9.23 -4.00
C VAL F 482 -49.05 8.65 -4.44
N TYR F 483 -49.04 8.07 -5.64
CA TYR F 483 -50.22 7.45 -6.24
C TYR F 483 -50.14 5.95 -5.98
N ASP F 484 -51.24 5.40 -5.49
CA ASP F 484 -51.35 3.98 -5.18
C ASP F 484 -52.13 3.25 -6.27
N MET F 485 -51.48 2.33 -6.99
CA MET F 485 -52.16 1.59 -8.05
C MET F 485 -53.42 0.88 -7.53
N GLU F 486 -53.39 0.42 -6.29
CA GLU F 486 -54.55 -0.23 -5.73
C GLU F 486 -55.25 0.85 -4.95
N GLY F 487 -56.54 1.01 -5.21
CA GLY F 487 -57.28 2.04 -4.51
C GLY F 487 -57.30 3.25 -5.42
N ARG F 488 -56.27 3.33 -6.24
CA ARG F 488 -56.14 4.44 -7.19
C ARG F 488 -56.40 5.81 -6.54
N LYS F 489 -55.68 6.10 -5.45
CA LYS F 489 -55.82 7.39 -4.77
C LYS F 489 -54.46 8.08 -4.58
N ILE F 490 -54.47 9.40 -4.62
CA ILE F 490 -53.25 10.18 -4.47
C ILE F 490 -53.02 10.64 -3.04
N PHE F 491 -51.85 10.34 -2.49
CA PHE F 491 -51.57 10.77 -1.12
C PHE F 491 -50.47 11.82 -1.09
N ALA F 492 -50.49 12.67 -0.07
CA ALA F 492 -49.49 13.73 0.07
C ALA F 492 -48.27 13.24 0.89
N ALA F 493 -47.11 13.19 0.25
CA ALA F 493 -45.91 12.74 0.96
C ALA F 493 -45.33 13.88 1.79
N THR F 494 -45.41 15.10 1.27
CA THR F 494 -44.88 16.24 1.98
C THR F 494 -45.85 17.42 1.91
N THR F 495 -45.60 18.43 2.73
CA THR F 495 -46.43 19.63 2.80
C THR F 495 -46.09 20.51 1.61
N GLU F 496 -46.82 21.60 1.42
CA GLU F 496 -46.55 22.43 0.26
C GLU F 496 -45.94 23.79 0.55
N ASN F 497 -44.88 23.81 1.34
CA ASN F 497 -44.26 25.06 1.69
C ASN F 497 -42.89 25.34 1.10
N SER F 498 -42.33 24.37 0.39
CA SER F 498 -41.04 24.61 -0.23
C SER F 498 -40.89 23.78 -1.51
N HIS F 499 -39.73 23.17 -1.69
CA HIS F 499 -39.44 22.41 -2.88
C HIS F 499 -38.92 21.02 -2.48
N ASP F 500 -39.73 19.99 -2.71
CA ASP F 500 -39.34 18.64 -2.37
C ASP F 500 -39.21 17.93 -3.73
N TYR F 501 -38.14 17.14 -3.91
CA TYR F 501 -37.86 16.51 -5.20
C TYR F 501 -37.00 15.26 -5.09
N ALA F 502 -36.65 14.71 -6.24
CA ALA F 502 -35.82 13.54 -6.32
C ALA F 502 -36.32 12.40 -5.47
N PRO F 503 -37.62 12.10 -5.54
CA PRO F 503 -38.14 10.98 -4.75
C PRO F 503 -37.51 9.64 -5.16
N ALA F 504 -37.40 8.71 -4.23
CA ALA F 504 -36.82 7.40 -4.52
C ALA F 504 -37.26 6.35 -3.49
N PHE F 505 -37.63 5.16 -3.96
CA PHE F 505 -38.07 4.09 -3.07
C PHE F 505 -36.92 3.14 -2.80
N ASP F 506 -36.98 2.43 -1.70
CA ASP F 506 -35.91 1.46 -1.40
C ASP F 506 -36.34 0.13 -2.02
N ALA F 507 -35.38 -0.78 -2.17
CA ALA F 507 -35.67 -2.08 -2.76
C ALA F 507 -36.93 -2.76 -2.23
N ASP F 508 -37.04 -2.95 -0.91
CA ASP F 508 -38.21 -3.59 -0.30
C ASP F 508 -39.49 -2.81 -0.46
N SER F 509 -39.38 -1.56 -0.90
CA SER F 509 -40.54 -0.69 -1.08
C SER F 509 -41.22 -0.41 0.28
N LYS F 510 -40.42 -0.13 1.31
CA LYS F 510 -40.95 0.14 2.65
C LYS F 510 -40.76 1.59 3.08
N ASN F 511 -39.90 2.32 2.37
CA ASN F 511 -39.66 3.71 2.67
C ASN F 511 -39.53 4.54 1.41
N LEU F 512 -39.91 5.80 1.49
CA LEU F 512 -39.77 6.70 0.37
C LEU F 512 -38.75 7.77 0.77
N TYR F 513 -37.61 7.82 0.11
CA TYR F 513 -36.61 8.83 0.41
C TYR F 513 -36.78 9.97 -0.61
N TYR F 514 -36.31 11.16 -0.24
CA TYR F 514 -36.38 12.28 -1.16
C TYR F 514 -35.50 13.44 -0.68
N LEU F 515 -35.41 14.51 -1.46
CA LEU F 515 -34.63 15.66 -1.07
C LEU F 515 -35.52 16.89 -0.99
N SER F 516 -35.03 17.95 -0.35
CA SER F 516 -35.76 19.20 -0.25
C SER F 516 -34.88 20.34 0.20
N TYR F 517 -35.21 21.52 -0.28
CA TYR F 517 -34.51 22.74 0.06
C TYR F 517 -35.23 23.37 1.25
N ARG F 518 -35.30 22.64 2.34
CA ARG F 518 -35.95 23.16 3.49
C ARG F 518 -35.00 23.58 4.60
N SER F 519 -33.77 23.07 4.59
CA SER F 519 -32.84 23.42 5.65
C SER F 519 -32.26 24.81 5.47
N LEU F 520 -33.08 25.80 5.74
CA LEU F 520 -32.67 27.18 5.59
C LEU F 520 -31.53 27.66 6.48
N ASP F 521 -30.55 28.25 5.84
CA ASP F 521 -29.38 28.79 6.54
C ASP F 521 -28.74 29.74 5.53
N PRO F 522 -28.59 31.02 5.91
CA PRO F 522 -28.00 31.98 4.97
C PRO F 522 -26.47 31.90 4.86
N SER F 523 -25.95 32.12 3.66
CA SER F 523 -24.51 32.15 3.48
C SER F 523 -24.21 33.60 3.15
N PRO F 524 -23.14 34.15 3.73
CA PRO F 524 -22.76 35.54 3.49
C PRO F 524 -22.15 35.84 2.12
N ASP F 525 -22.50 36.98 1.55
CA ASP F 525 -21.96 37.41 0.26
C ASP F 525 -20.61 38.10 0.56
N ARG F 526 -19.55 37.73 -0.12
CA ARG F 526 -18.27 38.32 0.18
C ARG F 526 -18.02 39.72 -0.36
N VAL F 527 -18.92 40.23 -1.17
CA VAL F 527 -18.67 41.55 -1.72
C VAL F 527 -19.71 42.56 -1.33
N VAL F 528 -20.96 42.19 -1.51
CA VAL F 528 -22.07 43.10 -1.24
C VAL F 528 -22.78 42.67 0.03
N LEU F 529 -23.39 43.61 0.75
CA LEU F 529 -24.12 43.22 1.95
C LEU F 529 -25.32 42.43 1.43
N ASN F 530 -25.28 41.11 1.60
CA ASN F 530 -26.34 40.24 1.12
C ASN F 530 -26.15 38.83 1.64
N PHE F 531 -27.20 38.02 1.60
CA PHE F 531 -27.07 36.64 2.02
C PHE F 531 -27.99 35.82 1.11
N SER F 532 -27.67 34.55 0.88
CA SER F 532 -28.55 33.72 0.06
C SER F 532 -28.46 32.29 0.53
N PHE F 533 -29.41 31.47 0.09
CA PHE F 533 -29.41 30.06 0.51
C PHE F 533 -28.63 29.21 -0.48
N GLU F 534 -27.37 28.94 -0.12
CA GLU F 534 -26.45 28.13 -0.90
C GLU F 534 -26.50 26.67 -0.54
N VAL F 535 -26.35 26.36 0.74
CA VAL F 535 -26.41 24.97 1.15
C VAL F 535 -27.58 24.63 2.07
N VAL F 536 -28.76 24.54 1.48
CA VAL F 536 -29.95 24.25 2.26
C VAL F 536 -30.69 22.98 1.81
N SER F 537 -29.97 22.08 1.15
CA SER F 537 -30.56 20.85 0.64
C SER F 537 -30.31 19.68 1.61
N LYS F 538 -31.37 18.97 1.98
CA LYS F 538 -31.21 17.87 2.89
C LYS F 538 -32.13 16.71 2.55
N PRO F 539 -31.67 15.46 2.74
CA PRO F 539 -32.47 14.26 2.46
C PRO F 539 -33.47 13.92 3.59
N PHE F 540 -34.59 13.31 3.23
CA PHE F 540 -35.61 12.95 4.19
C PHE F 540 -36.17 11.61 3.82
N VAL F 541 -36.83 10.95 4.75
CA VAL F 541 -37.41 9.67 4.44
C VAL F 541 -38.74 9.56 5.09
N ILE F 542 -39.58 8.70 4.52
CA ILE F 542 -40.93 8.50 5.03
C ILE F 542 -41.26 7.03 4.98
N PRO F 543 -41.44 6.42 6.16
CA PRO F 543 -41.76 4.98 6.19
C PRO F 543 -43.20 4.76 5.77
N LEU F 544 -43.39 3.86 4.81
CA LEU F 544 -44.70 3.57 4.27
C LEU F 544 -45.56 2.80 5.28
N ILE F 545 -44.93 2.25 6.31
CA ILE F 545 -45.70 1.55 7.33
C ILE F 545 -45.64 2.31 8.63
N PRO F 546 -46.78 2.93 9.04
CA PRO F 546 -46.82 3.70 10.28
C PRO F 546 -46.24 2.92 11.45
N GLY F 547 -45.48 3.60 12.30
CA GLY F 547 -44.90 2.95 13.46
C GLY F 547 -43.49 2.48 13.20
N SER F 548 -43.18 2.33 11.93
CA SER F 548 -41.87 1.90 11.55
C SER F 548 -41.02 3.17 11.60
N PRO F 549 -39.85 3.07 12.22
CA PRO F 549 -38.97 4.24 12.32
C PRO F 549 -38.08 4.45 11.13
N ASN F 550 -37.40 5.60 11.14
CA ASN F 550 -36.47 5.99 10.09
C ASN F 550 -35.30 5.03 10.17
N PRO F 551 -35.11 4.22 9.15
CA PRO F 551 -34.00 3.28 9.20
C PRO F 551 -32.64 3.89 9.46
N THR F 552 -32.27 4.98 8.79
CA THR F 552 -30.94 5.53 9.08
C THR F 552 -30.70 5.84 10.57
N LYS F 553 -31.77 5.87 11.34
CA LYS F 553 -31.65 6.15 12.78
C LYS F 553 -31.03 5.01 13.57
N LEU F 554 -30.99 3.82 12.98
CA LEU F 554 -30.38 2.67 13.64
C LEU F 554 -31.06 2.30 14.96
N VAL F 555 -32.38 2.36 14.98
CA VAL F 555 -33.15 2.02 16.17
C VAL F 555 -33.20 0.49 16.25
N PRO F 556 -32.60 -0.10 17.30
CA PRO F 556 -32.57 -1.55 17.51
C PRO F 556 -33.89 -2.22 17.14
N ARG F 557 -33.82 -3.25 16.30
CA ARG F 557 -35.02 -3.93 15.87
C ARG F 557 -35.78 -4.50 17.05
N SER F 558 -35.05 -5.05 18.01
CA SER F 558 -35.66 -5.65 19.19
C SER F 558 -36.41 -4.63 20.04
N MET F 559 -36.11 -3.36 19.81
CA MET F 559 -36.74 -2.29 20.55
C MET F 559 -37.87 -1.58 19.77
N THR F 560 -38.27 -2.17 18.65
CA THR F 560 -39.35 -1.63 17.84
C THR F 560 -40.37 -2.72 17.51
N SER F 561 -41.57 -2.31 17.13
CA SER F 561 -42.62 -3.27 16.79
C SER F 561 -43.25 -2.91 15.44
N GLU F 562 -42.55 -3.24 14.35
CA GLU F 562 -43.09 -2.94 13.02
C GLU F 562 -44.15 -3.96 12.61
N ALA F 563 -43.87 -4.66 11.51
CA ALA F 563 -44.78 -5.68 10.99
C ALA F 563 -46.16 -5.10 10.64
N GLY F 564 -46.33 -3.80 10.86
CA GLY F 564 -47.61 -3.18 10.54
C GLY F 564 -47.94 -3.37 9.07
N GLU F 565 -48.97 -2.69 8.60
CA GLU F 565 -49.36 -2.81 7.19
C GLU F 565 -49.30 -1.43 6.52
N TYR F 566 -49.22 -1.37 5.19
CA TYR F 566 -49.15 -0.11 4.46
C TYR F 566 -50.22 0.87 4.88
N ASP F 567 -49.90 2.15 4.91
CA ASP F 567 -50.88 3.18 5.27
C ASP F 567 -50.26 4.51 4.85
N LEU F 568 -50.71 5.06 3.73
CA LEU F 568 -50.11 6.30 3.26
C LEU F 568 -50.77 7.55 3.81
N ASN F 569 -51.76 7.41 4.71
CA ASN F 569 -52.42 8.61 5.26
C ASN F 569 -51.54 9.39 6.22
N ASP F 570 -51.61 10.71 6.12
CA ASP F 570 -50.85 11.58 7.00
C ASP F 570 -49.45 11.08 7.15
N MET F 571 -48.81 10.81 6.02
CA MET F 571 -47.47 10.30 6.06
C MET F 571 -46.46 11.44 6.12
N TYR F 572 -46.87 12.64 5.72
CA TYR F 572 -45.96 13.80 5.78
C TYR F 572 -45.69 14.13 7.26
N LYS F 573 -46.48 13.57 8.16
CA LYS F 573 -46.26 13.80 9.57
C LYS F 573 -45.16 12.89 10.14
N ARG F 574 -44.93 11.74 9.50
CA ARG F 574 -43.94 10.76 9.96
C ARG F 574 -42.59 11.05 9.34
N SER F 575 -42.53 12.05 8.47
CA SER F 575 -41.30 12.42 7.79
C SER F 575 -40.18 12.53 8.82
N SER F 576 -38.97 12.26 8.37
CA SER F 576 -37.82 12.29 9.22
C SER F 576 -36.58 12.56 8.39
N PRO F 577 -35.70 13.42 8.88
CA PRO F 577 -34.46 13.73 8.14
C PRO F 577 -33.39 12.63 8.29
N ILE F 578 -32.47 12.61 7.35
CA ILE F 578 -31.39 11.66 7.45
C ILE F 578 -30.18 12.53 7.79
N ASN F 579 -29.50 12.16 8.88
CA ASN F 579 -28.36 12.88 9.42
C ASN F 579 -27.21 13.07 8.46
N VAL F 580 -27.40 13.91 7.46
CA VAL F 580 -26.36 14.16 6.47
C VAL F 580 -26.23 15.68 6.40
N ASP F 581 -25.04 16.22 6.46
CA ASP F 581 -24.89 17.68 6.42
C ASP F 581 -25.57 18.34 5.22
N PRO F 582 -26.13 19.53 5.41
CA PRO F 582 -26.82 20.22 4.29
C PRO F 582 -25.87 20.47 3.12
N GLY F 583 -26.42 20.95 2.00
CA GLY F 583 -25.61 21.20 0.83
C GLY F 583 -26.49 21.44 -0.37
N ASP F 584 -26.12 20.90 -1.53
CA ASP F 584 -26.88 21.02 -2.77
C ASP F 584 -26.90 19.66 -3.49
N TYR F 585 -27.87 18.82 -3.07
CA TYR F 585 -28.08 17.47 -3.56
C TYR F 585 -29.12 17.37 -4.67
N ARG F 586 -28.81 16.60 -5.72
CA ARG F 586 -29.73 16.45 -6.84
C ARG F 586 -30.34 15.06 -6.94
N MET F 587 -29.75 14.10 -6.25
CA MET F 587 -30.26 12.74 -6.32
C MET F 587 -29.92 11.96 -5.07
N ILE F 588 -30.84 11.11 -4.64
CA ILE F 588 -30.63 10.30 -3.42
C ILE F 588 -30.95 8.84 -3.77
N ILE F 589 -29.98 7.95 -3.61
CA ILE F 589 -30.19 6.53 -3.93
C ILE F 589 -29.99 5.64 -2.70
N PRO F 590 -31.10 5.12 -2.16
CA PRO F 590 -31.06 4.25 -0.99
C PRO F 590 -30.58 2.85 -1.32
N LEU F 591 -29.63 2.35 -0.54
CA LEU F 591 -29.10 1.01 -0.73
C LEU F 591 -29.24 0.24 0.58
N GLU F 592 -28.71 -0.98 0.57
CA GLU F 592 -28.79 -1.85 1.72
C GLU F 592 -28.27 -1.22 3.02
N SER F 593 -27.00 -0.83 3.03
CA SER F 593 -26.44 -0.24 4.24
C SER F 593 -25.76 1.10 3.99
N SER F 594 -26.13 1.73 2.87
CA SER F 594 -25.58 3.03 2.53
C SER F 594 -26.54 3.83 1.66
N ILE F 595 -26.26 5.11 1.50
CA ILE F 595 -27.07 5.99 0.67
C ILE F 595 -26.13 6.71 -0.29
N LEU F 596 -26.50 6.74 -1.56
CA LEU F 596 -25.70 7.44 -2.54
C LEU F 596 -26.35 8.80 -2.72
N ILE F 597 -25.54 9.84 -2.75
CA ILE F 597 -26.06 11.18 -2.91
C ILE F 597 -25.25 11.95 -3.94
N TYR F 598 -25.94 12.59 -4.87
CA TYR F 598 -25.28 13.37 -5.91
C TYR F 598 -25.23 14.81 -5.41
N SER F 599 -24.00 15.30 -5.22
CA SER F 599 -23.79 16.64 -4.71
C SER F 599 -23.17 17.59 -5.69
N VAL F 600 -23.59 18.84 -5.64
CA VAL F 600 -23.03 19.85 -6.52
C VAL F 600 -22.47 20.99 -5.67
N PRO F 601 -21.16 21.14 -5.67
CA PRO F 601 -20.48 22.20 -4.91
C PRO F 601 -20.89 23.58 -5.42
N VAL F 602 -21.00 24.54 -4.52
CA VAL F 602 -21.36 25.89 -4.90
C VAL F 602 -20.32 26.42 -5.91
N HIS F 603 -20.83 27.10 -6.92
CA HIS F 603 -20.01 27.61 -7.99
C HIS F 603 -20.64 28.84 -8.62
N GLY F 604 -19.86 29.50 -9.49
CA GLY F 604 -20.35 30.67 -10.21
C GLY F 604 -21.25 30.23 -11.35
N GLU F 605 -22.11 31.12 -11.81
CA GLU F 605 -23.01 30.75 -12.90
C GLU F 605 -22.63 31.36 -14.22
N PHE F 606 -21.56 32.15 -14.24
CA PHE F 606 -21.18 32.81 -15.48
C PHE F 606 -21.01 31.89 -16.68
N ALA F 607 -20.14 30.89 -16.56
CA ALA F 607 -19.91 30.01 -17.69
C ALA F 607 -21.14 29.24 -18.09
N ALA F 608 -21.97 28.89 -17.12
CA ALA F 608 -23.19 28.13 -17.41
C ALA F 608 -24.25 28.99 -18.11
N TYR F 609 -24.32 30.27 -17.76
CA TYR F 609 -25.29 31.19 -18.32
C TYR F 609 -24.97 31.61 -19.75
N TYR F 610 -23.69 31.75 -20.06
CA TYR F 610 -23.30 32.16 -21.40
C TYR F 610 -22.73 30.98 -22.21
N GLN F 611 -21.53 30.55 -21.83
CA GLN F 611 -20.83 29.45 -22.48
C GLN F 611 -21.62 28.15 -22.41
N GLY F 612 -22.62 28.09 -21.54
CA GLY F 612 -23.41 26.88 -21.44
C GLY F 612 -22.72 25.72 -20.74
N ALA F 613 -21.59 25.99 -20.08
CA ALA F 613 -20.85 24.96 -19.34
C ALA F 613 -21.75 24.16 -18.39
N PRO F 614 -21.55 22.84 -18.34
CA PRO F 614 -22.31 21.91 -17.51
C PRO F 614 -21.93 22.05 -16.06
N GLU F 615 -22.87 21.66 -15.20
CA GLU F 615 -22.70 21.76 -13.77
C GLU F 615 -21.87 20.56 -13.24
N LYS F 616 -20.82 20.84 -12.46
CA LYS F 616 -19.96 19.79 -11.90
C LYS F 616 -20.48 19.23 -10.57
N GLY F 617 -20.71 17.93 -10.55
CA GLY F 617 -21.21 17.27 -9.37
C GLY F 617 -20.26 16.16 -8.94
N VAL F 618 -20.64 15.41 -7.91
CA VAL F 618 -19.80 14.34 -7.41
C VAL F 618 -20.74 13.35 -6.71
N LEU F 619 -20.41 12.07 -6.80
CA LEU F 619 -21.22 11.02 -6.20
C LEU F 619 -20.75 10.71 -4.80
N LEU F 620 -21.58 11.03 -3.82
CA LEU F 620 -21.23 10.78 -2.43
C LEU F 620 -21.89 9.52 -1.85
N LYS F 621 -21.20 8.91 -0.89
CA LYS F 621 -21.70 7.73 -0.23
C LYS F 621 -21.81 7.94 1.27
N TYR F 622 -22.98 7.63 1.81
CA TYR F 622 -23.23 7.76 3.23
C TYR F 622 -23.46 6.36 3.79
N ASP F 623 -22.56 5.92 4.67
CA ASP F 623 -22.67 4.61 5.30
C ASP F 623 -23.68 4.73 6.44
N VAL F 624 -24.79 4.01 6.37
CA VAL F 624 -25.79 4.12 7.43
C VAL F 624 -25.22 3.79 8.81
N LYS F 625 -24.36 2.77 8.87
CA LYS F 625 -23.74 2.34 10.10
C LYS F 625 -22.75 3.34 10.68
N THR F 626 -21.68 3.60 9.94
CA THR F 626 -20.63 4.51 10.37
C THR F 626 -21.01 5.99 10.32
N ARG F 627 -22.07 6.31 9.56
CA ARG F 627 -22.57 7.68 9.37
C ARG F 627 -21.50 8.56 8.72
N LYS F 628 -20.47 7.90 8.20
CA LYS F 628 -19.37 8.58 7.55
C LYS F 628 -19.68 8.81 6.07
N VAL F 629 -19.11 9.88 5.54
CA VAL F 629 -19.34 10.25 4.14
C VAL F 629 -18.06 10.19 3.33
N THR F 630 -18.15 9.67 2.12
CA THR F 630 -16.98 9.55 1.27
C THR F 630 -17.31 9.86 -0.18
N GLU F 631 -16.28 10.01 -0.99
CA GLU F 631 -16.45 10.33 -2.39
C GLU F 631 -16.26 9.11 -3.27
N VAL F 632 -17.32 8.72 -3.96
CA VAL F 632 -17.29 7.56 -4.83
C VAL F 632 -16.80 7.91 -6.24
N LYS F 633 -17.09 9.12 -6.71
CA LYS F 633 -16.67 9.49 -8.06
C LYS F 633 -16.82 10.99 -8.22
N ASN F 634 -15.93 11.63 -8.97
CA ASN F 634 -16.08 13.06 -9.14
C ASN F 634 -16.06 13.44 -10.60
N ASN F 635 -16.06 14.75 -10.86
CA ASN F 635 -16.06 15.28 -12.22
C ASN F 635 -17.27 14.80 -13.02
N LEU F 636 -18.39 14.66 -12.35
CA LEU F 636 -19.60 14.22 -13.02
C LEU F 636 -20.45 15.41 -13.49
N THR F 637 -21.14 15.24 -14.60
CA THR F 637 -22.02 16.30 -15.08
C THR F 637 -23.41 15.74 -15.32
N ASP F 638 -23.56 14.45 -15.08
CA ASP F 638 -24.84 13.76 -15.24
C ASP F 638 -24.69 12.31 -14.76
N LEU F 639 -25.77 11.72 -14.28
CA LEU F 639 -25.74 10.36 -13.79
C LEU F 639 -27.10 9.69 -13.98
N ARG F 640 -27.07 8.38 -14.23
CA ARG F 640 -28.27 7.58 -14.42
C ARG F 640 -28.06 6.24 -13.74
N LEU F 641 -29.08 5.69 -13.11
CA LEU F 641 -28.92 4.41 -12.46
C LEU F 641 -29.80 3.37 -13.15
N SER F 642 -29.29 2.13 -13.23
CA SER F 642 -30.04 1.05 -13.87
C SER F 642 -31.26 0.69 -13.05
N ALA F 643 -32.00 -0.31 -13.52
CA ALA F 643 -33.22 -0.75 -12.83
C ALA F 643 -32.84 -1.53 -11.57
N ASP F 644 -31.91 -2.48 -11.74
CA ASP F 644 -31.44 -3.32 -10.65
C ASP F 644 -30.53 -2.58 -9.67
N ARG F 645 -30.44 -1.26 -9.82
CA ARG F 645 -29.59 -0.46 -8.94
C ARG F 645 -28.14 -0.95 -8.89
N LYS F 646 -27.76 -1.80 -9.83
CA LYS F 646 -26.40 -2.32 -9.82
C LYS F 646 -25.47 -1.62 -10.80
N THR F 647 -26.04 -1.12 -11.89
CA THR F 647 -25.24 -0.46 -12.93
C THR F 647 -25.32 1.06 -12.88
N VAL F 648 -24.17 1.72 -13.01
CA VAL F 648 -24.14 3.17 -13.01
C VAL F 648 -23.59 3.70 -14.33
N MET F 649 -24.31 4.65 -14.92
CA MET F 649 -23.93 5.28 -16.17
C MET F 649 -23.79 6.77 -15.88
N VAL F 650 -22.62 7.34 -16.14
CA VAL F 650 -22.43 8.76 -15.86
C VAL F 650 -21.81 9.51 -17.04
N ARG F 651 -21.78 10.83 -16.92
CA ARG F 651 -21.20 11.68 -17.93
C ARG F 651 -20.23 12.54 -17.12
N LYS F 652 -18.97 12.61 -17.57
CA LYS F 652 -18.02 13.41 -16.85
C LYS F 652 -17.80 14.72 -17.57
N ASP F 653 -17.04 15.60 -16.94
CA ASP F 653 -16.76 16.94 -17.48
C ASP F 653 -16.03 16.91 -18.81
N ASP F 654 -15.33 15.80 -19.11
CA ASP F 654 -14.61 15.70 -20.39
C ASP F 654 -15.62 15.41 -21.50
N GLY F 655 -16.89 15.28 -21.11
CA GLY F 655 -17.93 15.02 -22.08
C GLY F 655 -18.19 13.55 -22.42
N LYS F 656 -17.33 12.65 -21.95
CA LYS F 656 -17.49 11.24 -22.25
C LYS F 656 -18.46 10.51 -21.33
N ILE F 657 -19.05 9.43 -21.80
CA ILE F 657 -19.98 8.66 -20.97
C ILE F 657 -19.28 7.44 -20.40
N TYR F 658 -19.52 7.15 -19.13
CA TYR F 658 -18.88 6.00 -18.52
C TYR F 658 -19.87 5.13 -17.79
N THR F 659 -19.45 3.90 -17.53
CA THR F 659 -20.33 2.96 -16.84
C THR F 659 -19.54 2.08 -15.87
N PHE F 660 -19.96 2.06 -14.62
CA PHE F 660 -19.30 1.26 -13.60
C PHE F 660 -20.32 0.64 -12.66
N PRO F 661 -20.03 -0.57 -12.17
CA PRO F 661 -20.93 -1.26 -11.25
C PRO F 661 -20.95 -0.54 -9.92
N LEU F 662 -22.14 -0.38 -9.35
CA LEU F 662 -22.29 0.33 -8.08
C LEU F 662 -21.46 -0.32 -6.97
N GLU F 663 -21.33 -1.65 -7.06
CA GLU F 663 -20.57 -2.43 -6.09
C GLU F 663 -19.07 -2.12 -6.18
N LYS F 664 -18.52 -2.10 -7.39
CA LYS F 664 -17.10 -1.82 -7.59
C LYS F 664 -16.89 -0.65 -8.55
N PRO F 665 -17.14 0.58 -8.09
CA PRO F 665 -16.97 1.79 -8.91
C PRO F 665 -15.54 1.99 -9.42
N GLU F 666 -14.65 1.10 -9.01
CA GLU F 666 -13.27 1.19 -9.43
C GLU F 666 -13.13 0.70 -10.87
N ASP F 667 -14.05 -0.17 -11.29
CA ASP F 667 -14.02 -0.75 -12.64
C ASP F 667 -14.98 -0.10 -13.65
N GLU F 668 -14.69 1.15 -14.01
CA GLU F 668 -15.54 1.83 -14.97
C GLU F 668 -14.97 1.66 -16.37
N ARG F 669 -15.85 1.66 -17.38
CA ARG F 669 -15.49 1.52 -18.78
C ARG F 669 -16.03 2.72 -19.54
N THR F 670 -15.39 3.04 -20.65
CA THR F 670 -15.80 4.17 -21.46
C THR F 670 -16.80 3.71 -22.52
N VAL F 671 -17.91 4.43 -22.65
CA VAL F 671 -18.88 4.05 -23.66
C VAL F 671 -18.50 4.63 -25.02
N GLU F 672 -18.32 3.76 -26.01
CA GLU F 672 -17.97 4.24 -27.34
C GLU F 672 -19.17 4.07 -28.27
N THR F 673 -19.44 5.08 -29.07
CA THR F 673 -20.59 5.03 -29.97
C THR F 673 -20.23 5.47 -31.38
N ASP F 674 -19.03 6.01 -31.55
CA ASP F 674 -18.58 6.49 -32.85
C ASP F 674 -17.93 5.42 -33.72
N LYS F 675 -18.14 4.16 -33.36
CA LYS F 675 -17.59 3.05 -34.13
C LYS F 675 -18.43 2.90 -35.40
N ARG F 676 -19.76 2.95 -35.25
CA ARG F 676 -20.68 2.83 -36.37
C ARG F 676 -21.19 4.21 -36.79
N PRO F 677 -21.01 4.59 -38.08
CA PRO F 677 -21.47 5.90 -38.56
C PRO F 677 -22.98 6.09 -38.45
N LEU F 678 -23.39 7.34 -38.39
CA LEU F 678 -24.81 7.68 -38.31
C LEU F 678 -25.27 7.93 -39.75
N VAL F 679 -26.27 7.19 -40.21
CA VAL F 679 -26.75 7.36 -41.59
C VAL F 679 -28.12 8.02 -41.70
N SER F 680 -28.20 9.09 -42.50
CA SER F 680 -29.48 9.78 -42.68
C SER F 680 -29.63 10.44 -44.05
N SER F 681 -30.85 10.90 -44.35
CA SER F 681 -31.19 11.56 -45.61
C SER F 681 -31.46 13.05 -45.36
N ILE F 682 -30.71 13.91 -46.05
CA ILE F 682 -30.88 15.35 -45.88
C ILE F 682 -32.33 15.82 -46.04
N HIS F 683 -32.96 15.49 -47.17
CA HIS F 683 -34.32 15.96 -47.37
C HIS F 683 -35.32 15.41 -46.36
N GLU F 684 -35.20 14.16 -45.95
CA GLU F 684 -36.17 13.66 -44.98
C GLU F 684 -35.96 14.34 -43.61
N GLU F 685 -34.70 14.61 -43.27
CA GLU F 685 -34.42 15.27 -42.01
C GLU F 685 -34.93 16.70 -42.06
N PHE F 686 -34.64 17.38 -43.18
CA PHE F 686 -35.08 18.76 -43.38
C PHE F 686 -36.60 18.89 -43.26
N LEU F 687 -37.35 17.98 -43.88
CA LEU F 687 -38.80 18.04 -43.77
C LEU F 687 -39.18 17.83 -42.31
N GLN F 688 -38.49 16.88 -41.67
CA GLN F 688 -38.77 16.60 -40.26
C GLN F 688 -38.50 17.83 -39.40
N MET F 689 -37.31 18.42 -39.57
CA MET F 689 -36.92 19.60 -38.81
C MET F 689 -37.86 20.78 -39.06
N TYR F 690 -38.26 20.97 -40.30
CA TYR F 690 -39.15 22.07 -40.60
C TYR F 690 -40.43 21.90 -39.81
N ASP F 691 -41.09 20.76 -39.99
CA ASP F 691 -42.34 20.49 -39.31
C ASP F 691 -42.26 20.73 -37.81
N GLU F 692 -41.13 20.39 -37.21
CA GLU F 692 -40.99 20.57 -35.78
C GLU F 692 -40.86 22.04 -35.43
N ALA F 693 -39.98 22.75 -36.15
CA ALA F 693 -39.78 24.19 -35.92
C ALA F 693 -41.14 24.88 -36.01
N TRP F 694 -41.88 24.50 -37.06
CA TRP F 694 -43.20 25.07 -37.29
C TRP F 694 -44.15 24.67 -36.15
N LYS F 695 -44.09 23.42 -35.69
CA LYS F 695 -44.98 22.99 -34.62
C LYS F 695 -44.67 23.66 -33.28
N LEU F 696 -43.39 23.89 -33.01
CA LEU F 696 -42.97 24.54 -31.77
C LEU F 696 -43.42 26.01 -31.76
N ALA F 697 -43.24 26.66 -32.90
CA ALA F 697 -43.61 28.06 -33.03
C ALA F 697 -45.08 28.25 -32.70
N ARG F 698 -45.90 27.28 -33.10
CA ARG F 698 -47.32 27.38 -32.85
C ARG F 698 -47.69 26.96 -31.43
N ASP F 699 -47.10 25.86 -30.98
CA ASP F 699 -47.36 25.35 -29.64
C ASP F 699 -46.81 26.22 -28.51
N ASN F 700 -45.81 27.05 -28.78
CA ASN F 700 -45.26 27.87 -27.73
C ASN F 700 -45.55 29.38 -27.82
N TYR F 701 -46.21 29.84 -28.89
CA TYR F 701 -46.50 31.28 -29.02
C TYR F 701 -47.31 31.71 -27.81
N TRP F 702 -46.95 32.85 -27.24
CA TRP F 702 -47.64 33.34 -26.05
C TRP F 702 -49.17 33.43 -26.24
N ASN F 703 -49.61 33.89 -27.40
CA ASN F 703 -51.03 34.02 -27.65
C ASN F 703 -51.60 32.82 -28.40
N GLU F 704 -52.21 31.91 -27.65
CA GLU F 704 -52.81 30.69 -28.22
C GLU F 704 -53.77 30.94 -29.37
N ALA F 705 -54.62 31.95 -29.22
CA ALA F 705 -55.58 32.28 -30.24
C ALA F 705 -54.90 32.52 -31.58
N VAL F 706 -54.04 33.54 -31.63
CA VAL F 706 -53.34 33.91 -32.85
C VAL F 706 -52.55 32.76 -33.49
N ALA F 707 -52.05 31.87 -32.67
CA ALA F 707 -51.27 30.72 -33.15
C ALA F 707 -52.02 29.91 -34.20
N LYS F 708 -53.20 29.41 -33.82
CA LYS F 708 -54.04 28.63 -34.71
C LYS F 708 -54.15 29.24 -36.11
N GLU F 709 -54.34 30.56 -36.20
CA GLU F 709 -54.45 31.24 -37.49
C GLU F 709 -53.10 31.42 -38.17
N ILE F 710 -52.11 31.95 -37.45
CA ILE F 710 -50.77 32.19 -37.99
C ILE F 710 -50.11 30.92 -38.52
N SER F 711 -50.14 29.87 -37.71
CA SER F 711 -49.53 28.61 -38.09
C SER F 711 -50.11 28.04 -39.38
N GLU F 712 -51.42 27.82 -39.38
CA GLU F 712 -52.09 27.25 -40.54
C GLU F 712 -51.95 28.08 -41.81
N ARG F 713 -51.76 29.38 -41.65
CA ARG F 713 -51.62 30.28 -42.79
C ARG F 713 -50.22 30.27 -43.43
N ILE F 714 -49.18 29.98 -42.66
CA ILE F 714 -47.84 30.02 -43.19
C ILE F 714 -47.21 28.67 -43.47
N TYR F 715 -47.77 27.61 -42.89
CA TYR F 715 -47.21 26.28 -43.08
C TYR F 715 -46.87 25.87 -44.51
N GLU F 716 -47.90 25.71 -45.34
CA GLU F 716 -47.71 25.29 -46.72
C GLU F 716 -46.73 26.17 -47.49
N LYS F 717 -46.92 27.49 -47.44
CA LYS F 717 -46.06 28.44 -48.14
C LYS F 717 -44.57 28.16 -47.96
N TYR F 718 -44.14 28.01 -46.71
CA TYR F 718 -42.73 27.79 -46.42
C TYR F 718 -42.28 26.34 -46.54
N ARG F 719 -43.23 25.42 -46.44
CA ARG F 719 -42.88 24.01 -46.57
C ARG F 719 -42.46 23.70 -47.99
N ASN F 720 -43.02 24.43 -48.96
CA ASN F 720 -42.70 24.19 -50.36
C ASN F 720 -41.28 24.60 -50.74
N LEU F 721 -40.60 25.31 -49.84
CA LEU F 721 -39.23 25.73 -50.12
C LEU F 721 -38.21 24.73 -49.53
N VAL F 722 -38.67 23.91 -48.58
CA VAL F 722 -37.80 22.94 -47.93
C VAL F 722 -37.01 22.12 -48.95
N PRO F 723 -37.71 21.51 -49.94
CA PRO F 723 -37.06 20.69 -50.98
C PRO F 723 -36.03 21.43 -51.82
N LEU F 724 -36.04 22.75 -51.74
CA LEU F 724 -35.03 23.53 -52.49
C LEU F 724 -33.77 23.67 -51.62
N CYS F 725 -33.89 23.31 -50.34
CA CYS F 725 -32.80 23.40 -49.41
C CYS F 725 -31.88 22.20 -49.52
N LYS F 726 -30.62 22.48 -49.83
CA LYS F 726 -29.63 21.40 -49.93
C LYS F 726 -28.66 21.44 -48.74
N THR F 727 -28.49 22.62 -48.15
CA THR F 727 -27.59 22.77 -47.01
C THR F 727 -28.35 23.17 -45.76
N ARG F 728 -27.67 23.13 -44.62
CA ARG F 728 -28.28 23.49 -43.36
C ARG F 728 -28.67 24.96 -43.39
N TYR F 729 -27.74 25.78 -43.87
CA TYR F 729 -27.96 27.21 -43.97
C TYR F 729 -29.21 27.46 -44.81
N ASP F 730 -29.35 26.76 -45.95
CA ASP F 730 -30.58 26.93 -46.78
C ASP F 730 -31.81 26.78 -45.89
N LEU F 731 -31.91 25.63 -45.22
CA LEU F 731 -33.03 25.30 -44.35
C LEU F 731 -33.25 26.41 -43.33
N SER F 732 -32.16 26.98 -42.85
CA SER F 732 -32.23 28.04 -41.88
C SER F 732 -32.98 29.21 -42.49
N ASN F 733 -32.57 29.60 -43.71
CA ASN F 733 -33.23 30.73 -44.42
C ASN F 733 -34.74 30.53 -44.49
N VAL F 734 -35.19 29.30 -44.75
CA VAL F 734 -36.60 29.03 -44.84
C VAL F 734 -37.24 29.11 -43.45
N ILE F 735 -36.67 28.39 -42.48
CA ILE F 735 -37.23 28.38 -41.13
C ILE F 735 -37.35 29.77 -40.48
N VAL F 736 -36.29 30.56 -40.57
CA VAL F 736 -36.31 31.88 -39.98
C VAL F 736 -37.43 32.73 -40.59
N GLU F 737 -37.57 32.69 -41.92
CA GLU F 737 -38.62 33.46 -42.59
C GLU F 737 -40.02 33.07 -42.09
N MET F 738 -40.21 31.79 -41.79
CA MET F 738 -41.51 31.36 -41.32
C MET F 738 -41.66 31.78 -39.84
N GLN F 739 -40.54 31.89 -39.10
CA GLN F 739 -40.65 32.34 -37.72
C GLN F 739 -41.05 33.83 -37.71
N GLY F 740 -40.52 34.59 -38.67
CA GLY F 740 -40.83 36.01 -38.75
C GLY F 740 -42.32 36.27 -38.94
N GLU F 741 -43.02 35.26 -39.42
CA GLU F 741 -44.46 35.33 -39.65
C GLU F 741 -45.25 35.62 -38.39
N TYR F 742 -44.67 35.34 -37.21
CA TYR F 742 -45.39 35.60 -35.97
C TYR F 742 -45.28 37.08 -35.58
N ARG F 743 -44.57 37.84 -36.40
CA ARG F 743 -44.42 39.26 -36.18
C ARG F 743 -44.17 39.61 -34.73
N THR F 744 -43.31 38.84 -34.08
CA THR F 744 -43.00 39.07 -32.68
C THR F 744 -41.51 38.94 -32.43
N SER F 745 -41.08 39.44 -31.28
CA SER F 745 -39.68 39.36 -30.92
C SER F 745 -39.34 37.95 -30.44
N HIS F 746 -38.08 37.78 -30.08
CA HIS F 746 -37.55 36.54 -29.54
C HIS F 746 -37.80 35.22 -30.28
N SER F 747 -37.83 35.28 -31.62
CA SER F 747 -38.01 34.06 -32.42
C SER F 747 -36.63 33.81 -33.00
N TYR F 748 -35.77 33.18 -32.21
CA TYR F 748 -34.38 32.94 -32.62
C TYR F 748 -34.08 31.51 -33.02
N GLU F 749 -32.89 31.34 -33.59
CA GLU F 749 -32.39 30.04 -34.02
C GLU F 749 -30.91 30.01 -33.66
N MET F 750 -30.54 29.12 -32.74
CA MET F 750 -29.15 29.01 -32.28
C MET F 750 -28.73 27.54 -32.32
N GLY F 751 -27.43 27.31 -32.37
CA GLY F 751 -26.95 25.95 -32.42
C GLY F 751 -27.12 25.28 -33.77
N GLY F 752 -26.82 23.99 -33.83
CA GLY F 752 -26.94 23.28 -35.08
C GLY F 752 -25.61 23.26 -35.80
N THR F 753 -25.49 22.35 -36.78
CA THR F 753 -24.26 22.16 -37.54
C THR F 753 -24.44 22.66 -38.97
N PHE F 754 -23.79 23.76 -39.29
CA PHE F 754 -23.88 24.36 -40.61
C PHE F 754 -22.65 24.08 -41.46
N THR F 755 -21.52 23.85 -40.82
CA THR F 755 -20.29 23.59 -41.57
C THR F 755 -19.27 22.75 -40.78
N ASP F 756 -18.38 22.08 -41.48
CA ASP F 756 -17.39 21.29 -40.82
C ASP F 756 -16.11 22.11 -40.75
N LYS F 757 -16.22 23.40 -41.06
CA LYS F 757 -15.06 24.29 -41.02
C LYS F 757 -14.77 24.76 -39.59
N ASP F 758 -13.49 24.84 -39.24
CA ASP F 758 -13.13 25.31 -37.91
C ASP F 758 -13.33 26.80 -37.85
N PRO F 759 -13.77 27.29 -36.68
CA PRO F 759 -14.01 28.73 -36.50
C PRO F 759 -12.77 29.63 -36.77
N PHE F 760 -13.01 30.78 -37.39
CA PHE F 760 -11.95 31.74 -37.66
C PHE F 760 -11.29 32.09 -36.33
N ARG F 761 -9.99 32.29 -36.34
CA ARG F 761 -9.26 32.65 -35.12
C ARG F 761 -8.74 34.06 -35.24
N SER F 762 -8.51 34.71 -34.12
CA SER F 762 -8.00 36.08 -34.14
C SER F 762 -7.02 36.29 -32.98
N GLY F 763 -5.84 36.83 -33.28
CA GLY F 763 -4.86 37.05 -32.23
C GLY F 763 -5.02 38.42 -31.63
N ARG F 764 -5.27 38.51 -30.31
CA ARG F 764 -5.45 39.81 -29.67
C ARG F 764 -4.60 40.07 -28.43
N ILE F 765 -4.08 41.29 -28.32
CA ILE F 765 -3.28 41.64 -27.15
C ILE F 765 -3.81 42.96 -26.60
N ALA F 766 -5.09 43.21 -26.84
CA ALA F 766 -5.75 44.41 -26.34
C ALA F 766 -5.04 45.68 -26.77
N CYS F 767 -4.78 45.79 -28.06
CA CYS F 767 -4.12 46.98 -28.57
C CYS F 767 -4.71 47.40 -29.90
N ASP F 768 -4.53 48.67 -30.24
CA ASP F 768 -5.00 49.18 -31.52
C ASP F 768 -3.78 49.52 -32.34
N PHE F 769 -3.73 48.98 -33.56
CA PHE F 769 -2.58 49.21 -34.42
C PHE F 769 -2.84 50.18 -35.54
N LYS F 770 -1.85 51.03 -35.79
CA LYS F 770 -1.93 52.04 -36.84
C LYS F 770 -0.68 51.92 -37.69
N LEU F 771 -0.87 51.67 -38.99
CA LEU F 771 0.24 51.52 -39.92
C LEU F 771 0.81 52.89 -40.24
N ASP F 772 1.96 53.20 -39.65
CA ASP F 772 2.57 54.48 -39.94
C ASP F 772 3.91 54.29 -40.65
N GLY F 773 3.94 54.62 -41.94
CA GLY F 773 5.16 54.45 -42.70
C GLY F 773 5.29 52.98 -43.00
N ASP F 774 6.36 52.36 -42.51
CA ASP F 774 6.60 50.93 -42.77
C ASP F 774 6.62 50.12 -41.48
N HIS F 775 6.09 50.72 -40.42
CA HIS F 775 6.05 50.08 -39.13
C HIS F 775 4.68 50.23 -38.50
N TYR F 776 4.25 49.24 -37.75
CA TYR F 776 2.97 49.32 -37.07
C TYR F 776 3.27 49.98 -35.75
N VAL F 777 2.43 50.93 -35.35
CA VAL F 777 2.61 51.58 -34.05
C VAL F 777 1.40 51.26 -33.17
N VAL F 778 1.63 51.25 -31.85
CA VAL F 778 0.55 50.98 -30.90
C VAL F 778 -0.20 52.26 -30.69
N ALA F 779 -1.36 52.36 -31.35
CA ALA F 779 -2.23 53.55 -31.29
C ALA F 779 -2.94 53.65 -29.95
N LYS F 780 -3.37 52.50 -29.41
CA LYS F 780 -4.08 52.47 -28.13
C LYS F 780 -3.83 51.19 -27.35
N ALA F 781 -3.68 51.31 -26.02
CA ALA F 781 -3.46 50.15 -25.16
C ALA F 781 -4.59 50.05 -24.12
N TYR F 782 -5.51 49.12 -24.29
CA TYR F 782 -6.63 49.01 -23.37
C TYR F 782 -6.36 48.47 -21.98
N ALA F 783 -7.05 49.07 -21.00
CA ALA F 783 -6.95 48.69 -19.60
C ALA F 783 -8.09 49.32 -18.80
N GLY F 784 -8.67 48.52 -17.89
CA GLY F 784 -9.74 49.01 -17.04
C GLY F 784 -9.14 49.04 -15.64
N ASP F 785 -9.52 48.10 -14.79
CA ASP F 785 -8.98 48.07 -13.44
C ASP F 785 -7.74 47.17 -13.48
N TYR F 786 -6.55 47.80 -13.47
CA TYR F 786 -5.27 47.08 -13.51
C TYR F 786 -5.17 45.89 -12.53
N SER F 787 -5.82 46.00 -11.37
CA SER F 787 -5.76 44.95 -10.35
C SER F 787 -6.76 43.82 -10.57
N ASN F 788 -7.69 44.01 -11.50
CA ASN F 788 -8.62 42.96 -11.78
C ASN F 788 -7.96 41.97 -12.72
N GLU F 789 -8.66 40.87 -12.98
CA GLU F 789 -8.14 39.88 -13.89
C GLU F 789 -8.70 40.12 -15.28
N GLY F 790 -7.90 39.78 -16.29
CA GLY F 790 -8.32 39.92 -17.66
C GLY F 790 -8.91 41.27 -18.01
N GLU F 791 -8.27 42.36 -17.58
CA GLU F 791 -8.78 43.68 -17.89
C GLU F 791 -7.70 44.61 -18.43
N LYS F 792 -6.73 44.10 -19.16
CA LYS F 792 -5.68 44.98 -19.69
C LYS F 792 -4.81 44.22 -20.66
N SER F 793 -4.16 44.96 -21.56
CA SER F 793 -3.29 44.31 -22.53
C SER F 793 -2.26 43.47 -21.79
N PRO F 794 -2.11 42.20 -22.19
CA PRO F 794 -1.14 41.32 -21.53
C PRO F 794 0.26 41.91 -21.47
N ILE F 795 0.53 42.92 -22.28
CA ILE F 795 1.86 43.53 -22.24
C ILE F 795 2.10 44.22 -20.90
N PHE F 796 1.08 44.87 -20.36
CA PHE F 796 1.24 45.57 -19.07
C PHE F 796 1.93 44.75 -17.97
N GLU F 797 1.75 43.44 -17.96
CA GLU F 797 2.38 42.61 -16.93
C GLU F 797 3.90 42.73 -16.87
N TYR F 798 4.50 43.32 -17.91
CA TYR F 798 5.96 43.49 -17.94
C TYR F 798 6.36 44.87 -17.49
N GLY F 799 5.43 45.58 -16.87
CA GLY F 799 5.73 46.92 -16.38
C GLY F 799 6.01 48.01 -17.39
N ILE F 800 5.18 48.12 -18.42
CA ILE F 800 5.33 49.17 -19.43
C ILE F 800 4.04 49.33 -20.21
N ASP F 801 3.75 50.57 -20.58
CA ASP F 801 2.56 50.85 -21.37
C ASP F 801 3.00 50.84 -22.84
N PRO F 802 2.55 49.84 -23.60
CA PRO F 802 2.91 49.74 -25.02
C PRO F 802 2.50 50.91 -25.89
N THR F 803 1.58 51.74 -25.41
CA THR F 803 1.14 52.88 -26.20
C THR F 803 2.31 53.62 -26.82
N GLY F 804 2.13 54.03 -28.08
CA GLY F 804 3.15 54.78 -28.78
C GLY F 804 4.32 53.97 -29.28
N TYR F 805 4.51 52.79 -28.71
CA TYR F 805 5.62 51.93 -29.12
C TYR F 805 5.45 51.38 -30.54
N LEU F 806 6.57 50.99 -31.15
CA LEU F 806 6.55 50.44 -32.49
C LEU F 806 6.75 48.95 -32.38
N ILE F 807 6.02 48.22 -33.21
CA ILE F 807 6.17 46.78 -33.18
C ILE F 807 7.09 46.38 -34.33
N GLU F 808 8.30 45.95 -33.98
CA GLU F 808 9.28 45.50 -34.95
C GLU F 808 8.88 44.16 -35.54
N ASP F 809 9.01 43.11 -34.74
CA ASP F 809 8.68 41.76 -35.19
C ASP F 809 7.99 40.92 -34.13
N ILE F 810 7.34 39.85 -34.56
CA ILE F 810 6.65 38.95 -33.65
C ILE F 810 7.15 37.55 -33.98
N ASP F 811 7.62 36.82 -32.96
CA ASP F 811 8.13 35.46 -33.14
C ASP F 811 9.21 35.43 -34.24
N GLY F 812 10.09 36.44 -34.20
CA GLY F 812 11.18 36.50 -35.16
C GLY F 812 10.77 36.99 -36.55
N GLU F 813 9.47 36.99 -36.84
CA GLU F 813 8.99 37.43 -38.14
C GLU F 813 8.65 38.92 -38.07
N THR F 814 9.15 39.65 -39.06
CA THR F 814 8.94 41.09 -39.15
C THR F 814 7.51 41.41 -39.60
N VAL F 815 6.93 42.44 -39.00
CA VAL F 815 5.59 42.87 -39.37
C VAL F 815 5.67 44.36 -39.68
N GLY F 816 4.86 44.80 -40.65
CA GLY F 816 4.85 46.20 -41.05
C GLY F 816 4.24 46.38 -42.44
N ALA F 817 4.74 47.36 -43.19
CA ALA F 817 4.22 47.64 -44.52
C ALA F 817 4.05 46.41 -45.41
N GLY F 818 4.78 45.34 -45.09
CA GLY F 818 4.67 44.15 -45.90
C GLY F 818 3.96 43.00 -45.22
N SER F 819 4.22 42.82 -43.94
CA SER F 819 3.62 41.72 -43.20
C SER F 819 2.38 42.10 -42.38
N ASN F 820 1.24 41.50 -42.71
CA ASN F 820 -0.01 41.76 -42.01
C ASN F 820 0.08 41.31 -40.55
N ILE F 821 0.13 42.28 -39.63
CA ILE F 821 0.25 41.98 -38.21
C ILE F 821 -0.91 41.13 -37.68
N TYR F 822 -2.10 41.39 -38.23
CA TYR F 822 -3.30 40.68 -37.82
C TYR F 822 -3.17 39.20 -38.12
N ARG F 823 -2.85 38.87 -39.36
CA ARG F 823 -2.70 37.45 -39.73
C ARG F 823 -1.66 36.81 -38.80
N VAL F 824 -0.52 37.48 -38.64
CA VAL F 824 0.51 36.95 -37.78
C VAL F 824 -0.07 36.66 -36.41
N LEU F 825 -0.65 37.68 -35.79
CA LEU F 825 -1.22 37.51 -34.46
C LEU F 825 -2.23 36.36 -34.48
N SER F 826 -3.06 36.32 -35.51
CA SER F 826 -4.04 35.26 -35.62
C SER F 826 -3.39 33.89 -35.54
N GLU F 827 -2.21 33.79 -36.15
CA GLU F 827 -1.47 32.54 -36.21
C GLU F 827 -0.76 32.16 -34.92
N LYS F 828 -0.83 33.04 -33.92
CA LYS F 828 -0.18 32.77 -32.65
C LYS F 828 -1.20 32.71 -31.54
N ALA F 829 -2.44 33.01 -31.90
CA ALA F 829 -3.52 33.01 -30.94
C ALA F 829 -3.51 31.79 -30.05
N GLY F 830 -3.57 32.02 -28.74
CA GLY F 830 -3.58 30.92 -27.82
C GLY F 830 -2.23 30.48 -27.31
N THR F 831 -1.19 31.25 -27.61
CA THR F 831 0.16 30.93 -27.14
C THR F 831 0.91 32.22 -26.87
N SER F 832 2.12 32.09 -26.36
CA SER F 832 2.93 33.28 -26.08
C SER F 832 4.01 33.39 -27.12
N ALA F 833 4.11 34.57 -27.72
CA ALA F 833 5.12 34.77 -28.74
C ALA F 833 6.04 35.90 -28.38
N ARG F 834 7.27 35.82 -28.86
CA ARG F 834 8.26 36.85 -28.60
C ARG F 834 7.88 38.07 -29.43
N ILE F 835 7.83 39.24 -28.79
CA ILE F 835 7.51 40.48 -29.50
C ILE F 835 8.58 41.53 -29.25
N ARG F 836 9.24 41.98 -30.32
CA ARG F 836 10.28 43.02 -30.22
C ARG F 836 9.57 44.37 -30.29
N LEU F 837 9.74 45.20 -29.27
CA LEU F 837 9.11 46.53 -29.23
C LEU F 837 10.15 47.63 -29.22
N SER F 838 9.75 48.82 -29.69
CA SER F 838 10.63 49.98 -29.73
C SER F 838 9.91 51.24 -29.30
N GLY F 839 10.32 51.82 -28.18
CA GLY F 839 9.69 53.04 -27.70
C GLY F 839 10.49 54.27 -28.05
N LYS F 840 10.25 55.36 -27.33
CA LYS F 840 10.96 56.61 -27.58
C LYS F 840 12.44 56.40 -27.24
N GLY F 841 13.30 56.97 -28.08
CA GLY F 841 14.73 56.84 -27.88
C GLY F 841 15.21 55.46 -28.29
N GLY F 842 16.01 54.86 -27.43
CA GLY F 842 16.54 53.52 -27.72
C GLY F 842 15.87 52.48 -26.84
N ASP F 843 14.64 52.78 -26.42
CA ASP F 843 13.88 51.87 -25.58
C ASP F 843 13.50 50.61 -26.39
N LYS F 844 14.30 49.56 -26.24
CA LYS F 844 14.08 48.30 -26.94
C LYS F 844 13.57 47.26 -25.95
N ARG F 845 12.49 46.58 -26.31
CA ARG F 845 11.91 45.55 -25.46
C ARG F 845 11.75 44.24 -26.19
N ASP F 846 11.94 43.16 -25.45
CA ASP F 846 11.82 41.83 -26.02
C ASP F 846 11.07 40.99 -25.00
N LEU F 847 9.76 40.85 -25.20
CA LEU F 847 8.90 40.13 -24.26
C LEU F 847 8.13 38.94 -24.83
N MET F 848 7.78 38.01 -23.95
CA MET F 848 7.00 36.84 -24.33
C MET F 848 5.56 37.18 -23.95
N ILE F 849 4.86 37.78 -24.89
CA ILE F 849 3.48 38.19 -24.69
C ILE F 849 2.49 37.08 -24.95
N ASP F 850 1.42 37.07 -24.17
CA ASP F 850 0.36 36.10 -24.34
C ASP F 850 -0.56 36.58 -25.45
N ILE F 851 -0.69 35.82 -26.52
CA ILE F 851 -1.58 36.23 -27.59
C ILE F 851 -2.98 35.69 -27.29
N LEU F 852 -3.88 36.57 -26.88
CA LEU F 852 -5.24 36.17 -26.51
C LEU F 852 -6.11 35.80 -27.71
N ASP F 853 -7.09 34.94 -27.45
CA ASP F 853 -8.04 34.54 -28.49
C ASP F 853 -9.14 35.59 -28.65
N ASP F 854 -9.32 36.43 -27.62
CA ASP F 854 -10.36 37.45 -27.63
C ASP F 854 -10.07 38.55 -26.62
N ASP F 855 -10.40 39.79 -26.95
CA ASP F 855 -10.15 40.89 -26.00
C ASP F 855 -11.30 41.87 -25.87
N ARG F 856 -12.50 41.35 -26.07
CA ARG F 856 -13.72 42.14 -25.98
C ARG F 856 -13.95 42.65 -24.57
N PHE F 857 -13.86 41.77 -23.59
CA PHE F 857 -14.09 42.15 -22.22
C PHE F 857 -13.10 43.22 -21.82
N ILE F 858 -11.85 43.06 -22.23
CA ILE F 858 -10.87 44.08 -21.88
C ILE F 858 -11.30 45.41 -22.48
N ARG F 859 -11.64 45.43 -23.76
CA ARG F 859 -12.09 46.66 -24.37
C ARG F 859 -13.27 47.24 -23.58
N TYR F 860 -14.23 46.39 -23.24
CA TYR F 860 -15.42 46.82 -22.50
C TYR F 860 -15.04 47.47 -21.16
N ARG F 861 -14.30 46.76 -20.32
CA ARG F 861 -13.93 47.32 -19.00
C ARG F 861 -13.16 48.64 -19.14
N SER F 862 -12.31 48.71 -20.16
CA SER F 862 -11.54 49.90 -20.44
C SER F 862 -12.51 51.06 -20.69
N TRP F 863 -13.51 50.80 -21.53
CA TRP F 863 -14.55 51.78 -21.89
C TRP F 863 -15.32 52.25 -20.64
N VAL F 864 -15.71 51.30 -19.79
CA VAL F 864 -16.44 51.66 -18.59
C VAL F 864 -15.56 52.56 -17.73
N GLU F 865 -14.37 52.10 -17.39
CA GLU F 865 -13.48 52.90 -16.56
C GLU F 865 -13.19 54.27 -17.17
N ALA F 866 -13.23 54.35 -18.49
CA ALA F 866 -12.99 55.61 -19.18
C ALA F 866 -14.16 56.54 -18.85
N ASN F 867 -15.37 56.07 -19.11
CA ASN F 867 -16.55 56.89 -18.85
C ASN F 867 -16.59 57.29 -17.37
N ARG F 868 -16.14 56.36 -16.53
CA ARG F 868 -16.13 56.60 -15.10
C ARG F 868 -15.25 57.80 -14.84
N ARG F 869 -14.03 57.76 -15.35
CA ARG F 869 -13.13 58.90 -15.15
C ARG F 869 -13.75 60.19 -15.71
N TYR F 870 -14.23 60.11 -16.94
CA TYR F 870 -14.84 61.27 -17.56
C TYR F 870 -15.92 61.90 -16.66
N VAL F 871 -16.89 61.08 -16.24
CA VAL F 871 -17.97 61.58 -15.37
C VAL F 871 -17.44 62.18 -14.06
N HIS F 872 -16.45 61.54 -13.44
CA HIS F 872 -15.92 62.10 -12.23
C HIS F 872 -15.35 63.48 -12.48
N GLU F 873 -14.47 63.60 -13.49
CA GLU F 873 -13.82 64.86 -13.82
C GLU F 873 -14.76 65.97 -14.19
N ARG F 874 -15.65 65.71 -15.13
CA ARG F 874 -16.58 66.74 -15.57
C ARG F 874 -17.56 67.21 -14.48
N SER F 875 -17.99 66.31 -13.60
CA SER F 875 -18.93 66.68 -12.54
C SER F 875 -18.13 67.17 -11.33
N LYS F 876 -16.85 67.43 -11.52
CA LYS F 876 -16.03 67.94 -10.43
C LYS F 876 -16.11 67.00 -9.23
N GLY F 877 -16.15 65.70 -9.49
CA GLY F 877 -16.21 64.72 -8.42
C GLY F 877 -17.50 64.68 -7.63
N THR F 878 -18.61 65.01 -8.27
CA THR F 878 -19.89 65.01 -7.57
C THR F 878 -20.89 64.00 -8.16
N ILE F 879 -20.49 63.27 -9.20
CA ILE F 879 -21.36 62.28 -9.82
C ILE F 879 -20.65 60.94 -10.07
N GLY F 880 -21.37 59.86 -9.75
CA GLY F 880 -20.84 58.53 -9.92
C GLY F 880 -21.34 57.95 -11.23
N TYR F 881 -20.75 56.83 -11.66
CA TYR F 881 -21.10 56.20 -12.92
C TYR F 881 -21.07 54.69 -12.83
N ILE F 882 -22.05 54.05 -13.45
CA ILE F 882 -22.16 52.60 -13.44
C ILE F 882 -22.73 52.22 -14.78
N HIS F 883 -22.35 51.04 -15.26
CA HIS F 883 -22.89 50.60 -16.54
C HIS F 883 -23.30 49.14 -16.54
N ILE F 884 -24.53 48.87 -16.95
CA ILE F 884 -25.03 47.50 -16.97
C ILE F 884 -25.02 46.92 -18.40
N PRO F 885 -24.01 46.11 -18.73
CA PRO F 885 -23.87 45.50 -20.04
C PRO F 885 -25.07 44.61 -20.40
N ASP F 886 -25.69 43.94 -19.44
CA ASP F 886 -26.89 43.15 -19.75
C ASP F 886 -27.62 42.84 -18.46
N MET F 887 -28.64 42.00 -18.52
CA MET F 887 -29.39 41.68 -17.33
C MET F 887 -29.25 40.22 -16.94
N GLY F 888 -28.04 39.68 -17.17
CA GLY F 888 -27.74 38.30 -16.83
C GLY F 888 -26.62 38.25 -15.78
N MET F 889 -25.83 37.18 -15.77
CA MET F 889 -24.78 37.10 -14.78
C MET F 889 -23.76 38.22 -14.95
N MET F 890 -23.42 38.55 -16.19
CA MET F 890 -22.46 39.64 -16.37
C MET F 890 -22.97 41.00 -15.84
N GLY F 891 -24.25 41.25 -16.03
CA GLY F 891 -24.82 42.50 -15.57
C GLY F 891 -24.71 42.60 -14.05
N LEU F 892 -24.97 41.48 -13.39
CA LEU F 892 -24.87 41.42 -11.94
C LEU F 892 -23.42 41.77 -11.56
N ASN F 893 -22.45 41.17 -12.24
CA ASN F 893 -21.06 41.44 -11.95
C ASN F 893 -20.71 42.91 -12.14
N GLU F 894 -21.00 43.42 -13.33
CA GLU F 894 -20.65 44.80 -13.64
C GLU F 894 -21.38 45.81 -12.80
N PHE F 895 -22.65 45.54 -12.51
CA PHE F 895 -23.40 46.46 -11.69
C PHE F 895 -22.78 46.56 -10.29
N TYR F 896 -22.66 45.44 -9.59
CA TYR F 896 -22.06 45.56 -8.27
C TYR F 896 -20.60 45.96 -8.30
N ARG F 897 -19.88 45.61 -9.37
CA ARG F 897 -18.48 45.96 -9.45
C ARG F 897 -18.25 47.45 -9.21
N LEU F 898 -19.18 48.29 -9.68
CA LEU F 898 -19.05 49.73 -9.51
C LEU F 898 -20.02 50.28 -8.47
N PHE F 899 -21.20 49.70 -8.37
CA PHE F 899 -22.17 50.19 -7.43
C PHE F 899 -21.59 50.41 -6.04
N ILE F 900 -20.68 49.55 -5.64
CA ILE F 900 -20.08 49.63 -4.33
C ILE F 900 -19.12 50.80 -4.17
N ASN F 901 -18.82 51.49 -5.26
CA ASN F 901 -17.90 52.63 -5.16
C ASN F 901 -18.45 53.91 -5.70
N GLU F 902 -19.55 53.82 -6.42
CA GLU F 902 -20.14 55.00 -7.06
C GLU F 902 -21.46 55.42 -6.49
N SER F 903 -22.02 54.56 -5.65
CA SER F 903 -23.32 54.82 -5.08
C SER F 903 -23.45 56.00 -4.13
N SER F 904 -22.32 56.42 -3.56
CA SER F 904 -22.35 57.50 -2.56
C SER F 904 -21.92 58.89 -3.01
N TYR F 905 -22.11 59.18 -4.29
CA TYR F 905 -21.79 60.50 -4.79
C TYR F 905 -23.09 61.31 -4.73
N GLN F 906 -22.98 62.61 -4.93
CA GLN F 906 -24.15 63.47 -4.95
C GLN F 906 -25.13 62.99 -6.02
N GLY F 907 -24.58 62.55 -7.14
CA GLY F 907 -25.41 62.07 -8.24
C GLY F 907 -24.91 60.76 -8.81
N LEU F 908 -25.77 60.04 -9.54
CA LEU F 908 -25.38 58.76 -10.12
C LEU F 908 -25.96 58.59 -11.51
N ILE F 909 -25.13 58.09 -12.42
CA ILE F 909 -25.61 57.85 -13.77
C ILE F 909 -25.64 56.35 -13.96
N VAL F 910 -26.82 55.81 -14.21
CA VAL F 910 -26.94 54.39 -14.42
C VAL F 910 -27.07 54.28 -15.93
N ASP F 911 -25.97 53.93 -16.58
CA ASP F 911 -25.92 53.80 -18.04
C ASP F 911 -26.33 52.39 -18.45
N VAL F 912 -27.42 52.23 -19.20
CA VAL F 912 -27.80 50.88 -19.59
C VAL F 912 -27.80 50.69 -21.09
N ARG F 913 -27.03 51.52 -21.79
CA ARG F 913 -26.96 51.44 -23.26
C ARG F 913 -26.38 50.11 -23.70
N PHE F 914 -26.96 49.53 -24.74
CA PHE F 914 -26.48 48.26 -25.28
C PHE F 914 -26.82 47.11 -24.34
N ASN F 915 -27.72 47.35 -23.40
CA ASN F 915 -28.04 46.28 -22.46
C ASN F 915 -28.80 45.13 -23.13
N GLY F 916 -28.13 43.99 -23.30
CA GLY F 916 -28.74 42.85 -23.95
C GLY F 916 -29.84 42.09 -23.24
N GLY F 917 -30.25 42.56 -22.07
CA GLY F 917 -31.31 41.87 -21.37
C GLY F 917 -30.88 40.71 -20.48
N GLY F 918 -31.86 39.90 -20.10
CA GLY F 918 -31.64 38.75 -19.24
C GLY F 918 -32.88 38.60 -18.35
N PHE F 919 -32.71 38.77 -17.04
CA PHE F 919 -33.84 38.66 -16.13
C PHE F 919 -33.60 39.23 -14.72
N VAL F 920 -32.47 39.89 -14.50
CA VAL F 920 -32.21 40.44 -13.16
C VAL F 920 -32.49 41.92 -12.99
N SER F 921 -33.16 42.53 -13.96
CA SER F 921 -33.46 43.96 -13.89
C SER F 921 -34.18 44.28 -12.57
N GLN F 922 -35.09 43.40 -12.17
CA GLN F 922 -35.85 43.63 -10.95
C GLN F 922 -34.92 43.66 -9.77
N LEU F 923 -33.85 42.87 -9.79
CA LEU F 923 -32.90 42.90 -8.68
C LEU F 923 -32.15 44.24 -8.67
N ILE F 924 -31.88 44.78 -9.86
CA ILE F 924 -31.20 46.07 -9.97
C ILE F 924 -32.11 47.24 -9.54
N ILE F 925 -33.35 47.24 -10.03
CA ILE F 925 -34.30 48.29 -9.67
C ILE F 925 -34.41 48.32 -8.14
N GLU F 926 -34.53 47.12 -7.55
CA GLU F 926 -34.64 46.96 -6.10
C GLU F 926 -33.57 47.76 -5.35
N LYS F 927 -32.32 47.68 -5.77
CA LYS F 927 -31.25 48.41 -5.13
C LYS F 927 -31.41 49.92 -5.36
N LEU F 928 -31.63 50.31 -6.61
CA LEU F 928 -31.78 51.72 -6.93
C LEU F 928 -33.02 52.31 -6.21
N MET F 929 -34.00 51.47 -5.91
CA MET F 929 -35.22 51.88 -5.24
C MET F 929 -35.00 52.31 -3.79
N ASN F 930 -34.08 51.65 -3.10
CA ASN F 930 -33.78 51.95 -1.71
C ASN F 930 -33.55 53.42 -1.42
N LYS F 931 -34.21 53.91 -0.39
CA LYS F 931 -34.08 55.31 0.00
C LYS F 931 -33.27 55.46 1.28
N ARG F 932 -32.21 56.26 1.23
CA ARG F 932 -31.37 56.49 2.39
C ARG F 932 -32.10 57.34 3.43
N ILE F 933 -32.38 56.75 4.60
CA ILE F 933 -33.12 57.47 5.63
C ILE F 933 -32.43 57.59 6.97
N GLY F 934 -31.19 57.13 7.04
CA GLY F 934 -30.46 57.24 8.29
C GLY F 934 -28.97 56.98 8.16
N TYR F 935 -28.26 57.12 9.26
CA TYR F 935 -26.82 56.90 9.28
C TYR F 935 -26.40 56.28 10.62
N ASP F 936 -25.22 55.70 10.62
CA ASP F 936 -24.66 55.06 11.80
C ASP F 936 -23.46 55.89 12.23
N ASN F 937 -23.45 56.31 13.49
CA ASN F 937 -22.35 57.08 14.02
C ASN F 937 -21.42 56.33 14.92
N PRO F 938 -20.24 55.99 14.40
CA PRO F 938 -19.27 55.24 15.21
C PRO F 938 -18.36 56.17 16.01
N ARG F 939 -17.94 55.70 17.19
CA ARG F 939 -17.04 56.46 18.01
C ARG F 939 -15.84 56.81 17.15
N ARG F 940 -15.30 55.83 16.45
CA ARG F 940 -14.17 56.07 15.56
C ARG F 940 -14.47 55.52 14.17
N GLY F 941 -14.29 56.35 13.16
CA GLY F 941 -14.57 55.94 11.80
C GLY F 941 -15.49 56.94 11.13
N THR F 942 -15.98 56.59 9.96
CA THR F 942 -16.86 57.47 9.24
C THR F 942 -18.29 56.95 9.24
N LEU F 943 -19.21 57.81 8.81
CA LEU F 943 -20.62 57.49 8.76
C LEU F 943 -20.89 56.30 7.90
N SER F 944 -21.91 55.55 8.28
CA SER F 944 -22.32 54.40 7.52
C SER F 944 -23.79 54.61 7.14
N PRO F 945 -24.10 54.70 5.84
CA PRO F 945 -25.47 54.91 5.39
C PRO F 945 -26.41 53.73 5.59
N TYR F 946 -27.69 54.05 5.82
CA TYR F 946 -28.78 53.09 6.04
C TYR F 946 -29.94 53.39 5.08
N PRO F 947 -30.25 52.47 4.16
CA PRO F 947 -29.57 51.19 4.01
C PRO F 947 -28.18 51.37 3.43
N THR F 948 -27.42 50.28 3.43
CA THR F 948 -26.07 50.25 2.90
C THR F 948 -26.11 50.32 1.37
N ASN F 949 -27.03 49.55 0.78
CA ASN F 949 -27.18 49.56 -0.66
C ASN F 949 -28.15 50.62 -1.09
N SER F 950 -27.90 51.85 -0.66
CA SER F 950 -28.76 52.97 -1.03
C SER F 950 -28.00 54.03 -1.84
N VAL F 951 -28.63 54.53 -2.89
CA VAL F 951 -28.00 55.57 -3.64
C VAL F 951 -28.10 56.81 -2.78
N ARG F 952 -27.03 57.58 -2.71
CA ARG F 952 -27.00 58.78 -1.88
C ARG F 952 -27.86 59.95 -2.41
N GLY F 953 -27.78 60.22 -3.72
CA GLY F 953 -28.51 61.34 -4.28
C GLY F 953 -29.38 61.06 -5.46
N LYS F 954 -29.33 61.98 -6.43
CA LYS F 954 -30.10 61.92 -7.68
C LYS F 954 -29.54 60.92 -8.67
N ILE F 955 -30.44 60.22 -9.36
CA ILE F 955 -30.06 59.22 -10.34
C ILE F 955 -30.61 59.53 -11.71
N ILE F 956 -29.79 59.30 -12.74
CA ILE F 956 -30.23 59.54 -14.12
C ILE F 956 -29.85 58.31 -14.94
N ALA F 957 -30.76 57.89 -15.81
CA ALA F 957 -30.52 56.71 -16.62
C ALA F 957 -30.32 57.03 -18.09
N ILE F 958 -29.29 56.43 -18.68
CA ILE F 958 -29.00 56.63 -20.09
C ILE F 958 -29.31 55.31 -20.79
N THR F 959 -29.99 55.37 -21.93
CA THR F 959 -30.36 54.17 -22.67
C THR F 959 -30.43 54.45 -24.17
N ASN F 960 -30.21 53.45 -25.00
CA ASN F 960 -30.31 53.63 -26.45
C ASN F 960 -31.14 52.54 -27.09
N GLU F 961 -31.13 52.53 -28.42
CA GLU F 961 -31.92 51.54 -29.17
C GLU F 961 -31.32 50.12 -29.11
N TYR F 962 -30.22 49.97 -28.38
CA TYR F 962 -29.56 48.67 -28.27
C TYR F 962 -29.83 47.95 -26.96
N ALA F 963 -30.75 48.49 -26.17
CA ALA F 963 -31.10 47.86 -24.91
C ALA F 963 -32.48 47.24 -25.14
N GLY F 964 -32.61 45.95 -24.86
CA GLY F 964 -33.88 45.28 -25.06
C GLY F 964 -34.16 44.14 -24.09
N SER F 965 -35.37 43.58 -24.24
CA SER F 965 -35.87 42.50 -23.38
C SER F 965 -35.84 43.01 -21.96
N ASP F 966 -35.09 42.39 -21.06
CA ASP F 966 -35.06 42.90 -19.69
C ASP F 966 -34.48 44.31 -19.71
N GLY F 967 -33.86 44.67 -20.85
CA GLY F 967 -33.30 45.98 -21.04
C GLY F 967 -34.46 46.93 -21.22
N ASP F 968 -35.45 46.49 -21.99
CA ASP F 968 -36.69 47.27 -22.23
C ASP F 968 -37.42 47.38 -20.88
N ILE F 969 -37.55 46.24 -20.19
CA ILE F 969 -38.22 46.16 -18.88
C ILE F 969 -37.63 47.19 -17.89
N PHE F 970 -36.31 47.15 -17.74
CA PHE F 970 -35.62 48.06 -16.85
C PHE F 970 -35.94 49.51 -17.18
N SER F 971 -35.71 49.90 -18.43
CA SER F 971 -35.96 51.27 -18.90
C SER F 971 -37.38 51.74 -18.56
N PHE F 972 -38.36 50.92 -18.91
CA PHE F 972 -39.78 51.23 -18.63
C PHE F 972 -40.01 51.38 -17.12
N SER F 973 -39.47 50.42 -16.37
CA SER F 973 -39.62 50.41 -14.91
C SER F 973 -38.96 51.65 -14.27
N PHE F 974 -37.77 51.99 -14.71
CA PHE F 974 -37.08 53.15 -14.18
C PHE F 974 -37.96 54.37 -14.27
N LYS F 975 -38.65 54.51 -15.40
CA LYS F 975 -39.52 55.65 -15.59
C LYS F 975 -40.74 55.53 -14.69
N LYS F 976 -41.48 54.45 -14.86
CA LYS F 976 -42.69 54.19 -14.09
C LYS F 976 -42.54 54.44 -12.59
N LEU F 977 -41.46 53.93 -12.01
CA LEU F 977 -41.21 54.09 -10.57
C LEU F 977 -40.61 55.46 -10.27
N GLY F 978 -40.43 56.26 -11.32
CA GLY F 978 -39.87 57.59 -11.16
C GLY F 978 -38.57 57.69 -10.38
N LEU F 979 -37.63 56.78 -10.63
CA LEU F 979 -36.34 56.81 -9.94
C LEU F 979 -35.50 57.98 -10.43
N GLY F 980 -35.84 58.50 -11.61
CA GLY F 980 -35.09 59.61 -12.18
C GLY F 980 -35.50 59.79 -13.63
N LYS F 981 -34.78 60.65 -14.35
CA LYS F 981 -35.07 60.89 -15.76
C LYS F 981 -34.36 59.86 -16.66
N LEU F 982 -35.06 59.47 -17.73
CA LEU F 982 -34.53 58.51 -18.71
C LEU F 982 -34.06 59.31 -19.92
N ILE F 983 -32.77 59.19 -20.23
CA ILE F 983 -32.14 59.91 -21.34
C ILE F 983 -31.66 58.96 -22.42
N GLY F 984 -31.68 59.41 -23.67
CA GLY F 984 -31.20 58.57 -24.76
C GLY F 984 -32.09 58.51 -25.98
N THR F 985 -32.37 57.28 -26.44
CA THR F 985 -33.22 57.02 -27.61
C THR F 985 -34.11 55.81 -27.35
N ARG F 986 -35.30 55.77 -27.96
CA ARG F 986 -36.23 54.65 -27.76
C ARG F 986 -35.49 53.31 -27.85
N THR F 987 -35.83 52.40 -26.94
CA THR F 987 -35.19 51.10 -26.86
C THR F 987 -35.71 50.06 -27.86
N TRP F 988 -35.03 48.91 -27.89
CA TRP F 988 -35.34 47.80 -28.80
C TRP F 988 -36.81 47.49 -29.04
N GLY F 989 -37.53 47.16 -27.97
CA GLY F 989 -38.95 46.83 -28.11
C GLY F 989 -39.34 45.36 -28.20
N GLY F 990 -38.58 44.48 -27.56
CA GLY F 990 -38.92 43.07 -27.61
C GLY F 990 -39.07 42.58 -26.18
N VAL F 991 -40.30 42.34 -25.73
CA VAL F 991 -40.48 41.88 -24.37
C VAL F 991 -41.38 40.66 -24.23
N VAL F 992 -41.09 39.62 -25.01
CA VAL F 992 -41.87 38.39 -24.88
C VAL F 992 -40.88 37.28 -24.59
N GLY F 993 -40.70 36.98 -23.31
CA GLY F 993 -39.77 35.96 -22.89
C GLY F 993 -39.75 34.60 -23.58
N ILE F 994 -38.59 33.97 -23.54
CA ILE F 994 -38.40 32.65 -24.11
C ILE F 994 -37.60 31.71 -23.21
N THR F 995 -38.05 30.46 -23.16
CA THR F 995 -37.37 29.42 -22.38
C THR F 995 -37.50 28.13 -23.18
N PRO F 996 -36.55 27.90 -24.10
CA PRO F 996 -36.58 26.69 -24.91
C PRO F 996 -36.47 25.41 -24.09
N LYS F 997 -37.08 24.35 -24.55
CA LYS F 997 -37.00 23.11 -23.80
C LYS F 997 -36.91 21.90 -24.73
N ARG F 998 -36.74 22.19 -26.02
CA ARG F 998 -36.62 21.13 -27.01
C ARG F 998 -35.66 21.54 -28.13
N ARG F 999 -34.85 20.59 -28.59
CA ARG F 999 -33.88 20.84 -29.67
C ARG F 999 -34.24 20.10 -30.94
N LEU F 1000 -33.55 20.43 -32.02
CA LEU F 1000 -33.79 19.76 -33.29
C LEU F 1000 -32.80 18.60 -33.38
N ILE F 1001 -33.13 17.56 -34.14
CA ILE F 1001 -32.26 16.40 -34.26
C ILE F 1001 -30.79 16.77 -34.56
N ASP F 1002 -30.56 17.96 -35.09
CA ASP F 1002 -29.22 18.35 -35.44
C ASP F 1002 -28.62 19.23 -34.35
N GLY F 1003 -29.34 19.29 -33.25
CA GLY F 1003 -28.90 20.06 -32.11
C GLY F 1003 -29.40 21.49 -32.10
N THR F 1004 -29.96 21.92 -33.22
CA THR F 1004 -30.43 23.30 -33.28
C THR F 1004 -31.37 23.63 -32.11
N VAL F 1005 -31.23 24.84 -31.59
CA VAL F 1005 -32.08 25.28 -30.49
C VAL F 1005 -32.89 26.46 -31.02
N LEU F 1006 -34.17 26.22 -31.22
CA LEU F 1006 -35.05 27.27 -31.72
C LEU F 1006 -35.67 27.91 -30.49
N THR F 1007 -36.06 29.18 -30.58
CA THR F 1007 -36.73 29.84 -29.45
C THR F 1007 -38.09 30.33 -29.94
N GLN F 1008 -39.05 30.39 -29.04
CA GLN F 1008 -40.38 30.85 -29.39
C GLN F 1008 -40.88 31.83 -28.34
N PRO F 1009 -41.33 33.03 -28.76
CA PRO F 1009 -41.83 34.02 -27.80
C PRO F 1009 -43.02 33.42 -27.05
N GLU F 1010 -42.73 32.87 -25.86
CA GLU F 1010 -43.72 32.18 -25.01
C GLU F 1010 -44.18 32.93 -23.78
N PHE F 1011 -43.40 33.92 -23.34
CA PHE F 1011 -43.75 34.65 -22.13
C PHE F 1011 -43.96 36.13 -22.33
N ALA F 1012 -45.22 36.49 -22.52
CA ALA F 1012 -45.63 37.87 -22.79
C ALA F 1012 -45.62 38.75 -21.54
N PHE F 1013 -44.78 39.77 -21.58
CA PHE F 1013 -44.68 40.69 -20.47
C PHE F 1013 -45.79 41.74 -20.48
N TRP F 1014 -46.53 41.79 -19.38
CA TRP F 1014 -47.62 42.71 -19.25
C TRP F 1014 -47.30 43.78 -18.20
N PHE F 1015 -47.23 45.02 -18.64
CA PHE F 1015 -46.96 46.11 -17.75
C PHE F 1015 -48.29 46.71 -17.34
N ARG F 1016 -48.36 47.20 -16.12
CA ARG F 1016 -49.58 47.82 -15.63
C ARG F 1016 -49.72 49.18 -16.30
N ASP F 1017 -50.93 49.51 -16.77
CA ASP F 1017 -51.16 50.80 -17.43
C ASP F 1017 -50.44 50.92 -18.78
N ALA F 1018 -50.11 49.80 -19.40
CA ALA F 1018 -49.44 49.83 -20.69
C ALA F 1018 -49.60 48.48 -21.41
N GLY F 1019 -50.18 47.50 -20.70
CA GLY F 1019 -50.40 46.19 -21.27
C GLY F 1019 -49.14 45.61 -21.89
N PHE F 1020 -49.26 45.15 -23.13
CA PHE F 1020 -48.10 44.59 -23.82
C PHE F 1020 -47.50 45.64 -24.75
N GLY F 1021 -48.03 46.86 -24.63
CA GLY F 1021 -47.60 47.97 -25.45
C GLY F 1021 -46.13 48.10 -25.75
N VAL F 1022 -45.27 47.73 -24.79
CA VAL F 1022 -43.83 47.83 -24.99
C VAL F 1022 -43.36 46.92 -26.12
N GLU F 1023 -44.01 45.76 -26.29
CA GLU F 1023 -43.64 44.85 -27.35
C GLU F 1023 -43.82 45.51 -28.70
N ASN F 1024 -42.78 45.40 -29.52
CA ASN F 1024 -42.76 45.98 -30.86
C ASN F 1024 -42.77 47.49 -30.82
N TYR F 1025 -42.17 48.08 -29.80
CA TYR F 1025 -42.13 49.53 -29.69
C TYR F 1025 -40.95 50.03 -28.88
N GLY F 1026 -40.77 49.45 -27.69
CA GLY F 1026 -39.68 49.87 -26.84
C GLY F 1026 -40.13 50.89 -25.80
N VAL F 1027 -39.16 51.62 -25.24
CA VAL F 1027 -39.43 52.60 -24.23
C VAL F 1027 -38.91 53.96 -24.68
N ASP F 1028 -39.74 54.98 -24.49
CA ASP F 1028 -39.36 56.34 -24.87
C ASP F 1028 -38.71 57.01 -23.70
N PRO F 1029 -37.53 57.62 -23.92
CA PRO F 1029 -36.83 58.31 -22.84
C PRO F 1029 -37.46 59.68 -22.61
N ASP F 1030 -37.48 60.12 -21.35
CA ASP F 1030 -38.05 61.41 -21.03
C ASP F 1030 -37.46 62.50 -21.90
N VAL F 1031 -36.16 62.40 -22.15
CA VAL F 1031 -35.48 63.38 -22.97
C VAL F 1031 -34.75 62.65 -24.07
N GLU F 1032 -35.13 62.91 -25.31
CA GLU F 1032 -34.47 62.25 -26.42
C GLU F 1032 -33.17 62.94 -26.78
N ILE F 1033 -32.12 62.14 -26.97
CA ILE F 1033 -30.82 62.67 -27.37
C ILE F 1033 -30.23 61.69 -28.39
N GLU F 1034 -30.27 62.10 -29.65
CA GLU F 1034 -29.73 61.31 -30.74
C GLU F 1034 -28.21 61.34 -30.58
N TYR F 1035 -27.55 60.49 -31.35
CA TYR F 1035 -26.09 60.39 -31.35
C TYR F 1035 -25.78 60.34 -32.84
N ALA F 1036 -25.87 61.50 -33.50
CA ALA F 1036 -25.63 61.58 -34.95
C ALA F 1036 -24.21 61.24 -35.38
N PRO F 1037 -24.02 60.95 -36.68
CA PRO F 1037 -22.70 60.61 -37.21
C PRO F 1037 -21.66 61.70 -36.96
N HIS F 1038 -22.09 62.95 -36.90
CA HIS F 1038 -21.15 64.05 -36.68
C HIS F 1038 -20.72 64.14 -35.22
N ASP F 1039 -21.52 63.55 -34.33
CA ASP F 1039 -21.20 63.53 -32.91
C ASP F 1039 -20.03 62.58 -32.75
N TYR F 1040 -20.01 61.52 -33.55
CA TYR F 1040 -18.89 60.59 -33.46
C TYR F 1040 -17.64 61.22 -34.08
N LEU F 1041 -17.82 62.03 -35.12
CA LEU F 1041 -16.69 62.68 -35.77
C LEU F 1041 -16.01 63.65 -34.83
N SER F 1042 -16.82 64.32 -34.01
CA SER F 1042 -16.28 65.28 -33.06
C SER F 1042 -15.68 64.55 -31.85
N GLY F 1043 -16.05 63.29 -31.66
CA GLY F 1043 -15.52 62.55 -30.54
C GLY F 1043 -16.18 62.90 -29.22
N LYS F 1044 -17.45 63.32 -29.28
CA LYS F 1044 -18.18 63.67 -28.08
C LYS F 1044 -19.35 62.69 -27.87
N ASP F 1045 -19.65 62.37 -26.61
CA ASP F 1045 -20.78 61.46 -26.31
C ASP F 1045 -21.88 62.41 -25.86
N PRO F 1046 -22.80 62.75 -26.78
CA PRO F 1046 -23.89 63.67 -26.42
C PRO F 1046 -24.82 63.13 -25.34
N GLN F 1047 -24.97 61.81 -25.29
CA GLN F 1047 -25.83 61.21 -24.31
C GLN F 1047 -25.25 61.26 -22.90
N ILE F 1048 -24.00 60.87 -22.77
CA ILE F 1048 -23.39 60.91 -21.44
C ILE F 1048 -23.24 62.37 -21.00
N ASP F 1049 -22.94 63.25 -21.96
CA ASP F 1049 -22.78 64.67 -21.65
C ASP F 1049 -24.07 65.30 -21.13
N TYR F 1050 -25.18 64.98 -21.78
CA TYR F 1050 -26.45 65.53 -21.35
C TYR F 1050 -26.68 65.04 -19.93
N ALA F 1051 -26.46 63.76 -19.71
CA ALA F 1051 -26.65 63.12 -18.40
C ALA F 1051 -25.91 63.85 -17.28
N ILE F 1052 -24.62 64.13 -17.51
CA ILE F 1052 -23.77 64.84 -16.55
C ILE F 1052 -24.34 66.23 -16.27
N ASP F 1053 -24.47 67.01 -17.34
CA ASP F 1053 -24.98 68.37 -17.26
C ASP F 1053 -26.32 68.42 -16.58
N ALA F 1054 -27.24 67.56 -17.02
CA ALA F 1054 -28.58 67.51 -16.47
C ALA F 1054 -28.54 67.27 -14.96
N LEU F 1055 -27.67 66.37 -14.52
CA LEU F 1055 -27.53 66.07 -13.09
C LEU F 1055 -26.89 67.22 -12.33
N ILE F 1056 -25.91 67.88 -12.95
CA ILE F 1056 -25.25 68.99 -12.30
C ILE F 1056 -26.32 70.03 -11.99
N GLU F 1057 -27.22 70.26 -12.93
CA GLU F 1057 -28.28 71.24 -12.73
C GLU F 1057 -29.19 70.81 -11.58
N GLU F 1058 -29.49 69.52 -11.48
CA GLU F 1058 -30.37 69.02 -10.41
C GLU F 1058 -29.69 69.04 -9.06
N LEU F 1059 -28.36 69.19 -9.07
CA LEU F 1059 -27.57 69.22 -7.86
C LEU F 1059 -27.20 70.64 -7.45
N ARG F 1060 -28.14 71.56 -7.62
CA ARG F 1060 -27.91 72.95 -7.26
C ARG F 1060 -28.73 73.24 -6.00
N ASN F 1061 -29.87 72.54 -5.88
CA ASN F 1061 -30.75 72.72 -4.74
C ASN F 1061 -30.03 72.38 -3.44
N DKT G . 28.55 -28.92 38.06
CC1 DKT G . 29.13 -28.44 36.97
OC2 DKT G . 28.68 -27.30 36.45
CC2 DKT G . 28.54 -26.01 36.71
CC3 DKT G . 29.26 -25.02 37.62
C2 DKT G . 30.75 -24.82 37.23
C3 DKT G . 31.60 -23.76 37.97
C1 DKT G . 30.97 -22.90 39.09
C4 DKT G . 29.49 -23.10 39.48
C5 DKT G . 28.63 -24.16 38.74
O12 DKT G . 30.10 -29.04 36.58
CA1 DKT G . 28.63 -29.93 38.90
CB1 DKT G . 29.14 -29.61 40.26
CG1 DKT G . 29.98 -28.66 40.98
CD1 DKT G . 31.13 -28.79 41.80
CD2 DKT G . 29.59 -27.35 40.55
CE1 DKT G . 31.89 -27.66 42.19
CE2 DKT G . 30.35 -26.21 40.94
CZ1 DKT G . 31.50 -26.36 41.75
C6 DKT G . 27.69 -31.96 37.63
O DKT G . 26.54 -31.90 37.95
C7 DKT G . 28.49 -31.44 38.80
O1 DKT G . 27.81 -31.99 39.65
N1 DKT G . 28.21 -32.04 36.40
CA2 DKT G . 27.83 -32.01 35.12
CB2 DKT G . 28.00 -31.01 33.92
CG2 DKT G . 26.72 -30.23 33.61
CD3 DKT G . 27.05 -28.98 32.83
NE3 DKT G . 26.26 -28.79 31.59
CZ2 DKT G . 25.72 -27.63 31.18
NH1 DKT G . 26.00 -26.48 31.82
NH2 DKT G . 24.90 -27.59 30.12
C8 DKT G . 27.96 -33.53 34.69
O2 DKT G . 28.15 -33.59 33.59
N2 DKT G . 27.90 -34.74 35.24
CA3 DKT G . 28.22 -36.17 34.98
C9 DKT G . 27.66 -36.71 33.79
O3 DKT G . 28.56 -37.32 33.24
CB3 DKT G . 27.79 -36.91 36.29
CG3 DKT G . 28.02 -38.41 36.25
CD4 DKT G . 27.61 -39.10 37.54
OE4 DKT G . 26.56 -38.73 38.12
OE5 DKT G . 28.32 -40.02 37.97
N3 DKT G . 26.50 -36.65 33.28
CA4 DKT G . 25.89 -37.20 32.04
CB4 DKT G . 26.68 -36.81 30.76
CG4 DKT G . 26.83 -35.33 30.51
CD5 DKT G . 25.68 -34.51 30.45
CD6 DKT G . 28.13 -34.73 30.35
CE6 DKT G . 25.79 -33.11 30.23
CE7 DKT G . 28.26 -33.32 30.12
CZ3 DKT G . 27.08 -32.50 30.06
C10 DKT G . 25.79 -38.76 32.19
OT DKT G . 25.17 -39.19 33.20
OXT DKT G . 26.31 -39.52 31.35
N DKT H . -1.57 -11.04 54.57
CC1 DKT H . -2.66 -10.75 53.89
OC2 DKT H . -2.73 -11.11 52.61
CC2 DKT H . -2.74 -12.17 51.82
CC3 DKT H . -3.16 -13.63 51.99
C2 DKT H . -4.66 -13.80 52.31
C3 DKT H . -5.28 -15.22 52.40
C1 DKT H . -4.38 -16.47 52.17
C4 DKT H . -2.88 -16.30 51.85
C5 DKT H . -2.26 -14.87 51.76
O12 DKT H . -3.56 -10.24 54.52
CA1 DKT H . -1.05 -10.92 55.78
CB1 DKT H . -0.93 -12.17 56.57
CG1 DKT H . -1.52 -13.50 56.71
CD1 DKT H . -2.12 -14.18 57.81
CD2 DKT H . -1.63 -14.05 55.41
CE1 DKT H . -2.82 -15.40 57.60
CE2 DKT H . -2.34 -15.26 55.19
CZ1 DKT H . -2.93 -15.93 56.29
C6 DKT H . -0.41 -8.43 56.00
O DKT H . 0.72 -8.46 55.63
C7 DKT H . -0.67 -9.76 56.69
O1 DKT H . 0.42 -9.81 57.23
N1 DKT H . -1.41 -7.64 55.58
CA2 DKT H . -1.67 -6.72 54.65
CB2 DKT H . -2.55 -6.63 53.37
CG2 DKT H . -1.75 -6.72 52.07
CD3 DKT H . -2.63 -7.14 50.92
NE3 DKT H . -2.56 -6.28 49.73
CZ2 DKT H . -2.50 -6.71 48.45
NH1 DKT H . -2.67 -8.01 48.16
NH2 DKT H . -2.27 -5.85 47.45
C8 DKT H . -1.68 -5.38 55.51
O2 DKT H . -2.32 -4.63 55.00
N2 DKT H . -1.14 -4.90 56.62
CA3 DKT H . -1.25 -3.76 57.58
C9 DKT H . -1.19 -2.46 57.02
O3 DKT H . -2.10 -1.83 57.54
CB3 DKT H . -0.13 -4.05 58.65
CG3 DKT H . -0.05 -3.01 59.75
CD4 DKT H . 1.04 -3.32 60.77
OE4 DKT H . 2.13 -3.77 60.37
OE5 DKT H . 0.80 -3.11 61.97
N3 DKT H . -0.44 -1.93 56.16
CA4 DKT H . -0.35 -0.57 55.54
CB4 DKT H . -1.71 -0.14 54.90
CG4 DKT H . -2.25 -1.05 53.82
CD5 DKT H . -1.45 -1.35 52.70
CD6 DKT H . -3.56 -1.61 53.91
CE6 DKT H . -1.92 -2.21 51.67
CE7 DKT H . -4.05 -2.48 52.88
CZ3 DKT H . -3.22 -2.78 51.75
C10 DKT H . 0.10 0.43 56.65
OT DKT H . 1.19 0.18 57.23
OXT DKT H . -0.59 1.44 56.92
N DKT I . 13.75 -5.22 -53.61
CC1 DKT I . 13.73 -4.05 -53.02
OC2 DKT I . 14.03 -3.98 -51.72
CC2 DKT I . 15.01 -4.18 -50.86
CC3 DKT I . 16.53 -4.20 -50.95
C2 DKT I . 17.13 -2.82 -51.35
C3 DKT I . 18.66 -2.62 -51.38
C1 DKT I . 19.60 -3.79 -51.01
C4 DKT I . 19.02 -5.16 -50.61
C5 DKT I . 17.47 -5.37 -50.58
O12 DKT I . 13.52 -3.09 -53.73
CA1 DKT I . 13.54 -5.78 -54.79
CB1 DKT I . 14.77 -6.29 -55.48
CG1 DKT I . 16.20 -6.09 -55.57
CD1 DKT I . 17.08 -5.78 -56.65
CD2 DKT I . 16.69 -6.03 -54.23
CE1 DKT I . 18.43 -5.42 -56.40
CE2 DKT I . 18.04 -5.66 -53.98
CZ1 DKT I . 18.91 -5.35 -55.06
C6 DKT I . 10.99 -5.73 -55.15
O DKT I . 10.70 -6.81 -54.71
C7 DKT I . 12.38 -5.90 -55.76
O1 DKT I . 12.16 -7.00 -56.22
N1 DKT I . 10.49 -4.54 -54.85
CA2 DKT I . 9.63 -3.97 -54.01
CB2 DKT I . 9.72 -3.00 -52.78
CG2 DKT I . 9.53 -3.70 -51.44
CD3 DKT I . 10.10 -2.86 -50.32
NE3 DKT I . 9.19 -2.62 -49.19
CZ2 DKT I . 9.52 -2.68 -47.88
NH1 DKT I . 10.80 -2.85 -47.51
NH2 DKT I . 8.59 -2.60 -46.93
C8 DKT I . 8.39 -3.67 -54.95
O2 DKT I . 7.81 -2.79 -54.54
N2 DKT I . 7.83 -4.14 -56.06
CA3 DKT I . 6.82 -3.79 -57.11
C9 DKT I . 5.52 -3.45 -56.63
O3 DKT I . 5.21 -2.46 -57.25
CB3 DKT I . 6.85 -5.03 -58.08
CG3 DKT I . 5.89 -4.92 -59.25
CD4 DKT I . 5.93 -6.11 -60.17
OE4 DKT I . 6.05 -7.26 -59.69
OE5 DKT I . 5.87 -5.92 -61.40
N3 DKT I . 4.77 -3.98 -55.76
CA4 DKT I . 3.41 -3.63 -55.25
CB4 DKT I . 3.33 -2.17 -54.72
CG4 DKT I . 4.30 -1.82 -53.62
CD5 DKT I . 4.31 -2.59 -52.43
CD6 DKT I . 5.20 -0.72 -53.74
CE6 DKT I . 5.21 -2.29 -51.37
CE7 DKT I . 6.11 -0.40 -52.68
CZ3 DKT I . 6.11 -1.18 -51.49
C10 DKT I . 2.37 -3.90 -56.39
OT DKT I . 2.36 -5.05 -56.89
OXT DKT I . 1.61 -2.99 -56.78
N DKT J . 22.01 -37.78 -34.18
CC1 DKT J . 21.33 -38.15 -33.11
OC2 DKT J . 20.33 -37.38 -32.70
CC2 DKT J . 19.14 -36.93 -33.06
CC3 DKT J . 18.04 -37.43 -34.01
C2 DKT J . 17.43 -38.79 -33.56
C3 DKT J . 16.23 -39.38 -34.34
C1 DKT J . 15.64 -38.62 -35.55
C4 DKT J . 16.25 -37.27 -35.99
C5 DKT J . 17.45 -36.67 -35.21
O12 DKT J . 21.63 -39.21 -32.61
CA1 DKT J . 23.01 -38.18 -34.93
CB1 DKT J . 22.65 -38.67 -36.30
CG1 DKT J . 21.55 -39.28 -37.05
CD1 DKT J . 21.43 -40.48 -37.79
CD2 DKT J . 20.39 -38.54 -36.73
CE1 DKT J . 20.16 -40.95 -38.23
CE2 DKT J . 19.10 -39.00 -37.17
CZ1 DKT J . 19.00 -40.19 -37.91
C6 DKT J . 25.13 -37.72 -33.56
O DKT J . 25.41 -36.62 -33.95
C7 DKT J . 24.51 -38.43 -34.74
O1 DKT J . 25.26 -37.96 -35.57
N1 DKT J . 25.01 -38.15 -32.31
CA2 DKT J . 25.00 -37.69 -31.06
CB2 DKT J . 23.92 -37.52 -29.92
CG2 DKT J . 23.49 -36.06 -29.74
CD3 DKT J . 22.15 -36.01 -29.04
NE3 DKT J . 22.10 -35.12 -27.86
CZ2 DKT J . 21.10 -34.26 -27.56
NH1 DKT J . 19.97 -34.27 -28.27
NH2 DKT J . 21.22 -33.39 -26.55
C8 DKT J . 26.40 -38.19 -30.51
O2 DKT J . 26.35 -38.31 -29.40
N2 DKT J . 27.61 -38.49 -30.97
CA3 DKT J . 28.89 -39.14 -30.58
C9 DKT J . 29.49 -38.67 -29.38
O3 DKT J . 29.81 -39.66 -28.75
CB3 DKT J . 29.80 -39.02 -31.86
CG3 DKT J . 31.17 -39.62 -31.69
CD4 DKT J . 32.03 -39.48 -32.94
OE4 DKT J . 31.98 -38.43 -33.60
OE5 DKT J . 32.74 -40.44 -33.28
N3 DKT J . 29.71 -37.50 -28.94
CA4 DKT J . 30.32 -36.97 -27.69
CB4 DKT J . 29.66 -37.56 -26.40
CG4 DKT J . 28.18 -37.30 -26.27
CD5 DKT J . 27.68 -35.97 -26.32
CD6 DKT J . 27.25 -38.37 -26.09
CE6 DKT J . 26.29 -35.70 -26.19
CE7 DKT J . 25.84 -38.12 -25.96
CZ3 DKT J . 25.36 -36.77 -26.01
C10 DKT J . 31.86 -37.30 -27.74
OT DKT J . 32.50 -36.88 -28.72
OXT DKT J . 32.40 -37.95 -26.81
N DKT K . -27.25 45.56 16.16
CC1 DKT K . -26.10 45.22 16.72
OC2 DKT K . -25.19 44.60 15.97
CC2 DKT K . -24.42 44.76 14.92
CC3 DKT K . -23.79 45.97 14.21
C2 DKT K . -22.80 46.75 15.10
C3 DKT K . -21.99 47.93 14.51
C1 DKT K . -22.19 48.34 13.03
C4 DKT K . -23.18 47.56 12.14
C5 DKT K . -23.99 46.37 12.73
O12 DKT K . -25.92 45.58 17.86
CA1 DKT K . -28.39 46.15 16.46
CB1 DKT K . -28.60 47.50 15.85
CG1 DKT K . -27.87 48.65 15.34
CD1 DKT K . -27.87 50.03 15.66
CD2 DKT K . -26.85 48.15 14.47
CE1 DKT K . -26.87 50.91 15.15
CE2 DKT K . -25.85 49.02 13.95
CZ1 DKT K . -25.86 50.40 14.30
C6 DKT K . -29.69 44.47 17.90
O DKT K . -30.32 43.90 17.06
C7 DKT K . -29.54 45.91 17.42
O1 DKT K . -30.65 45.99 16.98
N1 DKT K . -28.91 43.95 18.86
CA2 DKT K . -28.43 42.78 19.26
CB2 DKT K . -27.01 42.09 19.29
CG2 DKT K . -26.84 41.03 18.21
CD3 DKT K . -25.37 40.78 17.96
NE3 DKT K . -24.96 39.36 18.02
CZ2 DKT K . -24.12 38.75 17.14
NH1 DKT K . -23.46 39.46 16.22
NH2 DKT K . -23.94 37.42 17.18
C8 DKT K . -29.30 42.47 20.55
O2 DKT K . -28.71 41.82 21.24
N2 DKT K . -30.50 42.77 21.04
CA3 DKT K . -31.29 42.70 22.30
C9 DKT K . -31.36 41.44 22.94
O3 DKT K . -31.16 41.64 24.12
CB3 DKT K . -32.69 43.31 21.90
CG3 DKT K . -33.69 43.35 23.03
CD4 DKT K . -35.03 43.94 22.62
OE4 DKT K . -35.50 43.64 21.50
OE5 DKT K . -35.62 44.69 23.41
N3 DKT K . -31.58 40.27 22.49
CA4 DKT K . -31.65 38.92 23.13
CB4 DKT K . -30.36 38.59 23.96
CG4 DKT K . -29.07 38.61 23.19
CD5 DKT K . -28.93 37.80 22.02
CD6 DKT K . -27.97 39.43 23.59
CE6 DKT K . -27.72 37.80 21.28
CE7 DKT K . -26.75 39.44 22.85
CZ3 DKT K . -26.62 38.62 21.68
C10 DKT K . -32.93 38.88 24.02
OT DKT K . -34.02 39.13 23.47
OXT DKT K . -32.85 38.60 25.24
N DKT L . -35.51 37.37 -20.96
CC1 DKT L . -35.46 36.14 -21.42
OC2 DKT L . -35.13 35.15 -20.59
CC2 DKT L . -35.55 34.52 -19.51
CC3 DKT L . -36.92 34.29 -18.86
C2 DKT L . -37.88 33.47 -19.76
C3 DKT L . -39.26 33.04 -19.21
C1 DKT L . -39.69 33.43 -17.77
C4 DKT L . -38.72 34.25 -16.87
C5 DKT L . -37.33 34.68 -17.42
O12 DKT L . -35.79 35.99 -22.58
CA1 DKT L . -35.77 38.60 -21.35
CB1 DKT L . -37.04 39.20 -20.84
CG1 DKT L . -38.37 38.83 -20.37
CD1 DKT L . -39.68 39.17 -20.79
CD2 DKT L . -38.20 37.78 -19.43
CE1 DKT L . -40.81 38.47 -20.29
CE2 DKT L . -39.32 37.08 -18.91
CZ1 DKT L . -40.63 37.43 -19.35
C6 DKT L . -33.73 39.33 -22.75
O DKT L . -33.06 39.84 -21.91
C7 DKT L . -35.18 39.58 -22.35
O1 DKT L . -34.98 40.72 -21.98
N1 DKT L . -33.38 38.38 -23.63
CA2 DKT L . -32.36 37.58 -23.92
CB2 DKT L . -32.07 36.03 -23.83
CG2 DKT L . -31.15 35.66 -22.67
CD3 DKT L . -31.31 34.20 -22.33
NE3 DKT L . -30.04 33.43 -22.26
CZ2 DKT L . -29.73 32.53 -21.31
NH1 DKT L . -30.63 32.14 -20.41
NH2 DKT L . -28.50 32.01 -21.26
C8 DKT L . -31.78 38.25 -25.23
O2 DKT L . -31.25 37.47 -25.85
N2 DKT L . -31.71 39.44 -25.80
CA3 DKT L . -31.38 40.12 -27.08
C9 DKT L . -30.10 39.80 -27.64
O3 DKT L . -30.30 39.58 -28.82
CB3 DKT L . -31.61 41.65 -26.80
CG3 DKT L . -31.33 42.54 -27.99
CD4 DKT L . -31.56 44.01 -27.68
OE4 DKT L . -31.22 44.47 -26.57
OE5 DKT L . -32.09 44.72 -28.54
N3 DKT L . -28.95 39.74 -27.13
CA4 DKT L . -27.61 39.42 -27.68
CB4 DKT L . -27.58 38.04 -28.42
CG4 DKT L . -27.98 36.85 -27.58
CD5 DKT L . -27.29 36.59 -26.37
CD6 DKT L . -29.03 35.98 -27.99
CE6 DKT L . -27.66 35.47 -25.55
CE7 DKT L . -29.41 34.85 -27.19
CZ3 DKT L . -28.71 34.59 -25.97
C10 DKT L . -27.18 40.58 -28.64
OT DKT L . -27.16 41.74 -28.15
OXT DKT L . -26.87 40.35 -29.83
#